data_5XX1
#
_entry.id   5XX1
#
_cell.length_a   179.360
_cell.length_b   193.250
_cell.length_c   280.160
_cell.angle_alpha   90.00
_cell.angle_beta   90.00
_cell.angle_gamma   90.00
#
_symmetry.space_group_name_H-M   'P 21 21 21'
#
loop_
_entity.id
_entity.type
_entity.pdbx_description
1 polymer 'Arginine decarboxylase'
2 non-polymer 'PHOSPHATE ION'
3 water water
#
_entity_poly.entity_id   1
_entity_poly.type   'polypeptide(L)'
_entity_poly.pdbx_seq_one_letter_code
;MMKVLIVESEFLHQDTWVGNAVERLADALSQQNVTVIKSTSFDDGYAILSANEAIDCLMFSYQMEQPDEHLSVRQLIGKL
HERQQNVPVFLLGDREKATASLDRDLLELVDEFAWILEDTADFIAGRAVAAMTRYRQQLLPPLFNALMKYSDIHEYSWAA
PGHQGGVGFTKTPSGRFYHDYYGENLFRSDMGIERTTLGSLLDHTGAFGESEKNAARVFGADRSWSVVVGTSGSNRTIMQ
ACMTDNDVVVLDRNCHKSIEQGLILTGAKPVYMVPSRNRYGIIGPIYPQEMQPETLQKKISASPLTKTKAGQKPSYSVVT
NCTYDGVCYNAKEAQDLLAKTSDRIHFDEAWYGYARFNPIYCDHYAMRGEPGDHNGPTVFATHSTHKLLNALSQASYIHV
REGRGAVNFSRFNQAYMMHATTSPLYAICASNDVAVSMMDGNSGLSLTQEVIDEAVDFRQAMARLYKEFTDEGDWFFKPW
NKDVVTDPQTGKTYDFADAPAKLLATDQNCWVMRPGETWHGFKDLPDNWSMLDPIKVSILAPGMGDDGELEASGVPAALV
TAWLGRHGIVPTRTTDFQIMFLFSMGVTRGKWGTLINTL(CME)SFKHHYDANTPLAQVMPELVQDYPDTYANMGIHDLG
DKMFAWLRENNPGARLNAAYSTLPVAEITPRDAYNAIVNNNIEMVAIENLPGRIAANSVIPYPPGIPMLLSGENFGDENS
PQVGYLRSLQSWDHHFPGFEHETEGTEIIDGVYHVMCVKA
;
_entity_poly.pdbx_strand_id   A,B,C,D,E,F,G,H,I,J
#
loop_
_chem_comp.id
_chem_comp.type
_chem_comp.name
_chem_comp.formula
PO4 non-polymer 'PHOSPHATE ION' 'O4 P -3'
#
# COMPACT_ATOMS: atom_id res chain seq x y z
N MET A 1 -3.80 -29.26 -3.64
CA MET A 1 -4.99 -28.37 -3.45
C MET A 1 -6.07 -28.69 -4.47
N MET A 2 -7.34 -28.57 -4.04
CA MET A 2 -8.48 -29.02 -4.83
C MET A 2 -8.99 -27.99 -5.84
N LYS A 3 -9.60 -28.50 -6.91
CA LYS A 3 -9.90 -27.71 -8.10
C LYS A 3 -11.27 -28.07 -8.70
N VAL A 4 -12.11 -27.06 -8.88
CA VAL A 4 -13.48 -27.24 -9.39
C VAL A 4 -13.71 -26.43 -10.66
N LEU A 5 -14.27 -27.06 -11.68
CA LEU A 5 -14.71 -26.38 -12.89
C LEU A 5 -16.22 -26.20 -12.87
N ILE A 6 -16.67 -24.95 -12.84
CA ILE A 6 -18.10 -24.63 -12.91
C ILE A 6 -18.44 -24.09 -14.30
N VAL A 7 -19.37 -24.77 -14.97
CA VAL A 7 -19.79 -24.40 -16.32
C VAL A 7 -21.19 -23.81 -16.29
N GLU A 8 -21.29 -22.50 -16.41
CA GLU A 8 -22.58 -21.83 -16.50
C GLU A 8 -23.14 -22.01 -17.90
N SER A 9 -24.29 -22.67 -18.00
CA SER A 9 -24.94 -22.92 -19.28
C SER A 9 -25.27 -21.62 -20.02
N GLU A 10 -25.14 -21.66 -21.33
CA GLU A 10 -25.41 -20.50 -22.19
C GLU A 10 -26.90 -20.22 -22.27
N PHE A 11 -27.69 -21.25 -22.00
CA PHE A 11 -29.14 -21.20 -22.12
C PHE A 11 -29.82 -20.55 -20.91
N LEU A 12 -29.05 -20.30 -19.85
CA LEU A 12 -29.59 -19.70 -18.63
C LEU A 12 -28.99 -18.33 -18.27
N HIS A 13 -28.11 -17.79 -19.11
CA HIS A 13 -27.60 -16.42 -18.89
C HIS A 13 -28.74 -15.42 -18.94
N GLN A 14 -29.70 -15.72 -19.78
CA GLN A 14 -30.96 -14.98 -19.90
C GLN A 14 -31.61 -14.79 -18.50
N ASP A 15 -31.48 -15.79 -17.62
CA ASP A 15 -31.91 -15.71 -16.22
C ASP A 15 -30.75 -15.34 -15.29
N THR A 16 -30.65 -14.05 -14.97
CA THR A 16 -29.47 -13.50 -14.27
C THR A 16 -29.29 -13.99 -12.82
N TRP A 17 -30.40 -14.35 -12.18
CA TRP A 17 -30.40 -14.83 -10.78
C TRP A 17 -29.72 -16.19 -10.62
N VAL A 18 -29.62 -16.94 -11.71
CA VAL A 18 -28.90 -18.21 -11.71
C VAL A 18 -27.41 -17.93 -11.55
N GLY A 19 -26.90 -17.06 -12.41
CA GLY A 19 -25.51 -16.62 -12.34
C GLY A 19 -25.13 -16.09 -10.96
N ASN A 20 -26.04 -15.35 -10.34
CA ASN A 20 -25.84 -14.88 -8.97
C ASN A 20 -25.69 -16.03 -8.00
N ALA A 21 -26.58 -17.03 -8.11
CA ALA A 21 -26.55 -18.20 -7.23
C ALA A 21 -25.27 -19.01 -7.42
N VAL A 22 -24.81 -19.12 -8.66
CA VAL A 22 -23.54 -19.76 -8.95
C VAL A 22 -22.39 -18.99 -8.31
N GLU A 23 -22.45 -17.66 -8.39
CA GLU A 23 -21.43 -16.82 -7.78
C GLU A 23 -21.37 -17.02 -6.28
N ARG A 24 -22.54 -17.10 -5.64
CA ARG A 24 -22.62 -17.40 -4.20
C ARG A 24 -21.96 -18.73 -3.86
N LEU A 25 -22.14 -19.70 -4.75
CA LEU A 25 -21.53 -21.02 -4.59
C LEU A 25 -20.01 -20.96 -4.79
N ALA A 26 -19.58 -20.39 -5.90
CA ALA A 26 -18.15 -20.20 -6.18
C ALA A 26 -17.44 -19.58 -4.96
N ASP A 27 -18.12 -18.60 -4.35
CA ASP A 27 -17.62 -17.92 -3.16
C ASP A 27 -17.46 -18.90 -2.00
N ALA A 28 -18.48 -19.70 -1.75
CA ALA A 28 -18.48 -20.68 -0.66
C ALA A 28 -17.35 -21.71 -0.81
N LEU A 29 -17.06 -22.10 -2.05
CA LEU A 29 -15.96 -23.02 -2.34
C LEU A 29 -14.61 -22.36 -2.06
N SER A 30 -14.44 -21.13 -2.55
CA SER A 30 -13.21 -20.37 -2.32
C SER A 30 -12.92 -20.20 -0.83
N GLN A 31 -13.96 -20.01 -0.04
CA GLN A 31 -13.84 -19.90 1.42
C GLN A 31 -13.38 -21.19 2.09
N GLN A 32 -13.60 -22.33 1.41
CA GLN A 32 -13.08 -23.62 1.88
C GLN A 32 -11.78 -24.00 1.16
N ASN A 33 -11.01 -22.99 0.76
CA ASN A 33 -9.69 -23.18 0.14
C ASN A 33 -9.73 -24.08 -1.09
N VAL A 34 -10.70 -23.82 -1.97
CA VAL A 34 -10.89 -24.59 -3.19
C VAL A 34 -10.74 -23.65 -4.39
N THR A 35 -9.85 -24.01 -5.30
CA THR A 35 -9.65 -23.24 -6.53
C THR A 35 -10.85 -23.44 -7.44
N VAL A 36 -11.51 -22.34 -7.81
CA VAL A 36 -12.67 -22.39 -8.70
C VAL A 36 -12.32 -21.86 -10.09
N ILE A 37 -12.68 -22.62 -11.12
CA ILE A 37 -12.53 -22.16 -12.50
C ILE A 37 -13.92 -21.94 -13.08
N LYS A 38 -14.30 -20.68 -13.25
CA LYS A 38 -15.60 -20.34 -13.85
C LYS A 38 -15.52 -20.38 -15.36
N SER A 39 -16.58 -20.88 -15.98
CA SER A 39 -16.68 -21.01 -17.43
C SER A 39 -18.10 -20.66 -17.87
N THR A 40 -18.20 -19.88 -18.95
CA THR A 40 -19.47 -19.27 -19.34
C THR A 40 -20.12 -19.90 -20.58
N SER A 41 -19.57 -21.00 -21.07
CA SER A 41 -20.22 -21.76 -22.14
C SER A 41 -19.79 -23.22 -22.12
N PHE A 42 -20.68 -24.09 -22.60
CA PHE A 42 -20.34 -25.50 -22.80
C PHE A 42 -19.17 -25.65 -23.77
N ASP A 43 -19.09 -24.75 -24.74
CA ASP A 43 -17.96 -24.69 -25.67
C ASP A 43 -16.64 -24.39 -24.94
N ASP A 44 -16.67 -23.38 -24.07
CA ASP A 44 -15.48 -23.00 -23.29
C ASP A 44 -15.06 -24.11 -22.33
N GLY A 45 -16.04 -24.66 -21.61
CA GLY A 45 -15.79 -25.77 -20.68
C GLY A 45 -15.26 -27.01 -21.38
N TYR A 46 -15.83 -27.30 -22.55
CA TYR A 46 -15.37 -28.40 -23.40
C TYR A 46 -13.91 -28.17 -23.80
N ALA A 47 -13.57 -26.93 -24.13
CA ALA A 47 -12.21 -26.56 -24.55
C ALA A 47 -11.20 -26.63 -23.41
N ILE A 48 -11.63 -26.29 -22.19
CA ILE A 48 -10.76 -26.39 -21.01
C ILE A 48 -10.43 -27.85 -20.71
N LEU A 49 -11.45 -28.70 -20.78
CA LEU A 49 -11.28 -30.15 -20.62
C LEU A 49 -10.54 -30.76 -21.80
N SER A 50 -10.73 -30.17 -22.99
CA SER A 50 -10.04 -30.61 -24.21
C SER A 50 -8.54 -30.35 -24.15
N ALA A 51 -8.16 -29.28 -23.46
CA ALA A 51 -6.77 -29.14 -22.99
C ALA A 51 -6.61 -30.25 -21.94
N ASN A 52 -5.72 -30.12 -20.98
CA ASN A 52 -5.62 -31.18 -19.97
C ASN A 52 -5.77 -30.64 -18.54
N GLU A 53 -6.64 -29.64 -18.38
CA GLU A 53 -6.88 -29.03 -17.08
C GLU A 53 -7.42 -30.05 -16.09
N ALA A 54 -6.56 -30.48 -15.19
CA ALA A 54 -6.91 -31.51 -14.20
C ALA A 54 -7.82 -30.91 -13.13
N ILE A 55 -9.08 -31.33 -13.13
CA ILE A 55 -10.05 -30.92 -12.11
C ILE A 55 -10.45 -32.10 -11.24
N ASP A 56 -10.94 -31.79 -10.04
CA ASP A 56 -11.41 -32.80 -9.09
C ASP A 56 -12.93 -32.85 -9.00
N CYS A 57 -13.62 -31.92 -9.66
CA CYS A 57 -15.08 -31.93 -9.69
C CYS A 57 -15.61 -31.00 -10.78
N LEU A 58 -16.62 -31.47 -11.51
CA LEU A 58 -17.29 -30.67 -12.52
C LEU A 58 -18.72 -30.31 -12.08
N MET A 59 -19.03 -29.02 -12.11
CA MET A 59 -20.39 -28.55 -11.84
C MET A 59 -20.90 -27.84 -13.07
N PHE A 60 -22.19 -27.95 -13.36
CA PHE A 60 -22.78 -27.26 -14.50
C PHE A 60 -24.25 -26.95 -14.32
N SER A 61 -24.68 -25.77 -14.79
CA SER A 61 -26.09 -25.42 -14.83
C SER A 61 -26.71 -26.02 -16.08
N TYR A 62 -28.04 -26.12 -16.09
CA TYR A 62 -28.74 -26.95 -17.08
C TYR A 62 -30.23 -26.62 -17.13
N GLN A 63 -30.64 -25.99 -18.23
CA GLN A 63 -32.04 -25.58 -18.45
C GLN A 63 -32.96 -26.76 -18.76
N MET A 64 -32.45 -27.72 -19.51
CA MET A 64 -33.14 -28.98 -19.84
C MET A 64 -34.37 -28.81 -20.73
N GLU A 65 -34.30 -27.84 -21.64
CA GLU A 65 -35.41 -27.60 -22.56
C GLU A 65 -34.97 -27.83 -24.00
N GLN A 66 -33.97 -27.05 -24.44
CA GLN A 66 -33.45 -27.16 -25.80
C GLN A 66 -32.67 -28.48 -25.98
N PRO A 67 -32.85 -29.18 -27.12
CA PRO A 67 -32.08 -30.40 -27.38
C PRO A 67 -30.62 -30.15 -27.76
N ASP A 68 -30.33 -28.95 -28.25
CA ASP A 68 -28.96 -28.52 -28.50
C ASP A 68 -28.16 -28.52 -27.20
N GLU A 69 -28.82 -28.14 -26.10
CA GLU A 69 -28.22 -28.16 -24.78
C GLU A 69 -28.03 -29.59 -24.27
N HIS A 70 -29.09 -30.39 -24.34
CA HIS A 70 -29.03 -31.80 -23.94
C HIS A 70 -27.79 -32.48 -24.52
N LEU A 71 -27.54 -32.22 -25.80
CA LEU A 71 -26.34 -32.74 -26.48
C LEU A 71 -25.06 -32.13 -25.92
N SER A 72 -25.01 -30.80 -25.86
CA SER A 72 -23.83 -30.08 -25.33
C SER A 72 -23.41 -30.59 -23.95
N VAL A 73 -24.38 -31.00 -23.13
CA VAL A 73 -24.11 -31.63 -21.82
C VAL A 73 -23.45 -33.01 -21.99
N ARG A 74 -24.03 -33.84 -22.86
CA ARG A 74 -23.48 -35.17 -23.14
C ARG A 74 -22.06 -35.10 -23.66
N GLN A 75 -21.78 -34.11 -24.51
CA GLN A 75 -20.44 -33.89 -25.05
C GLN A 75 -19.45 -33.49 -23.95
N LEU A 76 -19.85 -32.53 -23.13
CA LEU A 76 -19.01 -32.03 -22.04
C LEU A 76 -18.63 -33.14 -21.08
N ILE A 77 -19.65 -33.83 -20.57
CA ILE A 77 -19.43 -34.90 -19.59
C ILE A 77 -18.70 -36.09 -20.21
N GLY A 78 -19.07 -36.42 -21.44
CA GLY A 78 -18.35 -37.45 -22.19
C GLY A 78 -16.87 -37.10 -22.30
N LYS A 79 -16.60 -35.83 -22.57
CA LYS A 79 -15.23 -35.34 -22.70
C LYS A 79 -14.44 -35.46 -21.42
N LEU A 80 -15.06 -35.06 -20.30
CA LEU A 80 -14.45 -35.17 -19.00
C LEU A 80 -13.94 -36.60 -18.76
N HIS A 81 -14.85 -37.57 -18.94
CA HIS A 81 -14.57 -38.95 -18.58
C HIS A 81 -13.66 -39.72 -19.54
N GLU A 82 -13.28 -39.10 -20.66
CA GLU A 82 -12.26 -39.67 -21.54
C GLU A 82 -10.97 -39.96 -20.79
N ARG A 83 -10.49 -38.95 -20.06
CA ARG A 83 -9.24 -39.06 -19.30
C ARG A 83 -9.39 -38.82 -17.80
N GLN A 84 -10.44 -38.11 -17.41
CA GLN A 84 -10.72 -37.82 -16.02
C GLN A 84 -11.92 -38.66 -15.61
N GLN A 85 -11.72 -39.97 -15.68
CA GLN A 85 -12.79 -40.96 -15.74
C GLN A 85 -13.80 -40.94 -14.59
N ASN A 86 -13.34 -40.70 -13.37
CA ASN A 86 -14.21 -40.80 -12.19
C ASN A 86 -14.44 -39.48 -11.47
N VAL A 87 -14.19 -38.37 -12.17
CA VAL A 87 -14.44 -37.05 -11.59
C VAL A 87 -15.93 -36.91 -11.29
N PRO A 88 -16.29 -36.48 -10.07
CA PRO A 88 -17.70 -36.35 -9.74
C PRO A 88 -18.35 -35.19 -10.48
N VAL A 89 -19.52 -35.45 -11.06
CA VAL A 89 -20.26 -34.45 -11.81
C VAL A 89 -21.48 -33.98 -11.01
N PHE A 90 -21.48 -32.71 -10.65
CA PHE A 90 -22.61 -32.07 -9.98
C PHE A 90 -23.51 -31.36 -10.99
N LEU A 91 -24.80 -31.65 -10.94
CA LEU A 91 -25.79 -30.91 -11.71
C LEU A 91 -26.34 -29.76 -10.87
N LEU A 92 -26.05 -28.54 -11.29
CA LEU A 92 -26.65 -27.34 -10.69
C LEU A 92 -27.95 -27.05 -11.43
N GLY A 93 -29.04 -27.67 -10.99
CA GLY A 93 -30.28 -27.68 -11.76
C GLY A 93 -31.54 -27.27 -11.04
N ASP A 94 -32.65 -27.38 -11.76
CA ASP A 94 -33.99 -27.16 -11.20
C ASP A 94 -34.52 -28.48 -10.68
N ARG A 95 -35.03 -28.46 -9.46
CA ARG A 95 -35.54 -29.65 -8.79
C ARG A 95 -36.62 -30.36 -9.60
N GLU A 96 -37.64 -29.61 -9.99
CA GLU A 96 -38.79 -30.17 -10.69
C GLU A 96 -38.43 -30.79 -12.05
N LYS A 97 -37.64 -30.08 -12.86
CA LYS A 97 -37.25 -30.56 -14.19
C LYS A 97 -36.32 -31.76 -14.14
N ALA A 98 -35.29 -31.68 -13.31
CA ALA A 98 -34.33 -32.77 -13.15
C ALA A 98 -35.04 -34.04 -12.70
N THR A 99 -35.84 -33.89 -11.65
CA THR A 99 -36.68 -34.96 -11.10
C THR A 99 -37.44 -35.69 -12.20
N ALA A 100 -38.12 -34.94 -13.05
CA ALA A 100 -38.95 -35.49 -14.11
C ALA A 100 -38.13 -36.21 -15.18
N SER A 101 -36.95 -35.67 -15.48
CA SER A 101 -36.04 -36.26 -16.49
C SER A 101 -35.35 -37.54 -15.99
N LEU A 102 -35.22 -37.66 -14.67
CA LEU A 102 -34.41 -38.73 -14.07
C LEU A 102 -34.66 -40.12 -14.66
N ASP A 103 -33.63 -40.64 -15.33
CA ASP A 103 -33.61 -42.00 -15.84
C ASP A 103 -32.17 -42.55 -15.75
N ARG A 104 -31.97 -43.80 -16.17
CA ARG A 104 -30.64 -44.43 -16.14
C ARG A 104 -29.58 -43.61 -16.87
N ASP A 105 -29.94 -43.08 -18.03
CA ASP A 105 -29.02 -42.30 -18.85
C ASP A 105 -28.47 -41.10 -18.11
N LEU A 106 -29.35 -40.33 -17.46
CA LEU A 106 -28.95 -39.14 -16.71
C LEU A 106 -28.00 -39.48 -15.57
N LEU A 107 -28.29 -40.58 -14.88
CA LEU A 107 -27.49 -40.99 -13.71
C LEU A 107 -26.11 -41.52 -14.07
N GLU A 108 -25.91 -41.93 -15.32
CA GLU A 108 -24.58 -42.28 -15.80
C GLU A 108 -23.74 -41.02 -16.04
N LEU A 109 -24.40 -39.96 -16.49
CA LEU A 109 -23.75 -38.65 -16.64
C LEU A 109 -23.53 -38.00 -15.28
N VAL A 110 -24.62 -37.66 -14.61
CA VAL A 110 -24.59 -36.92 -13.36
C VAL A 110 -24.40 -37.86 -12.17
N ASP A 111 -23.41 -37.56 -11.35
CA ASP A 111 -23.12 -38.32 -10.13
C ASP A 111 -23.91 -37.77 -8.94
N GLU A 112 -24.15 -36.46 -8.92
CA GLU A 112 -24.79 -35.82 -7.79
C GLU A 112 -25.63 -34.59 -8.17
N PHE A 113 -26.70 -34.36 -7.42
CA PHE A 113 -27.67 -33.28 -7.68
C PHE A 113 -27.61 -32.17 -6.64
N ALA A 114 -27.54 -30.94 -7.11
CA ALA A 114 -27.56 -29.77 -6.23
C ALA A 114 -28.53 -28.76 -6.83
N TRP A 115 -29.59 -28.45 -6.09
CA TRP A 115 -30.62 -27.56 -6.61
C TRP A 115 -30.35 -26.13 -6.17
N ILE A 116 -29.78 -25.38 -7.10
CA ILE A 116 -28.99 -24.18 -6.78
C ILE A 116 -29.83 -22.97 -6.38
N LEU A 117 -31.08 -22.91 -6.84
CA LEU A 117 -31.98 -21.82 -6.48
C LEU A 117 -32.84 -22.17 -5.27
N GLU A 118 -32.42 -23.18 -4.51
CA GLU A 118 -33.26 -23.76 -3.45
C GLU A 118 -32.47 -24.36 -2.26
N ASP A 119 -31.16 -24.12 -2.23
CA ASP A 119 -30.27 -24.78 -1.27
C ASP A 119 -29.15 -23.81 -0.85
N THR A 120 -28.66 -23.99 0.37
CA THR A 120 -27.59 -23.15 0.91
C THR A 120 -26.29 -23.44 0.13
N ALA A 121 -25.61 -22.38 -0.27
CA ALA A 121 -24.37 -22.51 -1.04
C ALA A 121 -23.31 -23.32 -0.30
N ASP A 122 -23.18 -23.06 1.00
CA ASP A 122 -22.22 -23.76 1.85
C ASP A 122 -22.47 -25.27 1.95
N PHE A 123 -23.73 -25.67 1.91
CA PHE A 123 -24.06 -27.11 1.93
C PHE A 123 -23.57 -27.81 0.66
N ILE A 124 -23.82 -27.20 -0.49
CA ILE A 124 -23.37 -27.75 -1.77
C ILE A 124 -21.84 -27.79 -1.81
N ALA A 125 -21.22 -26.68 -1.40
CA ALA A 125 -19.78 -26.60 -1.30
C ALA A 125 -19.23 -27.77 -0.49
N GLY A 126 -19.82 -28.00 0.68
CA GLY A 126 -19.42 -29.09 1.57
C GLY A 126 -19.52 -30.45 0.88
N ARG A 127 -20.65 -30.69 0.22
CA ARG A 127 -20.87 -31.94 -0.51
C ARG A 127 -19.83 -32.13 -1.61
N ALA A 128 -19.46 -31.04 -2.28
CA ALA A 128 -18.44 -31.10 -3.32
C ALA A 128 -17.09 -31.49 -2.75
N VAL A 129 -16.67 -30.79 -1.69
CA VAL A 129 -15.41 -31.08 -1.02
C VAL A 129 -15.34 -32.55 -0.60
N ALA A 130 -16.45 -33.07 -0.08
CA ALA A 130 -16.56 -34.46 0.31
C ALA A 130 -16.36 -35.39 -0.89
N ALA A 131 -17.07 -35.10 -1.97
CA ALA A 131 -16.98 -35.88 -3.21
C ALA A 131 -15.59 -35.82 -3.84
N MET A 132 -14.95 -34.65 -3.77
CA MET A 132 -13.60 -34.49 -4.29
C MET A 132 -12.58 -35.26 -3.46
N THR A 133 -12.85 -35.38 -2.17
CA THR A 133 -12.01 -36.15 -1.26
C THR A 133 -12.06 -37.66 -1.58
N ARG A 134 -13.25 -38.20 -1.82
CA ARG A 134 -13.37 -39.63 -2.17
C ARG A 134 -12.74 -39.90 -3.52
N TYR A 135 -12.90 -38.95 -4.46
CA TYR A 135 -12.28 -39.03 -5.77
C TYR A 135 -10.75 -39.13 -5.66
N ARG A 136 -10.18 -38.28 -4.82
CA ARG A 136 -8.72 -38.25 -4.61
C ARG A 136 -8.20 -39.55 -4.01
N GLN A 137 -8.90 -40.05 -2.98
CA GLN A 137 -8.53 -41.31 -2.33
C GLN A 137 -8.60 -42.51 -3.28
N GLN A 138 -9.50 -42.44 -4.25
CA GLN A 138 -9.71 -43.50 -5.24
C GLN A 138 -8.78 -43.39 -6.46
N LEU A 139 -8.12 -42.24 -6.62
CA LEU A 139 -7.45 -41.88 -7.87
C LEU A 139 -6.19 -42.68 -8.20
N LEU A 140 -5.21 -42.62 -7.32
CA LEU A 140 -3.87 -43.15 -7.60
C LEU A 140 -3.82 -44.68 -7.58
N PRO A 141 -2.93 -45.27 -8.41
CA PRO A 141 -2.76 -46.73 -8.44
C PRO A 141 -1.98 -47.25 -7.22
N PRO A 142 -2.07 -48.56 -6.95
CA PRO A 142 -1.65 -49.15 -5.67
C PRO A 142 -0.28 -48.73 -5.14
N LEU A 143 0.76 -48.90 -5.95
CA LEU A 143 2.13 -48.67 -5.50
C LEU A 143 2.42 -47.19 -5.30
N PHE A 144 2.20 -46.39 -6.33
CA PHE A 144 2.45 -44.96 -6.22
C PHE A 144 1.62 -44.33 -5.10
N ASN A 145 0.39 -44.81 -4.92
CA ASN A 145 -0.47 -44.34 -3.83
C ASN A 145 0.13 -44.64 -2.46
N ALA A 146 0.61 -45.87 -2.30
CA ALA A 146 1.27 -46.30 -1.06
C ALA A 146 2.49 -45.44 -0.74
N LEU A 147 3.30 -45.17 -1.77
CA LEU A 147 4.49 -44.31 -1.66
C LEU A 147 4.16 -42.87 -1.21
N MET A 148 2.89 -42.49 -1.27
CA MET A 148 2.42 -41.20 -0.74
C MET A 148 1.89 -41.36 0.68
N LYS A 149 2.78 -41.63 1.63
CA LYS A 149 2.43 -41.73 3.06
C LYS A 149 3.68 -41.85 3.93
N ALA A 160 19.43 -47.49 5.56
CA ALA A 160 19.74 -48.35 4.41
C ALA A 160 20.44 -47.58 3.27
N PRO A 161 19.71 -46.76 2.48
CA PRO A 161 20.42 -45.95 1.48
C PRO A 161 21.12 -44.71 2.10
N GLY A 162 22.28 -44.36 1.54
CA GLY A 162 23.25 -43.48 2.19
C GLY A 162 22.80 -42.07 2.44
N HIS A 163 22.34 -41.39 1.39
CA HIS A 163 21.93 -39.96 1.46
C HIS A 163 21.02 -39.68 2.64
N GLN A 164 20.10 -40.60 2.74
CA GLN A 164 19.15 -40.79 3.79
C GLN A 164 18.14 -39.67 3.73
N GLY A 165 17.33 -39.76 2.69
CA GLY A 165 16.30 -38.79 2.38
C GLY A 165 16.84 -37.69 1.48
N GLY A 166 17.99 -37.93 0.86
CA GLY A 166 18.65 -36.95 0.01
C GLY A 166 19.51 -35.97 0.79
N VAL A 167 19.71 -36.26 2.08
CA VAL A 167 20.42 -35.35 2.98
C VAL A 167 21.92 -35.33 2.70
N GLY A 168 22.49 -36.51 2.49
CA GLY A 168 23.94 -36.65 2.26
C GLY A 168 24.44 -35.74 1.15
N PHE A 169 23.63 -35.59 0.11
CA PHE A 169 24.00 -34.77 -1.05
C PHE A 169 24.17 -33.29 -0.75
N THR A 170 23.42 -32.80 0.23
CA THR A 170 23.41 -31.37 0.55
C THR A 170 24.71 -30.87 1.18
N LYS A 171 25.58 -31.79 1.59
CA LYS A 171 26.79 -31.45 2.35
C LYS A 171 27.94 -30.92 1.49
N THR A 172 27.85 -31.14 0.18
CA THR A 172 28.81 -30.66 -0.80
C THR A 172 28.08 -29.72 -1.75
N PRO A 173 28.75 -28.67 -2.27
CA PRO A 173 28.07 -27.76 -3.19
C PRO A 173 27.59 -28.42 -4.47
N SER A 174 28.47 -29.20 -5.11
CA SER A 174 28.11 -29.95 -6.32
C SER A 174 26.99 -30.95 -6.05
N GLY A 175 26.94 -31.49 -4.84
CA GLY A 175 25.85 -32.37 -4.41
C GLY A 175 24.55 -31.63 -4.16
N ARG A 176 24.63 -30.44 -3.56
CA ARG A 176 23.43 -29.62 -3.32
C ARG A 176 22.79 -29.20 -4.63
N PHE A 177 23.62 -28.87 -5.61
CA PHE A 177 23.14 -28.44 -6.92
C PHE A 177 22.39 -29.60 -7.59
N TYR A 178 23.00 -30.77 -7.54
CA TYR A 178 22.37 -32.00 -8.03
C TYR A 178 21.06 -32.28 -7.29
N HIS A 179 21.07 -32.15 -5.97
CA HIS A 179 19.90 -32.40 -5.12
C HIS A 179 18.74 -31.47 -5.46
N ASP A 180 19.04 -30.19 -5.58
CA ASP A 180 18.01 -29.20 -5.92
C ASP A 180 17.49 -29.35 -7.35
N TYR A 181 18.36 -29.80 -8.26
CA TYR A 181 17.97 -29.99 -9.66
C TYR A 181 16.94 -31.11 -9.82
N TYR A 182 17.25 -32.29 -9.27
CA TYR A 182 16.37 -33.45 -9.40
C TYR A 182 15.23 -33.46 -8.38
N GLY A 183 15.40 -32.73 -7.29
CA GLY A 183 14.35 -32.59 -6.28
C GLY A 183 14.44 -33.61 -5.16
N GLU A 184 14.00 -33.22 -3.97
CA GLU A 184 14.14 -34.04 -2.76
C GLU A 184 13.30 -35.33 -2.76
N ASN A 185 12.15 -35.30 -3.43
CA ASN A 185 11.24 -36.45 -3.47
C ASN A 185 11.83 -37.69 -4.17
N LEU A 186 12.70 -37.46 -5.14
CA LEU A 186 13.37 -38.55 -5.85
C LEU A 186 14.18 -39.43 -4.89
N PHE A 187 14.82 -38.78 -3.92
CA PHE A 187 15.63 -39.48 -2.92
C PHE A 187 14.75 -40.03 -1.81
N ARG A 188 13.81 -39.21 -1.34
CA ARG A 188 12.80 -39.64 -0.34
C ARG A 188 12.09 -40.93 -0.77
N SER A 189 12.18 -41.26 -2.05
CA SER A 189 11.76 -42.57 -2.55
C SER A 189 12.94 -43.54 -2.61
N ASP A 190 13.39 -44.01 -1.44
CA ASP A 190 14.44 -45.03 -1.34
C ASP A 190 14.30 -45.87 -0.07
N LEU A 198 4.57 -51.61 3.21
CA LEU A 198 4.53 -51.29 1.77
C LEU A 198 4.87 -52.50 0.90
N GLY A 199 5.76 -53.36 1.38
CA GLY A 199 6.13 -54.57 0.65
C GLY A 199 7.41 -54.43 -0.16
N SER A 200 7.92 -55.55 -0.64
CA SER A 200 9.16 -55.60 -1.41
C SER A 200 8.88 -55.99 -2.87
N LEU A 201 9.71 -55.46 -3.78
CA LEU A 201 9.57 -55.79 -5.20
C LEU A 201 9.91 -57.24 -5.48
N LEU A 202 11.11 -57.65 -5.07
CA LEU A 202 11.61 -58.99 -5.37
C LEU A 202 10.78 -60.10 -4.71
N ASP A 203 10.19 -59.79 -3.55
CA ASP A 203 9.27 -60.73 -2.89
C ASP A 203 7.88 -60.67 -3.53
N HIS A 204 7.56 -59.54 -4.18
CA HIS A 204 6.27 -59.33 -4.84
C HIS A 204 5.14 -59.33 -3.81
N THR A 205 5.33 -58.52 -2.78
CA THR A 205 4.44 -58.47 -1.64
C THR A 205 3.88 -57.06 -1.47
N GLY A 206 2.80 -56.95 -0.72
CA GLY A 206 2.19 -55.67 -0.40
C GLY A 206 1.74 -54.90 -1.62
N ALA A 207 2.05 -53.60 -1.64
CA ALA A 207 1.64 -52.71 -2.74
C ALA A 207 2.37 -53.03 -4.04
N PHE A 208 3.59 -53.57 -3.95
CA PHE A 208 4.32 -54.03 -5.13
C PHE A 208 3.56 -55.17 -5.79
N GLY A 209 3.03 -56.06 -4.96
CA GLY A 209 2.20 -57.18 -5.43
C GLY A 209 0.90 -56.69 -6.03
N GLU A 210 0.21 -55.79 -5.32
CA GLU A 210 -1.07 -55.24 -5.80
C GLU A 210 -0.90 -54.56 -7.16
N SER A 211 0.21 -53.84 -7.33
CA SER A 211 0.51 -53.14 -8.57
C SER A 211 0.62 -54.12 -9.74
N GLU A 212 1.30 -55.23 -9.49
CA GLU A 212 1.50 -56.26 -10.51
C GLU A 212 0.21 -56.99 -10.84
N LYS A 213 -0.56 -57.36 -9.81
CA LYS A 213 -1.88 -57.97 -10.00
C LYS A 213 -2.76 -57.03 -10.83
N ASN A 214 -2.66 -55.73 -10.54
CA ASN A 214 -3.40 -54.69 -11.25
C ASN A 214 -2.93 -54.52 -12.69
N ALA A 215 -1.61 -54.49 -12.88
CA ALA A 215 -1.03 -54.38 -14.23
C ALA A 215 -1.50 -55.53 -15.12
N ALA A 216 -1.52 -56.73 -14.55
CA ALA A 216 -2.01 -57.92 -15.25
C ALA A 216 -3.46 -57.77 -15.72
N ARG A 217 -4.31 -57.22 -14.85
CA ARG A 217 -5.70 -56.96 -15.20
C ARG A 217 -5.77 -56.04 -16.42
N VAL A 218 -5.08 -54.91 -16.34
CA VAL A 218 -5.15 -53.88 -17.37
C VAL A 218 -4.61 -54.36 -18.71
N PHE A 219 -3.44 -54.99 -18.69
CA PHE A 219 -2.77 -55.45 -19.91
C PHE A 219 -3.24 -56.82 -20.41
N GLY A 220 -4.18 -57.45 -19.70
CA GLY A 220 -4.81 -58.69 -20.16
C GLY A 220 -3.95 -59.92 -19.97
N ALA A 221 -3.27 -59.99 -18.84
CA ALA A 221 -2.36 -61.10 -18.53
C ALA A 221 -2.83 -61.84 -17.28
N ASP A 222 -2.40 -63.09 -17.16
CA ASP A 222 -2.67 -63.89 -15.97
C ASP A 222 -1.84 -63.37 -14.81
N ARG A 223 -0.57 -63.09 -15.07
CA ARG A 223 0.27 -62.39 -14.10
C ARG A 223 1.29 -61.51 -14.79
N SER A 224 1.71 -60.46 -14.10
CA SER A 224 2.69 -59.52 -14.62
C SER A 224 3.88 -59.41 -13.68
N TRP A 225 5.05 -59.14 -14.24
CA TRP A 225 6.27 -58.95 -13.45
C TRP A 225 6.88 -57.58 -13.77
N SER A 226 6.90 -56.71 -12.76
CA SER A 226 7.46 -55.37 -12.93
C SER A 226 8.98 -55.48 -12.95
N VAL A 227 9.59 -54.91 -13.98
CA VAL A 227 11.03 -55.03 -14.20
C VAL A 227 11.70 -53.64 -14.20
N VAL A 228 12.90 -53.58 -13.63
CA VAL A 228 13.60 -52.32 -13.40
C VAL A 228 14.98 -52.28 -14.10
N VAL A 229 15.23 -53.28 -14.96
CA VAL A 229 16.47 -53.38 -15.74
C VAL A 229 16.14 -53.38 -17.25
N GLY A 230 15.00 -52.77 -17.60
CA GLY A 230 14.58 -52.66 -18.99
C GLY A 230 14.10 -53.96 -19.60
N THR A 231 13.67 -53.90 -20.87
CA THR A 231 13.29 -55.10 -21.62
C THR A 231 14.46 -56.05 -21.85
N SER A 232 15.68 -55.52 -21.82
CA SER A 232 16.88 -56.35 -21.84
C SER A 232 16.83 -57.35 -20.68
N GLY A 233 16.61 -56.82 -19.48
CA GLY A 233 16.44 -57.64 -18.28
C GLY A 233 15.22 -58.54 -18.34
N SER A 234 14.11 -58.03 -18.89
CA SER A 234 12.90 -58.81 -19.06
C SER A 234 13.10 -60.00 -19.98
N ASN A 235 13.71 -59.75 -21.13
CA ASN A 235 14.01 -60.80 -22.11
C ASN A 235 14.93 -61.88 -21.54
N ARG A 236 16.03 -61.45 -20.93
CA ARG A 236 16.97 -62.37 -20.30
C ARG A 236 16.27 -63.23 -19.25
N THR A 237 15.39 -62.61 -18.47
CA THR A 237 14.63 -63.29 -17.42
C THR A 237 13.75 -64.40 -17.99
N ILE A 238 12.98 -64.08 -19.02
CA ILE A 238 12.06 -65.05 -19.64
C ILE A 238 12.85 -66.25 -20.16
N MET A 239 13.91 -65.94 -20.90
CA MET A 239 14.78 -66.95 -21.47
C MET A 239 15.41 -67.85 -20.40
N GLN A 240 15.83 -67.26 -19.28
CA GLN A 240 16.36 -68.04 -18.15
C GLN A 240 15.41 -69.10 -17.63
N ALA A 241 14.11 -68.80 -17.67
CA ALA A 241 13.08 -69.70 -17.14
C ALA A 241 12.63 -70.77 -18.13
N CYS A 242 12.92 -70.56 -19.42
CA CYS A 242 12.32 -71.36 -20.48
C CYS A 242 13.25 -72.36 -21.18
N MET A 243 14.53 -72.37 -20.82
CA MET A 243 15.49 -73.23 -21.53
C MET A 243 16.79 -73.49 -20.77
N THR A 244 17.40 -74.63 -21.10
CA THR A 244 18.74 -74.99 -20.66
C THR A 244 19.57 -75.23 -21.91
N ASP A 245 20.84 -75.59 -21.74
CA ASP A 245 21.71 -75.91 -22.88
C ASP A 245 21.33 -77.19 -23.63
N ASN A 246 20.50 -78.04 -23.03
CA ASN A 246 19.99 -79.24 -23.70
C ASN A 246 18.81 -78.95 -24.64
N ASP A 247 18.26 -77.73 -24.58
CA ASP A 247 17.07 -77.37 -25.34
C ASP A 247 17.36 -76.80 -26.72
N VAL A 248 16.37 -76.94 -27.61
CA VAL A 248 16.33 -76.28 -28.90
C VAL A 248 15.37 -75.10 -28.80
N VAL A 249 15.70 -73.99 -29.46
CA VAL A 249 14.85 -72.79 -29.42
C VAL A 249 14.70 -72.17 -30.81
N VAL A 250 13.52 -71.60 -31.05
CA VAL A 250 13.17 -71.02 -32.35
C VAL A 250 13.15 -69.50 -32.23
N LEU A 251 14.07 -68.84 -32.94
CA LEU A 251 14.29 -67.41 -32.78
C LEU A 251 13.96 -66.59 -34.03
N ASP A 252 13.19 -65.53 -33.85
CA ASP A 252 13.08 -64.49 -34.85
C ASP A 252 14.47 -63.93 -35.09
N ARG A 253 14.92 -63.98 -36.34
CA ARG A 253 16.24 -63.46 -36.71
C ARG A 253 16.33 -61.96 -36.39
N ASN A 254 15.22 -61.26 -36.56
CA ASN A 254 15.08 -59.89 -36.09
C ASN A 254 14.83 -59.88 -34.58
N CYS A 255 15.92 -59.92 -33.80
CA CYS A 255 15.83 -60.00 -32.35
C CYS A 255 16.70 -58.95 -31.67
N HIS A 256 16.31 -58.60 -30.45
CA HIS A 256 17.08 -57.69 -29.60
C HIS A 256 18.43 -58.32 -29.28
N LYS A 257 19.44 -57.48 -29.09
CA LYS A 257 20.73 -57.92 -28.56
C LYS A 257 20.56 -58.80 -27.32
N SER A 258 19.60 -58.45 -26.47
CA SER A 258 19.32 -59.15 -25.21
C SER A 258 18.84 -60.58 -25.39
N ILE A 259 18.29 -60.88 -26.56
CA ILE A 259 17.83 -62.24 -26.88
C ILE A 259 19.03 -63.14 -27.19
N GLU A 260 20.05 -62.60 -27.84
CA GLU A 260 21.32 -63.31 -28.00
C GLU A 260 21.97 -63.51 -26.63
N GLN A 261 21.94 -62.46 -25.81
CA GLN A 261 22.50 -62.52 -24.46
C GLN A 261 21.94 -63.72 -23.71
N GLY A 262 20.63 -63.92 -23.81
CA GLY A 262 19.98 -65.08 -23.20
C GLY A 262 20.54 -66.39 -23.72
N LEU A 263 20.73 -66.47 -25.02
CA LEU A 263 21.38 -67.62 -25.66
C LEU A 263 22.76 -67.94 -25.07
N ILE A 264 23.52 -66.90 -24.76
CA ILE A 264 24.87 -67.07 -24.23
C ILE A 264 24.83 -67.53 -22.77
N LEU A 265 23.90 -66.98 -21.99
CA LEU A 265 23.76 -67.33 -20.58
C LEU A 265 23.14 -68.72 -20.41
N THR A 266 22.14 -69.00 -21.22
CA THR A 266 21.47 -70.29 -21.20
C THR A 266 22.32 -71.38 -21.84
N GLY A 267 22.92 -71.06 -22.98
CA GLY A 267 23.68 -72.01 -23.76
C GLY A 267 22.81 -72.88 -24.66
N ALA A 268 21.59 -72.42 -24.91
CA ALA A 268 20.63 -73.17 -25.72
C ALA A 268 21.03 -73.20 -27.18
N LYS A 269 20.35 -74.06 -27.94
CA LYS A 269 20.70 -74.34 -29.34
C LYS A 269 19.67 -73.70 -30.29
N PRO A 270 20.08 -72.62 -30.99
CA PRO A 270 19.12 -71.82 -31.74
C PRO A 270 18.89 -72.24 -33.17
N VAL A 271 17.70 -71.88 -33.65
CA VAL A 271 17.33 -71.97 -35.05
C VAL A 271 16.55 -70.69 -35.36
N TYR A 272 16.88 -70.04 -36.48
CA TYR A 272 16.35 -68.71 -36.76
C TYR A 272 15.27 -68.70 -37.85
N MET A 273 14.29 -67.83 -37.67
CA MET A 273 13.28 -67.55 -38.68
C MET A 273 13.65 -66.25 -39.39
N VAL A 274 13.74 -66.30 -40.72
CA VAL A 274 14.21 -65.17 -41.50
C VAL A 274 13.04 -64.34 -42.02
N PRO A 275 12.96 -63.05 -41.61
CA PRO A 275 11.89 -62.19 -42.09
C PRO A 275 12.16 -61.65 -43.49
N SER A 276 11.08 -61.22 -44.14
CA SER A 276 11.18 -60.60 -45.46
C SER A 276 11.66 -59.17 -45.33
N ARG A 277 12.17 -58.65 -46.43
CA ARG A 277 12.61 -57.28 -46.54
C ARG A 277 11.92 -56.68 -47.78
N ASN A 278 11.95 -55.36 -47.94
CA ASN A 278 11.39 -54.71 -49.14
C ASN A 278 12.40 -53.83 -49.86
N ARG A 279 11.98 -53.24 -50.97
CA ARG A 279 12.88 -52.45 -51.83
C ARG A 279 13.50 -51.24 -51.16
N TYR A 280 12.85 -50.67 -50.16
CA TYR A 280 13.40 -49.53 -49.42
C TYR A 280 14.36 -49.96 -48.30
N GLY A 281 14.55 -51.27 -48.15
CA GLY A 281 15.45 -51.82 -47.12
C GLY A 281 14.77 -52.06 -45.79
N ILE A 282 13.46 -51.85 -45.74
CA ILE A 282 12.68 -51.99 -44.50
C ILE A 282 12.42 -53.47 -44.22
N ILE A 283 12.70 -53.89 -42.99
CA ILE A 283 12.41 -55.27 -42.57
C ILE A 283 10.90 -55.46 -42.45
N GLY A 284 10.40 -56.45 -43.17
CA GLY A 284 9.02 -56.87 -43.08
C GLY A 284 8.85 -58.03 -42.11
N PRO A 285 7.74 -58.75 -42.23
CA PRO A 285 7.43 -59.83 -41.29
C PRO A 285 7.99 -61.17 -41.71
N ILE A 286 8.11 -62.06 -40.74
CA ILE A 286 8.31 -63.48 -41.00
C ILE A 286 7.05 -64.02 -41.64
N TYR A 287 7.19 -64.62 -42.83
CA TYR A 287 6.06 -65.20 -43.54
C TYR A 287 5.61 -66.49 -42.85
N PRO A 288 4.31 -66.84 -42.96
CA PRO A 288 3.78 -68.07 -42.35
C PRO A 288 4.54 -69.33 -42.74
N GLN A 289 4.97 -69.43 -44.00
CA GLN A 289 5.78 -70.56 -44.49
C GLN A 289 7.00 -70.85 -43.62
N GLU A 290 7.59 -69.78 -43.09
CA GLU A 290 8.77 -69.88 -42.23
C GLU A 290 8.43 -70.36 -40.81
N MET A 291 7.17 -70.21 -40.40
CA MET A 291 6.71 -70.64 -39.07
C MET A 291 6.10 -72.04 -39.06
N GLN A 292 5.97 -72.66 -40.24
CA GLN A 292 5.35 -73.98 -40.35
C GLN A 292 6.19 -75.01 -39.60
N PRO A 293 5.53 -75.96 -38.90
CA PRO A 293 6.25 -77.03 -38.20
C PRO A 293 7.25 -77.78 -39.07
N GLU A 294 6.87 -78.08 -40.33
CA GLU A 294 7.76 -78.79 -41.27
C GLU A 294 9.02 -77.99 -41.54
N THR A 295 8.84 -76.69 -41.75
CA THR A 295 9.93 -75.78 -42.09
C THR A 295 10.90 -75.67 -40.94
N LEU A 296 10.36 -75.54 -39.72
CA LEU A 296 11.18 -75.44 -38.51
C LEU A 296 11.90 -76.76 -38.20
N GLN A 297 11.21 -77.88 -38.40
CA GLN A 297 11.84 -79.21 -38.23
C GLN A 297 13.00 -79.43 -39.21
N LYS A 298 12.85 -78.92 -40.42
CA LYS A 298 13.91 -78.98 -41.44
C LYS A 298 15.11 -78.12 -41.03
N LYS A 299 14.85 -76.88 -40.60
CA LYS A 299 15.89 -75.99 -40.09
C LYS A 299 16.69 -76.66 -38.98
N ILE A 300 15.99 -77.28 -38.03
CA ILE A 300 16.60 -77.93 -36.86
C ILE A 300 17.55 -79.06 -37.27
N SER A 301 17.08 -79.90 -38.19
CA SER A 301 17.89 -81.00 -38.72
C SER A 301 19.07 -80.53 -39.57
N ALA A 302 18.92 -79.36 -40.20
CA ALA A 302 19.95 -78.80 -41.07
C ALA A 302 21.09 -78.14 -40.31
N SER A 303 20.75 -77.39 -39.26
CA SER A 303 21.76 -76.62 -38.50
C SER A 303 22.75 -77.54 -37.75
N PRO A 304 24.05 -77.21 -37.80
CA PRO A 304 25.07 -77.93 -37.00
C PRO A 304 24.81 -77.90 -35.50
N LEU A 305 24.26 -76.80 -35.00
CA LEU A 305 24.02 -76.62 -33.57
C LEU A 305 22.90 -77.53 -33.06
N THR A 306 21.90 -77.76 -33.89
CA THR A 306 20.70 -78.52 -33.49
C THR A 306 20.58 -79.93 -34.09
N LYS A 307 21.36 -80.22 -35.14
CA LYS A 307 21.33 -81.54 -35.81
C LYS A 307 21.09 -82.71 -34.87
N THR A 308 21.88 -82.76 -33.80
CA THR A 308 21.86 -83.88 -32.84
C THR A 308 20.59 -83.91 -31.98
N LYS A 309 19.91 -82.77 -31.89
CA LYS A 309 18.66 -82.66 -31.11
C LYS A 309 17.44 -82.59 -32.01
N ALA A 310 17.53 -83.18 -33.21
CA ALA A 310 16.41 -83.17 -34.17
C ALA A 310 15.22 -83.98 -33.65
N GLY A 311 14.02 -83.50 -33.97
CA GLY A 311 12.78 -84.12 -33.47
C GLY A 311 12.42 -83.78 -32.03
N GLN A 312 13.30 -83.07 -31.34
CA GLN A 312 13.06 -82.63 -29.96
C GLN A 312 12.14 -81.41 -29.98
N LYS A 313 11.20 -81.36 -29.05
CA LYS A 313 10.26 -80.23 -28.99
C LYS A 313 10.96 -78.98 -28.47
N PRO A 314 11.01 -77.92 -29.28
CA PRO A 314 11.62 -76.68 -28.80
C PRO A 314 10.94 -76.13 -27.55
N SER A 315 11.74 -75.65 -26.61
CA SER A 315 11.25 -75.20 -25.31
C SER A 315 10.90 -73.71 -25.27
N TYR A 316 11.15 -73.00 -26.36
CA TYR A 316 10.95 -71.55 -26.39
C TYR A 316 10.89 -71.04 -27.81
N SER A 317 10.11 -70.00 -28.00
CA SER A 317 9.89 -69.39 -29.32
C SER A 317 9.70 -67.89 -29.16
N VAL A 318 10.38 -67.10 -30.00
CA VAL A 318 10.25 -65.65 -29.91
C VAL A 318 10.00 -65.01 -31.28
N VAL A 319 9.10 -64.04 -31.29
CA VAL A 319 8.83 -63.20 -32.44
C VAL A 319 8.85 -61.76 -31.95
N THR A 320 9.33 -60.85 -32.78
CA THR A 320 9.33 -59.44 -32.44
C THR A 320 8.02 -58.80 -32.88
N CYS A 322 5.99 -56.13 -32.89
CA CYS A 322 5.98 -55.00 -33.80
C CYS A 322 7.40 -54.61 -34.22
N THR A 323 7.63 -54.59 -35.53
CA THR A 323 8.91 -54.17 -36.12
C THR A 323 9.20 -52.70 -35.79
N TYR A 324 10.48 -52.34 -35.73
CA TYR A 324 10.89 -50.95 -35.46
C TYR A 324 10.21 -49.99 -36.43
N ASP A 325 10.10 -50.43 -37.69
CA ASP A 325 9.47 -49.66 -38.77
C ASP A 325 7.93 -49.73 -38.81
N GLY A 326 7.34 -50.51 -37.90
CA GLY A 326 5.89 -50.47 -37.66
C GLY A 326 5.07 -51.61 -38.23
N VAL A 327 5.73 -52.68 -38.65
CA VAL A 327 5.04 -53.86 -39.18
C VAL A 327 4.49 -54.68 -38.03
N CYS A 328 3.17 -54.84 -37.99
CA CYS A 328 2.48 -55.59 -36.93
C CYS A 328 2.01 -56.93 -37.44
N TYR A 329 2.37 -58.00 -36.73
CA TYR A 329 1.91 -59.35 -37.07
C TYR A 329 0.45 -59.53 -36.66
N ASN A 330 -0.24 -60.40 -37.37
CA ASN A 330 -1.50 -60.96 -36.87
C ASN A 330 -1.13 -62.00 -35.83
N ALA A 331 -1.02 -61.55 -34.58
CA ALA A 331 -0.53 -62.38 -33.48
C ALA A 331 -1.40 -63.59 -33.17
N LYS A 332 -2.69 -63.52 -33.50
CA LYS A 332 -3.59 -64.64 -33.33
C LYS A 332 -3.19 -65.82 -34.22
N GLU A 333 -2.99 -65.54 -35.50
CA GLU A 333 -2.58 -66.57 -36.47
C GLU A 333 -1.15 -67.03 -36.24
N ALA A 334 -0.27 -66.07 -36.00
CA ALA A 334 1.16 -66.35 -35.73
C ALA A 334 1.33 -67.27 -34.53
N GLN A 335 0.55 -67.01 -33.48
CA GLN A 335 0.55 -67.84 -32.27
C GLN A 335 0.10 -69.27 -32.56
N ASP A 336 -0.97 -69.42 -33.33
CA ASP A 336 -1.51 -70.74 -33.67
C ASP A 336 -0.54 -71.57 -34.50
N LEU A 337 0.24 -70.91 -35.36
CA LEU A 337 1.29 -71.58 -36.13
C LEU A 337 2.45 -72.05 -35.26
N LEU A 338 2.89 -71.17 -34.36
CA LEU A 338 4.02 -71.47 -33.47
C LEU A 338 3.63 -72.45 -32.37
N ALA A 339 2.36 -72.42 -31.97
CA ALA A 339 1.84 -73.33 -30.96
C ALA A 339 2.00 -74.81 -31.36
N LYS A 340 1.92 -75.06 -32.66
CA LYS A 340 2.14 -76.40 -33.22
C LYS A 340 3.53 -76.96 -32.91
N THR A 341 4.52 -76.08 -32.89
CA THR A 341 5.92 -76.46 -32.70
C THR A 341 6.35 -76.35 -31.24
N SER A 342 5.96 -75.26 -30.57
CA SER A 342 6.42 -74.96 -29.21
C SER A 342 5.27 -74.59 -28.28
N ASP A 343 5.40 -74.94 -27.01
CA ASP A 343 4.40 -74.61 -25.98
C ASP A 343 4.62 -73.24 -25.36
N ARG A 344 5.78 -72.65 -25.61
CA ARG A 344 6.08 -71.30 -25.12
C ARG A 344 6.37 -70.35 -26.27
N ILE A 345 5.56 -69.30 -26.36
CA ILE A 345 5.68 -68.31 -27.41
C ILE A 345 5.87 -66.95 -26.75
N HIS A 346 6.93 -66.26 -27.12
CA HIS A 346 7.27 -64.98 -26.54
C HIS A 346 7.23 -63.90 -27.62
N PHE A 347 6.36 -62.91 -27.45
CA PHE A 347 6.30 -61.76 -28.34
C PHE A 347 7.05 -60.59 -27.71
N ASP A 348 8.12 -60.15 -28.37
CA ASP A 348 8.85 -58.96 -27.92
C ASP A 348 8.08 -57.74 -28.41
N GLU A 349 7.18 -57.26 -27.56
CA GLU A 349 6.32 -56.12 -27.88
C GLU A 349 6.85 -54.83 -27.25
N ALA A 350 8.17 -54.66 -27.29
CA ALA A 350 8.86 -53.55 -26.62
C ALA A 350 8.36 -52.18 -27.09
N TRP A 351 8.26 -52.04 -28.41
CA TRP A 351 7.77 -50.80 -29.04
C TRP A 351 6.24 -50.76 -29.20
N TYR A 352 5.53 -51.58 -28.45
CA TYR A 352 4.16 -51.93 -28.84
C TYR A 352 3.22 -52.24 -27.65
N GLY A 353 3.45 -51.56 -26.52
CA GLY A 353 2.65 -51.78 -25.31
C GLY A 353 1.23 -51.26 -25.43
N TYR A 354 1.08 -50.19 -26.20
CA TYR A 354 -0.21 -49.52 -26.40
C TYR A 354 -1.23 -50.35 -27.19
N ALA A 355 -0.73 -51.28 -28.01
CA ALA A 355 -1.54 -52.04 -28.99
C ALA A 355 -2.92 -52.47 -28.48
N ARG A 356 -2.93 -53.05 -27.29
CA ARG A 356 -4.16 -53.56 -26.68
C ARG A 356 -5.27 -52.52 -26.53
N PHE A 357 -4.90 -51.28 -26.30
CA PHE A 357 -5.84 -50.25 -25.84
C PHE A 357 -6.44 -49.39 -26.95
N ASN A 358 -6.28 -49.81 -28.20
CA ASN A 358 -6.97 -49.21 -29.33
C ASN A 358 -7.44 -50.32 -30.28
N PRO A 359 -8.73 -50.29 -30.69
CA PRO A 359 -9.27 -51.37 -31.52
C PRO A 359 -8.74 -51.43 -32.95
N ILE A 360 -7.98 -50.42 -33.38
CA ILE A 360 -7.34 -50.47 -34.70
C ILE A 360 -6.27 -51.58 -34.77
N TYR A 361 -5.66 -51.91 -33.63
CA TYR A 361 -4.68 -52.98 -33.54
C TYR A 361 -5.29 -54.36 -33.24
N CYS A 362 -6.62 -54.43 -33.17
CA CYS A 362 -7.34 -55.67 -32.84
C CYS A 362 -6.72 -56.91 -33.50
N ASP A 363 -6.51 -57.95 -32.70
CA ASP A 363 -5.93 -59.23 -33.15
C ASP A 363 -4.45 -59.21 -33.55
N HIS A 364 -3.80 -58.04 -33.49
CA HIS A 364 -2.41 -57.91 -33.89
C HIS A 364 -1.45 -57.70 -32.72
N TYR A 365 -1.81 -58.24 -31.55
CA TYR A 365 -0.94 -58.22 -30.38
C TYR A 365 -1.16 -59.52 -29.57
N ALA A 366 -0.31 -59.74 -28.56
CA ALA A 366 -0.32 -60.99 -27.81
C ALA A 366 -1.52 -61.13 -26.88
N MET A 367 -1.68 -60.18 -25.97
CA MET A 367 -2.68 -60.27 -24.91
C MET A 367 -4.08 -59.84 -25.35
N ARG A 368 -4.70 -60.67 -26.18
CA ARG A 368 -6.01 -60.35 -26.77
C ARG A 368 -7.16 -60.70 -25.83
N GLY A 369 -8.11 -59.78 -25.72
CA GLY A 369 -9.31 -60.00 -24.90
C GLY A 369 -9.00 -60.27 -23.44
N GLU A 370 -9.81 -61.13 -22.83
CA GLU A 370 -9.66 -61.50 -21.42
C GLU A 370 -8.88 -62.81 -21.30
N PRO A 371 -8.04 -62.94 -20.26
CA PRO A 371 -7.36 -64.22 -20.01
C PRO A 371 -8.27 -65.28 -19.40
N GLY A 372 -8.01 -66.55 -19.73
CA GLY A 372 -8.72 -67.68 -19.12
C GLY A 372 -8.33 -69.12 -19.47
N ASP A 373 -7.67 -69.36 -20.62
CA ASP A 373 -7.23 -70.71 -21.04
C ASP A 373 -8.23 -71.53 -21.85
N GLY A 376 -4.45 -73.41 -24.17
CA GLY A 376 -3.53 -73.02 -25.24
C GLY A 376 -2.07 -73.05 -24.81
N PRO A 377 -1.16 -72.47 -25.61
CA PRO A 377 0.24 -72.40 -25.21
C PRO A 377 0.49 -71.30 -24.19
N THR A 378 1.65 -71.38 -23.53
CA THR A 378 2.08 -70.32 -22.61
C THR A 378 2.63 -69.17 -23.44
N VAL A 379 2.04 -67.98 -23.26
CA VAL A 379 2.41 -66.81 -24.05
C VAL A 379 3.03 -65.71 -23.19
N PHE A 380 4.22 -65.27 -23.58
CA PHE A 380 4.89 -64.14 -22.94
C PHE A 380 4.74 -62.90 -23.80
N ALA A 381 4.56 -61.76 -23.14
CA ALA A 381 4.61 -60.46 -23.81
C ALA A 381 5.55 -59.55 -23.01
N THR A 382 6.40 -58.83 -23.73
CA THR A 382 7.43 -58.00 -23.13
C THR A 382 7.23 -56.55 -23.55
N HIS A 383 7.00 -55.66 -22.58
CA HIS A 383 6.85 -54.23 -22.86
C HIS A 383 7.98 -53.42 -22.27
N SER A 384 8.44 -52.43 -23.04
CA SER A 384 9.32 -51.39 -22.56
C SER A 384 8.42 -50.19 -22.27
N THR A 385 8.09 -50.01 -21.00
CA THR A 385 7.16 -48.98 -20.59
C THR A 385 7.67 -47.57 -20.92
N HIS A 386 8.98 -47.39 -20.87
CA HIS A 386 9.56 -46.08 -21.17
C HIS A 386 9.46 -45.70 -22.64
N LYS A 387 9.55 -46.68 -23.52
CA LYS A 387 9.59 -46.42 -24.97
C LYS A 387 8.36 -45.66 -25.48
N LEU A 388 7.21 -46.33 -25.53
CA LEU A 388 6.02 -45.71 -26.13
C LEU A 388 4.82 -45.55 -25.20
N LEU A 389 4.86 -46.18 -24.03
CA LEU A 389 3.86 -45.92 -22.98
C LEU A 389 4.23 -44.72 -22.14
N ASN A 390 5.45 -44.22 -22.36
CA ASN A 390 5.90 -42.97 -21.75
C ASN A 390 6.07 -43.15 -20.23
N ALA A 391 7.30 -43.44 -19.83
CA ALA A 391 7.65 -43.78 -18.44
C ALA A 391 9.15 -43.62 -18.22
N LEU A 392 9.59 -43.79 -16.98
CA LEU A 392 11.01 -43.65 -16.64
C LEU A 392 11.85 -44.73 -17.31
N SER A 393 13.00 -44.33 -17.83
CA SER A 393 13.90 -45.28 -18.49
C SER A 393 14.26 -46.44 -17.56
N GLN A 394 14.42 -47.63 -18.15
CA GLN A 394 14.63 -48.89 -17.44
C GLN A 394 13.34 -49.56 -16.96
N ALA A 395 12.20 -48.89 -17.14
CA ALA A 395 10.92 -49.49 -16.76
C ALA A 395 10.50 -50.49 -17.81
N SER A 396 10.13 -51.69 -17.35
CA SER A 396 9.68 -52.76 -18.24
C SER A 396 8.72 -53.73 -17.55
N TYR A 397 7.91 -54.41 -18.35
CA TYR A 397 7.00 -55.43 -17.85
C TYR A 397 7.20 -56.76 -18.57
N ILE A 398 7.10 -57.85 -17.81
CA ILE A 398 6.91 -59.18 -18.37
C ILE A 398 5.46 -59.57 -18.12
N HIS A 399 4.69 -59.71 -19.19
CA HIS A 399 3.29 -60.16 -19.09
C HIS A 399 3.18 -61.61 -19.52
N VAL A 400 2.42 -62.39 -18.77
CA VAL A 400 2.35 -63.83 -18.96
C VAL A 400 0.89 -64.31 -19.03
N ARG A 401 0.61 -65.18 -19.99
CA ARG A 401 -0.62 -65.96 -20.03
C ARG A 401 -0.27 -67.42 -19.86
N GLU A 402 -0.64 -67.96 -18.71
CA GLU A 402 -0.23 -69.31 -18.32
C GLU A 402 -1.05 -70.36 -19.05
N GLY A 403 -0.36 -71.25 -19.77
CA GLY A 403 -0.97 -72.32 -20.54
C GLY A 403 -0.16 -73.60 -20.46
N ARG A 404 0.00 -74.28 -21.59
CA ARG A 404 0.82 -75.49 -21.65
C ARG A 404 2.29 -75.16 -21.43
N GLY A 405 2.96 -76.00 -20.63
CA GLY A 405 4.37 -75.80 -20.29
C GLY A 405 4.62 -74.56 -19.46
N ALA A 406 3.65 -74.23 -18.61
CA ALA A 406 3.71 -73.02 -17.79
C ALA A 406 4.75 -73.14 -16.68
N VAL A 407 5.37 -72.01 -16.37
CA VAL A 407 6.33 -71.92 -15.28
C VAL A 407 5.65 -71.17 -14.14
N ASN A 408 5.50 -71.85 -13.00
CA ASN A 408 4.82 -71.27 -11.83
C ASN A 408 5.66 -70.20 -11.14
N PHE A 409 5.08 -69.54 -10.13
CA PHE A 409 5.74 -68.45 -9.42
C PHE A 409 7.12 -68.81 -8.89
N SER A 410 7.17 -69.83 -8.01
CA SER A 410 8.41 -70.26 -7.35
C SER A 410 9.54 -70.44 -8.34
N ARG A 411 9.25 -71.13 -9.42
CA ARG A 411 10.24 -71.41 -10.46
C ARG A 411 10.66 -70.16 -11.22
N PHE A 412 9.68 -69.34 -11.59
CA PHE A 412 9.95 -68.16 -12.41
C PHE A 412 10.68 -67.07 -11.62
N ASN A 413 10.31 -66.90 -10.35
CA ASN A 413 10.92 -65.87 -9.51
C ASN A 413 12.43 -66.09 -9.32
N GLN A 414 12.88 -67.34 -9.39
CA GLN A 414 14.30 -67.65 -9.38
C GLN A 414 14.98 -67.07 -10.63
N ALA A 415 14.29 -67.18 -11.76
CA ALA A 415 14.76 -66.55 -13.01
C ALA A 415 14.64 -65.03 -12.94
N TYR A 416 13.59 -64.54 -12.29
CA TYR A 416 13.41 -63.11 -12.10
C TYR A 416 14.56 -62.51 -11.30
N MET A 417 14.80 -63.09 -10.12
CA MET A 417 15.85 -62.60 -9.20
C MET A 417 17.24 -62.65 -9.83
N MET A 418 17.43 -63.61 -10.72
CA MET A 418 18.67 -63.76 -11.47
C MET A 418 19.15 -62.48 -12.16
N HIS A 419 18.19 -61.73 -12.69
CA HIS A 419 18.49 -60.56 -13.49
C HIS A 419 17.89 -59.28 -12.90
N ALA A 420 17.72 -59.29 -11.59
CA ALA A 420 17.19 -58.14 -10.87
C ALA A 420 18.28 -57.52 -10.02
N THR A 421 17.92 -56.49 -9.28
CA THR A 421 18.82 -55.87 -8.31
C THR A 421 18.18 -55.91 -6.92
N THR A 422 19.00 -56.12 -5.89
CA THR A 422 18.48 -56.24 -4.53
C THR A 422 17.84 -54.96 -4.02
N SER A 423 18.36 -53.81 -4.44
CA SER A 423 17.77 -52.51 -4.10
C SER A 423 17.40 -51.73 -5.38
N PRO A 424 16.12 -51.85 -5.81
CA PRO A 424 15.62 -51.13 -6.98
C PRO A 424 15.15 -49.73 -6.64
N LEU A 425 15.23 -48.83 -7.62
CA LEU A 425 14.81 -47.44 -7.44
C LEU A 425 13.28 -47.33 -7.53
N TYR A 426 12.66 -46.93 -6.44
CA TYR A 426 11.19 -46.86 -6.38
C TYR A 426 10.60 -45.95 -7.44
N ALA A 427 11.28 -44.84 -7.73
CA ALA A 427 10.80 -43.89 -8.75
C ALA A 427 10.50 -44.56 -10.09
N ILE A 428 11.27 -45.58 -10.44
CA ILE A 428 11.05 -46.34 -11.67
C ILE A 428 9.81 -47.23 -11.54
N CYS A 429 9.76 -48.01 -10.47
CA CYS A 429 8.63 -48.91 -10.22
C CYS A 429 7.31 -48.13 -10.17
N ALA A 430 7.35 -46.95 -9.55
CA ALA A 430 6.19 -46.08 -9.46
C ALA A 430 5.76 -45.60 -10.84
N SER A 431 6.72 -45.30 -11.71
CA SER A 431 6.41 -44.88 -13.08
C SER A 431 5.73 -46.01 -13.86
N ASN A 432 6.15 -47.24 -13.59
CA ASN A 432 5.47 -48.42 -14.13
C ASN A 432 4.02 -48.50 -13.66
N ASP A 433 3.80 -48.19 -12.39
CA ASP A 433 2.48 -48.27 -11.78
C ASP A 433 1.50 -47.26 -12.37
N VAL A 434 1.96 -46.01 -12.55
CA VAL A 434 1.10 -44.95 -13.10
C VAL A 434 0.88 -45.14 -14.61
N ALA A 435 1.89 -45.69 -15.29
CA ALA A 435 1.79 -46.01 -16.73
C ALA A 435 0.67 -47.01 -17.00
N VAL A 436 0.49 -47.95 -16.07
CA VAL A 436 -0.65 -48.88 -16.11
C VAL A 436 -1.95 -48.10 -16.01
N SER A 437 -2.04 -47.27 -14.97
CA SER A 437 -3.22 -46.43 -14.73
C SER A 437 -3.62 -45.58 -15.95
N MET A 438 -2.63 -45.11 -16.69
CA MET A 438 -2.89 -44.27 -17.87
C MET A 438 -3.54 -45.05 -19.01
N MET A 439 -3.21 -46.34 -19.14
CA MET A 439 -3.82 -47.19 -20.17
C MET A 439 -5.13 -47.83 -19.70
N ASP A 440 -5.32 -47.90 -18.38
CA ASP A 440 -6.51 -48.50 -17.82
C ASP A 440 -7.73 -47.62 -18.08
N GLY A 441 -8.84 -48.27 -18.43
CA GLY A 441 -10.11 -47.59 -18.64
C GLY A 441 -10.14 -46.73 -19.89
N ASN A 442 -10.83 -45.61 -19.80
CA ASN A 442 -11.04 -44.72 -20.94
C ASN A 442 -9.77 -44.03 -21.39
N SER A 443 -8.91 -43.66 -20.44
CA SER A 443 -7.67 -42.91 -20.74
C SER A 443 -6.83 -43.60 -21.82
N GLY A 444 -6.73 -44.92 -21.74
CA GLY A 444 -5.97 -45.71 -22.71
C GLY A 444 -6.42 -45.52 -24.14
N LEU A 445 -7.73 -45.64 -24.36
CA LEU A 445 -8.30 -45.42 -25.69
C LEU A 445 -8.05 -43.98 -26.17
N SER A 446 -8.32 -43.02 -25.29
CA SER A 446 -8.20 -41.61 -25.64
C SER A 446 -6.77 -41.20 -26.00
N LEU A 447 -5.81 -41.70 -25.21
CA LEU A 447 -4.40 -41.41 -25.45
C LEU A 447 -3.88 -42.04 -26.74
N THR A 448 -4.17 -43.31 -26.94
CA THR A 448 -3.76 -44.03 -28.16
C THR A 448 -4.38 -43.41 -29.39
N GLN A 449 -5.63 -42.96 -29.26
CA GLN A 449 -6.34 -42.35 -30.38
C GLN A 449 -5.74 -41.00 -30.74
N GLU A 450 -5.34 -40.22 -29.73
CA GLU A 450 -4.71 -38.92 -29.96
C GLU A 450 -3.46 -39.06 -30.82
N VAL A 451 -2.60 -40.01 -30.47
CA VAL A 451 -1.35 -40.21 -31.22
C VAL A 451 -1.60 -40.74 -32.62
N ILE A 452 -2.58 -41.64 -32.78
CA ILE A 452 -2.99 -42.11 -34.11
C ILE A 452 -3.54 -40.95 -34.94
N ASP A 453 -4.43 -40.16 -34.35
CA ASP A 453 -5.01 -38.98 -35.01
C ASP A 453 -3.95 -38.03 -35.54
N GLU A 454 -2.93 -37.77 -34.73
CA GLU A 454 -1.83 -36.88 -35.11
C GLU A 454 -0.97 -37.48 -36.24
N ALA A 455 -0.64 -38.76 -36.12
CA ALA A 455 0.13 -39.46 -37.15
C ALA A 455 -0.60 -39.44 -38.49
N VAL A 456 -1.92 -39.62 -38.45
CA VAL A 456 -2.74 -39.58 -39.65
C VAL A 456 -2.70 -38.21 -40.31
N ASP A 457 -2.98 -37.17 -39.52
CA ASP A 457 -2.92 -35.78 -40.00
C ASP A 457 -1.61 -35.48 -40.73
N PHE A 458 -0.51 -35.94 -40.13
CA PHE A 458 0.83 -35.77 -40.69
C PHE A 458 1.02 -36.54 -41.99
N ARG A 459 0.67 -37.82 -41.97
CA ARG A 459 0.72 -38.67 -43.17
C ARG A 459 -0.09 -38.06 -44.32
N GLN A 460 -1.33 -37.68 -44.03
CA GLN A 460 -2.21 -37.07 -45.03
C GLN A 460 -1.66 -35.74 -45.56
N ALA A 461 -1.15 -34.91 -44.65
CA ALA A 461 -0.54 -33.62 -45.02
C ALA A 461 0.67 -33.82 -45.94
N MET A 462 1.46 -34.84 -45.63
CA MET A 462 2.64 -35.19 -46.41
C MET A 462 2.25 -35.73 -47.79
N ALA A 463 1.16 -36.51 -47.83
CA ALA A 463 0.65 -37.06 -49.09
C ALA A 463 0.09 -35.97 -50.02
N ARG A 464 -0.58 -34.98 -49.45
CA ARG A 464 -1.17 -33.89 -50.23
C ARG A 464 -0.11 -33.01 -50.86
N LEU A 465 0.89 -32.66 -50.07
CA LEU A 465 2.06 -31.95 -50.58
C LEU A 465 2.72 -32.71 -51.72
N TYR A 466 2.86 -34.03 -51.54
CA TYR A 466 3.47 -34.87 -52.56
C TYR A 466 2.72 -34.83 -53.88
N LYS A 467 1.40 -34.85 -53.83
CA LYS A 467 0.57 -34.75 -55.04
C LYS A 467 0.72 -33.38 -55.68
N GLU A 468 0.69 -32.32 -54.86
CA GLU A 468 0.90 -30.95 -55.33
C GLU A 468 2.18 -30.79 -56.14
N PHE A 469 3.29 -31.27 -55.58
CA PHE A 469 4.59 -31.21 -56.26
C PHE A 469 4.62 -32.13 -57.48
N THR A 470 4.19 -33.37 -57.29
CA THR A 470 4.16 -34.39 -58.36
C THR A 470 3.39 -33.90 -59.59
N ASP A 471 2.15 -33.49 -59.37
CA ASP A 471 1.28 -32.98 -60.44
C ASP A 471 1.97 -31.87 -61.25
N GLU A 472 2.73 -31.03 -60.56
CA GLU A 472 3.45 -29.92 -61.19
C GLU A 472 4.84 -30.33 -61.72
N GLY A 473 5.05 -31.63 -61.93
CA GLY A 473 6.31 -32.15 -62.47
C GLY A 473 7.51 -32.01 -61.54
N ASP A 474 7.24 -31.97 -60.23
CA ASP A 474 8.28 -31.71 -59.22
C ASP A 474 8.37 -32.87 -58.23
N TRP A 475 9.47 -32.93 -57.48
CA TRP A 475 9.70 -34.00 -56.50
C TRP A 475 9.31 -33.57 -55.09
N PHE A 476 9.08 -34.56 -54.23
CA PHE A 476 8.89 -34.35 -52.79
C PHE A 476 8.94 -35.69 -52.04
N PHE A 477 8.96 -35.62 -50.72
CA PHE A 477 8.92 -36.80 -49.87
C PHE A 477 7.48 -37.31 -49.79
N LYS A 478 7.29 -38.63 -49.91
CA LYS A 478 5.97 -39.22 -49.72
C LYS A 478 5.96 -40.16 -48.51
N PRO A 479 4.81 -40.26 -47.83
CA PRO A 479 4.70 -41.13 -46.67
C PRO A 479 4.53 -42.58 -47.09
N TRP A 480 5.11 -43.50 -46.31
CA TRP A 480 4.98 -44.93 -46.60
C TRP A 480 3.72 -45.48 -45.95
N ASN A 481 2.69 -45.63 -46.75
CA ASN A 481 1.40 -46.14 -46.32
C ASN A 481 0.56 -46.54 -47.54
N LYS A 482 -0.68 -46.95 -47.29
CA LYS A 482 -1.58 -47.38 -48.37
C LYS A 482 -1.77 -46.28 -49.42
N ASP A 483 -1.88 -46.67 -50.69
CA ASP A 483 -2.12 -45.71 -51.78
C ASP A 483 -3.58 -45.27 -51.82
N VAL A 484 -4.46 -46.23 -51.61
CA VAL A 484 -5.90 -46.02 -51.72
C VAL A 484 -6.61 -46.82 -50.64
N VAL A 485 -7.61 -46.20 -50.00
CA VAL A 485 -8.38 -46.84 -48.94
C VAL A 485 -9.87 -46.88 -49.31
N THR A 486 -10.64 -47.66 -48.55
CA THR A 486 -12.07 -47.82 -48.79
C THR A 486 -12.87 -47.70 -47.50
N ASP A 487 -13.94 -46.91 -47.55
CA ASP A 487 -14.93 -46.80 -46.49
C ASP A 487 -15.91 -47.96 -46.60
N PRO A 488 -15.97 -48.84 -45.58
CA PRO A 488 -16.88 -49.99 -45.65
C PRO A 488 -18.36 -49.64 -45.60
N GLN A 489 -18.72 -48.65 -44.77
CA GLN A 489 -20.13 -48.26 -44.62
C GLN A 489 -20.74 -47.71 -45.93
N THR A 490 -19.92 -47.05 -46.75
CA THR A 490 -20.38 -46.48 -48.02
C THR A 490 -19.96 -47.31 -49.24
N GLY A 491 -18.90 -48.09 -49.10
CA GLY A 491 -18.28 -48.78 -50.25
C GLY A 491 -17.34 -47.88 -51.04
N LYS A 492 -17.31 -46.61 -50.68
CA LYS A 492 -16.62 -45.59 -51.48
C LYS A 492 -15.11 -45.64 -51.32
N THR A 493 -14.42 -45.29 -52.41
CA THR A 493 -12.97 -45.39 -52.50
C THR A 493 -12.32 -44.00 -52.50
N TYR A 494 -11.23 -43.86 -51.75
CA TYR A 494 -10.48 -42.60 -51.66
C TYR A 494 -8.98 -42.80 -51.89
N ASP A 495 -8.36 -41.83 -52.56
CA ASP A 495 -6.90 -41.68 -52.50
C ASP A 495 -6.54 -41.34 -51.05
N PHE A 496 -5.38 -41.80 -50.58
CA PHE A 496 -5.00 -41.59 -49.18
C PHE A 496 -5.22 -40.13 -48.79
N ALA A 497 -4.61 -39.24 -49.56
CA ALA A 497 -4.67 -37.80 -49.31
C ALA A 497 -6.12 -37.30 -49.15
N ASP A 498 -7.01 -37.82 -49.99
CA ASP A 498 -8.42 -37.37 -50.01
C ASP A 498 -9.31 -38.05 -48.97
N ALA A 499 -8.80 -39.10 -48.33
CA ALA A 499 -9.60 -39.88 -47.38
C ALA A 499 -10.07 -39.03 -46.19
N PRO A 500 -11.21 -39.40 -45.58
CA PRO A 500 -11.56 -38.79 -44.31
C PRO A 500 -10.59 -39.25 -43.22
N ALA A 501 -10.17 -38.33 -42.36
CA ALA A 501 -9.24 -38.64 -41.28
C ALA A 501 -9.82 -39.66 -40.30
N LYS A 502 -11.10 -39.48 -39.97
CA LYS A 502 -11.82 -40.40 -39.07
C LYS A 502 -11.74 -41.85 -39.53
N LEU A 503 -11.80 -42.06 -40.85
CA LEU A 503 -11.69 -43.40 -41.42
C LEU A 503 -10.31 -44.00 -41.18
N LEU A 504 -9.28 -43.27 -41.61
CA LEU A 504 -7.89 -43.72 -41.50
C LEU A 504 -7.48 -44.00 -40.06
N ALA A 505 -7.99 -43.21 -39.13
CA ALA A 505 -7.64 -43.32 -37.72
C ALA A 505 -8.49 -44.36 -36.97
N THR A 506 -9.33 -45.10 -37.70
CA THR A 506 -10.31 -46.02 -37.11
C THR A 506 -10.30 -47.38 -37.78
N ASP A 507 -10.45 -47.38 -39.10
CA ASP A 507 -10.60 -48.61 -39.87
C ASP A 507 -9.26 -49.34 -40.00
N GLN A 508 -9.16 -50.53 -39.42
CA GLN A 508 -7.93 -51.33 -39.49
C GLN A 508 -7.57 -51.67 -40.94
N ASN A 509 -8.57 -51.94 -41.76
CA ASN A 509 -8.35 -52.36 -43.16
C ASN A 509 -7.62 -51.33 -44.02
N CYS A 510 -7.62 -50.08 -43.57
CA CYS A 510 -6.81 -49.02 -44.20
C CYS A 510 -5.30 -49.23 -43.99
N TRP A 511 -4.95 -50.17 -43.11
CA TRP A 511 -3.55 -50.44 -42.77
C TRP A 511 -3.09 -51.89 -42.95
N VAL A 512 -4.01 -52.80 -43.28
CA VAL A 512 -3.67 -54.20 -43.49
C VAL A 512 -2.94 -54.35 -44.84
N MET A 513 -1.80 -55.04 -44.80
CA MET A 513 -1.03 -55.29 -46.00
C MET A 513 -1.64 -56.46 -46.75
N ARG A 514 -2.21 -56.17 -47.92
CA ARG A 514 -2.92 -57.18 -48.70
C ARG A 514 -2.19 -57.51 -49.98
N PRO A 515 -2.35 -58.75 -50.50
CA PRO A 515 -1.57 -59.18 -51.67
C PRO A 515 -1.89 -58.39 -52.92
N GLY A 516 -0.88 -58.20 -53.76
CA GLY A 516 -1.02 -57.43 -54.99
C GLY A 516 -0.74 -55.95 -54.83
N GLU A 517 -0.71 -55.46 -53.59
CA GLU A 517 -0.57 -54.04 -53.32
C GLU A 517 0.89 -53.61 -53.46
N THR A 518 1.09 -52.51 -54.20
CA THR A 518 2.43 -52.04 -54.51
C THR A 518 3.10 -51.37 -53.31
N TRP A 519 2.33 -50.60 -52.55
CA TRP A 519 2.88 -49.71 -51.52
C TRP A 519 3.81 -50.38 -50.50
N HIS A 520 3.41 -51.52 -49.96
CA HIS A 520 4.16 -52.16 -48.88
C HIS A 520 5.40 -52.90 -49.39
N GLY A 521 5.29 -53.47 -50.59
CA GLY A 521 6.46 -53.96 -51.33
C GLY A 521 7.09 -55.24 -50.78
N PHE A 522 6.25 -56.11 -50.22
CA PHE A 522 6.69 -57.39 -49.68
C PHE A 522 6.18 -58.45 -50.64
N LYS A 523 7.07 -58.93 -51.51
CA LYS A 523 6.68 -59.88 -52.56
C LYS A 523 6.08 -61.15 -51.97
N ASP A 524 4.90 -61.50 -52.46
CA ASP A 524 4.19 -62.73 -52.07
C ASP A 524 3.76 -62.77 -50.60
N LEU A 525 3.54 -61.61 -50.00
CA LEU A 525 3.01 -61.54 -48.63
C LEU A 525 1.57 -62.05 -48.62
N PRO A 526 1.28 -63.05 -47.77
CA PRO A 526 -0.10 -63.53 -47.68
C PRO A 526 -1.07 -62.50 -47.13
N ASP A 527 -2.35 -62.75 -47.36
CA ASP A 527 -3.41 -61.87 -46.88
C ASP A 527 -3.64 -62.11 -45.38
N ASN A 528 -4.18 -61.10 -44.70
CA ASN A 528 -4.52 -61.20 -43.27
C ASN A 528 -3.38 -61.71 -42.42
N TRP A 529 -2.19 -61.13 -42.62
CA TRP A 529 -0.98 -61.51 -41.87
C TRP A 529 -0.31 -60.29 -41.24
N SER A 530 -0.05 -59.27 -42.05
CA SER A 530 0.62 -58.05 -41.59
C SER A 530 -0.31 -56.85 -41.54
N MET A 531 0.23 -55.77 -40.98
CA MET A 531 -0.51 -54.53 -40.81
C MET A 531 0.49 -53.42 -40.46
N LEU A 532 0.35 -52.25 -41.10
CA LEU A 532 1.19 -51.11 -40.78
C LEU A 532 0.63 -50.38 -39.56
N ASP A 533 1.51 -50.07 -38.61
CA ASP A 533 1.17 -49.23 -37.47
C ASP A 533 1.12 -47.76 -37.91
N PRO A 534 -0.04 -47.10 -37.74
CA PRO A 534 -0.19 -45.71 -38.15
C PRO A 534 0.81 -44.72 -37.52
N ILE A 535 1.20 -44.96 -36.27
CA ILE A 535 2.06 -44.03 -35.52
C ILE A 535 3.56 -44.20 -35.80
N LYS A 536 3.93 -45.21 -36.58
CA LYS A 536 5.31 -45.43 -36.98
C LYS A 536 5.50 -44.90 -38.39
N VAL A 537 5.51 -43.57 -38.50
CA VAL A 537 5.45 -42.89 -39.79
C VAL A 537 6.78 -42.92 -40.51
N SER A 538 6.90 -43.83 -41.47
CA SER A 538 8.04 -43.87 -42.36
C SER A 538 7.80 -42.92 -43.52
N ILE A 539 8.84 -42.20 -43.92
CA ILE A 539 8.76 -41.25 -45.02
C ILE A 539 9.84 -41.58 -46.05
N LEU A 540 9.46 -41.48 -47.32
CA LEU A 540 10.29 -41.95 -48.43
C LEU A 540 10.79 -40.82 -49.32
N ALA A 541 12.12 -40.68 -49.39
CA ALA A 541 12.74 -39.75 -50.32
C ALA A 541 12.73 -40.37 -51.71
N PRO A 542 12.70 -39.54 -52.76
CA PRO A 542 12.65 -40.09 -54.11
C PRO A 542 13.97 -40.72 -54.52
N GLY A 543 13.89 -41.72 -55.40
CA GLY A 543 15.07 -42.43 -55.88
C GLY A 543 14.85 -43.90 -56.17
N MET A 544 13.97 -44.53 -55.40
CA MET A 544 13.68 -45.96 -55.56
C MET A 544 12.40 -46.16 -56.37
N GLY A 545 12.55 -46.82 -57.52
CA GLY A 545 11.41 -47.15 -58.37
C GLY A 545 10.59 -48.29 -57.80
N ASP A 546 9.31 -48.36 -58.18
CA ASP A 546 8.42 -49.43 -57.73
C ASP A 546 8.91 -50.81 -58.14
N ASP A 547 9.57 -50.88 -59.29
CA ASP A 547 10.11 -52.13 -59.82
C ASP A 547 11.25 -52.73 -58.99
N GLY A 548 11.90 -51.91 -58.17
CA GLY A 548 13.00 -52.35 -57.30
C GLY A 548 14.36 -51.83 -57.73
N GLU A 549 14.46 -51.34 -58.96
CA GLU A 549 15.68 -50.74 -59.50
C GLU A 549 15.64 -49.22 -59.27
N LEU A 550 16.81 -48.60 -59.18
CA LEU A 550 16.91 -47.16 -58.90
C LEU A 550 16.42 -46.32 -60.06
N GLU A 551 15.85 -45.16 -59.73
CA GLU A 551 15.34 -44.22 -60.74
C GLU A 551 16.46 -43.38 -61.34
N ALA A 552 16.11 -42.54 -62.31
CA ALA A 552 17.08 -41.69 -63.00
C ALA A 552 17.90 -40.85 -62.02
N SER A 553 17.20 -40.08 -61.19
CA SER A 553 17.82 -39.29 -60.14
C SER A 553 17.06 -39.51 -58.83
N GLY A 554 17.65 -39.06 -57.72
CA GLY A 554 17.03 -39.21 -56.41
C GLY A 554 17.68 -38.40 -55.31
N VAL A 555 17.04 -38.41 -54.15
CA VAL A 555 17.54 -37.71 -52.97
C VAL A 555 17.83 -38.75 -51.88
N PRO A 556 19.10 -38.97 -51.54
CA PRO A 556 19.41 -39.93 -50.48
C PRO A 556 19.07 -39.39 -49.09
N ALA A 557 18.48 -40.25 -48.26
CA ALA A 557 17.95 -39.86 -46.96
C ALA A 557 19.03 -39.43 -45.97
N ALA A 558 20.21 -40.05 -46.04
CA ALA A 558 21.35 -39.69 -45.19
C ALA A 558 21.61 -38.19 -45.16
N LEU A 559 21.45 -37.56 -46.31
CA LEU A 559 21.63 -36.12 -46.47
C LEU A 559 20.53 -35.33 -45.75
N VAL A 560 19.30 -35.84 -45.85
CA VAL A 560 18.14 -35.21 -45.20
C VAL A 560 18.24 -35.35 -43.68
N THR A 561 18.50 -36.58 -43.24
CA THR A 561 18.71 -36.87 -41.82
C THR A 561 19.70 -35.89 -41.18
N ALA A 562 20.76 -35.58 -41.91
CA ALA A 562 21.78 -34.63 -41.44
C ALA A 562 21.19 -33.22 -41.28
N TRP A 563 20.46 -32.77 -42.29
CA TRP A 563 19.80 -31.46 -42.23
C TRP A 563 18.82 -31.38 -41.06
N LEU A 564 18.04 -32.45 -40.88
CA LEU A 564 17.12 -32.54 -39.75
C LEU A 564 17.87 -32.45 -38.43
N GLY A 565 19.00 -33.16 -38.35
CA GLY A 565 19.86 -33.16 -37.16
C GLY A 565 20.30 -31.77 -36.72
N ARG A 566 20.62 -30.92 -37.70
CA ARG A 566 21.04 -29.55 -37.45
C ARG A 566 19.90 -28.67 -36.90
N HIS A 567 18.66 -29.06 -37.18
CA HIS A 567 17.47 -28.37 -36.67
C HIS A 567 16.85 -29.07 -35.45
N GLY A 568 17.64 -29.84 -34.72
CA GLY A 568 17.20 -30.51 -33.47
C GLY A 568 16.13 -31.56 -33.69
N ILE A 569 16.32 -32.39 -34.72
CA ILE A 569 15.40 -33.47 -35.05
C ILE A 569 16.22 -34.70 -35.44
N VAL A 570 16.14 -35.75 -34.64
CA VAL A 570 16.92 -36.97 -34.86
C VAL A 570 16.02 -38.18 -35.06
N PRO A 571 15.71 -38.53 -36.32
CA PRO A 571 14.85 -39.67 -36.66
C PRO A 571 15.27 -41.00 -36.03
N THR A 572 14.29 -41.84 -35.71
CA THR A 572 14.52 -43.16 -35.13
C THR A 572 15.33 -44.06 -36.07
N ARG A 573 14.81 -44.23 -37.30
CA ARG A 573 15.49 -45.07 -38.33
C ARG A 573 15.90 -44.22 -39.52
N THR A 574 16.89 -44.72 -40.25
CA THR A 574 17.28 -44.13 -41.53
C THR A 574 17.89 -45.21 -42.42
N THR A 575 17.24 -45.46 -43.56
CA THR A 575 17.82 -46.30 -44.61
C THR A 575 18.38 -45.35 -45.68
N ASP A 576 18.59 -45.85 -46.89
CA ASP A 576 19.09 -45.04 -48.00
C ASP A 576 18.05 -44.02 -48.46
N PHE A 577 16.77 -44.42 -48.43
CA PHE A 577 15.65 -43.55 -48.80
C PHE A 577 14.56 -43.38 -47.74
N GLN A 578 14.57 -44.23 -46.71
CA GLN A 578 13.58 -44.18 -45.64
C GLN A 578 14.05 -43.27 -44.51
N ILE A 579 13.14 -42.44 -44.01
CA ILE A 579 13.33 -41.71 -42.77
C ILE A 579 12.09 -41.99 -41.92
N MET A 580 12.28 -42.54 -40.73
CA MET A 580 11.14 -42.88 -39.87
C MET A 580 11.00 -41.94 -38.68
N PHE A 581 9.80 -41.39 -38.51
CA PHE A 581 9.47 -40.54 -37.38
C PHE A 581 8.52 -41.25 -36.43
N LEU A 582 8.84 -41.19 -35.15
CA LEU A 582 8.12 -41.94 -34.12
C LEU A 582 7.11 -41.05 -33.40
N PHE A 583 5.83 -41.26 -33.69
CA PHE A 583 4.77 -40.55 -32.96
C PHE A 583 4.46 -41.30 -31.66
N SER A 584 4.48 -40.58 -30.54
CA SER A 584 4.25 -41.16 -29.23
C SER A 584 3.21 -40.37 -28.44
N MET A 585 2.87 -40.85 -27.25
CA MET A 585 1.95 -40.14 -26.36
C MET A 585 2.57 -38.88 -25.76
N GLY A 586 3.89 -38.77 -25.79
CA GLY A 586 4.58 -37.57 -25.36
C GLY A 586 4.52 -36.41 -26.34
N VAL A 587 4.10 -36.69 -27.57
CA VAL A 587 3.99 -35.67 -28.61
C VAL A 587 2.81 -34.74 -28.33
N THR A 588 3.08 -33.44 -28.39
CA THR A 588 2.05 -32.41 -28.25
C THR A 588 1.28 -32.23 -29.55
N ARG A 589 0.05 -31.74 -29.44
CA ARG A 589 -0.86 -31.67 -30.60
C ARG A 589 -0.47 -30.58 -31.61
N GLY A 590 -0.21 -31.02 -32.85
CA GLY A 590 0.11 -30.13 -33.96
C GLY A 590 1.59 -29.99 -34.26
N LYS A 591 2.45 -30.62 -33.46
CA LYS A 591 3.90 -30.45 -33.56
C LYS A 591 4.49 -30.99 -34.87
N TRP A 592 3.77 -31.86 -35.55
CA TRP A 592 4.22 -32.41 -36.84
C TRP A 592 4.43 -31.34 -37.92
N GLY A 593 3.75 -30.21 -37.78
CA GLY A 593 3.95 -29.07 -38.67
C GLY A 593 5.41 -28.63 -38.78
N THR A 594 6.16 -28.78 -37.69
CA THR A 594 7.59 -28.47 -37.67
C THR A 594 8.39 -29.40 -38.58
N LEU A 595 8.04 -30.69 -38.56
CA LEU A 595 8.68 -31.68 -39.45
C LEU A 595 8.53 -31.28 -40.91
N ILE A 596 7.32 -30.89 -41.28
CA ILE A 596 7.02 -30.46 -42.65
C ILE A 596 7.81 -29.19 -42.98
N ASN A 597 7.75 -28.23 -42.07
CA ASN A 597 8.44 -26.94 -42.24
C ASN A 597 9.93 -27.10 -42.50
N THR A 598 10.55 -28.06 -41.81
CA THR A 598 11.98 -28.36 -41.97
C THR A 598 12.25 -29.14 -43.26
N LEU A 599 11.38 -30.11 -43.56
CA LEU A 599 11.46 -30.87 -44.82
C LEU A 599 11.31 -29.97 -46.06
N CME A 600 10.46 -28.95 -45.97
CA CME A 600 10.26 -28.00 -47.06
CB CME A 600 9.04 -27.14 -46.78
SG CME A 600 7.61 -28.13 -46.96
SD CME A 600 7.02 -27.59 -48.79
CE CME A 600 6.16 -26.09 -48.45
CZ CME A 600 6.49 -25.03 -49.49
OH CME A 600 6.94 -23.84 -48.83
C CME A 600 11.45 -27.11 -47.23
O CME A 600 11.90 -26.85 -48.35
N SER A 601 11.99 -26.62 -46.11
CA SER A 601 13.18 -25.77 -46.13
C SER A 601 14.40 -26.53 -46.67
N PHE A 602 14.44 -27.84 -46.46
CA PHE A 602 15.47 -28.68 -47.08
C PHE A 602 15.31 -28.67 -48.59
N LYS A 603 14.11 -29.00 -49.05
CA LYS A 603 13.81 -29.02 -50.48
C LYS A 603 14.22 -27.71 -51.16
N HIS A 604 13.86 -26.59 -50.56
CA HIS A 604 14.22 -25.27 -51.07
C HIS A 604 15.72 -25.14 -51.30
N HIS A 605 16.50 -25.54 -50.30
CA HIS A 605 17.96 -25.49 -50.40
C HIS A 605 18.51 -26.52 -51.39
N TYR A 606 17.85 -27.67 -51.48
CA TYR A 606 18.25 -28.71 -52.44
C TYR A 606 18.07 -28.23 -53.87
N ASP A 607 16.89 -27.68 -54.16
CA ASP A 607 16.59 -27.13 -55.48
C ASP A 607 17.52 -25.96 -55.83
N ALA A 608 17.81 -25.13 -54.82
CA ALA A 608 18.70 -23.99 -55.00
C ALA A 608 20.17 -24.37 -55.03
N ASN A 609 20.49 -25.58 -54.55
CA ASN A 609 21.87 -26.06 -54.45
C ASN A 609 22.76 -25.13 -53.61
N THR A 610 22.22 -24.62 -52.51
CA THR A 610 22.97 -23.68 -51.66
C THR A 610 24.25 -24.34 -51.14
N PRO A 611 25.36 -23.59 -51.14
CA PRO A 611 26.66 -24.13 -50.72
C PRO A 611 26.63 -24.82 -49.37
N LEU A 612 27.41 -25.90 -49.23
CA LEU A 612 27.53 -26.60 -47.95
C LEU A 612 28.12 -25.71 -46.86
N ALA A 613 28.97 -24.76 -47.24
CA ALA A 613 29.53 -23.77 -46.31
C ALA A 613 28.43 -23.13 -45.45
N GLN A 614 27.29 -22.84 -46.07
CA GLN A 614 26.15 -22.24 -45.38
C GLN A 614 25.30 -23.29 -44.67
N VAL A 615 24.78 -24.25 -45.44
CA VAL A 615 23.79 -25.20 -44.92
C VAL A 615 24.35 -26.29 -44.00
N MET A 616 25.60 -26.68 -44.22
CA MET A 616 26.28 -27.69 -43.40
C MET A 616 27.72 -27.28 -43.09
N PRO A 617 27.89 -26.22 -42.27
CA PRO A 617 29.22 -25.67 -42.03
C PRO A 617 30.14 -26.62 -41.26
N GLU A 618 29.59 -27.26 -40.22
CA GLU A 618 30.32 -28.23 -39.40
C GLU A 618 31.06 -29.28 -40.24
N LEU A 619 30.45 -29.66 -41.36
CA LEU A 619 31.00 -30.69 -42.25
C LEU A 619 32.18 -30.20 -43.09
N VAL A 620 32.04 -29.01 -43.66
CA VAL A 620 33.08 -28.44 -44.53
C VAL A 620 34.34 -28.12 -43.71
N GLN A 621 34.14 -27.58 -42.52
CA GLN A 621 35.22 -27.31 -41.57
C GLN A 621 36.01 -28.58 -41.27
N ASP A 622 35.30 -29.68 -41.05
CA ASP A 622 35.91 -30.97 -40.72
C ASP A 622 36.68 -31.58 -41.89
N TYR A 623 36.05 -31.63 -43.05
CA TYR A 623 36.63 -32.27 -44.24
C TYR A 623 36.61 -31.32 -45.44
N PRO A 624 37.46 -30.28 -45.43
CA PRO A 624 37.44 -29.27 -46.50
C PRO A 624 37.83 -29.84 -47.86
N ASP A 625 38.81 -30.74 -47.88
CA ASP A 625 39.28 -31.37 -49.12
C ASP A 625 38.13 -32.01 -49.89
N THR A 626 37.29 -32.76 -49.18
CA THR A 626 36.21 -33.53 -49.82
C THR A 626 35.05 -32.66 -50.28
N TYR A 627 34.59 -31.77 -49.40
CA TYR A 627 33.38 -30.97 -49.67
C TYR A 627 33.69 -29.52 -50.03
N ALA A 628 34.79 -29.29 -50.73
CA ALA A 628 35.18 -27.95 -51.17
C ALA A 628 34.32 -27.46 -52.34
N ASN A 629 34.07 -26.16 -52.39
CA ASN A 629 33.30 -25.53 -53.47
C ASN A 629 32.09 -26.32 -53.95
N MET A 630 31.39 -26.95 -53.02
CA MET A 630 30.26 -27.82 -53.34
C MET A 630 28.95 -27.22 -52.84
N GLY A 631 27.84 -27.73 -53.39
CA GLY A 631 26.49 -27.40 -52.91
C GLY A 631 25.77 -28.65 -52.43
N ILE A 632 24.65 -28.45 -51.74
CA ILE A 632 23.88 -29.56 -51.16
C ILE A 632 23.35 -30.53 -52.24
N HIS A 633 22.96 -29.99 -53.39
CA HIS A 633 22.48 -30.81 -54.52
C HIS A 633 23.63 -31.63 -55.11
N ASP A 634 24.78 -30.98 -55.28
CA ASP A 634 25.97 -31.64 -55.82
C ASP A 634 26.31 -32.90 -55.02
N LEU A 635 26.26 -32.80 -53.70
CA LEU A 635 26.54 -33.93 -52.81
C LEU A 635 25.46 -35.03 -52.97
N GLY A 636 24.20 -34.60 -53.02
CA GLY A 636 23.09 -35.52 -53.24
C GLY A 636 23.28 -36.36 -54.49
N ASP A 637 23.64 -35.70 -55.59
CA ASP A 637 23.93 -36.39 -56.86
C ASP A 637 25.11 -37.34 -56.75
N LYS A 638 26.17 -36.90 -56.08
CA LYS A 638 27.37 -37.72 -55.91
C LYS A 638 27.07 -38.94 -55.03
N MET A 639 26.25 -38.76 -54.01
CA MET A 639 25.77 -39.86 -53.17
C MET A 639 24.88 -40.82 -53.95
N PHE A 640 23.92 -40.27 -54.69
CA PHE A 640 23.02 -41.09 -55.52
C PHE A 640 23.77 -41.82 -56.62
N ALA A 641 24.84 -41.19 -57.14
CA ALA A 641 25.69 -41.81 -58.15
C ALA A 641 26.36 -43.06 -57.59
N TRP A 642 26.97 -42.91 -56.41
CA TRP A 642 27.59 -44.04 -55.68
C TRP A 642 26.59 -45.17 -55.47
N LEU A 643 25.37 -44.81 -55.11
CA LEU A 643 24.29 -45.78 -54.91
C LEU A 643 24.04 -46.64 -56.15
N ARG A 644 23.97 -46.02 -57.32
CA ARG A 644 23.82 -46.76 -58.58
C ARG A 644 25.00 -47.72 -58.81
N GLU A 645 26.21 -47.16 -58.69
CA GLU A 645 27.44 -47.89 -59.00
C GLU A 645 27.66 -49.06 -58.07
N ASN A 646 27.70 -48.76 -56.76
CA ASN A 646 28.02 -49.77 -55.75
C ASN A 646 26.87 -50.71 -55.42
N ASN A 647 25.62 -50.26 -55.62
CA ASN A 647 24.45 -51.12 -55.58
C ASN A 647 24.25 -51.85 -54.23
N PRO A 648 24.18 -51.07 -53.13
CA PRO A 648 24.20 -51.64 -51.78
C PRO A 648 22.92 -52.35 -51.37
N GLY A 649 21.78 -51.91 -51.89
CA GLY A 649 20.48 -52.52 -51.57
C GLY A 649 20.43 -53.99 -51.92
N ALA A 650 21.00 -54.34 -53.07
CA ALA A 650 21.10 -55.73 -53.52
C ALA A 650 22.08 -56.52 -52.67
N ARG A 651 23.21 -55.89 -52.35
CA ARG A 651 24.23 -56.49 -51.47
C ARG A 651 23.68 -56.76 -50.07
N LEU A 652 22.81 -55.88 -49.58
CA LEU A 652 22.14 -56.07 -48.30
C LEU A 652 21.33 -57.36 -48.35
N ASN A 653 20.42 -57.45 -49.31
CA ASN A 653 19.57 -58.63 -49.47
C ASN A 653 20.37 -59.92 -49.60
N ALA A 654 21.47 -59.87 -50.34
CA ALA A 654 22.37 -61.02 -50.47
C ALA A 654 22.86 -61.51 -49.11
N ALA A 655 23.25 -60.56 -48.26
CA ALA A 655 23.79 -60.87 -46.93
C ALA A 655 22.73 -61.38 -45.95
N TYR A 656 21.48 -60.95 -46.15
CA TYR A 656 20.38 -61.29 -45.23
C TYR A 656 19.41 -62.36 -45.74
N SER A 657 19.31 -62.53 -47.07
CA SER A 657 18.43 -63.56 -47.66
C SER A 657 18.81 -64.95 -47.19
N THR A 658 20.11 -65.21 -47.16
CA THR A 658 20.65 -66.50 -46.74
C THR A 658 21.52 -66.32 -45.51
N LEU A 659 21.18 -67.03 -44.43
CA LEU A 659 21.87 -66.88 -43.16
C LEU A 659 23.29 -67.45 -43.23
N PRO A 660 24.23 -66.86 -42.47
CA PRO A 660 25.56 -67.44 -42.37
C PRO A 660 25.52 -68.77 -41.63
N VAL A 661 26.54 -69.60 -41.85
CA VAL A 661 26.58 -70.94 -41.27
C VAL A 661 26.96 -70.86 -39.79
N ALA A 662 26.11 -71.44 -38.94
CA ALA A 662 26.33 -71.44 -37.50
C ALA A 662 27.30 -72.54 -37.10
N GLU A 663 28.56 -72.17 -36.86
CA GLU A 663 29.60 -73.14 -36.57
C GLU A 663 29.61 -73.60 -35.11
N ILE A 664 29.53 -72.63 -34.19
CA ILE A 664 29.41 -72.93 -32.75
C ILE A 664 28.30 -72.10 -32.10
N THR A 665 27.94 -72.44 -30.87
CA THR A 665 26.88 -71.73 -30.14
C THR A 665 27.37 -70.34 -29.74
N PRO A 666 26.44 -69.36 -29.63
CA PRO A 666 26.83 -68.06 -29.09
C PRO A 666 27.55 -68.16 -27.76
N ARG A 667 27.12 -69.09 -26.90
CA ARG A 667 27.77 -69.30 -25.61
C ARG A 667 29.22 -69.73 -25.79
N ASP A 668 29.45 -70.74 -26.62
CA ASP A 668 30.81 -71.20 -26.93
C ASP A 668 31.66 -70.04 -27.46
N ALA A 669 31.05 -69.24 -28.32
CA ALA A 669 31.74 -68.09 -28.90
C ALA A 669 32.08 -67.06 -27.84
N TYR A 670 31.13 -66.77 -26.94
CA TYR A 670 31.43 -65.85 -25.85
C TYR A 670 32.52 -66.42 -24.93
N ASN A 671 32.46 -67.73 -24.66
CA ASN A 671 33.46 -68.36 -23.80
C ASN A 671 34.88 -68.25 -24.38
N ALA A 672 34.97 -68.15 -25.70
CA ALA A 672 36.26 -67.88 -26.34
C ALA A 672 36.82 -66.54 -25.86
N ILE A 673 35.94 -65.56 -25.66
CA ILE A 673 36.33 -64.23 -25.17
C ILE A 673 36.88 -64.34 -23.74
N VAL A 674 36.21 -65.13 -22.92
CA VAL A 674 36.63 -65.32 -21.53
C VAL A 674 37.99 -66.01 -21.46
N ASN A 675 38.16 -67.06 -22.27
CA ASN A 675 39.41 -67.83 -22.32
C ASN A 675 40.52 -67.13 -23.09
N ASN A 676 40.19 -66.03 -23.76
CA ASN A 676 41.14 -65.21 -24.51
C ASN A 676 41.61 -65.87 -25.82
N ASN A 677 40.73 -66.69 -26.42
CA ASN A 677 40.94 -67.23 -27.77
C ASN A 677 40.37 -66.24 -28.78
N ILE A 678 40.95 -65.06 -28.80
CA ILE A 678 40.34 -63.90 -29.43
C ILE A 678 41.37 -63.15 -30.26
N GLU A 679 40.89 -62.53 -31.32
CA GLU A 679 41.75 -61.91 -32.30
C GLU A 679 40.96 -60.86 -33.06
N MET A 680 41.50 -59.65 -33.16
CA MET A 680 40.84 -58.58 -33.91
C MET A 680 41.20 -58.72 -35.39
N VAL A 681 40.25 -59.25 -36.16
CA VAL A 681 40.46 -59.58 -37.58
C VAL A 681 39.94 -58.47 -38.49
N ALA A 682 40.77 -58.04 -39.43
CA ALA A 682 40.41 -57.00 -40.38
C ALA A 682 39.42 -57.51 -41.40
N ILE A 683 38.65 -56.60 -41.99
CA ILE A 683 37.56 -56.93 -42.93
C ILE A 683 37.95 -57.93 -44.03
N GLU A 684 39.13 -57.74 -44.62
CA GLU A 684 39.54 -58.53 -45.79
C GLU A 684 39.97 -59.97 -45.45
N ASN A 685 40.24 -60.23 -44.17
CA ASN A 685 40.62 -61.58 -43.70
C ASN A 685 39.50 -62.28 -42.92
N LEU A 686 38.29 -61.73 -42.98
CA LEU A 686 37.14 -62.30 -42.27
C LEU A 686 36.67 -63.66 -42.82
N PRO A 687 36.75 -63.88 -44.15
CA PRO A 687 36.27 -65.14 -44.70
C PRO A 687 36.81 -66.38 -43.98
N GLY A 688 35.90 -67.31 -43.67
CA GLY A 688 36.25 -68.54 -42.98
C GLY A 688 36.46 -68.41 -41.48
N ARG A 689 36.23 -67.21 -40.93
CA ARG A 689 36.44 -66.96 -39.51
C ARG A 689 35.12 -66.92 -38.74
N ILE A 690 35.17 -67.27 -37.46
CA ILE A 690 33.99 -67.27 -36.60
C ILE A 690 33.92 -65.97 -35.81
N ALA A 691 32.73 -65.35 -35.78
CA ALA A 691 32.52 -64.11 -35.05
C ALA A 691 32.41 -64.38 -33.56
N ALA A 692 33.17 -63.63 -32.76
CA ALA A 692 33.15 -63.77 -31.30
C ALA A 692 31.94 -63.06 -30.72
N ASN A 693 31.62 -61.90 -31.30
CA ASN A 693 30.44 -61.13 -30.94
C ASN A 693 29.49 -60.99 -32.13
N SER A 694 28.25 -60.60 -31.87
CA SER A 694 27.29 -60.35 -32.95
C SER A 694 27.71 -59.15 -33.78
N VAL A 695 27.34 -59.14 -35.05
CA VAL A 695 27.63 -58.02 -35.95
C VAL A 695 26.32 -57.46 -36.52
N ILE A 696 26.03 -56.21 -36.17
CA ILE A 696 24.77 -55.56 -36.53
C ILE A 696 25.05 -54.26 -37.28
N PRO A 697 24.94 -54.28 -38.61
CA PRO A 697 25.07 -53.05 -39.41
C PRO A 697 23.76 -52.29 -39.53
N TYR A 698 23.86 -50.96 -39.62
CA TYR A 698 22.72 -50.08 -39.82
C TYR A 698 22.88 -49.31 -41.13
N PRO A 699 22.01 -49.57 -42.12
CA PRO A 699 20.88 -50.51 -42.12
C PRO A 699 21.36 -51.94 -42.30
N PRO A 700 20.48 -52.93 -42.11
CA PRO A 700 19.06 -52.86 -41.72
C PRO A 700 18.81 -52.74 -40.22
N GLY A 701 19.86 -52.87 -39.41
CA GLY A 701 19.73 -52.71 -37.96
C GLY A 701 19.27 -53.96 -37.23
N ILE A 702 19.40 -55.12 -37.89
CA ILE A 702 19.22 -56.41 -37.23
C ILE A 702 20.46 -57.27 -37.51
N PRO A 703 20.70 -58.30 -36.70
CA PRO A 703 21.99 -58.99 -36.78
C PRO A 703 22.25 -59.68 -38.12
N MET A 704 23.37 -59.32 -38.74
CA MET A 704 23.84 -60.00 -39.95
C MET A 704 24.50 -61.31 -39.53
N LEU A 705 25.37 -61.23 -38.52
CA LEU A 705 25.94 -62.39 -37.84
C LEU A 705 25.68 -62.32 -36.35
N LEU A 706 25.44 -63.49 -35.74
CA LEU A 706 25.42 -63.62 -34.29
C LEU A 706 26.71 -64.28 -33.85
N SER A 707 26.92 -64.34 -32.53
CA SER A 707 28.09 -65.00 -31.95
C SER A 707 28.14 -66.47 -32.36
N GLY A 708 29.31 -66.90 -32.82
CA GLY A 708 29.55 -68.29 -33.18
C GLY A 708 29.22 -68.67 -34.60
N GLU A 709 28.86 -67.68 -35.42
CA GLU A 709 28.56 -67.92 -36.83
C GLU A 709 29.76 -67.57 -37.70
N ASN A 710 29.84 -68.20 -38.87
CA ASN A 710 30.99 -68.03 -39.77
C ASN A 710 30.70 -67.04 -40.88
N PHE A 711 31.67 -66.16 -41.15
CA PHE A 711 31.53 -65.13 -42.19
C PHE A 711 31.41 -65.73 -43.59
N GLY A 712 31.98 -66.93 -43.76
CA GLY A 712 31.73 -67.74 -44.96
C GLY A 712 32.85 -67.77 -45.99
N ASP A 713 32.47 -67.96 -47.26
CA ASP A 713 33.41 -68.12 -48.37
C ASP A 713 34.24 -66.86 -48.65
N GLU A 714 35.21 -67.02 -49.55
CA GLU A 714 36.04 -65.90 -50.03
C GLU A 714 35.16 -64.86 -50.74
N ASN A 715 34.14 -65.35 -51.44
CA ASN A 715 33.13 -64.52 -52.08
C ASN A 715 31.85 -64.53 -51.26
N SER A 716 31.95 -64.10 -50.00
CA SER A 716 30.82 -64.10 -49.07
C SER A 716 29.99 -62.81 -49.20
N PRO A 717 28.66 -62.94 -49.15
CA PRO A 717 27.78 -61.76 -49.24
C PRO A 717 27.79 -60.88 -47.99
N GLN A 718 28.03 -61.50 -46.82
CA GLN A 718 28.08 -60.78 -45.55
C GLN A 718 29.32 -59.88 -45.49
N VAL A 719 30.47 -60.47 -45.81
CA VAL A 719 31.73 -59.73 -45.89
C VAL A 719 31.64 -58.72 -47.02
N GLY A 720 30.93 -59.09 -48.08
CA GLY A 720 30.64 -58.18 -49.18
C GLY A 720 29.89 -56.93 -48.75
N TYR A 721 28.79 -57.12 -48.02
CA TYR A 721 27.98 -56.00 -47.55
C TYR A 721 28.78 -55.05 -46.67
N LEU A 722 29.63 -55.61 -45.80
CA LEU A 722 30.54 -54.81 -44.96
C LEU A 722 31.51 -53.98 -45.80
N ARG A 723 31.99 -54.60 -46.88
CA ARG A 723 32.88 -53.95 -47.85
C ARG A 723 32.27 -52.67 -48.41
N SER A 724 31.02 -52.77 -48.85
CA SER A 724 30.31 -51.64 -49.45
C SER A 724 30.01 -50.56 -48.43
N LEU A 725 29.66 -50.97 -47.21
CA LEU A 725 29.47 -50.05 -46.09
C LEU A 725 30.73 -49.25 -45.83
N GLN A 726 31.88 -49.95 -45.81
CA GLN A 726 33.16 -49.30 -45.64
C GLN A 726 33.47 -48.34 -46.80
N SER A 727 33.18 -48.80 -48.02
CA SER A 727 33.39 -47.98 -49.21
C SER A 727 32.60 -46.66 -49.14
N TRP A 728 31.37 -46.73 -48.65
CA TRP A 728 30.55 -45.53 -48.44
C TRP A 728 31.24 -44.59 -47.45
N ASP A 729 31.68 -45.14 -46.33
CA ASP A 729 32.34 -44.35 -45.28
C ASP A 729 33.51 -43.54 -45.84
N HIS A 730 34.35 -44.21 -46.63
CA HIS A 730 35.54 -43.58 -47.24
C HIS A 730 35.18 -42.48 -48.22
N HIS A 731 34.16 -42.75 -49.04
CA HIS A 731 33.71 -41.80 -50.05
C HIS A 731 33.00 -40.58 -49.46
N PHE A 732 32.28 -40.78 -48.35
CA PHE A 732 31.51 -39.71 -47.73
C PHE A 732 31.79 -39.60 -46.23
N PRO A 733 32.89 -38.88 -45.87
CA PRO A 733 33.20 -38.62 -44.46
C PRO A 733 32.14 -37.76 -43.79
N GLY A 734 31.89 -38.01 -42.51
CA GLY A 734 30.82 -37.35 -41.78
C GLY A 734 29.46 -38.04 -41.92
N PHE A 735 29.35 -38.98 -42.85
CA PHE A 735 28.13 -39.75 -43.07
C PHE A 735 28.39 -41.24 -42.87
N GLU A 736 29.26 -41.57 -41.92
CA GLU A 736 29.68 -42.95 -41.69
C GLU A 736 28.55 -43.79 -41.11
N HIS A 737 28.50 -45.06 -41.52
CA HIS A 737 27.50 -46.01 -41.01
C HIS A 737 27.85 -46.47 -39.60
N GLU A 738 26.85 -46.56 -38.74
CA GLU A 738 27.01 -47.15 -37.42
C GLU A 738 26.90 -48.65 -37.57
N THR A 739 27.83 -49.38 -36.94
CA THR A 739 27.83 -50.85 -36.97
C THR A 739 28.27 -51.42 -35.62
N GLU A 740 27.32 -52.02 -34.89
CA GLU A 740 27.64 -52.66 -33.60
C GLU A 740 28.37 -53.97 -33.87
N GLY A 741 29.32 -54.30 -32.99
CA GLY A 741 30.16 -55.47 -33.14
C GLY A 741 31.40 -55.23 -34.01
N THR A 742 31.62 -53.97 -34.37
CA THR A 742 32.71 -53.58 -35.26
C THR A 742 33.55 -52.48 -34.60
N GLU A 743 34.87 -52.67 -34.61
CA GLU A 743 35.82 -51.62 -34.22
C GLU A 743 36.58 -51.17 -35.47
N ILE A 744 36.59 -49.87 -35.71
CA ILE A 744 37.31 -49.31 -36.85
C ILE A 744 38.75 -48.96 -36.41
N ILE A 745 39.70 -49.81 -36.79
CA ILE A 745 41.08 -49.74 -36.29
C ILE A 745 42.14 -49.95 -37.37
N VAL A 748 40.81 -49.30 -40.90
CA VAL A 748 39.90 -50.28 -41.49
C VAL A 748 38.85 -50.84 -40.50
N TYR A 749 37.86 -51.52 -41.08
CA TYR A 749 36.84 -52.24 -40.30
C TYR A 749 37.47 -53.51 -39.72
N HIS A 750 37.35 -53.68 -38.40
CA HIS A 750 37.79 -54.91 -37.74
C HIS A 750 36.64 -55.54 -36.97
N VAL A 751 36.69 -56.87 -36.81
CA VAL A 751 35.72 -57.60 -36.02
C VAL A 751 36.42 -58.65 -35.16
N MET A 752 36.04 -58.71 -33.88
CA MET A 752 36.60 -59.67 -32.95
C MET A 752 36.18 -61.09 -33.34
N CYS A 753 37.16 -61.95 -33.56
CA CYS A 753 36.92 -63.33 -34.00
C CYS A 753 37.61 -64.36 -33.12
N VAL A 754 37.15 -65.60 -33.25
CA VAL A 754 37.74 -66.74 -32.53
C VAL A 754 39.09 -67.09 -33.18
N LYS A 755 40.01 -67.62 -32.38
CA LYS A 755 41.33 -68.05 -32.88
C LYS A 755 41.28 -69.47 -33.44
N MET B 1 14.73 -9.43 -23.94
CA MET B 1 13.45 -10.11 -23.54
C MET B 1 12.55 -10.33 -24.74
N MET B 2 11.84 -11.46 -24.75
CA MET B 2 11.08 -11.90 -25.91
C MET B 2 9.67 -11.30 -26.00
N LYS B 3 9.18 -11.20 -27.23
CA LYS B 3 8.00 -10.41 -27.56
C LYS B 3 7.10 -11.09 -28.60
N VAL B 4 5.82 -11.28 -28.26
CA VAL B 4 4.86 -11.96 -29.13
C VAL B 4 3.69 -11.06 -29.47
N LEU B 5 3.33 -11.02 -30.76
CA LEU B 5 2.12 -10.34 -31.22
C LEU B 5 1.05 -11.38 -31.51
N ILE B 6 -0.05 -11.32 -30.77
CA ILE B 6 -1.21 -12.17 -31.01
C ILE B 6 -2.29 -11.35 -31.69
N VAL B 7 -2.74 -11.80 -32.85
CA VAL B 7 -3.80 -11.11 -33.60
C VAL B 7 -5.08 -11.94 -33.57
N GLU B 8 -6.05 -11.50 -32.78
CA GLU B 8 -7.36 -12.15 -32.76
C GLU B 8 -8.17 -11.72 -33.98
N SER B 9 -8.53 -12.70 -34.81
CA SER B 9 -9.29 -12.44 -36.03
C SER B 9 -10.64 -11.80 -35.72
N GLU B 10 -11.05 -10.87 -36.58
CA GLU B 10 -12.31 -10.14 -36.44
C GLU B 10 -13.49 -11.07 -36.71
N PHE B 11 -13.23 -12.10 -37.50
CA PHE B 11 -14.25 -13.02 -37.97
C PHE B 11 -14.61 -14.08 -36.92
N LEU B 12 -13.85 -14.13 -35.83
CA LEU B 12 -14.12 -15.10 -34.74
C LEU B 12 -14.45 -14.47 -33.38
N HIS B 13 -14.61 -13.14 -33.32
CA HIS B 13 -15.10 -12.49 -32.09
C HIS B 13 -16.52 -12.99 -31.77
N GLN B 14 -17.29 -13.26 -32.82
CA GLN B 14 -18.60 -13.89 -32.70
C GLN B 14 -18.58 -15.09 -31.76
N ASP B 15 -17.51 -15.89 -31.88
CA ASP B 15 -17.29 -17.07 -31.04
C ASP B 15 -16.42 -16.73 -29.82
N THR B 16 -17.07 -16.42 -28.70
CA THR B 16 -16.41 -15.89 -27.50
C THR B 16 -15.40 -16.84 -26.84
N TRP B 17 -15.61 -18.13 -27.01
CA TRP B 17 -14.75 -19.16 -26.43
C TRP B 17 -13.35 -19.22 -27.05
N VAL B 18 -13.22 -18.70 -28.27
CA VAL B 18 -11.92 -18.59 -28.94
C VAL B 18 -11.09 -17.55 -28.21
N GLY B 19 -11.67 -16.36 -28.03
CA GLY B 19 -11.02 -15.28 -27.28
C GLY B 19 -10.58 -15.71 -25.89
N ASN B 20 -11.39 -16.52 -25.22
CA ASN B 20 -11.03 -17.09 -23.92
C ASN B 20 -9.78 -17.96 -24.01
N ALA B 21 -9.74 -18.83 -25.01
CA ALA B 21 -8.60 -19.73 -25.23
C ALA B 21 -7.31 -18.95 -25.53
N VAL B 22 -7.44 -17.89 -26.32
CA VAL B 22 -6.33 -16.99 -26.61
C VAL B 22 -5.82 -16.34 -25.32
N GLU B 23 -6.76 -15.93 -24.47
CA GLU B 23 -6.42 -15.33 -23.17
C GLU B 23 -5.66 -16.32 -22.28
N ARG B 24 -6.10 -17.57 -22.28
CA ARG B 24 -5.39 -18.65 -21.54
C ARG B 24 -3.97 -18.80 -22.06
N LEU B 25 -3.80 -18.66 -23.37
CA LEU B 25 -2.49 -18.76 -24.01
C LEU B 25 -1.63 -17.55 -23.65
N ALA B 26 -2.17 -16.35 -23.87
CA ALA B 26 -1.49 -15.11 -23.51
C ALA B 26 -0.96 -15.16 -22.08
N ASP B 27 -1.78 -15.72 -21.19
CA ASP B 27 -1.41 -15.91 -19.79
C ASP B 27 -0.21 -16.85 -19.63
N ALA B 28 -0.27 -17.98 -20.32
CA ALA B 28 0.81 -18.99 -20.28
C ALA B 28 2.15 -18.43 -20.76
N LEU B 29 2.10 -17.58 -21.78
CA LEU B 29 3.29 -16.90 -22.30
C LEU B 29 3.86 -15.91 -21.28
N SER B 30 2.99 -15.08 -20.72
CA SER B 30 3.37 -14.13 -19.67
C SER B 30 4.04 -14.82 -18.49
N GLN B 31 3.53 -15.99 -18.12
CA GLN B 31 4.10 -16.81 -17.04
C GLN B 31 5.51 -17.31 -17.35
N GLN B 32 5.86 -17.38 -18.63
CA GLN B 32 7.22 -17.73 -19.05
C GLN B 32 8.06 -16.50 -19.41
N ASN B 33 7.75 -15.37 -18.77
CA ASN B 33 8.49 -14.11 -18.93
C ASN B 33 8.55 -13.63 -20.39
N VAL B 34 7.40 -13.67 -21.05
CA VAL B 34 7.28 -13.25 -22.44
C VAL B 34 6.31 -12.08 -22.53
N THR B 35 6.75 -10.99 -23.17
CA THR B 35 5.88 -9.83 -23.38
C THR B 35 4.86 -10.15 -24.47
N VAL B 36 3.58 -10.03 -24.14
CA VAL B 36 2.50 -10.31 -25.10
C VAL B 36 1.84 -9.01 -25.53
N ILE B 37 1.69 -8.83 -26.84
CA ILE B 37 0.94 -7.71 -27.41
C ILE B 37 -0.32 -8.26 -28.03
N LYS B 38 -1.46 -8.04 -27.38
CA LYS B 38 -2.74 -8.48 -27.95
C LYS B 38 -3.26 -7.46 -28.94
N SER B 39 -3.87 -7.96 -30.01
CA SER B 39 -4.42 -7.14 -31.08
C SER B 39 -5.75 -7.75 -31.52
N THR B 40 -6.74 -6.92 -31.77
CA THR B 40 -8.13 -7.39 -31.98
C THR B 40 -8.62 -7.30 -33.42
N SER B 41 -7.75 -6.92 -34.34
CA SER B 41 -8.12 -6.92 -35.75
C SER B 41 -6.88 -7.07 -36.62
N PHE B 42 -7.07 -7.67 -37.79
CA PHE B 42 -6.00 -7.74 -38.79
C PHE B 42 -5.53 -6.35 -39.18
N ASP B 43 -6.45 -5.40 -39.20
CA ASP B 43 -6.13 -3.99 -39.46
C ASP B 43 -5.19 -3.43 -38.39
N ASP B 44 -5.50 -3.69 -37.13
CA ASP B 44 -4.67 -3.23 -36.01
C ASP B 44 -3.31 -3.89 -36.03
N GLY B 45 -3.30 -5.21 -36.22
CA GLY B 45 -2.06 -5.98 -36.31
C GLY B 45 -1.19 -5.56 -37.49
N TYR B 46 -1.84 -5.28 -38.62
CA TYR B 46 -1.16 -4.75 -39.79
C TYR B 46 -0.50 -3.41 -39.48
N ALA B 47 -1.23 -2.57 -38.74
CA ALA B 47 -0.74 -1.23 -38.36
C ALA B 47 0.42 -1.27 -37.38
N ILE B 48 0.39 -2.23 -36.46
CA ILE B 48 1.48 -2.41 -35.49
C ILE B 48 2.74 -2.83 -36.23
N LEU B 49 2.59 -3.77 -37.16
CA LEU B 49 3.71 -4.20 -37.99
C LEU B 49 4.11 -3.13 -39.00
N SER B 50 3.14 -2.32 -39.42
CA SER B 50 3.40 -1.19 -40.34
C SER B 50 4.22 -0.09 -39.66
N ALA B 51 4.07 0.05 -38.36
CA ALA B 51 5.06 0.75 -37.55
C ALA B 51 6.30 -0.16 -37.57
N ASN B 52 7.19 -0.09 -36.59
CA ASN B 52 8.35 -0.98 -36.61
C ASN B 52 8.48 -1.78 -35.32
N GLU B 53 7.33 -2.18 -34.79
CA GLU B 53 7.27 -2.98 -33.56
C GLU B 53 7.97 -4.32 -33.77
N ALA B 54 9.18 -4.43 -33.24
CA ALA B 54 10.00 -5.63 -33.38
C ALA B 54 9.44 -6.74 -32.51
N ILE B 55 8.89 -7.77 -33.16
CA ILE B 55 8.42 -8.97 -32.49
C ILE B 55 9.27 -10.19 -32.86
N ASP B 56 9.23 -11.21 -32.00
CA ASP B 56 9.96 -12.46 -32.21
C ASP B 56 9.05 -13.61 -32.62
N CYS B 57 7.74 -13.38 -32.63
CA CYS B 57 6.79 -14.41 -33.05
C CYS B 57 5.41 -13.80 -33.28
N LEU B 58 4.79 -14.18 -34.39
CA LEU B 58 3.41 -13.76 -34.71
C LEU B 58 2.45 -14.93 -34.56
N MET B 59 1.37 -14.71 -33.81
CA MET B 59 0.29 -15.69 -33.68
C MET B 59 -1.01 -15.04 -34.13
N PHE B 60 -1.88 -15.82 -34.77
CA PHE B 60 -3.17 -15.30 -35.21
C PHE B 60 -4.24 -16.38 -35.29
N SER B 61 -5.46 -16.00 -34.93
CA SER B 61 -6.62 -16.87 -35.12
C SER B 61 -7.14 -16.69 -36.56
N TYR B 62 -7.92 -17.67 -37.03
CA TYR B 62 -8.23 -17.77 -38.45
C TYR B 62 -9.44 -18.68 -38.69
N GLN B 63 -10.55 -18.08 -39.10
CA GLN B 63 -11.80 -18.80 -39.36
C GLN B 63 -11.72 -19.64 -40.64
N MET B 64 -11.08 -19.08 -41.65
CA MET B 64 -10.85 -19.75 -42.95
C MET B 64 -12.13 -20.00 -43.76
N GLU B 65 -13.07 -19.06 -43.72
CA GLU B 65 -14.30 -19.17 -44.49
C GLU B 65 -14.43 -18.01 -45.48
N GLN B 66 -14.46 -16.80 -44.94
CA GLN B 66 -14.58 -15.60 -45.76
C GLN B 66 -13.29 -15.34 -46.56
N PRO B 67 -13.42 -14.96 -47.85
CA PRO B 67 -12.22 -14.63 -48.62
C PRO B 67 -11.59 -13.29 -48.24
N ASP B 68 -12.40 -12.39 -47.67
CA ASP B 68 -11.89 -11.12 -47.15
C ASP B 68 -10.87 -11.37 -46.03
N GLU B 69 -11.09 -12.45 -45.27
CA GLU B 69 -10.16 -12.87 -44.23
C GLU B 69 -8.90 -13.50 -44.83
N HIS B 70 -9.09 -14.46 -45.74
CA HIS B 70 -7.97 -15.12 -46.42
C HIS B 70 -6.94 -14.10 -46.92
N LEU B 71 -7.46 -13.02 -47.52
CA LEU B 71 -6.63 -11.90 -47.99
C LEU B 71 -5.97 -11.18 -46.82
N SER B 72 -6.78 -10.77 -45.84
CA SER B 72 -6.28 -10.05 -44.67
C SER B 72 -5.11 -10.78 -43.98
N VAL B 73 -5.16 -12.10 -43.99
CA VAL B 73 -4.07 -12.94 -43.48
C VAL B 73 -2.81 -12.81 -44.35
N ARG B 74 -2.99 -12.93 -45.67
CA ARG B 74 -1.89 -12.77 -46.62
C ARG B 74 -1.21 -11.41 -46.48
N GLN B 75 -2.01 -10.37 -46.30
CA GLN B 75 -1.51 -9.01 -46.13
C GLN B 75 -0.70 -8.87 -44.85
N LEU B 76 -1.25 -9.38 -43.75
CA LEU B 76 -0.60 -9.33 -42.44
C LEU B 76 0.76 -10.03 -42.45
N ILE B 77 0.76 -11.28 -42.91
CA ILE B 77 1.98 -12.09 -42.92
C ILE B 77 2.98 -11.56 -43.94
N GLY B 78 2.48 -11.13 -45.10
CA GLY B 78 3.30 -10.47 -46.10
C GLY B 78 3.99 -9.25 -45.51
N LYS B 79 3.25 -8.48 -44.72
CA LYS B 79 3.76 -7.28 -44.08
C LYS B 79 4.85 -7.59 -43.09
N LEU B 80 4.62 -8.61 -42.26
CA LEU B 80 5.61 -9.06 -41.28
C LEU B 80 6.94 -9.33 -41.95
N HIS B 81 6.92 -10.13 -43.01
CA HIS B 81 8.14 -10.60 -43.65
C HIS B 81 8.85 -9.56 -44.54
N GLU B 82 8.25 -8.39 -44.74
CA GLU B 82 8.94 -7.29 -45.43
C GLU B 82 10.27 -6.94 -44.74
N ARG B 83 10.22 -6.75 -43.43
CA ARG B 83 11.39 -6.38 -42.64
C ARG B 83 11.72 -7.37 -41.53
N GLN B 84 10.72 -8.13 -41.08
CA GLN B 84 10.91 -9.14 -40.05
C GLN B 84 10.83 -10.51 -40.72
N GLN B 85 11.80 -10.72 -41.60
CA GLN B 85 11.73 -11.75 -42.62
C GLN B 85 11.51 -13.19 -42.15
N ASN B 86 12.13 -13.57 -41.04
CA ASN B 86 12.11 -14.97 -40.59
C ASN B 86 11.38 -15.19 -39.27
N VAL B 87 10.54 -14.23 -38.88
CA VAL B 87 9.76 -14.36 -37.66
C VAL B 87 8.81 -15.55 -37.80
N PRO B 88 8.80 -16.45 -36.80
CA PRO B 88 7.94 -17.62 -36.90
C PRO B 88 6.47 -17.24 -36.77
N VAL B 89 5.66 -17.76 -37.68
CA VAL B 89 4.23 -17.48 -37.70
C VAL B 89 3.43 -18.69 -37.23
N PHE B 90 2.75 -18.53 -36.09
CA PHE B 90 1.87 -19.56 -35.52
C PHE B 90 0.43 -19.33 -35.98
N LEU B 91 -0.20 -20.39 -36.49
CA LEU B 91 -1.62 -20.36 -36.79
C LEU B 91 -2.39 -20.92 -35.61
N LEU B 92 -3.16 -20.06 -34.95
CA LEU B 92 -4.09 -20.47 -33.89
C LEU B 92 -5.44 -20.84 -34.52
N GLY B 93 -5.56 -22.08 -34.98
CA GLY B 93 -6.66 -22.46 -35.86
C GLY B 93 -7.47 -23.67 -35.46
N ASP B 94 -8.39 -24.04 -36.35
CA ASP B 94 -9.18 -25.25 -36.22
C ASP B 94 -8.47 -26.38 -36.96
N ARG B 95 -8.31 -27.51 -36.28
CA ARG B 95 -7.59 -28.66 -36.82
C ARG B 95 -8.16 -29.13 -38.16
N GLU B 96 -9.47 -29.37 -38.20
CA GLU B 96 -10.12 -29.91 -39.39
C GLU B 96 -10.01 -28.97 -40.60
N LYS B 97 -10.30 -27.69 -40.42
CA LYS B 97 -10.24 -26.72 -41.53
C LYS B 97 -8.82 -26.47 -42.04
N ALA B 98 -7.89 -26.25 -41.12
CA ALA B 98 -6.49 -26.02 -41.49
C ALA B 98 -5.94 -27.20 -42.27
N THR B 99 -6.15 -28.39 -41.71
CA THR B 99 -5.77 -29.66 -42.34
C THR B 99 -6.23 -29.72 -43.81
N ALA B 100 -7.50 -29.42 -44.04
CA ALA B 100 -8.09 -29.50 -45.37
C ALA B 100 -7.51 -28.45 -46.34
N SER B 101 -7.22 -27.27 -45.81
CA SER B 101 -6.65 -26.17 -46.62
C SER B 101 -5.18 -26.40 -46.98
N LEU B 102 -4.50 -27.20 -46.16
CA LEU B 102 -3.04 -27.35 -46.24
C LEU B 102 -2.50 -27.58 -47.66
N ASP B 103 -1.77 -26.59 -48.15
CA ASP B 103 -1.06 -26.68 -49.43
C ASP B 103 0.25 -25.90 -49.32
N ARG B 104 1.02 -25.88 -50.40
CA ARG B 104 2.29 -25.16 -50.44
C ARG B 104 2.15 -23.68 -50.06
N ASP B 105 1.10 -23.04 -50.59
CA ASP B 105 0.89 -21.61 -50.33
C ASP B 105 0.78 -21.33 -48.84
N LEU B 106 -0.03 -22.13 -48.14
CA LEU B 106 -0.26 -21.96 -46.70
C LEU B 106 1.03 -22.12 -45.89
N LEU B 107 1.83 -23.11 -46.28
CA LEU B 107 3.07 -23.41 -45.58
C LEU B 107 4.18 -22.38 -45.78
N GLU B 108 4.07 -21.57 -46.84
CA GLU B 108 4.94 -20.42 -47.02
C GLU B 108 4.59 -19.33 -46.00
N LEU B 109 3.29 -19.15 -45.78
CA LEU B 109 2.77 -18.20 -44.81
C LEU B 109 3.03 -18.69 -43.39
N VAL B 110 2.38 -19.80 -43.05
CA VAL B 110 2.41 -20.35 -41.70
C VAL B 110 3.62 -21.26 -41.51
N ASP B 111 4.39 -20.98 -40.45
CA ASP B 111 5.55 -21.79 -40.09
C ASP B 111 5.14 -22.92 -39.14
N GLU B 112 4.14 -22.69 -38.30
CA GLU B 112 3.76 -23.66 -37.28
C GLU B 112 2.29 -23.63 -36.90
N PHE B 113 1.75 -24.81 -36.60
CA PHE B 113 0.32 -24.98 -36.31
C PHE B 113 0.05 -25.22 -34.84
N ALA B 114 -0.92 -24.50 -34.29
CA ALA B 114 -1.35 -24.69 -32.91
C ALA B 114 -2.87 -24.69 -32.88
N TRP B 115 -3.46 -25.80 -32.47
CA TRP B 115 -4.91 -25.91 -32.49
C TRP B 115 -5.48 -25.57 -31.13
N ILE B 116 -5.97 -24.34 -31.06
CA ILE B 116 -6.13 -23.61 -29.80
C ILE B 116 -7.30 -24.07 -28.94
N LEU B 117 -8.33 -24.62 -29.55
CA LEU B 117 -9.49 -25.15 -28.83
C LEU B 117 -9.34 -26.63 -28.48
N GLU B 118 -8.12 -27.15 -28.60
CA GLU B 118 -7.87 -28.59 -28.54
C GLU B 118 -6.51 -28.98 -27.94
N ASP B 119 -5.79 -28.00 -27.39
CA ASP B 119 -4.41 -28.20 -26.94
C ASP B 119 -4.16 -27.39 -25.66
N THR B 120 -3.22 -27.87 -24.84
CA THR B 120 -2.86 -27.18 -23.60
C THR B 120 -2.14 -25.88 -23.92
N ALA B 121 -2.54 -24.81 -23.24
CA ALA B 121 -1.96 -23.49 -23.48
C ALA B 121 -0.44 -23.47 -23.24
N ASP B 122 -0.02 -24.12 -22.16
CA ASP B 122 1.40 -24.21 -21.80
C ASP B 122 2.28 -24.90 -22.86
N PHE B 123 1.72 -25.90 -23.54
CA PHE B 123 2.45 -26.58 -24.62
C PHE B 123 2.71 -25.64 -25.79
N ILE B 124 1.68 -24.91 -26.22
CA ILE B 124 1.82 -23.95 -27.31
C ILE B 124 2.82 -22.87 -26.92
N ALA B 125 2.66 -22.35 -25.71
CA ALA B 125 3.59 -21.35 -25.16
C ALA B 125 5.03 -21.83 -25.25
N GLY B 126 5.27 -23.07 -24.81
CA GLY B 126 6.58 -23.69 -24.90
C GLY B 126 7.11 -23.75 -26.32
N ARG B 127 6.28 -24.21 -27.25
CA ARG B 127 6.66 -24.31 -28.66
C ARG B 127 7.04 -22.94 -29.23
N ALA B 128 6.30 -21.91 -28.81
CA ALA B 128 6.58 -20.55 -29.24
C ALA B 128 7.94 -20.08 -28.73
N VAL B 129 8.15 -20.21 -27.43
CA VAL B 129 9.43 -19.84 -26.81
C VAL B 129 10.58 -20.52 -27.53
N ALA B 130 10.40 -21.80 -27.85
CA ALA B 130 11.40 -22.56 -28.61
C ALA B 130 11.65 -21.94 -29.98
N ALA B 131 10.57 -21.66 -30.70
CA ALA B 131 10.65 -21.06 -32.04
C ALA B 131 11.27 -19.66 -32.02
N MET B 132 10.97 -18.91 -30.97
CA MET B 132 11.53 -17.57 -30.79
C MET B 132 13.03 -17.62 -30.49
N THR B 133 13.45 -18.65 -29.77
CA THR B 133 14.86 -18.85 -29.44
C THR B 133 15.66 -19.16 -30.70
N ARG B 134 15.13 -20.05 -31.53
CA ARG B 134 15.76 -20.43 -32.79
C ARG B 134 15.81 -19.24 -33.76
N TYR B 135 14.76 -18.42 -33.77
CA TYR B 135 14.73 -17.17 -34.53
C TYR B 135 15.84 -16.22 -34.09
N ARG B 136 16.00 -16.06 -32.78
CA ARG B 136 17.01 -15.16 -32.20
C ARG B 136 18.44 -15.59 -32.53
N GLN B 137 18.71 -16.89 -32.44
CA GLN B 137 20.03 -17.44 -32.78
C GLN B 137 20.40 -17.20 -34.24
N GLN B 138 19.38 -17.21 -35.10
CA GLN B 138 19.54 -17.05 -36.55
C GLN B 138 19.57 -15.58 -37.02
N LEU B 139 19.17 -14.67 -36.13
CA LEU B 139 18.89 -13.28 -36.51
C LEU B 139 20.11 -12.45 -36.93
N LEU B 140 21.05 -12.28 -36.00
CA LEU B 140 22.15 -11.33 -36.16
C LEU B 140 23.20 -11.78 -37.19
N PRO B 141 23.80 -10.82 -37.92
CA PRO B 141 24.86 -11.13 -38.88
C PRO B 141 26.18 -11.53 -38.20
N PRO B 142 27.09 -12.18 -38.94
CA PRO B 142 28.26 -12.87 -38.38
C PRO B 142 29.08 -12.11 -37.33
N LEU B 143 29.55 -10.92 -37.68
CA LEU B 143 30.47 -10.17 -36.83
C LEU B 143 29.78 -9.62 -35.59
N PHE B 144 28.69 -8.89 -35.78
CA PHE B 144 27.96 -8.33 -34.66
C PHE B 144 27.47 -9.44 -33.72
N ASN B 145 27.05 -10.57 -34.29
CA ASN B 145 26.63 -11.72 -33.49
C ASN B 145 27.77 -12.27 -32.62
N ALA B 146 28.94 -12.41 -33.22
CA ALA B 146 30.14 -12.85 -32.50
C ALA B 146 30.47 -11.91 -31.34
N LEU B 147 30.41 -10.61 -31.61
CA LEU B 147 30.65 -9.58 -30.58
C LEU B 147 29.66 -9.63 -29.40
N MET B 148 28.58 -10.39 -29.54
CA MET B 148 27.66 -10.66 -28.43
C MET B 148 27.98 -12.00 -27.77
N LYS B 149 29.11 -12.04 -27.06
CA LYS B 149 29.49 -13.22 -26.27
C LYS B 149 30.73 -12.94 -25.42
N GLY B 165 37.88 -1.95 -20.66
CA GLY B 165 36.43 -2.10 -20.63
C GLY B 165 35.69 -0.81 -20.35
N GLY B 166 36.32 0.32 -20.64
CA GLY B 166 35.75 1.63 -20.31
C GLY B 166 35.95 2.04 -18.86
N VAL B 167 36.78 1.28 -18.14
CA VAL B 167 36.99 1.50 -16.71
C VAL B 167 37.84 2.73 -16.45
N GLY B 168 38.90 2.90 -17.24
CA GLY B 168 39.82 4.02 -17.08
C GLY B 168 39.15 5.37 -17.05
N PHE B 169 38.09 5.52 -17.85
CA PHE B 169 37.33 6.77 -17.92
C PHE B 169 36.61 7.15 -16.64
N THR B 170 36.17 6.15 -15.87
CA THR B 170 35.35 6.38 -14.68
C THR B 170 36.10 7.06 -13.53
N LYS B 171 37.42 7.13 -13.63
CA LYS B 171 38.27 7.61 -12.54
C LYS B 171 38.33 9.13 -12.44
N THR B 172 37.90 9.82 -13.49
CA THR B 172 37.82 11.28 -13.52
C THR B 172 36.34 11.64 -13.71
N PRO B 173 35.89 12.77 -13.13
CA PRO B 173 34.48 13.18 -13.31
C PRO B 173 34.10 13.46 -14.76
N SER B 174 34.91 14.25 -15.46
CA SER B 174 34.71 14.53 -16.88
C SER B 174 34.71 13.24 -17.71
N GLY B 175 35.53 12.28 -17.31
CA GLY B 175 35.57 10.96 -17.96
C GLY B 175 34.34 10.13 -17.66
N ARG B 176 33.87 10.16 -16.41
CA ARG B 176 32.67 9.41 -16.02
C ARG B 176 31.46 9.91 -16.80
N PHE B 177 31.40 11.24 -16.97
CA PHE B 177 30.30 11.87 -17.70
C PHE B 177 30.30 11.39 -19.15
N TYR B 178 31.49 11.42 -19.76
CA TYR B 178 31.69 10.89 -21.10
C TYR B 178 31.32 9.42 -21.20
N HIS B 179 31.76 8.64 -20.22
CA HIS B 179 31.49 7.20 -20.18
C HIS B 179 30.00 6.89 -20.11
N ASP B 180 29.30 7.57 -19.20
CA ASP B 180 27.86 7.37 -19.05
C ASP B 180 27.07 7.86 -20.26
N TYR B 181 27.57 8.91 -20.90
CA TYR B 181 26.88 9.46 -22.07
C TYR B 181 26.90 8.49 -23.24
N TYR B 182 28.09 8.02 -23.60
CA TYR B 182 28.23 7.12 -24.75
C TYR B 182 27.91 5.66 -24.43
N GLY B 183 27.96 5.31 -23.14
CA GLY B 183 27.59 3.99 -22.69
C GLY B 183 28.75 3.02 -22.64
N GLU B 184 28.69 2.09 -21.69
CA GLU B 184 29.80 1.17 -21.42
C GLU B 184 30.09 0.18 -22.55
N ASN B 185 29.06 -0.21 -23.30
CA ASN B 185 29.22 -1.19 -24.39
C ASN B 185 30.12 -0.74 -25.53
N LEU B 186 30.18 0.57 -25.76
CA LEU B 186 31.03 1.14 -26.81
C LEU B 186 32.51 0.86 -26.55
N PHE B 187 32.91 0.88 -25.28
CA PHE B 187 34.29 0.61 -24.86
C PHE B 187 34.50 -0.88 -24.76
N ARG B 188 33.52 -1.54 -24.13
CA ARG B 188 33.44 -3.01 -24.05
C ARG B 188 33.67 -3.69 -25.40
N SER B 189 33.47 -2.94 -26.48
CA SER B 189 33.86 -3.37 -27.83
C SER B 189 35.25 -2.80 -28.21
N ASP B 190 36.30 -3.38 -27.62
CA ASP B 190 37.70 -3.02 -27.97
C ASP B 190 38.65 -4.20 -27.80
N THR B 197 39.76 -16.16 -31.16
CA THR B 197 38.52 -16.88 -31.42
C THR B 197 37.59 -16.14 -32.41
N LEU B 198 37.54 -14.82 -32.28
CA LEU B 198 36.66 -13.94 -33.06
C LEU B 198 37.28 -13.53 -34.39
N GLY B 199 38.61 -13.46 -34.43
CA GLY B 199 39.34 -13.11 -35.65
C GLY B 199 39.75 -11.65 -35.70
N SER B 200 40.61 -11.34 -36.66
CA SER B 200 41.15 -9.99 -36.85
C SER B 200 40.63 -9.39 -38.15
N LEU B 201 40.47 -8.07 -38.16
CA LEU B 201 40.03 -7.36 -39.37
C LEU B 201 41.09 -7.38 -40.44
N LEU B 202 42.29 -6.92 -40.11
CA LEU B 202 43.37 -6.79 -41.08
C LEU B 202 43.81 -8.14 -41.65
N ASP B 203 43.69 -9.20 -40.85
CA ASP B 203 43.97 -10.56 -41.32
C ASP B 203 42.79 -11.14 -42.10
N HIS B 204 41.60 -10.61 -41.87
CA HIS B 204 40.37 -11.04 -42.54
C HIS B 204 40.04 -12.48 -42.20
N THR B 205 40.05 -12.76 -40.90
CA THR B 205 39.86 -14.09 -40.36
C THR B 205 38.66 -14.15 -39.43
N GLY B 206 38.19 -15.36 -39.17
CA GLY B 206 37.09 -15.57 -38.22
C GLY B 206 35.81 -14.88 -38.63
N ALA B 207 35.16 -14.24 -37.67
CA ALA B 207 33.88 -13.56 -37.90
C ALA B 207 34.02 -12.32 -38.78
N PHE B 208 35.19 -11.69 -38.74
CA PHE B 208 35.51 -10.57 -39.63
C PHE B 208 35.50 -11.04 -41.08
N GLY B 209 36.07 -12.22 -41.30
CA GLY B 209 36.08 -12.84 -42.62
C GLY B 209 34.69 -13.25 -43.07
N GLU B 210 33.95 -13.91 -42.17
CA GLU B 210 32.57 -14.33 -42.46
C GLU B 210 31.70 -13.14 -42.84
N SER B 211 31.86 -12.03 -42.12
CA SER B 211 31.11 -10.79 -42.41
C SER B 211 31.37 -10.28 -43.81
N GLU B 212 32.63 -10.30 -44.23
CA GLU B 212 33.02 -9.82 -45.56
C GLU B 212 32.54 -10.74 -46.68
N LYS B 213 32.68 -12.04 -46.47
CA LYS B 213 32.14 -13.04 -47.40
C LYS B 213 30.63 -12.86 -47.55
N ASN B 214 29.97 -12.58 -46.43
CA ASN B 214 28.53 -12.32 -46.40
C ASN B 214 28.16 -11.02 -47.11
N ALA B 215 28.93 -9.96 -46.84
CA ALA B 215 28.71 -8.65 -47.48
C ALA B 215 28.82 -8.76 -48.99
N ALA B 216 29.80 -9.54 -49.45
CA ALA B 216 29.98 -9.79 -50.88
C ALA B 216 28.77 -10.45 -51.50
N ARG B 217 28.21 -11.44 -50.81
CA ARG B 217 26.99 -12.12 -51.27
C ARG B 217 25.85 -11.12 -51.45
N VAL B 218 25.60 -10.33 -50.41
CA VAL B 218 24.49 -9.38 -50.39
C VAL B 218 24.63 -8.33 -51.48
N PHE B 219 25.80 -7.71 -51.55
CA PHE B 219 26.06 -6.59 -52.48
C PHE B 219 26.47 -7.03 -53.89
N GLY B 220 26.55 -8.34 -54.12
CA GLY B 220 26.74 -8.88 -55.47
C GLY B 220 28.17 -8.79 -55.95
N ALA B 221 29.10 -9.06 -55.04
CA ALA B 221 30.52 -8.97 -55.34
C ALA B 221 31.20 -10.33 -55.18
N ASP B 222 32.36 -10.47 -55.82
CA ASP B 222 33.17 -11.68 -55.65
C ASP B 222 33.81 -11.66 -54.27
N ARG B 223 34.34 -10.51 -53.88
CA ARG B 223 34.83 -10.31 -52.51
C ARG B 223 34.66 -8.85 -52.08
N SER B 224 34.50 -8.67 -50.76
CA SER B 224 34.32 -7.35 -50.17
C SER B 224 35.37 -7.09 -49.11
N TRP B 225 35.76 -5.83 -48.97
CA TRP B 225 36.73 -5.41 -47.96
C TRP B 225 36.10 -4.36 -47.07
N SER B 226 35.93 -4.71 -45.79
CA SER B 226 35.35 -3.80 -44.79
C SER B 226 36.40 -2.75 -44.43
N VAL B 227 36.02 -1.49 -44.56
CA VAL B 227 36.93 -0.37 -44.37
C VAL B 227 36.46 0.53 -43.21
N VAL B 228 37.42 1.04 -42.45
CA VAL B 228 37.15 1.79 -41.23
C VAL B 228 37.75 3.21 -41.27
N VAL B 229 38.22 3.62 -42.45
CA VAL B 229 38.78 4.94 -42.70
C VAL B 229 37.96 5.68 -43.79
N GLY B 230 36.69 5.30 -43.92
CA GLY B 230 35.79 5.93 -44.88
C GLY B 230 36.09 5.57 -46.32
N THR B 231 35.28 6.09 -47.23
CA THR B 231 35.53 5.92 -48.68
C THR B 231 36.82 6.59 -49.13
N SER B 232 37.28 7.59 -48.38
CA SER B 232 38.58 8.20 -48.62
C SER B 232 39.64 7.11 -48.56
N GLY B 233 39.65 6.37 -47.47
CA GLY B 233 40.55 5.23 -47.30
C GLY B 233 40.32 4.13 -48.32
N SER B 234 39.06 3.87 -48.65
CA SER B 234 38.72 2.87 -49.67
C SER B 234 39.27 3.24 -51.04
N ASN B 235 39.03 4.48 -51.46
CA ASN B 235 39.52 4.97 -52.74
C ASN B 235 41.04 4.91 -52.82
N ARG B 236 41.71 5.42 -51.79
CA ARG B 236 43.18 5.40 -51.73
C ARG B 236 43.71 3.97 -51.82
N THR B 237 43.03 3.04 -51.15
CA THR B 237 43.40 1.63 -51.16
C THR B 237 43.33 0.99 -52.55
N ILE B 238 42.22 1.21 -53.24
CA ILE B 238 42.01 0.65 -54.58
C ILE B 238 43.11 1.16 -55.52
N MET B 239 43.29 2.48 -55.51
CA MET B 239 44.30 3.14 -56.33
C MET B 239 45.71 2.62 -56.06
N GLN B 240 46.03 2.41 -54.79
CA GLN B 240 47.33 1.83 -54.40
C GLN B 240 47.61 0.49 -55.07
N ALA B 241 46.56 -0.30 -55.27
CA ALA B 241 46.70 -1.65 -55.83
C ALA B 241 46.71 -1.69 -57.35
N CYS B 242 46.25 -0.61 -57.99
CA CYS B 242 45.98 -0.61 -59.43
C CYS B 242 46.96 0.18 -60.30
N MET B 243 47.93 0.85 -59.69
CA MET B 243 48.83 1.71 -60.47
C MET B 243 50.14 2.06 -59.78
N THR B 244 51.13 2.36 -60.61
CA THR B 244 52.41 2.92 -60.18
C THR B 244 52.61 4.22 -60.95
N ASP B 245 53.74 4.89 -60.69
CA ASP B 245 54.07 6.13 -61.41
C ASP B 245 54.37 5.92 -62.90
N ASN B 246 54.60 4.68 -63.32
CA ASN B 246 54.78 4.34 -64.74
C ASN B 246 53.46 4.21 -65.51
N ASP B 247 52.33 4.19 -64.79
CA ASP B 247 51.03 3.95 -65.40
C ASP B 247 50.28 5.21 -65.83
N VAL B 248 49.40 5.04 -66.81
CA VAL B 248 48.44 6.05 -67.22
C VAL B 248 47.09 5.66 -66.62
N VAL B 249 46.32 6.66 -66.20
CA VAL B 249 45.02 6.41 -65.59
C VAL B 249 43.96 7.37 -66.14
N VAL B 250 42.73 6.87 -66.24
CA VAL B 250 41.61 7.64 -66.80
C VAL B 250 40.65 8.03 -65.68
N LEU B 251 40.52 9.33 -65.44
CA LEU B 251 39.79 9.84 -64.27
C LEU B 251 38.56 10.67 -64.62
N ASP B 252 37.43 10.34 -64.00
CA ASP B 252 36.28 11.23 -63.96
C ASP B 252 36.75 12.55 -63.35
N ARG B 253 36.56 13.65 -64.07
CA ARG B 253 36.93 14.97 -63.56
C ARG B 253 36.16 15.29 -62.28
N ASN B 254 34.90 14.87 -62.25
CA ASN B 254 34.10 14.90 -61.03
C ASN B 254 34.53 13.77 -60.11
N CYS B 255 35.56 14.03 -59.30
CA CYS B 255 36.13 13.02 -58.42
C CYS B 255 36.28 13.54 -56.99
N HIS B 256 36.27 12.59 -56.05
CA HIS B 256 36.51 12.86 -54.63
C HIS B 256 37.93 13.43 -54.44
N LYS B 257 38.10 14.30 -53.44
CA LYS B 257 39.46 14.73 -53.03
C LYS B 257 40.41 13.54 -52.86
N SER B 258 39.88 12.43 -52.35
CA SER B 258 40.66 11.21 -52.07
C SER B 258 41.22 10.50 -53.32
N ILE B 259 40.60 10.76 -54.47
CA ILE B 259 41.07 10.21 -55.74
C ILE B 259 42.31 10.97 -56.22
N GLU B 260 42.34 12.28 -56.00
CA GLU B 260 43.56 13.06 -56.22
C GLU B 260 44.65 12.60 -55.26
N GLN B 261 44.27 12.38 -54.00
CA GLN B 261 45.21 11.90 -52.98
C GLN B 261 45.94 10.63 -53.46
N GLY B 262 45.18 9.71 -54.06
CA GLY B 262 45.76 8.51 -54.64
C GLY B 262 46.77 8.83 -55.72
N LEU B 263 46.42 9.77 -56.60
CA LEU B 263 47.34 10.27 -57.64
C LEU B 263 48.67 10.76 -57.07
N ILE B 264 48.60 11.44 -55.93
CA ILE B 264 49.80 11.99 -55.29
C ILE B 264 50.64 10.89 -54.66
N LEU B 265 49.98 9.93 -54.02
CA LEU B 265 50.67 8.82 -53.37
C LEU B 265 51.28 7.85 -54.38
N THR B 266 50.50 7.57 -55.43
CA THR B 266 50.92 6.66 -56.50
C THR B 266 51.91 7.31 -57.44
N GLY B 267 51.66 8.57 -57.78
CA GLY B 267 52.46 9.31 -58.74
C GLY B 267 52.11 8.97 -60.17
N ALA B 268 50.92 8.42 -60.39
CA ALA B 268 50.47 8.01 -61.72
C ALA B 268 50.15 9.22 -62.59
N LYS B 269 49.97 8.97 -63.88
CA LYS B 269 49.83 10.01 -64.90
C LYS B 269 48.38 10.11 -65.38
N PRO B 270 47.66 11.18 -64.96
CA PRO B 270 46.22 11.22 -65.19
C PRO B 270 45.78 11.83 -66.50
N VAL B 271 44.59 11.41 -66.92
CA VAL B 271 43.85 12.02 -68.02
C VAL B 271 42.40 12.07 -67.57
N TYR B 272 41.74 13.22 -67.78
CA TYR B 272 40.41 13.44 -67.20
C TYR B 272 39.28 13.40 -68.23
N MET B 273 38.14 12.85 -67.80
CA MET B 273 36.91 12.87 -68.59
C MET B 273 36.01 13.97 -68.05
N VAL B 274 35.59 14.87 -68.92
CA VAL B 274 34.85 16.08 -68.51
C VAL B 274 33.35 15.84 -68.62
N PRO B 275 32.62 15.93 -67.47
CA PRO B 275 31.18 15.76 -67.52
C PRO B 275 30.45 17.00 -67.98
N SER B 276 29.21 16.83 -68.42
CA SER B 276 28.36 17.93 -68.84
C SER B 276 27.79 18.67 -67.62
N ARG B 277 27.37 19.91 -67.83
CA ARG B 277 26.58 20.66 -66.84
C ARG B 277 25.27 21.07 -67.50
N ASN B 278 24.37 21.65 -66.70
CA ASN B 278 23.13 22.23 -67.22
C ASN B 278 22.97 23.68 -66.81
N ARG B 279 21.86 24.29 -67.24
CA ARG B 279 21.62 25.72 -67.00
C ARG B 279 21.53 26.12 -65.51
N TYR B 280 21.11 25.20 -64.66
CA TYR B 280 21.01 25.46 -63.20
C TYR B 280 22.34 25.30 -62.47
N GLY B 281 23.39 24.91 -63.20
CA GLY B 281 24.71 24.72 -62.63
C GLY B 281 24.96 23.31 -62.11
N ILE B 282 24.00 22.42 -62.34
CA ILE B 282 24.07 21.03 -61.87
C ILE B 282 24.97 20.21 -62.77
N ILE B 283 25.92 19.49 -62.17
CA ILE B 283 26.80 18.59 -62.93
C ILE B 283 26.01 17.38 -63.42
N GLY B 284 26.04 17.19 -64.73
CA GLY B 284 25.46 16.03 -65.39
C GLY B 284 26.50 14.94 -65.59
N PRO B 285 26.19 13.97 -66.47
CA PRO B 285 27.07 12.84 -66.68
C PRO B 285 28.15 13.09 -67.72
N ILE B 286 29.19 12.26 -67.66
CA ILE B 286 30.14 12.14 -68.75
C ILE B 286 29.42 11.48 -69.91
N TYR B 287 29.44 12.14 -71.06
CA TYR B 287 28.80 11.60 -72.28
C TYR B 287 29.61 10.43 -72.84
N PRO B 288 28.95 9.49 -73.54
CA PRO B 288 29.65 8.33 -74.14
C PRO B 288 30.82 8.71 -75.04
N GLN B 289 30.66 9.78 -75.82
CA GLN B 289 31.72 10.29 -76.70
C GLN B 289 33.04 10.51 -75.96
N GLU B 290 32.94 10.95 -74.71
CA GLU B 290 34.11 11.21 -73.86
C GLU B 290 34.78 9.92 -73.35
N MET B 291 34.01 8.82 -73.32
CA MET B 291 34.53 7.51 -72.87
C MET B 291 35.04 6.63 -74.01
N GLN B 292 34.91 7.10 -75.25
CA GLN B 292 35.33 6.32 -76.41
C GLN B 292 36.85 6.13 -76.39
N PRO B 293 37.32 4.91 -76.73
CA PRO B 293 38.76 4.61 -76.78
C PRO B 293 39.54 5.64 -77.60
N GLU B 294 38.98 6.02 -78.73
CA GLU B 294 39.63 6.95 -79.65
C GLU B 294 39.76 8.33 -79.01
N THR B 295 38.73 8.75 -78.25
CA THR B 295 38.76 10.02 -77.53
C THR B 295 39.79 10.03 -76.39
N LEU B 296 39.83 8.94 -75.64
CA LEU B 296 40.77 8.80 -74.51
C LEU B 296 42.22 8.71 -74.98
N GLN B 297 42.46 7.98 -76.08
CA GLN B 297 43.80 7.90 -76.67
C GLN B 297 44.29 9.27 -77.14
N LYS B 298 43.36 10.08 -77.64
CA LYS B 298 43.65 11.46 -78.06
C LYS B 298 44.07 12.32 -76.87
N LYS B 299 43.27 12.25 -75.79
CA LYS B 299 43.55 12.95 -74.54
C LYS B 299 44.94 12.61 -73.99
N ILE B 300 45.28 11.32 -74.03
CA ILE B 300 46.56 10.80 -73.54
C ILE B 300 47.74 11.38 -74.32
N SER B 301 47.64 11.37 -75.64
CA SER B 301 48.68 11.91 -76.51
C SER B 301 48.79 13.43 -76.41
N ALA B 302 47.68 14.09 -76.08
CA ALA B 302 47.64 15.55 -75.97
C ALA B 302 48.25 16.07 -74.67
N SER B 303 47.94 15.41 -73.56
CA SER B 303 48.37 15.87 -72.23
C SER B 303 49.90 15.81 -72.04
N PRO B 304 50.49 16.84 -71.42
CA PRO B 304 51.92 16.82 -71.11
C PRO B 304 52.34 15.68 -70.18
N LEU B 305 51.47 15.31 -69.23
CA LEU B 305 51.81 14.26 -68.26
C LEU B 305 51.91 12.88 -68.90
N THR B 306 51.07 12.64 -69.91
CA THR B 306 50.94 11.32 -70.53
C THR B 306 51.55 11.19 -71.93
N LYS B 307 51.83 12.31 -72.59
CA LYS B 307 52.40 12.32 -73.97
C LYS B 307 53.38 11.18 -74.22
N THR B 308 54.34 11.04 -73.32
CA THR B 308 55.43 10.07 -73.46
C THR B 308 54.99 8.60 -73.27
N LYS B 309 53.83 8.41 -72.62
CA LYS B 309 53.26 7.08 -72.41
C LYS B 309 52.05 6.82 -73.31
N ALA B 310 52.02 7.46 -74.49
CA ALA B 310 50.90 7.30 -75.42
C ALA B 310 50.86 5.89 -75.99
N GLY B 311 49.66 5.39 -76.22
CA GLY B 311 49.46 4.01 -76.69
C GLY B 311 49.60 2.95 -75.61
N GLN B 312 49.96 3.36 -74.40
CA GLN B 312 50.06 2.44 -73.25
C GLN B 312 48.66 2.18 -72.71
N LYS B 313 48.38 0.94 -72.31
CA LYS B 313 47.07 0.59 -71.77
C LYS B 313 46.90 1.14 -70.35
N PRO B 314 45.93 2.04 -70.15
CA PRO B 314 45.70 2.55 -68.80
C PRO B 314 45.39 1.43 -67.81
N SER B 315 45.96 1.55 -66.61
CA SER B 315 45.86 0.52 -65.58
C SER B 315 44.68 0.72 -64.64
N TYR B 316 43.95 1.82 -64.80
CA TYR B 316 42.88 2.17 -63.87
C TYR B 316 41.95 3.22 -64.46
N SER B 317 40.67 3.11 -64.10
CA SER B 317 39.64 3.99 -64.63
C SER B 317 38.58 4.21 -63.57
N VAL B 318 38.18 5.46 -63.37
CA VAL B 318 37.18 5.77 -62.35
C VAL B 318 36.07 6.67 -62.87
N VAL B 319 34.85 6.33 -62.48
CA VAL B 319 33.65 7.13 -62.73
C VAL B 319 32.92 7.27 -61.41
N THR B 320 32.31 8.43 -61.18
CA THR B 320 31.55 8.65 -59.95
C THR B 320 30.09 8.20 -60.15
N CYS B 322 27.03 7.64 -59.05
CA CYS B 322 25.91 8.55 -58.88
C CYS B 322 26.40 9.92 -58.42
N THR B 323 26.03 10.94 -59.19
CA THR B 323 26.39 12.34 -58.91
C THR B 323 25.78 12.77 -57.57
N TYR B 324 26.37 13.77 -56.92
CA TYR B 324 25.82 14.32 -55.68
C TYR B 324 24.36 14.76 -55.86
N ASP B 325 24.09 15.36 -57.02
CA ASP B 325 22.76 15.85 -57.39
C ASP B 325 21.78 14.77 -57.89
N GLY B 326 22.26 13.54 -58.03
CA GLY B 326 21.40 12.38 -58.28
C GLY B 326 21.38 11.82 -59.70
N VAL B 327 22.32 12.24 -60.54
CA VAL B 327 22.42 11.73 -61.91
C VAL B 327 23.09 10.36 -61.89
N CYS B 328 22.35 9.34 -62.34
CA CYS B 328 22.84 7.95 -62.34
C CYS B 328 23.21 7.52 -63.75
N TYR B 329 24.41 6.96 -63.91
CA TYR B 329 24.86 6.42 -65.20
C TYR B 329 24.21 5.07 -65.47
N ASN B 330 24.03 4.76 -66.75
CA ASN B 330 23.78 3.39 -67.18
C ASN B 330 25.11 2.65 -67.08
N ALA B 331 25.39 2.10 -65.90
CA ALA B 331 26.68 1.49 -65.59
C ALA B 331 27.01 0.28 -66.48
N LYS B 332 25.99 -0.38 -67.02
CA LYS B 332 26.22 -1.50 -67.95
C LYS B 332 26.89 -1.02 -69.23
N GLU B 333 26.32 0.02 -69.84
CA GLU B 333 26.86 0.61 -71.06
C GLU B 333 28.18 1.33 -70.81
N ALA B 334 28.23 2.09 -69.71
CA ALA B 334 29.44 2.83 -69.33
C ALA B 334 30.62 1.89 -69.13
N GLN B 335 30.38 0.76 -68.48
CA GLN B 335 31.41 -0.26 -68.24
C GLN B 335 31.94 -0.85 -69.55
N ASP B 336 31.03 -1.15 -70.48
CA ASP B 336 31.42 -1.74 -71.77
C ASP B 336 32.27 -0.79 -72.62
N LEU B 337 32.00 0.50 -72.50
CA LEU B 337 32.82 1.53 -73.18
C LEU B 337 34.22 1.63 -72.59
N LEU B 338 34.28 1.66 -71.26
CA LEU B 338 35.55 1.80 -70.55
C LEU B 338 36.38 0.51 -70.60
N ALA B 339 35.69 -0.63 -70.68
CA ALA B 339 36.36 -1.93 -70.79
C ALA B 339 37.26 -2.01 -72.03
N LYS B 340 36.87 -1.32 -73.09
CA LYS B 340 37.68 -1.25 -74.32
C LYS B 340 39.05 -0.61 -74.08
N THR B 341 39.11 0.36 -73.17
CA THR B 341 40.33 1.12 -72.87
C THR B 341 41.13 0.55 -71.71
N SER B 342 40.43 0.16 -70.64
CA SER B 342 41.08 -0.30 -69.40
C SER B 342 40.44 -1.59 -68.87
N ASP B 343 41.26 -2.43 -68.23
CA ASP B 343 40.78 -3.68 -67.61
C ASP B 343 40.28 -3.50 -66.18
N ARG B 344 40.54 -2.34 -65.59
CA ARG B 344 40.06 -2.01 -64.26
C ARG B 344 39.18 -0.78 -64.28
N ILE B 345 37.94 -0.95 -63.86
CA ILE B 345 36.96 0.12 -63.84
C ILE B 345 36.42 0.24 -62.42
N HIS B 346 36.51 1.45 -61.88
CA HIS B 346 36.12 1.72 -60.51
C HIS B 346 34.97 2.71 -60.52
N PHE B 347 33.83 2.30 -59.98
CA PHE B 347 32.70 3.20 -59.78
C PHE B 347 32.68 3.68 -58.34
N ASP B 348 32.83 4.99 -58.14
CA ASP B 348 32.69 5.59 -56.82
C ASP B 348 31.21 5.74 -56.54
N GLU B 349 30.64 4.73 -55.89
CA GLU B 349 29.21 4.69 -55.59
C GLU B 349 28.96 5.07 -54.13
N ALA B 350 29.69 6.09 -53.65
CA ALA B 350 29.67 6.48 -52.23
C ALA B 350 28.27 6.85 -51.75
N TRP B 351 27.60 7.67 -52.54
CA TRP B 351 26.23 8.12 -52.25
C TRP B 351 25.16 7.16 -52.75
N TYR B 352 25.52 5.91 -53.03
CA TYR B 352 24.70 5.09 -53.93
C TYR B 352 24.76 3.59 -53.63
N GLY B 353 24.93 3.24 -52.35
CA GLY B 353 25.03 1.84 -51.94
C GLY B 353 23.72 1.07 -52.07
N TYR B 354 22.62 1.79 -51.91
CA TYR B 354 21.26 1.23 -51.96
C TYR B 354 20.82 0.77 -53.36
N ALA B 355 21.43 1.35 -54.38
CA ALA B 355 21.01 1.15 -55.78
C ALA B 355 20.61 -0.28 -56.13
N ARG B 356 21.47 -1.23 -55.76
CA ARG B 356 21.26 -2.64 -56.06
C ARG B 356 19.91 -3.20 -55.58
N PHE B 357 19.42 -2.69 -54.45
CA PHE B 357 18.32 -3.34 -53.72
C PHE B 357 16.93 -2.79 -54.04
N ASN B 358 16.83 -2.00 -55.10
CA ASN B 358 15.54 -1.60 -55.65
C ASN B 358 15.59 -1.68 -57.18
N PRO B 359 14.58 -2.30 -57.81
CA PRO B 359 14.60 -2.49 -59.25
C PRO B 359 14.44 -1.22 -60.09
N ILE B 360 14.07 -0.10 -59.47
CA ILE B 360 13.99 1.16 -60.21
C ILE B 360 15.36 1.62 -60.71
N TYR B 361 16.42 1.21 -59.99
CA TYR B 361 17.80 1.53 -60.38
C TYR B 361 18.43 0.48 -61.30
N CYS B 362 17.65 -0.53 -61.69
CA CYS B 362 18.13 -1.62 -62.55
C CYS B 362 19.07 -1.16 -63.66
N ASP B 363 20.20 -1.85 -63.79
CA ASP B 363 21.24 -1.57 -64.81
C ASP B 363 22.03 -0.26 -64.63
N HIS B 364 21.73 0.52 -63.59
CA HIS B 364 22.41 1.81 -63.37
C HIS B 364 23.37 1.80 -62.17
N TYR B 365 23.91 0.62 -61.85
CA TYR B 365 24.92 0.48 -60.80
C TYR B 365 25.93 -0.60 -61.21
N ALA B 366 27.01 -0.71 -60.44
CA ALA B 366 28.12 -1.59 -60.82
C ALA B 366 27.83 -3.08 -60.64
N MET B 367 27.46 -3.48 -59.43
CA MET B 367 27.29 -4.89 -59.09
C MET B 367 25.93 -5.46 -59.49
N ARG B 368 25.74 -5.63 -60.79
CA ARG B 368 24.45 -6.06 -61.35
C ARG B 368 24.29 -7.57 -61.31
N GLY B 369 23.12 -8.02 -60.90
CA GLY B 369 22.80 -9.44 -60.87
C GLY B 369 23.73 -10.23 -59.98
N GLU B 370 24.04 -11.46 -60.40
CA GLU B 370 24.94 -12.35 -59.65
C GLU B 370 26.36 -12.30 -60.24
N PRO B 371 27.39 -12.44 -59.39
CA PRO B 371 28.76 -12.51 -59.92
C PRO B 371 29.12 -13.87 -60.52
N GLY B 372 30.00 -13.86 -61.52
CA GLY B 372 30.52 -15.10 -62.11
C GLY B 372 31.53 -14.99 -63.27
N ASP B 373 31.61 -13.83 -63.95
CA ASP B 373 32.49 -13.58 -65.14
C ASP B 373 31.94 -14.01 -66.48
N GLY B 376 35.01 -10.71 -68.18
CA GLY B 376 34.92 -9.26 -68.34
C GLY B 376 36.06 -8.51 -67.66
N PRO B 377 35.95 -7.18 -67.53
CA PRO B 377 36.97 -6.42 -66.80
C PRO B 377 36.83 -6.54 -65.30
N THR B 378 37.88 -6.19 -64.56
CA THR B 378 37.82 -6.13 -63.11
C THR B 378 37.10 -4.85 -62.71
N VAL B 379 36.03 -4.99 -61.93
CA VAL B 379 35.19 -3.85 -61.54
C VAL B 379 35.22 -3.64 -60.03
N PHE B 380 35.52 -2.40 -59.64
CA PHE B 380 35.46 -1.98 -58.23
C PHE B 380 34.21 -1.14 -58.00
N ALA B 381 33.61 -1.34 -56.83
CA ALA B 381 32.53 -0.49 -56.36
C ALA B 381 32.85 -0.06 -54.94
N THR B 382 32.64 1.23 -54.67
CA THR B 382 33.00 1.84 -53.40
C THR B 382 31.75 2.40 -52.76
N HIS B 383 31.41 1.92 -51.57
CA HIS B 383 30.28 2.45 -50.80
C HIS B 383 30.73 3.13 -49.52
N SER B 384 30.09 4.25 -49.23
CA SER B 384 30.16 4.88 -47.93
C SER B 384 28.91 4.45 -47.19
N THR B 385 29.07 3.46 -46.32
CA THR B 385 27.95 2.86 -45.59
C THR B 385 27.23 3.89 -44.71
N HIS B 386 27.97 4.83 -44.14
CA HIS B 386 27.38 5.84 -43.26
C HIS B 386 26.48 6.84 -44.01
N LYS B 387 26.86 7.16 -45.24
CA LYS B 387 26.15 8.19 -46.01
C LYS B 387 24.66 7.88 -46.20
N LEU B 388 24.33 6.89 -47.02
CA LEU B 388 22.93 6.61 -47.33
C LEU B 388 22.41 5.21 -46.98
N LEU B 389 23.31 4.31 -46.59
CA LEU B 389 22.90 3.03 -46.01
C LEU B 389 22.68 3.13 -44.52
N ASN B 390 23.07 4.26 -43.94
CA ASN B 390 22.77 4.58 -42.55
C ASN B 390 23.59 3.66 -41.61
N ALA B 391 24.74 4.19 -41.19
CA ALA B 391 25.72 3.47 -40.39
C ALA B 391 26.69 4.45 -39.71
N LEU B 392 27.57 3.93 -38.86
CA LEU B 392 28.53 4.77 -38.15
C LEU B 392 29.47 5.45 -39.13
N SER B 393 29.79 6.71 -38.86
CA SER B 393 30.75 7.47 -39.69
C SER B 393 32.10 6.77 -39.75
N GLN B 394 32.76 6.87 -40.91
CA GLN B 394 34.00 6.17 -41.24
C GLN B 394 33.79 4.73 -41.76
N ALA B 395 32.56 4.26 -41.76
CA ALA B 395 32.25 2.94 -42.30
C ALA B 395 32.23 2.99 -43.83
N SER B 396 32.94 2.05 -44.44
CA SER B 396 33.00 1.96 -45.90
C SER B 396 33.28 0.53 -46.37
N TYR B 397 32.89 0.25 -47.60
CA TYR B 397 33.15 -1.05 -48.24
C TYR B 397 33.84 -0.88 -49.59
N ILE B 398 34.81 -1.76 -49.85
CA ILE B 398 35.34 -1.95 -51.20
C ILE B 398 34.76 -3.25 -51.74
N HIS B 399 33.93 -3.15 -52.77
CA HIS B 399 33.34 -4.32 -53.41
C HIS B 399 34.04 -4.57 -54.73
N VAL B 400 34.38 -5.83 -54.99
CA VAL B 400 35.20 -6.21 -56.15
C VAL B 400 34.55 -7.34 -56.93
N ARG B 401 34.53 -7.18 -58.26
CA ARG B 401 34.25 -8.28 -59.16
C ARG B 401 35.52 -8.58 -59.94
N GLU B 402 36.09 -9.75 -59.67
CA GLU B 402 37.38 -10.13 -60.23
C GLU B 402 37.24 -10.59 -61.69
N GLY B 403 37.97 -9.92 -62.57
CA GLY B 403 37.96 -10.21 -64.00
C GLY B 403 39.36 -10.12 -64.59
N ARG B 404 39.47 -9.50 -65.77
CA ARG B 404 40.77 -9.27 -66.41
C ARG B 404 41.62 -8.28 -65.60
N GLY B 405 42.90 -8.58 -65.45
CA GLY B 405 43.82 -7.73 -64.70
C GLY B 405 43.51 -7.68 -63.22
N ALA B 406 42.98 -8.79 -62.70
CA ALA B 406 42.54 -8.88 -61.31
C ALA B 406 43.72 -8.88 -60.34
N VAL B 407 43.51 -8.29 -59.17
CA VAL B 407 44.49 -8.29 -58.10
C VAL B 407 44.00 -9.27 -57.04
N ASN B 408 44.79 -10.31 -56.78
CA ASN B 408 44.42 -11.34 -55.81
C ASN B 408 44.55 -10.85 -54.37
N PHE B 409 44.16 -11.70 -53.42
CA PHE B 409 44.16 -11.34 -52.00
C PHE B 409 45.53 -10.85 -51.53
N SER B 410 46.54 -11.70 -51.66
CA SER B 410 47.88 -11.38 -51.14
C SER B 410 48.36 -10.00 -51.58
N ARG B 411 48.20 -9.72 -52.87
CA ARG B 411 48.61 -8.44 -53.44
C ARG B 411 47.77 -7.28 -52.95
N PHE B 412 46.45 -7.47 -52.90
CA PHE B 412 45.53 -6.40 -52.53
C PHE B 412 45.59 -6.05 -51.04
N ASN B 413 45.76 -7.07 -50.20
CA ASN B 413 45.83 -6.87 -48.75
C ASN B 413 47.02 -6.01 -48.32
N GLN B 414 48.08 -6.02 -49.11
CA GLN B 414 49.21 -5.10 -48.92
C GLN B 414 48.78 -3.65 -49.15
N ALA B 415 47.96 -3.43 -50.17
CA ALA B 415 47.36 -2.13 -50.43
C ALA B 415 46.32 -1.76 -49.37
N TYR B 416 45.59 -2.76 -48.91
CA TYR B 416 44.59 -2.56 -47.85
C TYR B 416 45.24 -2.09 -46.56
N MET B 417 46.25 -2.84 -46.12
CA MET B 417 46.97 -2.53 -44.87
C MET B 417 47.67 -1.18 -44.91
N MET B 418 48.07 -0.78 -46.11
CA MET B 418 48.68 0.53 -46.35
C MET B 418 47.88 1.69 -45.77
N HIS B 419 46.56 1.61 -45.91
CA HIS B 419 45.66 2.70 -45.53
C HIS B 419 44.68 2.31 -44.44
N ALA B 420 45.08 1.35 -43.62
CA ALA B 420 44.28 0.86 -42.51
C ALA B 420 44.93 1.28 -41.20
N THR B 421 44.30 0.89 -40.10
CA THR B 421 44.85 1.11 -38.77
C THR B 421 45.00 -0.24 -38.08
N THR B 422 46.07 -0.38 -37.30
CA THR B 422 46.37 -1.66 -36.63
C THR B 422 45.34 -2.03 -35.57
N SER B 423 44.75 -1.04 -34.90
CA SER B 423 43.64 -1.27 -33.96
C SER B 423 42.39 -0.48 -34.37
N PRO B 424 41.47 -1.12 -35.10
CA PRO B 424 40.22 -0.51 -35.55
C PRO B 424 39.12 -0.63 -34.50
N LEU B 425 38.19 0.33 -34.52
CA LEU B 425 37.09 0.36 -33.56
C LEU B 425 36.01 -0.62 -33.99
N TYR B 426 35.76 -1.63 -33.17
CA TYR B 426 34.78 -2.69 -33.50
C TYR B 426 33.37 -2.15 -33.76
N ALA B 427 32.98 -1.13 -33.01
CA ALA B 427 31.66 -0.52 -33.16
C ALA B 427 31.36 -0.08 -34.60
N ILE B 428 32.40 0.37 -35.31
CA ILE B 428 32.26 0.77 -36.72
C ILE B 428 32.11 -0.45 -37.62
N CYS B 429 33.01 -1.42 -37.45
CA CYS B 429 32.96 -2.65 -38.22
C CYS B 429 31.63 -3.37 -38.04
N ALA B 430 31.14 -3.38 -36.79
CA ALA B 430 29.84 -3.99 -36.46
C ALA B 430 28.70 -3.27 -37.18
N SER B 431 28.78 -1.94 -37.27
CA SER B 431 27.77 -1.14 -37.98
C SER B 431 27.76 -1.49 -39.47
N ASN B 432 28.94 -1.74 -40.03
CA ASN B 432 29.06 -2.23 -41.40
C ASN B 432 28.36 -3.58 -41.58
N ASP B 433 28.51 -4.45 -40.58
CA ASP B 433 27.94 -5.80 -40.62
C ASP B 433 26.42 -5.79 -40.58
N VAL B 434 25.84 -4.97 -39.72
CA VAL B 434 24.38 -4.90 -39.61
C VAL B 434 23.77 -4.14 -40.80
N ALA B 435 24.51 -3.18 -41.34
CA ALA B 435 24.08 -2.44 -42.53
C ALA B 435 23.90 -3.35 -43.73
N VAL B 436 24.76 -4.36 -43.82
CA VAL B 436 24.62 -5.44 -44.82
C VAL B 436 23.30 -6.20 -44.60
N SER B 437 23.11 -6.65 -43.36
CA SER B 437 21.91 -7.37 -42.94
C SER B 437 20.60 -6.62 -43.27
N MET B 438 20.65 -5.29 -43.17
CA MET B 438 19.48 -4.47 -43.46
C MET B 438 19.12 -4.41 -44.96
N MET B 439 20.11 -4.52 -45.85
CA MET B 439 19.86 -4.55 -47.29
C MET B 439 19.62 -5.98 -47.80
N ASP B 440 20.05 -6.97 -47.03
CA ASP B 440 19.88 -8.37 -47.40
C ASP B 440 18.41 -8.77 -47.33
N GLY B 441 18.00 -9.58 -48.31
CA GLY B 441 16.65 -10.12 -48.35
C GLY B 441 15.59 -9.08 -48.60
N ASN B 442 14.44 -9.26 -47.96
CA ASN B 442 13.27 -8.40 -48.18
C ASN B 442 13.45 -6.99 -47.62
N SER B 443 14.15 -6.89 -46.49
CA SER B 443 14.34 -5.60 -45.82
C SER B 443 14.89 -4.54 -46.76
N GLY B 444 15.86 -4.93 -47.58
CA GLY B 444 16.50 -4.01 -48.53
C GLY B 444 15.52 -3.36 -49.50
N LEU B 445 14.67 -4.17 -50.10
CA LEU B 445 13.64 -3.67 -51.01
C LEU B 445 12.66 -2.75 -50.29
N SER B 446 12.20 -3.18 -49.12
CA SER B 446 11.21 -2.43 -48.34
C SER B 446 11.74 -1.07 -47.88
N LEU B 447 13.00 -1.06 -47.42
CA LEU B 447 13.64 0.17 -46.95
C LEU B 447 13.86 1.16 -48.10
N THR B 448 14.43 0.68 -49.19
CA THR B 448 14.69 1.52 -50.37
C THR B 448 13.40 2.05 -50.98
N GLN B 449 12.35 1.24 -50.93
CA GLN B 449 11.05 1.65 -51.44
C GLN B 449 10.41 2.75 -50.57
N GLU B 450 10.57 2.63 -49.25
CA GLU B 450 10.02 3.62 -48.31
C GLU B 450 10.57 5.00 -48.62
N VAL B 451 11.89 5.09 -48.78
CA VAL B 451 12.55 6.38 -49.06
C VAL B 451 12.17 6.94 -50.45
N ILE B 452 12.06 6.07 -51.44
CA ILE B 452 11.58 6.48 -52.77
C ILE B 452 10.14 6.99 -52.69
N ASP B 453 9.29 6.23 -52.01
CA ASP B 453 7.88 6.62 -51.82
C ASP B 453 7.75 8.00 -51.20
N GLU B 454 8.56 8.28 -50.18
CA GLU B 454 8.52 9.57 -49.49
C GLU B 454 9.00 10.69 -50.41
N ALA B 455 10.12 10.47 -51.08
CA ALA B 455 10.67 11.44 -52.00
C ALA B 455 9.67 11.79 -53.11
N VAL B 456 8.95 10.79 -53.59
CA VAL B 456 7.93 10.99 -54.63
C VAL B 456 6.78 11.86 -54.12
N ASP B 457 6.22 11.50 -52.96
CA ASP B 457 5.14 12.28 -52.31
C ASP B 457 5.53 13.75 -52.20
N PHE B 458 6.77 13.99 -51.80
CA PHE B 458 7.30 15.35 -51.64
C PHE B 458 7.40 16.08 -52.98
N ARG B 459 8.02 15.42 -53.95
CA ARG B 459 8.16 15.96 -55.31
C ARG B 459 6.79 16.32 -55.90
N GLN B 460 5.86 15.38 -55.82
CA GLN B 460 4.50 15.58 -56.33
C GLN B 460 3.77 16.71 -55.60
N ALA B 461 3.89 16.73 -54.27
CA ALA B 461 3.30 17.79 -53.46
C ALA B 461 3.85 19.15 -53.87
N MET B 462 5.16 19.19 -54.11
CA MET B 462 5.85 20.42 -54.52
C MET B 462 5.41 20.86 -55.92
N ALA B 463 5.20 19.89 -56.80
CA ALA B 463 4.73 20.15 -58.17
C ALA B 463 3.30 20.68 -58.23
N ARG B 464 2.44 20.17 -57.34
CA ARG B 464 1.03 20.59 -57.28
C ARG B 464 0.89 22.02 -56.76
N LEU B 465 1.63 22.34 -55.69
CA LEU B 465 1.72 23.71 -55.17
C LEU B 465 2.20 24.67 -56.25
N TYR B 466 3.20 24.26 -57.00
CA TYR B 466 3.76 25.09 -58.08
C TYR B 466 2.73 25.42 -59.14
N LYS B 467 1.92 24.43 -59.52
CA LYS B 467 0.84 24.64 -60.48
C LYS B 467 -0.21 25.61 -59.92
N GLU B 468 -0.61 25.38 -58.66
CA GLU B 468 -1.56 26.25 -57.97
C GLU B 468 -1.17 27.72 -58.02
N PHE B 469 0.08 28.00 -57.67
CA PHE B 469 0.62 29.36 -57.70
C PHE B 469 0.77 29.87 -59.14
N THR B 470 1.39 29.06 -59.99
CA THR B 470 1.61 29.39 -61.40
C THR B 470 0.30 29.79 -62.08
N ASP B 471 -0.69 28.91 -62.02
CA ASP B 471 -2.02 29.13 -62.61
C ASP B 471 -2.62 30.47 -62.18
N GLU B 472 -2.41 30.83 -60.92
CA GLU B 472 -2.91 32.09 -60.37
C GLU B 472 -1.95 33.28 -60.62
N GLY B 473 -1.05 33.15 -61.60
CA GLY B 473 -0.11 34.21 -61.94
C GLY B 473 0.94 34.50 -60.88
N ASP B 474 1.26 33.50 -60.07
CA ASP B 474 2.17 33.66 -58.92
C ASP B 474 3.39 32.73 -59.05
N TRP B 475 4.43 33.02 -58.27
CA TRP B 475 5.65 32.21 -58.28
C TRP B 475 5.69 31.19 -57.14
N PHE B 476 6.50 30.16 -57.34
CA PHE B 476 6.81 29.17 -56.29
C PHE B 476 7.99 28.31 -56.71
N PHE B 477 8.50 27.50 -55.79
CA PHE B 477 9.57 26.54 -56.07
C PHE B 477 9.00 25.32 -56.79
N LYS B 478 9.69 24.86 -57.84
CA LYS B 478 9.31 23.61 -58.51
C LYS B 478 10.40 22.55 -58.34
N PRO B 479 10.00 21.27 -58.30
CA PRO B 479 10.97 20.20 -58.16
C PRO B 479 11.65 19.91 -59.49
N TRP B 480 12.93 19.52 -59.43
CA TRP B 480 13.66 19.17 -60.64
C TRP B 480 13.47 17.70 -60.95
N ASN B 481 12.56 17.44 -61.88
CA ASN B 481 12.24 16.10 -62.33
C ASN B 481 11.48 16.16 -63.66
N LYS B 482 11.06 15.00 -64.17
CA LYS B 482 10.35 14.92 -65.45
C LYS B 482 9.10 15.81 -65.44
N ASP B 483 8.77 16.39 -66.59
CA ASP B 483 7.56 17.22 -66.72
C ASP B 483 6.32 16.35 -66.91
N VAL B 484 6.47 15.30 -67.71
CA VAL B 484 5.36 14.42 -68.07
C VAL B 484 5.85 12.98 -68.08
N VAL B 485 5.05 12.08 -67.50
CA VAL B 485 5.38 10.65 -67.46
C VAL B 485 4.33 9.83 -68.21
N THR B 486 4.63 8.55 -68.41
CA THR B 486 3.71 7.64 -69.11
C THR B 486 3.60 6.27 -68.44
N ASP B 487 2.37 5.83 -68.22
CA ASP B 487 2.09 4.49 -67.73
C ASP B 487 2.20 3.53 -68.91
N PRO B 488 3.13 2.57 -68.86
CA PRO B 488 3.25 1.58 -69.95
C PRO B 488 2.06 0.61 -70.07
N GLN B 489 1.52 0.16 -68.94
CA GLN B 489 0.38 -0.76 -68.94
C GLN B 489 -0.80 -0.22 -69.75
N THR B 490 -1.07 1.07 -69.56
CA THR B 490 -2.25 1.73 -70.16
C THR B 490 -1.90 2.51 -71.43
N GLY B 491 -0.64 2.92 -71.54
CA GLY B 491 -0.22 3.89 -72.56
C GLY B 491 -0.43 5.33 -72.12
N LYS B 492 -1.22 5.54 -71.05
CA LYS B 492 -1.75 6.85 -70.70
C LYS B 492 -0.65 7.80 -70.24
N THR B 493 -0.86 9.08 -70.49
CA THR B 493 0.11 10.13 -70.19
C THR B 493 -0.38 11.01 -69.04
N TYR B 494 0.52 11.35 -68.12
CA TYR B 494 0.20 12.22 -66.99
C TYR B 494 1.22 13.35 -66.85
N ASP B 495 0.75 14.53 -66.44
CA ASP B 495 1.61 15.54 -65.86
C ASP B 495 2.15 14.97 -64.55
N PHE B 496 3.39 15.34 -64.20
CA PHE B 496 4.03 14.81 -62.99
C PHE B 496 3.07 14.88 -61.80
N ALA B 497 2.57 16.09 -61.53
CA ALA B 497 1.67 16.32 -60.41
C ALA B 497 0.48 15.36 -60.40
N ASP B 498 -0.08 15.09 -61.58
CA ASP B 498 -1.27 14.25 -61.72
C ASP B 498 -1.00 12.74 -61.77
N ALA B 499 0.27 12.36 -61.89
CA ALA B 499 0.63 10.94 -62.00
C ALA B 499 0.24 10.13 -60.76
N PRO B 500 0.03 8.82 -60.93
CA PRO B 500 -0.11 7.96 -59.75
C PRO B 500 1.22 7.82 -59.05
N ALA B 501 1.22 7.85 -57.73
CA ALA B 501 2.46 7.72 -56.95
C ALA B 501 3.12 6.36 -57.19
N LYS B 502 2.30 5.31 -57.23
CA LYS B 502 2.79 3.94 -57.48
C LYS B 502 3.60 3.83 -58.78
N LEU B 503 3.19 4.58 -59.79
CA LEU B 503 3.91 4.61 -61.07
C LEU B 503 5.29 5.25 -60.92
N LEU B 504 5.32 6.47 -60.39
CA LEU B 504 6.57 7.22 -60.22
C LEU B 504 7.58 6.51 -59.33
N ALA B 505 7.09 5.80 -58.31
CA ALA B 505 7.95 5.11 -57.34
C ALA B 505 8.37 3.70 -57.80
N THR B 506 8.01 3.34 -59.04
CA THR B 506 8.22 1.98 -59.55
C THR B 506 8.87 1.99 -60.92
N ASP B 507 8.27 2.73 -61.85
CA ASP B 507 8.69 2.74 -63.24
C ASP B 507 9.97 3.55 -63.44
N GLN B 508 11.03 2.88 -63.87
CA GLN B 508 12.31 3.54 -64.12
C GLN B 508 12.21 4.61 -65.21
N ASN B 509 11.43 4.35 -66.24
CA ASN B 509 11.31 5.28 -67.38
C ASN B 509 10.76 6.66 -67.03
N CYS B 510 10.08 6.76 -65.89
CA CYS B 510 9.67 8.06 -65.36
C CYS B 510 10.85 8.92 -64.92
N TRP B 511 12.04 8.33 -64.87
CA TRP B 511 13.26 9.02 -64.41
C TRP B 511 14.42 9.02 -65.41
N VAL B 512 14.29 8.28 -66.51
CA VAL B 512 15.35 8.21 -67.51
C VAL B 512 15.40 9.51 -68.29
N MET B 513 16.60 10.07 -68.41
CA MET B 513 16.80 11.31 -69.15
C MET B 513 16.89 11.02 -70.64
N ARG B 514 15.85 11.42 -71.37
CA ARG B 514 15.74 11.09 -72.79
C ARG B 514 15.96 12.35 -73.62
N PRO B 515 16.47 12.18 -74.87
CA PRO B 515 16.76 13.32 -75.72
C PRO B 515 15.51 14.12 -76.10
N GLY B 516 15.68 15.43 -76.24
CA GLY B 516 14.57 16.33 -76.60
C GLY B 516 13.77 16.83 -75.41
N GLU B 517 14.03 16.28 -74.23
CA GLU B 517 13.30 16.66 -73.02
C GLU B 517 13.93 17.90 -72.41
N THR B 518 13.09 18.86 -72.07
CA THR B 518 13.53 20.15 -71.55
C THR B 518 14.02 20.07 -70.11
N TRP B 519 13.32 19.27 -69.29
CA TRP B 519 13.49 19.30 -67.83
C TRP B 519 14.92 19.12 -67.34
N HIS B 520 15.62 18.12 -67.87
CA HIS B 520 16.95 17.77 -67.35
C HIS B 520 18.03 18.75 -67.83
N GLY B 521 17.87 19.26 -69.04
CA GLY B 521 18.67 20.39 -69.51
C GLY B 521 20.12 20.09 -69.84
N PHE B 522 20.38 18.88 -70.34
CA PHE B 522 21.71 18.45 -70.75
C PHE B 522 21.72 18.36 -72.27
N LYS B 523 22.30 19.37 -72.90
CA LYS B 523 22.29 19.50 -74.36
C LYS B 523 22.92 18.29 -75.03
N ASP B 524 22.17 17.67 -75.95
CA ASP B 524 22.64 16.54 -76.75
C ASP B 524 22.95 15.26 -75.96
N LEU B 525 22.28 15.09 -74.81
CA LEU B 525 22.44 13.88 -74.02
C LEU B 525 21.85 12.69 -74.80
N PRO B 526 22.63 11.62 -75.00
CA PRO B 526 22.09 10.43 -75.66
C PRO B 526 21.01 9.71 -74.86
N ASP B 527 20.24 8.90 -75.58
CA ASP B 527 19.16 8.11 -74.99
C ASP B 527 19.75 6.93 -74.24
N ASN B 528 19.03 6.45 -73.23
CA ASN B 528 19.45 5.29 -72.44
C ASN B 528 20.88 5.38 -71.90
N TRP B 529 21.18 6.53 -71.28
CA TRP B 529 22.49 6.78 -70.70
C TRP B 529 22.36 7.20 -69.25
N SER B 530 21.55 8.23 -69.01
CA SER B 530 21.38 8.80 -67.67
C SER B 530 20.02 8.50 -67.07
N MET B 531 19.88 8.84 -65.79
CA MET B 531 18.66 8.61 -65.02
C MET B 531 18.72 9.44 -63.74
N LEU B 532 17.62 10.11 -63.41
CA LEU B 532 17.54 10.85 -62.15
C LEU B 532 17.16 9.93 -61.00
N ASP B 533 17.91 10.03 -59.91
CA ASP B 533 17.61 9.31 -58.68
C ASP B 533 16.45 10.01 -57.98
N PRO B 534 15.33 9.29 -57.75
CA PRO B 534 14.16 9.89 -57.09
C PRO B 534 14.45 10.52 -55.71
N ILE B 535 15.32 9.89 -54.94
CA ILE B 535 15.54 10.32 -53.54
C ILE B 535 16.49 11.53 -53.41
N LYS B 536 17.10 11.94 -54.52
CA LYS B 536 17.98 13.11 -54.53
C LYS B 536 17.18 14.31 -55.04
N VAL B 537 16.28 14.80 -54.20
CA VAL B 537 15.29 15.78 -54.61
C VAL B 537 15.89 17.17 -54.73
N SER B 538 16.18 17.57 -55.96
CA SER B 538 16.63 18.94 -56.23
C SER B 538 15.39 19.82 -56.42
N ILE B 539 15.43 21.02 -55.87
CA ILE B 539 14.32 21.96 -55.96
C ILE B 539 14.81 23.28 -56.55
N LEU B 540 14.01 23.87 -57.43
CA LEU B 540 14.41 25.02 -58.25
C LEU B 540 13.65 26.30 -57.91
N ALA B 541 14.40 27.31 -57.49
CA ALA B 541 13.85 28.64 -57.27
C ALA B 541 13.69 29.33 -58.63
N PRO B 542 12.69 30.22 -58.77
CA PRO B 542 12.46 30.87 -60.06
C PRO B 542 13.57 31.86 -60.39
N GLY B 543 13.83 32.05 -61.69
CA GLY B 543 14.87 32.98 -62.13
C GLY B 543 15.61 32.54 -63.37
N MET B 544 15.75 31.23 -63.57
CA MET B 544 16.43 30.68 -64.74
C MET B 544 15.42 30.23 -65.78
N GLY B 545 15.48 30.85 -66.96
CA GLY B 545 14.61 30.47 -68.08
C GLY B 545 15.06 29.18 -68.73
N ASP B 546 14.13 28.50 -69.40
CA ASP B 546 14.43 27.25 -70.11
C ASP B 546 15.49 27.44 -71.20
N ASP B 547 15.50 28.62 -71.82
CA ASP B 547 16.46 28.95 -72.88
C ASP B 547 17.92 29.07 -72.39
N GLY B 548 18.12 29.25 -71.09
CA GLY B 548 19.46 29.33 -70.50
C GLY B 548 19.82 30.72 -70.02
N GLU B 549 19.11 31.74 -70.49
CA GLU B 549 19.30 33.12 -69.99
C GLU B 549 18.37 33.40 -68.82
N LEU B 550 18.76 34.37 -68.00
CA LEU B 550 17.99 34.72 -66.80
C LEU B 550 16.68 35.38 -67.15
N GLU B 551 15.66 35.13 -66.31
CA GLU B 551 14.33 35.69 -66.48
C GLU B 551 14.27 37.14 -65.98
N ALA B 552 13.12 37.78 -66.17
CA ALA B 552 12.90 39.17 -65.75
C ALA B 552 13.27 39.38 -64.28
N SER B 553 12.65 38.59 -63.41
CA SER B 553 12.94 38.60 -61.99
C SER B 553 13.11 37.16 -61.49
N GLY B 554 13.63 37.01 -60.27
CA GLY B 554 13.84 35.69 -59.68
C GLY B 554 14.18 35.72 -58.20
N VAL B 555 14.22 34.53 -57.61
CA VAL B 555 14.56 34.35 -56.20
C VAL B 555 15.84 33.53 -56.10
N PRO B 556 16.95 34.15 -55.65
CA PRO B 556 18.19 33.39 -55.54
C PRO B 556 18.19 32.44 -54.35
N ALA B 557 18.69 31.23 -54.57
CA ALA B 557 18.60 30.14 -53.60
C ALA B 557 19.41 30.40 -52.32
N ALA B 558 20.55 31.08 -52.46
CA ALA B 558 21.40 31.44 -51.31
C ALA B 558 20.57 32.07 -50.18
N LEU B 559 19.61 32.90 -50.56
CA LEU B 559 18.73 33.57 -49.62
C LEU B 559 17.79 32.58 -48.93
N VAL B 560 17.29 31.62 -49.69
CA VAL B 560 16.38 30.59 -49.17
C VAL B 560 17.13 29.65 -48.23
N THR B 561 18.28 29.16 -48.69
CA THR B 561 19.16 28.31 -47.90
C THR B 561 19.40 28.90 -46.51
N ALA B 562 19.61 30.22 -46.47
CA ALA B 562 19.83 30.93 -45.20
C ALA B 562 18.61 30.88 -44.30
N TRP B 563 17.44 31.13 -44.87
CA TRP B 563 16.17 31.05 -44.14
C TRP B 563 15.92 29.63 -43.61
N LEU B 564 16.23 28.63 -44.43
CA LEU B 564 16.14 27.23 -44.01
C LEU B 564 17.10 26.93 -42.87
N GLY B 565 18.31 27.47 -42.97
CA GLY B 565 19.34 27.33 -41.92
C GLY B 565 18.89 27.78 -40.54
N ARG B 566 18.18 28.90 -40.51
CA ARG B 566 17.65 29.46 -39.27
C ARG B 566 16.57 28.56 -38.64
N HIS B 567 15.88 27.78 -39.47
CA HIS B 567 14.85 26.82 -39.00
C HIS B 567 15.39 25.38 -38.85
N GLY B 568 16.69 25.25 -38.66
CA GLY B 568 17.32 23.94 -38.43
C GLY B 568 17.22 23.01 -39.62
N ILE B 569 17.48 23.54 -40.81
CA ILE B 569 17.46 22.76 -42.06
C ILE B 569 18.64 23.23 -42.92
N VAL B 570 19.60 22.34 -43.12
CA VAL B 570 20.81 22.67 -43.88
C VAL B 570 20.93 21.75 -45.09
N PRO B 571 20.44 22.19 -46.27
CA PRO B 571 20.51 21.44 -47.52
C PRO B 571 21.92 20.93 -47.87
N THR B 572 21.97 19.76 -48.50
CA THR B 572 23.24 19.16 -48.92
C THR B 572 23.95 20.02 -49.96
N ARG B 573 23.19 20.41 -50.99
CA ARG B 573 23.71 21.13 -52.15
C ARG B 573 23.00 22.47 -52.33
N THR B 574 23.72 23.47 -52.83
CA THR B 574 23.14 24.80 -53.15
C THR B 574 23.88 25.48 -54.31
N THR B 575 23.17 25.68 -55.41
CA THR B 575 23.66 26.51 -56.52
C THR B 575 22.98 27.88 -56.41
N ASP B 576 22.95 28.65 -57.50
CA ASP B 576 22.29 29.95 -57.51
C ASP B 576 20.77 29.82 -57.42
N PHE B 577 20.23 28.80 -58.06
CA PHE B 577 18.77 28.53 -58.03
C PHE B 577 18.37 27.14 -57.51
N GLN B 578 19.33 26.22 -57.43
CA GLN B 578 19.07 24.86 -56.96
C GLN B 578 19.24 24.76 -55.45
N ILE B 579 18.31 24.07 -54.79
CA ILE B 579 18.45 23.64 -53.40
C ILE B 579 18.15 22.15 -53.39
N MET B 580 19.11 21.33 -52.95
CA MET B 580 18.93 19.87 -52.97
C MET B 580 18.72 19.30 -51.57
N PHE B 581 17.65 18.51 -51.44
CA PHE B 581 17.33 17.84 -50.19
C PHE B 581 17.56 16.34 -50.34
N LEU B 582 18.21 15.77 -49.34
CA LEU B 582 18.65 14.38 -49.37
C LEU B 582 17.70 13.49 -48.58
N PHE B 583 16.89 12.69 -49.28
CA PHE B 583 16.03 11.70 -48.64
C PHE B 583 16.82 10.42 -48.40
N SER B 584 16.82 9.95 -47.15
CA SER B 584 17.56 8.75 -46.77
C SER B 584 16.67 7.78 -46.01
N MET B 585 17.22 6.64 -45.64
CA MET B 585 16.50 5.65 -44.84
C MET B 585 16.32 6.08 -43.39
N GLY B 586 17.11 7.06 -42.96
CA GLY B 586 16.96 7.66 -41.63
C GLY B 586 15.78 8.61 -41.50
N VAL B 587 15.21 9.01 -42.64
CA VAL B 587 14.05 9.91 -42.66
C VAL B 587 12.78 9.20 -42.19
N THR B 588 12.09 9.83 -41.24
CA THR B 588 10.82 9.35 -40.73
C THR B 588 9.70 9.70 -41.69
N ARG B 589 8.62 8.92 -41.65
CA ARG B 589 7.54 9.03 -42.62
C ARG B 589 6.67 10.29 -42.43
N GLY B 590 6.66 11.13 -43.48
CA GLY B 590 5.84 12.34 -43.51
C GLY B 590 6.59 13.62 -43.17
N LYS B 591 7.87 13.50 -42.82
CA LYS B 591 8.66 14.66 -42.35
C LYS B 591 8.87 15.73 -43.41
N TRP B 592 8.69 15.36 -44.69
CA TRP B 592 8.81 16.33 -45.79
C TRP B 592 7.81 17.48 -45.72
N GLY B 593 6.69 17.27 -45.00
CA GLY B 593 5.74 18.34 -44.72
C GLY B 593 6.38 19.58 -44.09
N THR B 594 7.39 19.35 -43.25
CA THR B 594 8.12 20.44 -42.61
C THR B 594 8.89 21.29 -43.64
N LEU B 595 9.50 20.64 -44.62
CA LEU B 595 10.20 21.35 -45.70
C LEU B 595 9.27 22.31 -46.43
N ILE B 596 8.08 21.82 -46.74
CA ILE B 596 7.06 22.62 -47.43
C ILE B 596 6.61 23.77 -46.55
N ASN B 597 6.29 23.46 -45.30
CA ASN B 597 5.86 24.46 -44.33
C ASN B 597 6.84 25.62 -44.20
N THR B 598 8.14 25.31 -44.21
CA THR B 598 9.18 26.32 -44.11
C THR B 598 9.34 27.09 -45.42
N LEU B 599 9.29 26.38 -46.54
CA LEU B 599 9.35 26.99 -47.87
C LEU B 599 8.20 27.94 -48.14
N CME B 600 7.02 27.61 -47.60
CA CME B 600 5.84 28.47 -47.73
CB CME B 600 4.59 27.70 -47.32
SG CME B 600 4.23 26.48 -48.54
SD CME B 600 2.76 27.37 -49.57
CE CME B 600 1.37 27.06 -48.53
CZ CME B 600 0.51 28.30 -48.39
OH CME B 600 0.30 28.61 -47.01
C CME B 600 5.97 29.69 -46.88
O CME B 600 5.66 30.81 -47.32
N SER B 601 6.43 29.52 -45.64
CA SER B 601 6.64 30.64 -44.73
C SER B 601 7.70 31.60 -45.26
N PHE B 602 8.67 31.09 -46.01
CA PHE B 602 9.63 31.95 -46.71
C PHE B 602 8.92 32.80 -47.74
N LYS B 603 8.18 32.14 -48.63
CA LYS B 603 7.43 32.83 -49.69
C LYS B 603 6.58 33.96 -49.12
N HIS B 604 5.85 33.66 -48.05
CA HIS B 604 5.04 34.67 -47.37
C HIS B 604 5.85 35.91 -46.99
N HIS B 605 7.00 35.70 -46.36
CA HIS B 605 7.86 36.82 -45.97
C HIS B 605 8.50 37.51 -47.16
N TYR B 606 8.78 36.74 -48.22
CA TYR B 606 9.35 37.33 -49.44
C TYR B 606 8.35 38.25 -50.11
N ASP B 607 7.12 37.78 -50.26
CA ASP B 607 6.05 38.58 -50.85
C ASP B 607 5.76 39.82 -50.01
N ALA B 608 5.80 39.66 -48.68
CA ALA B 608 5.55 40.75 -47.74
C ALA B 608 6.76 41.69 -47.58
N ASN B 609 7.93 41.24 -48.03
CA ASN B 609 9.19 41.99 -47.90
C ASN B 609 9.48 42.38 -46.45
N THR B 610 9.22 41.45 -45.52
CA THR B 610 9.43 41.73 -44.10
C THR B 610 10.89 42.09 -43.82
N PRO B 611 11.12 43.10 -42.96
CA PRO B 611 12.47 43.59 -42.67
C PRO B 611 13.45 42.49 -42.26
N LEU B 612 14.70 42.60 -42.70
CA LEU B 612 15.75 41.66 -42.31
C LEU B 612 16.00 41.65 -40.80
N ALA B 613 15.76 42.79 -40.16
CA ALA B 613 15.84 42.89 -38.70
C ALA B 613 15.05 41.78 -38.00
N GLN B 614 13.88 41.46 -38.53
CA GLN B 614 13.02 40.40 -38.00
C GLN B 614 13.43 39.03 -38.50
N VAL B 615 13.42 38.84 -39.81
CA VAL B 615 13.59 37.51 -40.42
C VAL B 615 15.04 36.98 -40.39
N MET B 616 16.02 37.88 -40.44
CA MET B 616 17.43 37.50 -40.40
C MET B 616 18.21 38.46 -39.49
N PRO B 617 17.97 38.39 -38.18
CA PRO B 617 18.57 39.36 -37.25
C PRO B 617 20.08 39.22 -37.12
N GLU B 618 20.56 37.97 -37.07
CA GLU B 618 21.98 37.65 -36.98
C GLU B 618 22.82 38.40 -38.04
N LEU B 619 22.23 38.55 -39.22
CA LEU B 619 22.90 39.18 -40.35
C LEU B 619 23.02 40.71 -40.21
N VAL B 620 21.93 41.34 -39.80
CA VAL B 620 21.88 42.81 -39.66
C VAL B 620 22.81 43.28 -38.54
N GLN B 621 22.80 42.54 -37.44
CA GLN B 621 23.70 42.80 -36.31
C GLN B 621 25.17 42.75 -36.74
N ASP B 622 25.50 41.76 -37.59
CA ASP B 622 26.88 41.59 -38.10
C ASP B 622 27.31 42.68 -39.07
N TYR B 623 26.47 42.97 -40.06
CA TYR B 623 26.81 43.93 -41.11
C TYR B 623 25.71 44.98 -41.27
N PRO B 624 25.57 45.90 -40.29
CA PRO B 624 24.48 46.88 -40.32
C PRO B 624 24.57 47.84 -41.52
N ASP B 625 25.79 48.27 -41.85
CA ASP B 625 26.00 49.21 -42.96
C ASP B 625 25.40 48.70 -44.27
N THR B 626 25.60 47.41 -44.56
CA THR B 626 25.16 46.81 -45.82
C THR B 626 23.65 46.55 -45.86
N TYR B 627 23.12 45.95 -44.79
CA TYR B 627 21.72 45.51 -44.76
C TYR B 627 20.84 46.40 -43.88
N ALA B 628 21.11 47.71 -43.88
CA ALA B 628 20.31 48.68 -43.13
C ALA B 628 18.98 48.96 -43.81
N ASN B 629 17.95 49.21 -43.01
CA ASN B 629 16.60 49.55 -43.51
C ASN B 629 16.18 48.76 -44.74
N MET B 630 16.49 47.47 -44.77
CA MET B 630 16.20 46.61 -45.92
C MET B 630 15.16 45.56 -45.56
N GLY B 631 14.57 44.98 -46.60
CA GLY B 631 13.67 43.83 -46.47
C GLY B 631 14.20 42.62 -47.22
N ILE B 632 13.60 41.45 -46.95
CA ILE B 632 14.05 40.20 -47.55
C ILE B 632 13.91 40.21 -49.08
N HIS B 633 12.84 40.84 -49.59
CA HIS B 633 12.63 40.95 -51.03
C HIS B 633 13.67 41.88 -51.64
N ASP B 634 13.92 43.01 -50.98
CA ASP B 634 14.91 43.98 -51.45
C ASP B 634 16.27 43.33 -51.70
N LEU B 635 16.68 42.47 -50.77
CA LEU B 635 17.95 41.76 -50.90
C LEU B 635 17.90 40.78 -52.06
N GLY B 636 16.79 40.05 -52.16
CA GLY B 636 16.59 39.12 -53.27
C GLY B 636 16.80 39.78 -54.61
N ASP B 637 16.17 40.94 -54.79
CA ASP B 637 16.29 41.72 -56.01
C ASP B 637 17.73 42.19 -56.24
N LYS B 638 18.38 42.65 -55.19
CA LYS B 638 19.77 43.11 -55.27
C LYS B 638 20.71 41.98 -55.65
N MET B 639 20.46 40.79 -55.08
CA MET B 639 21.21 39.58 -55.44
C MET B 639 20.94 39.15 -56.89
N PHE B 640 19.68 39.14 -57.27
CA PHE B 640 19.29 38.78 -58.63
C PHE B 640 19.83 39.78 -59.66
N ALA B 641 19.92 41.05 -59.26
CA ALA B 641 20.49 42.10 -60.11
C ALA B 641 21.97 41.85 -60.39
N TRP B 642 22.71 41.55 -59.32
CA TRP B 642 24.12 41.16 -59.42
C TRP B 642 24.30 39.96 -60.36
N LEU B 643 23.40 38.99 -60.25
CA LEU B 643 23.42 37.80 -61.11
C LEU B 643 23.33 38.13 -62.60
N ARG B 644 22.42 39.05 -62.97
CA ARG B 644 22.31 39.49 -64.37
C ARG B 644 23.57 40.18 -64.84
N GLU B 645 24.05 41.12 -64.03
CA GLU B 645 25.20 41.96 -64.36
C GLU B 645 26.48 41.15 -64.49
N ASN B 646 26.84 40.44 -63.42
CA ASN B 646 28.11 39.71 -63.35
C ASN B 646 28.11 38.39 -64.12
N ASN B 647 26.94 37.79 -64.28
CA ASN B 647 26.76 36.65 -65.18
C ASN B 647 27.63 35.43 -64.85
N PRO B 648 27.51 34.91 -63.61
CA PRO B 648 28.42 33.89 -63.10
C PRO B 648 28.20 32.48 -63.68
N GLY B 649 26.98 32.17 -64.07
CA GLY B 649 26.66 30.86 -64.64
C GLY B 649 27.46 30.58 -65.91
N ALA B 650 27.59 31.61 -66.75
CA ALA B 650 28.39 31.52 -67.98
C ALA B 650 29.88 31.44 -67.67
N ARG B 651 30.34 32.23 -66.71
CA ARG B 651 31.73 32.20 -66.25
C ARG B 651 32.12 30.83 -65.67
N LEU B 652 31.18 30.20 -64.97
CA LEU B 652 31.39 28.85 -64.45
C LEU B 652 31.68 27.90 -65.60
N ASN B 653 30.76 27.84 -66.56
CA ASN B 653 30.91 26.97 -67.73
C ASN B 653 32.23 27.21 -68.47
N ALA B 654 32.61 28.48 -68.62
CA ALA B 654 33.90 28.82 -69.23
C ALA B 654 35.06 28.14 -68.52
N ALA B 655 35.03 28.17 -67.18
CA ALA B 655 36.10 27.60 -66.36
C ALA B 655 36.13 26.08 -66.33
N TYR B 656 34.98 25.44 -66.57
CA TYR B 656 34.85 23.99 -66.50
C TYR B 656 34.71 23.29 -67.85
N SER B 657 34.22 24.02 -68.87
CA SER B 657 34.08 23.47 -70.24
C SER B 657 35.41 23.01 -70.81
N THR B 658 36.45 23.81 -70.58
CA THR B 658 37.79 23.51 -71.05
C THR B 658 38.71 23.40 -69.84
N LEU B 659 39.39 22.26 -69.71
CA LEU B 659 40.26 21.99 -68.56
C LEU B 659 41.53 22.83 -68.59
N PRO B 660 42.06 23.17 -67.40
CA PRO B 660 43.34 23.89 -67.35
C PRO B 660 44.49 22.99 -67.79
N VAL B 661 45.57 23.60 -68.26
CA VAL B 661 46.71 22.84 -68.78
C VAL B 661 47.49 22.19 -67.64
N ALA B 662 47.65 20.88 -67.71
CA ALA B 662 48.36 20.12 -66.68
C ALA B 662 49.87 20.20 -66.90
N GLU B 663 50.55 21.06 -66.12
CA GLU B 663 51.98 21.31 -66.29
C GLU B 663 52.85 20.24 -65.61
N ILE B 664 52.52 19.87 -64.37
CA ILE B 664 53.19 18.78 -63.66
C ILE B 664 52.18 17.85 -62.98
N THR B 665 52.66 16.71 -62.51
CA THR B 665 51.80 15.72 -61.86
C THR B 665 51.37 16.24 -60.48
N PRO B 666 50.20 15.78 -59.97
CA PRO B 666 49.79 16.13 -58.62
C PRO B 666 50.85 15.76 -57.58
N ARG B 667 51.54 14.63 -57.78
CA ARG B 667 52.60 14.20 -56.88
C ARG B 667 53.77 15.18 -56.87
N ASP B 668 54.23 15.57 -58.06
CA ASP B 668 55.27 16.58 -58.19
C ASP B 668 54.87 17.88 -57.51
N ALA B 669 53.61 18.27 -57.69
CA ALA B 669 53.07 19.48 -57.08
C ALA B 669 53.04 19.37 -55.56
N TYR B 670 52.60 18.22 -55.04
CA TYR B 670 52.62 18.00 -53.60
C TYR B 670 54.06 18.01 -53.06
N ASN B 671 54.98 17.40 -53.80
CA ASN B 671 56.38 17.36 -53.38
C ASN B 671 57.01 18.75 -53.28
N ALA B 672 56.50 19.70 -54.07
CA ALA B 672 56.89 21.10 -53.92
C ALA B 672 56.56 21.63 -52.53
N ILE B 673 55.42 21.18 -51.98
CA ILE B 673 55.01 21.56 -50.63
C ILE B 673 55.99 21.01 -49.60
N VAL B 674 56.41 19.76 -49.79
CA VAL B 674 57.35 19.10 -48.88
C VAL B 674 58.71 19.78 -48.92
N ASN B 675 59.19 20.09 -50.12
CA ASN B 675 60.47 20.78 -50.31
C ASN B 675 60.43 22.28 -50.02
N ASN B 676 59.23 22.81 -49.80
CA ASN B 676 59.01 24.21 -49.46
C ASN B 676 59.23 25.15 -50.65
N ASN B 677 58.97 24.65 -51.87
CA ASN B 677 58.92 25.51 -53.06
C ASN B 677 57.50 26.02 -53.21
N ILE B 678 57.10 26.84 -52.23
CA ILE B 678 55.70 27.18 -52.02
C ILE B 678 55.54 28.68 -51.74
N GLU B 679 54.40 29.20 -52.18
CA GLU B 679 54.16 30.64 -52.16
C GLU B 679 52.66 30.89 -52.18
N MET B 680 52.19 31.72 -51.25
CA MET B 680 50.77 32.06 -51.21
C MET B 680 50.52 33.19 -52.19
N VAL B 681 49.95 32.85 -53.35
CA VAL B 681 49.74 33.80 -54.44
C VAL B 681 48.32 34.36 -54.43
N ALA B 682 48.21 35.68 -54.51
CA ALA B 682 46.91 36.37 -54.51
C ALA B 682 46.21 36.17 -55.85
N ILE B 683 44.89 36.30 -55.82
CA ILE B 683 44.04 36.05 -57.01
C ILE B 683 44.51 36.74 -58.30
N GLU B 684 44.94 37.99 -58.21
CA GLU B 684 45.31 38.78 -59.39
C GLU B 684 46.59 38.30 -60.06
N ASN B 685 47.46 37.64 -59.29
CA ASN B 685 48.75 37.18 -59.78
C ASN B 685 48.79 35.68 -60.08
N LEU B 686 47.61 35.06 -60.10
CA LEU B 686 47.49 33.63 -60.36
C LEU B 686 47.83 33.20 -61.80
N PRO B 687 47.53 34.05 -62.80
CA PRO B 687 47.83 33.67 -64.18
C PRO B 687 49.25 33.18 -64.40
N GLY B 688 49.38 32.05 -65.11
CA GLY B 688 50.68 31.46 -65.42
C GLY B 688 51.30 30.65 -64.29
N ARG B 689 50.63 30.55 -63.15
CA ARG B 689 51.18 29.88 -61.97
C ARG B 689 50.60 28.49 -61.81
N ILE B 690 51.38 27.61 -61.19
CA ILE B 690 50.96 26.24 -60.95
C ILE B 690 50.37 26.09 -59.55
N ALA B 691 49.21 25.45 -59.47
CA ALA B 691 48.55 25.21 -58.20
C ALA B 691 49.25 24.09 -57.42
N ALA B 692 49.55 24.35 -56.16
CA ALA B 692 50.19 23.36 -55.28
C ALA B 692 49.17 22.36 -54.75
N ASN B 693 47.98 22.88 -54.43
CA ASN B 693 46.86 22.05 -53.99
C ASN B 693 45.69 22.19 -54.96
N SER B 694 44.73 21.28 -54.88
CA SER B 694 43.53 21.35 -55.71
C SER B 694 42.68 22.56 -55.30
N VAL B 695 41.94 23.11 -56.26
CA VAL B 695 41.05 24.23 -56.00
C VAL B 695 39.62 23.85 -56.38
N ILE B 696 38.74 23.82 -55.39
CA ILE B 696 37.36 23.35 -55.56
C ILE B 696 36.38 24.42 -55.08
N PRO B 697 35.82 25.21 -56.02
CA PRO B 697 34.78 26.17 -55.65
C PRO B 697 33.38 25.56 -55.58
N TYR B 698 32.55 26.10 -54.70
CA TYR B 698 31.15 25.69 -54.56
C TYR B 698 30.25 26.88 -54.84
N PRO B 699 29.45 26.83 -55.92
CA PRO B 699 29.33 25.75 -56.90
C PRO B 699 30.50 25.78 -57.87
N PRO B 700 30.67 24.73 -58.69
CA PRO B 700 29.85 23.52 -58.78
C PRO B 700 30.19 22.43 -57.77
N GLY B 701 31.27 22.60 -57.01
CA GLY B 701 31.66 21.64 -55.99
C GLY B 701 32.47 20.45 -56.51
N ILE B 702 33.06 20.60 -57.68
CA ILE B 702 34.05 19.65 -58.20
C ILE B 702 35.30 20.42 -58.62
N PRO B 703 36.45 19.73 -58.72
CA PRO B 703 37.70 20.48 -58.87
C PRO B 703 37.78 21.31 -60.16
N MET B 704 38.04 22.60 -60.00
CA MET B 704 38.32 23.48 -61.12
C MET B 704 39.77 23.26 -61.55
N LEU B 705 40.66 23.26 -60.56
CA LEU B 705 42.05 22.86 -60.75
C LEU B 705 42.43 21.75 -59.78
N LEU B 706 43.28 20.84 -60.25
CA LEU B 706 43.94 19.86 -59.40
C LEU B 706 45.39 20.27 -59.19
N SER B 707 46.08 19.56 -58.31
CA SER B 707 47.48 19.80 -58.03
C SER B 707 48.31 19.64 -59.31
N GLY B 708 49.16 20.63 -59.57
CA GLY B 708 50.09 20.59 -60.70
C GLY B 708 49.55 21.14 -62.01
N GLU B 709 48.35 21.73 -61.97
CA GLU B 709 47.75 22.35 -63.16
C GLU B 709 47.96 23.86 -63.14
N ASN B 710 47.96 24.47 -64.33
CA ASN B 710 48.25 25.89 -64.47
C ASN B 710 46.98 26.71 -64.60
N PHE B 711 46.93 27.83 -63.87
CA PHE B 711 45.76 28.72 -63.90
C PHE B 711 45.53 29.36 -65.28
N GLY B 712 46.60 29.47 -66.06
CA GLY B 712 46.49 29.79 -67.48
C GLY B 712 46.80 31.22 -67.86
N ASP B 713 46.17 31.68 -68.94
CA ASP B 713 46.44 32.98 -69.54
C ASP B 713 46.08 34.14 -68.62
N GLU B 714 46.52 35.32 -69.06
CA GLU B 714 46.21 36.58 -68.41
C GLU B 714 44.69 36.80 -68.35
N ASN B 715 44.01 36.37 -69.42
CA ASN B 715 42.55 36.39 -69.49
C ASN B 715 41.97 34.96 -69.36
N SER B 716 42.29 34.34 -68.23
CA SER B 716 41.91 32.95 -67.96
C SER B 716 40.49 32.85 -67.39
N PRO B 717 39.72 31.84 -67.84
CA PRO B 717 38.36 31.65 -67.35
C PRO B 717 38.30 31.13 -65.90
N GLN B 718 39.31 30.35 -65.49
CA GLN B 718 39.38 29.81 -64.14
C GLN B 718 39.60 30.93 -63.12
N VAL B 719 40.61 31.76 -63.39
CA VAL B 719 40.90 32.92 -62.56
C VAL B 719 39.73 33.90 -62.65
N GLY B 720 39.10 33.94 -63.82
CA GLY B 720 37.88 34.72 -64.01
C GLY B 720 36.76 34.31 -63.08
N TYR B 721 36.46 33.01 -63.04
CA TYR B 721 35.38 32.49 -62.20
C TYR B 721 35.62 32.77 -60.72
N LEU B 722 36.89 32.67 -60.30
CA LEU B 722 37.29 33.04 -58.95
C LEU B 722 37.03 34.53 -58.65
N ARG B 723 37.32 35.39 -59.63
CA ARG B 723 37.11 36.83 -59.45
C ARG B 723 35.64 37.17 -59.19
N SER B 724 34.75 36.50 -59.92
CA SER B 724 33.30 36.72 -59.77
C SER B 724 32.79 36.19 -58.43
N LEU B 725 33.31 35.04 -58.01
CA LEU B 725 33.03 34.48 -56.68
C LEU B 725 33.44 35.44 -55.57
N GLN B 726 34.63 36.03 -55.72
CA GLN B 726 35.10 37.05 -54.78
C GLN B 726 34.23 38.30 -54.80
N SER B 727 33.85 38.72 -56.00
CA SER B 727 32.99 39.89 -56.17
C SER B 727 31.65 39.71 -55.45
N TRP B 728 31.10 38.50 -55.53
CA TRP B 728 29.87 38.15 -54.80
C TRP B 728 30.07 38.29 -53.30
N ASP B 729 31.16 37.71 -52.79
CA ASP B 729 31.47 37.75 -51.36
C ASP B 729 31.51 39.19 -50.84
N HIS B 730 32.19 40.06 -51.58
CA HIS B 730 32.34 41.47 -51.18
C HIS B 730 30.99 42.22 -51.22
N HIS B 731 30.18 41.95 -52.24
CA HIS B 731 28.87 42.58 -52.38
C HIS B 731 27.85 42.10 -51.34
N PHE B 732 27.92 40.83 -50.97
CA PHE B 732 26.96 40.22 -50.04
C PHE B 732 27.67 39.50 -48.89
N PRO B 733 28.06 40.26 -47.85
CA PRO B 733 28.64 39.68 -46.63
C PRO B 733 27.66 38.77 -45.90
N GLY B 734 28.18 37.71 -45.30
CA GLY B 734 27.34 36.68 -44.67
C GLY B 734 26.86 35.59 -45.61
N PHE B 735 27.02 35.80 -46.92
CA PHE B 735 26.64 34.83 -47.95
C PHE B 735 27.86 34.40 -48.77
N GLU B 736 29.02 34.31 -48.11
CA GLU B 736 30.28 34.03 -48.81
C GLU B 736 30.32 32.61 -49.34
N HIS B 737 30.94 32.44 -50.51
CA HIS B 737 31.13 31.13 -51.11
C HIS B 737 32.22 30.35 -50.39
N GLU B 738 31.96 29.07 -50.17
CA GLU B 738 32.96 28.15 -49.65
C GLU B 738 33.82 27.70 -50.84
N THR B 739 35.14 27.73 -50.66
CA THR B 739 36.08 27.29 -51.68
C THR B 739 37.26 26.57 -51.03
N GLU B 740 37.32 25.26 -51.22
CA GLU B 740 38.45 24.47 -50.71
C GLU B 740 39.68 24.70 -51.58
N GLY B 741 40.86 24.71 -50.96
CA GLY B 741 42.10 25.03 -51.65
C GLY B 741 42.41 26.52 -51.70
N THR B 742 41.60 27.31 -51.00
CA THR B 742 41.71 28.77 -51.01
C THR B 742 41.77 29.30 -49.57
N GLU B 743 42.76 30.18 -49.32
CA GLU B 743 42.83 30.93 -48.07
C GLU B 743 42.52 32.40 -48.35
N ILE B 744 41.57 32.96 -47.62
CA ILE B 744 41.22 34.38 -47.76
C ILE B 744 42.06 35.24 -46.81
N ILE B 745 43.07 35.92 -47.36
CA ILE B 745 44.02 36.73 -46.57
C ILE B 745 43.83 38.23 -46.82
N ASP B 746 43.66 38.99 -45.73
CA ASP B 746 43.40 40.42 -45.80
C ASP B 746 42.20 40.74 -46.68
N GLY B 747 41.16 39.91 -46.54
CA GLY B 747 39.94 40.05 -47.35
C GLY B 747 40.09 39.67 -48.83
N VAL B 748 41.24 39.10 -49.19
CA VAL B 748 41.56 38.74 -50.58
C VAL B 748 41.74 37.22 -50.74
N TYR B 749 41.35 36.70 -51.90
CA TYR B 749 41.50 35.29 -52.24
C TYR B 749 42.97 34.98 -52.52
N HIS B 750 43.53 34.01 -51.80
CA HIS B 750 44.89 33.50 -52.09
C HIS B 750 44.85 32.00 -52.36
N VAL B 751 45.81 31.52 -53.14
CA VAL B 751 45.98 30.10 -53.40
C VAL B 751 47.45 29.71 -53.32
N MET B 752 47.74 28.61 -52.64
CA MET B 752 49.10 28.11 -52.52
C MET B 752 49.60 27.62 -53.88
N CYS B 753 50.72 28.18 -54.33
CA CYS B 753 51.28 27.87 -55.65
C CYS B 753 52.74 27.44 -55.57
N VAL B 754 53.22 26.84 -56.66
CA VAL B 754 54.61 26.44 -56.80
C VAL B 754 55.46 27.68 -57.07
N LYS B 755 56.72 27.63 -56.65
CA LYS B 755 57.67 28.73 -56.89
C LYS B 755 58.38 28.58 -58.23
N ALA B 756 58.17 29.56 -59.12
CA ALA B 756 58.88 29.61 -60.39
C ALA B 756 60.31 30.11 -60.16
N MET C 2 4.88 20.41 -20.88
CA MET C 2 4.26 20.47 -22.25
C MET C 2 2.93 19.73 -22.31
N LYS C 3 2.07 20.18 -23.22
CA LYS C 3 0.68 19.78 -23.23
C LYS C 3 0.14 19.57 -24.65
N VAL C 4 -0.43 18.39 -24.90
CA VAL C 4 -0.97 18.03 -26.22
C VAL C 4 -2.45 17.70 -26.16
N LEU C 5 -3.22 18.28 -27.08
CA LEU C 5 -4.63 17.92 -27.26
C LEU C 5 -4.76 17.01 -28.48
N ILE C 6 -5.23 15.79 -28.24
CA ILE C 6 -5.53 14.84 -29.31
C ILE C 6 -7.04 14.75 -29.48
N VAL C 7 -7.50 15.01 -30.70
CA VAL C 7 -8.93 14.95 -31.03
C VAL C 7 -9.21 13.77 -31.95
N GLU C 8 -9.79 12.70 -31.39
CA GLU C 8 -10.20 11.55 -32.19
C GLU C 8 -11.50 11.86 -32.92
N SER C 9 -11.44 11.86 -34.25
CA SER C 9 -12.60 12.17 -35.08
C SER C 9 -13.77 11.22 -34.80
N GLU C 10 -14.97 11.77 -34.86
CA GLU C 10 -16.21 11.01 -34.61
C GLU C 10 -16.49 10.07 -35.77
N PHE C 11 -15.94 10.40 -36.93
CA PHE C 11 -16.18 9.66 -38.17
C PHE C 11 -15.31 8.40 -38.30
N LEU C 12 -14.34 8.23 -37.39
CA LEU C 12 -13.45 7.07 -37.42
C LEU C 12 -13.53 6.16 -36.18
N HIS C 13 -14.46 6.44 -35.27
CA HIS C 13 -14.70 5.53 -34.14
C HIS C 13 -15.16 4.17 -34.65
N GLN C 14 -15.92 4.19 -35.75
CA GLN C 14 -16.31 2.99 -36.46
C GLN C 14 -15.13 2.04 -36.67
N ASP C 15 -13.98 2.62 -37.01
CA ASP C 15 -12.73 1.87 -37.20
C ASP C 15 -11.91 1.85 -35.90
N THR C 16 -12.07 0.79 -35.12
CA THR C 16 -11.51 0.70 -33.75
C THR C 16 -9.98 0.70 -33.69
N TRP C 17 -9.34 0.23 -34.76
CA TRP C 17 -7.87 0.14 -34.83
C TRP C 17 -7.18 1.51 -34.93
N VAL C 18 -7.93 2.53 -35.34
CA VAL C 18 -7.42 3.90 -35.35
C VAL C 18 -7.27 4.39 -33.92
N GLY C 19 -8.33 4.23 -33.13
CA GLY C 19 -8.32 4.56 -31.70
C GLY C 19 -7.21 3.85 -30.93
N ASN C 20 -6.94 2.59 -31.30
CA ASN C 20 -5.82 1.86 -30.73
C ASN C 20 -4.48 2.51 -31.06
N ALA C 21 -4.31 2.91 -32.32
CA ALA C 21 -3.08 3.57 -32.77
C ALA C 21 -2.87 4.91 -32.09
N VAL C 22 -3.96 5.64 -31.89
CA VAL C 22 -3.91 6.90 -31.14
C VAL C 22 -3.49 6.64 -29.68
N GLU C 23 -4.01 5.57 -29.09
CA GLU C 23 -3.66 5.19 -27.72
C GLU C 23 -2.17 4.90 -27.60
N ARG C 24 -1.63 4.16 -28.58
CA ARG C 24 -0.21 3.86 -28.65
C ARG C 24 0.63 5.13 -28.72
N LEU C 25 0.11 6.13 -29.45
CA LEU C 25 0.76 7.43 -29.55
C LEU C 25 0.67 8.21 -28.25
N ALA C 26 -0.54 8.32 -27.71
CA ALA C 26 -0.77 8.98 -26.42
C ALA C 26 0.19 8.43 -25.37
N ASP C 27 0.38 7.10 -25.39
CA ASP C 27 1.30 6.41 -24.49
C ASP C 27 2.74 6.90 -24.70
N ALA C 28 3.15 6.96 -25.96
CA ALA C 28 4.51 7.38 -26.32
C ALA C 28 4.82 8.81 -25.88
N LEU C 29 3.83 9.69 -25.97
CA LEU C 29 3.97 11.06 -25.50
C LEU C 29 4.12 11.13 -23.97
N SER C 30 3.23 10.41 -23.27
CA SER C 30 3.29 10.34 -21.80
C SER C 30 4.65 9.84 -21.31
N GLN C 31 5.23 8.88 -22.03
CA GLN C 31 6.56 8.35 -21.72
C GLN C 31 7.67 9.40 -21.88
N GLN C 32 7.42 10.43 -22.69
CA GLN C 32 8.36 11.56 -22.84
C GLN C 32 7.94 12.77 -21.98
N ASN C 33 7.26 12.49 -20.88
CA ASN C 33 6.85 13.51 -19.90
C ASN C 33 6.00 14.62 -20.53
N VAL C 34 5.01 14.21 -21.31
CA VAL C 34 4.10 15.14 -21.98
C VAL C 34 2.68 14.88 -21.52
N THR C 35 2.01 15.92 -21.06
CA THR C 35 0.61 15.80 -20.65
C THR C 35 -0.27 15.68 -21.89
N VAL C 36 -1.05 14.61 -21.94
CA VAL C 36 -1.95 14.36 -23.06
C VAL C 36 -3.40 14.55 -22.64
N ILE C 37 -4.13 15.33 -23.43
CA ILE C 37 -5.58 15.51 -23.25
C ILE C 37 -6.33 14.82 -24.40
N LYS C 38 -6.93 13.67 -24.11
CA LYS C 38 -7.70 12.95 -25.12
C LYS C 38 -9.09 13.57 -25.25
N SER C 39 -9.56 13.66 -26.50
CA SER C 39 -10.89 14.20 -26.80
C SER C 39 -11.52 13.34 -27.88
N THR C 40 -12.81 13.05 -27.72
CA THR C 40 -13.49 12.06 -28.57
C THR C 40 -14.45 12.65 -29.60
N SER C 41 -14.50 13.96 -29.71
CA SER C 41 -15.29 14.60 -30.77
C SER C 41 -14.74 15.96 -31.11
N PHE C 42 -14.95 16.38 -32.36
CA PHE C 42 -14.61 17.73 -32.77
C PHE C 42 -15.37 18.76 -31.93
N ASP C 43 -16.60 18.42 -31.54
CA ASP C 43 -17.40 19.26 -30.65
C ASP C 43 -16.73 19.43 -29.29
N ASP C 44 -16.26 18.32 -28.73
CA ASP C 44 -15.58 18.36 -27.42
C ASP C 44 -14.27 19.12 -27.51
N GLY C 45 -13.48 18.82 -28.53
CA GLY C 45 -12.21 19.50 -28.77
C GLY C 45 -12.40 21.00 -28.98
N TYR C 46 -13.44 21.34 -29.75
CA TYR C 46 -13.81 22.73 -29.99
C TYR C 46 -14.13 23.42 -28.66
N ALA C 47 -14.86 22.72 -27.79
CA ALA C 47 -15.27 23.26 -26.49
C ALA C 47 -14.10 23.46 -25.53
N ILE C 48 -13.13 22.54 -25.59
CA ILE C 48 -11.92 22.65 -24.77
C ILE C 48 -11.11 23.87 -25.20
N LEU C 49 -10.96 24.05 -26.50
CA LEU C 49 -10.30 25.23 -27.05
C LEU C 49 -11.14 26.49 -26.85
N SER C 50 -12.46 26.33 -26.85
CA SER C 50 -13.39 27.44 -26.61
C SER C 50 -13.30 27.97 -25.19
N ALA C 51 -12.99 27.07 -24.25
CA ALA C 51 -12.48 27.49 -22.94
C ALA C 51 -11.11 28.09 -23.23
N ASN C 52 -10.18 28.13 -22.29
CA ASN C 52 -8.87 28.69 -22.62
C ASN C 52 -7.74 27.70 -22.30
N GLU C 53 -8.01 26.42 -22.54
CA GLU C 53 -7.02 25.37 -22.30
C GLU C 53 -5.79 25.58 -23.17
N ALA C 54 -4.73 26.06 -22.54
CA ALA C 54 -3.47 26.35 -23.22
C ALA C 54 -2.75 25.06 -23.57
N ILE C 55 -2.70 24.75 -24.86
CA ILE C 55 -1.95 23.62 -25.39
C ILE C 55 -0.76 24.07 -26.22
N ASP C 56 0.21 23.18 -26.37
CA ASP C 56 1.42 23.43 -27.17
C ASP C 56 1.40 22.69 -28.52
N CYS C 57 0.41 21.84 -28.73
CA CYS C 57 0.28 21.09 -29.99
C CYS C 57 -1.10 20.45 -30.10
N LEU C 58 -1.70 20.57 -31.29
CA LEU C 58 -2.98 19.93 -31.56
C LEU C 58 -2.79 18.78 -32.53
N MET C 59 -3.32 17.61 -32.19
CA MET C 59 -3.35 16.47 -33.09
C MET C 59 -4.78 16.06 -33.32
N PHE C 60 -5.09 15.59 -34.53
CA PHE C 60 -6.44 15.11 -34.83
C PHE C 60 -6.48 14.07 -35.93
N SER C 61 -7.35 13.08 -35.77
CA SER C 61 -7.62 12.09 -36.82
C SER C 61 -8.63 12.68 -37.80
N TYR C 62 -8.70 12.10 -39.00
CA TYR C 62 -9.42 12.73 -40.10
C TYR C 62 -9.70 11.74 -41.23
N GLN C 63 -10.98 11.40 -41.40
CA GLN C 63 -11.43 10.44 -42.43
C GLN C 63 -11.36 11.04 -43.83
N MET C 64 -11.72 12.32 -43.94
CA MET C 64 -11.66 13.08 -45.20
C MET C 64 -12.65 12.61 -46.27
N GLU C 65 -13.84 12.21 -45.84
CA GLU C 65 -14.88 11.77 -46.78
C GLU C 65 -16.12 12.64 -46.67
N GLN C 66 -16.71 12.67 -45.48
CA GLN C 66 -17.91 13.49 -45.23
C GLN C 66 -17.55 14.99 -45.22
N PRO C 67 -18.38 15.84 -45.85
CA PRO C 67 -18.13 17.29 -45.82
C PRO C 67 -18.45 17.94 -44.47
N ASP C 68 -19.32 17.31 -43.68
CA ASP C 68 -19.60 17.76 -42.31
C ASP C 68 -18.33 17.70 -41.46
N GLU C 69 -17.48 16.72 -41.75
CA GLU C 69 -16.17 16.59 -41.10
C GLU C 69 -15.20 17.65 -41.58
N HIS C 70 -15.04 17.77 -42.90
CA HIS C 70 -14.17 18.79 -43.50
C HIS C 70 -14.37 20.15 -42.82
N LEU C 71 -15.65 20.51 -42.63
CA LEU C 71 -16.02 21.75 -41.95
C LEU C 71 -15.59 21.72 -40.49
N SER C 72 -16.00 20.66 -39.77
CA SER C 72 -15.67 20.50 -38.35
C SER C 72 -14.17 20.67 -38.08
N VAL C 73 -13.35 20.20 -39.03
CA VAL C 73 -11.90 20.40 -38.97
C VAL C 73 -11.54 21.87 -39.10
N ARG C 74 -12.10 22.53 -40.11
CA ARG C 74 -11.86 23.97 -40.32
C ARG C 74 -12.26 24.80 -39.11
N GLN C 75 -13.38 24.43 -38.48
CA GLN C 75 -13.84 25.13 -37.28
C GLN C 75 -12.89 24.93 -36.10
N LEU C 76 -12.49 23.69 -35.89
CA LEU C 76 -11.58 23.34 -34.79
C LEU C 76 -10.26 24.09 -34.90
N ILE C 77 -9.62 23.97 -36.06
CA ILE C 77 -8.32 24.58 -36.29
C ILE C 77 -8.43 26.12 -36.33
N GLY C 78 -9.50 26.61 -36.94
CA GLY C 78 -9.79 28.04 -36.92
C GLY C 78 -9.91 28.55 -35.49
N LYS C 79 -10.57 27.77 -34.65
CA LYS C 79 -10.76 28.11 -33.24
C LYS C 79 -9.44 28.16 -32.47
N LEU C 80 -8.60 27.16 -32.69
CA LEU C 80 -7.27 27.11 -32.08
C LEU C 80 -6.51 28.40 -32.34
N HIS C 81 -6.42 28.78 -33.62
CA HIS C 81 -5.58 29.91 -34.02
C HIS C 81 -6.14 31.30 -33.70
N GLU C 82 -7.36 31.37 -33.17
CA GLU C 82 -7.91 32.64 -32.68
C GLU C 82 -7.03 33.26 -31.62
N ARG C 83 -6.66 32.46 -30.62
CA ARG C 83 -5.81 32.92 -29.51
C ARG C 83 -4.51 32.15 -29.35
N GLN C 84 -4.48 30.92 -29.87
CA GLN C 84 -3.30 30.08 -29.83
C GLN C 84 -2.75 30.01 -31.25
N GLN C 85 -2.33 31.18 -31.73
CA GLN C 85 -2.13 31.45 -33.15
C GLN C 85 -1.14 30.55 -33.89
N ASN C 86 -0.05 30.17 -33.22
CA ASN C 86 1.02 29.42 -33.88
C ASN C 86 1.23 28.01 -33.35
N VAL C 87 0.22 27.47 -32.67
CA VAL C 87 0.30 26.11 -32.16
C VAL C 87 0.43 25.16 -33.37
N PRO C 88 1.41 24.24 -33.33
CA PRO C 88 1.56 23.30 -34.45
C PRO C 88 0.42 22.29 -34.50
N VAL C 89 -0.14 22.13 -35.69
CA VAL C 89 -1.25 21.21 -35.91
C VAL C 89 -0.77 19.97 -36.65
N PHE C 90 -0.86 18.83 -35.98
CA PHE C 90 -0.54 17.52 -36.56
C PHE C 90 -1.79 16.85 -37.11
N LEU C 91 -1.73 16.41 -38.36
CA LEU C 91 -2.79 15.58 -38.94
C LEU C 91 -2.45 14.10 -38.76
N LEU C 92 -3.24 13.41 -37.94
CA LEU C 92 -3.13 11.96 -37.79
C LEU C 92 -4.03 11.32 -38.85
N GLY C 93 -3.48 11.15 -40.05
CA GLY C 93 -4.31 10.80 -41.21
C GLY C 93 -3.87 9.59 -42.01
N ASP C 94 -4.61 9.35 -43.08
CA ASP C 94 -4.27 8.32 -44.06
C ASP C 94 -3.37 8.93 -45.11
N ARG C 95 -2.26 8.26 -45.41
CA ARG C 95 -1.27 8.74 -46.36
C ARG C 95 -1.87 9.03 -47.73
N GLU C 96 -2.58 8.04 -48.29
CA GLU C 96 -3.12 8.15 -49.65
C GLU C 96 -4.15 9.26 -49.80
N LYS C 97 -5.10 9.35 -48.88
CA LYS C 97 -6.15 10.38 -48.92
C LYS C 97 -5.61 11.80 -48.71
N ALA C 98 -4.79 11.98 -47.67
CA ALA C 98 -4.18 13.28 -47.36
C ALA C 98 -3.35 13.78 -48.53
N THR C 99 -2.48 12.91 -49.03
CA THR C 99 -1.66 13.17 -50.23
C THR C 99 -2.50 13.73 -51.38
N ALA C 100 -3.61 13.06 -51.68
CA ALA C 100 -4.49 13.45 -52.79
C ALA C 100 -5.19 14.79 -52.56
N SER C 101 -5.58 15.06 -51.31
CA SER C 101 -6.23 16.32 -50.94
C SER C 101 -5.27 17.51 -50.91
N LEU C 102 -3.98 17.23 -50.72
CA LEU C 102 -2.96 18.26 -50.47
C LEU C 102 -3.04 19.46 -51.42
N ASP C 103 -3.42 20.60 -50.87
CA ASP C 103 -3.43 21.89 -51.58
C ASP C 103 -3.04 23.01 -50.61
N ARG C 104 -2.99 24.24 -51.10
CA ARG C 104 -2.64 25.41 -50.26
C ARG C 104 -3.52 25.54 -49.03
N ASP C 105 -4.82 25.32 -49.20
CA ASP C 105 -5.80 25.44 -48.11
C ASP C 105 -5.48 24.50 -46.96
N LEU C 106 -5.20 23.24 -47.29
CA LEU C 106 -4.87 22.23 -46.28
C LEU C 106 -3.60 22.59 -45.50
N LEU C 107 -2.60 23.10 -46.21
CA LEU C 107 -1.31 23.44 -45.61
C LEU C 107 -1.34 24.68 -44.71
N GLU C 108 -2.36 25.52 -44.87
CA GLU C 108 -2.60 26.63 -43.94
C GLU C 108 -3.18 26.11 -42.63
N LEU C 109 -4.03 25.09 -42.72
CA LEU C 109 -4.59 24.42 -41.54
C LEU C 109 -3.53 23.55 -40.87
N VAL C 110 -3.10 22.51 -41.58
CA VAL C 110 -2.18 21.52 -41.04
C VAL C 110 -0.73 21.97 -41.21
N ASP C 111 0.01 21.96 -40.12
CA ASP C 111 1.43 22.31 -40.13
C ASP C 111 2.28 21.08 -40.38
N GLU C 112 1.83 19.91 -39.94
CA GLU C 112 2.62 18.69 -40.06
C GLU C 112 1.79 17.41 -40.22
N PHE C 113 2.36 16.44 -40.95
CA PHE C 113 1.66 15.18 -41.26
C PHE C 113 2.26 13.99 -40.54
N ALA C 114 1.39 13.19 -39.92
CA ALA C 114 1.78 11.96 -39.27
C ALA C 114 0.79 10.88 -39.70
N TRP C 115 1.30 9.83 -40.33
CA TRP C 115 0.42 8.78 -40.84
C TRP C 115 0.36 7.62 -39.86
N ILE C 116 -0.73 7.62 -39.10
CA ILE C 116 -0.79 6.94 -37.80
C ILE C 116 -0.89 5.43 -37.87
N LEU C 117 -1.46 4.91 -38.97
CA LEU C 117 -1.57 3.46 -39.18
C LEU C 117 -0.37 2.89 -39.94
N GLU C 118 0.70 3.66 -40.01
CA GLU C 118 1.83 3.36 -40.89
C GLU C 118 3.20 3.81 -40.37
N ASP C 119 3.27 4.28 -39.12
CA ASP C 119 4.47 4.94 -38.58
C ASP C 119 4.63 4.59 -37.11
N THR C 120 5.88 4.58 -36.64
CA THR C 120 6.17 4.29 -35.24
C THR C 120 5.66 5.41 -34.34
N ALA C 121 4.96 5.05 -33.27
CA ALA C 121 4.38 6.01 -32.34
C ALA C 121 5.45 6.93 -31.76
N ASP C 122 6.58 6.34 -31.36
CA ASP C 122 7.70 7.09 -30.78
C ASP C 122 8.27 8.15 -31.72
N PHE C 123 8.27 7.87 -33.03
CA PHE C 123 8.75 8.84 -34.02
C PHE C 123 7.86 10.07 -34.09
N ILE C 124 6.55 9.85 -34.15
CA ILE C 124 5.57 10.94 -34.17
C ILE C 124 5.67 11.74 -32.88
N ALA C 125 5.70 11.03 -31.75
CA ALA C 125 5.87 11.65 -30.44
C ALA C 125 7.08 12.58 -30.44
N GLY C 126 8.20 12.08 -30.94
CA GLY C 126 9.43 12.87 -31.04
C GLY C 126 9.25 14.12 -31.88
N ARG C 127 8.64 13.97 -33.05
CA ARG C 127 8.36 15.10 -33.95
C ARG C 127 7.49 16.17 -33.28
N ALA C 128 6.54 15.71 -32.47
CA ALA C 128 5.66 16.61 -31.73
C ALA C 128 6.45 17.40 -30.71
N VAL C 129 7.20 16.69 -29.87
CA VAL C 129 8.02 17.33 -28.82
C VAL C 129 8.92 18.38 -29.46
N ALA C 130 9.51 18.04 -30.61
CA ALA C 130 10.34 18.99 -31.35
C ALA C 130 9.55 20.22 -31.79
N ALA C 131 8.37 19.99 -32.37
CA ALA C 131 7.50 21.08 -32.83
C ALA C 131 6.98 21.96 -31.68
N MET C 132 6.72 21.34 -30.53
CA MET C 132 6.27 22.06 -29.34
C MET C 132 7.40 22.91 -28.75
N THR C 133 8.63 22.41 -28.86
CA THR C 133 9.82 23.14 -28.38
C THR C 133 10.05 24.39 -29.22
N ARG C 134 9.94 24.27 -30.54
CA ARG C 134 10.11 25.40 -31.44
C ARG C 134 8.99 26.43 -31.24
N TYR C 135 7.77 25.93 -30.99
CA TYR C 135 6.62 26.79 -30.64
C TYR C 135 6.89 27.60 -29.38
N ARG C 136 7.40 26.93 -28.35
CA ARG C 136 7.67 27.56 -27.07
C ARG C 136 8.73 28.66 -27.18
N GLN C 137 9.80 28.38 -27.91
CA GLN C 137 10.88 29.35 -28.14
C GLN C 137 10.40 30.60 -28.90
N GLN C 138 9.40 30.43 -29.77
CA GLN C 138 8.84 31.53 -30.57
C GLN C 138 7.71 32.30 -29.87
N LEU C 139 7.23 31.77 -28.75
CA LEU C 139 5.97 32.23 -28.12
C LEU C 139 6.04 33.62 -27.47
N LEU C 140 6.92 33.76 -26.48
CA LEU C 140 6.95 34.95 -25.62
C LEU C 140 7.52 36.18 -26.32
N PRO C 141 6.98 37.38 -25.98
CA PRO C 141 7.47 38.64 -26.53
C PRO C 141 8.84 39.05 -25.96
N PRO C 142 9.57 39.94 -26.66
CA PRO C 142 11.00 40.18 -26.45
C PRO C 142 11.44 40.35 -25.00
N LEU C 143 10.84 41.30 -24.29
CA LEU C 143 11.28 41.64 -22.94
C LEU C 143 10.99 40.52 -21.95
N PHE C 144 9.74 40.11 -21.86
CA PHE C 144 9.36 39.07 -20.92
C PHE C 144 10.12 37.78 -21.19
N ASN C 145 10.36 37.48 -22.47
CA ASN C 145 11.15 36.30 -22.85
C ASN C 145 12.59 36.39 -22.34
N ALA C 146 13.21 37.55 -22.51
CA ALA C 146 14.56 37.81 -22.01
C ALA C 146 14.64 37.63 -20.50
N LEU C 147 13.65 38.17 -19.78
CA LEU C 147 13.55 38.03 -18.33
C LEU C 147 13.44 36.56 -17.85
N MET C 148 13.16 35.64 -18.77
CA MET C 148 13.17 34.21 -18.47
C MET C 148 14.52 33.57 -18.85
N LYS C 149 15.57 33.93 -18.09
CA LYS C 149 16.91 33.35 -18.28
C LYS C 149 17.86 33.80 -17.17
N GLN C 164 17.80 41.37 -1.89
CA GLN C 164 18.54 40.88 -3.05
C GLN C 164 18.01 39.50 -3.50
N GLY C 165 17.08 39.53 -4.45
CA GLY C 165 16.40 38.33 -4.94
C GLY C 165 15.21 37.98 -4.06
N GLY C 166 14.75 38.96 -3.27
CA GLY C 166 13.68 38.77 -2.30
C GLY C 166 14.13 38.15 -0.99
N VAL C 167 15.45 38.04 -0.81
CA VAL C 167 16.03 37.36 0.35
C VAL C 167 15.89 38.20 1.63
N GLY C 168 16.15 39.50 1.50
CA GLY C 168 16.09 40.42 2.65
C GLY C 168 14.79 40.33 3.42
N PHE C 169 13.69 40.14 2.70
CA PHE C 169 12.36 40.05 3.31
C PHE C 169 12.16 38.85 4.21
N THR C 170 12.83 37.74 3.91
CA THR C 170 12.63 36.49 4.63
C THR C 170 13.13 36.52 6.07
N LYS C 171 13.90 37.56 6.41
CA LYS C 171 14.58 37.63 7.70
C LYS C 171 13.67 38.08 8.85
N THR C 172 12.52 38.66 8.49
CA THR C 172 11.50 39.08 9.46
C THR C 172 10.23 38.28 9.18
N PRO C 173 9.44 37.96 10.23
CA PRO C 173 8.20 37.20 9.99
C PRO C 173 7.18 37.92 9.11
N SER C 174 6.93 39.18 9.42
CA SER C 174 6.05 40.02 8.59
C SER C 174 6.57 40.16 7.16
N GLY C 175 7.89 40.15 7.00
CA GLY C 175 8.51 40.17 5.69
C GLY C 175 8.38 38.84 4.95
N ARG C 176 8.54 37.72 5.68
CA ARG C 176 8.38 36.39 5.08
C ARG C 176 6.95 36.16 4.58
N PHE C 177 5.99 36.67 5.35
CA PHE C 177 4.58 36.55 4.99
C PHE C 177 4.29 37.32 3.70
N TYR C 178 4.79 38.55 3.65
CA TYR C 178 4.73 39.37 2.44
C TYR C 178 5.41 38.67 1.26
N HIS C 179 6.60 38.12 1.50
CA HIS C 179 7.38 37.46 0.46
C HIS C 179 6.64 36.25 -0.12
N ASP C 180 6.11 35.40 0.75
CA ASP C 180 5.38 34.20 0.32
C ASP C 180 4.06 34.55 -0.37
N TYR C 181 3.43 35.65 0.05
CA TYR C 181 2.15 36.08 -0.54
C TYR C 181 2.31 36.52 -1.99
N TYR C 182 3.25 37.43 -2.25
CA TYR C 182 3.46 37.95 -3.60
C TYR C 182 4.34 37.06 -4.46
N GLY C 183 5.13 36.19 -3.83
CA GLY C 183 5.95 35.21 -4.54
C GLY C 183 7.35 35.71 -4.85
N GLU C 184 8.30 34.77 -4.87
CA GLU C 184 9.72 35.09 -5.02
C GLU C 184 10.10 35.69 -6.38
N ASN C 185 9.37 35.32 -7.44
CA ASN C 185 9.67 35.79 -8.80
C ASN C 185 9.50 37.29 -8.99
N LEU C 186 8.58 37.89 -8.22
CA LEU C 186 8.36 39.33 -8.28
C LEU C 186 9.61 40.13 -7.90
N PHE C 187 10.34 39.63 -6.91
CA PHE C 187 11.57 40.28 -6.43
C PHE C 187 12.73 39.91 -7.34
N ARG C 188 12.77 38.62 -7.67
CA ARG C 188 13.65 38.04 -8.69
C ARG C 188 13.74 38.89 -9.96
N SER C 189 12.69 39.67 -10.24
CA SER C 189 12.71 40.71 -11.28
C SER C 189 13.14 42.06 -10.73
N ASP C 190 14.43 42.22 -10.48
CA ASP C 190 15.02 43.53 -10.15
C ASP C 190 16.36 43.71 -10.86
N THR C 197 23.47 42.76 -20.69
CA THR C 197 23.01 41.82 -21.72
C THR C 197 21.54 42.02 -22.12
N LEU C 198 20.70 42.33 -21.12
CA LEU C 198 19.26 42.48 -21.28
C LEU C 198 18.86 43.91 -21.71
N GLY C 199 19.67 44.89 -21.34
CA GLY C 199 19.43 46.28 -21.72
C GLY C 199 18.73 47.06 -20.63
N SER C 200 18.69 48.38 -20.81
CA SER C 200 18.08 49.30 -19.84
C SER C 200 16.82 49.93 -20.42
N LEU C 201 15.85 50.24 -19.57
CA LEU C 201 14.62 50.92 -20.00
C LEU C 201 14.89 52.34 -20.45
N LEU C 202 15.49 53.13 -19.57
CA LEU C 202 15.72 54.55 -19.84
C LEU C 202 16.64 54.80 -21.02
N ASP C 203 17.57 53.88 -21.25
CA ASP C 203 18.44 53.94 -22.43
C ASP C 203 17.75 53.41 -23.67
N HIS C 204 16.72 52.58 -23.48
CA HIS C 204 15.93 51.98 -24.57
C HIS C 204 16.79 51.06 -25.43
N THR C 205 17.50 50.17 -24.75
CA THR C 205 18.48 49.30 -25.37
C THR C 205 18.10 47.84 -25.14
N GLY C 206 18.70 46.95 -25.92
CA GLY C 206 18.51 45.51 -25.75
C GLY C 206 17.06 45.08 -25.90
N ALA C 207 16.62 44.21 -25.00
CA ALA C 207 15.25 43.66 -25.04
C ALA C 207 14.19 44.70 -24.73
N PHE C 208 14.56 45.72 -23.96
CA PHE C 208 13.66 46.86 -23.70
C PHE C 208 13.39 47.60 -24.99
N GLY C 209 14.44 47.80 -25.78
CA GLY C 209 14.32 48.46 -27.09
C GLY C 209 13.53 47.62 -28.08
N GLU C 210 13.83 46.32 -28.12
CA GLU C 210 13.10 45.37 -28.97
C GLU C 210 11.60 45.32 -28.65
N SER C 211 11.27 45.36 -27.36
CA SER C 211 9.88 45.37 -26.90
C SER C 211 9.12 46.60 -27.40
N GLU C 212 9.77 47.76 -27.34
CA GLU C 212 9.17 49.02 -27.79
C GLU C 212 9.02 49.07 -29.30
N LYS C 213 10.07 48.63 -30.00
CA LYS C 213 10.02 48.50 -31.46
C LYS C 213 8.86 47.59 -31.86
N ASN C 214 8.68 46.52 -31.10
CA ASN C 214 7.58 45.57 -31.30
C ASN C 214 6.20 46.16 -30.98
N ALA C 215 6.12 46.87 -29.87
CA ALA C 215 4.87 47.53 -29.47
C ALA C 215 4.41 48.52 -30.54
N ALA C 216 5.35 49.25 -31.11
CA ALA C 216 5.08 50.20 -32.19
C ALA C 216 4.48 49.52 -33.41
N ARG C 217 5.02 48.36 -33.78
CA ARG C 217 4.49 47.56 -34.90
C ARG C 217 3.02 47.20 -34.67
N VAL C 218 2.76 46.63 -33.49
CA VAL C 218 1.43 46.12 -33.14
C VAL C 218 0.40 47.24 -33.08
N PHE C 219 0.73 48.30 -32.35
CA PHE C 219 -0.20 49.41 -32.14
C PHE C 219 -0.22 50.44 -33.29
N GLY C 220 0.60 50.24 -34.31
CA GLY C 220 0.56 51.04 -35.53
C GLY C 220 1.23 52.39 -35.39
N ALA C 221 2.35 52.42 -34.70
CA ALA C 221 3.09 53.65 -34.45
C ALA C 221 4.47 53.60 -35.10
N ASP C 222 5.06 54.78 -35.31
CA ASP C 222 6.44 54.87 -35.80
C ASP C 222 7.41 54.46 -34.69
N ARG C 223 7.15 54.95 -33.48
CA ARG C 223 7.88 54.50 -32.29
C ARG C 223 6.99 54.55 -31.06
N SER C 224 7.30 53.69 -30.09
CA SER C 224 6.58 53.59 -28.83
C SER C 224 7.51 53.75 -27.64
N TRP C 225 6.99 54.35 -26.57
CA TRP C 225 7.76 54.55 -25.34
C TRP C 225 7.04 53.87 -24.19
N SER C 226 7.68 52.85 -23.61
CA SER C 226 7.11 52.12 -22.48
C SER C 226 7.25 52.97 -21.23
N VAL C 227 6.14 53.17 -20.53
CA VAL C 227 6.08 54.07 -19.38
C VAL C 227 5.66 53.30 -18.12
N VAL C 228 6.25 53.67 -17.00
CA VAL C 228 6.08 52.95 -15.74
C VAL C 228 5.53 53.84 -14.61
N VAL C 229 5.10 55.06 -14.97
CA VAL C 229 4.48 56.01 -14.04
C VAL C 229 3.07 56.37 -14.51
N GLY C 230 2.42 55.44 -15.22
CA GLY C 230 1.04 55.61 -15.69
C GLY C 230 0.87 56.60 -16.83
N THR C 231 -0.36 56.75 -17.32
CA THR C 231 -0.66 57.77 -18.33
C THR C 231 -0.46 59.19 -17.81
N SER C 232 -0.53 59.37 -16.49
CA SER C 232 -0.16 60.63 -15.88
C SER C 232 1.26 61.00 -16.29
N GLY C 233 2.18 60.08 -16.07
CA GLY C 233 3.56 60.25 -16.50
C GLY C 233 3.69 60.42 -18.00
N SER C 234 2.94 59.63 -18.75
CA SER C 234 2.96 59.69 -20.20
C SER C 234 2.54 61.07 -20.69
N ASN C 235 1.41 61.55 -20.18
CA ASN C 235 0.90 62.87 -20.56
C ASN C 235 1.89 63.98 -20.24
N ARG C 236 2.41 63.97 -19.02
CA ARG C 236 3.39 64.97 -18.58
C ARG C 236 4.63 64.97 -19.47
N THR C 237 5.05 63.76 -19.87
CA THR C 237 6.21 63.58 -20.75
C THR C 237 5.99 64.21 -22.14
N ILE C 238 4.86 63.90 -22.76
CA ILE C 238 4.56 64.42 -24.09
C ILE C 238 4.55 65.94 -24.05
N MET C 239 3.81 66.49 -23.09
CA MET C 239 3.70 67.92 -22.91
C MET C 239 5.07 68.58 -22.71
N GLN C 240 5.92 67.95 -21.91
CA GLN C 240 7.29 68.43 -21.68
C GLN C 240 8.10 68.62 -22.96
N ALA C 241 7.85 67.76 -23.94
CA ALA C 241 8.59 67.78 -25.21
C ALA C 241 7.99 68.72 -26.27
N CYS C 242 6.75 69.16 -26.06
CA CYS C 242 6.00 69.86 -27.10
C CYS C 242 5.76 71.36 -26.85
N MET C 243 6.20 71.89 -25.71
CA MET C 243 5.90 73.28 -25.38
C MET C 243 6.81 73.89 -24.32
N THR C 244 6.92 75.22 -24.38
CA THR C 244 7.56 76.03 -23.35
C THR C 244 6.54 77.07 -22.89
N ASP C 245 6.92 77.91 -21.94
CA ASP C 245 6.04 78.98 -21.47
C ASP C 245 5.74 80.05 -22.53
N ASN C 246 6.53 80.07 -23.60
CA ASN C 246 6.31 80.99 -24.72
C ASN C 246 5.22 80.51 -25.70
N ASP C 247 4.81 79.25 -25.57
CA ASP C 247 3.88 78.63 -26.51
C ASP C 247 2.41 78.76 -26.13
N VAL C 248 1.56 78.72 -27.15
CA VAL C 248 0.12 78.62 -26.99
C VAL C 248 -0.28 77.16 -27.25
N VAL C 249 -1.25 76.67 -26.48
CA VAL C 249 -1.68 75.27 -26.61
C VAL C 249 -3.20 75.15 -26.58
N VAL C 250 -3.71 74.20 -27.35
CA VAL C 250 -5.16 73.99 -27.51
C VAL C 250 -5.59 72.74 -26.76
N LEU C 251 -6.41 72.91 -25.73
CA LEU C 251 -6.73 71.82 -24.81
C LEU C 251 -8.20 71.42 -24.82
N ASP C 252 -8.47 70.13 -24.94
CA ASP C 252 -9.78 69.58 -24.63
C ASP C 252 -10.08 69.94 -23.18
N ARG C 253 -11.20 70.62 -22.95
CA ARG C 253 -11.63 71.00 -21.59
C ARG C 253 -11.82 69.75 -20.74
N ASN C 254 -12.35 68.70 -21.37
CA ASN C 254 -12.40 67.37 -20.75
C ASN C 254 -11.01 66.75 -20.80
N CYS C 255 -10.19 67.06 -19.79
CA CYS C 255 -8.81 66.59 -19.74
C CYS C 255 -8.47 65.97 -18.39
N HIS C 256 -7.48 65.07 -18.41
CA HIS C 256 -6.94 64.44 -17.21
C HIS C 256 -6.32 65.51 -16.32
N LYS C 257 -6.35 65.26 -15.01
CA LYS C 257 -5.58 66.06 -14.05
C LYS C 257 -4.13 66.27 -14.50
N SER C 258 -3.53 65.23 -15.08
CA SER C 258 -2.13 65.24 -15.51
C SER C 258 -1.85 66.20 -16.66
N ILE C 259 -2.88 66.54 -17.43
CA ILE C 259 -2.74 67.49 -18.52
C ILE C 259 -2.62 68.92 -17.97
N GLU C 260 -3.35 69.22 -16.90
CA GLU C 260 -3.15 70.48 -16.17
C GLU C 260 -1.75 70.51 -15.55
N GLN C 261 -1.35 69.37 -14.98
CA GLN C 261 -0.02 69.24 -14.38
C GLN C 261 1.08 69.66 -15.37
N GLY C 262 0.94 69.20 -16.62
CA GLY C 262 1.85 69.59 -17.67
C GLY C 262 1.86 71.10 -17.89
N LEU C 263 0.67 71.70 -17.91
CA LEU C 263 0.53 73.16 -17.99
C LEU C 263 1.30 73.91 -16.90
N ILE C 264 1.29 73.37 -15.69
CA ILE C 264 1.94 73.99 -14.56
C ILE C 264 3.46 73.85 -14.66
N LEU C 265 3.92 72.67 -15.10
CA LEU C 265 5.36 72.40 -15.24
C LEU C 265 5.95 73.15 -16.42
N THR C 266 5.22 73.17 -17.52
CA THR C 266 5.65 73.83 -18.74
C THR C 266 5.47 75.35 -18.64
N GLY C 267 4.35 75.77 -18.07
CA GLY C 267 4.00 77.19 -17.98
C GLY C 267 3.41 77.73 -19.26
N ALA C 268 2.93 76.84 -20.13
CA ALA C 268 2.38 77.22 -21.42
C ALA C 268 1.04 77.92 -21.26
N LYS C 269 0.57 78.52 -22.35
CA LYS C 269 -0.60 79.40 -22.34
C LYS C 269 -1.79 78.69 -23.01
N PRO C 270 -2.78 78.24 -22.19
CA PRO C 270 -3.83 77.38 -22.71
C PRO C 270 -5.06 78.11 -23.28
N VAL C 271 -5.73 77.39 -24.18
CA VAL C 271 -7.03 77.77 -24.69
C VAL C 271 -7.83 76.47 -24.76
N TYR C 272 -9.07 76.50 -24.29
CA TYR C 272 -9.83 75.26 -24.11
C TYR C 272 -10.93 75.07 -25.16
N MET C 273 -11.16 73.81 -25.53
CA MET C 273 -12.28 73.41 -26.37
C MET C 273 -13.37 72.79 -25.50
N VAL C 274 -14.58 73.34 -25.58
CA VAL C 274 -15.67 72.95 -24.71
C VAL C 274 -16.54 71.88 -25.35
N PRO C 275 -16.59 70.68 -24.75
CA PRO C 275 -17.41 69.62 -25.31
C PRO C 275 -18.89 69.79 -24.96
N SER C 276 -19.74 69.14 -25.75
CA SER C 276 -21.18 69.15 -25.51
C SER C 276 -21.53 68.21 -24.37
N ARG C 277 -22.70 68.42 -23.79
CA ARG C 277 -23.23 67.54 -22.78
C ARG C 277 -24.65 67.15 -23.22
N ASN C 278 -25.28 66.19 -22.55
CA ASN C 278 -26.67 65.81 -22.86
C ASN C 278 -27.57 65.88 -21.62
N ARG C 279 -28.85 65.55 -21.80
CA ARG C 279 -29.85 65.66 -20.74
C ARG C 279 -29.61 64.79 -19.50
N TYR C 280 -28.92 63.66 -19.68
CA TYR C 280 -28.58 62.77 -18.55
C TYR C 280 -27.31 63.21 -17.79
N GLY C 281 -26.68 64.28 -18.27
CA GLY C 281 -25.45 64.81 -17.66
C GLY C 281 -24.18 64.22 -18.25
N ILE C 282 -24.33 63.39 -19.28
CA ILE C 282 -23.19 62.70 -19.90
C ILE C 282 -22.42 63.65 -20.81
N ILE C 283 -21.10 63.70 -20.62
CA ILE C 283 -20.22 64.50 -21.46
C ILE C 283 -20.14 63.89 -22.85
N GLY C 284 -20.54 64.67 -23.86
CA GLY C 284 -20.44 64.30 -25.26
C GLY C 284 -19.15 64.81 -25.86
N PRO C 285 -19.08 64.83 -27.21
CA PRO C 285 -17.86 65.22 -27.89
C PRO C 285 -17.74 66.73 -28.12
N ILE C 286 -16.51 67.17 -28.36
CA ILE C 286 -16.25 68.49 -28.92
C ILE C 286 -16.76 68.50 -30.34
N TYR C 287 -17.64 69.46 -30.65
CA TYR C 287 -18.20 69.59 -32.00
C TYR C 287 -17.14 70.15 -32.95
N PRO C 288 -17.24 69.82 -34.26
CA PRO C 288 -16.27 70.32 -35.25
C PRO C 288 -16.14 71.84 -35.26
N GLN C 289 -17.25 72.56 -35.10
CA GLN C 289 -17.26 74.03 -35.03
C GLN C 289 -16.25 74.56 -34.01
N GLU C 290 -16.09 73.84 -32.92
CA GLU C 290 -15.15 74.22 -31.85
C GLU C 290 -13.69 73.96 -32.21
N MET C 291 -13.45 73.07 -33.18
CA MET C 291 -12.09 72.73 -33.64
C MET C 291 -11.65 73.53 -34.86
N GLN C 292 -12.53 74.36 -35.41
CA GLN C 292 -12.21 75.14 -36.61
C GLN C 292 -11.10 76.14 -36.31
N PRO C 293 -10.18 76.34 -37.27
CA PRO C 293 -9.10 77.32 -37.11
C PRO C 293 -9.57 78.73 -36.71
N GLU C 294 -10.66 79.20 -37.33
CA GLU C 294 -11.21 80.53 -37.02
C GLU C 294 -11.68 80.61 -35.58
N THR C 295 -12.34 79.54 -35.13
CA THR C 295 -12.88 79.48 -33.77
C THR C 295 -11.76 79.50 -32.74
N LEU C 296 -10.72 78.69 -32.99
CA LEU C 296 -9.58 78.61 -32.10
C LEU C 296 -8.77 79.90 -32.08
N GLN C 297 -8.59 80.52 -33.24
CA GLN C 297 -7.93 81.82 -33.33
C GLN C 297 -8.68 82.91 -32.56
N LYS C 298 -10.01 82.85 -32.58
CA LYS C 298 -10.86 83.77 -31.81
C LYS C 298 -10.66 83.56 -30.30
N LYS C 299 -10.69 82.29 -29.87
CA LYS C 299 -10.46 81.92 -28.48
C LYS C 299 -9.11 82.45 -27.97
N ILE C 300 -8.09 82.31 -28.80
CA ILE C 300 -6.73 82.77 -28.47
C ILE C 300 -6.67 84.28 -28.27
N SER C 301 -7.29 85.02 -29.18
CA SER C 301 -7.32 86.49 -29.10
C SER C 301 -8.18 86.98 -27.93
N ALA C 302 -9.18 86.19 -27.55
CA ALA C 302 -10.10 86.55 -26.47
C ALA C 302 -9.51 86.33 -25.07
N SER C 303 -8.83 85.21 -24.87
CA SER C 303 -8.31 84.84 -23.54
C SER C 303 -7.22 85.79 -23.06
N PRO C 304 -7.26 86.18 -21.76
CA PRO C 304 -6.21 87.01 -21.17
C PRO C 304 -4.82 86.38 -21.23
N LEU C 305 -4.76 85.06 -21.10
CA LEU C 305 -3.50 84.33 -21.05
C LEU C 305 -2.79 84.32 -22.42
N THR C 306 -3.58 84.29 -23.49
CA THR C 306 -3.05 84.16 -24.86
C THR C 306 -3.16 85.41 -25.74
N LYS C 307 -3.95 86.40 -25.32
CA LYS C 307 -4.14 87.67 -26.07
C LYS C 307 -2.86 88.17 -26.76
N THR C 308 -1.77 88.25 -25.98
CA THR C 308 -0.51 88.82 -26.44
C THR C 308 0.21 87.92 -27.45
N LYS C 309 -0.14 86.63 -27.46
CA LYS C 309 0.44 85.65 -28.38
C LYS C 309 -0.52 85.27 -29.50
N ALA C 310 -1.44 86.18 -29.85
CA ALA C 310 -2.42 85.91 -30.90
C ALA C 310 -1.74 85.78 -32.26
N GLY C 311 -2.31 84.91 -33.10
CA GLY C 311 -1.73 84.63 -34.42
C GLY C 311 -0.52 83.71 -34.39
N GLN C 312 -0.07 83.35 -33.20
CA GLN C 312 1.05 82.40 -33.04
C GLN C 312 0.53 80.99 -33.26
N LYS C 313 1.32 80.15 -33.92
CA LYS C 313 0.95 78.76 -34.21
C LYS C 313 1.06 77.91 -32.95
N PRO C 314 -0.08 77.37 -32.46
CA PRO C 314 -0.02 76.53 -31.25
C PRO C 314 0.90 75.32 -31.42
N SER C 315 1.68 75.03 -30.39
CA SER C 315 2.71 74.00 -30.44
C SER C 315 2.19 72.62 -30.02
N TYR C 316 0.95 72.55 -29.55
CA TYR C 316 0.42 71.32 -29.00
C TYR C 316 -1.10 71.35 -28.93
N SER C 317 -1.70 70.19 -29.13
CA SER C 317 -3.15 70.04 -29.18
C SER C 317 -3.55 68.69 -28.59
N VAL C 318 -4.55 68.70 -27.70
CA VAL C 318 -5.01 67.46 -27.08
C VAL C 318 -6.52 67.27 -27.10
N VAL C 319 -6.93 66.05 -27.41
CA VAL C 319 -8.33 65.63 -27.36
C VAL C 319 -8.37 64.32 -26.60
N THR C 320 -9.41 64.12 -25.80
CA THR C 320 -9.56 62.89 -25.05
C THR C 320 -10.35 61.92 -25.92
N CYS C 322 -11.77 58.93 -26.10
CA CYS C 322 -12.85 58.04 -25.80
C CYS C 322 -13.24 58.51 -24.44
N THR C 323 -14.38 59.18 -24.40
CA THR C 323 -14.92 59.73 -23.17
C THR C 323 -15.06 58.59 -22.16
N TYR C 324 -15.03 58.92 -20.88
CA TYR C 324 -15.23 57.91 -19.82
C TYR C 324 -16.55 57.14 -20.06
N ASP C 325 -17.57 57.86 -20.52
CA ASP C 325 -18.89 57.30 -20.82
C ASP C 325 -19.01 56.58 -22.16
N GLY C 326 -17.94 56.63 -22.98
CA GLY C 326 -17.85 55.80 -24.19
C GLY C 326 -18.04 56.49 -25.54
N VAL C 327 -18.03 57.82 -25.54
CA VAL C 327 -18.17 58.58 -26.77
C VAL C 327 -16.85 58.58 -27.54
N CYS C 328 -16.86 58.01 -28.74
CA CYS C 328 -15.66 57.92 -29.58
C CYS C 328 -15.71 58.95 -30.71
N TYR C 329 -14.63 59.73 -30.85
CA TYR C 329 -14.52 60.69 -31.95
C TYR C 329 -14.19 59.97 -33.24
N ASN C 330 -14.61 60.55 -34.37
CA ASN C 330 -14.05 60.19 -35.67
C ASN C 330 -12.68 60.84 -35.75
N ALA C 331 -11.67 60.13 -35.27
CA ALA C 331 -10.32 60.68 -35.14
C ALA C 331 -9.70 61.11 -36.47
N LYS C 332 -10.12 60.49 -37.57
CA LYS C 332 -9.63 60.86 -38.89
C LYS C 332 -10.02 62.30 -39.21
N GLU C 333 -11.30 62.62 -39.05
CA GLU C 333 -11.81 63.96 -39.33
C GLU C 333 -11.32 64.97 -38.29
N ALA C 334 -11.35 64.56 -37.02
CA ALA C 334 -10.89 65.41 -35.92
C ALA C 334 -9.44 65.83 -36.11
N GLN C 335 -8.60 64.88 -36.52
CA GLN C 335 -7.20 65.14 -36.79
C GLN C 335 -7.00 66.17 -37.92
N ASP C 336 -7.76 66.00 -39.00
CA ASP C 336 -7.65 66.90 -40.17
C ASP C 336 -8.08 68.33 -39.84
N LEU C 337 -9.04 68.49 -38.94
CA LEU C 337 -9.45 69.80 -38.45
C LEU C 337 -8.37 70.45 -37.57
N LEU C 338 -7.81 69.67 -36.66
CA LEU C 338 -6.79 70.17 -35.74
C LEU C 338 -5.44 70.36 -36.45
N ALA C 339 -5.19 69.57 -37.48
CA ALA C 339 -3.97 69.69 -38.28
C ALA C 339 -3.83 71.08 -38.91
N LYS C 340 -4.96 71.69 -39.23
CA LYS C 340 -4.99 73.05 -39.76
C LYS C 340 -4.40 74.08 -38.80
N THR C 341 -4.63 73.87 -37.51
CA THR C 341 -4.21 74.81 -36.47
C THR C 341 -2.85 74.45 -35.85
N SER C 342 -2.63 73.16 -35.60
CA SER C 342 -1.43 72.68 -34.91
C SER C 342 -0.77 71.50 -35.61
N ASP C 343 0.55 71.43 -35.53
CA ASP C 343 1.32 70.32 -36.12
C ASP C 343 1.47 69.12 -35.19
N ARG C 344 1.12 69.31 -33.91
CA ARG C 344 1.14 68.22 -32.93
C ARG C 344 -0.25 68.02 -32.35
N ILE C 345 -0.76 66.80 -32.53
CA ILE C 345 -2.08 66.42 -32.05
C ILE C 345 -1.94 65.20 -31.16
N HIS C 346 -2.43 65.32 -29.94
CA HIS C 346 -2.30 64.26 -28.94
C HIS C 346 -3.69 63.76 -28.55
N PHE C 347 -3.95 62.48 -28.82
CA PHE C 347 -5.19 61.85 -28.40
C PHE C 347 -4.96 61.08 -27.11
N ASP C 348 -5.61 61.49 -26.04
CA ASP C 348 -5.57 60.76 -24.77
C ASP C 348 -6.52 59.56 -24.90
N GLU C 349 -5.96 58.42 -25.32
CA GLU C 349 -6.73 57.20 -25.53
C GLU C 349 -6.53 56.23 -24.36
N ALA C 350 -6.53 56.77 -23.14
CA ALA C 350 -6.24 56.01 -21.92
C ALA C 350 -7.19 54.84 -21.74
N TRP C 351 -8.47 55.11 -21.89
CA TRP C 351 -9.53 54.10 -21.76
C TRP C 351 -9.79 53.32 -23.05
N TYR C 352 -8.88 53.38 -24.01
CA TYR C 352 -9.23 53.10 -25.41
C TYR C 352 -8.11 52.45 -26.23
N GLY C 353 -7.26 51.67 -25.57
CA GLY C 353 -6.11 51.03 -26.23
C GLY C 353 -6.50 49.94 -27.21
N TYR C 354 -7.62 49.27 -26.92
CA TYR C 354 -8.15 48.17 -27.73
C TYR C 354 -8.69 48.60 -29.10
N ALA C 355 -9.08 49.86 -29.22
CA ALA C 355 -9.79 50.39 -30.40
C ALA C 355 -9.27 49.88 -31.74
N ARG C 356 -7.95 49.92 -31.91
CA ARG C 356 -7.29 49.52 -33.15
C ARG C 356 -7.59 48.06 -33.58
N PHE C 357 -7.78 47.18 -32.61
CA PHE C 357 -7.79 45.73 -32.86
C PHE C 357 -9.18 45.12 -33.05
N ASN C 358 -10.18 45.97 -33.27
CA ASN C 358 -11.50 45.52 -33.71
C ASN C 358 -12.02 46.49 -34.77
N PRO C 359 -12.50 45.96 -35.91
CA PRO C 359 -12.95 46.84 -37.01
C PRO C 359 -14.23 47.65 -36.74
N ILE C 360 -14.94 47.37 -35.65
CA ILE C 360 -16.11 48.17 -35.29
C ILE C 360 -15.70 49.60 -34.95
N TYR C 361 -14.48 49.78 -34.43
CA TYR C 361 -13.94 51.11 -34.09
C TYR C 361 -13.20 51.78 -35.26
N CYS C 362 -13.22 51.15 -36.43
CA CYS C 362 -12.55 51.69 -37.63
C CYS C 362 -12.70 53.21 -37.78
N ASP C 363 -11.58 53.88 -38.04
CA ASP C 363 -11.52 55.34 -38.22
C ASP C 363 -11.78 56.20 -36.96
N HIS C 364 -12.07 55.57 -35.82
CA HIS C 364 -12.38 56.31 -34.60
C HIS C 364 -11.28 56.22 -33.54
N TYR C 365 -10.04 56.06 -33.98
CA TYR C 365 -8.87 56.07 -33.10
C TYR C 365 -7.69 56.70 -33.84
N ALA C 366 -6.60 56.96 -33.12
CA ALA C 366 -5.47 57.72 -33.67
C ALA C 366 -4.63 56.92 -34.66
N MET C 367 -4.14 55.77 -34.23
CA MET C 367 -3.17 54.99 -35.01
C MET C 367 -3.85 54.08 -36.05
N ARG C 368 -4.40 54.71 -37.07
CA ARG C 368 -5.17 54.01 -38.11
C ARG C 368 -4.26 53.38 -39.16
N GLY C 369 -4.54 52.14 -39.52
CA GLY C 369 -3.80 51.44 -40.56
C GLY C 369 -2.32 51.30 -40.26
N GLU C 370 -1.50 51.41 -41.31
CA GLU C 370 -0.05 51.30 -41.19
C GLU C 370 0.60 52.68 -41.17
N PRO C 371 1.68 52.86 -40.40
CA PRO C 371 2.45 54.11 -40.45
C PRO C 371 3.36 54.17 -41.65
N GLY C 372 3.67 55.37 -42.13
CA GLY C 372 4.68 55.50 -43.20
C GLY C 372 5.56 56.73 -43.27
N HIS C 374 4.22 58.24 -42.82
CA HIS C 374 4.66 59.43 -42.12
C HIS C 374 4.44 60.62 -42.98
N ASN C 375 3.20 60.82 -43.32
CA ASN C 375 2.99 62.03 -44.06
C ASN C 375 1.83 62.93 -43.74
N GLY C 376 2.00 63.87 -42.78
CA GLY C 376 0.92 64.64 -42.12
C GLY C 376 1.42 65.33 -40.83
N PRO C 377 0.52 65.64 -39.86
CA PRO C 377 0.99 66.18 -38.58
C PRO C 377 1.58 65.10 -37.67
N THR C 378 2.32 65.52 -36.65
CA THR C 378 2.83 64.58 -35.64
C THR C 378 1.69 64.23 -34.70
N VAL C 379 1.39 62.93 -34.59
CA VAL C 379 0.27 62.46 -33.78
C VAL C 379 0.75 61.61 -32.60
N PHE C 380 0.31 61.98 -31.40
CA PHE C 380 0.57 61.21 -30.20
C PHE C 380 -0.68 60.43 -29.80
N ALA C 381 -0.47 59.21 -29.33
CA ALA C 381 -1.53 58.43 -28.70
C ALA C 381 -1.03 57.90 -27.36
N THR C 382 -1.91 57.98 -26.36
CA THR C 382 -1.56 57.64 -24.99
C THR C 382 -2.47 56.51 -24.53
N HIS C 383 -1.87 55.37 -24.16
CA HIS C 383 -2.63 54.25 -23.60
C HIS C 383 -2.26 53.97 -22.16
N SER C 384 -3.30 53.71 -21.36
CA SER C 384 -3.14 53.16 -20.04
C SER C 384 -3.38 51.66 -20.19
N THR C 385 -2.28 50.91 -20.23
CA THR C 385 -2.33 49.48 -20.48
C THR C 385 -3.10 48.74 -19.38
N HIS C 386 -3.01 49.21 -18.14
CA HIS C 386 -3.69 48.56 -17.02
C HIS C 386 -5.21 48.71 -17.05
N LYS C 387 -5.69 49.84 -17.56
CA LYS C 387 -7.13 50.15 -17.55
C LYS C 387 -7.97 49.11 -18.30
N LEU C 388 -7.88 49.08 -19.62
CA LEU C 388 -8.74 48.20 -20.41
C LEU C 388 -8.01 47.15 -21.25
N LEU C 389 -6.70 47.28 -21.41
CA LEU C 389 -5.89 46.22 -22.03
C LEU C 389 -5.49 45.14 -21.03
N ASN C 390 -5.75 45.42 -19.75
CA ASN C 390 -5.57 44.43 -18.69
C ASN C 390 -4.08 44.14 -18.47
N ALA C 391 -3.50 44.85 -17.51
CA ALA C 391 -2.06 44.81 -17.22
C ALA C 391 -1.80 45.37 -15.83
N LEU C 392 -0.56 45.31 -15.38
CA LEU C 392 -0.19 45.83 -14.05
C LEU C 392 -0.41 47.33 -13.97
N SER C 393 -0.91 47.79 -12.83
CA SER C 393 -1.11 49.22 -12.59
C SER C 393 0.19 50.01 -12.74
N GLN C 394 0.06 51.24 -13.25
CA GLN C 394 1.18 52.12 -13.62
C GLN C 394 1.74 51.86 -15.02
N ALA C 395 1.29 50.80 -15.68
CA ALA C 395 1.74 50.50 -17.04
C ALA C 395 1.09 51.47 -18.02
N SER C 396 1.89 52.05 -18.89
CA SER C 396 1.39 52.98 -19.91
C SER C 396 2.30 53.02 -21.12
N TYR C 397 1.74 53.43 -22.25
CA TYR C 397 2.50 53.59 -23.50
C TYR C 397 2.30 54.99 -24.08
N ILE C 398 3.39 55.55 -24.60
CA ILE C 398 3.31 56.71 -25.49
C ILE C 398 3.56 56.20 -26.90
N HIS C 399 2.55 56.31 -27.76
CA HIS C 399 2.67 55.93 -29.17
C HIS C 399 2.76 57.18 -30.03
N VAL C 400 3.68 57.17 -30.98
CA VAL C 400 3.99 58.36 -31.78
C VAL C 400 3.97 58.04 -33.26
N ARG C 401 3.36 58.92 -34.04
CA ARG C 401 3.52 58.93 -35.49
C ARG C 401 4.24 60.22 -35.89
N GLU C 402 5.48 60.07 -36.38
CA GLU C 402 6.33 61.21 -36.70
C GLU C 402 5.88 61.89 -37.98
N GLY C 403 5.57 63.19 -37.86
CA GLY C 403 5.19 64.00 -39.02
C GLY C 403 5.78 65.38 -38.93
N ARG C 404 4.99 66.39 -39.30
CA ARG C 404 5.42 67.79 -39.20
C ARG C 404 5.64 68.18 -37.74
N GLY C 405 6.73 68.90 -37.48
CA GLY C 405 7.07 69.33 -36.13
C GLY C 405 7.42 68.18 -35.21
N ALA C 406 8.03 67.13 -35.77
CA ALA C 406 8.37 65.93 -35.02
C ALA C 406 9.53 66.15 -34.06
N VAL C 407 9.48 65.46 -32.93
CA VAL C 407 10.54 65.53 -31.94
C VAL C 407 11.31 64.21 -32.01
N ASN C 408 12.59 64.30 -32.36
CA ASN C 408 13.42 63.09 -32.54
C ASN C 408 13.76 62.42 -31.20
N PHE C 409 14.43 61.29 -31.25
CA PHE C 409 14.77 60.51 -30.06
C PHE C 409 15.53 61.32 -29.00
N SER C 410 16.69 61.84 -29.38
CA SER C 410 17.56 62.58 -28.45
C SER C 410 16.79 63.64 -27.67
N ARG C 411 15.98 64.40 -28.39
CA ARG C 411 15.18 65.46 -27.78
C ARG C 411 14.07 64.92 -26.88
N PHE C 412 13.36 63.90 -27.37
CA PHE C 412 12.21 63.36 -26.64
C PHE C 412 12.63 62.58 -25.40
N ASN C 413 13.74 61.85 -25.47
CA ASN C 413 14.23 61.05 -24.35
C ASN C 413 14.62 61.91 -23.14
N GLN C 414 14.99 63.17 -23.38
CA GLN C 414 15.21 64.12 -22.29
C GLN C 414 13.91 64.42 -21.55
N ALA C 415 12.83 64.56 -22.32
CA ALA C 415 11.49 64.72 -21.74
C ALA C 415 11.01 63.44 -21.08
N TYR C 416 11.35 62.30 -21.68
CA TYR C 416 11.00 61.00 -21.10
C TYR C 416 11.65 60.78 -19.73
N MET C 417 12.96 60.99 -19.67
CA MET C 417 13.73 60.81 -18.43
C MET C 417 13.29 61.77 -17.32
N MET C 418 12.81 62.94 -17.72
CA MET C 418 12.26 63.94 -16.82
C MET C 418 11.22 63.37 -15.84
N HIS C 419 10.37 62.50 -16.36
CA HIS C 419 9.22 61.99 -15.61
C HIS C 419 9.28 60.47 -15.42
N ALA C 420 10.50 59.94 -15.43
CA ALA C 420 10.75 58.53 -15.25
C ALA C 420 11.41 58.30 -13.90
N THR C 421 11.72 57.04 -13.62
CA THR C 421 12.46 56.66 -12.42
C THR C 421 13.72 55.90 -12.83
N THR C 422 14.82 56.15 -12.12
CA THR C 422 16.11 55.56 -12.47
C THR C 422 16.11 54.03 -12.33
N SER C 423 15.35 53.50 -11.37
CA SER C 423 15.17 52.05 -11.21
C SER C 423 13.68 51.67 -11.28
N PRO C 424 13.21 51.27 -12.48
CA PRO C 424 11.83 50.85 -12.68
C PRO C 424 11.63 49.38 -12.33
N LEU C 425 10.40 49.04 -11.97
CA LEU C 425 10.05 47.65 -11.63
C LEU C 425 9.80 46.85 -12.90
N TYR C 426 10.62 45.81 -13.12
CA TYR C 426 10.54 45.00 -14.34
C TYR C 426 9.17 44.34 -14.52
N ALA C 427 8.58 43.90 -13.43
CA ALA C 427 7.27 43.24 -13.48
C ALA C 427 6.21 44.07 -14.22
N ILE C 428 6.30 45.39 -14.10
CA ILE C 428 5.38 46.29 -14.80
C ILE C 428 5.72 46.34 -16.28
N CYS C 429 6.99 46.58 -16.59
CA CYS C 429 7.45 46.64 -17.99
C CYS C 429 7.15 45.35 -18.72
N ALA C 430 7.32 44.23 -18.02
CA ALA C 430 6.99 42.91 -18.57
C ALA C 430 5.51 42.76 -18.86
N SER C 431 4.67 43.32 -18.00
CA SER C 431 3.21 43.30 -18.23
C SER C 431 2.84 44.13 -19.47
N ASN C 432 3.55 45.22 -19.70
CA ASN C 432 3.41 46.03 -20.92
C ASN C 432 3.76 45.23 -22.16
N ASP C 433 4.82 44.42 -22.06
CA ASP C 433 5.32 43.62 -23.17
C ASP C 433 4.32 42.52 -23.56
N VAL C 434 3.77 41.82 -22.58
CA VAL C 434 2.82 40.73 -22.84
C VAL C 434 1.46 41.28 -23.27
N ALA C 435 1.09 42.45 -22.76
CA ALA C 435 -0.15 43.11 -23.16
C ALA C 435 -0.13 43.43 -24.66
N VAL C 436 1.03 43.80 -25.17
CA VAL C 436 1.23 43.98 -26.61
C VAL C 436 0.96 42.67 -27.33
N SER C 437 1.64 41.61 -26.88
CA SER C 437 1.50 40.27 -27.44
C SER C 437 0.05 39.78 -27.51
N MET C 438 -0.76 40.17 -26.53
CA MET C 438 -2.16 39.77 -26.48
C MET C 438 -3.04 40.44 -27.54
N MET C 439 -2.68 41.68 -27.93
CA MET C 439 -3.40 42.39 -28.99
C MET C 439 -2.85 42.05 -30.38
N ASP C 440 -1.61 41.58 -30.43
CA ASP C 440 -0.98 41.27 -31.70
C ASP C 440 -1.65 40.07 -32.36
N GLY C 441 -1.79 40.14 -33.68
CA GLY C 441 -2.31 39.05 -34.49
C GLY C 441 -3.77 38.78 -34.25
N ASN C 442 -4.14 37.51 -34.23
CA ASN C 442 -5.53 37.09 -34.09
C ASN C 442 -6.10 37.32 -32.69
N SER C 443 -5.28 37.11 -31.67
CA SER C 443 -5.72 37.23 -30.27
C SER C 443 -6.43 38.56 -30.00
N GLY C 444 -5.90 39.63 -30.56
CA GLY C 444 -6.47 40.97 -30.37
C GLY C 444 -7.91 41.08 -30.84
N LEU C 445 -8.16 40.63 -32.05
CA LEU C 445 -9.51 40.62 -32.60
C LEU C 445 -10.45 39.77 -31.75
N SER C 446 -10.00 38.57 -31.40
CA SER C 446 -10.81 37.61 -30.63
C SER C 446 -11.16 38.14 -29.24
N LEU C 447 -10.18 38.74 -28.57
CA LEU C 447 -10.37 39.31 -27.22
C LEU C 447 -11.31 40.50 -27.23
N THR C 448 -11.08 41.45 -28.14
CA THR C 448 -11.93 42.62 -28.28
C THR C 448 -13.36 42.24 -28.65
N GLN C 449 -13.50 41.21 -29.47
CA GLN C 449 -14.81 40.74 -29.90
C GLN C 449 -15.57 40.08 -28.76
N GLU C 450 -14.87 39.31 -27.92
CA GLU C 450 -15.49 38.66 -26.77
C GLU C 450 -16.15 39.69 -25.86
N VAL C 451 -15.42 40.76 -25.54
CA VAL C 451 -15.95 41.80 -24.65
C VAL C 451 -17.11 42.58 -25.29
N ILE C 452 -17.00 42.86 -26.58
CA ILE C 452 -18.11 43.49 -27.33
C ILE C 452 -19.34 42.59 -27.31
N ASP C 453 -19.15 41.32 -27.64
CA ASP C 453 -20.22 40.32 -27.64
C ASP C 453 -20.97 40.27 -26.30
N GLU C 454 -20.21 40.28 -25.21
CA GLU C 454 -20.80 40.23 -23.87
C GLU C 454 -21.57 41.51 -23.55
N ALA C 455 -20.98 42.64 -23.88
CA ALA C 455 -21.64 43.94 -23.67
C ALA C 455 -22.95 44.03 -24.44
N VAL C 456 -22.96 43.49 -25.66
CA VAL C 456 -24.17 43.46 -26.48
C VAL C 456 -25.26 42.59 -25.85
N ASP C 457 -24.90 41.37 -25.48
CA ASP C 457 -25.83 40.44 -24.80
C ASP C 457 -26.50 41.13 -23.61
N PHE C 458 -25.70 41.83 -22.81
CA PHE C 458 -26.18 42.55 -21.63
C PHE C 458 -27.11 43.70 -22.00
N ARG C 459 -26.67 44.54 -22.95
CA ARG C 459 -27.48 45.64 -23.46
C ARG C 459 -28.83 45.15 -23.97
N GLN C 460 -28.79 44.13 -24.82
CA GLN C 460 -30.02 43.53 -25.38
C GLN C 460 -30.92 42.93 -24.31
N ALA C 461 -30.32 42.21 -23.36
CA ALA C 461 -31.07 41.61 -22.26
C ALA C 461 -31.77 42.70 -21.44
N MET C 462 -31.06 43.79 -21.20
CA MET C 462 -31.58 44.92 -20.45
C MET C 462 -32.72 45.63 -21.21
N ALA C 463 -32.57 45.73 -22.53
CA ALA C 463 -33.58 46.35 -23.38
C ALA C 463 -34.88 45.52 -23.42
N ARG C 464 -34.74 44.20 -23.46
CA ARG C 464 -35.90 43.29 -23.51
C ARG C 464 -36.70 43.34 -22.21
N LEU C 465 -36.00 43.29 -21.08
CA LEU C 465 -36.63 43.47 -19.77
C LEU C 465 -37.37 44.79 -19.70
N TYR C 466 -36.75 45.85 -20.21
CA TYR C 466 -37.36 47.18 -20.19
C TYR C 466 -38.68 47.19 -20.94
N LYS C 467 -38.73 46.55 -22.11
CA LYS C 467 -39.97 46.49 -22.90
C LYS C 467 -41.03 45.67 -22.17
N GLU C 468 -40.62 44.54 -21.61
CA GLU C 468 -41.53 43.70 -20.81
C GLU C 468 -42.24 44.47 -19.71
N PHE C 469 -41.48 45.22 -18.94
CA PHE C 469 -42.04 46.05 -17.87
C PHE C 469 -42.85 47.23 -18.44
N THR C 470 -42.26 47.93 -19.42
CA THR C 470 -42.91 49.09 -20.06
C THR C 470 -44.28 48.74 -20.63
N ASP C 471 -44.33 47.70 -21.46
CA ASP C 471 -45.58 47.22 -22.07
C ASP C 471 -46.67 46.94 -21.03
N GLU C 472 -46.24 46.42 -19.87
CA GLU C 472 -47.15 46.11 -18.77
C GLU C 472 -47.40 47.31 -17.85
N GLY C 473 -47.13 48.53 -18.34
CA GLY C 473 -47.35 49.75 -17.58
C GLY C 473 -46.46 49.91 -16.37
N ASP C 474 -45.25 49.34 -16.43
CA ASP C 474 -44.33 49.31 -15.29
C ASP C 474 -42.99 49.95 -15.66
N TRP C 475 -42.18 50.31 -14.65
CA TRP C 475 -40.87 50.93 -14.87
C TRP C 475 -39.72 49.92 -14.84
N PHE C 476 -38.60 50.31 -15.44
CA PHE C 476 -37.34 49.55 -15.35
C PHE C 476 -36.19 50.39 -15.88
N PHE C 477 -34.97 49.90 -15.69
CA PHE C 477 -33.77 50.54 -16.22
C PHE C 477 -33.62 50.20 -17.70
N LYS C 478 -33.30 51.19 -18.53
CA LYS C 478 -33.02 50.94 -19.95
C LYS C 478 -31.57 51.28 -20.28
N PRO C 479 -30.99 50.55 -21.25
CA PRO C 479 -29.60 50.79 -21.63
C PRO C 479 -29.50 52.01 -22.54
N TRP C 480 -28.41 52.77 -22.38
CA TRP C 480 -28.20 53.94 -23.23
C TRP C 480 -27.50 53.55 -24.52
N ASN C 481 -28.31 53.41 -25.57
CA ASN C 481 -27.82 53.03 -26.88
C ASN C 481 -28.87 53.35 -27.95
N LYS C 482 -28.60 52.99 -29.19
CA LYS C 482 -29.52 53.24 -30.29
C LYS C 482 -30.89 52.62 -30.01
N ASP C 483 -31.95 53.28 -30.48
CA ASP C 483 -33.32 52.77 -30.33
C ASP C 483 -33.64 51.72 -31.39
N VAL C 484 -33.17 51.98 -32.61
CA VAL C 484 -33.47 51.16 -33.78
C VAL C 484 -32.23 51.02 -34.66
N VAL C 485 -31.91 49.80 -35.07
CA VAL C 485 -30.75 49.52 -35.92
C VAL C 485 -31.20 48.95 -37.27
N THR C 486 -30.29 48.95 -38.24
CA THR C 486 -30.58 48.45 -39.59
C THR C 486 -29.48 47.52 -40.09
N ASP C 487 -29.90 46.38 -40.64
CA ASP C 487 -28.99 45.45 -41.32
C ASP C 487 -28.76 45.94 -42.76
N PRO C 488 -27.51 46.25 -43.12
CA PRO C 488 -27.24 46.73 -44.49
C PRO C 488 -27.44 45.68 -45.58
N GLN C 489 -27.03 44.44 -45.31
CA GLN C 489 -27.13 43.36 -46.30
C GLN C 489 -28.57 43.02 -46.70
N THR C 490 -29.52 43.19 -45.77
CA THR C 490 -30.93 42.93 -46.05
C THR C 490 -31.76 44.21 -46.23
N GLY C 491 -31.28 45.32 -45.68
CA GLY C 491 -32.07 46.56 -45.62
C GLY C 491 -33.09 46.57 -44.48
N LYS C 492 -33.22 45.46 -43.77
CA LYS C 492 -34.27 45.27 -42.77
C LYS C 492 -33.96 46.03 -41.48
N THR C 493 -35.02 46.48 -40.81
CA THR C 493 -34.93 47.33 -39.62
C THR C 493 -35.35 46.54 -38.38
N TYR C 494 -34.63 46.73 -37.28
CA TYR C 494 -34.94 46.08 -36.01
C TYR C 494 -34.96 47.07 -34.85
N ASP C 495 -35.87 46.85 -33.91
CA ASP C 495 -35.75 47.42 -32.57
C ASP C 495 -34.50 46.83 -31.95
N PHE C 496 -33.81 47.60 -31.12
CA PHE C 496 -32.54 47.14 -30.51
C PHE C 496 -32.70 45.74 -29.91
N ALA C 497 -33.70 45.60 -29.04
CA ALA C 497 -33.98 44.32 -28.37
C ALA C 497 -34.12 43.15 -29.34
N ASP C 498 -34.78 43.39 -30.46
CA ASP C 498 -35.05 42.35 -31.46
C ASP C 498 -33.91 42.10 -32.45
N ALA C 499 -32.91 42.97 -32.47
CA ALA C 499 -31.81 42.87 -33.44
C ALA C 499 -31.04 41.57 -33.29
N PRO C 500 -30.41 41.09 -34.38
CA PRO C 500 -29.46 39.99 -34.23
C PRO C 500 -28.20 40.46 -33.49
N ALA C 501 -27.69 39.63 -32.58
CA ALA C 501 -26.51 39.99 -31.81
C ALA C 501 -25.29 40.19 -32.71
N LYS C 502 -25.13 39.31 -33.70
CA LYS C 502 -24.02 39.39 -34.66
C LYS C 502 -23.95 40.74 -35.37
N LEU C 503 -25.12 41.32 -35.67
CA LEU C 503 -25.18 42.63 -36.30
C LEU C 503 -24.65 43.72 -35.36
N LEU C 504 -25.22 43.79 -34.16
CA LEU C 504 -24.84 44.80 -33.17
C LEU C 504 -23.37 44.74 -32.78
N ALA C 505 -22.81 43.54 -32.75
CA ALA C 505 -21.41 43.33 -32.35
C ALA C 505 -20.42 43.49 -33.52
N THR C 506 -20.91 43.92 -34.68
CA THR C 506 -20.12 43.96 -35.91
C THR C 506 -20.27 45.27 -36.66
N ASP C 507 -21.52 45.64 -36.93
CA ASP C 507 -21.83 46.81 -37.74
C ASP C 507 -21.60 48.10 -36.97
N GLN C 508 -20.65 48.91 -37.42
CA GLN C 508 -20.34 50.19 -36.77
C GLN C 508 -21.54 51.14 -36.78
N ASN C 509 -22.29 51.12 -37.86
CA ASN C 509 -23.44 52.04 -38.03
C ASN C 509 -24.54 51.85 -36.99
N CYS C 510 -24.57 50.72 -36.31
CA CYS C 510 -25.45 50.50 -35.17
C CYS C 510 -25.07 51.35 -33.94
N TRP C 511 -23.90 51.99 -34.00
CA TRP C 511 -23.39 52.79 -32.89
C TRP C 511 -23.03 54.22 -33.25
N VAL C 512 -23.08 54.58 -34.54
CA VAL C 512 -22.75 55.94 -34.94
C VAL C 512 -23.87 56.88 -34.54
N MET C 513 -23.51 57.97 -33.89
CA MET C 513 -24.48 58.99 -33.48
C MET C 513 -24.83 59.87 -34.68
N ARG C 514 -26.06 59.76 -35.15
CA ARG C 514 -26.52 60.47 -36.34
C ARG C 514 -27.54 61.54 -35.98
N PRO C 515 -27.62 62.61 -36.80
CA PRO C 515 -28.50 63.73 -36.49
C PRO C 515 -29.99 63.35 -36.54
N GLY C 516 -30.78 63.97 -35.67
CA GLY C 516 -32.20 63.69 -35.59
C GLY C 516 -32.57 62.52 -34.69
N GLU C 517 -31.56 61.80 -34.19
CA GLU C 517 -31.78 60.64 -33.33
C GLU C 517 -31.93 61.10 -31.88
N THR C 518 -32.97 60.59 -31.22
CA THR C 518 -33.32 60.99 -29.86
C THR C 518 -32.38 60.40 -28.83
N TRP C 519 -31.99 59.14 -29.02
CA TRP C 519 -31.31 58.35 -27.98
C TRP C 519 -30.07 59.02 -27.38
N HIS C 520 -29.17 59.53 -28.23
CA HIS C 520 -27.88 60.05 -27.77
C HIS C 520 -28.00 61.43 -27.11
N GLY C 521 -28.92 62.24 -27.62
CA GLY C 521 -29.34 63.47 -26.93
C GLY C 521 -28.36 64.62 -26.96
N PHE C 522 -27.60 64.72 -28.04
CA PHE C 522 -26.62 65.78 -28.24
C PHE C 522 -27.17 66.71 -29.32
N LYS C 523 -27.73 67.84 -28.89
CA LYS C 523 -28.40 68.77 -29.79
C LYS C 523 -27.46 69.27 -30.89
N ASP C 524 -27.89 69.10 -32.14
CA ASP C 524 -27.17 69.59 -33.32
C ASP C 524 -25.82 68.91 -33.55
N LEU C 525 -25.68 67.67 -33.10
CA LEU C 525 -24.47 66.89 -33.36
C LEU C 525 -24.40 66.57 -34.86
N PRO C 526 -23.28 66.93 -35.52
CA PRO C 526 -23.13 66.57 -36.94
C PRO C 526 -23.04 65.07 -37.22
N ASP C 527 -23.28 64.72 -38.47
CA ASP C 527 -23.22 63.33 -38.91
C ASP C 527 -21.78 62.90 -39.07
N ASN C 528 -21.53 61.60 -38.94
CA ASN C 528 -20.20 61.02 -39.12
C ASN C 528 -19.13 61.73 -38.27
N TRP C 529 -19.44 61.91 -36.99
CA TRP C 529 -18.53 62.56 -36.05
C TRP C 529 -18.29 61.71 -34.81
N SER C 530 -19.38 61.30 -34.16
CA SER C 530 -19.29 60.52 -32.93
C SER C 530 -19.73 59.07 -33.12
N MET C 531 -19.52 58.29 -32.07
CA MET C 531 -19.87 56.88 -32.06
C MET C 531 -19.85 56.37 -30.62
N LEU C 532 -20.87 55.60 -30.24
CA LEU C 532 -20.90 55.00 -28.91
C LEU C 532 -20.05 53.73 -28.90
N ASP C 533 -19.21 53.61 -27.88
CA ASP C 533 -18.46 52.39 -27.64
C ASP C 533 -19.41 51.35 -27.02
N PRO C 534 -19.56 50.19 -27.67
CA PRO C 534 -20.44 49.14 -27.13
C PRO C 534 -20.12 48.67 -25.72
N ILE C 535 -18.82 48.59 -25.38
CA ILE C 535 -18.39 48.01 -24.09
C ILE C 535 -18.49 48.97 -22.91
N LYS C 536 -18.82 50.24 -23.18
CA LYS C 536 -19.01 51.24 -22.13
C LYS C 536 -20.51 51.37 -21.86
N VAL C 537 -21.06 50.36 -21.20
CA VAL C 537 -22.50 50.23 -21.07
C VAL C 537 -23.08 51.16 -20.01
N SER C 538 -23.63 52.28 -20.47
CA SER C 538 -24.34 53.21 -19.60
C SER C 538 -25.78 52.71 -19.50
N ILE C 539 -26.33 52.80 -18.29
CA ILE C 539 -27.69 52.36 -18.01
C ILE C 539 -28.46 53.50 -17.36
N LEU C 540 -29.72 53.67 -17.76
CA LEU C 540 -30.53 54.83 -17.41
C LEU C 540 -31.71 54.49 -16.51
N ALA C 541 -31.73 55.08 -15.33
CA ALA C 541 -32.87 54.98 -14.43
C ALA C 541 -33.97 55.93 -14.92
N PRO C 542 -35.24 55.60 -14.65
CA PRO C 542 -36.32 56.47 -15.11
C PRO C 542 -36.36 57.78 -14.33
N GLY C 543 -36.85 58.83 -14.97
CA GLY C 543 -36.97 60.15 -14.34
C GLY C 543 -36.71 61.32 -15.27
N MET C 544 -35.87 61.12 -16.27
CA MET C 544 -35.53 62.16 -17.24
C MET C 544 -36.31 61.94 -18.52
N GLY C 545 -37.15 62.92 -18.87
CA GLY C 545 -37.91 62.88 -20.12
C GLY C 545 -37.05 63.18 -21.31
N ASP C 546 -37.48 62.72 -22.49
CA ASP C 546 -36.76 62.99 -23.75
C ASP C 546 -36.65 64.48 -24.05
N ASP C 547 -37.64 65.25 -23.62
CA ASP C 547 -37.66 66.71 -23.83
C ASP C 547 -36.60 67.47 -23.02
N GLY C 548 -36.06 66.84 -21.97
CA GLY C 548 -35.02 67.46 -21.16
C GLY C 548 -35.50 67.89 -19.79
N GLU C 549 -36.82 67.97 -19.60
CA GLU C 549 -37.39 68.23 -18.27
C GLU C 549 -37.66 66.92 -17.57
N LEU C 550 -37.73 66.99 -16.24
CA LEU C 550 -37.96 65.81 -15.41
C LEU C 550 -39.38 65.28 -15.55
N GLU C 551 -39.53 63.96 -15.42
CA GLU C 551 -40.85 63.32 -15.50
C GLU C 551 -41.62 63.48 -14.19
N ALA C 552 -42.84 62.95 -14.19
CA ALA C 552 -43.72 62.98 -13.01
C ALA C 552 -43.02 62.40 -11.79
N SER C 553 -42.56 61.16 -11.92
CA SER C 553 -41.79 60.49 -10.88
C SER C 553 -40.54 59.86 -11.51
N GLY C 554 -39.63 59.39 -10.66
CA GLY C 554 -38.40 58.75 -11.12
C GLY C 554 -37.61 58.07 -10.03
N VAL C 555 -36.57 57.35 -10.45
CA VAL C 555 -35.68 56.63 -9.54
C VAL C 555 -34.27 57.22 -9.68
N PRO C 556 -33.78 57.91 -8.64
CA PRO C 556 -32.44 58.48 -8.74
C PRO C 556 -31.35 57.42 -8.62
N ALA C 557 -30.33 57.53 -9.47
CA ALA C 557 -29.27 56.52 -9.59
C ALA C 557 -28.42 56.38 -8.34
N ALA C 558 -28.19 57.50 -7.65
CA ALA C 558 -27.42 57.50 -6.39
C ALA C 558 -27.90 56.41 -5.44
N LEU C 559 -29.21 56.22 -5.38
CA LEU C 559 -29.84 55.22 -4.52
C LEU C 559 -29.53 53.79 -5.01
N VAL C 560 -29.53 53.61 -6.33
CA VAL C 560 -29.23 52.31 -6.94
C VAL C 560 -27.76 51.97 -6.74
N THR C 561 -26.88 52.91 -7.07
CA THR C 561 -25.44 52.78 -6.88
C THR C 561 -25.09 52.26 -5.48
N ALA C 562 -25.79 52.79 -4.48
CA ALA C 562 -25.60 52.38 -3.08
C ALA C 562 -25.99 50.92 -2.87
N TRP C 563 -27.15 50.54 -3.39
CA TRP C 563 -27.62 49.15 -3.31
C TRP C 563 -26.65 48.18 -4.01
N LEU C 564 -26.15 48.59 -5.17
CA LEU C 564 -25.13 47.84 -5.89
C LEU C 564 -23.85 47.72 -5.05
N GLY C 565 -23.45 48.81 -4.41
CA GLY C 565 -22.29 48.85 -3.54
C GLY C 565 -22.33 47.82 -2.42
N ARG C 566 -23.50 47.63 -1.83
CA ARG C 566 -23.70 46.67 -0.77
C ARG C 566 -23.54 45.22 -1.26
N HIS C 567 -23.81 45.00 -2.55
CA HIS C 567 -23.66 43.67 -3.18
C HIS C 567 -22.33 43.50 -3.93
N GLY C 568 -21.32 44.27 -3.52
CA GLY C 568 -19.97 44.15 -4.09
C GLY C 568 -19.89 44.53 -5.56
N ILE C 569 -20.57 45.62 -5.92
CA ILE C 569 -20.58 46.15 -7.29
C ILE C 569 -20.46 47.66 -7.24
N VAL C 570 -19.34 48.19 -7.72
CA VAL C 570 -19.07 49.63 -7.66
C VAL C 570 -18.88 50.21 -9.07
N PRO C 571 -19.98 50.72 -9.67
CA PRO C 571 -19.95 51.32 -11.01
C PRO C 571 -18.87 52.38 -11.22
N THR C 572 -18.32 52.43 -12.43
CA THR C 572 -17.26 53.40 -12.76
C THR C 572 -17.80 54.83 -12.65
N ARG C 573 -18.95 55.06 -13.27
CA ARG C 573 -19.56 56.38 -13.41
C ARG C 573 -20.97 56.42 -12.82
N THR C 574 -21.36 57.56 -12.26
CA THR C 574 -22.73 57.76 -11.74
C THR C 574 -23.17 59.23 -11.82
N THR C 575 -24.21 59.49 -12.61
CA THR C 575 -24.87 60.80 -12.64
C THR C 575 -26.16 60.68 -11.80
N ASP C 576 -27.10 61.59 -12.00
CA ASP C 576 -28.38 61.55 -11.28
C ASP C 576 -29.24 60.36 -11.73
N PHE C 577 -29.17 60.05 -13.02
CA PHE C 577 -29.92 58.92 -13.60
C PHE C 577 -29.07 57.89 -14.36
N GLN C 578 -27.81 58.22 -14.65
CA GLN C 578 -26.91 57.31 -15.35
C GLN C 578 -26.13 56.45 -14.36
N ILE C 579 -26.01 55.17 -14.69
CA ILE C 579 -25.08 54.26 -14.03
C ILE C 579 -24.29 53.58 -15.14
N MET C 580 -22.96 53.72 -15.11
CA MET C 580 -22.14 53.13 -16.18
C MET C 580 -21.35 51.91 -15.71
N PHE C 581 -21.51 50.81 -16.44
CA PHE C 581 -20.77 49.58 -16.18
C PHE C 581 -19.72 49.36 -17.25
N LEU C 582 -18.51 49.04 -16.80
CA LEU C 582 -17.35 48.92 -17.66
C LEU C 582 -17.09 47.45 -18.00
N PHE C 583 -17.35 47.08 -19.25
CA PHE C 583 -16.99 45.74 -19.73
C PHE C 583 -15.56 45.75 -20.22
N SER C 584 -14.75 44.81 -19.74
CA SER C 584 -13.34 44.72 -20.10
C SER C 584 -12.97 43.30 -20.53
N MET C 585 -11.72 43.10 -20.91
CA MET C 585 -11.21 41.77 -21.26
C MET C 585 -11.04 40.88 -20.03
N GLY C 586 -10.99 41.48 -18.85
CA GLY C 586 -10.92 40.73 -17.59
C GLY C 586 -12.25 40.11 -17.18
N VAL C 587 -13.35 40.53 -17.82
CA VAL C 587 -14.68 40.00 -17.53
C VAL C 587 -14.84 38.57 -18.05
N THR C 588 -15.32 37.69 -17.18
CA THR C 588 -15.62 36.31 -17.53
C THR C 588 -16.97 36.22 -18.24
N ARG C 589 -17.14 35.17 -19.04
CA ARG C 589 -18.30 35.05 -19.91
C ARG C 589 -19.59 34.72 -19.15
N GLY C 590 -20.57 35.62 -19.27
CA GLY C 590 -21.90 35.44 -18.67
C GLY C 590 -22.12 36.15 -17.34
N LYS C 591 -21.08 36.83 -16.86
CA LYS C 591 -21.12 37.47 -15.54
C LYS C 591 -22.11 38.64 -15.45
N TRP C 592 -22.50 39.20 -16.60
CA TRP C 592 -23.48 40.28 -16.64
C TRP C 592 -24.85 39.88 -16.04
N GLY C 593 -25.16 38.59 -16.06
CA GLY C 593 -26.36 38.07 -15.40
C GLY C 593 -26.51 38.51 -13.95
N THR C 594 -25.37 38.63 -13.27
CA THR C 594 -25.34 39.10 -11.88
C THR C 594 -25.80 40.56 -11.76
N LEU C 595 -25.37 41.41 -12.69
CA LEU C 595 -25.81 42.80 -12.73
C LEU C 595 -27.32 42.90 -12.82
N ILE C 596 -27.90 42.10 -13.70
CA ILE C 596 -29.35 42.07 -13.89
C ILE C 596 -30.04 41.59 -12.62
N ASN C 597 -29.55 40.47 -12.08
CA ASN C 597 -30.10 39.86 -10.87
C ASN C 597 -30.17 40.84 -9.69
N THR C 598 -29.14 41.67 -9.54
CA THR C 598 -29.08 42.67 -8.48
C THR C 598 -30.01 43.86 -8.79
N LEU C 599 -30.01 44.29 -10.04
CA LEU C 599 -30.91 45.37 -10.50
C LEU C 599 -32.38 45.01 -10.33
N CME C 600 -32.70 43.74 -10.54
CA CME C 600 -34.07 43.25 -10.36
CB CME C 600 -34.22 41.86 -10.96
SG CME C 600 -34.16 41.99 -12.71
SD CME C 600 -36.10 41.88 -13.17
CE CME C 600 -36.36 40.14 -13.09
CZ CME C 600 -37.68 39.82 -12.38
OH CME C 600 -37.44 38.90 -11.31
C CME C 600 -34.45 43.19 -8.91
O CME C 600 -35.56 43.61 -8.54
N SER C 601 -33.55 42.69 -8.08
CA SER C 601 -33.78 42.62 -6.64
C SER C 601 -33.93 44.02 -6.02
N PHE C 602 -33.27 45.01 -6.61
CA PHE C 602 -33.46 46.41 -6.22
C PHE C 602 -34.89 46.84 -6.53
N LYS C 603 -35.28 46.66 -7.78
CA LYS C 603 -36.64 47.01 -8.21
C LYS C 603 -37.69 46.42 -7.28
N HIS C 604 -37.55 45.12 -6.98
CA HIS C 604 -38.47 44.43 -6.07
C HIS C 604 -38.61 45.17 -4.74
N HIS C 605 -37.48 45.53 -4.14
CA HIS C 605 -37.46 46.25 -2.88
C HIS C 605 -37.99 47.69 -3.02
N TYR C 606 -37.74 48.31 -4.15
CA TYR C 606 -38.24 49.66 -4.43
C TYR C 606 -39.78 49.66 -4.51
N ASP C 607 -40.32 48.74 -5.29
CA ASP C 607 -41.77 48.59 -5.42
C ASP C 607 -42.43 48.24 -4.08
N ALA C 608 -41.76 47.39 -3.31
CA ALA C 608 -42.25 46.96 -1.98
C ALA C 608 -42.01 48.02 -0.90
N ASN C 609 -41.13 48.98 -1.18
CA ASN C 609 -40.75 50.02 -0.22
C ASN C 609 -40.22 49.45 1.10
N THR C 610 -39.43 48.40 1.01
CA THR C 610 -38.89 47.74 2.21
C THR C 610 -38.09 48.74 3.05
N PRO C 611 -38.24 48.68 4.39
CA PRO C 611 -37.58 49.62 5.29
C PRO C 611 -36.07 49.69 5.08
N LEU C 612 -35.51 50.90 5.21
CA LEU C 612 -34.07 51.09 5.11
C LEU C 612 -33.30 50.30 6.18
N ALA C 613 -33.92 50.11 7.34
CA ALA C 613 -33.34 49.29 8.41
C ALA C 613 -32.84 47.93 7.89
N GLN C 614 -33.62 47.33 6.99
CA GLN C 614 -33.26 46.05 6.37
C GLN C 614 -32.30 46.21 5.19
N VAL C 615 -32.72 46.98 4.18
CA VAL C 615 -31.99 47.06 2.90
C VAL C 615 -30.70 47.89 2.96
N MET C 616 -30.68 48.92 3.81
CA MET C 616 -29.51 49.78 3.98
C MET C 616 -29.25 50.08 5.47
N PRO C 617 -28.83 49.05 6.23
CA PRO C 617 -28.70 49.20 7.68
C PRO C 617 -27.59 50.15 8.11
N GLU C 618 -26.44 50.05 7.43
CA GLU C 618 -25.29 50.91 7.70
C GLU C 618 -25.64 52.39 7.69
N LEU C 619 -26.60 52.77 6.85
CA LEU C 619 -27.02 54.16 6.71
C LEU C 619 -27.88 54.64 7.89
N VAL C 620 -28.84 53.81 8.30
CA VAL C 620 -29.78 54.16 9.38
C VAL C 620 -29.03 54.27 10.72
N GLN C 621 -28.10 53.34 10.94
CA GLN C 621 -27.24 53.37 12.12
C GLN C 621 -26.44 54.67 12.20
N ASP C 622 -25.93 55.12 11.06
CA ASP C 622 -25.13 56.35 10.99
C ASP C 622 -25.95 57.62 11.22
N TYR C 623 -27.07 57.74 10.51
CA TYR C 623 -27.90 58.94 10.55
C TYR C 623 -29.35 58.58 10.85
N PRO C 624 -29.62 58.13 12.09
CA PRO C 624 -30.95 57.71 12.50
C PRO C 624 -32.00 58.81 12.38
N ASP C 625 -31.65 60.02 12.79
CA ASP C 625 -32.59 61.16 12.75
C ASP C 625 -33.18 61.38 11.36
N THR C 626 -32.32 61.32 10.34
CA THR C 626 -32.73 61.62 8.96
C THR C 626 -33.55 60.49 8.32
N TYR C 627 -33.08 59.25 8.47
CA TYR C 627 -33.69 58.10 7.80
C TYR C 627 -34.49 57.20 8.75
N ALA C 628 -35.15 57.81 9.73
CA ALA C 628 -36.00 57.07 10.68
C ALA C 628 -37.31 56.66 10.03
N ASN C 629 -37.83 55.51 10.46
CA ASN C 629 -39.12 54.98 10.00
C ASN C 629 -39.40 55.20 8.51
N MET C 630 -38.36 55.03 7.69
CA MET C 630 -38.45 55.26 6.24
C MET C 630 -38.29 53.96 5.47
N GLY C 631 -38.72 54.00 4.21
CA GLY C 631 -38.49 52.90 3.26
C GLY C 631 -37.65 53.37 2.08
N ILE C 632 -37.17 52.41 1.29
CA ILE C 632 -36.31 52.71 0.14
C ILE C 632 -37.02 53.58 -0.91
N HIS C 633 -38.31 53.34 -1.11
CA HIS C 633 -39.12 54.13 -2.06
C HIS C 633 -39.30 55.56 -1.53
N ASP C 634 -39.59 55.67 -0.23
CA ASP C 634 -39.78 56.98 0.40
C ASP C 634 -38.57 57.88 0.16
N LEU C 635 -37.37 57.33 0.31
CA LEU C 635 -36.14 58.09 0.09
C LEU C 635 -36.00 58.48 -1.38
N GLY C 636 -36.29 57.52 -2.26
CA GLY C 636 -36.28 57.77 -3.71
C GLY C 636 -37.14 58.96 -4.10
N ASP C 637 -38.37 58.98 -3.59
CA ASP C 637 -39.30 60.09 -3.82
C ASP C 637 -38.76 61.41 -3.26
N LYS C 638 -38.20 61.36 -2.06
CA LYS C 638 -37.62 62.54 -1.41
C LYS C 638 -36.42 63.08 -2.20
N MET C 639 -35.60 62.17 -2.70
CA MET C 639 -34.47 62.54 -3.56
C MET C 639 -34.95 63.12 -4.88
N PHE C 640 -35.92 62.45 -5.50
CA PHE C 640 -36.48 62.92 -6.78
C PHE C 640 -37.21 64.26 -6.62
N ALA C 641 -37.81 64.48 -5.45
CA ALA C 641 -38.45 65.74 -5.12
C ALA C 641 -37.43 66.89 -5.09
N TRP C 642 -36.33 66.66 -4.38
CA TRP C 642 -35.22 67.62 -4.31
C TRP C 642 -34.70 67.95 -5.70
N LEU C 643 -34.58 66.94 -6.55
CA LEU C 643 -34.13 67.11 -7.94
C LEU C 643 -35.01 68.09 -8.72
N ARG C 644 -36.31 67.92 -8.60
CA ARG C 644 -37.28 68.80 -9.25
C ARG C 644 -37.15 70.24 -8.73
N GLU C 645 -37.08 70.39 -7.41
CA GLU C 645 -37.00 71.71 -6.76
C GLU C 645 -35.68 72.43 -7.03
N ASN C 646 -34.55 71.81 -6.67
CA ASN C 646 -33.23 72.45 -6.78
C ASN C 646 -32.71 72.52 -8.22
N ASN C 647 -33.16 71.60 -9.07
CA ASN C 647 -32.92 71.69 -10.52
C ASN C 647 -31.42 71.69 -10.89
N PRO C 648 -30.67 70.66 -10.47
CA PRO C 648 -29.21 70.68 -10.57
C PRO C 648 -28.66 70.45 -11.98
N GLY C 649 -29.40 69.71 -12.80
CA GLY C 649 -28.97 69.44 -14.18
C GLY C 649 -28.78 70.71 -14.99
N ALA C 650 -29.71 71.65 -14.81
CA ALA C 650 -29.65 72.95 -15.47
C ALA C 650 -28.51 73.81 -14.92
N ARG C 651 -28.33 73.76 -13.60
CA ARG C 651 -27.22 74.45 -12.92
C ARG C 651 -25.86 73.93 -13.36
N LEU C 652 -25.78 72.63 -13.62
CA LEU C 652 -24.56 72.01 -14.15
C LEU C 652 -24.21 72.63 -15.50
N ASN C 653 -25.17 72.57 -16.42
CA ASN C 653 -24.97 73.14 -17.76
C ASN C 653 -24.57 74.61 -17.72
N ALA C 654 -25.21 75.38 -16.84
CA ALA C 654 -24.84 76.79 -16.65
C ALA C 654 -23.36 76.96 -16.33
N ALA C 655 -22.86 76.12 -15.43
CA ALA C 655 -21.47 76.20 -14.97
C ALA C 655 -20.46 75.72 -16.01
N TYR C 656 -20.89 74.82 -16.90
CA TYR C 656 -20.00 74.22 -17.90
C TYR C 656 -20.19 74.74 -19.33
N SER C 657 -21.38 75.27 -19.63
CA SER C 657 -21.67 75.83 -20.97
C SER C 657 -20.73 76.98 -21.30
N THR C 658 -20.49 77.84 -20.32
CA THR C 658 -19.61 78.98 -20.47
C THR C 658 -18.45 78.85 -19.48
N LEU C 659 -17.23 78.92 -19.99
CA LEU C 659 -16.03 78.73 -19.17
C LEU C 659 -15.76 79.91 -18.24
N PRO C 660 -15.16 79.65 -17.07
CA PRO C 660 -14.78 80.76 -16.18
C PRO C 660 -13.63 81.55 -16.77
N VAL C 661 -13.50 82.80 -16.33
CA VAL C 661 -12.49 83.70 -16.88
C VAL C 661 -11.11 83.32 -16.35
N ALA C 662 -10.18 83.08 -17.26
CA ALA C 662 -8.81 82.69 -16.92
C ALA C 662 -7.98 83.93 -16.58
N GLU C 663 -7.78 84.19 -15.29
CA GLU C 663 -7.09 85.41 -14.85
C GLU C 663 -5.56 85.27 -14.92
N ILE C 664 -5.05 84.14 -14.42
CA ILE C 664 -3.61 83.82 -14.50
C ILE C 664 -3.39 82.38 -14.97
N THR C 665 -2.16 82.06 -15.33
CA THR C 665 -1.82 80.71 -15.81
C THR C 665 -1.86 79.72 -14.66
N PRO C 666 -2.13 78.43 -14.96
CA PRO C 666 -2.06 77.40 -13.92
C PRO C 666 -0.71 77.36 -13.20
N ARG C 667 0.37 77.62 -13.92
CA ARG C 667 1.70 77.67 -13.31
C ARG C 667 1.81 78.81 -12.31
N ASP C 668 1.39 80.00 -12.70
CA ASP C 668 1.36 81.16 -11.78
C ASP C 668 0.52 80.86 -10.54
N ALA C 669 -0.62 80.20 -10.76
CA ALA C 669 -1.52 79.83 -9.67
C ALA C 669 -0.87 78.82 -8.72
N TYR C 670 -0.19 77.83 -9.29
CA TYR C 670 0.54 76.86 -8.48
C TYR C 670 1.68 77.54 -7.70
N ASN C 671 2.38 78.46 -8.37
CA ASN C 671 3.47 79.20 -7.72
C ASN C 671 3.02 80.02 -6.52
N ALA C 672 1.75 80.42 -6.51
CA ALA C 672 1.14 81.06 -5.35
C ALA C 672 1.13 80.12 -4.15
N ILE C 673 0.94 78.82 -4.41
CA ILE C 673 0.99 77.79 -3.37
C ILE C 673 2.40 77.65 -2.79
N VAL C 674 3.40 77.70 -3.66
CA VAL C 674 4.80 77.59 -3.25
C VAL C 674 5.23 78.81 -2.43
N ASN C 675 4.83 80.00 -2.88
CA ASN C 675 5.13 81.26 -2.18
C ASN C 675 4.25 81.53 -0.97
N ASN C 676 3.21 80.71 -0.78
CA ASN C 676 2.30 80.79 0.36
C ASN C 676 1.35 81.98 0.27
N ASN C 677 1.01 82.38 -0.97
CA ASN C 677 -0.06 83.36 -1.20
C ASN C 677 -1.39 82.61 -1.31
N ILE C 678 -1.77 81.99 -0.20
CA ILE C 678 -2.80 80.96 -0.21
C ILE C 678 -3.76 81.15 0.94
N GLU C 679 -5.01 80.78 0.71
CA GLU C 679 -6.08 81.05 1.64
C GLU C 679 -7.20 80.06 1.39
N MET C 680 -7.69 79.42 2.45
CA MET C 680 -8.80 78.49 2.33
C MET C 680 -10.09 79.29 2.39
N VAL C 681 -10.72 79.49 1.24
CA VAL C 681 -11.91 80.33 1.10
C VAL C 681 -13.19 79.48 1.09
N ALA C 682 -14.15 79.88 1.91
CA ALA C 682 -15.43 79.19 2.00
C ALA C 682 -16.30 79.47 0.77
N ILE C 683 -17.24 78.55 0.51
CA ILE C 683 -18.10 78.60 -0.69
C ILE C 683 -18.76 79.96 -0.94
N GLU C 684 -19.27 80.59 0.11
CA GLU C 684 -20.01 81.87 -0.02
C GLU C 684 -19.14 83.05 -0.43
N ASN C 685 -17.84 82.98 -0.15
CA ASN C 685 -16.90 84.06 -0.43
C ASN C 685 -16.03 83.79 -1.65
N LEU C 686 -16.37 82.78 -2.44
CA LEU C 686 -15.61 82.43 -3.64
C LEU C 686 -15.70 83.45 -4.78
N PRO C 687 -16.86 84.12 -4.95
CA PRO C 687 -16.98 85.08 -6.06
C PRO C 687 -15.83 86.07 -6.14
N GLY C 688 -15.29 86.25 -7.34
CA GLY C 688 -14.18 87.19 -7.57
C GLY C 688 -12.80 86.68 -7.16
N ARG C 689 -12.71 85.43 -6.70
CA ARG C 689 -11.45 84.86 -6.23
C ARG C 689 -10.87 83.88 -7.25
N ILE C 690 -9.55 83.77 -7.24
CA ILE C 690 -8.82 82.90 -8.17
C ILE C 690 -8.53 81.56 -7.51
N ALA C 691 -8.82 80.47 -8.22
CA ALA C 691 -8.58 79.12 -7.73
C ALA C 691 -7.09 78.77 -7.79
N ALA C 692 -6.55 78.30 -6.68
CA ALA C 692 -5.15 77.89 -6.60
C ALA C 692 -4.95 76.50 -7.21
N ASN C 693 -5.93 75.63 -6.97
CA ASN C 693 -5.95 74.29 -7.57
C ASN C 693 -7.19 74.12 -8.44
N SER C 694 -7.18 73.09 -9.28
CA SER C 694 -8.35 72.77 -10.09
C SER C 694 -9.51 72.31 -9.22
N VAL C 695 -10.73 72.55 -9.71
CA VAL C 695 -11.94 72.10 -9.01
C VAL C 695 -12.75 71.21 -9.94
N ILE C 696 -12.89 69.94 -9.57
CA ILE C 696 -13.56 68.93 -10.39
C ILE C 696 -14.69 68.26 -9.60
N PRO C 697 -15.94 68.69 -9.81
CA PRO C 697 -17.09 68.05 -9.16
C PRO C 697 -17.58 66.83 -9.92
N TYR C 698 -18.11 65.86 -9.17
CA TYR C 698 -18.69 64.65 -9.76
C TYR C 698 -20.17 64.56 -9.40
N PRO C 699 -21.07 64.64 -10.38
CA PRO C 699 -20.84 64.84 -11.82
C PRO C 699 -20.49 66.29 -12.12
N PRO C 700 -20.02 66.57 -13.36
CA PRO C 700 -19.80 65.66 -14.49
C PRO C 700 -18.46 64.94 -14.48
N GLY C 701 -17.58 65.28 -13.54
CA GLY C 701 -16.28 64.61 -13.41
C GLY C 701 -15.23 65.12 -14.37
N ILE C 702 -15.42 66.34 -14.88
CA ILE C 702 -14.37 67.06 -15.60
C ILE C 702 -14.22 68.45 -14.98
N PRO C 703 -13.07 69.12 -15.20
CA PRO C 703 -12.82 70.35 -14.44
C PRO C 703 -13.82 71.47 -14.71
N MET C 704 -14.43 71.97 -13.64
CA MET C 704 -15.28 73.15 -13.71
C MET C 704 -14.35 74.37 -13.76
N LEU C 705 -13.39 74.40 -12.84
CA LEU C 705 -12.32 75.38 -12.84
C LEU C 705 -10.97 74.67 -12.88
N LEU C 706 -10.02 75.28 -13.58
CA LEU C 706 -8.61 74.90 -13.50
C LEU C 706 -7.87 75.94 -12.67
N SER C 707 -6.61 75.64 -12.37
CA SER C 707 -5.77 76.56 -11.62
C SER C 707 -5.64 77.89 -12.36
N GLY C 708 -5.81 78.97 -11.62
CA GLY C 708 -5.63 80.33 -12.15
C GLY C 708 -6.85 80.94 -12.79
N GLU C 709 -7.99 80.26 -12.69
CA GLU C 709 -9.25 80.77 -13.22
C GLU C 709 -10.09 81.38 -12.12
N ASN C 710 -10.95 82.32 -12.49
CA ASN C 710 -11.78 83.06 -11.54
C ASN C 710 -13.19 82.49 -11.41
N PHE C 711 -13.66 82.37 -10.16
CA PHE C 711 -14.99 81.82 -9.88
C PHE C 711 -16.11 82.71 -10.44
N GLY C 712 -15.83 84.02 -10.55
CA GLY C 712 -16.68 84.95 -11.28
C GLY C 712 -17.54 85.89 -10.45
N ASP C 713 -18.69 86.27 -11.01
CA ASP C 713 -19.63 87.23 -10.40
C ASP C 713 -20.21 86.75 -9.08
N GLU C 714 -20.90 87.65 -8.40
CA GLU C 714 -21.65 87.31 -7.18
C GLU C 714 -22.74 86.30 -7.53
N ASN C 715 -23.32 86.44 -8.72
CA ASN C 715 -24.30 85.51 -9.26
C ASN C 715 -23.66 84.57 -10.29
N SER C 716 -22.61 83.87 -9.85
CA SER C 716 -21.84 82.99 -10.73
C SER C 716 -22.46 81.59 -10.81
N PRO C 717 -22.49 81.00 -12.02
CA PRO C 717 -23.04 79.65 -12.20
C PRO C 717 -22.17 78.53 -11.63
N GLN C 718 -20.86 78.75 -11.60
CA GLN C 718 -19.90 77.79 -11.05
C GLN C 718 -20.05 77.67 -9.54
N VAL C 719 -20.04 78.81 -8.87
CA VAL C 719 -20.27 78.88 -7.43
C VAL C 719 -21.70 78.39 -7.16
N GLY C 720 -22.60 78.71 -8.07
CA GLY C 720 -23.99 78.23 -8.00
C GLY C 720 -24.07 76.72 -7.96
N TYR C 721 -23.42 76.06 -8.92
CA TYR C 721 -23.46 74.61 -9.01
C TYR C 721 -22.89 73.94 -7.76
N LEU C 722 -21.84 74.54 -7.21
CA LEU C 722 -21.26 74.09 -5.93
C LEU C 722 -22.24 74.20 -4.77
N ARG C 723 -23.02 75.28 -4.73
CA ARG C 723 -24.02 75.48 -3.68
C ARG C 723 -25.08 74.37 -3.69
N SER C 724 -25.52 74.00 -4.89
CA SER C 724 -26.53 72.95 -5.04
C SER C 724 -25.97 71.59 -4.63
N LEU C 725 -24.73 71.33 -5.03
CA LEU C 725 -24.02 70.11 -4.62
C LEU C 725 -23.94 70.01 -3.10
N GLN C 726 -23.62 71.13 -2.46
CA GLN C 726 -23.59 71.20 -1.00
C GLN C 726 -24.97 71.00 -0.40
N SER C 727 -25.98 71.63 -1.01
CA SER C 727 -27.36 71.48 -0.56
C SER C 727 -27.80 70.02 -0.58
N TRP C 728 -27.41 69.29 -1.63
CA TRP C 728 -27.68 67.86 -1.72
C TRP C 728 -27.03 67.10 -0.56
N ASP C 729 -25.75 67.40 -0.30
CA ASP C 729 -25.01 66.74 0.77
C ASP C 729 -25.70 66.88 2.13
N HIS C 730 -26.16 68.10 2.43
CA HIS C 730 -26.86 68.39 3.70
C HIS C 730 -28.18 67.64 3.80
N HIS C 731 -28.95 67.64 2.71
CA HIS C 731 -30.26 67.00 2.68
C HIS C 731 -30.18 65.47 2.75
N PHE C 732 -29.14 64.90 2.15
CA PHE C 732 -29.00 63.44 2.07
C PHE C 732 -27.62 62.98 2.56
N PRO C 733 -27.44 62.87 3.89
CA PRO C 733 -26.20 62.34 4.45
C PRO C 733 -25.96 60.89 4.04
N GLY C 734 -24.69 60.54 3.85
CA GLY C 734 -24.30 59.22 3.33
C GLY C 734 -24.31 59.12 1.81
N PHE C 735 -24.84 60.15 1.13
CA PHE C 735 -24.87 60.20 -0.33
C PHE C 735 -24.13 61.45 -0.84
N GLU C 736 -23.06 61.83 -0.14
CA GLU C 736 -22.35 63.07 -0.44
C GLU C 736 -21.62 62.98 -1.77
N HIS C 737 -21.56 64.10 -2.50
CA HIS C 737 -20.82 64.17 -3.75
C HIS C 737 -19.32 64.24 -3.52
N GLU C 738 -18.56 63.51 -4.34
CA GLU C 738 -17.11 63.62 -4.35
C GLU C 738 -16.70 64.81 -5.22
N THR C 739 -15.84 65.67 -4.69
CA THR C 739 -15.36 66.85 -5.42
C THR C 739 -13.87 67.06 -5.17
N GLU C 740 -13.06 66.85 -6.20
CA GLU C 740 -11.62 67.10 -6.13
C GLU C 740 -11.35 68.60 -6.15
N GLY C 741 -10.34 69.03 -5.38
CA GLY C 741 -10.00 70.45 -5.25
C GLY C 741 -10.80 71.15 -4.17
N THR C 742 -11.55 70.38 -3.39
CA THR C 742 -12.44 70.90 -2.37
C THR C 742 -12.16 70.21 -1.04
N GLU C 743 -11.99 71.02 0.01
CA GLU C 743 -11.88 70.51 1.38
C GLU C 743 -13.12 70.96 2.15
N ILE C 744 -13.80 70.00 2.78
CA ILE C 744 -15.01 70.30 3.56
C ILE C 744 -14.62 70.57 5.03
N ILE C 745 -14.69 71.84 5.42
CA ILE C 745 -14.28 72.29 6.76
C ILE C 745 -15.48 72.77 7.58
N ASP C 746 -15.66 72.20 8.76
CA ASP C 746 -16.78 72.52 9.65
C ASP C 746 -18.12 72.31 8.93
N GLY C 747 -18.21 71.23 8.16
CA GLY C 747 -19.41 70.93 7.37
C GLY C 747 -19.66 71.85 6.17
N VAL C 748 -18.69 72.70 5.85
CA VAL C 748 -18.83 73.69 4.78
C VAL C 748 -17.79 73.45 3.68
N TYR C 749 -18.17 73.73 2.45
CA TYR C 749 -17.30 73.60 1.28
C TYR C 749 -16.25 74.73 1.28
N HIS C 750 -14.97 74.37 1.26
CA HIS C 750 -13.89 75.34 1.08
C HIS C 750 -13.04 75.00 -0.13
N VAL C 751 -12.43 76.03 -0.73
CA VAL C 751 -11.49 75.86 -1.84
C VAL C 751 -10.26 76.75 -1.65
N MET C 752 -9.10 76.17 -1.88
CA MET C 752 -7.84 76.91 -1.76
C MET C 752 -7.74 77.97 -2.86
N CYS C 753 -7.58 79.23 -2.45
CA CYS C 753 -7.53 80.35 -3.38
C CYS C 753 -6.28 81.20 -3.21
N VAL C 754 -6.01 82.01 -4.24
CA VAL C 754 -4.91 82.97 -4.22
C VAL C 754 -5.27 84.14 -3.29
N LYS C 755 -4.25 84.76 -2.69
CA LYS C 755 -4.45 85.95 -1.87
C LYS C 755 -4.37 87.20 -2.72
N ALA C 756 -5.47 87.95 -2.80
CA ALA C 756 -5.57 89.11 -3.68
C ALA C 756 -4.45 90.16 -3.51
N MET D 1 -18.45 22.94 5.43
CA MET D 1 -17.92 22.72 4.05
C MET D 1 -19.04 22.82 3.03
N MET D 2 -18.72 23.38 1.87
CA MET D 2 -19.73 23.72 0.87
C MET D 2 -20.11 22.56 -0.05
N LYS D 3 -21.35 22.59 -0.53
CA LYS D 3 -21.96 21.46 -1.25
C LYS D 3 -22.78 21.92 -2.46
N VAL D 4 -22.48 21.35 -3.63
CA VAL D 4 -23.12 21.71 -4.90
C VAL D 4 -23.82 20.50 -5.52
N LEU D 5 -25.07 20.69 -5.94
CA LEU D 5 -25.80 19.67 -6.70
C LEU D 5 -25.79 20.05 -8.19
N ILE D 6 -25.19 19.21 -9.01
CA ILE D 6 -25.21 19.40 -10.45
C ILE D 6 -26.18 18.40 -11.08
N VAL D 7 -27.15 18.91 -11.82
CA VAL D 7 -28.15 18.08 -12.48
C VAL D 7 -27.92 18.11 -14.00
N GLU D 8 -27.39 17.02 -14.53
CA GLU D 8 -27.24 16.87 -15.98
C GLU D 8 -28.57 16.50 -16.62
N SER D 9 -29.08 17.36 -17.49
CA SER D 9 -30.36 17.15 -18.15
C SER D 9 -30.36 15.88 -18.98
N GLU D 10 -31.50 15.18 -18.95
CA GLU D 10 -31.67 13.91 -19.66
C GLU D 10 -31.69 14.16 -21.16
N PHE D 11 -32.07 15.38 -21.54
CA PHE D 11 -32.27 15.76 -22.93
C PHE D 11 -30.96 16.10 -23.65
N LEU D 12 -29.86 16.18 -22.90
CA LEU D 12 -28.54 16.50 -23.46
C LEU D 12 -27.49 15.39 -23.29
N HIS D 13 -27.88 14.22 -22.79
CA HIS D 13 -26.98 13.06 -22.75
C HIS D 13 -26.59 12.65 -24.16
N GLN D 14 -27.54 12.79 -25.08
CA GLN D 14 -27.30 12.60 -26.52
C GLN D 14 -26.00 13.29 -26.96
N ASP D 15 -25.79 14.52 -26.46
CA ASP D 15 -24.60 15.31 -26.75
C ASP D 15 -23.53 15.09 -25.67
N THR D 16 -22.61 14.18 -25.94
CA THR D 16 -21.64 13.69 -24.94
C THR D 16 -20.63 14.74 -24.46
N TRP D 17 -20.35 15.73 -25.31
CA TRP D 17 -19.40 16.81 -25.00
C TRP D 17 -19.90 17.76 -23.90
N VAL D 18 -21.21 17.80 -23.69
CA VAL D 18 -21.80 18.57 -22.59
C VAL D 18 -21.41 17.91 -21.28
N GLY D 19 -21.66 16.61 -21.17
CA GLY D 19 -21.27 15.82 -20.00
C GLY D 19 -19.79 15.93 -19.66
N ASN D 20 -18.95 15.97 -20.68
CA ASN D 20 -17.51 16.22 -20.51
C ASN D 20 -17.24 17.58 -19.89
N ALA D 21 -17.90 18.62 -20.41
CA ALA D 21 -17.73 19.97 -19.90
C ALA D 21 -18.18 20.06 -18.45
N VAL D 22 -19.29 19.39 -18.13
CA VAL D 22 -19.79 19.33 -16.76
C VAL D 22 -18.77 18.64 -15.85
N GLU D 23 -18.15 17.59 -16.36
CA GLU D 23 -17.11 16.88 -15.62
C GLU D 23 -15.91 17.77 -15.34
N ARG D 24 -15.50 18.55 -16.33
CA ARG D 24 -14.42 19.53 -16.17
C ARG D 24 -14.76 20.55 -15.06
N LEU D 25 -16.03 20.94 -15.00
CA LEU D 25 -16.52 21.86 -13.99
C LEU D 25 -16.53 21.21 -12.61
N ALA D 26 -17.15 20.04 -12.52
CA ALA D 26 -17.18 19.26 -11.27
C ALA D 26 -15.78 19.11 -10.68
N ASP D 27 -14.81 18.89 -11.56
CA ASP D 27 -13.40 18.79 -11.18
C ASP D 27 -12.88 20.11 -10.60
N ALA D 28 -13.16 21.21 -11.28
CA ALA D 28 -12.74 22.54 -10.84
C ALA D 28 -13.29 22.92 -9.47
N LEU D 29 -14.53 22.51 -9.20
CA LEU D 29 -15.16 22.73 -7.89
C LEU D 29 -14.50 21.89 -6.80
N SER D 30 -14.29 20.61 -7.09
CA SER D 30 -13.59 19.70 -6.16
C SER D 30 -12.21 20.21 -5.79
N GLN D 31 -11.52 20.81 -6.75
CA GLN D 31 -10.19 21.42 -6.52
C GLN D 31 -10.23 22.65 -5.59
N GLN D 32 -11.40 23.28 -5.47
CA GLN D 32 -11.60 24.38 -4.52
C GLN D 32 -12.27 23.92 -3.23
N ASN D 33 -12.08 22.65 -2.88
CA ASN D 33 -12.61 22.06 -1.65
C ASN D 33 -14.14 22.18 -1.54
N VAL D 34 -14.82 21.82 -2.62
CA VAL D 34 -16.28 21.86 -2.69
C VAL D 34 -16.81 20.46 -2.97
N THR D 35 -17.73 19.98 -2.13
CA THR D 35 -18.36 18.68 -2.33
C THR D 35 -19.35 18.79 -3.48
N VAL D 36 -19.17 17.95 -4.49
CA VAL D 36 -20.04 17.93 -5.66
C VAL D 36 -20.91 16.67 -5.64
N ILE D 37 -22.21 16.87 -5.83
CA ILE D 37 -23.15 15.76 -5.99
C ILE D 37 -23.62 15.78 -7.43
N LYS D 38 -23.18 14.80 -8.22
CA LYS D 38 -23.64 14.68 -9.60
C LYS D 38 -24.96 13.91 -9.67
N SER D 39 -25.83 14.36 -10.58
CA SER D 39 -27.14 13.76 -10.79
C SER D 39 -27.42 13.74 -12.30
N THR D 40 -27.99 12.63 -12.77
CA THR D 40 -28.12 12.39 -14.21
C THR D 40 -29.55 12.51 -14.75
N SER D 41 -30.49 12.92 -13.92
CA SER D 41 -31.84 13.20 -14.39
C SER D 41 -32.53 14.22 -13.50
N PHE D 42 -33.44 14.99 -14.08
CA PHE D 42 -34.28 15.89 -13.31
C PHE D 42 -35.07 15.13 -12.26
N ASP D 43 -35.47 13.90 -12.59
CA ASP D 43 -36.17 13.02 -11.64
C ASP D 43 -35.30 12.69 -10.42
N ASP D 44 -34.03 12.35 -10.68
CA ASP D 44 -33.08 12.03 -9.62
C ASP D 44 -32.79 13.27 -8.76
N GLY D 45 -32.52 14.39 -9.43
CA GLY D 45 -32.27 15.66 -8.75
C GLY D 45 -33.46 16.10 -7.92
N TYR D 46 -34.66 15.94 -8.49
CA TYR D 46 -35.90 16.23 -7.78
C TYR D 46 -36.02 15.37 -6.52
N ALA D 47 -35.64 14.10 -6.65
CA ALA D 47 -35.70 13.13 -5.53
C ALA D 47 -34.68 13.43 -4.43
N ILE D 48 -33.50 13.90 -4.82
CA ILE D 48 -32.46 14.29 -3.85
C ILE D 48 -32.92 15.49 -3.03
N LEU D 49 -33.48 16.48 -3.71
CA LEU D 49 -34.05 17.66 -3.06
C LEU D 49 -35.30 17.29 -2.26
N SER D 50 -36.08 16.34 -2.79
CA SER D 50 -37.29 15.86 -2.11
C SER D 50 -36.95 15.23 -0.76
N ALA D 51 -35.78 14.61 -0.68
CA ALA D 51 -35.27 14.11 0.60
C ALA D 51 -35.08 15.25 1.62
N ASN D 52 -33.88 15.86 1.65
CA ASN D 52 -33.62 17.09 2.45
C ASN D 52 -32.12 17.37 2.39
N GLU D 53 -31.51 16.88 1.30
CA GLU D 53 -30.09 17.08 1.06
C GLU D 53 -29.82 18.56 0.98
N ALA D 54 -29.20 19.07 2.04
CA ALA D 54 -28.90 20.48 2.15
C ALA D 54 -27.73 20.84 1.21
N ILE D 55 -28.05 21.60 0.17
CA ILE D 55 -27.06 22.14 -0.75
C ILE D 55 -26.95 23.66 -0.66
N ASP D 56 -25.81 24.18 -1.09
CA ASP D 56 -25.55 25.62 -1.10
C ASP D 56 -25.61 26.22 -2.49
N CYS D 57 -25.76 25.38 -3.51
CA CYS D 57 -25.88 25.85 -4.89
C CYS D 57 -26.40 24.74 -5.81
N LEU D 58 -27.35 25.09 -6.67
CA LEU D 58 -27.87 24.17 -7.68
C LEU D 58 -27.39 24.58 -9.07
N MET D 59 -26.81 23.63 -9.80
CA MET D 59 -26.46 23.83 -11.20
C MET D 59 -27.17 22.79 -12.04
N PHE D 60 -27.58 23.17 -13.24
CA PHE D 60 -28.25 22.26 -14.15
C PHE D 60 -28.01 22.61 -15.62
N SER D 61 -27.90 21.59 -16.46
CA SER D 61 -27.89 21.77 -17.92
C SER D 61 -29.32 21.82 -18.45
N TYR D 62 -29.49 22.36 -19.65
CA TYR D 62 -30.81 22.75 -20.14
C TYR D 62 -30.81 22.98 -21.65
N GLN D 63 -31.46 22.05 -22.37
CA GLN D 63 -31.55 22.09 -23.84
C GLN D 63 -32.49 23.19 -24.34
N MET D 64 -33.59 23.39 -23.62
CA MET D 64 -34.57 24.45 -23.91
C MET D 64 -35.31 24.25 -25.22
N GLU D 65 -35.64 23.01 -25.54
CA GLU D 65 -36.40 22.72 -26.76
C GLU D 65 -37.71 22.00 -26.41
N GLN D 66 -37.60 20.85 -25.77
CA GLN D 66 -38.78 20.08 -25.39
C GLN D 66 -39.54 20.78 -24.24
N PRO D 67 -40.89 20.81 -24.32
CA PRO D 67 -41.63 21.41 -23.21
C PRO D 67 -41.66 20.52 -21.97
N ASP D 68 -41.41 19.21 -22.15
CA ASP D 68 -41.33 18.28 -21.03
C ASP D 68 -40.18 18.67 -20.12
N GLU D 69 -39.11 19.16 -20.75
CA GLU D 69 -37.94 19.65 -20.02
C GLU D 69 -38.26 20.96 -19.31
N HIS D 70 -38.81 21.92 -20.06
CA HIS D 70 -39.18 23.23 -19.50
C HIS D 70 -39.91 23.07 -18.18
N LEU D 71 -40.87 22.15 -18.15
CA LEU D 71 -41.63 21.82 -16.94
C LEU D 71 -40.73 21.19 -15.89
N SER D 72 -39.98 20.16 -16.29
CA SER D 72 -39.07 19.47 -15.37
C SER D 72 -38.12 20.43 -14.64
N VAL D 73 -37.70 21.48 -15.34
CA VAL D 73 -36.87 22.54 -14.76
C VAL D 73 -37.68 23.34 -13.72
N ARG D 74 -38.89 23.75 -14.09
CA ARG D 74 -39.77 24.47 -13.17
C ARG D 74 -40.05 23.68 -11.89
N GLN D 75 -40.25 22.37 -12.06
CA GLN D 75 -40.50 21.49 -10.93
C GLN D 75 -39.28 21.40 -10.01
N LEU D 76 -38.11 21.17 -10.60
CA LEU D 76 -36.87 21.02 -9.86
C LEU D 76 -36.55 22.25 -9.03
N ILE D 77 -36.55 23.41 -9.68
CA ILE D 77 -36.22 24.68 -9.03
C ILE D 77 -37.29 25.06 -8.02
N GLY D 78 -38.56 24.85 -8.38
CA GLY D 78 -39.66 25.05 -7.45
C GLY D 78 -39.47 24.22 -6.20
N LYS D 79 -39.05 22.97 -6.38
CA LYS D 79 -38.82 22.06 -5.27
C LYS D 79 -37.71 22.55 -4.36
N LEU D 80 -36.61 22.99 -4.96
CA LEU D 80 -35.48 23.54 -4.21
C LEU D 80 -35.95 24.63 -3.26
N HIS D 81 -36.67 25.61 -3.80
CA HIS D 81 -37.05 26.80 -3.05
C HIS D 81 -38.18 26.62 -2.02
N GLU D 82 -38.79 25.43 -1.98
CA GLU D 82 -39.77 25.10 -0.94
C GLU D 82 -39.16 25.28 0.44
N ARG D 83 -37.98 24.68 0.65
CA ARG D 83 -37.29 24.73 1.94
C ARG D 83 -35.90 25.33 1.88
N GLN D 84 -35.29 25.33 0.70
CA GLN D 84 -33.97 25.90 0.48
C GLN D 84 -34.13 27.19 -0.31
N GLN D 85 -34.84 28.13 0.30
CA GLN D 85 -35.48 29.24 -0.40
C GLN D 85 -34.59 30.15 -1.23
N ASN D 86 -33.37 30.41 -0.75
CA ASN D 86 -32.47 31.36 -1.44
C ASN D 86 -31.20 30.75 -2.02
N VAL D 87 -31.21 29.44 -2.21
CA VAL D 87 -30.07 28.76 -2.80
C VAL D 87 -29.88 29.29 -4.22
N PRO D 88 -28.64 29.71 -4.57
CA PRO D 88 -28.40 30.26 -5.91
C PRO D 88 -28.49 29.18 -6.98
N VAL D 89 -29.24 29.47 -8.03
CA VAL D 89 -29.44 28.53 -9.14
C VAL D 89 -28.62 28.95 -10.37
N PHE D 90 -27.65 28.11 -10.74
CA PHE D 90 -26.83 28.33 -11.94
C PHE D 90 -27.38 27.58 -13.13
N LEU D 91 -27.58 28.28 -14.24
CA LEU D 91 -27.94 27.65 -15.51
C LEU D 91 -26.70 27.32 -16.31
N LEU D 92 -26.43 26.03 -16.49
CA LEU D 92 -25.37 25.57 -17.37
C LEU D 92 -25.93 25.41 -18.78
N GLY D 93 -25.97 26.50 -19.53
CA GLY D 93 -26.74 26.54 -20.78
C GLY D 93 -26.00 26.97 -22.02
N ASP D 94 -26.77 27.08 -23.10
CA ASP D 94 -26.30 27.62 -24.38
C ASP D 94 -26.56 29.11 -24.40
N ARG D 95 -25.53 29.89 -24.76
CA ARG D 95 -25.62 31.34 -24.75
C ARG D 95 -26.78 31.83 -25.61
N GLU D 96 -26.83 31.36 -26.86
CA GLU D 96 -27.81 31.86 -27.83
C GLU D 96 -29.26 31.55 -27.42
N LYS D 97 -29.53 30.31 -27.02
CA LYS D 97 -30.89 29.90 -26.63
C LYS D 97 -31.38 30.58 -25.34
N ALA D 98 -30.53 30.60 -24.33
CA ALA D 98 -30.86 31.25 -23.05
C ALA D 98 -31.16 32.74 -23.24
N THR D 99 -30.25 33.40 -23.94
CA THR D 99 -30.40 34.80 -24.33
C THR D 99 -31.77 35.10 -24.94
N ALA D 100 -32.17 34.29 -25.90
CA ALA D 100 -33.45 34.47 -26.60
C ALA D 100 -34.66 34.21 -25.71
N SER D 101 -34.54 33.24 -24.80
CA SER D 101 -35.62 32.90 -23.86
C SER D 101 -35.79 33.96 -22.76
N LEU D 102 -34.72 34.69 -22.47
CA LEU D 102 -34.67 35.57 -21.30
C LEU D 102 -35.90 36.46 -21.11
N ASP D 103 -36.65 36.18 -20.05
CA ASP D 103 -37.77 37.00 -19.62
C ASP D 103 -37.84 37.02 -18.09
N ARG D 104 -38.82 37.72 -17.53
CA ARG D 104 -39.00 37.78 -16.07
C ARG D 104 -39.15 36.41 -15.43
N ASP D 105 -39.91 35.53 -16.08
CA ASP D 105 -40.15 34.18 -15.57
C ASP D 105 -38.86 33.40 -15.36
N LEU D 106 -37.98 33.44 -16.36
CA LEU D 106 -36.69 32.73 -16.29
C LEU D 106 -35.79 33.24 -15.17
N LEU D 107 -35.79 34.56 -14.99
CA LEU D 107 -34.94 35.22 -13.97
C LEU D 107 -35.41 35.01 -12.53
N GLU D 108 -36.67 34.65 -12.34
CA GLU D 108 -37.15 34.22 -11.02
C GLU D 108 -36.62 32.82 -10.69
N LEU D 109 -36.56 31.96 -11.71
CA LEU D 109 -35.98 30.62 -11.57
C LEU D 109 -34.47 30.69 -11.43
N VAL D 110 -33.82 31.14 -12.50
CA VAL D 110 -32.37 31.16 -12.58
C VAL D 110 -31.81 32.44 -11.96
N ASP D 111 -30.86 32.28 -11.04
CA ASP D 111 -30.19 33.41 -10.41
C ASP D 111 -28.95 33.83 -11.20
N GLU D 112 -28.29 32.86 -11.84
CA GLU D 112 -27.03 33.15 -12.54
C GLU D 112 -26.77 32.25 -13.75
N PHE D 113 -26.12 32.83 -14.76
CA PHE D 113 -25.89 32.16 -16.05
C PHE D 113 -24.43 31.77 -16.26
N ALA D 114 -24.20 30.52 -16.64
CA ALA D 114 -22.87 30.03 -16.94
C ALA D 114 -22.92 29.25 -18.25
N TRP D 115 -22.21 29.73 -19.26
CA TRP D 115 -22.30 29.12 -20.59
C TRP D 115 -21.17 28.11 -20.77
N ILE D 116 -21.54 26.86 -20.58
CA ILE D 116 -20.59 25.80 -20.21
C ILE D 116 -19.70 25.31 -21.34
N LEU D 117 -20.16 25.44 -22.58
CA LEU D 117 -19.37 25.03 -23.75
C LEU D 117 -18.52 26.19 -24.29
N GLU D 118 -18.38 27.26 -23.51
CA GLU D 118 -17.84 28.52 -24.01
C GLU D 118 -17.04 29.33 -22.96
N ASP D 119 -16.83 28.74 -21.77
CA ASP D 119 -16.28 29.45 -20.62
C ASP D 119 -15.34 28.53 -19.86
N THR D 120 -14.35 29.12 -19.20
CA THR D 120 -13.38 28.35 -18.41
C THR D 120 -14.07 27.77 -17.17
N ALA D 121 -13.81 26.50 -16.89
CA ALA D 121 -14.43 25.80 -15.77
C ALA D 121 -14.12 26.48 -14.44
N ASP D 122 -12.86 26.87 -14.28
CA ASP D 122 -12.40 27.54 -13.06
C ASP D 122 -13.12 28.86 -12.79
N PHE D 123 -13.49 29.58 -13.85
CA PHE D 123 -14.24 30.84 -13.69
C PHE D 123 -15.63 30.59 -13.13
N ILE D 124 -16.32 29.60 -13.69
CA ILE D 124 -17.66 29.26 -13.22
C ILE D 124 -17.58 28.78 -11.76
N ALA D 125 -16.63 27.88 -11.50
CA ALA D 125 -16.39 27.39 -10.16
C ALA D 125 -16.26 28.54 -9.18
N GLY D 126 -15.41 29.51 -9.53
CA GLY D 126 -15.20 30.69 -8.70
C GLY D 126 -16.47 31.46 -8.44
N ARG D 127 -17.26 31.68 -9.48
CA ARG D 127 -18.53 32.39 -9.36
C ARG D 127 -19.50 31.66 -8.45
N ALA D 128 -19.47 30.33 -8.50
CA ALA D 128 -20.30 29.50 -7.64
C ALA D 128 -19.90 29.64 -6.18
N VAL D 129 -18.61 29.46 -5.90
CA VAL D 129 -18.08 29.61 -4.55
C VAL D 129 -18.45 30.98 -3.96
N ALA D 130 -18.37 32.02 -4.78
CA ALA D 130 -18.76 33.38 -4.39
C ALA D 130 -20.25 33.44 -4.04
N ALA D 131 -21.08 32.89 -4.92
CA ALA D 131 -22.53 32.87 -4.72
C ALA D 131 -22.93 32.05 -3.50
N MET D 132 -22.23 30.96 -3.26
CA MET D 132 -22.46 30.10 -2.09
C MET D 132 -22.07 30.80 -0.79
N THR D 133 -21.04 31.62 -0.86
CA THR D 133 -20.58 32.40 0.29
C THR D 133 -21.61 33.46 0.70
N ARG D 134 -22.18 34.18 -0.28
CA ARG D 134 -23.23 35.17 0.03
C ARG D 134 -24.49 34.49 0.56
N TYR D 135 -24.81 33.33 0.00
CA TYR D 135 -25.93 32.53 0.48
C TYR D 135 -25.75 32.16 1.95
N ARG D 136 -24.55 31.71 2.29
CA ARG D 136 -24.24 31.31 3.66
C ARG D 136 -24.33 32.49 4.63
N GLN D 137 -23.76 33.63 4.25
CA GLN D 137 -23.83 34.83 5.07
C GLN D 137 -25.26 35.34 5.31
N GLN D 138 -26.14 35.09 4.35
CA GLN D 138 -27.55 35.51 4.40
C GLN D 138 -28.46 34.49 5.12
N LEU D 139 -27.96 33.27 5.34
CA LEU D 139 -28.79 32.13 5.73
C LEU D 139 -29.38 32.20 7.14
N LEU D 140 -28.50 32.25 8.13
CA LEU D 140 -28.91 32.07 9.53
C LEU D 140 -29.67 33.27 10.09
N PRO D 141 -30.65 33.02 10.99
CA PRO D 141 -31.38 34.11 11.64
C PRO D 141 -30.54 34.86 12.67
N PRO D 142 -30.95 36.09 13.04
CA PRO D 142 -30.12 37.06 13.76
C PRO D 142 -29.35 36.53 14.97
N LEU D 143 -30.05 35.91 15.92
CA LEU D 143 -29.42 35.48 17.16
C LEU D 143 -28.46 34.33 16.97
N PHE D 144 -28.95 33.25 16.39
CA PHE D 144 -28.11 32.07 16.18
C PHE D 144 -26.90 32.41 15.30
N ASN D 145 -27.09 33.29 14.33
CA ASN D 145 -25.98 33.76 13.50
C ASN D 145 -24.92 34.50 14.32
N ALA D 146 -25.37 35.40 15.20
CA ALA D 146 -24.46 36.13 16.10
C ALA D 146 -23.67 35.17 16.97
N LEU D 147 -24.36 34.18 17.55
CA LEU D 147 -23.72 33.15 18.39
C LEU D 147 -22.64 32.35 17.64
N MET D 148 -22.59 32.47 16.31
CA MET D 148 -21.51 31.90 15.50
C MET D 148 -20.42 32.95 15.22
N LYS D 149 -19.68 33.33 16.27
CA LYS D 149 -18.53 34.23 16.14
C LYS D 149 -17.69 34.21 17.43
N GLN D 164 -16.37 26.90 32.71
CA GLN D 164 -16.04 28.02 31.82
C GLN D 164 -15.67 27.52 30.42
N GLY D 165 -16.67 27.44 29.56
CA GLY D 165 -16.52 26.89 28.20
C GLY D 165 -16.70 25.38 28.20
N GLY D 166 -17.28 24.84 29.27
CA GLY D 166 -17.43 23.41 29.46
C GLY D 166 -16.19 22.73 30.02
N VAL D 167 -15.21 23.52 30.44
CA VAL D 167 -13.92 23.01 30.89
C VAL D 167 -14.00 22.37 32.26
N GLY D 168 -14.73 23.01 33.17
CA GLY D 168 -14.88 22.52 34.53
C GLY D 168 -15.33 21.07 34.60
N PHE D 169 -16.20 20.69 33.68
CA PHE D 169 -16.75 19.33 33.63
C PHE D 169 -15.71 18.26 33.34
N THR D 170 -14.69 18.61 32.58
CA THR D 170 -13.69 17.63 32.12
C THR D 170 -12.78 17.11 33.23
N LYS D 171 -12.83 17.75 34.40
CA LYS D 171 -11.91 17.45 35.50
C LYS D 171 -12.31 16.22 36.32
N THR D 172 -13.55 15.77 36.16
CA THR D 172 -14.06 14.56 36.80
C THR D 172 -14.46 13.58 35.69
N PRO D 173 -14.30 12.26 35.93
CA PRO D 173 -14.70 11.29 34.89
C PRO D 173 -16.18 11.33 34.53
N SER D 174 -17.05 11.33 35.53
CA SER D 174 -18.50 11.45 35.32
C SER D 174 -18.86 12.75 34.61
N GLY D 175 -18.12 13.82 34.89
CA GLY D 175 -18.30 15.10 34.21
C GLY D 175 -17.80 15.08 32.77
N ARG D 176 -16.67 14.40 32.56
CA ARG D 176 -16.10 14.20 31.22
C ARG D 176 -17.06 13.46 30.29
N PHE D 177 -17.69 12.42 30.83
CA PHE D 177 -18.65 11.62 30.08
C PHE D 177 -19.86 12.47 29.68
N TYR D 178 -20.38 13.21 30.66
CA TYR D 178 -21.46 14.17 30.44
C TYR D 178 -21.09 15.20 29.37
N HIS D 179 -19.88 15.75 29.49
CA HIS D 179 -19.39 16.78 28.57
C HIS D 179 -19.32 16.27 27.14
N ASP D 180 -18.73 15.09 26.97
CA ASP D 180 -18.61 14.47 25.65
C ASP D 180 -19.95 14.06 25.07
N TYR D 181 -20.89 13.65 25.92
CA TYR D 181 -22.22 13.22 25.47
C TYR D 181 -23.01 14.38 24.87
N TYR D 182 -23.10 15.49 25.61
CA TYR D 182 -23.86 16.66 25.16
C TYR D 182 -23.07 17.57 24.22
N GLY D 183 -21.74 17.45 24.24
CA GLY D 183 -20.90 18.18 23.29
C GLY D 183 -20.46 19.53 23.83
N GLU D 184 -19.29 19.96 23.40
CA GLU D 184 -18.66 21.18 23.95
C GLU D 184 -19.38 22.48 23.59
N ASN D 185 -20.03 22.52 22.42
CA ASN D 185 -20.72 23.73 21.97
C ASN D 185 -21.89 24.18 22.87
N LEU D 186 -22.54 23.22 23.51
CA LEU D 186 -23.66 23.51 24.40
C LEU D 186 -23.23 24.40 25.55
N PHE D 187 -22.02 24.17 26.06
CA PHE D 187 -21.46 24.94 27.18
C PHE D 187 -20.84 26.22 26.66
N ARG D 188 -20.10 26.05 25.55
CA ARG D 188 -19.57 27.13 24.75
C ARG D 188 -20.60 28.24 24.46
N SER D 189 -21.88 27.89 24.54
CA SER D 189 -22.97 28.85 24.54
C SER D 189 -23.42 29.22 25.97
N ASP D 190 -22.61 30.02 26.65
CA ASP D 190 -22.97 30.55 27.98
C ASP D 190 -22.33 31.92 28.25
N THR D 197 -21.51 43.15 22.96
CA THR D 197 -21.61 43.22 21.50
C THR D 197 -22.83 42.48 20.95
N LEU D 198 -23.17 41.35 21.58
CA LEU D 198 -24.26 40.46 21.16
C LEU D 198 -25.62 40.84 21.75
N GLY D 199 -25.60 41.49 22.92
CA GLY D 199 -26.83 41.96 23.57
C GLY D 199 -27.33 41.02 24.65
N SER D 200 -28.28 41.51 25.44
CA SER D 200 -28.87 40.77 26.56
C SER D 200 -30.34 40.45 26.32
N LEU D 201 -30.78 39.28 26.78
CA LEU D 201 -32.16 38.84 26.57
C LEU D 201 -33.13 39.72 27.33
N LEU D 202 -32.89 39.83 28.64
CA LEU D 202 -33.79 40.58 29.52
C LEU D 202 -33.86 42.06 29.17
N ASP D 203 -32.76 42.60 28.64
CA ASP D 203 -32.73 43.98 28.16
C ASP D 203 -33.35 44.12 26.77
N HIS D 204 -33.36 43.01 26.03
CA HIS D 204 -33.92 42.95 24.66
C HIS D 204 -33.14 43.84 23.71
N THR D 205 -31.83 43.66 23.73
CA THR D 205 -30.89 44.49 22.99
C THR D 205 -30.09 43.65 22.02
N GLY D 206 -29.47 44.31 21.04
CA GLY D 206 -28.57 43.64 20.10
C GLY D 206 -29.28 42.58 19.28
N ALA D 207 -28.62 41.43 19.15
CA ALA D 207 -29.15 40.30 18.36
C ALA D 207 -30.37 39.66 19.01
N PHE D 208 -30.44 39.70 20.34
CA PHE D 208 -31.64 39.23 21.05
C PHE D 208 -32.83 40.06 20.62
N GLY D 209 -32.63 41.37 20.53
CA GLY D 209 -33.67 42.29 20.08
C GLY D 209 -34.03 42.06 18.63
N GLU D 210 -33.02 41.96 17.78
CA GLU D 210 -33.22 41.69 16.36
CA GLU D 210 -33.22 41.69 16.36
C GLU D 210 -34.00 40.39 16.13
N SER D 211 -33.68 39.37 16.92
CA SER D 211 -34.40 38.09 16.84
C SER D 211 -35.88 38.24 17.14
N GLU D 212 -36.19 39.01 18.18
CA GLU D 212 -37.58 39.22 18.59
C GLU D 212 -38.36 40.07 17.58
N LYS D 213 -37.73 41.13 17.11
CA LYS D 213 -38.29 41.97 16.05
C LYS D 213 -38.60 41.13 14.81
N ASN D 214 -37.68 40.21 14.51
CA ASN D 214 -37.82 39.27 13.39
C ASN D 214 -38.94 38.26 13.62
N ALA D 215 -39.00 37.69 14.81
CA ALA D 215 -40.05 36.73 15.18
C ALA D 215 -41.45 37.34 15.03
N ALA D 216 -41.57 38.60 15.45
CA ALA D 216 -42.82 39.35 15.34
C ALA D 216 -43.28 39.48 13.89
N ARG D 217 -42.34 39.78 13.00
CA ARG D 217 -42.63 39.87 11.56
C ARG D 217 -43.20 38.55 11.05
N VAL D 218 -42.48 37.47 11.34
CA VAL D 218 -42.83 36.14 10.83
C VAL D 218 -44.18 35.67 11.35
N PHE D 219 -44.39 35.78 12.66
CA PHE D 219 -45.62 35.30 13.31
C PHE D 219 -46.78 36.31 13.28
N GLY D 220 -46.56 37.47 12.68
CA GLY D 220 -47.62 38.45 12.44
C GLY D 220 -48.02 39.25 13.67
N ALA D 221 -47.03 39.64 14.46
CA ALA D 221 -47.27 40.37 15.70
C ALA D 221 -46.63 41.75 15.63
N ASP D 222 -47.11 42.65 16.49
CA ASP D 222 -46.50 43.98 16.62
C ASP D 222 -45.16 43.87 17.35
N ARG D 223 -45.15 43.09 18.43
CA ARG D 223 -43.91 42.76 19.13
C ARG D 223 -43.97 41.34 19.69
N SER D 224 -42.80 40.71 19.81
CA SER D 224 -42.69 39.36 20.35
C SER D 224 -41.70 39.31 21.51
N TRP D 225 -41.99 38.46 22.48
CA TRP D 225 -41.13 38.29 23.65
C TRP D 225 -40.67 36.84 23.73
N SER D 226 -39.36 36.65 23.56
CA SER D 226 -38.75 35.32 23.62
C SER D 226 -38.68 34.86 25.07
N VAL D 227 -39.25 33.69 25.35
CA VAL D 227 -39.37 33.19 26.72
C VAL D 227 -38.62 31.87 26.88
N VAL D 228 -38.01 31.71 28.06
CA VAL D 228 -37.12 30.58 28.33
C VAL D 228 -37.57 29.74 29.54
N VAL D 229 -38.78 30.03 30.04
CA VAL D 229 -39.41 29.29 31.15
C VAL D 229 -40.73 28.66 30.68
N GLY D 230 -40.83 28.37 29.38
CA GLY D 230 -42.00 27.72 28.80
C GLY D 230 -43.23 28.62 28.69
N THR D 231 -44.31 28.09 28.12
CA THR D 231 -45.60 28.79 28.08
C THR D 231 -46.18 29.02 29.48
N SER D 232 -45.77 28.21 30.45
CA SER D 232 -46.11 28.46 31.85
C SER D 232 -45.62 29.85 32.22
N GLY D 233 -44.34 30.09 31.99
CA GLY D 233 -43.74 31.42 32.23
C GLY D 233 -44.35 32.52 31.37
N SER D 234 -44.67 32.18 30.13
CA SER D 234 -45.32 33.14 29.22
C SER D 234 -46.70 33.55 29.70
N ASN D 235 -47.51 32.56 30.09
CA ASN D 235 -48.85 32.82 30.62
C ASN D 235 -48.85 33.64 31.90
N ARG D 236 -48.00 33.25 32.85
CA ARG D 236 -47.85 33.99 34.11
C ARG D 236 -47.42 35.44 33.85
N THR D 237 -46.53 35.64 32.89
CA THR D 237 -46.04 36.96 32.52
C THR D 237 -47.16 37.87 31.99
N ILE D 238 -47.93 37.36 31.04
CA ILE D 238 -49.02 38.14 30.43
C ILE D 238 -50.00 38.55 31.52
N MET D 239 -50.43 37.58 32.32
CA MET D 239 -51.36 37.81 33.41
C MET D 239 -50.84 38.85 34.40
N GLN D 240 -49.55 38.79 34.72
CA GLN D 240 -48.92 39.79 35.60
C GLN D 240 -49.08 41.22 35.11
N ALA D 241 -49.08 41.40 33.78
CA ALA D 241 -49.17 42.72 33.16
C ALA D 241 -50.59 43.21 32.95
N CYS D 242 -51.57 42.31 33.05
CA CYS D 242 -52.95 42.62 32.66
C CYS D 242 -53.96 42.75 33.79
N MET D 243 -53.56 42.51 35.04
CA MET D 243 -54.52 42.52 36.16
C MET D 243 -53.90 42.67 37.54
N THR D 244 -54.71 43.21 38.45
CA THR D 244 -54.41 43.26 39.87
C THR D 244 -55.55 42.57 40.62
N ASP D 245 -55.46 42.49 41.94
CA ASP D 245 -56.52 41.87 42.74
C ASP D 245 -57.85 42.64 42.71
N ASN D 246 -57.81 43.89 42.26
CA ASN D 246 -59.01 44.69 42.10
C ASN D 246 -59.79 44.37 40.82
N ASP D 247 -59.17 43.63 39.90
CA ASP D 247 -59.76 43.38 38.58
C ASP D 247 -60.65 42.13 38.54
N VAL D 248 -61.58 42.14 37.58
CA VAL D 248 -62.34 40.96 37.20
C VAL D 248 -61.75 40.42 35.89
N VAL D 249 -61.72 39.09 35.75
CA VAL D 249 -61.13 38.44 34.58
C VAL D 249 -62.01 37.31 34.07
N VAL D 250 -62.06 37.14 32.75
CA VAL D 250 -62.92 36.12 32.11
C VAL D 250 -62.07 34.98 31.57
N LEU D 251 -62.24 33.79 32.15
CA LEU D 251 -61.34 32.66 31.90
C LEU D 251 -62.01 31.48 31.21
N ASP D 252 -61.38 30.98 30.15
CA ASP D 252 -61.71 29.68 29.60
C ASP D 252 -61.54 28.66 30.73
N ARG D 253 -62.60 27.90 31.02
CA ARG D 253 -62.52 26.86 32.04
C ARG D 253 -61.48 25.81 31.68
N ASN D 254 -61.37 25.52 30.39
CA ASN D 254 -60.29 24.71 29.86
C ASN D 254 -59.02 25.55 29.79
N CYS D 255 -58.29 25.61 30.91
CA CYS D 255 -57.08 26.42 31.00
C CYS D 255 -55.90 25.66 31.57
N HIS D 256 -54.71 26.11 31.18
CA HIS D 256 -53.44 25.56 31.69
C HIS D 256 -53.38 25.75 33.21
N LYS D 257 -52.68 24.84 33.89
CA LYS D 257 -52.33 25.03 35.32
C LYS D 257 -51.72 26.41 35.58
N SER D 258 -50.91 26.89 34.63
CA SER D 258 -50.21 28.18 34.73
C SER D 258 -51.13 29.39 34.72
N ILE D 259 -52.33 29.22 34.17
CA ILE D 259 -53.33 30.28 34.17
C ILE D 259 -53.95 30.44 35.55
N GLU D 260 -54.17 29.33 36.25
CA GLU D 260 -54.56 29.39 37.66
C GLU D 260 -53.44 30.04 38.48
N GLN D 261 -52.20 29.63 38.19
CA GLN D 261 -51.03 30.18 38.88
C GLN D 261 -51.02 31.72 38.84
N GLY D 262 -51.33 32.27 37.67
CA GLY D 262 -51.44 33.71 37.51
C GLY D 262 -52.51 34.32 38.39
N LEU D 263 -53.66 33.64 38.47
CA LEU D 263 -54.75 34.03 39.39
C LEU D 263 -54.29 34.11 40.85
N ILE D 264 -53.44 33.17 41.26
CA ILE D 264 -52.95 33.12 42.63
C ILE D 264 -51.94 34.24 42.89
N LEU D 265 -51.07 34.49 41.92
CA LEU D 265 -50.04 35.53 42.05
C LEU D 265 -50.65 36.92 41.94
N THR D 266 -51.59 37.08 41.02
CA THR D 266 -52.29 38.34 40.82
C THR D 266 -53.33 38.60 41.88
N GLY D 267 -54.08 37.55 42.24
CA GLY D 267 -55.17 37.67 43.20
C GLY D 267 -56.44 38.21 42.57
N ALA D 268 -56.52 38.14 41.24
CA ALA D 268 -57.66 38.67 40.51
C ALA D 268 -58.91 37.83 40.73
N LYS D 269 -60.05 38.35 40.30
CA LYS D 269 -61.36 37.74 40.57
C LYS D 269 -61.94 37.08 39.32
N PRO D 270 -61.94 35.73 39.28
CA PRO D 270 -62.27 35.04 38.04
C PRO D 270 -63.74 34.73 37.81
N VAL D 271 -64.07 34.59 36.53
CA VAL D 271 -65.35 34.09 36.07
C VAL D 271 -65.02 33.16 34.90
N TYR D 272 -65.64 31.99 34.86
CA TYR D 272 -65.24 30.96 33.88
C TYR D 272 -66.26 30.75 32.76
N MET D 273 -65.73 30.49 31.56
CA MET D 273 -66.55 30.10 30.40
C MET D 273 -66.46 28.59 30.22
N VAL D 274 -67.62 27.94 30.19
CA VAL D 274 -67.66 26.48 30.20
C VAL D 274 -67.79 25.94 28.78
N PRO D 275 -66.79 25.14 28.34
CA PRO D 275 -66.86 24.58 27.00
C PRO D 275 -67.76 23.35 26.94
N SER D 276 -68.19 23.02 25.72
CA SER D 276 -69.00 21.83 25.48
C SER D 276 -68.13 20.58 25.47
N ARG D 277 -68.75 19.43 25.70
CA ARG D 277 -68.11 18.13 25.50
C ARG D 277 -68.93 17.34 24.50
N ASN D 278 -68.43 16.17 24.11
CA ASN D 278 -69.19 15.25 23.25
C ASN D 278 -69.28 13.86 23.87
N ARG D 279 -69.95 12.96 23.18
CA ARG D 279 -70.22 11.61 23.68
C ARG D 279 -68.97 10.75 23.96
N TYR D 280 -67.88 11.02 23.25
CA TYR D 280 -66.61 10.30 23.48
C TYR D 280 -65.80 10.87 24.64
N GLY D 281 -66.29 11.96 25.23
CA GLY D 281 -65.62 12.62 26.36
C GLY D 281 -64.66 13.72 25.95
N ILE D 282 -64.62 14.01 24.64
CA ILE D 282 -63.71 15.00 24.09
C ILE D 282 -64.23 16.42 24.36
N ILE D 283 -63.36 17.27 24.91
CA ILE D 283 -63.72 18.68 25.13
C ILE D 283 -63.85 19.40 23.80
N GLY D 284 -65.00 20.01 23.59
CA GLY D 284 -65.25 20.85 22.43
C GLY D 284 -65.03 22.31 22.77
N PRO D 285 -65.56 23.21 21.94
CA PRO D 285 -65.32 24.63 22.09
C PRO D 285 -66.32 25.30 23.02
N ILE D 286 -65.94 26.46 23.53
CA ILE D 286 -66.87 27.38 24.16
C ILE D 286 -67.81 27.93 23.08
N TYR D 287 -69.12 27.76 23.29
CA TYR D 287 -70.12 28.25 22.34
C TYR D 287 -70.24 29.77 22.42
N PRO D 288 -70.62 30.44 21.31
CA PRO D 288 -70.74 31.90 21.27
C PRO D 288 -71.66 32.45 22.37
N GLN D 289 -72.74 31.73 22.66
CA GLN D 289 -73.68 32.10 23.73
C GLN D 289 -72.97 32.37 25.05
N GLU D 290 -71.93 31.58 25.33
CA GLU D 290 -71.16 31.70 26.55
C GLU D 290 -70.21 32.92 26.55
N MET D 291 -69.88 33.42 25.37
CA MET D 291 -69.00 34.59 25.23
C MET D 291 -69.74 35.91 25.15
N GLN D 292 -71.08 35.86 25.09
CA GLN D 292 -71.89 37.06 24.93
C GLN D 292 -71.72 37.99 26.13
N PRO D 293 -71.66 39.32 25.89
CA PRO D 293 -71.53 40.27 26.98
C PRO D 293 -72.59 40.11 28.07
N GLU D 294 -73.84 39.84 27.68
CA GLU D 294 -74.93 39.65 28.66
C GLU D 294 -74.68 38.43 29.54
N THR D 295 -74.20 37.36 28.92
CA THR D 295 -73.94 36.10 29.62
C THR D 295 -72.81 36.26 30.63
N LEU D 296 -71.75 36.92 30.20
CA LEU D 296 -70.58 37.16 31.06
C LEU D 296 -70.92 38.11 32.20
N GLN D 297 -71.68 39.16 31.90
CA GLN D 297 -72.14 40.08 32.96
C GLN D 297 -73.00 39.37 34.00
N LYS D 298 -73.81 38.41 33.54
CA LYS D 298 -74.63 37.58 34.44
C LYS D 298 -73.75 36.73 35.36
N LYS D 299 -72.76 36.06 34.74
CA LYS D 299 -71.78 35.25 35.49
C LYS D 299 -71.08 36.07 36.58
N ILE D 300 -70.68 37.28 36.22
CA ILE D 300 -69.97 38.18 37.13
C ILE D 300 -70.84 38.54 38.35
N SER D 301 -72.09 38.92 38.10
CA SER D 301 -73.03 39.28 39.16
C SER D 301 -73.44 38.08 40.01
N ALA D 302 -73.39 36.89 39.43
CA ALA D 302 -73.76 35.66 40.13
C ALA D 302 -72.68 35.16 41.08
N SER D 303 -71.42 35.18 40.62
CA SER D 303 -70.30 34.61 41.39
C SER D 303 -70.02 35.37 42.69
N PRO D 304 -69.77 34.65 43.79
CA PRO D 304 -69.36 35.27 45.07
C PRO D 304 -68.09 36.11 44.98
N LEU D 305 -67.15 35.66 44.15
CA LEU D 305 -65.86 36.33 44.02
C LEU D 305 -65.95 37.67 43.30
N THR D 306 -66.89 37.78 42.36
CA THR D 306 -67.05 38.98 41.54
C THR D 306 -68.29 39.83 41.81
N LYS D 307 -69.28 39.28 42.53
CA LYS D 307 -70.52 40.01 42.89
C LYS D 307 -70.32 41.51 43.14
N THR D 308 -69.36 41.83 44.01
CA THR D 308 -69.13 43.20 44.46
C THR D 308 -68.52 44.09 43.38
N LYS D 309 -67.91 43.47 42.37
CA LYS D 309 -67.29 44.17 41.25
C LYS D 309 -68.11 44.07 39.96
N ALA D 310 -69.42 43.89 40.10
CA ALA D 310 -70.32 43.75 38.95
C ALA D 310 -70.37 45.04 38.15
N GLY D 311 -70.52 44.91 36.83
CA GLY D 311 -70.52 46.07 35.92
C GLY D 311 -69.15 46.65 35.64
N GLN D 312 -68.11 46.15 36.31
CA GLN D 312 -66.73 46.59 36.09
C GLN D 312 -66.22 45.91 34.82
N LYS D 313 -65.45 46.65 34.01
CA LYS D 313 -64.91 46.11 32.77
C LYS D 313 -63.76 45.16 33.07
N PRO D 314 -63.92 43.87 32.72
CA PRO D 314 -62.83 42.92 32.93
C PRO D 314 -61.54 43.35 32.23
N SER D 315 -60.42 43.16 32.91
CA SER D 315 -59.12 43.62 32.42
C SER D 315 -58.37 42.58 31.60
N TYR D 316 -58.92 41.37 31.50
CA TYR D 316 -58.23 40.27 30.84
C TYR D 316 -59.20 39.16 30.48
N SER D 317 -58.91 38.50 29.36
CA SER D 317 -59.75 37.44 28.84
C SER D 317 -58.87 36.39 28.19
N VAL D 318 -59.11 35.11 28.47
CA VAL D 318 -58.31 34.04 27.88
C VAL D 318 -59.16 32.91 27.32
N VAL D 319 -58.75 32.44 26.14
CA VAL D 319 -59.34 31.28 25.48
C VAL D 319 -58.18 30.38 25.07
N THR D 320 -58.39 29.07 25.15
CA THR D 320 -57.38 28.12 24.72
C THR D 320 -57.67 27.81 23.25
N CYS D 322 -56.52 26.08 20.72
CA CYS D 322 -56.60 24.86 19.97
C CYS D 322 -56.62 23.83 21.07
N THR D 323 -57.74 23.15 21.18
CA THR D 323 -57.94 22.14 22.19
C THR D 323 -56.86 21.06 22.01
N TYR D 324 -56.51 20.38 23.09
CA TYR D 324 -55.53 19.29 23.02
C TYR D 324 -55.96 18.29 21.95
N ASP D 325 -57.26 18.04 21.87
CA ASP D 325 -57.86 17.10 20.91
C ASP D 325 -58.03 17.65 19.48
N GLY D 326 -57.73 18.93 19.28
CA GLY D 326 -57.61 19.52 17.94
C GLY D 326 -58.75 20.42 17.48
N VAL D 327 -59.63 20.82 18.41
CA VAL D 327 -60.74 21.72 18.09
C VAL D 327 -60.22 23.15 17.97
N CYS D 328 -60.37 23.74 16.78
CA CYS D 328 -59.90 25.10 16.52
C CYS D 328 -61.07 26.07 16.48
N TYR D 329 -60.96 27.16 17.24
CA TYR D 329 -61.98 28.22 17.21
C TYR D 329 -61.83 29.06 15.95
N ASN D 330 -62.94 29.63 15.50
CA ASN D 330 -62.88 30.75 14.57
C ASN D 330 -62.47 31.99 15.37
N ALA D 331 -61.17 32.21 15.45
CA ALA D 331 -60.61 33.26 16.31
C ALA D 331 -61.03 34.68 15.90
N LYS D 332 -61.37 34.88 14.63
CA LYS D 332 -61.87 36.17 14.17
C LYS D 332 -63.19 36.52 14.85
N GLU D 333 -64.14 35.58 14.81
CA GLU D 333 -65.45 35.77 15.43
C GLU D 333 -65.38 35.76 16.95
N ALA D 334 -64.60 34.82 17.49
CA ALA D 334 -64.39 34.72 18.93
C ALA D 334 -63.85 36.02 19.49
N GLN D 335 -62.86 36.59 18.81
CA GLN D 335 -62.25 37.85 19.23
C GLN D 335 -63.25 39.00 19.25
N ASP D 336 -64.08 39.09 18.22
CA ASP D 336 -65.08 40.16 18.10
C ASP D 336 -66.14 40.07 19.20
N LEU D 337 -66.47 38.86 19.63
CA LEU D 337 -67.38 38.65 20.75
C LEU D 337 -66.77 39.08 22.09
N LEU D 338 -65.54 38.67 22.32
CA LEU D 338 -64.85 38.97 23.57
C LEU D 338 -64.42 40.44 23.64
N ALA D 339 -64.16 41.05 22.47
CA ALA D 339 -63.79 42.46 22.39
C ALA D 339 -64.88 43.37 22.98
N LYS D 340 -66.13 42.94 22.85
CA LYS D 340 -67.27 43.65 23.45
C LYS D 340 -67.20 43.77 24.97
N THR D 341 -66.63 42.75 25.61
CA THR D 341 -66.53 42.68 27.07
C THR D 341 -65.17 43.18 27.59
N SER D 342 -64.09 42.79 26.94
CA SER D 342 -62.73 43.08 27.41
C SER D 342 -61.84 43.64 26.31
N ASP D 343 -60.92 44.52 26.69
CA ASP D 343 -59.97 45.12 25.75
C ASP D 343 -58.72 44.26 25.55
N ARG D 344 -58.52 43.28 26.44
CA ARG D 344 -57.40 42.36 26.31
C ARG D 344 -57.88 40.92 26.16
N ILE D 345 -57.49 40.31 25.04
CA ILE D 345 -57.88 38.95 24.72
C ILE D 345 -56.63 38.13 24.49
N HIS D 346 -56.50 37.03 25.24
CA HIS D 346 -55.32 36.18 25.18
C HIS D 346 -55.73 34.80 24.69
N PHE D 347 -55.14 34.39 23.57
CA PHE D 347 -55.33 33.04 23.05
C PHE D 347 -54.13 32.17 23.41
N ASP D 348 -54.37 31.15 24.23
CA ASP D 348 -53.31 30.19 24.55
C ASP D 348 -53.20 29.24 23.37
N GLU D 349 -52.29 29.56 22.45
CA GLU D 349 -52.07 28.78 21.24
C GLU D 349 -50.83 27.90 21.40
N ALA D 350 -50.67 27.30 22.58
CA ALA D 350 -49.46 26.52 22.92
C ALA D 350 -49.22 25.36 21.96
N TRP D 351 -50.27 24.61 21.66
CA TRP D 351 -50.22 23.47 20.75
C TRP D 351 -50.45 23.86 19.28
N TYR D 352 -50.30 25.14 18.95
CA TYR D 352 -50.94 25.68 17.74
C TYR D 352 -50.15 26.82 17.07
N GLY D 353 -48.82 26.77 17.18
CA GLY D 353 -47.96 27.82 16.63
C GLY D 353 -47.92 27.82 15.12
N TYR D 354 -48.05 26.63 14.53
CA TYR D 354 -48.01 26.43 13.08
C TYR D 354 -49.20 27.02 12.31
N ALA D 355 -50.32 27.19 13.00
CA ALA D 355 -51.60 27.59 12.38
C ALA D 355 -51.48 28.65 11.30
N ARG D 356 -50.75 29.72 11.60
CA ARG D 356 -50.59 30.86 10.69
C ARG D 356 -50.01 30.49 9.33
N PHE D 357 -49.15 29.48 9.29
CA PHE D 357 -48.31 29.22 8.11
C PHE D 357 -48.88 28.18 7.15
N ASN D 358 -50.16 27.84 7.32
CA ASN D 358 -50.88 27.04 6.34
C ASN D 358 -52.29 27.62 6.18
N PRO D 359 -52.73 27.82 4.92
CA PRO D 359 -54.04 28.43 4.68
C PRO D 359 -55.25 27.58 5.09
N ILE D 360 -55.05 26.29 5.40
CA ILE D 360 -56.16 25.45 5.85
C ILE D 360 -56.70 25.94 7.20
N TYR D 361 -55.84 26.57 7.99
CA TYR D 361 -56.22 27.15 9.28
C TYR D 361 -56.72 28.60 9.20
N CYS D 362 -56.80 29.15 7.99
CA CYS D 362 -57.22 30.53 7.76
C CYS D 362 -58.36 30.96 8.70
N ASP D 363 -58.20 32.14 9.31
CA ASP D 363 -59.19 32.75 10.22
C ASP D 363 -59.40 32.04 11.57
N HIS D 364 -58.69 30.94 11.81
CA HIS D 364 -58.86 30.15 13.04
C HIS D 364 -57.67 30.25 14.00
N TYR D 365 -56.95 31.37 13.93
CA TYR D 365 -55.85 31.66 14.86
C TYR D 365 -55.83 33.16 15.15
N ALA D 366 -55.00 33.57 16.11
CA ALA D 366 -55.00 34.95 16.62
C ALA D 366 -54.38 35.95 15.64
N MET D 367 -53.12 35.71 15.27
CA MET D 367 -52.33 36.66 14.48
C MET D 367 -52.60 36.56 12.98
N ARG D 368 -53.80 36.99 12.58
CA ARG D 368 -54.25 36.87 11.19
C ARG D 368 -53.72 37.99 10.32
N GLY D 369 -53.26 37.64 9.12
CA GLY D 369 -52.77 38.62 8.15
C GLY D 369 -51.62 39.46 8.68
N GLU D 370 -51.61 40.73 8.30
CA GLU D 370 -50.57 41.67 8.75
C GLU D 370 -51.07 42.49 9.94
N PRO D 371 -50.16 42.85 10.87
CA PRO D 371 -50.55 43.76 11.95
C PRO D 371 -50.69 45.21 11.48
N GLY D 376 -58.36 47.85 17.14
CA GLY D 376 -59.12 46.82 17.83
C GLY D 376 -58.70 46.63 19.27
N PRO D 377 -59.00 45.45 19.86
CA PRO D 377 -58.52 45.13 21.20
C PRO D 377 -57.06 44.69 21.19
N THR D 378 -56.42 44.71 22.35
CA THR D 378 -55.07 44.18 22.51
C THR D 378 -55.15 42.66 22.55
N VAL D 379 -54.45 41.99 21.63
CA VAL D 379 -54.53 40.54 21.52
C VAL D 379 -53.17 39.89 21.82
N PHE D 380 -53.19 38.94 22.73
CA PHE D 380 -52.01 38.12 23.06
C PHE D 380 -52.13 36.75 22.43
N ALA D 381 -51.01 36.23 21.95
CA ALA D 381 -50.90 34.85 21.50
C ALA D 381 -49.68 34.20 22.15
N THR D 382 -49.86 32.97 22.62
CA THR D 382 -48.84 32.27 23.39
C THR D 382 -48.49 30.98 22.65
N HIS D 383 -47.23 30.84 22.26
CA HIS D 383 -46.73 29.62 21.62
C HIS D 383 -45.72 28.88 22.47
N SER D 384 -45.86 27.57 22.51
CA SER D 384 -44.85 26.70 23.05
C SER D 384 -44.08 26.18 21.86
N THR D 385 -42.92 26.78 21.61
CA THR D 385 -42.11 26.48 20.43
C THR D 385 -41.67 25.02 20.41
N HIS D 386 -41.41 24.45 21.59
CA HIS D 386 -40.95 23.05 21.66
C HIS D 386 -42.02 22.04 21.30
N LYS D 387 -43.27 22.34 21.61
CA LYS D 387 -44.37 21.39 21.40
C LYS D 387 -44.55 20.98 19.93
N LEU D 388 -45.04 21.89 19.10
CA LEU D 388 -45.37 21.56 17.71
C LEU D 388 -44.52 22.23 16.64
N LEU D 389 -43.79 23.28 17.01
CA LEU D 389 -42.84 23.92 16.09
C LEU D 389 -41.49 23.19 16.07
N ASN D 390 -41.29 22.29 17.02
CA ASN D 390 -40.06 21.49 17.13
C ASN D 390 -38.87 22.36 17.53
N ALA D 391 -38.60 22.41 18.83
CA ALA D 391 -37.56 23.26 19.40
C ALA D 391 -37.18 22.74 20.78
N LEU D 392 -36.16 23.34 21.39
CA LEU D 392 -35.71 22.91 22.72
C LEU D 392 -36.79 23.16 23.77
N SER D 393 -36.93 22.21 24.68
CA SER D 393 -37.91 22.33 25.77
C SER D 393 -37.66 23.59 26.58
N GLN D 394 -38.75 24.19 27.06
CA GLN D 394 -38.75 25.49 27.75
C GLN D 394 -38.79 26.69 26.81
N ALA D 395 -38.69 26.46 25.50
CA ALA D 395 -38.77 27.53 24.53
C ALA D 395 -40.22 27.96 24.33
N SER D 396 -40.48 29.26 24.42
CA SER D 396 -41.82 29.81 24.26
C SER D 396 -41.79 31.25 23.76
N TYR D 397 -42.88 31.67 23.13
CA TYR D 397 -43.03 33.04 22.67
C TYR D 397 -44.30 33.68 23.22
N ILE D 398 -44.21 34.97 23.57
CA ILE D 398 -45.39 35.81 23.79
C ILE D 398 -45.51 36.75 22.60
N HIS D 399 -46.56 36.56 21.80
CA HIS D 399 -46.80 37.44 20.66
C HIS D 399 -47.92 38.42 20.99
N VAL D 400 -47.71 39.68 20.61
CA VAL D 400 -48.62 40.75 20.98
C VAL D 400 -49.04 41.58 19.78
N ARG D 401 -50.34 41.86 19.70
CA ARG D 401 -50.87 42.89 18.81
C ARG D 401 -51.42 44.01 19.65
N GLU D 402 -50.75 45.14 19.62
CA GLU D 402 -51.08 46.27 20.47
C GLU D 402 -52.32 46.99 19.94
N GLY D 403 -53.32 47.11 20.80
CA GLY D 403 -54.58 47.79 20.48
C GLY D 403 -55.07 48.58 21.68
N ARG D 404 -56.38 48.51 21.94
CA ARG D 404 -56.97 49.16 23.11
C ARG D 404 -56.49 48.53 24.41
N GLY D 405 -56.18 49.38 25.40
CA GLY D 405 -55.68 48.92 26.69
C GLY D 405 -54.32 48.26 26.59
N ALA D 406 -53.49 48.75 25.67
CA ALA D 406 -52.19 48.17 25.41
C ALA D 406 -51.22 48.45 26.54
N VAL D 407 -50.31 47.51 26.77
CA VAL D 407 -49.25 47.67 27.75
C VAL D 407 -47.95 47.88 26.98
N ASN D 408 -47.32 49.04 27.18
CA ASN D 408 -46.08 49.38 26.47
C ASN D 408 -44.90 48.59 27.00
N PHE D 409 -43.74 48.77 26.35
CA PHE D 409 -42.52 48.04 26.69
C PHE D 409 -42.16 48.16 28.18
N SER D 410 -41.92 49.40 28.63
CA SER D 410 -41.44 49.67 29.99
C SER D 410 -42.28 48.94 31.03
N ARG D 411 -43.60 49.04 30.87
CA ARG D 411 -44.54 48.41 31.78
C ARG D 411 -44.51 46.89 31.67
N PHE D 412 -44.50 46.38 30.45
CA PHE D 412 -44.58 44.93 30.24
C PHE D 412 -43.29 44.22 30.62
N ASN D 413 -42.15 44.86 30.36
CA ASN D 413 -40.85 44.26 30.67
C ASN D 413 -40.66 44.03 32.17
N GLN D 414 -41.35 44.82 33.00
CA GLN D 414 -41.38 44.58 34.45
C GLN D 414 -42.10 43.27 34.76
N ALA D 415 -43.18 43.02 34.03
CA ALA D 415 -43.89 41.74 34.14
C ALA D 415 -43.09 40.60 33.56
N TYR D 416 -42.35 40.88 32.49
CA TYR D 416 -41.48 39.88 31.86
C TYR D 416 -40.38 39.43 32.81
N MET D 417 -39.65 40.40 33.36
CA MET D 417 -38.53 40.14 34.27
C MET D 417 -38.97 39.41 35.53
N MET D 418 -40.21 39.66 35.93
CA MET D 418 -40.83 38.98 37.06
C MET D 418 -40.71 37.46 37.01
N HIS D 419 -40.90 36.90 35.81
CA HIS D 419 -40.97 35.46 35.62
C HIS D 419 -39.87 34.94 34.70
N ALA D 420 -38.75 35.65 34.69
CA ALA D 420 -37.60 35.28 33.89
C ALA D 420 -36.47 34.85 34.82
N THR D 421 -35.33 34.52 34.21
CA THR D 421 -34.11 34.20 34.93
C THR D 421 -33.00 35.16 34.48
N THR D 422 -32.15 35.57 35.42
CA THR D 422 -31.09 36.53 35.13
C THR D 422 -30.03 35.99 34.17
N SER D 423 -29.77 34.68 34.23
CA SER D 423 -28.87 34.02 33.27
C SER D 423 -29.59 32.88 32.54
N PRO D 424 -30.13 33.18 31.34
CA PRO D 424 -30.82 32.20 30.50
C PRO D 424 -29.87 31.41 29.62
N LEU D 425 -30.24 30.18 29.30
CA LEU D 425 -29.42 29.30 28.47
C LEU D 425 -29.60 29.69 27.01
N TYR D 426 -28.50 30.11 26.38
CA TYR D 426 -28.52 30.57 24.99
C TYR D 426 -29.00 29.51 24.00
N ALA D 427 -28.65 28.25 24.26
CA ALA D 427 -29.07 27.15 23.40
C ALA D 427 -30.59 27.12 23.19
N ILE D 428 -31.34 27.49 24.23
CA ILE D 428 -32.81 27.53 24.14
C ILE D 428 -33.27 28.71 23.30
N CYS D 429 -32.73 29.89 23.61
CA CYS D 429 -33.05 31.11 22.85
C CYS D 429 -32.71 30.96 21.38
N ALA D 430 -31.55 30.35 21.10
CA ALA D 430 -31.12 30.08 19.73
C ALA D 430 -32.11 29.15 19.02
N SER D 431 -32.64 28.16 19.74
CA SER D 431 -33.64 27.24 19.18
C SER D 431 -34.93 27.97 18.84
N ASN D 432 -35.30 28.95 19.67
CA ASN D 432 -36.42 29.83 19.36
C ASN D 432 -36.19 30.63 18.06
N ASP D 433 -34.97 31.10 17.89
CA ASP D 433 -34.60 31.91 16.72
C ASP D 433 -34.67 31.12 15.42
N VAL D 434 -34.14 29.90 15.41
CA VAL D 434 -34.16 29.07 14.21
C VAL D 434 -35.56 28.53 13.92
N ALA D 435 -36.34 28.28 14.97
CA ALA D 435 -37.73 27.84 14.83
C ALA D 435 -38.55 28.88 14.08
N VAL D 436 -38.26 30.16 14.33
CA VAL D 436 -38.87 31.26 13.57
C VAL D 436 -38.48 31.13 12.10
N SER D 437 -37.18 31.02 11.85
CA SER D 437 -36.63 30.88 10.50
C SER D 437 -37.26 29.74 9.70
N MET D 438 -37.60 28.65 10.40
CA MET D 438 -38.21 27.49 9.75
C MET D 438 -39.65 27.74 9.29
N MET D 439 -40.37 28.62 9.98
CA MET D 439 -41.74 28.99 9.58
C MET D 439 -41.78 30.18 8.61
N ASP D 440 -40.70 30.95 8.57
CA ASP D 440 -40.64 32.12 7.69
C ASP D 440 -40.53 31.68 6.23
N GLY D 441 -41.22 32.41 5.37
CA GLY D 441 -41.13 32.18 3.93
C GLY D 441 -41.78 30.88 3.51
N ASN D 442 -41.19 30.24 2.51
CA ASN D 442 -41.75 29.02 1.90
C ASN D 442 -41.68 27.80 2.82
N SER D 443 -40.61 27.69 3.60
CA SER D 443 -40.38 26.55 4.48
C SER D 443 -41.58 26.27 5.38
N GLY D 444 -42.17 27.34 5.92
CA GLY D 444 -43.33 27.22 6.82
C GLY D 444 -44.52 26.51 6.19
N LEU D 445 -44.87 26.92 4.97
CA LEU D 445 -45.94 26.28 4.22
C LEU D 445 -45.63 24.81 3.90
N SER D 446 -44.42 24.56 3.42
CA SER D 446 -43.99 23.21 3.04
C SER D 446 -43.97 22.25 4.23
N LEU D 447 -43.47 22.71 5.37
CA LEU D 447 -43.40 21.91 6.59
C LEU D 447 -44.78 21.58 7.14
N THR D 448 -45.63 22.60 7.27
CA THR D 448 -47.00 22.42 7.76
C THR D 448 -47.82 21.52 6.84
N GLN D 449 -47.58 21.64 5.54
CA GLN D 449 -48.28 20.82 4.55
C GLN D 449 -47.86 19.35 4.63
N GLU D 450 -46.56 19.12 4.84
CA GLU D 450 -46.04 17.76 4.97
C GLU D 450 -46.75 17.01 6.10
N VAL D 451 -46.84 17.65 7.27
CA VAL D 451 -47.49 17.02 8.44
C VAL D 451 -49.00 16.82 8.24
N ILE D 452 -49.67 17.79 7.60
CA ILE D 452 -51.08 17.64 7.25
C ILE D 452 -51.24 16.46 6.27
N ASP D 453 -50.42 16.46 5.22
CA ASP D 453 -50.45 15.39 4.22
C ASP D 453 -50.34 14.00 4.86
N GLU D 454 -49.40 13.86 5.79
CA GLU D 454 -49.19 12.58 6.49
C GLU D 454 -50.39 12.22 7.37
N ALA D 455 -50.90 13.19 8.11
CA ALA D 455 -52.05 12.97 8.97
C ALA D 455 -53.26 12.53 8.15
N VAL D 456 -53.42 13.12 6.97
CA VAL D 456 -54.51 12.75 6.06
C VAL D 456 -54.37 11.31 5.58
N ASP D 457 -53.19 10.97 5.05
CA ASP D 457 -52.90 9.61 4.58
C ASP D 457 -53.27 8.57 5.64
N PHE D 458 -52.92 8.86 6.89
CA PHE D 458 -53.19 7.98 8.02
C PHE D 458 -54.68 7.88 8.29
N ARG D 459 -55.34 9.04 8.41
CA ARG D 459 -56.79 9.10 8.62
C ARG D 459 -57.54 8.29 7.55
N GLN D 460 -57.20 8.55 6.29
CA GLN D 460 -57.83 7.85 5.16
C GLN D 460 -57.57 6.35 5.20
N ALA D 461 -56.32 5.96 5.47
CA ALA D 461 -55.95 4.56 5.56
C ALA D 461 -56.75 3.85 6.66
N MET D 462 -56.91 4.54 7.78
CA MET D 462 -57.66 4.03 8.91
C MET D 462 -59.15 3.89 8.57
N ALA D 463 -59.66 4.87 7.82
CA ALA D 463 -61.07 4.86 7.39
C ALA D 463 -61.37 3.73 6.41
N ARG D 464 -60.42 3.44 5.51
CA ARG D 464 -60.58 2.37 4.53
C ARG D 464 -60.57 0.99 5.17
N LEU D 465 -59.63 0.78 6.09
CA LEU D 465 -59.61 -0.44 6.90
C LEU D 465 -60.92 -0.62 7.67
N TYR D 466 -61.42 0.47 8.23
CA TYR D 466 -62.68 0.44 9.00
C TYR D 466 -63.85 -0.03 8.15
N LYS D 467 -63.92 0.46 6.91
CA LYS D 467 -65.00 0.04 6.00
C LYS D 467 -64.84 -1.43 5.62
N GLU D 468 -63.62 -1.84 5.30
CA GLU D 468 -63.31 -3.24 4.98
C GLU D 468 -63.81 -4.22 6.03
N PHE D 469 -63.48 -3.94 7.29
CA PHE D 469 -63.93 -4.76 8.41
C PHE D 469 -65.44 -4.65 8.61
N THR D 470 -65.94 -3.41 8.64
CA THR D 470 -67.37 -3.13 8.83
C THR D 470 -68.25 -3.87 7.82
N ASP D 471 -67.95 -3.68 6.54
CA ASP D 471 -68.68 -4.34 5.45
C ASP D 471 -68.75 -5.85 5.64
N GLU D 472 -67.66 -6.44 6.15
CA GLU D 472 -67.58 -7.88 6.42
C GLU D 472 -68.16 -8.27 7.79
N GLY D 473 -68.97 -7.40 8.39
CA GLY D 473 -69.60 -7.66 9.69
C GLY D 473 -68.64 -7.70 10.87
N ASP D 474 -67.51 -7.00 10.75
CA ASP D 474 -66.44 -7.04 11.74
C ASP D 474 -66.18 -5.64 12.31
N TRP D 475 -65.46 -5.60 13.43
CA TRP D 475 -65.13 -4.33 14.10
C TRP D 475 -63.74 -3.84 13.75
N PHE D 476 -63.51 -2.54 13.95
CA PHE D 476 -62.18 -1.93 13.85
C PHE D 476 -62.22 -0.51 14.43
N PHE D 477 -61.05 0.10 14.56
CA PHE D 477 -60.93 1.49 15.01
C PHE D 477 -61.22 2.42 13.83
N LYS D 478 -62.01 3.46 14.06
CA LYS D 478 -62.26 4.48 13.03
C LYS D 478 -61.70 5.84 13.46
N PRO D 479 -61.28 6.65 12.48
CA PRO D 479 -60.73 7.97 12.79
C PRO D 479 -61.83 8.97 13.08
N TRP D 480 -61.57 9.89 14.01
CA TRP D 480 -62.55 10.92 14.34
C TRP D 480 -62.39 12.13 13.41
N ASN D 481 -63.23 12.16 12.39
CA ASN D 481 -63.22 13.22 11.40
C ASN D 481 -64.54 13.19 10.62
N LYS D 482 -64.65 14.06 9.63
CA LYS D 482 -65.87 14.17 8.83
C LYS D 482 -66.24 12.84 8.18
N ASP D 483 -67.53 12.57 8.05
CA ASP D 483 -68.02 11.34 7.39
C ASP D 483 -67.98 11.48 5.87
N VAL D 484 -68.37 12.66 5.39
CA VAL D 484 -68.50 12.92 3.96
C VAL D 484 -68.01 14.33 3.65
N VAL D 485 -67.22 14.47 2.60
CA VAL D 485 -66.68 15.76 2.18
C VAL D 485 -67.15 16.10 0.77
N THR D 486 -66.94 17.36 0.37
CA THR D 486 -67.35 17.84 -0.96
C THR D 486 -66.26 18.68 -1.61
N ASP D 487 -65.97 18.36 -2.87
CA ASP D 487 -65.08 19.15 -3.70
C ASP D 487 -65.85 20.37 -4.24
N PRO D 488 -65.42 21.60 -3.92
CA PRO D 488 -66.12 22.78 -4.43
C PRO D 488 -65.99 23.00 -5.94
N GLN D 489 -64.82 22.74 -6.51
CA GLN D 489 -64.58 22.93 -7.95
C GLN D 489 -65.53 22.11 -8.83
N THR D 490 -65.83 20.90 -8.39
CA THR D 490 -66.68 19.97 -9.15
C THR D 490 -68.12 19.89 -8.62
N GLY D 491 -68.30 20.22 -7.34
CA GLY D 491 -69.58 19.99 -6.64
C GLY D 491 -69.74 18.56 -6.15
N LYS D 492 -68.79 17.70 -6.49
CA LYS D 492 -68.89 16.27 -6.25
C LYS D 492 -68.66 15.90 -4.78
N THR D 493 -69.35 14.83 -4.35
CA THR D 493 -69.35 14.38 -2.97
C THR D 493 -68.58 13.07 -2.82
N TYR D 494 -67.79 12.96 -1.75
CA TYR D 494 -67.02 11.74 -1.47
C TYR D 494 -67.21 11.26 -0.04
N ASP D 495 -67.23 9.96 0.16
CA ASP D 495 -66.97 9.37 1.49
C ASP D 495 -65.52 9.70 1.84
N PHE D 496 -65.26 9.94 3.13
CA PHE D 496 -63.91 10.33 3.56
C PHE D 496 -62.87 9.42 2.92
N ALA D 497 -63.04 8.12 3.12
CA ALA D 497 -62.10 7.12 2.60
C ALA D 497 -61.83 7.30 1.11
N ASP D 498 -62.88 7.60 0.35
CA ASP D 498 -62.79 7.72 -1.10
C ASP D 498 -62.31 9.10 -1.60
N ALA D 499 -62.25 10.09 -0.71
CA ALA D 499 -61.90 11.45 -1.11
C ALA D 499 -60.50 11.53 -1.70
N PRO D 500 -60.23 12.52 -2.58
CA PRO D 500 -58.86 12.77 -2.98
C PRO D 500 -58.05 13.35 -1.82
N ALA D 501 -56.82 12.89 -1.65
CA ALA D 501 -55.97 13.37 -0.55
C ALA D 501 -55.71 14.86 -0.66
N LYS D 502 -55.44 15.33 -1.88
CA LYS D 502 -55.20 16.76 -2.14
C LYS D 502 -56.33 17.64 -1.63
N LEU D 503 -57.57 17.17 -1.76
CA LEU D 503 -58.74 17.91 -1.27
C LEU D 503 -58.76 18.03 0.26
N LEU D 504 -58.63 16.89 0.93
CA LEU D 504 -58.65 16.85 2.39
C LEU D 504 -57.52 17.67 3.01
N ALA D 505 -56.36 17.67 2.36
CA ALA D 505 -55.17 18.36 2.88
C ALA D 505 -55.11 19.84 2.49
N THR D 506 -56.19 20.35 1.90
CA THR D 506 -56.21 21.72 1.35
C THR D 506 -57.48 22.47 1.73
N ASP D 507 -58.62 21.86 1.45
CA ASP D 507 -59.92 22.50 1.65
C ASP D 507 -60.29 22.54 3.13
N GLN D 508 -60.41 23.76 3.67
CA GLN D 508 -60.79 23.94 5.06
C GLN D 508 -62.15 23.36 5.37
N ASN D 509 -63.09 23.49 4.42
CA ASN D 509 -64.47 23.04 4.63
C ASN D 509 -64.64 21.54 4.86
N CYS D 510 -63.61 20.77 4.52
CA CYS D 510 -63.57 19.35 4.87
C CYS D 510 -63.39 19.11 6.37
N TRP D 511 -63.07 20.18 7.11
CA TRP D 511 -62.80 20.09 8.55
C TRP D 511 -63.67 20.97 9.43
N VAL D 512 -64.46 21.87 8.83
CA VAL D 512 -65.30 22.78 9.60
C VAL D 512 -66.49 22.02 10.19
N MET D 513 -66.71 22.18 11.49
CA MET D 513 -67.80 21.52 12.18
C MET D 513 -69.09 22.28 11.93
N ARG D 514 -69.98 21.66 11.17
CA ARG D 514 -71.23 22.29 10.75
C ARG D 514 -72.44 21.64 11.44
N PRO D 515 -73.52 22.41 11.63
CA PRO D 515 -74.69 21.91 12.35
C PRO D 515 -75.38 20.77 11.60
N GLY D 516 -75.93 19.83 12.37
CA GLY D 516 -76.62 18.66 11.82
C GLY D 516 -75.70 17.49 11.51
N GLU D 517 -74.39 17.68 11.63
CA GLU D 517 -73.42 16.64 11.34
C GLU D 517 -73.21 15.74 12.55
N THR D 518 -73.26 14.44 12.32
CA THR D 518 -73.18 13.46 13.41
C THR D 518 -71.76 13.31 13.96
N TRP D 519 -70.76 13.37 13.07
CA TRP D 519 -69.39 12.97 13.40
C TRP D 519 -68.78 13.70 14.61
N HIS D 520 -68.92 15.02 14.66
CA HIS D 520 -68.24 15.82 15.70
C HIS D 520 -68.96 15.70 17.06
N GLY D 521 -70.28 15.61 17.02
CA GLY D 521 -71.06 15.23 18.21
C GLY D 521 -71.19 16.29 19.28
N PHE D 522 -71.23 17.55 18.85
CA PHE D 522 -71.37 18.69 19.75
C PHE D 522 -72.77 19.25 19.54
N LYS D 523 -73.68 18.93 20.48
CA LYS D 523 -75.09 19.29 20.33
C LYS D 523 -75.28 20.81 20.21
N ASP D 524 -75.97 21.21 19.15
CA ASP D 524 -76.34 22.62 18.91
C ASP D 524 -75.14 23.54 18.65
N LEU D 525 -74.04 22.99 18.13
CA LEU D 525 -72.89 23.79 17.75
C LEU D 525 -73.27 24.68 16.57
N PRO D 526 -73.06 26.00 16.70
CA PRO D 526 -73.32 26.90 15.58
C PRO D 526 -72.41 26.69 14.38
N ASP D 527 -72.86 27.19 13.24
CA ASP D 527 -72.10 27.10 11.99
C ASP D 527 -70.97 28.13 12.01
N ASN D 528 -69.90 27.84 11.28
CA ASN D 528 -68.74 28.74 11.16
C ASN D 528 -68.19 29.19 12.51
N TRP D 529 -67.96 28.23 13.38
CA TRP D 529 -67.41 28.48 14.72
C TRP D 529 -66.19 27.60 15.01
N SER D 530 -66.35 26.29 14.82
CA SER D 530 -65.30 25.33 15.08
C SER D 530 -64.73 24.70 13.82
N MET D 531 -63.64 23.95 14.02
CA MET D 531 -62.93 23.30 12.94
C MET D 531 -61.98 22.27 13.54
N LEU D 532 -61.95 21.07 12.97
CA LEU D 532 -61.01 20.04 13.41
C LEU D 532 -59.64 20.27 12.78
N ASP D 533 -58.60 20.19 13.61
CA ASP D 533 -57.22 20.22 13.14
C ASP D 533 -56.88 18.84 12.54
N PRO D 534 -56.48 18.79 11.25
CA PRO D 534 -56.13 17.51 10.62
C PRO D 534 -55.01 16.73 11.30
N ILE D 535 -54.02 17.42 11.85
CA ILE D 535 -52.84 16.76 12.44
C ILE D 535 -53.06 16.23 13.86
N LYS D 536 -54.21 16.55 14.46
CA LYS D 536 -54.55 16.05 15.79
C LYS D 536 -55.47 14.85 15.62
N VAL D 537 -54.88 13.74 15.20
CA VAL D 537 -55.64 12.56 14.79
C VAL D 537 -56.17 11.77 15.98
N SER D 538 -57.44 11.98 16.30
CA SER D 538 -58.14 11.20 17.30
C SER D 538 -58.68 9.94 16.64
N ILE D 539 -58.56 8.82 17.34
CA ILE D 539 -59.03 7.52 16.83
C ILE D 539 -59.98 6.89 17.83
N LEU D 540 -61.05 6.29 17.31
CA LEU D 540 -62.17 5.84 18.13
C LEU D 540 -62.32 4.33 18.15
N ALA D 541 -62.22 3.75 19.34
CA ALA D 541 -62.50 2.33 19.53
C ALA D 541 -64.01 2.13 19.57
N PRO D 542 -64.50 0.96 19.13
CA PRO D 542 -65.94 0.71 19.13
C PRO D 542 -66.49 0.57 20.54
N GLY D 543 -67.76 0.95 20.72
CA GLY D 543 -68.41 0.86 22.03
C GLY D 543 -69.39 1.98 22.29
N MET D 544 -69.15 3.16 21.73
CA MET D 544 -70.04 4.31 21.90
C MET D 544 -70.94 4.48 20.69
N GLY D 545 -72.26 4.39 20.91
CA GLY D 545 -73.23 4.62 19.85
C GLY D 545 -73.37 6.09 19.52
N ASP D 546 -73.84 6.38 18.31
CA ASP D 546 -74.09 7.76 17.87
C ASP D 546 -75.11 8.48 18.74
N ASP D 547 -76.08 7.73 19.26
CA ASP D 547 -77.13 8.27 20.12
C ASP D 547 -76.62 8.78 21.49
N GLY D 548 -75.45 8.31 21.91
CA GLY D 548 -74.86 8.72 23.18
C GLY D 548 -74.85 7.64 24.24
N GLU D 549 -75.66 6.59 24.05
CA GLU D 549 -75.64 5.42 24.93
C GLU D 549 -74.65 4.38 24.42
N LEU D 550 -74.19 3.53 25.32
CA LEU D 550 -73.24 2.48 24.98
C LEU D 550 -73.86 1.39 24.13
N GLU D 551 -73.06 0.85 23.21
CA GLU D 551 -73.49 -0.23 22.32
C GLU D 551 -73.50 -1.58 23.06
N ALA D 552 -73.93 -2.63 22.35
CA ALA D 552 -73.99 -4.00 22.89
C ALA D 552 -72.66 -4.45 23.50
N SER D 553 -71.62 -4.40 22.67
CA SER D 553 -70.26 -4.70 23.10
C SER D 553 -69.31 -3.62 22.60
N GLY D 554 -68.09 -3.61 23.12
CA GLY D 554 -67.10 -2.62 22.72
C GLY D 554 -65.70 -2.94 23.20
N VAL D 555 -64.75 -2.14 22.71
CA VAL D 555 -63.33 -2.27 23.07
C VAL D 555 -62.88 -1.00 23.79
N PRO D 556 -62.59 -1.09 25.09
CA PRO D 556 -62.16 0.11 25.81
C PRO D 556 -60.72 0.51 25.46
N ALA D 557 -60.50 1.80 25.29
CA ALA D 557 -59.24 2.35 24.80
C ALA D 557 -58.08 2.14 25.78
N ALA D 558 -58.37 2.19 27.07
CA ALA D 558 -57.36 1.95 28.11
C ALA D 558 -56.56 0.69 27.83
N LEU D 559 -57.25 -0.35 27.36
CA LEU D 559 -56.63 -1.63 27.05
C LEU D 559 -55.72 -1.53 25.83
N VAL D 560 -56.14 -0.75 24.84
CA VAL D 560 -55.36 -0.53 23.62
C VAL D 560 -54.11 0.30 23.94
N THR D 561 -54.32 1.41 24.64
CA THR D 561 -53.23 2.30 25.08
C THR D 561 -52.09 1.52 25.76
N ALA D 562 -52.46 0.54 26.57
CA ALA D 562 -51.50 -0.32 27.25
C ALA D 562 -50.70 -1.17 26.25
N TRP D 563 -51.40 -1.79 25.32
CA TRP D 563 -50.77 -2.59 24.26
C TRP D 563 -49.80 -1.74 23.42
N LEU D 564 -50.24 -0.53 23.08
CA LEU D 564 -49.40 0.42 22.37
C LEU D 564 -48.16 0.77 23.18
N GLY D 565 -48.35 0.98 24.48
CA GLY D 565 -47.26 1.28 25.41
C GLY D 565 -46.14 0.26 25.42
N ARG D 566 -46.52 -1.01 25.35
CA ARG D 566 -45.57 -2.11 25.32
C ARG D 566 -44.75 -2.12 24.00
N HIS D 567 -45.33 -1.58 22.93
CA HIS D 567 -44.64 -1.47 21.63
C HIS D 567 -44.00 -0.09 21.40
N GLY D 568 -43.67 0.62 22.48
CA GLY D 568 -42.99 1.91 22.40
C GLY D 568 -43.79 2.99 21.72
N ILE D 569 -45.07 3.08 22.07
CA ILE D 569 -45.98 4.08 21.53
C ILE D 569 -46.86 4.58 22.68
N VAL D 570 -46.71 5.85 23.04
CA VAL D 570 -47.47 6.43 24.17
C VAL D 570 -48.32 7.62 23.69
N PRO D 571 -49.60 7.37 23.35
CA PRO D 571 -50.53 8.41 22.90
C PRO D 571 -50.62 9.63 23.81
N THR D 572 -50.84 10.79 23.21
CA THR D 572 -50.98 12.04 23.96
C THR D 572 -52.18 11.98 24.89
N ARG D 573 -53.32 11.61 24.30
CA ARG D 573 -54.62 11.65 24.94
C ARG D 573 -55.27 10.27 24.98
N THR D 574 -56.03 9.99 26.04
CA THR D 574 -56.80 8.75 26.15
C THR D 574 -58.06 8.93 26.99
N THR D 575 -59.22 8.77 26.36
CA THR D 575 -60.50 8.71 27.06
C THR D 575 -60.89 7.23 27.17
N ASP D 576 -62.17 6.94 27.38
CA ASP D 576 -62.66 5.56 27.47
C ASP D 576 -62.64 4.88 26.10
N PHE D 577 -62.91 5.64 25.04
CA PHE D 577 -62.89 5.12 23.66
C PHE D 577 -62.00 5.89 22.67
N GLN D 578 -61.52 7.07 23.06
CA GLN D 578 -60.65 7.89 22.22
C GLN D 578 -59.18 7.58 22.48
N ILE D 579 -58.41 7.48 21.41
CA ILE D 579 -56.96 7.47 21.47
C ILE D 579 -56.48 8.54 20.49
N MET D 580 -55.72 9.51 20.99
CA MET D 580 -55.26 10.60 20.12
C MET D 580 -53.77 10.50 19.82
N PHE D 581 -53.45 10.54 18.53
CA PHE D 581 -52.07 10.55 18.05
C PHE D 581 -51.69 11.92 17.51
N LEU D 582 -50.52 12.40 17.93
CA LEU D 582 -50.08 13.75 17.61
C LEU D 582 -49.08 13.73 16.44
N PHE D 583 -49.53 14.19 15.29
CA PHE D 583 -48.65 14.35 14.13
C PHE D 583 -47.95 15.70 14.23
N SER D 584 -46.62 15.69 14.13
CA SER D 584 -45.82 16.90 14.23
C SER D 584 -44.84 17.01 13.05
N MET D 585 -44.08 18.10 13.03
CA MET D 585 -43.04 18.28 12.02
C MET D 585 -41.83 17.39 12.25
N GLY D 586 -41.70 16.85 13.46
CA GLY D 586 -40.66 15.87 13.76
C GLY D 586 -40.91 14.48 13.20
N VAL D 587 -42.15 14.22 12.79
CA VAL D 587 -42.52 12.92 12.23
C VAL D 587 -41.90 12.70 10.86
N THR D 588 -41.27 11.55 10.68
CA THR D 588 -40.71 11.13 9.39
C THR D 588 -41.79 10.58 8.47
N ARG D 589 -41.55 10.67 7.17
CA ARG D 589 -42.58 10.34 6.17
C ARG D 589 -42.87 8.84 6.10
N GLY D 590 -44.14 8.49 6.36
CA GLY D 590 -44.63 7.12 6.25
C GLY D 590 -44.68 6.36 7.56
N LYS D 591 -44.25 6.99 8.65
CA LYS D 591 -44.14 6.30 9.95
C LYS D 591 -45.48 5.89 10.53
N TRP D 592 -46.58 6.48 10.05
CA TRP D 592 -47.92 6.10 10.50
C TRP D 592 -48.28 4.65 10.22
N GLY D 593 -47.62 4.05 9.23
CA GLY D 593 -47.78 2.61 8.97
C GLY D 593 -47.55 1.73 10.19
N THR D 594 -46.62 2.16 11.05
CA THR D 594 -46.33 1.44 12.30
C THR D 594 -47.52 1.47 13.26
N LEU D 595 -48.19 2.62 13.35
CA LEU D 595 -49.41 2.74 14.16
C LEU D 595 -50.46 1.74 13.73
N ILE D 596 -50.65 1.63 12.41
CA ILE D 596 -51.62 0.70 11.87
C ILE D 596 -51.20 -0.74 12.16
N ASN D 597 -49.95 -1.05 11.88
CA ASN D 597 -49.41 -2.40 12.10
C ASN D 597 -49.61 -2.89 13.54
N THR D 598 -49.45 -1.99 14.50
CA THR D 598 -49.62 -2.31 15.92
C THR D 598 -51.10 -2.44 16.28
N LEU D 599 -51.92 -1.52 15.76
CA LEU D 599 -53.37 -1.57 15.96
C LEU D 599 -54.00 -2.85 15.41
N CME D 600 -53.47 -3.33 14.29
CA CME D 600 -53.93 -4.57 13.67
CB CME D 600 -53.37 -4.70 12.25
SG CME D 600 -54.13 -3.51 11.19
SD CME D 600 -55.50 -4.63 10.26
CE CME D 600 -54.50 -5.42 9.03
CZ CME D 600 -54.86 -6.90 8.93
OH CME D 600 -53.67 -7.68 9.14
C CME D 600 -53.52 -5.77 14.48
O CME D 600 -54.33 -6.68 14.70
N SER D 601 -52.27 -5.78 14.94
CA SER D 601 -51.77 -6.88 15.76
C SER D 601 -52.51 -6.96 17.10
N PHE D 602 -52.99 -5.82 17.60
CA PHE D 602 -53.87 -5.81 18.77
C PHE D 602 -55.18 -6.51 18.46
N LYS D 603 -55.84 -6.07 17.39
CA LYS D 603 -57.10 -6.65 16.96
C LYS D 603 -56.99 -8.18 16.84
N HIS D 604 -55.94 -8.64 16.18
CA HIS D 604 -55.69 -10.07 16.04
C HIS D 604 -55.69 -10.79 17.39
N HIS D 605 -54.97 -10.23 18.36
CA HIS D 605 -54.91 -10.82 19.70
C HIS D 605 -56.23 -10.67 20.47
N TYR D 606 -56.96 -9.59 20.22
CA TYR D 606 -58.27 -9.38 20.83
C TYR D 606 -59.28 -10.42 20.35
N ASP D 607 -59.33 -10.62 19.04
CA ASP D 607 -60.21 -11.62 18.43
C ASP D 607 -59.84 -13.03 18.88
N ALA D 608 -58.54 -13.29 18.99
CA ALA D 608 -58.03 -14.60 19.43
C ALA D 608 -58.11 -14.80 20.94
N ASN D 609 -58.31 -13.70 21.68
CA ASN D 609 -58.35 -13.72 23.14
C ASN D 609 -57.09 -14.34 23.75
N THR D 610 -55.93 -14.01 23.19
CA THR D 610 -54.67 -14.59 23.67
C THR D 610 -54.44 -14.24 25.15
N PRO D 611 -53.94 -15.21 25.94
CA PRO D 611 -53.75 -15.02 27.38
C PRO D 611 -52.95 -13.77 27.73
N LEU D 612 -53.32 -13.11 28.82
CA LEU D 612 -52.58 -11.95 29.30
C LEU D 612 -51.14 -12.29 29.69
N ALA D 613 -50.93 -13.53 30.12
CA ALA D 613 -49.58 -14.04 30.42
C ALA D 613 -48.60 -13.76 29.28
N GLN D 614 -49.08 -13.92 28.05
CA GLN D 614 -48.28 -13.66 26.84
C GLN D 614 -48.28 -12.18 26.44
N VAL D 615 -49.47 -11.62 26.22
CA VAL D 615 -49.63 -10.27 25.67
C VAL D 615 -49.31 -9.14 26.65
N MET D 616 -49.59 -9.34 27.93
CA MET D 616 -49.31 -8.33 28.98
C MET D 616 -48.72 -9.00 30.22
N PRO D 617 -47.47 -9.51 30.11
CA PRO D 617 -46.89 -10.28 31.22
C PRO D 617 -46.62 -9.44 32.46
N GLU D 618 -46.13 -8.22 32.26
CA GLU D 618 -45.88 -7.27 33.35
C GLU D 618 -47.07 -7.11 34.30
N LEU D 619 -48.28 -7.15 33.75
CA LEU D 619 -49.51 -6.97 34.53
C LEU D 619 -49.88 -8.18 35.38
N VAL D 620 -49.74 -9.37 34.80
CA VAL D 620 -50.10 -10.62 35.49
C VAL D 620 -49.13 -10.90 36.64
N GLN D 621 -47.85 -10.65 36.39
CA GLN D 621 -46.82 -10.77 37.43
C GLN D 621 -47.12 -9.86 38.62
N ASP D 622 -47.57 -8.64 38.33
CA ASP D 622 -47.92 -7.64 39.36
C ASP D 622 -49.16 -8.01 40.17
N TYR D 623 -50.25 -8.34 39.47
CA TYR D 623 -51.53 -8.62 40.11
C TYR D 623 -52.09 -9.97 39.63
N PRO D 624 -51.48 -11.08 40.10
CA PRO D 624 -51.89 -12.40 39.63
C PRO D 624 -53.32 -12.77 40.05
N ASP D 625 -53.70 -12.40 41.27
CA ASP D 625 -55.04 -12.68 41.79
C ASP D 625 -56.14 -12.16 40.86
N THR D 626 -55.98 -10.94 40.38
CA THR D 626 -57.00 -10.28 39.56
C THR D 626 -57.05 -10.82 38.12
N TYR D 627 -55.88 -10.92 37.50
CA TYR D 627 -55.77 -11.28 36.08
C TYR D 627 -55.30 -12.73 35.85
N ALA D 628 -55.72 -13.64 36.72
CA ALA D 628 -55.37 -15.06 36.60
C ALA D 628 -56.18 -15.73 35.50
N ASN D 629 -55.56 -16.70 34.84
CA ASN D 629 -56.19 -17.50 33.76
C ASN D 629 -57.19 -16.70 32.89
N MET D 630 -56.77 -15.49 32.53
CA MET D 630 -57.59 -14.58 31.71
C MET D 630 -56.95 -14.36 30.34
N GLY D 631 -57.78 -13.88 29.40
CA GLY D 631 -57.33 -13.46 28.08
C GLY D 631 -57.60 -11.98 27.86
N ILE D 632 -57.00 -11.42 26.81
CA ILE D 632 -57.13 -9.98 26.52
C ILE D 632 -58.59 -9.57 26.24
N HIS D 633 -59.33 -10.44 25.57
CA HIS D 633 -60.75 -10.19 25.27
C HIS D 633 -61.58 -10.23 26.55
N ASP D 634 -61.31 -11.22 27.40
CA ASP D 634 -62.01 -11.36 28.67
C ASP D 634 -61.94 -10.08 29.48
N LEU D 635 -60.75 -9.47 29.54
CA LEU D 635 -60.56 -8.21 30.27
C LEU D 635 -61.33 -7.08 29.61
N GLY D 636 -61.26 -7.01 28.28
CA GLY D 636 -62.01 -6.02 27.51
C GLY D 636 -63.49 -6.05 27.84
N ASP D 637 -64.07 -7.24 27.85
CA ASP D 637 -65.48 -7.43 28.22
C ASP D 637 -65.75 -7.02 29.66
N LYS D 638 -64.86 -7.38 30.58
CA LYS D 638 -65.00 -7.03 31.99
C LYS D 638 -64.91 -5.53 32.22
N MET D 639 -64.02 -4.87 31.47
CA MET D 639 -63.91 -3.41 31.49
C MET D 639 -65.15 -2.74 30.88
N PHE D 640 -65.59 -3.24 29.73
CA PHE D 640 -66.77 -2.70 29.06
C PHE D 640 -68.04 -2.93 29.89
N ALA D 641 -68.08 -4.02 30.64
CA ALA D 641 -69.19 -4.33 31.54
C ALA D 641 -69.29 -3.29 32.67
N TRP D 642 -68.14 -3.01 33.30
CA TRP D 642 -68.04 -1.96 34.32
C TRP D 642 -68.53 -0.62 33.78
N LEU D 643 -68.12 -0.30 32.54
CA LEU D 643 -68.54 0.93 31.87
C LEU D 643 -70.06 1.07 31.80
N ARG D 644 -70.76 0.01 31.41
CA ARG D 644 -72.23 0.03 31.37
C ARG D 644 -72.82 0.25 32.75
N GLU D 645 -72.35 -0.53 33.73
CA GLU D 645 -72.88 -0.52 35.08
C GLU D 645 -72.64 0.79 35.80
N ASN D 646 -71.37 1.21 35.86
CA ASN D 646 -70.99 2.42 36.61
C ASN D 646 -71.27 3.73 35.87
N ASN D 647 -71.32 3.68 34.53
CA ASN D 647 -71.82 4.79 33.71
C ASN D 647 -71.04 6.11 33.90
N PRO D 648 -69.72 6.08 33.65
CA PRO D 648 -68.85 7.21 34.02
C PRO D 648 -68.96 8.42 33.09
N GLY D 649 -69.28 8.19 31.82
CA GLY D 649 -69.40 9.27 30.84
C GLY D 649 -70.46 10.28 31.23
N ALA D 650 -71.57 9.78 31.76
CA ALA D 650 -72.66 10.63 32.27
C ALA D 650 -72.25 11.34 33.56
N ARG D 651 -71.55 10.62 34.44
CA ARG D 651 -71.02 11.20 35.68
C ARG D 651 -70.00 12.31 35.41
N LEU D 652 -69.20 12.14 34.34
CA LEU D 652 -68.26 13.18 33.93
C LEU D 652 -68.99 14.46 33.58
N ASN D 653 -69.95 14.35 32.67
CA ASN D 653 -70.75 15.51 32.24
C ASN D 653 -71.45 16.20 33.40
N ALA D 654 -71.98 15.41 34.33
CA ALA D 654 -72.60 15.96 35.54
C ALA D 654 -71.64 16.88 36.30
N ALA D 655 -70.40 16.42 36.46
CA ALA D 655 -69.37 17.15 37.21
C ALA D 655 -68.86 18.39 36.48
N TYR D 656 -68.92 18.37 35.14
CA TYR D 656 -68.39 19.48 34.32
C TYR D 656 -69.44 20.40 33.70
N SER D 657 -70.67 19.90 33.53
CA SER D 657 -71.77 20.70 32.98
C SER D 657 -72.08 21.92 33.84
N THR D 658 -72.07 21.71 35.15
CA THR D 658 -72.34 22.76 36.11
C THR D 658 -71.11 22.95 37.02
N LEU D 659 -70.58 24.16 37.04
CA LEU D 659 -69.35 24.45 37.77
C LEU D 659 -69.58 24.39 39.29
N PRO D 660 -68.54 24.02 40.06
CA PRO D 660 -68.64 24.07 41.51
C PRO D 660 -68.67 25.51 42.02
N VAL D 661 -69.26 25.73 43.19
CA VAL D 661 -69.43 27.07 43.73
C VAL D 661 -68.10 27.62 44.23
N ALA D 662 -67.72 28.78 43.70
CA ALA D 662 -66.45 29.43 44.05
C ALA D 662 -66.59 30.19 45.37
N GLU D 663 -66.08 29.60 46.45
CA GLU D 663 -66.22 30.17 47.80
C GLU D 663 -65.19 31.25 48.10
N ILE D 664 -63.92 30.98 47.80
CA ILE D 664 -62.84 31.98 47.92
C ILE D 664 -61.96 32.00 46.68
N THR D 665 -61.10 33.02 46.60
CA THR D 665 -60.21 33.18 45.44
C THR D 665 -59.12 32.11 45.48
N PRO D 666 -58.59 31.73 44.30
CA PRO D 666 -57.43 30.82 44.28
C PRO D 666 -56.26 31.32 45.11
N ARG D 667 -56.05 32.64 45.13
CA ARG D 667 -55.00 33.25 45.95
C ARG D 667 -55.25 33.03 47.44
N ASP D 668 -56.47 33.32 47.89
CA ASP D 668 -56.86 33.06 49.28
C ASP D 668 -56.68 31.58 49.64
N ALA D 669 -57.04 30.71 48.72
CA ALA D 669 -56.90 29.27 48.90
C ALA D 669 -55.44 28.85 48.99
N TYR D 670 -54.59 29.41 48.13
CA TYR D 670 -53.16 29.14 48.20
C TYR D 670 -52.57 29.69 49.51
N ASN D 671 -53.01 30.87 49.92
CA ASN D 671 -52.53 31.48 51.17
C ASN D 671 -52.84 30.62 52.40
N ALA D 672 -53.90 29.84 52.34
CA ALA D 672 -54.22 28.85 53.38
C ALA D 672 -53.10 27.82 53.51
N ILE D 673 -52.49 27.46 52.38
CA ILE D 673 -51.36 26.53 52.36
C ILE D 673 -50.14 27.14 53.05
N VAL D 674 -49.90 28.42 52.80
CA VAL D 674 -48.77 29.14 53.39
C VAL D 674 -48.96 29.28 54.90
N ASN D 675 -50.17 29.63 55.32
CA ASN D 675 -50.51 29.78 56.74
C ASN D 675 -50.73 28.46 57.47
N ASN D 676 -50.77 27.35 56.71
CA ASN D 676 -50.92 26.01 57.26
C ASN D 676 -52.33 25.74 57.78
N ASN D 677 -53.33 26.39 57.17
CA ASN D 677 -54.74 26.06 57.39
C ASN D 677 -55.13 24.97 56.41
N ILE D 678 -54.50 23.81 56.58
CA ILE D 678 -54.50 22.78 55.57
C ILE D 678 -54.75 21.42 56.19
N GLU D 679 -55.39 20.56 55.41
CA GLU D 679 -55.86 19.28 55.92
C GLU D 679 -56.05 18.32 54.74
N MET D 680 -55.49 17.12 54.86
CA MET D 680 -55.65 16.11 53.82
C MET D 680 -56.96 15.36 54.03
N VAL D 681 -57.96 15.72 53.24
CA VAL D 681 -59.31 15.20 53.40
C VAL D 681 -59.56 14.04 52.44
N ALA D 682 -60.10 12.94 52.99
CA ALA D 682 -60.43 11.75 52.20
C ALA D 682 -61.67 11.98 51.33
N ILE D 683 -61.77 11.19 50.25
CA ILE D 683 -62.84 11.33 49.26
C ILE D 683 -64.24 11.44 49.86
N GLU D 684 -64.53 10.59 50.86
CA GLU D 684 -65.88 10.53 51.45
C GLU D 684 -66.28 11.77 52.24
N ASN D 685 -65.30 12.51 52.74
CA ASN D 685 -65.55 13.69 53.56
C ASN D 685 -65.33 15.01 52.83
N LEU D 686 -65.22 14.95 51.50
CA LEU D 686 -65.00 16.14 50.68
C LEU D 686 -66.20 17.09 50.61
N PRO D 687 -67.44 16.56 50.64
CA PRO D 687 -68.60 17.44 50.54
C PRO D 687 -68.55 18.62 51.51
N GLY D 688 -68.83 19.81 50.98
CA GLY D 688 -68.83 21.04 51.78
C GLY D 688 -67.47 21.64 52.08
N ARG D 689 -66.40 21.03 51.56
CA ARG D 689 -65.03 21.48 51.86
C ARG D 689 -64.46 22.26 50.68
N ILE D 690 -63.54 23.17 50.99
CA ILE D 690 -62.90 24.00 49.98
C ILE D 690 -61.57 23.40 49.55
N ALA D 691 -61.35 23.31 48.25
CA ALA D 691 -60.11 22.76 47.70
C ALA D 691 -58.98 23.77 47.85
N ALA D 692 -57.85 23.31 48.40
CA ALA D 692 -56.67 24.16 48.57
C ALA D 692 -55.88 24.29 47.26
N ASN D 693 -55.83 23.19 46.52
CA ASN D 693 -55.20 23.16 45.20
C ASN D 693 -56.22 22.75 44.15
N SER D 694 -55.90 22.96 42.88
CA SER D 694 -56.78 22.55 41.79
C SER D 694 -56.87 21.03 41.72
N VAL D 695 -57.99 20.52 41.20
CA VAL D 695 -58.19 19.08 41.01
C VAL D 695 -58.49 18.81 39.55
N ILE D 696 -57.60 18.07 38.89
CA ILE D 696 -57.70 17.79 37.45
C ILE D 696 -57.66 16.29 37.21
N PRO D 697 -58.83 15.66 36.99
CA PRO D 697 -58.86 14.24 36.62
C PRO D 697 -58.68 14.03 35.12
N TYR D 698 -58.07 12.89 34.76
CA TYR D 698 -57.89 12.47 33.37
C TYR D 698 -58.62 11.15 33.15
N PRO D 699 -59.68 11.13 32.31
CA PRO D 699 -60.24 12.27 31.57
C PRO D 699 -61.09 13.16 32.47
N PRO D 700 -61.50 14.33 31.98
CA PRO D 700 -61.24 14.93 30.66
C PRO D 700 -59.90 15.67 30.55
N GLY D 701 -59.18 15.83 31.66
CA GLY D 701 -57.88 16.48 31.66
C GLY D 701 -57.93 18.00 31.73
N ILE D 702 -59.07 18.54 32.15
CA ILE D 702 -59.18 19.98 32.47
C ILE D 702 -59.74 20.10 33.88
N PRO D 703 -59.52 21.26 34.54
CA PRO D 703 -59.85 21.33 35.96
C PRO D 703 -61.32 21.10 36.27
N MET D 704 -61.59 20.14 37.15
CA MET D 704 -62.93 19.92 37.69
C MET D 704 -63.17 20.97 38.76
N LEU D 705 -62.20 21.11 39.66
CA LEU D 705 -62.17 22.19 40.65
C LEU D 705 -60.87 22.96 40.54
N LEU D 706 -60.95 24.26 40.76
CA LEU D 706 -59.77 25.10 40.95
C LEU D 706 -59.61 25.42 42.43
N SER D 707 -58.50 26.08 42.77
CA SER D 707 -58.26 26.51 44.14
C SER D 707 -59.37 27.45 44.63
N GLY D 708 -59.87 27.17 45.82
CA GLY D 708 -60.87 28.02 46.47
C GLY D 708 -62.31 27.72 46.13
N GLU D 709 -62.55 26.62 45.41
CA GLU D 709 -63.89 26.20 45.05
C GLU D 709 -64.37 25.07 45.97
N ASN D 710 -65.69 24.99 46.17
CA ASN D 710 -66.28 24.01 47.10
C ASN D 710 -66.77 22.76 46.38
N PHE D 711 -66.46 21.61 46.96
CA PHE D 711 -66.83 20.31 46.38
C PHE D 711 -68.35 20.13 46.32
N GLY D 712 -69.06 20.79 47.23
CA GLY D 712 -70.53 20.92 47.14
C GLY D 712 -71.33 20.03 48.08
N ASP D 713 -72.54 19.68 47.63
CA ASP D 713 -73.51 18.91 48.43
C ASP D 713 -73.02 17.51 48.80
N GLU D 714 -73.78 16.85 49.68
CA GLU D 714 -73.51 15.46 50.04
C GLU D 714 -73.67 14.56 48.82
N ASN D 715 -74.60 14.93 47.94
CA ASN D 715 -74.81 14.25 46.67
C ASN D 715 -74.25 15.08 45.51
N SER D 716 -72.95 15.39 45.60
CA SER D 716 -72.26 16.24 44.63
C SER D 716 -71.77 15.44 43.43
N PRO D 717 -71.92 16.01 42.21
CA PRO D 717 -71.47 15.33 41.00
C PRO D 717 -69.94 15.27 40.84
N GLN D 718 -69.25 16.27 41.40
CA GLN D 718 -67.79 16.33 41.35
C GLN D 718 -67.19 15.23 42.21
N VAL D 719 -67.66 15.15 43.46
CA VAL D 719 -67.24 14.09 44.38
C VAL D 719 -67.71 12.73 43.84
N GLY D 720 -68.87 12.75 43.18
CA GLY D 720 -69.39 11.56 42.50
C GLY D 720 -68.44 11.03 41.43
N TYR D 721 -68.00 11.92 40.54
CA TYR D 721 -67.10 11.52 39.45
C TYR D 721 -65.78 10.97 39.97
N LEU D 722 -65.26 11.57 41.04
CA LEU D 722 -64.07 11.04 41.72
C LEU D 722 -64.30 9.64 42.24
N ARG D 723 -65.48 9.42 42.81
CA ARG D 723 -65.90 8.12 43.33
C ARG D 723 -65.79 7.00 42.29
N SER D 724 -66.31 7.29 41.10
CA SER D 724 -66.32 6.32 40.00
C SER D 724 -64.90 6.07 39.49
N LEU D 725 -64.11 7.13 39.40
CA LEU D 725 -62.69 7.02 39.04
C LEU D 725 -61.96 6.10 40.00
N GLN D 726 -62.21 6.25 41.29
CA GLN D 726 -61.63 5.39 42.31
C GLN D 726 -62.13 3.95 42.16
N SER D 727 -63.43 3.80 41.90
CA SER D 727 -64.02 2.48 41.71
C SER D 727 -63.33 1.75 40.55
N TRP D 728 -63.06 2.46 39.46
CA TRP D 728 -62.34 1.89 38.31
C TRP D 728 -60.95 1.41 38.74
N ASP D 729 -60.23 2.25 39.46
CA ASP D 729 -58.87 1.93 39.92
C ASP D 729 -58.84 0.62 40.71
N HIS D 730 -59.79 0.47 41.64
CA HIS D 730 -59.90 -0.74 42.49
C HIS D 730 -60.20 -1.99 41.66
N HIS D 731 -61.14 -1.87 40.73
CA HIS D 731 -61.56 -2.99 39.88
C HIS D 731 -60.49 -3.42 38.89
N PHE D 732 -59.72 -2.46 38.39
CA PHE D 732 -58.70 -2.74 37.37
C PHE D 732 -57.32 -2.17 37.75
N PRO D 733 -56.58 -2.90 38.61
CA PRO D 733 -55.22 -2.54 38.96
C PRO D 733 -54.29 -2.54 37.75
N GLY D 734 -53.33 -1.61 37.74
CA GLY D 734 -52.46 -1.40 36.59
C GLY D 734 -53.03 -0.47 35.52
N PHE D 735 -54.32 -0.14 35.64
CA PHE D 735 -54.98 0.78 34.71
C PHE D 735 -55.54 2.00 35.45
N GLU D 736 -54.83 2.44 36.48
CA GLU D 736 -55.30 3.52 37.35
C GLU D 736 -55.33 4.86 36.63
N HIS D 737 -56.33 5.68 36.94
CA HIS D 737 -56.44 7.02 36.37
C HIS D 737 -55.45 7.97 37.01
N GLU D 738 -54.84 8.81 36.19
CA GLU D 738 -53.99 9.89 36.68
C GLU D 738 -54.91 11.06 37.06
N THR D 739 -54.66 11.65 38.24
CA THR D 739 -55.42 12.80 38.71
C THR D 739 -54.49 13.77 39.45
N GLU D 740 -54.27 14.94 38.85
CA GLU D 740 -53.47 16.00 39.49
C GLU D 740 -54.29 16.66 40.61
N GLY D 741 -53.62 17.04 41.69
CA GLY D 741 -54.28 17.61 42.86
C GLY D 741 -54.79 16.58 43.84
N THR D 742 -54.46 15.31 43.59
CA THR D 742 -54.93 14.18 44.39
C THR D 742 -53.76 13.34 44.85
N GLU D 743 -53.72 13.05 46.15
CA GLU D 743 -52.75 12.11 46.73
C GLU D 743 -53.52 10.87 47.20
N ILE D 744 -53.08 9.70 46.75
CA ILE D 744 -53.72 8.44 47.12
C ILE D 744 -53.06 7.87 48.38
N ILE D 745 -53.76 7.98 49.51
CA ILE D 745 -53.23 7.55 50.82
C ILE D 745 -53.95 6.31 51.34
N ASP D 746 -53.18 5.28 51.69
CA ASP D 746 -53.72 4.00 52.17
C ASP D 746 -54.73 3.41 51.17
N GLY D 747 -54.42 3.53 49.89
CA GLY D 747 -55.32 3.07 48.82
C GLY D 747 -56.57 3.92 48.60
N VAL D 748 -56.65 5.08 49.26
CA VAL D 748 -57.83 5.94 49.20
C VAL D 748 -57.47 7.30 48.61
N TYR D 749 -58.42 7.90 47.89
CA TYR D 749 -58.23 9.21 47.28
C TYR D 749 -58.33 10.29 48.35
N HIS D 750 -57.31 11.13 48.46
CA HIS D 750 -57.35 12.30 49.33
C HIS D 750 -57.11 13.58 48.54
N VAL D 751 -57.62 14.69 49.05
CA VAL D 751 -57.38 16.01 48.45
C VAL D 751 -57.10 17.04 49.54
N MET D 752 -56.07 17.85 49.33
CA MET D 752 -55.71 18.90 50.28
C MET D 752 -56.77 19.99 50.31
N CYS D 753 -57.34 20.22 51.49
CA CYS D 753 -58.43 21.17 51.68
C CYS D 753 -58.12 22.22 52.73
N VAL D 754 -58.90 23.29 52.72
CA VAL D 754 -58.80 24.36 53.72
C VAL D 754 -59.43 23.87 55.03
N LYS D 755 -58.95 24.41 56.15
CA LYS D 755 -59.49 24.08 57.47
C LYS D 755 -60.65 24.99 57.85
N ALA D 756 -61.82 24.38 58.07
CA ALA D 756 -63.00 25.11 58.54
C ALA D 756 -62.87 25.38 60.04
N MET E 1 -24.26 -9.18 14.42
CA MET E 1 -24.36 -8.01 13.48
C MET E 1 -25.57 -8.12 12.58
N MET E 2 -26.19 -6.99 12.29
CA MET E 2 -27.48 -6.96 11.58
C MET E 2 -27.34 -7.04 10.06
N LYS E 3 -28.38 -7.57 9.42
CA LYS E 3 -28.33 -7.92 7.99
C LYS E 3 -29.66 -7.60 7.29
N VAL E 4 -29.57 -6.84 6.19
CA VAL E 4 -30.73 -6.38 5.43
C VAL E 4 -30.66 -6.87 3.99
N LEU E 5 -31.77 -7.43 3.51
CA LEU E 5 -31.92 -7.79 2.10
C LEU E 5 -32.75 -6.75 1.40
N ILE E 6 -32.16 -6.07 0.42
CA ILE E 6 -32.88 -5.12 -0.43
C ILE E 6 -33.12 -5.75 -1.79
N VAL E 7 -34.39 -5.80 -2.20
CA VAL E 7 -34.79 -6.37 -3.50
C VAL E 7 -35.28 -5.26 -4.43
N GLU E 8 -34.45 -4.86 -5.38
CA GLU E 8 -34.86 -3.89 -6.41
C GLU E 8 -35.74 -4.58 -7.44
N SER E 9 -36.97 -4.12 -7.55
CA SER E 9 -37.93 -4.69 -8.49
C SER E 9 -37.41 -4.60 -9.91
N GLU E 10 -37.74 -5.62 -10.70
CA GLU E 10 -37.32 -5.71 -12.11
C GLU E 10 -38.11 -4.69 -12.94
N PHE E 11 -39.29 -4.35 -12.45
CA PHE E 11 -40.23 -3.49 -13.17
C PHE E 11 -39.86 -2.01 -13.08
N LEU E 12 -38.91 -1.67 -12.20
CA LEU E 12 -38.49 -0.28 -12.00
C LEU E 12 -37.02 0.01 -12.38
N HIS E 13 -36.32 -0.97 -12.94
CA HIS E 13 -34.98 -0.72 -13.49
C HIS E 13 -35.04 0.30 -14.63
N GLN E 14 -36.13 0.25 -15.38
CA GLN E 14 -36.44 1.25 -16.40
C GLN E 14 -36.22 2.68 -15.86
N ASP E 15 -36.68 2.91 -14.64
CA ASP E 15 -36.53 4.20 -13.94
C ASP E 15 -35.23 4.20 -13.11
N THR E 16 -34.16 4.75 -13.67
CA THR E 16 -32.81 4.66 -13.08
C THR E 16 -32.64 5.40 -11.75
N TRP E 17 -33.44 6.45 -11.54
CA TRP E 17 -33.40 7.28 -10.33
C TRP E 17 -33.89 6.56 -9.07
N VAL E 18 -34.66 5.50 -9.26
CA VAL E 18 -35.09 4.64 -8.17
C VAL E 18 -33.89 3.87 -7.63
N GLY E 19 -33.17 3.21 -8.54
CA GLY E 19 -31.94 2.49 -8.20
C GLY E 19 -30.92 3.37 -7.49
N ASN E 20 -30.84 4.63 -7.91
CA ASN E 20 -29.98 5.60 -7.24
C ASN E 20 -30.42 5.87 -5.81
N ALA E 21 -31.72 6.04 -5.61
CA ALA E 21 -32.27 6.27 -4.27
C ALA E 21 -32.04 5.07 -3.36
N VAL E 22 -32.19 3.88 -3.92
CA VAL E 22 -31.91 2.64 -3.18
C VAL E 22 -30.44 2.59 -2.78
N GLU E 23 -29.56 2.98 -3.71
CA GLU E 23 -28.12 3.03 -3.43
C GLU E 23 -27.79 3.99 -2.28
N ARG E 24 -28.42 5.17 -2.30
CA ARG E 24 -28.28 6.15 -1.22
C ARG E 24 -28.70 5.56 0.12
N LEU E 25 -29.75 4.75 0.10
CA LEU E 25 -30.25 4.07 1.30
C LEU E 25 -29.26 3.00 1.74
N ALA E 26 -28.91 2.10 0.83
CA ALA E 26 -27.95 1.04 1.10
C ALA E 26 -26.70 1.61 1.77
N ASP E 27 -26.27 2.77 1.28
CA ASP E 27 -25.12 3.50 1.82
C ASP E 27 -25.37 3.92 3.28
N ALA E 28 -26.53 4.51 3.54
CA ALA E 28 -26.92 4.97 4.88
C ALA E 28 -26.97 3.83 5.90
N LEU E 29 -27.42 2.67 5.45
CA LEU E 29 -27.44 1.49 6.31
C LEU E 29 -26.02 1.01 6.63
N SER E 30 -25.18 0.92 5.61
CA SER E 30 -23.76 0.54 5.77
C SER E 30 -23.03 1.46 6.75
N GLN E 31 -23.34 2.75 6.69
CA GLN E 31 -22.77 3.73 7.62
C GLN E 31 -23.18 3.51 9.08
N GLN E 32 -24.30 2.82 9.30
CA GLN E 32 -24.74 2.41 10.63
C GLN E 32 -24.37 0.97 10.98
N ASN E 33 -23.27 0.49 10.39
CA ASN E 33 -22.73 -0.86 10.63
C ASN E 33 -23.75 -1.99 10.38
N VAL E 34 -24.43 -1.89 9.24
CA VAL E 34 -25.44 -2.87 8.83
C VAL E 34 -25.00 -3.51 7.51
N THR E 35 -24.97 -4.84 7.49
CA THR E 35 -24.64 -5.58 6.28
C THR E 35 -25.81 -5.54 5.33
N VAL E 36 -25.58 -5.04 4.11
CA VAL E 36 -26.61 -4.94 3.09
C VAL E 36 -26.38 -5.97 2.00
N ILE E 37 -27.43 -6.71 1.66
CA ILE E 37 -27.41 -7.64 0.53
C ILE E 37 -28.32 -7.08 -0.56
N LYS E 38 -27.72 -6.58 -1.64
CA LYS E 38 -28.49 -6.07 -2.77
C LYS E 38 -28.89 -7.21 -3.72
N SER E 39 -30.11 -7.12 -4.23
CA SER E 39 -30.67 -8.11 -5.14
C SER E 39 -31.46 -7.39 -6.22
N THR E 40 -31.32 -7.83 -7.46
CA THR E 40 -31.84 -7.09 -8.61
C THR E 40 -33.09 -7.72 -9.26
N SER E 41 -33.61 -8.78 -8.66
CA SER E 41 -34.87 -9.36 -9.15
C SER E 41 -35.61 -10.08 -8.03
N PHE E 42 -36.92 -10.12 -8.13
CA PHE E 42 -37.75 -10.90 -7.21
C PHE E 42 -37.35 -12.38 -7.26
N ASP E 43 -36.96 -12.84 -8.45
CA ASP E 43 -36.46 -14.20 -8.62
C ASP E 43 -35.19 -14.44 -7.82
N ASP E 44 -34.24 -13.51 -7.90
CA ASP E 44 -32.99 -13.61 -7.16
C ASP E 44 -33.23 -13.54 -5.66
N GLY E 45 -34.05 -12.58 -5.24
CA GLY E 45 -34.40 -12.43 -3.83
C GLY E 45 -35.13 -13.64 -3.29
N TYR E 46 -36.03 -14.19 -4.10
CA TYR E 46 -36.75 -15.42 -3.76
C TYR E 46 -35.76 -16.57 -3.56
N ALA E 47 -34.74 -16.63 -4.42
CA ALA E 47 -33.71 -17.67 -4.36
C ALA E 47 -32.79 -17.55 -3.15
N ILE E 48 -32.48 -16.32 -2.75
CA ILE E 48 -31.65 -16.07 -1.56
C ILE E 48 -32.40 -16.52 -0.32
N LEU E 49 -33.69 -16.17 -0.25
CA LEU E 49 -34.55 -16.59 0.84
C LEU E 49 -34.84 -18.08 0.78
N SER E 50 -34.88 -18.62 -0.44
CA SER E 50 -35.08 -20.06 -0.69
C SER E 50 -33.91 -20.90 -0.20
N ALA E 51 -32.70 -20.34 -0.27
CA ALA E 51 -31.58 -20.83 0.51
C ALA E 51 -31.97 -20.49 1.95
N ASN E 52 -31.03 -20.39 2.88
CA ASN E 52 -31.44 -20.07 4.25
C ASN E 52 -30.73 -18.83 4.78
N GLU E 53 -30.56 -17.85 3.89
CA GLU E 53 -29.91 -16.60 4.25
C GLU E 53 -30.71 -15.87 5.33
N ALA E 54 -30.20 -15.91 6.54
CA ALA E 54 -30.86 -15.29 7.70
C ALA E 54 -30.71 -13.77 7.66
N ILE E 55 -31.83 -13.10 7.38
CA ILE E 55 -31.89 -11.64 7.41
C ILE E 55 -32.75 -11.13 8.57
N ASP E 56 -32.50 -9.89 8.96
CA ASP E 56 -33.26 -9.23 10.03
C ASP E 56 -34.26 -8.21 9.50
N CYS E 57 -34.24 -7.95 8.19
CA CYS E 57 -35.19 -7.01 7.58
C CYS E 57 -35.20 -7.16 6.07
N LEU E 58 -36.39 -7.19 5.47
CA LEU E 58 -36.54 -7.22 4.02
C LEU E 58 -37.08 -5.89 3.51
N MET E 59 -36.40 -5.31 2.53
CA MET E 59 -36.86 -4.10 1.85
C MET E 59 -37.01 -4.40 0.36
N PHE E 60 -38.02 -3.81 -0.27
CA PHE E 60 -38.23 -4.01 -1.71
C PHE E 60 -38.91 -2.84 -2.38
N SER E 61 -38.51 -2.55 -3.62
CA SER E 61 -39.19 -1.57 -4.47
C SER E 61 -40.37 -2.25 -5.16
N TYR E 62 -41.31 -1.45 -5.65
CA TYR E 62 -42.62 -1.96 -6.05
C TYR E 62 -43.37 -0.94 -6.91
N GLN E 63 -43.49 -1.24 -8.19
CA GLN E 63 -44.17 -0.35 -9.15
C GLN E 63 -45.69 -0.34 -8.97
N MET E 64 -46.25 -1.51 -8.65
CA MET E 64 -47.69 -1.68 -8.36
C MET E 64 -48.61 -1.46 -9.55
N GLU E 65 -48.17 -1.87 -10.73
CA GLU E 65 -48.97 -1.76 -11.96
C GLU E 65 -49.23 -3.13 -12.57
N GLN E 66 -48.18 -3.84 -12.94
CA GLN E 66 -48.32 -5.18 -13.51
C GLN E 66 -48.82 -6.17 -12.45
N PRO E 67 -49.72 -7.09 -12.84
CA PRO E 67 -50.13 -8.14 -11.91
C PRO E 67 -49.09 -9.25 -11.72
N ASP E 68 -48.20 -9.40 -12.71
CA ASP E 68 -47.07 -10.34 -12.58
C ASP E 68 -46.19 -9.94 -11.41
N GLU E 69 -46.05 -8.63 -11.19
CA GLU E 69 -45.31 -8.09 -10.06
C GLU E 69 -46.05 -8.31 -8.75
N HIS E 70 -47.32 -7.91 -8.71
CA HIS E 70 -48.17 -8.09 -7.52
C HIS E 70 -48.00 -9.50 -6.95
N LEU E 71 -48.00 -10.48 -7.85
CA LEU E 71 -47.79 -11.88 -7.48
C LEU E 71 -46.37 -12.11 -6.97
N SER E 72 -45.39 -11.69 -7.75
CA SER E 72 -43.97 -11.85 -7.38
C SER E 72 -43.68 -11.32 -5.97
N VAL E 73 -44.35 -10.24 -5.60
CA VAL E 73 -44.25 -9.68 -4.24
C VAL E 73 -44.84 -10.65 -3.21
N ARG E 74 -46.05 -11.15 -3.49
CA ARG E 74 -46.72 -12.12 -2.61
C ARG E 74 -45.87 -13.38 -2.40
N GLN E 75 -45.24 -13.83 -3.46
CA GLN E 75 -44.36 -15.01 -3.40
C GLN E 75 -43.13 -14.76 -2.54
N LEU E 76 -42.48 -13.63 -2.77
CA LEU E 76 -41.27 -13.24 -2.04
C LEU E 76 -41.53 -13.13 -0.56
N ILE E 77 -42.55 -12.36 -0.19
CA ILE E 77 -42.89 -12.14 1.21
C ILE E 77 -43.43 -13.41 1.86
N GLY E 78 -44.25 -14.15 1.11
CA GLY E 78 -44.72 -15.45 1.56
C GLY E 78 -43.56 -16.39 1.86
N LYS E 79 -42.55 -16.34 1.00
CA LYS E 79 -41.35 -17.16 1.19
C LYS E 79 -40.56 -16.79 2.44
N LEU E 80 -40.38 -15.48 2.65
CA LEU E 80 -39.69 -14.98 3.84
C LEU E 80 -40.32 -15.54 5.11
N HIS E 81 -41.63 -15.41 5.21
CA HIS E 81 -42.35 -15.76 6.44
C HIS E 81 -42.56 -17.27 6.66
N GLU E 82 -42.16 -18.11 5.72
CA GLU E 82 -42.15 -19.56 5.92
C GLU E 82 -41.30 -19.94 7.12
N ARG E 83 -40.08 -19.43 7.16
CA ARG E 83 -39.13 -19.73 8.25
C ARG E 83 -38.65 -18.49 9.01
N GLN E 84 -38.72 -17.33 8.37
CA GLN E 84 -38.31 -16.08 8.97
C GLN E 84 -39.58 -15.30 9.25
N GLN E 85 -40.38 -15.86 10.14
CA GLN E 85 -41.79 -15.52 10.30
C GLN E 85 -42.11 -14.06 10.61
N ASN E 86 -41.30 -13.43 11.44
CA ASN E 86 -41.59 -12.08 11.92
C ASN E 86 -40.61 -11.01 11.45
N VAL E 87 -39.87 -11.31 10.39
CA VAL E 87 -38.93 -10.34 9.84
C VAL E 87 -39.73 -9.13 9.32
N PRO E 88 -39.32 -7.91 9.71
CA PRO E 88 -40.04 -6.73 9.27
C PRO E 88 -39.83 -6.46 7.78
N VAL E 89 -40.94 -6.23 7.08
CA VAL E 89 -40.93 -5.98 5.64
C VAL E 89 -41.18 -4.50 5.36
N PHE E 90 -40.17 -3.84 4.78
CA PHE E 90 -40.28 -2.45 4.37
C PHE E 90 -40.64 -2.35 2.90
N LEU E 91 -41.67 -1.58 2.60
CA LEU E 91 -42.02 -1.27 1.22
C LEU E 91 -41.33 0.03 0.82
N LEU E 92 -40.39 -0.07 -0.11
CA LEU E 92 -39.78 1.11 -0.73
C LEU E 92 -40.63 1.50 -1.94
N GLY E 93 -41.66 2.31 -1.70
CA GLY E 93 -42.68 2.54 -2.71
C GLY E 93 -42.99 3.99 -3.04
N ASP E 94 -43.98 4.17 -3.91
CA ASP E 94 -44.54 5.48 -4.24
C ASP E 94 -45.68 5.78 -3.28
N ARG E 95 -45.65 6.97 -2.71
CA ARG E 95 -46.63 7.40 -1.70
C ARG E 95 -48.06 7.28 -2.22
N GLU E 96 -48.31 7.88 -3.38
CA GLU E 96 -49.66 7.95 -3.95
C GLU E 96 -50.25 6.58 -4.28
N LYS E 97 -49.47 5.73 -4.96
CA LYS E 97 -49.93 4.39 -5.36
C LYS E 97 -50.16 3.46 -4.16
N ALA E 98 -49.19 3.41 -3.25
CA ALA E 98 -49.29 2.58 -2.05
C ALA E 98 -50.52 2.96 -1.24
N THR E 99 -50.64 4.27 -0.97
CA THR E 99 -51.78 4.85 -0.28
C THR E 99 -53.10 4.34 -0.84
N ALA E 100 -53.24 4.41 -2.17
CA ALA E 100 -54.47 4.02 -2.85
C ALA E 100 -54.74 2.51 -2.77
N SER E 101 -53.67 1.72 -2.81
CA SER E 101 -53.77 0.25 -2.71
C SER E 101 -54.09 -0.23 -1.29
N LEU E 102 -53.73 0.56 -0.29
CA LEU E 102 -53.78 0.15 1.11
C LEU E 102 -55.09 -0.54 1.50
N ASP E 103 -54.96 -1.83 1.82
CA ASP E 103 -56.06 -2.63 2.38
C ASP E 103 -55.47 -3.64 3.38
N ARG E 104 -56.34 -4.44 3.99
CA ARG E 104 -55.92 -5.47 4.95
C ARG E 104 -54.86 -6.42 4.38
N ASP E 105 -55.05 -6.83 3.14
CA ASP E 105 -54.13 -7.76 2.48
C ASP E 105 -52.71 -7.22 2.43
N LEU E 106 -52.56 -5.97 1.99
CA LEU E 106 -51.26 -5.33 1.89
C LEU E 106 -50.57 -5.24 3.25
N LEU E 107 -51.34 -4.91 4.29
CA LEU E 107 -50.79 -4.72 5.63
C LEU E 107 -50.37 -6.02 6.32
N GLU E 108 -50.87 -7.15 5.84
CA GLU E 108 -50.38 -8.46 6.28
C GLU E 108 -49.02 -8.75 5.68
N LEU E 109 -48.83 -8.33 4.42
CA LEU E 109 -47.53 -8.45 3.75
C LEU E 109 -46.53 -7.44 4.32
N VAL E 110 -46.81 -6.16 4.09
CA VAL E 110 -45.91 -5.08 4.45
C VAL E 110 -46.13 -4.66 5.91
N ASP E 111 -45.03 -4.63 6.66
CA ASP E 111 -45.06 -4.17 8.05
C ASP E 111 -44.86 -2.66 8.14
N GLU E 112 -44.09 -2.08 7.22
CA GLU E 112 -43.75 -0.67 7.28
C GLU E 112 -43.54 -0.01 5.92
N PHE E 113 -43.87 1.28 5.83
CA PHE E 113 -43.78 2.04 4.59
C PHE E 113 -42.66 3.09 4.60
N ALA E 114 -41.87 3.09 3.53
CA ALA E 114 -40.80 4.07 3.34
C ALA E 114 -40.88 4.58 1.92
N TRP E 115 -41.14 5.87 1.75
CA TRP E 115 -41.32 6.42 0.41
C TRP E 115 -40.01 6.98 -0.14
N ILE E 116 -39.39 6.17 -0.99
CA ILE E 116 -37.95 6.25 -1.26
C ILE E 116 -37.53 7.45 -2.11
N LEU E 117 -38.43 7.96 -2.93
CA LEU E 117 -38.15 9.15 -3.75
C LEU E 117 -38.58 10.46 -3.08
N GLU E 118 -38.83 10.41 -1.77
CA GLU E 118 -39.48 11.51 -1.07
C GLU E 118 -39.05 11.67 0.40
N ASP E 119 -38.03 10.91 0.82
CA ASP E 119 -37.66 10.82 2.24
C ASP E 119 -36.13 10.71 2.36
N THR E 120 -35.61 11.19 3.48
CA THR E 120 -34.17 11.13 3.74
C THR E 120 -33.73 9.67 3.95
N ALA E 121 -32.64 9.28 3.30
CA ALA E 121 -32.13 7.91 3.38
C ALA E 121 -31.81 7.51 4.82
N ASP E 122 -31.19 8.43 5.54
CA ASP E 122 -30.81 8.21 6.94
C ASP E 122 -32.01 7.96 7.87
N PHE E 123 -33.14 8.61 7.60
CA PHE E 123 -34.35 8.39 8.39
C PHE E 123 -34.89 6.98 8.21
N ILE E 124 -34.94 6.51 6.96
CA ILE E 124 -35.40 5.16 6.66
C ILE E 124 -34.45 4.16 7.32
N ALA E 125 -33.16 4.38 7.13
CA ALA E 125 -32.12 3.54 7.72
C ALA E 125 -32.35 3.40 9.22
N GLY E 126 -32.56 4.53 9.88
CA GLY E 126 -32.84 4.56 11.31
C GLY E 126 -34.06 3.74 11.70
N ARG E 127 -35.15 3.90 10.95
CA ARG E 127 -36.38 3.14 11.17
C ARG E 127 -36.18 1.64 11.01
N ALA E 128 -35.35 1.27 10.03
CA ALA E 128 -35.01 -0.13 9.81
C ALA E 128 -34.25 -0.70 11.00
N VAL E 129 -33.17 -0.03 11.37
CA VAL E 129 -32.36 -0.43 12.53
C VAL E 129 -33.24 -0.63 13.76
N ALA E 130 -34.18 0.28 13.97
CA ALA E 130 -35.14 0.18 15.07
C ALA E 130 -36.00 -1.07 14.94
N ALA E 131 -36.55 -1.30 13.76
CA ALA E 131 -37.40 -2.47 13.50
C ALA E 131 -36.65 -3.80 13.61
N MET E 132 -35.37 -3.80 13.21
CA MET E 132 -34.51 -4.97 13.32
C MET E 132 -34.17 -5.27 14.78
N THR E 133 -34.03 -4.23 15.58
CA THR E 133 -33.74 -4.38 17.00
C THR E 133 -34.93 -5.02 17.73
N ARG E 134 -36.13 -4.56 17.41
CA ARG E 134 -37.35 -5.09 18.02
C ARG E 134 -37.56 -6.55 17.59
N TYR E 135 -37.26 -6.85 16.32
CA TYR E 135 -37.28 -8.23 15.81
C TYR E 135 -36.35 -9.15 16.58
N ARG E 136 -35.12 -8.68 16.80
CA ARG E 136 -34.11 -9.45 17.52
C ARG E 136 -34.50 -9.74 18.97
N GLN E 137 -35.04 -8.74 19.66
CA GLN E 137 -35.51 -8.91 21.06
C GLN E 137 -36.67 -9.91 21.18
N GLN E 138 -37.47 -10.00 20.11
CA GLN E 138 -38.62 -10.90 20.06
C GLN E 138 -38.29 -12.32 19.56
N LEU E 139 -37.09 -12.48 18.98
CA LEU E 139 -36.75 -13.68 18.21
C LEU E 139 -36.59 -14.96 19.03
N LEU E 140 -35.65 -14.95 19.96
CA LEU E 140 -35.22 -16.18 20.67
C LEU E 140 -36.26 -16.67 21.69
N PRO E 141 -36.34 -18.00 21.86
CA PRO E 141 -37.26 -18.59 22.86
C PRO E 141 -36.78 -18.38 24.29
N PRO E 142 -37.68 -18.52 25.28
CA PRO E 142 -37.46 -18.08 26.67
C PRO E 142 -36.11 -18.46 27.29
N LEU E 143 -35.80 -19.76 27.32
CA LEU E 143 -34.61 -20.23 28.03
C LEU E 143 -33.32 -19.80 27.34
N PHE E 144 -33.19 -20.13 26.06
CA PHE E 144 -32.00 -19.78 25.32
C PHE E 144 -31.79 -18.27 25.31
N ASN E 145 -32.88 -17.51 25.23
CA ASN E 145 -32.79 -16.05 25.28
C ASN E 145 -32.23 -15.59 26.62
N ALA E 146 -32.74 -16.16 27.70
CA ALA E 146 -32.25 -15.85 29.05
C ALA E 146 -30.76 -16.14 29.18
N LEU E 147 -30.34 -17.30 28.70
CA LEU E 147 -28.92 -17.69 28.71
C LEU E 147 -28.00 -16.72 27.95
N MET E 148 -28.58 -15.83 27.15
CA MET E 148 -27.83 -14.75 26.50
C MET E 148 -27.91 -13.47 27.35
N LYS E 149 -27.22 -13.49 28.50
CA LYS E 149 -27.09 -12.31 29.37
C LYS E 149 -25.98 -12.53 30.38
N GLN E 164 -14.25 -23.49 35.83
CA GLN E 164 -15.13 -22.35 36.10
C GLN E 164 -15.14 -21.39 34.90
N GLY E 165 -16.11 -21.58 34.01
CA GLY E 165 -16.21 -20.80 32.78
C GLY E 165 -15.36 -21.40 31.67
N GLY E 166 -14.97 -22.65 31.84
CA GLY E 166 -14.08 -23.33 30.90
C GLY E 166 -12.61 -23.00 31.13
N VAL E 167 -12.31 -22.32 32.23
CA VAL E 167 -10.94 -21.87 32.53
C VAL E 167 -10.05 -23.03 32.96
N GLY E 168 -10.58 -23.91 33.80
CA GLY E 168 -9.80 -25.03 34.33
C GLY E 168 -9.13 -25.87 33.26
N PHE E 169 -9.83 -26.04 32.14
CA PHE E 169 -9.33 -26.83 31.01
C PHE E 169 -8.08 -26.25 30.35
N THR E 170 -7.95 -24.93 30.36
CA THR E 170 -6.86 -24.24 29.65
C THR E 170 -5.49 -24.48 30.28
N LYS E 171 -5.44 -25.03 31.47
CA LYS E 171 -4.21 -25.16 32.23
C LYS E 171 -3.35 -26.34 31.79
N THR E 172 -3.95 -27.28 31.05
CA THR E 172 -3.25 -28.43 30.49
C THR E 172 -3.34 -28.35 28.96
N PRO E 173 -2.30 -28.81 28.24
CA PRO E 173 -2.35 -28.75 26.78
C PRO E 173 -3.49 -29.55 26.15
N SER E 174 -3.64 -30.79 26.59
CA SER E 174 -4.75 -31.65 26.15
C SER E 174 -6.13 -31.05 26.50
N GLY E 175 -6.20 -30.34 27.61
CA GLY E 175 -7.41 -29.62 28.00
C GLY E 175 -7.65 -28.37 27.15
N ARG E 176 -6.57 -27.65 26.84
CA ARG E 176 -6.62 -26.46 25.98
C ARG E 176 -7.14 -26.80 24.60
N PHE E 177 -6.69 -27.94 24.08
CA PHE E 177 -7.12 -28.42 22.78
C PHE E 177 -8.61 -28.77 22.77
N TYR E 178 -9.01 -29.51 23.80
CA TYR E 178 -10.42 -29.82 24.01
C TYR E 178 -11.28 -28.56 24.15
N HIS E 179 -10.78 -27.60 24.93
CA HIS E 179 -11.49 -26.33 25.16
C HIS E 179 -11.69 -25.57 23.84
N ASP E 180 -10.62 -25.43 23.07
CA ASP E 180 -10.66 -24.71 21.80
C ASP E 180 -11.52 -25.42 20.75
N TYR E 181 -11.52 -26.75 20.79
CA TYR E 181 -12.30 -27.53 19.85
C TYR E 181 -13.81 -27.33 20.04
N TYR E 182 -14.28 -27.50 21.27
CA TYR E 182 -15.72 -27.39 21.58
C TYR E 182 -16.17 -25.95 21.80
N GLY E 183 -15.24 -25.06 22.12
CA GLY E 183 -15.53 -23.63 22.24
C GLY E 183 -15.90 -23.23 23.65
N GLU E 184 -15.55 -21.99 24.00
CA GLU E 184 -15.68 -21.49 25.37
C GLU E 184 -17.14 -21.37 25.85
N ASN E 185 -18.06 -21.07 24.92
CA ASN E 185 -19.47 -20.88 25.26
C ASN E 185 -20.16 -22.11 25.85
N LEU E 186 -19.70 -23.29 25.44
CA LEU E 186 -20.25 -24.55 25.95
C LEU E 186 -20.09 -24.69 27.47
N PHE E 187 -18.95 -24.23 27.97
CA PHE E 187 -18.61 -24.29 29.40
C PHE E 187 -19.26 -23.10 30.10
N ARG E 188 -19.12 -21.94 29.47
CA ARG E 188 -19.79 -20.70 29.87
C ARG E 188 -21.28 -20.91 30.18
N SER E 189 -21.85 -21.98 29.62
CA SER E 189 -23.19 -22.45 29.99
C SER E 189 -23.13 -23.53 31.08
N ASP E 190 -22.86 -23.09 32.30
CA ASP E 190 -22.93 -23.94 33.51
C ASP E 190 -23.66 -23.19 34.60
N THR E 197 -32.00 -15.77 39.29
CA THR E 197 -32.71 -14.90 38.35
C THR E 197 -33.26 -15.66 37.13
N LEU E 198 -32.50 -16.65 36.68
CA LEU E 198 -32.81 -17.44 35.48
C LEU E 198 -33.71 -18.65 35.78
N GLY E 199 -33.63 -19.16 37.01
CA GLY E 199 -34.45 -20.29 37.44
C GLY E 199 -33.74 -21.62 37.34
N SER E 200 -34.33 -22.63 37.96
CA SER E 200 -33.77 -24.00 37.99
C SER E 200 -34.63 -24.95 37.18
N LEU E 201 -33.99 -25.95 36.58
CA LEU E 201 -34.70 -26.96 35.80
C LEU E 201 -35.58 -27.82 36.68
N LEU E 202 -34.97 -28.44 37.69
CA LEU E 202 -35.67 -29.39 38.57
C LEU E 202 -36.81 -28.74 39.35
N ASP E 203 -36.65 -27.47 39.68
CA ASP E 203 -37.70 -26.69 40.35
C ASP E 203 -38.76 -26.22 39.35
N HIS E 204 -38.36 -26.13 38.07
CA HIS E 204 -39.25 -25.70 36.99
C HIS E 204 -39.70 -24.26 37.17
N THR E 205 -38.72 -23.40 37.41
CA THR E 205 -38.94 -22.00 37.74
C THR E 205 -38.26 -21.09 36.73
N GLY E 206 -38.67 -19.82 36.71
CA GLY E 206 -38.04 -18.81 35.86
C GLY E 206 -38.14 -19.14 34.39
N ALA E 207 -37.04 -18.96 33.67
CA ALA E 207 -36.99 -19.19 32.22
C ALA E 207 -37.13 -20.66 31.85
N PHE E 208 -36.70 -21.54 32.76
CA PHE E 208 -36.87 -22.98 32.59
C PHE E 208 -38.36 -23.33 32.57
N GLY E 209 -39.11 -22.74 33.51
CA GLY E 209 -40.56 -22.93 33.56
C GLY E 209 -41.22 -22.35 32.35
N GLU E 210 -40.81 -21.13 32.01
CA GLU E 210 -41.26 -20.40 30.84
C GLU E 210 -41.13 -21.22 29.56
N SER E 211 -39.96 -21.85 29.40
CA SER E 211 -39.67 -22.70 28.24
C SER E 211 -40.62 -23.88 28.14
N GLU E 212 -40.90 -24.51 29.28
CA GLU E 212 -41.78 -25.69 29.33
C GLU E 212 -43.24 -25.34 29.07
N LYS E 213 -43.68 -24.24 29.66
CA LYS E 213 -45.01 -23.69 29.41
C LYS E 213 -45.17 -23.40 27.91
N ASN E 214 -44.11 -22.87 27.30
CA ASN E 214 -44.07 -22.60 25.87
C ASN E 214 -44.06 -23.85 25.01
N ALA E 215 -43.25 -24.83 25.40
CA ALA E 215 -43.18 -26.11 24.71
C ALA E 215 -44.54 -26.80 24.67
N ALA E 216 -45.24 -26.73 25.80
CA ALA E 216 -46.59 -27.30 25.92
C ALA E 216 -47.56 -26.64 24.92
N ARG E 217 -47.49 -25.33 24.78
CA ARG E 217 -48.31 -24.61 23.82
C ARG E 217 -48.06 -25.12 22.39
N VAL E 218 -46.78 -25.16 22.02
CA VAL E 218 -46.38 -25.53 20.66
C VAL E 218 -46.76 -26.96 20.32
N PHE E 219 -46.42 -27.89 21.20
CA PHE E 219 -46.66 -29.32 20.97
C PHE E 219 -48.07 -29.80 21.34
N GLY E 220 -48.91 -28.90 21.82
CA GLY E 220 -50.34 -29.20 22.04
C GLY E 220 -50.60 -29.99 23.31
N ALA E 221 -49.89 -29.64 24.38
CA ALA E 221 -49.99 -30.33 25.65
C ALA E 221 -50.47 -29.40 26.75
N ASP E 222 -51.03 -29.98 27.81
CA ASP E 222 -51.42 -29.20 28.97
C ASP E 222 -50.18 -28.73 29.72
N ARG E 223 -49.22 -29.64 29.89
CA ARG E 223 -47.91 -29.28 30.42
C ARG E 223 -46.83 -30.15 29.82
N SER E 224 -45.61 -29.62 29.77
CA SER E 224 -44.46 -30.33 29.24
C SER E 224 -43.34 -30.39 30.27
N TRP E 225 -42.56 -31.46 30.22
CA TRP E 225 -41.41 -31.65 31.12
C TRP E 225 -40.13 -31.83 30.32
N SER E 226 -39.22 -30.87 30.42
CA SER E 226 -37.95 -30.91 29.68
C SER E 226 -37.03 -31.92 30.35
N VAL E 227 -36.54 -32.87 29.55
CA VAL E 227 -35.74 -33.99 30.07
C VAL E 227 -34.34 -33.98 29.44
N VAL E 228 -33.35 -34.36 30.26
CA VAL E 228 -31.95 -34.25 29.89
C VAL E 228 -31.23 -35.61 29.99
N VAL E 229 -32.00 -36.67 30.18
CA VAL E 229 -31.49 -38.05 30.24
C VAL E 229 -32.13 -38.89 29.11
N GLY E 230 -32.54 -38.23 28.03
CA GLY E 230 -33.14 -38.90 26.89
C GLY E 230 -34.56 -39.40 27.11
N THR E 231 -35.14 -40.01 26.09
CA THR E 231 -36.45 -40.68 26.20
C THR E 231 -36.42 -41.89 27.14
N SER E 232 -35.23 -42.47 27.32
CA SER E 232 -35.05 -43.51 28.33
C SER E 232 -35.47 -42.97 29.69
N GLY E 233 -34.88 -41.84 30.07
CA GLY E 233 -35.23 -41.15 31.31
C GLY E 233 -36.68 -40.70 31.34
N SER E 234 -37.18 -40.22 30.21
CA SER E 234 -38.58 -39.80 30.10
C SER E 234 -39.54 -40.96 30.36
N ASN E 235 -39.29 -42.08 29.68
CA ASN E 235 -40.12 -43.27 29.83
C ASN E 235 -40.12 -43.79 31.27
N ARG E 236 -38.93 -43.92 31.86
CA ARG E 236 -38.79 -44.38 33.24
C ARG E 236 -39.54 -43.46 34.22
N THR E 237 -39.48 -42.16 33.96
CA THR E 237 -40.17 -41.15 34.77
C THR E 237 -41.69 -41.30 34.73
N ILE E 238 -42.25 -41.43 33.54
CA ILE E 238 -43.70 -41.57 33.36
C ILE E 238 -44.16 -42.82 34.10
N MET E 239 -43.48 -43.92 33.84
CA MET E 239 -43.78 -45.20 34.49
C MET E 239 -43.71 -45.11 36.02
N GLN E 240 -42.71 -44.41 36.54
CA GLN E 240 -42.57 -44.20 37.99
C GLN E 240 -43.79 -43.55 38.63
N ALA E 241 -44.44 -42.66 37.88
CA ALA E 241 -45.59 -41.90 38.37
C ALA E 241 -46.92 -42.64 38.21
N CYS E 242 -46.95 -43.67 37.37
CA CYS E 242 -48.21 -44.29 36.94
C CYS E 242 -48.49 -45.67 37.52
N MET E 243 -47.56 -46.24 38.29
CA MET E 243 -47.73 -47.61 38.78
C MET E 243 -46.87 -47.99 39.97
N THR E 244 -47.36 -48.96 40.72
CA THR E 244 -46.62 -49.63 41.78
C THR E 244 -46.63 -51.13 41.47
N ASP E 245 -45.98 -51.92 42.32
CA ASP E 245 -45.95 -53.40 42.14
C ASP E 245 -47.32 -54.06 42.32
N ASN E 246 -48.28 -53.33 42.89
CA ASN E 246 -49.64 -53.82 43.00
C ASN E 246 -50.47 -53.67 41.72
N ASP E 247 -49.96 -52.89 40.76
CA ASP E 247 -50.72 -52.57 39.55
C ASP E 247 -50.52 -53.54 38.40
N VAL E 248 -51.52 -53.57 37.52
CA VAL E 248 -51.44 -54.27 36.24
C VAL E 248 -51.20 -53.22 35.17
N VAL E 249 -50.39 -53.56 34.16
CA VAL E 249 -50.07 -52.63 33.08
C VAL E 249 -50.12 -53.30 31.70
N VAL E 250 -50.57 -52.54 30.71
CA VAL E 250 -50.75 -53.05 29.35
C VAL E 250 -49.67 -52.49 28.44
N LEU E 251 -48.81 -53.37 27.94
CA LEU E 251 -47.60 -52.95 27.22
C LEU E 251 -47.59 -53.38 25.76
N ASP E 252 -47.30 -52.43 24.87
CA ASP E 252 -46.91 -52.75 23.50
C ASP E 252 -45.69 -53.68 23.59
N ARG E 253 -45.78 -54.85 22.98
CA ARG E 253 -44.65 -55.78 22.95
C ARG E 253 -43.44 -55.16 22.26
N ASN E 254 -43.71 -54.36 21.23
CA ASN E 254 -42.70 -53.53 20.60
C ASN E 254 -42.43 -52.31 21.48
N CYS E 255 -41.54 -52.47 22.44
CA CYS E 255 -41.23 -51.40 23.40
C CYS E 255 -39.73 -51.16 23.53
N HIS E 256 -39.39 -49.93 23.91
CA HIS E 256 -38.02 -49.52 24.22
C HIS E 256 -37.48 -50.35 25.39
N LYS E 257 -36.18 -50.61 25.40
CA LYS E 257 -35.49 -51.19 26.55
C LYS E 257 -35.89 -50.49 27.86
N SER E 258 -36.04 -49.17 27.78
CA SER E 258 -36.36 -48.32 28.94
C SER E 258 -37.74 -48.58 29.54
N ILE E 259 -38.63 -49.14 28.73
CA ILE E 259 -39.97 -49.50 29.21
C ILE E 259 -39.92 -50.75 30.08
N GLU E 260 -39.06 -51.71 29.72
CA GLU E 260 -38.78 -52.85 30.60
C GLU E 260 -38.10 -52.36 31.88
N GLN E 261 -37.16 -51.43 31.73
CA GLN E 261 -36.46 -50.84 32.89
C GLN E 261 -37.45 -50.32 33.91
N GLY E 262 -38.49 -49.63 33.45
CA GLY E 262 -39.55 -49.15 34.32
C GLY E 262 -40.23 -50.30 35.06
N LEU E 263 -40.55 -51.36 34.32
CA LEU E 263 -41.13 -52.57 34.90
C LEU E 263 -40.30 -53.14 36.04
N ILE E 264 -38.99 -53.09 35.89
CA ILE E 264 -38.07 -53.63 36.90
C ILE E 264 -38.02 -52.71 38.12
N LEU E 265 -38.01 -51.40 37.89
CA LEU E 265 -37.95 -50.41 38.99
C LEU E 265 -39.27 -50.32 39.73
N THR E 266 -40.36 -50.38 38.98
CA THR E 266 -41.71 -50.32 39.55
C THR E 266 -42.12 -51.66 40.16
N GLY E 267 -41.78 -52.74 39.45
CA GLY E 267 -42.18 -54.08 39.88
C GLY E 267 -43.60 -54.42 39.49
N ALA E 268 -44.15 -53.65 38.54
CA ALA E 268 -45.54 -53.82 38.10
C ALA E 268 -45.72 -55.12 37.32
N LYS E 269 -46.98 -55.49 37.11
CA LYS E 269 -47.34 -56.78 36.51
C LYS E 269 -47.82 -56.59 35.07
N PRO E 270 -46.99 -57.01 34.10
CA PRO E 270 -47.26 -56.67 32.70
C PRO E 270 -48.12 -57.68 31.92
N VAL E 271 -48.79 -57.15 30.91
CA VAL E 271 -49.49 -57.93 29.91
C VAL E 271 -49.17 -57.27 28.57
N TYR E 272 -48.84 -58.08 27.56
CA TYR E 272 -48.33 -57.53 26.31
C TYR E 272 -49.31 -57.62 25.14
N MET E 273 -49.30 -56.58 24.31
CA MET E 273 -50.05 -56.54 23.05
C MET E 273 -49.09 -56.86 21.90
N VAL E 274 -49.42 -57.87 21.12
CA VAL E 274 -48.53 -58.38 20.08
C VAL E 274 -48.83 -57.73 18.74
N PRO E 275 -47.85 -57.02 18.16
CA PRO E 275 -48.08 -56.42 16.85
C PRO E 275 -47.93 -57.41 15.71
N SER E 276 -48.53 -57.07 14.57
CA SER E 276 -48.40 -57.86 13.36
C SER E 276 -47.04 -57.65 12.73
N ARG E 277 -46.65 -58.59 11.89
CA ARG E 277 -45.43 -58.49 11.13
C ARG E 277 -45.81 -58.74 9.65
N ASN E 278 -44.91 -58.48 8.72
CA ASN E 278 -45.16 -58.76 7.29
C ASN E 278 -44.09 -59.66 6.67
N ARG E 279 -44.25 -59.99 5.39
CA ARG E 279 -43.35 -60.92 4.69
C ARG E 279 -41.89 -60.48 4.60
N TYR E 280 -41.64 -59.17 4.62
CA TYR E 280 -40.26 -58.65 4.60
C TYR E 280 -39.60 -58.63 6.00
N GLY E 281 -40.37 -58.99 7.03
CA GLY E 281 -39.88 -59.01 8.41
C GLY E 281 -40.14 -57.72 9.17
N ILE E 282 -40.83 -56.78 8.52
CA ILE E 282 -41.11 -55.46 9.09
C ILE E 282 -42.23 -55.55 10.11
N ILE E 283 -41.99 -55.00 11.30
CA ILE E 283 -43.02 -54.95 12.33
C ILE E 283 -44.10 -53.97 11.92
N GLY E 284 -45.34 -54.46 11.88
CA GLY E 284 -46.51 -53.64 11.63
C GLY E 284 -47.16 -53.22 12.94
N PRO E 285 -48.43 -52.79 12.87
CA PRO E 285 -49.11 -52.26 14.04
C PRO E 285 -49.81 -53.33 14.86
N ILE E 286 -50.09 -52.99 16.11
CA ILE E 286 -51.03 -53.75 16.93
C ILE E 286 -52.42 -53.56 16.34
N TYR E 287 -53.09 -54.67 16.01
CA TYR E 287 -54.44 -54.61 15.46
C TYR E 287 -55.44 -54.23 16.55
N PRO E 288 -56.57 -53.59 16.16
CA PRO E 288 -57.61 -53.20 17.12
C PRO E 288 -58.12 -54.37 17.99
N GLN E 289 -58.26 -55.55 17.39
CA GLN E 289 -58.69 -56.76 18.11
C GLN E 289 -57.84 -57.04 19.36
N GLU E 290 -56.55 -56.70 19.27
CA GLU E 290 -55.61 -56.86 20.38
C GLU E 290 -55.77 -55.78 21.47
N MET E 291 -56.36 -54.64 21.11
CA MET E 291 -56.58 -53.55 22.07
C MET E 291 -57.97 -53.57 22.72
N GLN E 292 -58.82 -54.52 22.33
CA GLN E 292 -60.18 -54.60 22.86
C GLN E 292 -60.15 -54.93 24.36
N PRO E 293 -61.03 -54.29 25.16
CA PRO E 293 -61.13 -54.58 26.59
C PRO E 293 -61.29 -56.05 26.92
N GLU E 294 -62.09 -56.75 26.12
CA GLU E 294 -62.37 -58.17 26.33
C GLU E 294 -61.11 -59.01 26.06
N THR E 295 -60.33 -58.63 25.05
CA THR E 295 -59.07 -59.31 24.72
C THR E 295 -58.03 -59.09 25.81
N LEU E 296 -57.90 -57.86 26.29
CA LEU E 296 -56.93 -57.51 27.32
C LEU E 296 -57.27 -58.17 28.66
N GLN E 297 -58.55 -58.21 28.98
CA GLN E 297 -59.02 -58.89 30.20
C GLN E 297 -58.72 -60.40 30.17
N LYS E 298 -58.80 -60.99 28.99
CA LYS E 298 -58.44 -62.40 28.79
C LYS E 298 -56.94 -62.64 29.03
N LYS E 299 -56.11 -61.77 28.45
CA LYS E 299 -54.64 -61.82 28.63
C LYS E 299 -54.25 -61.72 30.11
N ILE E 300 -54.91 -60.81 30.83
CA ILE E 300 -54.66 -60.59 32.26
C ILE E 300 -54.96 -61.83 33.10
N SER E 301 -56.11 -62.45 32.83
CA SER E 301 -56.52 -63.67 33.52
C SER E 301 -55.67 -64.88 33.15
N ALA E 302 -55.10 -64.87 31.94
CA ALA E 302 -54.29 -65.98 31.44
C ALA E 302 -52.86 -65.96 31.97
N SER E 303 -52.24 -64.78 32.02
CA SER E 303 -50.84 -64.63 32.44
C SER E 303 -50.61 -65.00 33.91
N PRO E 304 -49.53 -65.74 34.21
CA PRO E 304 -49.17 -66.06 35.60
C PRO E 304 -48.91 -64.84 36.47
N LEU E 305 -48.36 -63.79 35.88
CA LEU E 305 -47.99 -62.58 36.62
C LEU E 305 -49.22 -61.78 37.07
N THR E 306 -50.27 -61.79 36.24
CA THR E 306 -51.47 -60.99 36.49
C THR E 306 -52.70 -61.77 36.93
N LYS E 307 -52.69 -63.10 36.78
CA LYS E 307 -53.81 -63.98 37.19
C LYS E 307 -54.54 -63.52 38.45
N THR E 308 -53.77 -63.28 39.52
CA THR E 308 -54.32 -62.97 40.83
C THR E 308 -54.94 -61.56 40.90
N LYS E 309 -54.55 -60.70 39.96
CA LYS E 309 -55.05 -59.32 39.88
C LYS E 309 -56.07 -59.14 38.74
N ALA E 310 -56.74 -60.21 38.36
CA ALA E 310 -57.72 -60.16 37.27
C ALA E 310 -58.93 -59.29 37.63
N GLY E 311 -59.46 -58.61 36.62
CA GLY E 311 -60.55 -57.66 36.82
C GLY E 311 -60.14 -56.31 37.37
N GLN E 312 -58.87 -56.17 37.74
CA GLN E 312 -58.34 -54.91 38.26
C GLN E 312 -58.11 -53.96 37.09
N LYS E 313 -58.39 -52.67 37.30
CA LYS E 313 -58.20 -51.69 36.24
C LYS E 313 -56.72 -51.37 36.07
N PRO E 314 -56.14 -51.66 34.88
CA PRO E 314 -54.75 -51.33 34.65
C PRO E 314 -54.47 -49.85 34.82
N SER E 315 -53.34 -49.54 35.45
CA SER E 315 -52.98 -48.17 35.81
C SER E 315 -52.14 -47.47 34.76
N TYR E 316 -51.77 -48.18 33.70
CA TYR E 316 -50.89 -47.64 32.67
C TYR E 316 -50.96 -48.45 31.39
N SER E 317 -50.81 -47.75 30.27
CA SER E 317 -50.90 -48.37 28.96
C SER E 317 -49.93 -47.68 28.02
N VAL E 318 -49.15 -48.46 27.26
CA VAL E 318 -48.18 -47.87 26.33
C VAL E 318 -48.26 -48.48 24.93
N VAL E 319 -48.18 -47.61 23.93
CA VAL E 319 -48.09 -47.99 22.52
C VAL E 319 -46.92 -47.20 21.94
N THR E 320 -46.19 -47.82 21.02
CA THR E 320 -45.08 -47.12 20.37
C THR E 320 -45.58 -46.32 19.17
N CYS E 322 -45.15 -44.35 16.52
CA CYS E 322 -44.59 -44.62 15.19
C CYS E 322 -43.49 -45.68 15.26
N THR E 323 -43.66 -46.75 14.49
CA THR E 323 -42.69 -47.84 14.40
C THR E 323 -41.37 -47.34 13.82
N TYR E 324 -40.26 -48.01 14.12
CA TYR E 324 -38.96 -47.63 13.54
C TYR E 324 -39.02 -47.58 12.01
N ASP E 325 -39.74 -48.55 11.43
CA ASP E 325 -39.92 -48.68 9.99
C ASP E 325 -40.97 -47.72 9.38
N GLY E 326 -41.67 -46.96 10.22
CA GLY E 326 -42.51 -45.85 9.76
C GLY E 326 -44.01 -46.10 9.77
N VAL E 327 -44.45 -47.14 10.45
CA VAL E 327 -45.88 -47.44 10.58
C VAL E 327 -46.50 -46.52 11.64
N CYS E 328 -47.45 -45.68 11.21
CA CYS E 328 -48.13 -44.74 12.11
C CYS E 328 -49.54 -45.22 12.45
N TYR E 329 -49.85 -45.29 13.74
CA TYR E 329 -51.19 -45.64 14.21
C TYR E 329 -52.15 -44.48 14.01
N ASN E 330 -53.42 -44.79 13.80
CA ASN E 330 -54.49 -43.82 13.97
C ASN E 330 -54.69 -43.63 15.47
N ALA E 331 -53.93 -42.69 16.03
CA ALA E 331 -53.89 -42.49 17.49
C ALA E 331 -55.23 -42.07 18.09
N LYS E 332 -56.09 -41.43 17.30
CA LYS E 332 -57.44 -41.08 17.76
C LYS E 332 -58.25 -42.33 18.09
N GLU E 333 -58.29 -43.27 17.15
CA GLU E 333 -59.02 -44.53 17.34
C GLU E 333 -58.35 -45.42 18.38
N ALA E 334 -57.02 -45.52 18.29
CA ALA E 334 -56.23 -46.33 19.23
C ALA E 334 -56.45 -45.90 20.68
N GLN E 335 -56.47 -44.58 20.89
CA GLN E 335 -56.71 -44.01 22.21
C GLN E 335 -58.09 -44.35 22.75
N ASP E 336 -59.11 -44.25 21.90
CA ASP E 336 -60.49 -44.56 22.31
C ASP E 336 -60.69 -46.02 22.68
N LEU E 337 -59.95 -46.91 22.03
CA LEU E 337 -59.95 -48.34 22.39
C LEU E 337 -59.27 -48.62 23.73
N LEU E 338 -58.11 -47.99 23.93
CA LEU E 338 -57.35 -48.19 25.16
C LEU E 338 -57.97 -47.45 26.34
N ALA E 339 -58.66 -46.35 26.07
CA ALA E 339 -59.36 -45.58 27.11
C ALA E 339 -60.41 -46.42 27.84
N LYS E 340 -61.01 -47.37 27.13
CA LYS E 340 -61.97 -48.31 27.70
C LYS E 340 -61.38 -49.16 28.83
N THR E 341 -60.10 -49.50 28.68
CA THR E 341 -59.41 -50.37 29.64
C THR E 341 -58.62 -49.59 30.70
N SER E 342 -57.94 -48.53 30.27
CA SER E 342 -57.05 -47.76 31.15
C SER E 342 -57.26 -46.25 31.04
N ASP E 343 -57.06 -45.55 32.15
CA ASP E 343 -57.20 -44.09 32.19
C ASP E 343 -55.93 -43.36 31.80
N ARG E 344 -54.80 -44.09 31.75
CA ARG E 344 -53.53 -43.52 31.34
C ARG E 344 -52.98 -44.23 30.10
N ILE E 345 -52.78 -43.45 29.04
CA ILE E 345 -52.31 -43.99 27.78
C ILE E 345 -51.06 -43.20 27.40
N HIS E 346 -49.98 -43.94 27.15
CA HIS E 346 -48.69 -43.35 26.84
C HIS E 346 -48.26 -43.76 25.45
N PHE E 347 -48.09 -42.78 24.56
CA PHE E 347 -47.57 -43.02 23.23
C PHE E 347 -46.09 -42.70 23.21
N ASP E 348 -45.26 -43.72 22.94
CA ASP E 348 -43.82 -43.50 22.75
C ASP E 348 -43.63 -42.99 21.33
N GLU E 349 -43.60 -41.66 21.20
CA GLU E 349 -43.46 -41.00 19.90
C GLU E 349 -42.02 -40.50 19.73
N ALA E 350 -41.06 -41.31 20.15
CA ALA E 350 -39.65 -40.92 20.16
C ALA E 350 -39.16 -40.50 18.78
N TRP E 351 -39.46 -41.33 17.78
CA TRP E 351 -39.07 -41.08 16.39
C TRP E 351 -40.08 -40.20 15.64
N TYR E 352 -40.92 -39.46 16.35
CA TYR E 352 -42.16 -38.98 15.76
C TYR E 352 -42.65 -37.64 16.32
N GLY E 353 -41.71 -36.78 16.72
CA GLY E 353 -42.04 -35.48 17.32
C GLY E 353 -42.64 -34.48 16.33
N TYR E 354 -42.20 -34.60 15.08
CA TYR E 354 -42.63 -33.73 13.98
C TYR E 354 -44.10 -33.91 13.58
N ALA E 355 -44.66 -35.09 13.86
CA ALA E 355 -46.00 -35.47 13.37
C ALA E 355 -47.05 -34.36 13.44
N ARG E 356 -47.14 -33.70 14.58
CA ARG E 356 -48.13 -32.65 14.80
C ARG E 356 -48.09 -31.53 13.79
N PHE E 357 -46.90 -31.20 13.28
CA PHE E 357 -46.67 -29.95 12.54
C PHE E 357 -46.76 -30.09 11.02
N ASN E 358 -47.29 -31.21 10.54
CA ASN E 358 -47.65 -31.37 9.14
C ASN E 358 -49.00 -32.08 9.04
N PRO E 359 -49.93 -31.54 8.21
CA PRO E 359 -51.27 -32.12 8.14
C PRO E 359 -51.36 -33.49 7.46
N ILE E 360 -50.26 -33.99 6.88
CA ILE E 360 -50.28 -35.34 6.30
C ILE E 360 -50.39 -36.41 7.38
N TYR E 361 -49.89 -36.10 8.58
CA TYR E 361 -49.97 -37.02 9.74
C TYR E 361 -51.25 -36.83 10.56
N CYS E 362 -52.09 -35.91 10.11
CA CYS E 362 -53.33 -35.56 10.79
C CYS E 362 -54.08 -36.79 11.36
N ASP E 363 -54.43 -36.70 12.65
CA ASP E 363 -55.10 -37.78 13.44
C ASP E 363 -54.24 -39.00 13.81
N HIS E 364 -52.98 -39.04 13.38
CA HIS E 364 -52.11 -40.20 13.62
C HIS E 364 -51.01 -39.91 14.64
N TYR E 365 -51.28 -39.02 15.58
CA TYR E 365 -50.37 -38.74 16.69
C TYR E 365 -51.19 -38.40 17.95
N ALA E 366 -50.52 -38.30 19.09
CA ALA E 366 -51.19 -38.15 20.39
C ALA E 366 -51.81 -36.78 20.62
N MET E 367 -51.00 -35.73 20.52
CA MET E 367 -51.40 -34.36 20.87
C MET E 367 -52.14 -33.65 19.73
N ARG E 368 -53.35 -34.11 19.44
CA ARG E 368 -54.14 -33.61 18.31
C ARG E 368 -54.87 -32.31 18.66
N GLY E 369 -54.83 -31.35 17.74
CA GLY E 369 -55.52 -30.08 17.91
C GLY E 369 -55.08 -29.32 19.14
N GLU E 370 -56.03 -28.66 19.80
CA GLU E 370 -55.79 -27.89 21.02
C GLU E 370 -56.17 -28.70 22.26
N PRO E 371 -55.43 -28.53 23.38
CA PRO E 371 -55.83 -29.18 24.64
C PRO E 371 -56.97 -28.45 25.33
N GLY E 372 -57.81 -29.22 26.04
CA GLY E 372 -58.86 -28.64 26.88
C GLY E 372 -59.67 -29.68 27.63
N GLY E 376 -61.06 -36.27 28.97
CA GLY E 376 -60.96 -37.69 28.41
C GLY E 376 -60.00 -38.50 29.32
N PRO E 377 -59.24 -39.48 28.75
CA PRO E 377 -58.19 -40.12 29.58
C PRO E 377 -56.93 -39.26 29.66
N THR E 378 -56.04 -39.57 30.60
CA THR E 378 -54.75 -38.90 30.70
C THR E 378 -53.81 -39.49 29.64
N VAL E 379 -53.31 -38.63 28.76
CA VAL E 379 -52.46 -39.08 27.66
C VAL E 379 -51.05 -38.53 27.79
N PHE E 380 -50.06 -39.42 27.73
CA PHE E 380 -48.66 -39.02 27.69
C PHE E 380 -48.13 -39.16 26.27
N ALA E 381 -47.26 -38.23 25.90
CA ALA E 381 -46.48 -38.34 24.66
C ALA E 381 -45.01 -38.11 24.99
N THR E 382 -44.15 -38.91 24.38
CA THR E 382 -42.72 -38.88 24.67
C THR E 382 -41.96 -38.60 23.38
N HIS E 383 -41.20 -37.50 23.36
CA HIS E 383 -40.36 -37.18 22.21
C HIS E 383 -38.89 -37.24 22.54
N SER E 384 -38.12 -37.79 21.60
CA SER E 384 -36.68 -37.69 21.61
C SER E 384 -36.31 -36.55 20.67
N THR E 385 -36.05 -35.38 21.25
CA THR E 385 -35.80 -34.18 20.47
C THR E 385 -34.60 -34.32 19.53
N HIS E 386 -33.58 -35.05 19.98
CA HIS E 386 -32.35 -35.22 19.18
C HIS E 386 -32.58 -36.07 17.95
N LYS E 387 -33.47 -37.06 18.04
CA LYS E 387 -33.65 -38.03 16.96
C LYS E 387 -34.08 -37.39 15.64
N LEU E 388 -35.30 -36.90 15.56
CA LEU E 388 -35.83 -36.37 14.30
C LEU E 388 -36.22 -34.89 14.32
N LEU E 389 -36.30 -34.32 15.51
CA LEU E 389 -36.53 -32.90 15.67
C LEU E 389 -35.20 -32.16 15.53
N ASN E 390 -34.09 -32.89 15.56
CA ASN E 390 -32.76 -32.33 15.35
C ASN E 390 -32.33 -31.40 16.51
N ALA E 391 -31.62 -32.01 17.47
CA ALA E 391 -31.22 -31.36 18.72
C ALA E 391 -30.09 -32.12 19.40
N LEU E 392 -29.55 -31.57 20.48
CA LEU E 392 -28.44 -32.21 21.19
C LEU E 392 -28.86 -33.55 21.78
N SER E 393 -27.98 -34.54 21.68
CA SER E 393 -28.25 -35.87 22.23
C SER E 393 -28.55 -35.79 23.71
N GLN E 394 -29.44 -36.69 24.15
CA GLN E 394 -29.99 -36.71 25.52
C GLN E 394 -31.19 -35.77 25.72
N ALA E 395 -31.52 -34.95 24.72
CA ALA E 395 -32.66 -34.05 24.81
C ALA E 395 -33.96 -34.81 24.60
N SER E 396 -34.91 -34.61 25.51
CA SER E 396 -36.20 -35.28 25.43
C SER E 396 -37.31 -34.47 26.07
N TYR E 397 -38.55 -34.73 25.68
CA TYR E 397 -39.72 -34.09 26.28
C TYR E 397 -40.76 -35.13 26.73
N ILE E 398 -41.35 -34.88 27.90
CA ILE E 398 -42.55 -35.57 28.33
C ILE E 398 -43.71 -34.59 28.15
N HIS E 399 -44.61 -34.90 27.22
CA HIS E 399 -45.79 -34.08 26.99
C HIS E 399 -47.00 -34.77 27.60
N VAL E 400 -47.84 -33.99 28.27
CA VAL E 400 -48.97 -34.53 29.03
C VAL E 400 -50.26 -33.80 28.68
N ARG E 401 -51.31 -34.58 28.49
CA ARG E 401 -52.68 -34.05 28.48
C ARG E 401 -53.42 -34.61 29.68
N GLU E 402 -53.73 -33.73 30.63
CA GLU E 402 -54.31 -34.14 31.90
C GLU E 402 -55.80 -34.43 31.75
N GLY E 403 -56.18 -35.65 32.12
CA GLY E 403 -57.56 -36.12 32.05
C GLY E 403 -57.90 -36.96 33.28
N ARG E 404 -58.61 -38.06 33.05
CA ARG E 404 -58.96 -38.99 34.13
C ARG E 404 -57.70 -39.65 34.70
N GLY E 405 -57.63 -39.78 36.01
CA GLY E 405 -56.49 -40.40 36.68
C GLY E 405 -55.20 -39.60 36.55
N ALA E 406 -55.35 -38.29 36.46
CA ALA E 406 -54.21 -37.39 36.22
C ALA E 406 -53.30 -37.33 37.43
N VAL E 407 -52.02 -37.14 37.16
CA VAL E 407 -51.02 -36.95 38.20
C VAL E 407 -50.60 -35.48 38.19
N ASN E 408 -50.86 -34.79 39.30
CA ASN E 408 -50.56 -33.36 39.40
C ASN E 408 -49.06 -33.08 39.49
N PHE E 409 -48.69 -31.80 39.52
CA PHE E 409 -47.29 -31.38 39.58
C PHE E 409 -46.52 -32.00 40.74
N SER E 410 -46.96 -31.72 41.97
CA SER E 410 -46.28 -32.17 43.19
C SER E 410 -45.94 -33.65 43.13
N ARG E 411 -46.92 -34.45 42.75
CA ARG E 411 -46.76 -35.90 42.66
C ARG E 411 -45.82 -36.31 41.54
N PHE E 412 -45.98 -35.69 40.37
CA PHE E 412 -45.19 -36.08 39.19
C PHE E 412 -43.74 -35.63 39.29
N ASN E 413 -43.50 -34.46 39.88
CA ASN E 413 -42.14 -33.94 40.02
C ASN E 413 -41.26 -34.84 40.89
N GLN E 414 -41.87 -35.57 41.82
CA GLN E 414 -41.15 -36.57 42.61
C GLN E 414 -40.65 -37.71 41.70
N ALA E 415 -41.51 -38.11 40.75
CA ALA E 415 -41.12 -39.09 39.74
C ALA E 415 -40.11 -38.51 38.76
N TYR E 416 -40.26 -37.23 38.44
CA TYR E 416 -39.31 -36.54 37.57
C TYR E 416 -37.92 -36.48 38.17
N MET E 417 -37.84 -36.01 39.41
CA MET E 417 -36.56 -35.87 40.13
C MET E 417 -35.87 -37.21 40.35
N MET E 418 -36.66 -38.26 40.45
CA MET E 418 -36.16 -39.63 40.58
C MET E 418 -35.12 -40.02 39.52
N HIS E 419 -35.37 -39.59 38.28
CA HIS E 419 -34.57 -40.00 37.12
C HIS E 419 -33.87 -38.83 36.44
N ALA E 420 -33.63 -37.77 37.23
CA ALA E 420 -32.98 -36.56 36.75
C ALA E 420 -31.59 -36.47 37.35
N THR E 421 -30.89 -35.39 37.03
CA THR E 421 -29.58 -35.08 37.61
C THR E 421 -29.64 -33.71 38.27
N THR E 422 -28.98 -33.57 39.42
CA THR E 422 -29.01 -32.33 40.19
C THR E 422 -28.37 -31.14 39.46
N SER E 423 -27.35 -31.42 38.65
CA SER E 423 -26.73 -30.40 37.80
C SER E 423 -26.79 -30.82 36.32
N PRO E 424 -27.81 -30.34 35.59
CA PRO E 424 -27.98 -30.64 34.17
C PRO E 424 -27.20 -29.67 33.29
N LEU E 425 -26.81 -30.13 32.11
CA LEU E 425 -26.04 -29.31 31.16
C LEU E 425 -26.99 -28.38 30.42
N TYR E 426 -26.80 -27.07 30.59
CA TYR E 426 -27.68 -26.06 30.00
C TYR E 426 -27.74 -26.15 28.48
N ALA E 427 -26.60 -26.43 27.86
CA ALA E 427 -26.52 -26.56 26.40
C ALA E 427 -27.58 -27.51 25.82
N ILE E 428 -27.90 -28.58 26.56
CA ILE E 428 -28.91 -29.55 26.14
C ILE E 428 -30.31 -28.96 26.30
N CYS E 429 -30.59 -28.39 27.47
CA CYS E 429 -31.87 -27.77 27.76
C CYS E 429 -32.16 -26.65 26.76
N ALA E 430 -31.13 -25.87 26.44
CA ALA E 430 -31.23 -24.81 25.45
C ALA E 430 -31.56 -25.35 24.06
N SER E 431 -30.99 -26.49 23.71
CA SER E 431 -31.29 -27.13 22.43
C SER E 431 -32.73 -27.59 22.37
N ASN E 432 -33.27 -28.05 23.50
CA ASN E 432 -34.68 -28.38 23.63
C ASN E 432 -35.57 -27.17 23.39
N ASP E 433 -35.16 -26.03 23.92
CA ASP E 433 -35.92 -24.78 23.81
C ASP E 433 -35.98 -24.25 22.38
N VAL E 434 -34.86 -24.29 21.67
CA VAL E 434 -34.82 -23.80 20.28
C VAL E 434 -35.50 -24.79 19.33
N ALA E 435 -35.43 -26.07 19.66
CA ALA E 435 -36.12 -27.10 18.87
C ALA E 435 -37.63 -26.88 18.87
N VAL E 436 -38.17 -26.40 20.00
CA VAL E 436 -39.56 -26.00 20.10
C VAL E 436 -39.85 -24.84 19.15
N SER E 437 -39.01 -23.81 19.25
CA SER E 437 -39.10 -22.62 18.39
C SER E 437 -39.10 -22.94 16.89
N MET E 438 -38.36 -23.97 16.50
CA MET E 438 -38.28 -24.38 15.10
C MET E 438 -39.56 -25.02 14.58
N MET E 439 -40.30 -25.69 15.46
CA MET E 439 -41.59 -26.29 15.08
C MET E 439 -42.75 -25.32 15.26
N ASP E 440 -42.56 -24.29 16.08
CA ASP E 440 -43.59 -23.31 16.33
C ASP E 440 -43.85 -22.45 15.10
N GLY E 441 -45.12 -22.17 14.85
CA GLY E 441 -45.53 -21.29 13.76
C GLY E 441 -45.29 -21.91 12.40
N ASN E 442 -44.91 -21.05 11.46
CA ASN E 442 -44.74 -21.45 10.05
C ASN E 442 -43.56 -22.38 9.82
N SER E 443 -42.47 -22.15 10.56
CA SER E 443 -41.23 -22.92 10.39
C SER E 443 -41.48 -24.44 10.47
N GLY E 444 -42.33 -24.85 11.41
CA GLY E 444 -42.64 -26.26 11.61
C GLY E 444 -43.21 -26.92 10.37
N LEU E 445 -44.22 -26.29 9.77
CA LEU E 445 -44.81 -26.79 8.53
C LEU E 445 -43.78 -26.84 7.41
N SER E 446 -43.05 -25.74 7.24
CA SER E 446 -42.07 -25.63 6.16
C SER E 446 -40.96 -26.67 6.28
N LEU E 447 -40.46 -26.87 7.49
CA LEU E 447 -39.39 -27.85 7.73
C LEU E 447 -39.85 -29.28 7.50
N THR E 448 -41.01 -29.64 8.07
CA THR E 448 -41.57 -30.97 7.91
C THR E 448 -41.91 -31.27 6.45
N GLN E 449 -42.36 -30.24 5.74
CA GLN E 449 -42.71 -30.39 4.32
C GLN E 449 -41.47 -30.63 3.46
N GLU E 450 -40.39 -29.93 3.77
CA GLU E 450 -39.11 -30.09 3.05
C GLU E 450 -38.64 -31.54 3.09
N VAL E 451 -38.64 -32.13 4.29
CA VAL E 451 -38.17 -33.52 4.45
C VAL E 451 -39.12 -34.51 3.76
N ILE E 452 -40.42 -34.28 3.85
CA ILE E 452 -41.40 -35.10 3.13
C ILE E 452 -41.16 -34.99 1.63
N ASP E 453 -41.04 -33.76 1.14
CA ASP E 453 -40.76 -33.49 -0.28
C ASP E 453 -39.55 -34.27 -0.80
N GLU E 454 -38.47 -34.25 -0.02
CA GLU E 454 -37.23 -34.94 -0.41
C GLU E 454 -37.40 -36.46 -0.40
N ALA E 455 -38.06 -36.97 0.63
CA ALA E 455 -38.34 -38.40 0.73
C ALA E 455 -39.20 -38.89 -0.43
N VAL E 456 -40.17 -38.06 -0.84
CA VAL E 456 -41.02 -38.38 -2.00
C VAL E 456 -40.20 -38.44 -3.30
N ASP E 457 -39.43 -37.39 -3.57
CA ASP E 457 -38.55 -37.34 -4.75
C ASP E 457 -37.70 -38.61 -4.88
N PHE E 458 -37.13 -39.02 -3.75
CA PHE E 458 -36.29 -40.22 -3.69
C PHE E 458 -37.10 -41.48 -3.98
N ARG E 459 -38.21 -41.66 -3.28
CA ARG E 459 -39.11 -42.78 -3.47
C ARG E 459 -39.54 -42.89 -4.94
N GLN E 460 -40.01 -41.79 -5.50
CA GLN E 460 -40.43 -41.74 -6.91
C GLN E 460 -39.28 -42.06 -7.87
N ALA E 461 -38.12 -41.49 -7.60
CA ALA E 461 -36.93 -41.74 -8.42
C ALA E 461 -36.55 -43.21 -8.39
N MET E 462 -36.65 -43.81 -7.21
CA MET E 462 -36.33 -45.23 -7.02
C MET E 462 -37.35 -46.10 -7.74
N ALA E 463 -38.62 -45.69 -7.70
CA ALA E 463 -39.70 -46.41 -8.38
C ALA E 463 -39.57 -46.37 -9.90
N ARG E 464 -39.14 -45.23 -10.44
CA ARG E 464 -38.98 -45.07 -11.89
C ARG E 464 -37.84 -45.92 -12.44
N LEU E 465 -36.71 -45.91 -11.72
CA LEU E 465 -35.59 -46.79 -12.04
C LEU E 465 -36.01 -48.25 -12.02
N TYR E 466 -36.79 -48.62 -11.00
CA TYR E 466 -37.25 -50.00 -10.86
C TYR E 466 -38.06 -50.44 -12.07
N LYS E 467 -38.94 -49.56 -12.56
CA LYS E 467 -39.74 -49.88 -13.73
C LYS E 467 -38.87 -49.99 -14.98
N GLU E 468 -37.92 -49.06 -15.13
CA GLU E 468 -36.96 -49.09 -16.24
C GLU E 468 -36.26 -50.44 -16.35
N PHE E 469 -35.71 -50.91 -15.23
CA PHE E 469 -35.01 -52.20 -15.19
C PHE E 469 -36.00 -53.36 -15.39
N THR E 470 -37.09 -53.34 -14.63
CA THR E 470 -38.14 -54.36 -14.70
C THR E 470 -38.62 -54.59 -16.13
N ASP E 471 -39.09 -53.51 -16.76
CA ASP E 471 -39.59 -53.56 -18.13
C ASP E 471 -38.60 -54.21 -19.11
N GLU E 472 -37.30 -53.97 -18.87
CA GLU E 472 -36.23 -54.55 -19.70
C GLU E 472 -35.78 -55.93 -19.20
N GLY E 473 -36.62 -56.60 -18.41
CA GLY E 473 -36.33 -57.94 -17.89
C GLY E 473 -35.22 -58.01 -16.86
N ASP E 474 -34.99 -56.91 -16.16
CA ASP E 474 -33.84 -56.78 -15.25
C ASP E 474 -34.31 -56.50 -13.82
N TRP E 475 -33.43 -56.70 -12.85
CA TRP E 475 -33.75 -56.48 -11.44
C TRP E 475 -33.29 -55.11 -10.94
N PHE E 476 -33.91 -54.66 -9.85
CA PHE E 476 -33.48 -53.45 -9.14
C PHE E 476 -34.19 -53.35 -7.79
N PHE E 477 -33.74 -52.42 -6.95
CA PHE E 477 -34.37 -52.16 -5.66
C PHE E 477 -35.62 -51.32 -5.86
N LYS E 478 -36.71 -51.70 -5.20
CA LYS E 478 -37.95 -50.91 -5.23
C LYS E 478 -38.28 -50.36 -3.84
N PRO E 479 -38.88 -49.16 -3.79
CA PRO E 479 -39.23 -48.55 -2.53
C PRO E 479 -40.48 -49.19 -1.93
N TRP E 480 -40.53 -49.29 -0.61
CA TRP E 480 -41.70 -49.84 0.08
C TRP E 480 -42.74 -48.74 0.34
N ASN E 481 -43.75 -48.71 -0.52
CA ASN E 481 -44.83 -47.74 -0.44
C ASN E 481 -45.99 -48.20 -1.34
N LYS E 482 -47.02 -47.37 -1.44
CA LYS E 482 -48.20 -47.69 -2.24
C LYS E 482 -47.85 -47.97 -3.70
N ASP E 483 -48.58 -48.89 -4.33
CA ASP E 483 -48.37 -49.22 -5.74
C ASP E 483 -49.05 -48.20 -6.65
N VAL E 484 -50.25 -47.79 -6.24
CA VAL E 484 -51.08 -46.90 -7.05
C VAL E 484 -51.78 -45.90 -6.13
N VAL E 485 -51.76 -44.62 -6.52
CA VAL E 485 -52.42 -43.57 -5.75
C VAL E 485 -53.52 -42.90 -6.56
N THR E 486 -54.36 -42.12 -5.89
CA THR E 486 -55.48 -41.42 -6.53
C THR E 486 -55.57 -39.96 -6.09
N ASP E 487 -55.70 -39.07 -7.07
CA ASP E 487 -55.95 -37.66 -6.81
C ASP E 487 -57.46 -37.48 -6.54
N PRO E 488 -57.82 -36.97 -5.36
CA PRO E 488 -59.25 -36.77 -5.05
C PRO E 488 -59.91 -35.65 -5.86
N GLN E 489 -59.18 -34.57 -6.13
CA GLN E 489 -59.71 -33.42 -6.89
C GLN E 489 -60.17 -33.80 -8.29
N THR E 490 -59.44 -34.71 -8.93
CA THR E 490 -59.73 -35.11 -10.31
C THR E 490 -60.38 -36.49 -10.44
N GLY E 491 -60.22 -37.33 -9.41
CA GLY E 491 -60.64 -38.74 -9.46
C GLY E 491 -59.65 -39.64 -10.20
N LYS E 492 -58.60 -39.03 -10.74
CA LYS E 492 -57.65 -39.71 -11.60
C LYS E 492 -56.66 -40.56 -10.82
N THR E 493 -56.25 -41.67 -11.44
CA THR E 493 -55.42 -42.67 -10.80
C THR E 493 -54.01 -42.63 -11.41
N TYR E 494 -52.99 -42.79 -10.57
CA TYR E 494 -51.59 -42.83 -11.03
C TYR E 494 -50.84 -44.02 -10.44
N ASP E 495 -49.95 -44.60 -11.24
CA ASP E 495 -48.88 -45.44 -10.69
C ASP E 495 -48.01 -44.52 -9.84
N PHE E 496 -47.43 -45.06 -8.77
CA PHE E 496 -46.60 -44.26 -7.85
C PHE E 496 -45.59 -43.41 -8.62
N ALA E 497 -44.78 -44.07 -9.44
CA ALA E 497 -43.76 -43.40 -10.23
C ALA E 497 -44.31 -42.21 -11.02
N ASP E 498 -45.49 -42.39 -11.61
CA ASP E 498 -46.09 -41.36 -12.47
C ASP E 498 -46.84 -40.26 -11.70
N ALA E 499 -47.09 -40.48 -10.41
CA ALA E 499 -47.90 -39.53 -9.62
C ALA E 499 -47.28 -38.14 -9.56
N PRO E 500 -48.11 -37.09 -9.42
CA PRO E 500 -47.53 -35.77 -9.15
C PRO E 500 -46.92 -35.73 -7.76
N ALA E 501 -45.77 -35.09 -7.62
CA ALA E 501 -45.07 -35.04 -6.35
C ALA E 501 -45.88 -34.32 -5.28
N LYS E 502 -46.52 -33.22 -5.68
CA LYS E 502 -47.36 -32.42 -4.77
C LYS E 502 -48.47 -33.25 -4.14
N LEU E 503 -49.02 -34.20 -4.89
CA LEU E 503 -50.05 -35.10 -4.39
C LEU E 503 -49.51 -36.01 -3.29
N LEU E 504 -48.43 -36.72 -3.60
CA LEU E 504 -47.81 -37.67 -2.66
C LEU E 504 -47.34 -37.00 -1.37
N ALA E 505 -46.85 -35.77 -1.50
CA ALA E 505 -46.30 -35.02 -0.36
C ALA E 505 -47.37 -34.27 0.45
N THR E 506 -48.64 -34.50 0.11
CA THR E 506 -49.77 -33.73 0.68
C THR E 506 -50.92 -34.64 1.12
N ASP E 507 -51.38 -35.48 0.19
CA ASP E 507 -52.54 -36.31 0.42
C ASP E 507 -52.21 -37.48 1.33
N GLN E 508 -52.85 -37.52 2.51
CA GLN E 508 -52.64 -38.60 3.48
C GLN E 508 -53.05 -39.96 2.93
N ASN E 509 -54.13 -39.98 2.16
CA ASN E 509 -54.67 -41.24 1.62
C ASN E 509 -53.71 -41.98 0.68
N CYS E 510 -52.70 -41.28 0.17
CA CYS E 510 -51.62 -41.92 -0.59
C CYS E 510 -50.73 -42.81 0.31
N TRP E 511 -50.91 -42.70 1.62
CA TRP E 511 -50.08 -43.43 2.58
C TRP E 511 -50.87 -44.29 3.57
N VAL E 512 -52.19 -44.20 3.56
CA VAL E 512 -53.01 -45.00 4.47
C VAL E 512 -53.03 -46.45 4.01
N MET E 513 -52.76 -47.36 4.93
CA MET E 513 -52.77 -48.78 4.61
C MET E 513 -54.20 -49.28 4.63
N ARG E 514 -54.70 -49.66 3.45
CA ARG E 514 -56.09 -50.08 3.28
C ARG E 514 -56.18 -51.58 2.97
N PRO E 515 -57.31 -52.22 3.35
CA PRO E 515 -57.45 -53.66 3.17
C PRO E 515 -57.49 -54.07 1.71
N GLY E 516 -56.92 -55.23 1.40
CA GLY E 516 -56.86 -55.73 0.03
C GLY E 516 -55.66 -55.25 -0.78
N GLU E 517 -54.87 -54.34 -0.20
CA GLU E 517 -53.68 -53.82 -0.87
C GLU E 517 -52.49 -54.76 -0.63
N THR E 518 -51.77 -55.09 -1.70
CA THR E 518 -50.64 -56.02 -1.62
C THR E 518 -49.39 -55.39 -0.98
N TRP E 519 -49.14 -54.12 -1.27
CA TRP E 519 -47.86 -53.47 -0.95
C TRP E 519 -47.43 -53.58 0.51
N HIS E 520 -48.34 -53.25 1.43
CA HIS E 520 -47.98 -53.17 2.85
C HIS E 520 -47.81 -54.56 3.49
N GLY E 521 -48.62 -55.50 3.04
CA GLY E 521 -48.42 -56.92 3.37
C GLY E 521 -48.76 -57.33 4.79
N PHE E 522 -49.76 -56.68 5.36
CA PHE E 522 -50.22 -56.99 6.71
C PHE E 522 -51.58 -57.66 6.58
N LYS E 523 -51.59 -58.98 6.74
CA LYS E 523 -52.79 -59.79 6.53
C LYS E 523 -53.94 -59.36 7.45
N ASP E 524 -55.09 -59.07 6.85
CA ASP E 524 -56.31 -58.72 7.57
C ASP E 524 -56.22 -57.41 8.35
N LEU E 525 -55.35 -56.48 7.91
CA LEU E 525 -55.26 -55.16 8.56
C LEU E 525 -56.56 -54.41 8.30
N PRO E 526 -57.23 -53.92 9.36
CA PRO E 526 -58.43 -53.11 9.16
C PRO E 526 -58.17 -51.78 8.46
N ASP E 527 -59.25 -51.21 7.92
CA ASP E 527 -59.20 -49.93 7.24
C ASP E 527 -59.10 -48.81 8.27
N ASN E 528 -58.54 -47.67 7.86
CA ASN E 528 -58.43 -46.48 8.71
C ASN E 528 -57.81 -46.77 10.07
N TRP E 529 -56.67 -47.47 10.04
CA TRP E 529 -55.96 -47.84 11.27
C TRP E 529 -54.48 -47.44 11.18
N SER E 530 -53.82 -47.85 10.10
CA SER E 530 -52.40 -47.59 9.91
C SER E 530 -52.13 -46.58 8.81
N MET E 531 -50.86 -46.20 8.70
CA MET E 531 -50.41 -45.24 7.71
C MET E 531 -48.89 -45.29 7.63
N LEU E 532 -48.34 -45.30 6.41
CA LEU E 532 -46.88 -45.25 6.24
C LEU E 532 -46.39 -43.81 6.32
N ASP E 533 -45.35 -43.60 7.11
CA ASP E 533 -44.67 -42.32 7.20
C ASP E 533 -43.81 -42.16 5.93
N PRO E 534 -44.04 -41.09 5.16
CA PRO E 534 -43.25 -40.87 3.93
C PRO E 534 -41.73 -40.78 4.14
N ILE E 535 -41.30 -40.18 5.25
CA ILE E 535 -39.86 -39.90 5.49
C ILE E 535 -39.08 -41.12 6.02
N LYS E 536 -39.78 -42.21 6.32
CA LYS E 536 -39.15 -43.44 6.77
C LYS E 536 -39.05 -44.39 5.58
N VAL E 537 -38.14 -44.06 4.67
CA VAL E 537 -38.07 -44.72 3.36
C VAL E 537 -37.42 -46.10 3.46
N SER E 538 -38.25 -47.13 3.47
CA SER E 538 -37.78 -48.51 3.40
C SER E 538 -37.60 -48.87 1.94
N ILE E 539 -36.52 -49.60 1.64
CA ILE E 539 -36.21 -50.02 0.28
C ILE E 539 -36.03 -51.53 0.24
N LEU E 540 -36.56 -52.15 -0.81
CA LEU E 540 -36.67 -53.62 -0.88
C LEU E 540 -35.79 -54.21 -1.98
N ALA E 541 -34.86 -55.08 -1.56
CA ALA E 541 -34.07 -55.86 -2.50
C ALA E 541 -34.92 -57.02 -3.02
N PRO E 542 -34.65 -57.47 -4.26
CA PRO E 542 -35.45 -58.57 -4.81
C PRO E 542 -35.16 -59.89 -4.11
N GLY E 543 -36.16 -60.78 -4.08
CA GLY E 543 -36.00 -62.09 -3.46
C GLY E 543 -37.27 -62.61 -2.78
N MET E 544 -38.08 -61.71 -2.26
CA MET E 544 -39.31 -62.07 -1.56
C MET E 544 -40.52 -61.89 -2.46
N GLY E 545 -41.22 -62.99 -2.75
CA GLY E 545 -42.43 -62.94 -3.56
C GLY E 545 -43.61 -62.37 -2.78
N ASP E 546 -44.59 -61.84 -3.51
CA ASP E 546 -45.81 -61.28 -2.90
C ASP E 546 -46.60 -62.33 -2.10
N ASP E 547 -46.52 -63.58 -2.54
CA ASP E 547 -47.20 -64.68 -1.85
C ASP E 547 -46.62 -65.02 -0.46
N GLY E 548 -45.39 -64.58 -0.20
CA GLY E 548 -44.75 -64.80 1.10
C GLY E 548 -43.62 -65.82 1.03
N GLU E 549 -43.58 -66.60 -0.03
CA GLU E 549 -42.51 -67.57 -0.26
C GLU E 549 -41.41 -66.92 -1.10
N LEU E 550 -40.17 -67.42 -0.95
CA LEU E 550 -39.01 -66.84 -1.63
C LEU E 550 -39.06 -67.09 -3.15
N GLU E 551 -38.53 -66.13 -3.90
CA GLU E 551 -38.47 -66.22 -5.36
C GLU E 551 -37.32 -67.12 -5.82
N ALA E 552 -37.23 -67.32 -7.14
CA ALA E 552 -36.18 -68.16 -7.74
C ALA E 552 -34.79 -67.73 -7.30
N SER E 553 -34.47 -66.46 -7.53
CA SER E 553 -33.21 -65.88 -7.10
C SER E 553 -33.48 -64.53 -6.43
N GLY E 554 -32.48 -63.99 -5.76
CA GLY E 554 -32.62 -62.71 -5.07
C GLY E 554 -31.32 -62.12 -4.60
N VAL E 555 -31.40 -60.89 -4.09
CA VAL E 555 -30.24 -60.17 -3.56
C VAL E 555 -30.50 -59.90 -2.08
N PRO E 556 -29.70 -60.52 -1.18
CA PRO E 556 -29.88 -60.28 0.24
C PRO E 556 -29.33 -58.91 0.67
N ALA E 557 -30.08 -58.23 1.53
CA ALA E 557 -29.79 -56.84 1.91
C ALA E 557 -28.50 -56.70 2.72
N ALA E 558 -28.20 -57.71 3.54
CA ALA E 558 -26.97 -57.73 4.34
C ALA E 558 -25.74 -57.40 3.49
N LEU E 559 -25.74 -57.92 2.27
CA LEU E 559 -24.65 -57.70 1.31
C LEU E 559 -24.61 -56.24 0.85
N VAL E 560 -25.79 -55.68 0.60
CA VAL E 560 -25.91 -54.29 0.15
C VAL E 560 -25.50 -53.34 1.27
N THR E 561 -26.07 -53.58 2.46
CA THR E 561 -25.74 -52.79 3.66
C THR E 561 -24.23 -52.66 3.86
N ALA E 562 -23.51 -53.76 3.62
CA ALA E 562 -22.05 -53.78 3.73
C ALA E 562 -21.40 -52.87 2.69
N TRP E 563 -21.85 -52.98 1.44
CA TRP E 563 -21.35 -52.12 0.36
C TRP E 563 -21.60 -50.64 0.65
N LEU E 564 -22.80 -50.35 1.16
CA LEU E 564 -23.15 -48.99 1.58
C LEU E 564 -22.22 -48.52 2.69
N GLY E 565 -21.93 -49.42 3.64
CA GLY E 565 -21.02 -49.15 4.74
C GLY E 565 -19.62 -48.67 4.36
N ARG E 566 -19.05 -49.25 3.30
CA ARG E 566 -17.72 -48.79 2.82
C ARG E 566 -17.78 -47.39 2.21
N HIS E 567 -18.93 -47.00 1.69
CA HIS E 567 -19.12 -45.69 1.07
C HIS E 567 -19.67 -44.65 2.05
N GLY E 568 -19.49 -44.90 3.35
CA GLY E 568 -19.90 -43.96 4.40
C GLY E 568 -21.40 -43.77 4.49
N ILE E 569 -22.14 -44.87 4.42
CA ILE E 569 -23.60 -44.86 4.51
C ILE E 569 -24.04 -46.05 5.36
N VAL E 570 -24.60 -45.77 6.53
CA VAL E 570 -25.00 -46.83 7.47
C VAL E 570 -26.50 -46.75 7.78
N PRO E 571 -27.32 -47.54 7.05
CA PRO E 571 -28.77 -47.58 7.22
C PRO E 571 -29.23 -47.80 8.67
N THR E 572 -30.36 -47.19 9.02
CA THR E 572 -30.96 -47.34 10.35
C THR E 572 -31.32 -48.80 10.60
N ARG E 573 -32.08 -49.35 9.65
CA ARG E 573 -32.70 -50.66 9.77
C ARG E 573 -32.26 -51.58 8.64
N THR E 574 -32.10 -52.87 8.95
CA THR E 574 -31.76 -53.88 7.93
C THR E 574 -32.36 -55.25 8.28
N THR E 575 -33.26 -55.72 7.43
CA THR E 575 -33.77 -57.09 7.51
C THR E 575 -33.03 -57.91 6.45
N ASP E 576 -33.59 -59.04 6.04
CA ASP E 576 -32.99 -59.89 5.00
C ASP E 576 -33.08 -59.23 3.62
N PHE E 577 -34.18 -58.53 3.36
CA PHE E 577 -34.40 -57.82 2.10
C PHE E 577 -34.70 -56.32 2.25
N GLN E 578 -35.01 -55.86 3.45
CA GLN E 578 -35.32 -54.45 3.69
C GLN E 578 -34.04 -53.67 4.02
N ILE E 579 -33.93 -52.48 3.47
CA ILE E 579 -32.94 -51.49 3.90
C ILE E 579 -33.70 -50.19 4.11
N MET E 580 -33.64 -49.65 5.32
CA MET E 580 -34.39 -48.42 5.62
C MET E 580 -33.49 -47.21 5.73
N PHE E 581 -33.84 -46.16 5.01
CA PHE E 581 -33.13 -44.90 5.08
C PHE E 581 -33.98 -43.84 5.77
N LEU E 582 -33.35 -43.10 6.69
CA LEU E 582 -34.06 -42.15 7.54
C LEU E 582 -33.87 -40.73 7.03
N PHE E 583 -34.93 -40.16 6.46
CA PHE E 583 -34.92 -38.76 6.05
C PHE E 583 -35.28 -37.88 7.24
N SER E 584 -34.46 -36.88 7.52
CA SER E 584 -34.67 -35.99 8.65
C SER E 584 -34.57 -34.53 8.21
N MET E 585 -34.76 -33.61 9.16
CA MET E 585 -34.61 -32.17 8.90
C MET E 585 -33.16 -31.75 8.73
N GLY E 586 -32.24 -32.60 9.19
CA GLY E 586 -30.81 -32.36 9.00
C GLY E 586 -30.31 -32.65 7.60
N VAL E 587 -31.12 -33.35 6.81
CA VAL E 587 -30.77 -33.70 5.43
C VAL E 587 -30.81 -32.47 4.52
N THR E 588 -29.72 -32.28 3.76
CA THR E 588 -29.63 -31.20 2.79
C THR E 588 -30.38 -31.58 1.51
N ARG E 589 -30.80 -30.56 0.77
CA ARG E 589 -31.66 -30.76 -0.40
C ARG E 589 -30.94 -31.40 -1.59
N GLY E 590 -31.41 -32.57 -1.99
CA GLY E 590 -30.89 -33.30 -3.16
C GLY E 590 -29.92 -34.42 -2.84
N LYS E 591 -29.59 -34.60 -1.55
CA LYS E 591 -28.55 -35.54 -1.14
C LYS E 591 -28.92 -37.01 -1.40
N TRP E 592 -30.20 -37.29 -1.58
CA TRP E 592 -30.66 -38.65 -1.91
C TRP E 592 -30.07 -39.19 -3.22
N GLY E 593 -29.67 -38.31 -4.12
CA GLY E 593 -28.97 -38.71 -5.34
C GLY E 593 -27.74 -39.58 -5.11
N THR E 594 -27.06 -39.34 -3.98
CA THR E 594 -25.91 -40.15 -3.57
C THR E 594 -26.31 -41.58 -3.23
N LEU E 595 -27.44 -41.75 -2.54
CA LEU E 595 -27.98 -43.09 -2.24
C LEU E 595 -28.20 -43.88 -3.52
N ILE E 596 -28.80 -43.25 -4.51
CA ILE E 596 -29.07 -43.90 -5.80
C ILE E 596 -27.77 -44.26 -6.49
N ASN E 597 -26.86 -43.29 -6.55
CA ASN E 597 -25.57 -43.47 -7.21
C ASN E 597 -24.78 -44.67 -6.66
N THR E 598 -24.85 -44.85 -5.34
CA THR E 598 -24.17 -45.97 -4.67
C THR E 598 -24.91 -47.29 -4.92
N LEU E 599 -26.24 -47.26 -4.83
CA LEU E 599 -27.08 -48.43 -5.11
C LEU E 599 -26.91 -48.93 -6.54
N CME E 600 -26.71 -48.00 -7.48
CA CME E 600 -26.49 -48.36 -8.88
CB CME E 600 -26.62 -47.12 -9.76
SG CME E 600 -28.32 -46.66 -9.83
SD CME E 600 -28.83 -47.36 -11.65
CE CME E 600 -28.19 -46.11 -12.70
CZ CME E 600 -27.51 -46.74 -13.90
OH CME E 600 -26.18 -46.23 -14.02
C CME E 600 -25.11 -48.96 -9.07
O CME E 600 -24.98 -49.97 -9.77
N SER E 601 -24.11 -48.36 -8.47
CA SER E 601 -22.74 -48.88 -8.54
C SER E 601 -22.63 -50.26 -7.90
N PHE E 602 -23.47 -50.54 -6.91
CA PHE E 602 -23.57 -51.89 -6.35
C PHE E 602 -24.09 -52.85 -7.40
N LYS E 603 -25.25 -52.51 -7.97
CA LYS E 603 -25.86 -53.33 -9.01
C LYS E 603 -24.85 -53.67 -10.11
N HIS E 604 -24.14 -52.66 -10.59
CA HIS E 604 -23.13 -52.85 -11.63
C HIS E 604 -22.12 -53.93 -11.24
N HIS E 605 -21.62 -53.86 -10.00
CA HIS E 605 -20.66 -54.84 -9.50
C HIS E 605 -21.29 -56.21 -9.26
N TYR E 606 -22.56 -56.23 -8.86
CA TYR E 606 -23.29 -57.49 -8.66
C TYR E 606 -23.48 -58.24 -9.98
N ASP E 607 -23.93 -57.52 -10.99
CA ASP E 607 -24.11 -58.09 -12.34
C ASP E 607 -22.78 -58.55 -12.94
N ALA E 608 -21.73 -57.77 -12.70
CA ALA E 608 -20.39 -58.10 -13.19
C ALA E 608 -19.70 -59.18 -12.35
N ASN E 609 -20.22 -59.42 -11.14
CA ASN E 609 -19.63 -60.37 -10.20
C ASN E 609 -18.16 -60.06 -9.89
N THR E 610 -17.83 -58.79 -9.72
CA THR E 610 -16.45 -58.39 -9.45
C THR E 610 -15.94 -59.06 -8.17
N PRO E 611 -14.67 -59.50 -8.18
CA PRO E 611 -14.08 -60.22 -7.04
C PRO E 611 -14.20 -59.46 -5.72
N LEU E 612 -14.43 -60.19 -4.64
CA LEU E 612 -14.49 -59.59 -3.31
C LEU E 612 -13.18 -58.92 -2.92
N ALA E 613 -12.06 -59.43 -3.44
CA ALA E 613 -10.74 -58.83 -3.22
C ALA E 613 -10.74 -57.32 -3.54
N GLN E 614 -11.47 -56.94 -4.59
CA GLN E 614 -11.60 -55.54 -4.99
C GLN E 614 -12.71 -54.81 -4.23
N VAL E 615 -13.93 -55.34 -4.31
CA VAL E 615 -15.12 -54.68 -3.78
C VAL E 615 -15.22 -54.69 -2.25
N MET E 616 -14.76 -55.76 -1.61
CA MET E 616 -14.80 -55.90 -0.16
C MET E 616 -13.49 -56.48 0.38
N PRO E 617 -12.40 -55.68 0.32
CA PRO E 617 -11.08 -56.20 0.67
C PRO E 617 -10.92 -56.53 2.15
N GLU E 618 -11.45 -55.65 3.00
CA GLU E 618 -11.43 -55.85 4.45
C GLU E 618 -11.92 -57.23 4.86
N LEU E 619 -12.90 -57.74 4.14
CA LEU E 619 -13.52 -59.03 4.44
C LEU E 619 -12.64 -60.22 4.08
N VAL E 620 -12.04 -60.17 2.89
CA VAL E 620 -11.21 -61.27 2.38
C VAL E 620 -9.94 -61.42 3.23
N GLN E 621 -9.36 -60.27 3.58
CA GLN E 621 -8.19 -60.21 4.46
C GLN E 621 -8.48 -60.87 5.81
N ASP E 622 -9.67 -60.63 6.35
CA ASP E 622 -10.08 -61.19 7.65
C ASP E 622 -10.35 -62.69 7.60
N TYR E 623 -11.12 -63.13 6.61
CA TYR E 623 -11.53 -64.54 6.49
C TYR E 623 -11.23 -65.09 5.10
N PRO E 624 -9.93 -65.28 4.77
CA PRO E 624 -9.55 -65.71 3.43
C PRO E 624 -10.09 -67.10 3.06
N ASP E 625 -10.08 -68.02 4.03
CA ASP E 625 -10.56 -69.38 3.81
C ASP E 625 -11.98 -69.42 3.26
N THR E 626 -12.85 -68.60 3.83
CA THR E 626 -14.28 -68.60 3.48
C THR E 626 -14.56 -67.91 2.14
N TYR E 627 -13.97 -66.72 1.94
CA TYR E 627 -14.26 -65.88 0.78
C TYR E 627 -13.13 -65.87 -0.27
N ALA E 628 -12.45 -67.01 -0.42
CA ALA E 628 -11.36 -67.14 -1.40
C ALA E 628 -11.91 -67.24 -2.81
N ASN E 629 -11.15 -66.69 -3.76
CA ASN E 629 -11.50 -66.73 -5.20
C ASN E 629 -13.00 -66.62 -5.49
N MET E 630 -13.66 -65.71 -4.78
CA MET E 630 -15.10 -65.48 -4.91
C MET E 630 -15.39 -64.11 -5.48
N GLY E 631 -16.62 -63.94 -5.97
CA GLY E 631 -17.13 -62.65 -6.42
C GLY E 631 -18.35 -62.22 -5.62
N ILE E 632 -18.75 -60.96 -5.77
CA ILE E 632 -19.88 -60.39 -5.02
C ILE E 632 -21.19 -61.14 -5.30
N HIS E 633 -21.40 -61.52 -6.56
CA HIS E 633 -22.61 -62.27 -6.96
C HIS E 633 -22.59 -63.65 -6.34
N ASP E 634 -21.44 -64.31 -6.39
CA ASP E 634 -21.28 -65.65 -5.83
C ASP E 634 -21.74 -65.70 -4.39
N LEU E 635 -21.32 -64.71 -3.60
CA LEU E 635 -21.69 -64.63 -2.19
C LEU E 635 -23.20 -64.39 -2.04
N GLY E 636 -23.74 -63.50 -2.85
CA GLY E 636 -25.17 -63.23 -2.87
C GLY E 636 -25.99 -64.48 -3.06
N ASP E 637 -25.59 -65.29 -4.06
CA ASP E 637 -26.26 -66.57 -4.33
C ASP E 637 -26.12 -67.55 -3.17
N LYS E 638 -24.92 -67.62 -2.59
CA LYS E 638 -24.67 -68.50 -1.44
C LYS E 638 -25.51 -68.08 -0.23
N MET E 639 -25.62 -66.76 -0.02
CA MET E 639 -26.48 -66.22 1.04
C MET E 639 -27.95 -66.51 0.76
N PHE E 640 -28.38 -66.25 -0.46
CA PHE E 640 -29.77 -66.50 -0.85
C PHE E 640 -30.11 -67.99 -0.81
N ALA E 641 -29.12 -68.83 -1.07
CA ALA E 641 -29.27 -70.28 -0.96
C ALA E 641 -29.56 -70.70 0.48
N TRP E 642 -28.73 -70.20 1.40
CA TRP E 642 -28.91 -70.44 2.83
C TRP E 642 -30.30 -70.01 3.30
N LEU E 643 -30.75 -68.85 2.80
CA LEU E 643 -32.08 -68.31 3.12
C LEU E 643 -33.20 -69.30 2.76
N ARG E 644 -33.12 -69.86 1.55
CA ARG E 644 -34.10 -70.82 1.10
C ARG E 644 -34.08 -72.08 1.97
N GLU E 645 -32.88 -72.59 2.23
CA GLU E 645 -32.69 -73.81 3.02
C GLU E 645 -33.12 -73.65 4.48
N ASN E 646 -32.50 -72.69 5.17
CA ASN E 646 -32.72 -72.52 6.61
C ASN E 646 -34.04 -71.85 6.96
N ASN E 647 -34.58 -71.06 6.04
CA ASN E 647 -35.95 -70.52 6.13
C ASN E 647 -36.20 -69.67 7.39
N PRO E 648 -35.41 -68.60 7.57
CA PRO E 648 -35.40 -67.85 8.83
C PRO E 648 -36.61 -66.94 9.03
N GLY E 649 -37.20 -66.47 7.95
CA GLY E 649 -38.38 -65.60 8.03
C GLY E 649 -39.56 -66.26 8.71
N ALA E 650 -39.76 -67.55 8.42
CA ALA E 650 -40.80 -68.35 9.07
C ALA E 650 -40.46 -68.64 10.53
N ARG E 651 -39.20 -68.96 10.79
CA ARG E 651 -38.72 -69.17 12.15
C ARG E 651 -38.86 -67.92 13.02
N LEU E 652 -38.67 -66.75 12.42
CA LEU E 652 -38.88 -65.47 13.11
C LEU E 652 -40.33 -65.39 13.57
N ASN E 653 -41.25 -65.52 12.62
CA ASN E 653 -42.68 -65.44 12.93
C ASN E 653 -43.11 -66.44 14.00
N ALA E 654 -42.57 -67.66 13.93
CA ALA E 654 -42.83 -68.67 14.96
C ALA E 654 -42.48 -68.16 16.36
N ALA E 655 -41.32 -67.51 16.47
CA ALA E 655 -40.81 -67.00 17.75
C ALA E 655 -41.55 -65.77 18.27
N TYR E 656 -42.15 -65.00 17.36
CA TYR E 656 -42.84 -63.75 17.72
C TYR E 656 -44.38 -63.80 17.67
N SER E 657 -44.93 -64.73 16.87
CA SER E 657 -46.38 -64.90 16.76
C SER E 657 -47.01 -65.26 18.09
N THR E 658 -46.34 -66.12 18.83
CA THR E 658 -46.79 -66.58 20.14
C THR E 658 -45.74 -66.22 21.18
N LEU E 659 -46.16 -65.47 22.21
CA LEU E 659 -45.22 -64.99 23.22
C LEU E 659 -44.73 -66.12 24.13
N PRO E 660 -43.50 -65.99 24.65
CA PRO E 660 -43.00 -66.95 25.64
C PRO E 660 -43.72 -66.81 26.97
N VAL E 661 -43.73 -67.88 27.74
CA VAL E 661 -44.48 -67.92 29.01
C VAL E 661 -43.75 -67.08 30.05
N ALA E 662 -44.46 -66.12 30.63
CA ALA E 662 -43.91 -65.25 31.65
C ALA E 662 -43.94 -65.94 33.00
N GLU E 663 -42.79 -66.44 33.46
CA GLU E 663 -42.72 -67.22 34.70
C GLU E 663 -42.62 -66.33 35.94
N ILE E 664 -41.75 -65.32 35.90
CA ILE E 664 -41.64 -64.33 36.97
C ILE E 664 -41.58 -62.91 36.39
N THR E 665 -41.71 -61.91 37.27
CA THR E 665 -41.72 -60.51 36.85
C THR E 665 -40.31 -60.09 36.44
N PRO E 666 -40.20 -59.10 35.55
CA PRO E 666 -38.88 -58.57 35.20
C PRO E 666 -38.08 -58.11 36.42
N ARG E 667 -38.78 -57.53 37.40
CA ARG E 667 -38.13 -57.11 38.64
C ARG E 667 -37.55 -58.29 39.41
N ASP E 668 -38.35 -59.34 39.58
CA ASP E 668 -37.88 -60.57 40.22
C ASP E 668 -36.69 -61.14 39.48
N ALA E 669 -36.74 -61.12 38.15
CA ALA E 669 -35.65 -61.61 37.32
C ALA E 669 -34.38 -60.76 37.47
N TYR E 670 -34.53 -59.44 37.51
CA TYR E 670 -33.38 -58.56 37.75
C TYR E 670 -32.81 -58.78 39.17
N ASN E 671 -33.68 -58.95 40.16
CA ASN E 671 -33.24 -59.18 41.53
C ASN E 671 -32.41 -60.46 41.69
N ALA E 672 -32.64 -61.44 40.81
CA ALA E 672 -31.79 -62.63 40.72
C ALA E 672 -30.33 -62.26 40.39
N ILE E 673 -30.17 -61.24 39.55
CA ILE E 673 -28.85 -60.74 39.18
C ILE E 673 -28.15 -60.10 40.39
N VAL E 674 -28.91 -59.35 41.16
CA VAL E 674 -28.39 -58.69 42.36
C VAL E 674 -27.99 -59.72 43.41
N ASN E 675 -28.84 -60.73 43.62
CA ASN E 675 -28.59 -61.80 44.57
C ASN E 675 -27.59 -62.85 44.08
N ASN E 676 -27.23 -62.76 42.81
CA ASN E 676 -26.24 -63.65 42.19
C ASN E 676 -26.78 -65.06 41.93
N ASN E 677 -28.09 -65.17 41.73
CA ASN E 677 -28.71 -66.43 41.29
C ASN E 677 -28.68 -66.43 39.77
N ILE E 678 -27.45 -66.48 39.24
CA ILE E 678 -27.21 -66.16 37.84
C ILE E 678 -26.25 -67.18 37.23
N GLU E 679 -26.45 -67.43 35.95
CA GLU E 679 -25.73 -68.49 35.26
C GLU E 679 -25.72 -68.20 33.77
N MET E 680 -24.54 -68.26 33.16
CA MET E 680 -24.43 -68.03 31.72
C MET E 680 -24.72 -69.35 31.01
N VAL E 681 -25.92 -69.45 30.45
CA VAL E 681 -26.40 -70.68 29.83
C VAL E 681 -26.22 -70.65 28.32
N ALA E 682 -25.65 -71.70 27.77
CA ALA E 682 -25.41 -71.82 26.32
C ALA E 682 -26.72 -72.07 25.59
N ILE E 683 -26.73 -71.71 24.31
CA ILE E 683 -27.94 -71.79 23.47
C ILE E 683 -28.69 -73.12 23.54
N GLU E 684 -27.97 -74.24 23.51
CA GLU E 684 -28.58 -75.56 23.43
C GLU E 684 -29.22 -76.04 24.74
N ASN E 685 -28.86 -75.40 25.86
CA ASN E 685 -29.43 -75.71 27.17
C ASN E 685 -30.43 -74.65 27.66
N LEU E 686 -30.85 -73.76 26.76
CA LEU E 686 -31.80 -72.70 27.12
C LEU E 686 -33.21 -73.20 27.44
N PRO E 687 -33.68 -74.28 26.77
CA PRO E 687 -35.05 -74.75 27.02
C PRO E 687 -35.38 -74.95 28.50
N GLY E 688 -36.54 -74.44 28.92
CA GLY E 688 -37.00 -74.56 30.30
C GLY E 688 -36.35 -73.60 31.28
N ARG E 689 -35.50 -72.70 30.79
CA ARG E 689 -34.78 -71.75 31.66
C ARG E 689 -35.39 -70.36 31.58
N ILE E 690 -35.23 -69.60 32.66
CA ILE E 690 -35.76 -68.24 32.74
C ILE E 690 -34.66 -67.24 32.37
N ALA E 691 -35.00 -66.28 31.51
CA ALA E 691 -34.07 -65.22 31.12
C ALA E 691 -33.91 -64.17 32.22
N ALA E 692 -32.66 -63.87 32.57
CA ALA E 692 -32.35 -62.86 33.59
C ALA E 692 -32.45 -61.45 33.01
N ASN E 693 -32.00 -61.30 31.77
CA ASN E 693 -32.13 -60.05 31.03
C ASN E 693 -32.96 -60.26 29.78
N SER E 694 -33.42 -59.16 29.17
CA SER E 694 -34.18 -59.22 27.92
C SER E 694 -33.28 -59.71 26.78
N VAL E 695 -33.89 -60.36 25.80
CA VAL E 695 -33.18 -60.84 24.62
C VAL E 695 -33.79 -60.25 23.37
N ILE E 696 -33.02 -59.43 22.66
CA ILE E 696 -33.51 -58.68 21.50
C ILE E 696 -32.64 -58.97 20.27
N PRO E 697 -33.10 -59.85 19.38
CA PRO E 697 -32.37 -60.12 18.14
C PRO E 697 -32.73 -59.14 17.03
N TYR E 698 -31.75 -58.85 16.17
CA TYR E 698 -31.93 -57.98 15.01
C TYR E 698 -31.65 -58.76 13.73
N PRO E 699 -32.67 -58.99 12.88
CA PRO E 699 -34.06 -58.57 13.03
C PRO E 699 -34.80 -59.47 14.02
N PRO E 700 -36.01 -59.08 14.42
CA PRO E 700 -36.77 -57.88 14.05
C PRO E 700 -36.41 -56.62 14.84
N GLY E 701 -35.59 -56.75 15.89
CA GLY E 701 -35.15 -55.59 16.68
C GLY E 701 -36.13 -55.18 17.76
N ILE E 702 -37.04 -56.08 18.13
CA ILE E 702 -37.89 -55.90 19.30
C ILE E 702 -37.77 -57.14 20.18
N PRO E 703 -38.08 -57.03 21.49
CA PRO E 703 -37.76 -58.14 22.40
C PRO E 703 -38.48 -59.44 22.07
N MET E 704 -37.68 -60.51 21.91
CA MET E 704 -38.19 -61.87 21.74
C MET E 704 -38.60 -62.39 23.12
N LEU E 705 -37.69 -62.21 24.08
CA LEU E 705 -37.95 -62.47 25.49
C LEU E 705 -37.63 -61.22 26.30
N LEU E 706 -38.41 -60.98 27.35
CA LEU E 706 -38.08 -59.99 28.36
C LEU E 706 -37.56 -60.71 29.60
N SER E 707 -37.12 -59.93 30.58
CA SER E 707 -36.67 -60.48 31.85
C SER E 707 -37.78 -61.26 32.53
N GLY E 708 -37.46 -62.46 33.00
CA GLY E 708 -38.39 -63.29 33.77
C GLY E 708 -39.28 -64.20 32.95
N GLU E 709 -39.04 -64.25 31.64
CA GLU E 709 -39.82 -65.12 30.75
C GLU E 709 -39.02 -66.38 30.44
N ASN E 710 -39.75 -67.45 30.13
CA ASN E 710 -39.15 -68.77 29.90
C ASN E 710 -38.95 -69.06 28.42
N PHE E 711 -37.77 -69.60 28.09
CA PHE E 711 -37.42 -69.94 26.71
C PHE E 711 -38.30 -71.04 26.14
N GLY E 712 -38.83 -71.90 27.02
CA GLY E 712 -39.91 -72.84 26.66
C GLY E 712 -39.49 -74.29 26.45
N ASP E 713 -40.25 -74.98 25.60
CA ASP E 713 -40.07 -76.42 25.31
C ASP E 713 -38.71 -76.76 24.71
N GLU E 714 -38.45 -78.06 24.62
CA GLU E 714 -37.26 -78.57 23.93
C GLU E 714 -37.29 -78.18 22.46
N ASN E 715 -38.50 -78.18 21.89
CA ASN E 715 -38.75 -77.72 20.53
C ASN E 715 -39.35 -76.33 20.52
N SER E 716 -38.63 -75.38 21.12
CA SER E 716 -39.10 -74.00 21.27
C SER E 716 -38.76 -73.16 20.03
N PRO E 717 -39.70 -72.31 19.58
CA PRO E 717 -39.47 -71.46 18.41
C PRO E 717 -38.49 -70.31 18.67
N GLN E 718 -38.45 -69.84 19.92
CA GLN E 718 -37.55 -68.75 20.32
C GLN E 718 -36.09 -69.22 20.29
N VAL E 719 -35.84 -70.34 20.96
CA VAL E 719 -34.51 -70.98 20.95
C VAL E 719 -34.17 -71.39 19.52
N GLY E 720 -35.20 -71.81 18.78
CA GLY E 720 -35.07 -72.14 17.37
C GLY E 720 -34.56 -70.97 16.54
N TYR E 721 -35.21 -69.82 16.69
CA TYR E 721 -34.83 -68.63 15.92
C TYR E 721 -33.38 -68.19 16.22
N LEU E 722 -32.98 -68.32 17.48
CA LEU E 722 -31.59 -68.07 17.90
C LEU E 722 -30.62 -69.03 17.23
N ARG E 723 -31.03 -70.29 17.11
CA ARG E 723 -30.27 -71.33 16.43
C ARG E 723 -29.93 -70.97 14.99
N SER E 724 -30.94 -70.51 14.26
CA SER E 724 -30.78 -70.13 12.85
C SER E 724 -29.91 -68.87 12.71
N LEU E 725 -30.10 -67.92 13.61
CA LEU E 725 -29.26 -66.70 13.65
C LEU E 725 -27.79 -67.07 13.85
N GLN E 726 -27.53 -68.01 14.76
CA GLN E 726 -26.18 -68.53 14.99
C GLN E 726 -25.64 -69.28 13.77
N SER E 727 -26.50 -70.08 13.14
CA SER E 727 -26.13 -70.81 11.92
C SER E 727 -25.70 -69.85 10.79
N TRP E 728 -26.41 -68.72 10.67
CA TRP E 728 -26.04 -67.68 9.72
C TRP E 728 -24.65 -67.11 10.03
N ASP E 729 -24.42 -66.78 11.30
CA ASP E 729 -23.14 -66.22 11.73
C ASP E 729 -21.96 -67.12 11.35
N HIS E 730 -22.10 -68.42 11.62
CA HIS E 730 -21.04 -69.40 11.30
C HIS E 730 -20.79 -69.52 9.81
N HIS E 731 -21.86 -69.54 9.02
CA HIS E 731 -21.77 -69.68 7.57
C HIS E 731 -21.19 -68.43 6.89
N PHE E 732 -21.51 -67.26 7.42
CA PHE E 732 -21.09 -65.99 6.82
C PHE E 732 -20.38 -65.08 7.83
N PRO E 733 -19.09 -65.31 8.08
CA PRO E 733 -18.30 -64.45 8.96
C PRO E 733 -18.20 -63.03 8.42
N GLY E 734 -18.16 -62.05 9.32
CA GLY E 734 -18.19 -60.64 8.94
C GLY E 734 -19.58 -60.08 8.71
N PHE E 735 -20.58 -60.96 8.66
CA PHE E 735 -21.99 -60.56 8.52
C PHE E 735 -22.82 -61.04 9.72
N GLU E 736 -22.22 -61.02 10.90
CA GLU E 736 -22.87 -61.56 12.10
C GLU E 736 -24.04 -60.69 12.54
N HIS E 737 -25.09 -61.33 13.06
CA HIS E 737 -26.25 -60.63 13.60
C HIS E 737 -25.95 -60.02 14.96
N GLU E 738 -26.43 -58.79 15.16
CA GLU E 738 -26.39 -58.15 16.47
C GLU E 738 -27.57 -58.67 17.28
N THR E 739 -27.32 -59.06 18.52
CA THR E 739 -28.37 -59.52 19.43
C THR E 739 -28.10 -59.03 20.85
N GLU E 740 -28.89 -58.08 21.32
CA GLU E 740 -28.76 -57.57 22.71
C GLU E 740 -29.31 -58.59 23.70
N GLY E 741 -28.65 -58.69 24.85
CA GLY E 741 -28.97 -59.72 25.86
C GLY E 741 -28.23 -61.03 25.65
N THR E 742 -27.30 -61.05 24.69
CA THR E 742 -26.56 -62.26 24.30
C THR E 742 -25.05 -62.01 24.36
N GLU E 743 -24.33 -62.92 25.03
CA GLU E 743 -22.87 -62.94 25.01
C GLU E 743 -22.41 -64.15 24.20
N ILE E 744 -21.55 -63.91 23.21
CA ILE E 744 -20.98 -64.99 22.40
C ILE E 744 -19.68 -65.50 23.03
N ILE E 745 -19.75 -66.65 23.68
CA ILE E 745 -18.61 -67.23 24.42
C ILE E 745 -18.03 -68.47 23.74
N ASP E 746 -16.72 -68.44 23.46
CA ASP E 746 -16.03 -69.49 22.71
C ASP E 746 -16.77 -69.83 21.41
N GLY E 747 -17.16 -68.78 20.68
CA GLY E 747 -17.88 -68.92 19.41
C GLY E 747 -19.33 -69.39 19.51
N VAL E 748 -19.86 -69.48 20.73
CA VAL E 748 -21.22 -69.99 20.97
C VAL E 748 -22.09 -68.91 21.61
N TYR E 749 -23.39 -68.95 21.30
CA TYR E 749 -24.38 -68.03 21.87
C TYR E 749 -24.68 -68.41 23.32
N HIS E 750 -24.50 -67.46 24.23
CA HIS E 750 -24.90 -67.65 25.64
C HIS E 750 -25.87 -66.55 26.06
N VAL E 751 -26.73 -66.89 27.03
CA VAL E 751 -27.66 -65.93 27.63
C VAL E 751 -27.66 -66.09 29.14
N MET E 752 -27.61 -64.97 29.84
CA MET E 752 -27.66 -64.96 31.30
C MET E 752 -29.04 -65.41 31.78
N CYS E 753 -29.08 -66.46 32.60
CA CYS E 753 -30.33 -67.03 33.10
C CYS E 753 -30.36 -67.15 34.62
N VAL E 754 -31.57 -67.33 35.15
CA VAL E 754 -31.78 -67.56 36.57
C VAL E 754 -31.32 -68.97 36.93
N LYS E 755 -30.91 -69.17 38.19
CA LYS E 755 -30.51 -70.49 38.68
C LYS E 755 -31.69 -71.27 39.26
N ALA E 756 -31.98 -72.41 38.65
CA ALA E 756 -33.04 -73.31 39.14
C ALA E 756 -32.57 -74.07 40.36
N MET F 1 -1.99 -25.69 14.60
CA MET F 1 -0.65 -25.21 14.13
C MET F 1 0.38 -25.34 15.24
N MET F 2 1.61 -25.65 14.84
CA MET F 2 2.67 -25.99 15.80
C MET F 2 3.40 -24.78 16.37
N LYS F 3 3.95 -24.95 17.56
CA LYS F 3 4.46 -23.85 18.37
C LYS F 3 5.76 -24.22 19.12
N VAL F 4 6.81 -23.42 18.93
CA VAL F 4 8.12 -23.67 19.53
C VAL F 4 8.56 -22.49 20.39
N LEU F 5 9.04 -22.81 21.60
CA LEU F 5 9.65 -21.83 22.47
C LEU F 5 11.17 -22.00 22.44
N ILE F 6 11.86 -20.98 21.96
CA ILE F 6 13.32 -20.95 21.98
C ILE F 6 13.78 -20.03 23.10
N VAL F 7 14.60 -20.57 23.99
CA VAL F 7 15.15 -19.79 25.11
C VAL F 7 16.64 -19.57 24.91
N GLU F 8 17.01 -18.33 24.56
CA GLU F 8 18.42 -17.95 24.46
C GLU F 8 18.98 -17.70 25.85
N SER F 9 19.97 -18.50 26.23
CA SER F 9 20.60 -18.38 27.54
C SER F 9 21.23 -17.00 27.73
N GLU F 10 21.16 -16.51 28.97
CA GLU F 10 21.69 -15.19 29.32
C GLU F 10 23.21 -15.23 29.31
N PHE F 11 23.76 -16.41 29.52
CA PHE F 11 25.19 -16.62 29.67
C PHE F 11 25.94 -16.65 28.32
N LEU F 12 25.19 -16.67 27.21
CA LEU F 12 25.78 -16.69 25.87
C LEU F 12 25.43 -15.48 24.99
N HIS F 13 24.77 -14.47 25.55
CA HIS F 13 24.57 -13.21 24.82
C HIS F 13 25.91 -12.54 24.53
N GLN F 14 26.85 -12.73 25.45
CA GLN F 14 28.24 -12.30 25.26
C GLN F 14 28.77 -12.72 23.88
N ASP F 15 28.43 -13.95 23.48
CA ASP F 15 28.82 -14.51 22.18
C ASP F 15 27.71 -14.28 21.14
N THR F 16 27.85 -13.19 20.36
CA THR F 16 26.78 -12.73 19.46
C THR F 16 26.46 -13.69 18.32
N TRP F 17 27.44 -14.50 17.92
CA TRP F 17 27.28 -15.46 16.82
C TRP F 17 26.35 -16.62 17.15
N VAL F 18 26.14 -16.86 18.44
CA VAL F 18 25.17 -17.86 18.90
C VAL F 18 23.75 -17.36 18.60
N GLY F 19 23.47 -16.13 19.03
CA GLY F 19 22.20 -15.48 18.75
C GLY F 19 21.87 -15.42 17.27
N ASN F 20 22.90 -15.21 16.45
CA ASN F 20 22.75 -15.26 14.98
C ASN F 20 22.33 -16.64 14.50
N ALA F 21 22.97 -17.67 15.02
CA ALA F 21 22.66 -19.05 14.66
C ALA F 21 21.25 -19.46 15.07
N VAL F 22 20.83 -18.99 16.25
CA VAL F 22 19.47 -19.19 16.72
C VAL F 22 18.47 -18.51 15.78
N GLU F 23 18.81 -17.30 15.35
CA GLU F 23 17.97 -16.54 14.41
C GLU F 23 17.81 -17.27 13.08
N ARG F 24 18.90 -17.83 12.58
CA ARG F 24 18.87 -18.65 11.35
C ARG F 24 17.93 -19.85 11.53
N LEU F 25 17.94 -20.43 12.72
CA LEU F 25 17.07 -21.54 13.07
C LEU F 25 15.61 -21.11 13.17
N ALA F 26 15.36 -20.07 13.96
CA ALA F 26 14.02 -19.49 14.08
C ALA F 26 13.40 -19.21 12.71
N ASP F 27 14.22 -18.72 11.79
CA ASP F 27 13.82 -18.48 10.41
C ASP F 27 13.42 -19.78 9.68
N ALA F 28 14.26 -20.81 9.82
CA ALA F 28 14.01 -22.11 9.21
C ALA F 28 12.70 -22.76 9.69
N LEU F 29 12.39 -22.59 10.97
CA LEU F 29 11.14 -23.09 11.52
C LEU F 29 9.94 -22.33 10.97
N SER F 30 10.03 -21.00 10.96
CA SER F 30 8.98 -20.15 10.39
C SER F 30 8.67 -20.51 8.95
N GLN F 31 9.72 -20.84 8.20
CA GLN F 31 9.57 -21.27 6.79
C GLN F 31 8.83 -22.59 6.64
N GLN F 32 8.81 -23.39 7.70
CA GLN F 32 8.02 -24.62 7.72
C GLN F 32 6.69 -24.45 8.46
N ASN F 33 6.16 -23.22 8.44
CA ASN F 33 4.87 -22.89 9.03
C ASN F 33 4.79 -23.25 10.52
N VAL F 34 5.82 -22.84 11.25
CA VAL F 34 5.89 -23.09 12.69
C VAL F 34 5.95 -21.74 13.40
N THR F 35 5.08 -21.55 14.38
CA THR F 35 5.10 -20.35 15.21
C THR F 35 6.27 -20.44 16.18
N VAL F 36 7.15 -19.44 16.14
CA VAL F 36 8.30 -19.39 17.03
C VAL F 36 8.13 -18.30 18.08
N ILE F 37 8.34 -18.66 19.34
CA ILE F 37 8.35 -17.70 20.44
C ILE F 37 9.78 -17.56 20.94
N LYS F 38 10.42 -16.44 20.63
CA LYS F 38 11.77 -16.21 21.12
C LYS F 38 11.74 -15.66 22.54
N SER F 39 12.70 -16.08 23.35
CA SER F 39 12.83 -15.66 24.73
C SER F 39 14.31 -15.46 25.05
N THR F 40 14.63 -14.40 25.77
CA THR F 40 16.04 -13.98 25.94
C THR F 40 16.61 -14.23 27.34
N SER F 41 15.85 -14.89 28.21
CA SER F 41 16.38 -15.29 29.51
C SER F 41 15.66 -16.52 30.04
N PHE F 42 16.35 -17.31 30.84
CA PHE F 42 15.72 -18.43 31.54
C PHE F 42 14.57 -17.96 32.43
N ASP F 43 14.72 -16.77 33.01
CA ASP F 43 13.66 -16.15 33.81
C ASP F 43 12.41 -15.87 32.97
N ASP F 44 12.61 -15.31 31.78
CA ASP F 44 11.51 -15.00 30.86
C ASP F 44 10.84 -16.28 30.37
N GLY F 45 11.66 -17.24 29.95
CA GLY F 45 11.16 -18.54 29.51
C GLY F 45 10.42 -19.27 30.63
N TYR F 46 10.97 -19.19 31.83
CA TYR F 46 10.32 -19.76 33.01
C TYR F 46 8.95 -19.13 33.22
N ALA F 47 8.87 -17.81 33.04
CA ALA F 47 7.64 -17.04 33.23
C ALA F 47 6.56 -17.34 32.16
N ILE F 48 7.00 -17.56 30.94
CA ILE F 48 6.09 -17.92 29.84
C ILE F 48 5.48 -19.29 30.11
N LEU F 49 6.31 -20.23 30.52
CA LEU F 49 5.86 -21.56 30.91
C LEU F 49 5.05 -21.52 32.21
N SER F 50 5.41 -20.59 33.09
CA SER F 50 4.69 -20.38 34.37
C SER F 50 3.28 -19.87 34.15
N ALA F 51 3.09 -19.10 33.08
CA ALA F 51 1.75 -18.88 32.53
C ALA F 51 1.32 -20.23 31.98
N ASN F 52 0.43 -20.30 31.01
CA ASN F 52 0.07 -21.61 30.46
C ASN F 52 0.23 -21.66 28.95
N GLU F 53 1.29 -21.01 28.48
CA GLU F 53 1.60 -20.99 27.04
C GLU F 53 1.89 -22.39 26.55
N ALA F 54 0.92 -22.96 25.83
CA ALA F 54 1.02 -24.31 25.32
C ALA F 54 1.98 -24.38 24.12
N ILE F 55 3.13 -25.02 24.33
CA ILE F 55 4.11 -25.26 23.29
C ILE F 55 4.22 -26.74 22.95
N ASP F 56 4.72 -27.03 21.75
CA ASP F 56 4.92 -28.40 21.28
C ASP F 56 6.40 -28.82 21.30
N CYS F 57 7.29 -27.88 21.58
CA CYS F 57 8.74 -28.16 21.65
C CYS F 57 9.49 -27.02 22.32
N LEU F 58 10.40 -27.37 23.23
CA LEU F 58 11.27 -26.38 23.88
C LEU F 58 12.69 -26.52 23.37
N MET F 59 13.28 -25.41 22.96
CA MET F 59 14.69 -25.36 22.59
C MET F 59 15.39 -24.35 23.48
N PHE F 60 16.64 -24.61 23.83
CA PHE F 60 17.41 -23.67 24.64
C PHE F 60 18.91 -23.77 24.40
N SER F 61 19.59 -22.62 24.41
CA SER F 61 21.05 -22.59 24.38
C SER F 61 21.59 -22.80 25.79
N TYR F 62 22.87 -23.16 25.90
CA TYR F 62 23.41 -23.66 27.17
C TYR F 62 24.94 -23.66 27.17
N GLN F 63 25.51 -22.74 27.95
CA GLN F 63 26.97 -22.58 28.05
C GLN F 63 27.63 -23.73 28.81
N MET F 64 26.96 -24.18 29.87
CA MET F 64 27.39 -25.34 30.68
C MET F 64 28.68 -25.08 31.47
N GLU F 65 28.85 -23.86 31.96
CA GLU F 65 30.01 -23.50 32.77
C GLU F 65 29.58 -23.05 34.17
N GLN F 66 28.79 -21.98 34.25
CA GLN F 66 28.30 -21.49 35.55
C GLN F 66 27.31 -22.50 36.15
N PRO F 67 27.38 -22.73 37.48
CA PRO F 67 26.37 -23.56 38.15
C PRO F 67 25.01 -22.87 38.32
N ASP F 68 25.00 -21.54 38.31
CA ASP F 68 23.76 -20.77 38.35
C ASP F 68 22.92 -21.08 37.10
N GLU F 69 23.60 -21.30 35.97
CA GLU F 69 22.95 -21.69 34.72
C GLU F 69 22.42 -23.11 34.79
N HIS F 70 23.31 -24.04 35.19
CA HIS F 70 22.94 -25.47 35.34
C HIS F 70 21.61 -25.62 36.08
N LEU F 71 21.46 -24.85 37.16
CA LEU F 71 20.23 -24.81 37.94
C LEU F 71 19.08 -24.21 37.13
N SER F 72 19.31 -23.03 36.57
CA SER F 72 18.30 -22.35 35.76
C SER F 72 17.71 -23.25 34.68
N VAL F 73 18.56 -24.11 34.11
CA VAL F 73 18.12 -25.11 33.13
C VAL F 73 17.21 -26.15 33.78
N ARG F 74 17.64 -26.70 34.91
CA ARG F 74 16.84 -27.68 35.67
C ARG F 74 15.46 -27.12 36.04
N GLN F 75 15.43 -25.85 36.45
CA GLN F 75 14.19 -25.17 36.82
C GLN F 75 13.27 -25.04 35.61
N LEU F 76 13.82 -24.55 34.50
CA LEU F 76 13.06 -24.32 33.28
C LEU F 76 12.41 -25.60 32.77
N ILE F 77 13.23 -26.63 32.62
CA ILE F 77 12.77 -27.92 32.10
C ILE F 77 11.85 -28.61 33.10
N GLY F 78 12.19 -28.52 34.39
CA GLY F 78 11.31 -29.01 35.44
C GLY F 78 9.94 -28.36 35.37
N LYS F 79 9.93 -27.05 35.12
CA LYS F 79 8.69 -26.28 35.00
C LYS F 79 7.84 -26.71 33.82
N LEU F 80 8.48 -26.90 32.67
CA LEU F 80 7.81 -27.37 31.47
C LEU F 80 7.03 -28.65 31.75
N HIS F 81 7.71 -29.63 32.33
CA HIS F 81 7.14 -30.96 32.51
C HIS F 81 6.11 -31.09 33.64
N GLU F 82 5.93 -30.03 34.42
CA GLU F 82 4.85 -30.00 35.42
C GLU F 82 3.50 -30.28 34.78
N ARG F 83 3.20 -29.56 33.70
CA ARG F 83 1.92 -29.69 33.00
C ARG F 83 2.05 -30.07 31.53
N GLN F 84 3.20 -29.79 30.93
CA GLN F 84 3.48 -30.12 29.55
C GLN F 84 4.49 -31.27 29.57
N GLN F 85 4.02 -32.38 30.11
CA GLN F 85 4.87 -33.49 30.58
C GLN F 85 5.82 -34.12 29.55
N ASN F 86 5.36 -34.26 28.31
CA ASN F 86 6.14 -34.97 27.29
C ASN F 86 6.59 -34.11 26.12
N VAL F 87 6.63 -32.80 26.32
CA VAL F 87 7.12 -31.89 25.29
C VAL F 87 8.60 -32.22 25.06
N PRO F 88 8.99 -32.39 23.79
CA PRO F 88 10.40 -32.67 23.48
C PRO F 88 11.29 -31.47 23.73
N VAL F 89 12.39 -31.71 24.45
CA VAL F 89 13.35 -30.67 24.80
C VAL F 89 14.60 -30.80 23.95
N PHE F 90 14.86 -29.79 23.12
CA PHE F 90 16.07 -29.72 22.31
C PHE F 90 17.14 -28.91 23.02
N LEU F 91 18.36 -29.44 23.09
CA LEU F 91 19.51 -28.69 23.57
C LEU F 91 20.25 -28.08 22.37
N LEU F 92 20.23 -26.76 22.28
CA LEU F 92 21.02 -26.03 21.29
C LEU F 92 22.40 -25.77 21.90
N GLY F 93 23.30 -26.74 21.79
CA GLY F 93 24.53 -26.71 22.57
C GLY F 93 25.84 -26.87 21.81
N ASP F 94 26.92 -26.88 22.57
CA ASP F 94 28.26 -27.15 22.04
C ASP F 94 28.49 -28.66 22.08
N ARG F 95 28.95 -29.20 20.96
CA ARG F 95 29.18 -30.63 20.83
C ARG F 95 30.13 -31.17 21.91
N GLU F 96 31.30 -30.56 22.04
CA GLU F 96 32.33 -31.05 22.98
C GLU F 96 31.86 -31.04 24.43
N LYS F 97 31.30 -29.92 24.87
CA LYS F 97 30.89 -29.76 26.26
C LYS F 97 29.72 -30.69 26.62
N ALA F 98 28.70 -30.71 25.77
CA ALA F 98 27.51 -31.55 25.99
C ALA F 98 27.91 -33.01 26.07
N THR F 99 28.68 -33.46 25.08
CA THR F 99 29.25 -34.80 25.02
C THR F 99 29.90 -35.20 26.34
N ALA F 100 30.76 -34.33 26.86
CA ALA F 100 31.50 -34.59 28.10
C ALA F 100 30.59 -34.64 29.33
N SER F 101 29.56 -33.79 29.34
CA SER F 101 28.60 -33.75 30.46
C SER F 101 27.65 -34.95 30.47
N LEU F 102 27.46 -35.56 29.30
CA LEU F 102 26.42 -36.58 29.09
C LEU F 102 26.38 -37.67 30.17
N ASP F 103 25.30 -37.68 30.94
CA ASP F 103 25.01 -38.71 31.93
C ASP F 103 23.50 -38.95 31.97
N ARG F 104 23.04 -39.84 32.84
CA ARG F 104 21.61 -40.13 32.98
C ARG F 104 20.77 -38.90 33.31
N ASP F 105 21.29 -38.06 34.20
CA ASP F 105 20.58 -36.86 34.63
C ASP F 105 20.27 -35.94 33.45
N LEU F 106 21.27 -35.69 32.62
CA LEU F 106 21.10 -34.83 31.45
C LEU F 106 20.07 -35.38 30.47
N LEU F 107 20.07 -36.69 30.29
CA LEU F 107 19.16 -37.36 29.34
C LEU F 107 17.71 -37.44 29.82
N GLU F 108 17.48 -37.27 31.12
CA GLU F 108 16.13 -37.11 31.63
C GLU F 108 15.59 -35.71 31.30
N LEU F 109 16.45 -34.71 31.38
CA LEU F 109 16.11 -33.34 31.01
C LEU F 109 15.95 -33.22 29.49
N VAL F 110 17.08 -33.39 28.79
CA VAL F 110 17.14 -33.19 27.35
C VAL F 110 16.69 -34.45 26.61
N ASP F 111 15.76 -34.28 25.68
CA ASP F 111 15.29 -35.38 24.85
C ASP F 111 16.10 -35.50 23.56
N GLU F 112 16.60 -34.37 23.06
CA GLU F 112 17.33 -34.37 21.79
C GLU F 112 18.41 -33.30 21.69
N PHE F 113 19.49 -33.63 20.96
CA PHE F 113 20.65 -32.75 20.82
C PHE F 113 20.76 -32.13 19.44
N ALA F 114 20.99 -30.82 19.41
CA ALA F 114 21.22 -30.10 18.17
C ALA F 114 22.40 -29.16 18.37
N TRP F 115 23.47 -29.37 17.61
CA TRP F 115 24.68 -28.58 17.79
C TRP F 115 24.69 -27.41 16.82
N ILE F 116 24.32 -26.25 17.37
CA ILE F 116 23.80 -25.14 16.60
C ILE F 116 24.85 -24.38 15.78
N LEU F 117 26.10 -24.37 16.26
CA LEU F 117 27.21 -23.71 15.55
C LEU F 117 27.93 -24.67 14.58
N GLU F 118 27.31 -25.82 14.30
CA GLU F 118 27.97 -26.89 13.53
C GLU F 118 27.01 -27.74 12.67
N ASP F 119 25.77 -27.28 12.49
CA ASP F 119 24.73 -28.03 11.81
C ASP F 119 23.84 -27.10 11.00
N THR F 120 23.25 -27.63 9.92
CA THR F 120 22.35 -26.85 9.07
C THR F 120 21.04 -26.55 9.82
N ALA F 121 20.60 -25.30 9.75
CA ALA F 121 19.40 -24.85 10.45
C ALA F 121 18.17 -25.64 10.04
N ASP F 122 18.03 -25.85 8.74
CA ASP F 122 16.91 -26.62 8.18
C ASP F 122 16.85 -28.06 8.70
N PHE F 123 17.99 -28.68 8.94
CA PHE F 123 18.03 -30.05 9.47
C PHE F 123 17.47 -30.10 10.89
N ILE F 124 17.89 -29.15 11.72
CA ILE F 124 17.39 -29.08 13.10
C ILE F 124 15.88 -28.82 13.07
N ALA F 125 15.48 -27.84 12.27
CA ALA F 125 14.06 -27.50 12.09
C ALA F 125 13.25 -28.73 11.74
N GLY F 126 13.72 -29.50 10.77
CA GLY F 126 13.08 -30.76 10.37
C GLY F 126 12.95 -31.74 11.52
N ARG F 127 14.02 -31.94 12.27
CA ARG F 127 14.01 -32.84 13.43
C ARG F 127 12.99 -32.39 14.47
N ALA F 128 12.88 -31.08 14.66
CA ALA F 128 11.93 -30.50 15.60
C ALA F 128 10.50 -30.78 15.16
N VAL F 129 10.19 -30.46 13.91
CA VAL F 129 8.88 -30.72 13.33
C VAL F 129 8.48 -32.20 13.50
N ALA F 130 9.44 -33.08 13.27
CA ALA F 130 9.24 -34.52 13.45
C ALA F 130 8.92 -34.85 14.90
N ALA F 131 9.72 -34.32 15.82
CA ALA F 131 9.52 -34.54 17.26
C ALA F 131 8.18 -33.98 17.75
N MET F 132 7.80 -32.83 17.22
CA MET F 132 6.53 -32.18 17.57
C MET F 132 5.34 -32.98 17.05
N THR F 133 5.53 -33.64 15.91
CA THR F 133 4.50 -34.49 15.34
C THR F 133 4.25 -35.75 16.18
N ARG F 134 5.32 -36.39 16.66
CA ARG F 134 5.16 -37.56 17.54
C ARG F 134 4.54 -37.16 18.88
N TYR F 135 4.94 -35.99 19.39
CA TYR F 135 4.36 -35.43 20.62
C TYR F 135 2.85 -35.28 20.47
N ARG F 136 2.43 -34.69 19.35
CA ARG F 136 1.01 -34.45 19.09
C ARG F 136 0.21 -35.75 19.00
N GLN F 137 0.75 -36.73 18.28
CA GLN F 137 0.10 -38.03 18.15
C GLN F 137 -0.04 -38.79 19.47
N GLN F 138 0.89 -38.52 20.40
CA GLN F 138 0.90 -39.16 21.71
C GLN F 138 0.06 -38.39 22.75
N LEU F 139 -0.34 -37.16 22.43
CA LEU F 139 -0.87 -36.21 23.42
C LEU F 139 -2.25 -36.56 23.98
N LEU F 140 -3.24 -36.62 23.11
CA LEU F 140 -4.65 -36.72 23.51
C LEU F 140 -5.03 -38.09 24.07
N PRO F 141 -5.97 -38.12 25.03
CA PRO F 141 -6.43 -39.38 25.62
C PRO F 141 -7.35 -40.15 24.67
N PRO F 142 -7.53 -41.47 24.92
CA PRO F 142 -8.11 -42.40 23.93
C PRO F 142 -9.37 -41.91 23.23
N LEU F 143 -10.40 -41.57 24.01
CA LEU F 143 -11.70 -41.25 23.45
C LEU F 143 -11.69 -39.96 22.65
N PHE F 144 -11.26 -38.88 23.30
CA PHE F 144 -11.23 -37.58 22.64
C PHE F 144 -10.34 -37.62 21.41
N ASN F 145 -9.24 -38.36 21.48
CA ASN F 145 -8.34 -38.51 20.34
C ASN F 145 -9.06 -39.18 19.17
N ALA F 146 -9.79 -40.26 19.48
CA ALA F 146 -10.58 -40.98 18.47
C ALA F 146 -11.60 -40.05 17.81
N LEU F 147 -12.31 -39.28 18.63
CA LEU F 147 -13.29 -38.30 18.13
C LEU F 147 -12.68 -37.25 17.20
N MET F 148 -11.34 -37.16 17.16
CA MET F 148 -10.63 -36.31 16.19
C MET F 148 -10.23 -37.14 14.95
N LYS F 149 -11.23 -37.51 14.16
CA LYS F 149 -11.02 -38.23 12.91
C LYS F 149 -12.30 -38.22 12.08
N GLN F 164 -28.44 -33.20 11.59
CA GLN F 164 -27.38 -34.09 11.14
C GLN F 164 -26.09 -33.31 10.87
N GLY F 165 -25.22 -33.25 11.89
CA GLY F 165 -23.98 -32.49 11.82
C GLY F 165 -24.19 -31.03 12.20
N GLY F 166 -25.32 -30.76 12.86
CA GLY F 166 -25.70 -29.40 13.23
C GLY F 166 -26.36 -28.63 12.09
N VAL F 167 -26.68 -29.33 11.00
CA VAL F 167 -27.21 -28.71 9.79
C VAL F 167 -28.67 -28.28 9.97
N GLY F 168 -29.47 -29.14 10.59
CA GLY F 168 -30.89 -28.88 10.78
C GLY F 168 -31.17 -27.54 11.44
N PHE F 169 -30.30 -27.15 12.37
CA PHE F 169 -30.45 -25.90 13.12
C PHE F 169 -30.32 -24.65 12.26
N THR F 170 -29.52 -24.73 11.19
CA THR F 170 -29.22 -23.57 10.36
C THR F 170 -30.40 -23.08 9.51
N LYS F 171 -31.47 -23.88 9.47
CA LYS F 171 -32.61 -23.61 8.60
C LYS F 171 -33.60 -22.57 9.16
N THR F 172 -33.49 -22.29 10.47
CA THR F 172 -34.29 -21.28 11.15
C THR F 172 -33.34 -20.23 11.72
N PRO F 173 -33.76 -18.95 11.77
CA PRO F 173 -32.86 -17.91 12.29
C PRO F 173 -32.45 -18.13 13.75
N SER F 174 -33.43 -18.40 14.60
CA SER F 174 -33.19 -18.71 16.02
C SER F 174 -32.31 -19.94 16.20
N GLY F 175 -32.45 -20.91 15.30
CA GLY F 175 -31.59 -22.09 15.29
C GLY F 175 -30.18 -21.76 14.83
N ARG F 176 -30.09 -20.89 13.83
CA ARG F 176 -28.82 -20.41 13.30
C ARG F 176 -28.00 -19.68 14.36
N PHE F 177 -28.68 -18.84 15.14
CA PHE F 177 -28.03 -18.09 16.22
C PHE F 177 -27.52 -19.05 17.29
N TYR F 178 -28.36 -20.02 17.66
CA TYR F 178 -27.97 -21.09 18.58
C TYR F 178 -26.76 -21.89 18.07
N HIS F 179 -26.81 -22.27 16.80
CA HIS F 179 -25.75 -23.07 16.16
C HIS F 179 -24.41 -22.35 16.18
N ASP F 180 -24.42 -21.07 15.80
CA ASP F 180 -23.19 -20.27 15.78
C ASP F 180 -22.67 -19.98 17.18
N TYR F 181 -23.57 -19.86 18.15
CA TYR F 181 -23.17 -19.57 19.52
C TYR F 181 -22.41 -20.73 20.14
N TYR F 182 -22.98 -21.93 20.06
CA TYR F 182 -22.37 -23.12 20.64
C TYR F 182 -21.31 -23.77 19.75
N GLY F 183 -21.36 -23.46 18.45
CA GLY F 183 -20.33 -23.92 17.52
C GLY F 183 -20.67 -25.26 16.89
N GLU F 184 -20.20 -25.44 15.65
CA GLU F 184 -20.58 -26.61 14.85
C GLU F 184 -20.03 -27.95 15.36
N ASN F 185 -18.87 -27.92 16.00
CA ASN F 185 -18.22 -29.14 16.50
C ASN F 185 -19.02 -29.86 17.58
N LEU F 186 -19.79 -29.11 18.37
CA LEU F 186 -20.62 -29.68 19.42
C LEU F 186 -21.65 -30.66 18.86
N PHE F 187 -22.17 -30.34 17.67
CA PHE F 187 -23.15 -31.17 16.98
C PHE F 187 -22.46 -32.27 16.18
N ARG F 188 -21.36 -31.90 15.50
CA ARG F 188 -20.50 -32.87 14.79
C ARG F 188 -20.06 -34.02 15.71
N SER F 189 -20.15 -33.81 17.02
CA SER F 189 -19.99 -34.87 18.01
C SER F 189 -21.35 -35.49 18.39
N ASP F 190 -21.92 -36.24 17.46
CA ASP F 190 -23.14 -37.02 17.67
C ASP F 190 -23.12 -38.26 16.76
N MET F 191 -23.85 -39.31 17.14
CA MET F 191 -23.95 -40.51 16.29
C MET F 191 -25.05 -41.44 16.80
N THR F 197 -16.37 -48.47 14.46
CA THR F 197 -14.92 -48.29 14.54
C THR F 197 -14.47 -47.65 15.87
N LEU F 198 -15.26 -46.68 16.34
CA LEU F 198 -14.97 -45.90 17.54
C LEU F 198 -15.47 -46.59 18.82
N GLY F 199 -16.55 -47.36 18.70
CA GLY F 199 -17.12 -48.10 19.83
C GLY F 199 -18.34 -47.42 20.43
N SER F 200 -19.02 -48.14 21.32
CA SER F 200 -20.23 -47.65 22.00
C SER F 200 -20.02 -47.52 23.50
N LEU F 201 -20.64 -46.50 24.11
CA LEU F 201 -20.48 -46.24 25.55
C LEU F 201 -21.12 -47.35 26.36
N LEU F 202 -22.38 -47.62 26.09
CA LEU F 202 -23.14 -48.63 26.84
C LEU F 202 -22.57 -50.04 26.69
N ASP F 203 -21.99 -50.34 25.53
CA ASP F 203 -21.31 -51.62 25.31
C ASP F 203 -19.91 -51.63 25.92
N HIS F 204 -19.34 -50.45 26.13
CA HIS F 204 -18.01 -50.28 26.71
C HIS F 204 -16.93 -50.89 25.82
N THR F 205 -16.99 -50.51 24.54
CA THR F 205 -16.15 -51.07 23.51
C THR F 205 -15.31 -50.00 22.84
N GLY F 206 -14.26 -50.42 22.14
CA GLY F 206 -13.43 -49.49 21.35
C GLY F 206 -12.78 -48.42 22.21
N ALA F 207 -12.83 -47.18 21.73
CA ALA F 207 -12.21 -46.05 22.42
C ALA F 207 -12.94 -45.68 23.72
N PHE F 208 -14.23 -45.96 23.79
CA PHE F 208 -14.99 -45.80 25.03
C PHE F 208 -14.46 -46.74 26.10
N GLY F 209 -14.16 -47.97 25.70
CA GLY F 209 -13.56 -48.95 26.60
C GLY F 209 -12.15 -48.58 27.01
N GLU F 210 -11.33 -48.18 26.03
CA GLU F 210 -9.96 -47.75 26.29
C GLU F 210 -9.90 -46.57 27.28
N SER F 211 -10.82 -45.61 27.11
CA SER F 211 -10.91 -44.45 28.01
C SER F 211 -11.18 -44.86 29.45
N GLU F 212 -12.08 -45.81 29.64
CA GLU F 212 -12.46 -46.29 30.98
C GLU F 212 -11.35 -47.10 31.62
N LYS F 213 -10.73 -47.97 30.83
CA LYS F 213 -9.56 -48.73 31.25
C LYS F 213 -8.45 -47.76 31.71
N ASN F 214 -8.30 -46.67 30.95
CA ASN F 214 -7.33 -45.60 31.25
C ASN F 214 -7.69 -44.80 32.51
N ALA F 215 -8.96 -44.44 32.63
CA ALA F 215 -9.46 -43.73 33.81
C ALA F 215 -9.22 -44.53 35.09
N ALA F 216 -9.43 -45.83 35.00
CA ALA F 216 -9.19 -46.74 36.13
C ALA F 216 -7.74 -46.72 36.57
N ARG F 217 -6.82 -46.74 35.61
CA ARG F 217 -5.38 -46.65 35.89
C ARG F 217 -5.06 -45.37 36.66
N VAL F 218 -5.50 -44.24 36.12
CA VAL F 218 -5.20 -42.92 36.69
C VAL F 218 -5.76 -42.77 38.09
N PHE F 219 -7.04 -43.09 38.25
CA PHE F 219 -7.74 -42.91 39.52
C PHE F 219 -7.54 -44.05 40.52
N GLY F 220 -6.77 -45.07 40.14
CA GLY F 220 -6.39 -46.14 41.06
C GLY F 220 -7.50 -47.13 41.33
N ALA F 221 -8.22 -47.48 40.27
CA ALA F 221 -9.36 -48.41 40.37
C ALA F 221 -9.10 -49.65 39.55
N ASP F 222 -9.78 -50.73 39.88
CA ASP F 222 -9.73 -51.96 39.08
C ASP F 222 -10.45 -51.74 37.76
N ARG F 223 -11.64 -51.16 37.84
CA ARG F 223 -12.38 -50.72 36.65
C ARG F 223 -13.19 -49.46 36.91
N SER F 224 -13.39 -48.68 35.86
CA SER F 224 -14.14 -47.43 35.94
C SER F 224 -15.31 -47.44 34.96
N TRP F 225 -16.38 -46.76 35.34
CA TRP F 225 -17.57 -46.64 34.49
C TRP F 225 -17.86 -45.16 34.24
N SER F 226 -17.77 -44.75 32.97
CA SER F 226 -18.02 -43.37 32.58
C SER F 226 -19.52 -43.13 32.56
N VAL F 227 -19.96 -42.11 33.30
CA VAL F 227 -21.39 -41.85 33.49
C VAL F 227 -21.73 -40.47 32.93
N VAL F 228 -22.92 -40.37 32.35
CA VAL F 228 -23.37 -39.17 31.65
C VAL F 228 -24.69 -38.60 32.22
N VAL F 229 -25.09 -39.10 33.39
CA VAL F 229 -26.29 -38.65 34.10
C VAL F 229 -25.90 -38.13 35.50
N GLY F 230 -24.66 -37.68 35.64
CA GLY F 230 -24.18 -37.14 36.91
C GLY F 230 -23.95 -38.18 38.00
N THR F 231 -23.44 -37.74 39.14
CA THR F 231 -23.27 -38.63 40.30
C THR F 231 -24.61 -39.13 40.81
N SER F 232 -25.69 -38.41 40.51
CA SER F 232 -27.04 -38.90 40.78
C SER F 232 -27.24 -40.25 40.09
N GLY F 233 -26.99 -40.28 38.79
CA GLY F 233 -27.05 -41.51 38.02
C GLY F 233 -26.05 -42.56 38.50
N SER F 234 -24.85 -42.11 38.84
CA SER F 234 -23.81 -43.01 39.34
C SER F 234 -24.23 -43.69 40.64
N ASN F 235 -24.71 -42.89 41.60
CA ASN F 235 -25.16 -43.43 42.88
C ASN F 235 -26.32 -44.42 42.72
N ARG F 236 -27.31 -44.05 41.92
CA ARG F 236 -28.46 -44.92 41.66
C ARG F 236 -28.01 -46.25 41.05
N THR F 237 -27.04 -46.16 40.16
CA THR F 237 -26.47 -47.34 39.50
C THR F 237 -25.81 -48.30 40.47
N ILE F 238 -24.93 -47.77 41.31
CA ILE F 238 -24.21 -48.60 42.29
C ILE F 238 -25.22 -49.31 43.17
N MET F 239 -26.16 -48.52 43.72
CA MET F 239 -27.20 -49.05 44.59
C MET F 239 -28.04 -50.14 43.92
N GLN F 240 -28.39 -49.93 42.65
CA GLN F 240 -29.11 -50.94 41.87
C GLN F 240 -28.43 -52.31 41.83
N ALA F 241 -27.10 -52.30 41.82
CA ALA F 241 -26.31 -53.53 41.71
C ALA F 241 -26.04 -54.22 43.05
N CYS F 242 -26.22 -53.49 44.15
CA CYS F 242 -25.75 -53.94 45.45
C CYS F 242 -26.85 -54.37 46.44
N MET F 243 -28.11 -54.24 46.04
CA MET F 243 -29.20 -54.54 46.98
C MET F 243 -30.54 -54.79 46.33
N THR F 244 -31.36 -55.55 47.05
CA THR F 244 -32.77 -55.77 46.72
C THR F 244 -33.58 -55.36 47.95
N ASP F 245 -34.90 -55.47 47.87
CA ASP F 245 -35.77 -55.17 49.00
C ASP F 245 -35.62 -56.13 50.20
N ASN F 246 -34.98 -57.28 49.96
CA ASN F 246 -34.67 -58.23 51.03
C ASN F 246 -33.44 -57.83 51.87
N ASP F 247 -32.67 -56.86 51.40
CA ASP F 247 -31.39 -56.48 52.02
C ASP F 247 -31.50 -55.38 53.07
N VAL F 248 -30.54 -55.39 53.98
CA VAL F 248 -30.32 -54.32 54.94
C VAL F 248 -29.12 -53.50 54.43
N VAL F 249 -29.19 -52.18 54.61
CA VAL F 249 -28.12 -51.28 54.14
C VAL F 249 -27.77 -50.23 55.18
N VAL F 250 -26.50 -49.87 55.26
CA VAL F 250 -26.01 -48.93 56.25
C VAL F 250 -25.66 -47.61 55.59
N LEU F 251 -26.40 -46.56 55.94
CA LEU F 251 -26.33 -45.27 55.24
C LEU F 251 -25.79 -44.13 56.09
N ASP F 252 -24.83 -43.38 55.55
CA ASP F 252 -24.48 -42.07 56.08
C ASP F 252 -25.74 -41.22 56.05
N ARG F 253 -26.14 -40.69 57.21
CA ARG F 253 -27.30 -39.82 57.28
C ARG F 253 -27.10 -38.59 56.40
N ASN F 254 -25.87 -38.10 56.36
CA ASN F 254 -25.46 -37.07 55.42
C ASN F 254 -25.27 -37.70 54.04
N CYS F 255 -26.37 -37.78 53.29
CA CYS F 255 -26.37 -38.42 51.97
C CYS F 255 -27.03 -37.54 50.91
N HIS F 256 -26.61 -37.77 49.66
CA HIS F 256 -27.19 -37.12 48.48
C HIS F 256 -28.67 -37.51 48.36
N LYS F 257 -29.48 -36.61 47.80
CA LYS F 257 -30.85 -36.92 47.40
C LYS F 257 -30.95 -38.22 46.59
N SER F 258 -29.94 -38.47 45.76
CA SER F 258 -29.88 -39.64 44.87
C SER F 258 -29.71 -40.97 45.61
N ILE F 259 -29.17 -40.91 46.82
CA ILE F 259 -29.00 -42.11 47.64
C ILE F 259 -30.35 -42.57 48.20
N GLU F 260 -31.19 -41.62 48.59
CA GLU F 260 -32.58 -41.93 48.95
C GLU F 260 -33.30 -42.51 47.74
N GLN F 261 -33.09 -41.89 46.57
CA GLN F 261 -33.70 -42.34 45.32
C GLN F 261 -33.44 -43.83 45.08
N GLY F 262 -32.21 -44.25 45.33
CA GLY F 262 -31.85 -45.67 45.25
C GLY F 262 -32.64 -46.53 46.22
N LEU F 263 -32.81 -46.04 47.45
CA LEU F 263 -33.64 -46.71 48.46
C LEU F 263 -35.08 -46.92 47.99
N ILE F 264 -35.62 -45.94 47.27
CA ILE F 264 -36.99 -46.02 46.78
C ILE F 264 -37.11 -47.00 45.61
N LEU F 265 -36.12 -46.98 44.72
CA LEU F 265 -36.11 -47.88 43.55
C LEU F 265 -35.82 -49.32 43.94
N THR F 266 -34.87 -49.49 44.85
CA THR F 266 -34.46 -50.80 45.34
C THR F 266 -35.48 -51.36 46.32
N GLY F 267 -35.96 -50.50 47.21
CA GLY F 267 -36.86 -50.91 48.29
C GLY F 267 -36.15 -51.52 49.48
N ALA F 268 -34.85 -51.27 49.58
CA ALA F 268 -34.01 -51.84 50.64
C ALA F 268 -34.35 -51.22 52.00
N LYS F 269 -33.84 -51.84 53.05
CA LYS F 269 -34.18 -51.48 54.43
C LYS F 269 -33.01 -50.75 55.08
N PRO F 270 -33.14 -49.42 55.27
CA PRO F 270 -32.02 -48.61 55.72
C PRO F 270 -31.83 -48.47 57.23
N VAL F 271 -30.59 -48.23 57.60
CA VAL F 271 -30.20 -47.87 58.95
C VAL F 271 -29.17 -46.76 58.79
N TYR F 272 -29.29 -45.70 59.57
CA TYR F 272 -28.48 -44.49 59.35
C TYR F 272 -27.39 -44.28 60.39
N MET F 273 -26.25 -43.76 59.93
CA MET F 273 -25.15 -43.33 60.80
C MET F 273 -25.20 -41.83 60.94
N VAL F 274 -25.26 -41.35 62.17
CA VAL F 274 -25.48 -39.92 62.45
C VAL F 274 -24.15 -39.20 62.66
N PRO F 275 -23.81 -38.23 61.79
CA PRO F 275 -22.57 -37.50 61.96
C PRO F 275 -22.68 -36.43 63.03
N SER F 276 -21.53 -35.99 63.53
CA SER F 276 -21.45 -34.91 64.51
C SER F 276 -21.63 -33.55 63.83
N ARG F 277 -22.02 -32.55 64.61
CA ARG F 277 -22.00 -31.15 64.17
C ARG F 277 -21.09 -30.35 65.10
N ASN F 278 -20.89 -29.08 64.78
CA ASN F 278 -20.18 -28.17 65.68
C ASN F 278 -20.98 -26.90 65.98
N ARG F 279 -20.41 -26.02 66.79
CA ARG F 279 -21.10 -24.81 67.24
C ARG F 279 -21.52 -23.84 66.13
N TYR F 280 -20.80 -23.85 65.01
CA TYR F 280 -21.12 -22.98 63.87
C TYR F 280 -22.21 -23.59 62.97
N GLY F 281 -22.66 -24.79 63.29
CA GLY F 281 -23.69 -25.49 62.52
C GLY F 281 -23.12 -26.38 61.43
N ILE F 282 -21.79 -26.47 61.34
CA ILE F 282 -21.12 -27.23 60.30
C ILE F 282 -21.19 -28.73 60.61
N ILE F 283 -21.59 -29.51 59.61
CA ILE F 283 -21.63 -30.97 59.75
C ILE F 283 -20.21 -31.51 59.77
N GLY F 284 -19.88 -32.24 60.83
CA GLY F 284 -18.61 -32.94 60.96
C GLY F 284 -18.73 -34.38 60.49
N PRO F 285 -17.76 -35.22 60.90
CA PRO F 285 -17.73 -36.61 60.47
C PRO F 285 -18.54 -37.53 61.35
N ILE F 286 -18.89 -38.69 60.80
CA ILE F 286 -19.38 -39.81 61.59
C ILE F 286 -18.22 -40.32 62.44
N TYR F 287 -18.43 -40.39 63.75
CA TYR F 287 -17.41 -40.89 64.68
C TYR F 287 -17.26 -42.41 64.56
N PRO F 288 -16.07 -42.94 64.85
CA PRO F 288 -15.84 -44.39 64.77
C PRO F 288 -16.83 -45.22 65.57
N GLN F 289 -17.20 -44.75 66.77
CA GLN F 289 -18.18 -45.44 67.64
C GLN F 289 -19.48 -45.75 66.88
N GLU F 290 -19.85 -44.85 65.98
CA GLU F 290 -21.05 -45.03 65.15
C GLU F 290 -20.88 -46.07 64.03
N MET F 291 -19.64 -46.36 63.65
CA MET F 291 -19.35 -47.35 62.60
C MET F 291 -19.04 -48.75 63.13
N GLN F 292 -19.00 -48.88 64.46
CA GLN F 292 -18.67 -50.17 65.08
C GLN F 292 -19.73 -51.20 64.75
N PRO F 293 -19.32 -52.46 64.51
CA PRO F 293 -20.27 -53.55 64.26
C PRO F 293 -21.36 -53.70 65.33
N GLU F 294 -21.00 -53.58 66.61
CA GLU F 294 -21.98 -53.68 67.70
C GLU F 294 -23.01 -52.57 67.59
N THR F 295 -22.55 -51.36 67.30
CA THR F 295 -23.42 -50.20 67.21
C THR F 295 -24.40 -50.33 66.05
N LEU F 296 -23.89 -50.77 64.90
CA LEU F 296 -24.72 -50.95 63.71
C LEU F 296 -25.72 -52.09 63.90
N GLN F 297 -25.28 -53.19 64.51
CA GLN F 297 -26.18 -54.31 64.82
C GLN F 297 -27.31 -53.88 65.77
N LYS F 298 -26.99 -52.99 66.71
CA LYS F 298 -27.99 -52.42 67.62
C LYS F 298 -29.02 -51.59 66.87
N LYS F 299 -28.52 -50.72 65.99
CA LYS F 299 -29.37 -49.88 65.15
C LYS F 299 -30.35 -50.71 64.32
N ILE F 300 -29.85 -51.81 63.75
CA ILE F 300 -30.63 -52.72 62.91
C ILE F 300 -31.77 -53.41 63.69
N SER F 301 -31.45 -53.90 64.88
CA SER F 301 -32.45 -54.53 65.76
C SER F 301 -33.46 -53.53 66.32
N ALA F 302 -33.05 -52.28 66.45
CA ALA F 302 -33.92 -51.22 67.00
C ALA F 302 -34.93 -50.69 65.99
N SER F 303 -34.49 -50.46 64.75
CA SER F 303 -35.33 -49.85 63.70
C SER F 303 -36.50 -50.75 63.30
N PRO F 304 -37.71 -50.17 63.16
CA PRO F 304 -38.88 -50.90 62.66
C PRO F 304 -38.69 -51.52 61.29
N LEU F 305 -37.94 -50.84 60.42
CA LEU F 305 -37.73 -51.30 59.04
C LEU F 305 -36.82 -52.52 58.94
N THR F 306 -35.86 -52.63 59.87
CA THR F 306 -34.87 -53.70 59.85
C THR F 306 -34.99 -54.75 60.95
N LYS F 307 -35.77 -54.45 62.00
CA LYS F 307 -36.00 -55.39 63.11
C LYS F 307 -36.02 -56.86 62.68
N THR F 308 -36.87 -57.17 61.71
CA THR F 308 -37.13 -58.55 61.27
C THR F 308 -35.92 -59.17 60.53
N LYS F 309 -35.03 -58.32 60.04
CA LYS F 309 -33.84 -58.74 59.31
C LYS F 309 -32.56 -58.56 60.14
N ALA F 310 -32.70 -58.57 61.45
CA ALA F 310 -31.55 -58.38 62.33
C ALA F 310 -30.59 -59.57 62.21
N GLY F 311 -29.31 -59.30 62.40
CA GLY F 311 -28.27 -60.32 62.26
C GLY F 311 -27.94 -60.70 60.81
N GLN F 312 -28.69 -60.16 59.86
CA GLN F 312 -28.41 -60.34 58.45
C GLN F 312 -27.26 -59.43 58.06
N LYS F 313 -26.36 -59.91 57.20
CA LYS F 313 -25.21 -59.11 56.78
C LYS F 313 -25.65 -58.04 55.80
N PRO F 314 -25.42 -56.75 56.13
CA PRO F 314 -25.80 -55.69 55.19
C PRO F 314 -25.07 -55.80 53.86
N SER F 315 -25.80 -55.56 52.78
CA SER F 315 -25.28 -55.76 51.43
C SER F 315 -24.65 -54.51 50.82
N TYR F 316 -24.71 -53.39 51.55
CA TYR F 316 -24.24 -52.11 51.02
C TYR F 316 -24.05 -51.10 52.14
N SER F 317 -23.03 -50.28 51.99
CA SER F 317 -22.65 -49.29 52.98
C SER F 317 -22.20 -48.04 52.24
N VAL F 318 -22.61 -46.86 52.71
CA VAL F 318 -22.18 -45.61 52.08
C VAL F 318 -21.74 -44.57 53.11
N VAL F 319 -20.65 -43.88 52.78
CA VAL F 319 -20.17 -42.72 53.54
C VAL F 319 -19.91 -41.61 52.54
N THR F 320 -20.17 -40.37 52.92
CA THR F 320 -19.91 -39.24 52.04
C THR F 320 -18.46 -38.79 52.18
N CYS F 322 -15.91 -36.81 51.36
CA CYS F 322 -15.61 -35.45 51.80
C CYS F 322 -16.91 -34.64 51.96
N THR F 323 -17.08 -34.07 53.16
CA THR F 323 -18.22 -33.21 53.50
C THR F 323 -18.19 -31.95 52.64
N TYR F 324 -19.36 -31.39 52.41
CA TYR F 324 -19.50 -30.14 51.64
C TYR F 324 -18.59 -29.04 52.18
N ASP F 325 -18.54 -28.94 53.51
CA ASP F 325 -17.73 -27.96 54.23
C ASP F 325 -16.23 -28.31 54.32
N GLY F 326 -15.85 -29.50 53.84
CA GLY F 326 -14.44 -29.87 53.67
C GLY F 326 -13.85 -30.84 54.68
N VAL F 327 -14.71 -31.50 55.45
CA VAL F 327 -14.26 -32.50 56.42
C VAL F 327 -13.94 -33.81 55.70
N CYS F 328 -12.68 -34.23 55.78
CA CYS F 328 -12.21 -35.45 55.11
C CYS F 328 -12.01 -36.58 56.13
N TYR F 329 -12.60 -37.74 55.85
CA TYR F 329 -12.41 -38.91 56.69
C TYR F 329 -11.06 -39.53 56.42
N ASN F 330 -10.50 -40.19 57.44
CA ASN F 330 -9.41 -41.14 57.25
C ASN F 330 -10.02 -42.41 56.65
N ALA F 331 -10.11 -42.44 55.33
CA ALA F 331 -10.82 -43.51 54.61
C ALA F 331 -10.21 -44.90 54.81
N LYS F 332 -8.92 -44.97 55.14
CA LYS F 332 -8.28 -46.24 55.45
C LYS F 332 -8.90 -46.86 56.69
N GLU F 333 -8.97 -46.08 57.77
CA GLU F 333 -9.53 -46.54 59.04
C GLU F 333 -11.04 -46.76 58.93
N ALA F 334 -11.72 -45.83 58.29
CA ALA F 334 -13.18 -45.90 58.10
C ALA F 334 -13.58 -47.16 57.34
N GLN F 335 -12.82 -47.48 56.31
CA GLN F 335 -13.05 -48.69 55.52
C GLN F 335 -12.90 -49.96 56.35
N ASP F 336 -11.85 -50.02 57.16
CA ASP F 336 -11.58 -51.20 58.00
C ASP F 336 -12.66 -51.44 59.04
N LEU F 337 -13.25 -50.36 59.54
CA LEU F 337 -14.37 -50.45 60.47
C LEU F 337 -15.63 -50.97 59.79
N LEU F 338 -15.93 -50.42 58.62
CA LEU F 338 -17.14 -50.78 57.88
C LEU F 338 -17.02 -52.16 57.24
N ALA F 339 -15.79 -52.55 56.89
CA ALA F 339 -15.52 -53.88 56.33
C ALA F 339 -15.97 -55.02 57.25
N LYS F 340 -15.87 -54.77 58.56
CA LYS F 340 -16.33 -55.71 59.59
C LYS F 340 -17.82 -56.03 59.46
N THR F 341 -18.60 -55.03 59.06
CA THR F 341 -20.06 -55.15 58.97
C THR F 341 -20.54 -55.50 57.55
N SER F 342 -19.94 -54.87 56.54
CA SER F 342 -20.37 -55.03 55.15
C SER F 342 -19.20 -55.29 54.18
N ASP F 343 -19.47 -56.07 53.14
CA ASP F 343 -18.47 -56.38 52.11
C ASP F 343 -18.42 -55.33 51.01
N ARG F 344 -19.43 -54.46 50.95
CA ARG F 344 -19.45 -53.37 49.97
C ARG F 344 -19.49 -52.02 50.65
N ILE F 345 -18.48 -51.21 50.38
CA ILE F 345 -18.35 -49.89 50.98
C ILE F 345 -18.25 -48.88 49.85
N HIS F 346 -19.13 -47.90 49.86
CA HIS F 346 -19.22 -46.89 48.81
C HIS F 346 -18.93 -45.53 49.40
N PHE F 347 -17.88 -44.89 48.91
CA PHE F 347 -17.57 -43.51 49.31
C PHE F 347 -18.08 -42.55 48.25
N ASP F 348 -19.03 -41.69 48.64
CA ASP F 348 -19.50 -40.63 47.74
C ASP F 348 -18.48 -39.50 47.75
N GLU F 349 -17.53 -39.58 46.82
CA GLU F 349 -16.44 -38.61 46.73
C GLU F 349 -16.72 -37.59 45.64
N ALA F 350 -17.98 -37.15 45.56
CA ALA F 350 -18.44 -36.25 44.50
C ALA F 350 -17.64 -34.96 44.45
N TRP F 351 -17.46 -34.33 45.60
CA TRP F 351 -16.73 -33.07 45.74
C TRP F 351 -15.22 -33.28 45.90
N TYR F 352 -14.72 -34.46 45.58
CA TYR F 352 -13.43 -34.91 46.13
C TYR F 352 -12.64 -35.81 45.18
N GLY F 353 -12.77 -35.57 43.88
CA GLY F 353 -12.08 -36.39 42.88
C GLY F 353 -10.58 -36.17 42.86
N TYR F 354 -10.18 -34.95 43.18
CA TYR F 354 -8.77 -34.53 43.18
C TYR F 354 -7.91 -35.21 44.27
N ALA F 355 -8.56 -35.64 45.36
CA ALA F 355 -7.87 -36.10 46.57
C ALA F 355 -6.64 -36.98 46.33
N ARG F 356 -6.79 -37.95 45.43
CA ARG F 356 -5.73 -38.90 45.11
C ARG F 356 -4.43 -38.25 44.61
N PHE F 357 -4.55 -37.12 43.91
CA PHE F 357 -3.44 -36.56 43.15
C PHE F 357 -2.65 -35.46 43.87
N ASN F 358 -2.82 -35.36 45.18
CA ASN F 358 -1.95 -34.56 46.03
C ASN F 358 -1.68 -35.29 47.34
N PRO F 359 -0.41 -35.38 47.76
CA PRO F 359 -0.07 -36.13 48.97
C PRO F 359 -0.57 -35.53 50.29
N ILE F 360 -1.06 -34.30 50.28
CA ILE F 360 -1.64 -33.72 51.49
C ILE F 360 -2.89 -34.49 51.92
N TYR F 361 -3.60 -35.09 50.95
CA TYR F 361 -4.79 -35.90 51.23
C TYR F 361 -4.50 -37.39 51.48
N CYS F 362 -3.22 -37.76 51.50
CA CYS F 362 -2.80 -39.15 51.70
C CYS F 362 -3.64 -39.87 52.75
N ASP F 363 -4.08 -41.08 52.42
CA ASP F 363 -4.89 -41.96 53.29
C ASP F 363 -6.33 -41.51 53.54
N HIS F 364 -6.71 -40.32 53.07
CA HIS F 364 -8.03 -39.76 53.36
C HIS F 364 -8.98 -39.81 52.15
N TYR F 365 -8.78 -40.80 51.29
CA TYR F 365 -9.68 -41.06 50.16
C TYR F 365 -9.74 -42.56 49.90
N ALA F 366 -10.64 -42.96 49.02
CA ALA F 366 -10.95 -44.39 48.81
C ALA F 366 -9.85 -45.13 48.05
N MET F 367 -9.53 -44.65 46.85
CA MET F 367 -8.61 -45.33 45.94
C MET F 367 -7.14 -45.06 46.24
N ARG F 368 -6.67 -45.59 47.36
CA ARG F 368 -5.31 -45.33 47.84
C ARG F 368 -4.28 -46.23 47.15
N GLY F 369 -3.17 -45.64 46.75
CA GLY F 369 -2.08 -46.39 46.13
C GLY F 369 -2.49 -47.13 44.86
N GLU F 370 -1.92 -48.32 44.66
CA GLU F 370 -2.20 -49.16 43.49
C GLU F 370 -3.23 -50.24 43.84
N PRO F 371 -4.13 -50.56 42.88
CA PRO F 371 -5.05 -51.68 43.10
C PRO F 371 -4.35 -53.02 42.88
N GLY F 372 -4.84 -54.05 43.56
CA GLY F 372 -4.33 -55.42 43.39
C GLY F 372 -4.77 -56.38 44.46
N ASP F 373 -5.20 -55.81 45.57
CA ASP F 373 -5.48 -56.48 46.82
C ASP F 373 -6.39 -57.58 46.57
N HIS F 374 -7.41 -57.21 45.83
CA HIS F 374 -8.57 -57.99 45.67
C HIS F 374 -8.77 -58.77 46.93
N ASN F 375 -8.31 -58.22 48.04
CA ASN F 375 -8.23 -59.03 49.24
C ASN F 375 -8.57 -58.13 50.40
N GLY F 376 -9.82 -57.74 50.33
CA GLY F 376 -10.46 -56.82 51.25
C GLY F 376 -11.90 -56.74 50.80
N PRO F 377 -12.63 -55.69 51.23
CA PRO F 377 -14.00 -55.50 50.76
C PRO F 377 -14.04 -54.87 49.37
N THR F 378 -15.20 -54.97 48.72
CA THR F 378 -15.44 -54.29 47.46
C THR F 378 -15.70 -52.81 47.74
N VAL F 379 -14.89 -51.93 47.16
CA VAL F 379 -14.99 -50.49 47.44
C VAL F 379 -15.40 -49.73 46.20
N PHE F 380 -16.45 -48.92 46.34
CA PHE F 380 -16.89 -48.01 45.29
C PHE F 380 -16.48 -46.58 45.61
N ALA F 381 -16.08 -45.84 44.58
CA ALA F 381 -15.83 -44.41 44.70
C ALA F 381 -16.56 -43.70 43.58
N THR F 382 -17.21 -42.60 43.94
CA THR F 382 -18.07 -41.86 43.03
C THR F 382 -17.54 -40.46 42.88
N HIS F 383 -17.18 -40.07 41.66
CA HIS F 383 -16.74 -38.70 41.38
C HIS F 383 -17.70 -37.96 40.47
N SER F 384 -17.94 -36.69 40.81
CA SER F 384 -18.62 -35.76 39.93
C SER F 384 -17.51 -34.98 39.26
N THR F 385 -17.22 -35.34 38.02
CA THR F 385 -16.12 -34.75 37.26
C THR F 385 -16.30 -33.24 37.04
N HIS F 386 -17.55 -32.81 36.85
CA HIS F 386 -17.82 -31.38 36.60
C HIS F 386 -17.59 -30.50 37.82
N LYS F 387 -17.84 -31.04 39.02
CA LYS F 387 -17.76 -30.24 40.25
C LYS F 387 -16.38 -29.63 40.48
N LEU F 388 -15.39 -30.44 40.83
CA LEU F 388 -14.08 -29.91 41.20
C LEU F 388 -12.91 -30.34 40.32
N LEU F 389 -13.12 -31.34 39.47
CA LEU F 389 -12.12 -31.70 38.45
C LEU F 389 -12.24 -30.83 37.19
N ASN F 390 -13.32 -30.05 37.14
CA ASN F 390 -13.56 -29.10 36.05
C ASN F 390 -13.84 -29.83 34.74
N ALA F 391 -15.13 -30.01 34.45
CA ALA F 391 -15.57 -30.77 33.29
C ALA F 391 -17.01 -30.41 32.96
N LEU F 392 -17.53 -30.94 31.85
CA LEU F 392 -18.91 -30.67 31.44
C LEU F 392 -19.91 -31.21 32.46
N SER F 393 -20.94 -30.42 32.74
CA SER F 393 -22.00 -30.83 33.66
C SER F 393 -22.64 -32.14 33.20
N GLN F 394 -23.00 -32.97 34.19
CA GLN F 394 -23.50 -34.34 33.99
C GLN F 394 -22.41 -35.40 33.86
N ALA F 395 -21.14 -34.98 33.83
CA ALA F 395 -20.02 -35.92 33.77
C ALA F 395 -19.78 -36.53 35.14
N SER F 396 -19.69 -37.85 35.19
CA SER F 396 -19.44 -38.56 36.44
C SER F 396 -18.73 -39.89 36.19
N TYR F 397 -18.03 -40.37 37.22
CA TYR F 397 -17.35 -41.66 37.18
C TYR F 397 -17.78 -42.55 38.34
N ILE F 398 -17.95 -43.83 38.04
CA ILE F 398 -18.03 -44.86 39.08
C ILE F 398 -16.71 -45.61 39.06
N HIS F 399 -15.95 -45.48 40.14
CA HIS F 399 -14.69 -46.20 40.29
C HIS F 399 -14.88 -47.36 41.26
N VAL F 400 -14.32 -48.51 40.90
CA VAL F 400 -14.51 -49.76 41.63
C VAL F 400 -13.19 -50.46 41.94
N ARG F 401 -13.04 -50.92 43.18
CA ARG F 401 -12.01 -51.87 43.53
C ARG F 401 -12.70 -53.17 43.90
N GLU F 402 -12.49 -54.18 43.07
CA GLU F 402 -13.18 -55.45 43.22
C GLU F 402 -12.54 -56.29 44.33
N GLY F 403 -13.38 -56.68 45.29
CA GLY F 403 -12.95 -57.49 46.44
C GLY F 403 -14.03 -58.50 46.82
N ARG F 404 -14.26 -58.66 48.12
CA ARG F 404 -15.31 -59.57 48.60
C ARG F 404 -16.69 -59.06 48.19
N GLY F 405 -17.53 -59.99 47.75
CA GLY F 405 -18.89 -59.65 47.31
C GLY F 405 -18.90 -58.79 46.06
N ALA F 406 -17.92 -59.01 45.19
CA ALA F 406 -17.77 -58.19 43.97
C ALA F 406 -18.86 -58.51 42.96
N VAL F 407 -19.25 -57.48 42.21
CA VAL F 407 -20.21 -57.63 41.13
C VAL F 407 -19.47 -57.51 39.81
N ASN F 408 -19.50 -58.59 39.02
CA ASN F 408 -18.76 -58.64 37.76
C ASN F 408 -19.39 -57.77 36.68
N PHE F 409 -18.74 -57.70 35.52
CA PHE F 409 -19.19 -56.86 34.42
C PHE F 409 -20.63 -57.12 34.00
N SER F 410 -20.91 -58.36 33.59
CA SER F 410 -22.23 -58.74 33.07
C SER F 410 -23.35 -58.30 34.00
N ARG F 411 -23.17 -58.58 35.29
CA ARG F 411 -24.15 -58.22 36.30
C ARG F 411 -24.25 -56.70 36.48
N PHE F 412 -23.12 -56.03 36.57
CA PHE F 412 -23.10 -54.59 36.85
C PHE F 412 -23.61 -53.76 35.68
N ASN F 413 -23.28 -54.18 34.46
CA ASN F 413 -23.70 -53.45 33.27
C ASN F 413 -25.23 -53.40 33.11
N GLN F 414 -25.92 -54.39 33.64
CA GLN F 414 -27.39 -54.36 33.69
C GLN F 414 -27.88 -53.23 34.60
N ALA F 415 -27.19 -53.04 35.73
CA ALA F 415 -27.47 -51.93 36.62
C ALA F 415 -27.06 -50.59 35.99
N TYR F 416 -25.95 -50.61 35.25
CA TYR F 416 -25.48 -49.43 34.54
C TYR F 416 -26.48 -48.95 33.51
N MET F 417 -26.89 -49.86 32.63
CA MET F 417 -27.84 -49.55 31.56
C MET F 417 -29.19 -49.09 32.09
N MET F 418 -29.55 -49.58 33.27
CA MET F 418 -30.77 -49.18 33.96
C MET F 418 -30.93 -47.67 34.06
N HIS F 419 -29.84 -46.98 34.35
CA HIS F 419 -29.87 -45.56 34.65
C HIS F 419 -29.10 -44.73 33.63
N ALA F 420 -28.94 -45.29 32.44
CA ALA F 420 -28.20 -44.66 31.36
C ALA F 420 -29.18 -44.19 30.29
N THR F 421 -28.63 -43.61 29.22
CA THR F 421 -29.41 -43.21 28.06
C THR F 421 -28.85 -43.92 26.83
N THR F 422 -29.73 -44.32 25.92
CA THR F 422 -29.32 -45.06 24.72
C THR F 422 -28.46 -44.23 23.76
N SER F 423 -28.71 -42.93 23.72
CA SER F 423 -27.86 -42.01 22.94
C SER F 423 -27.28 -40.91 23.83
N PRO F 424 -26.04 -41.10 24.31
CA PRO F 424 -25.35 -40.12 25.14
C PRO F 424 -24.60 -39.07 24.31
N LEU F 425 -24.46 -37.88 24.88
CA LEU F 425 -23.78 -36.78 24.21
C LEU F 425 -22.27 -36.97 24.32
N TYR F 426 -21.60 -37.13 23.18
CA TYR F 426 -20.16 -37.39 23.16
C TYR F 426 -19.35 -36.30 23.83
N ALA F 427 -19.75 -35.05 23.65
CA ALA F 427 -19.06 -33.91 24.24
C ALA F 427 -18.83 -34.08 25.74
N ILE F 428 -19.80 -34.70 26.43
CA ILE F 428 -19.69 -34.95 27.86
C ILE F 428 -18.68 -36.06 28.13
N CYS F 429 -18.83 -37.18 27.43
CA CYS F 429 -17.92 -38.32 27.57
C CYS F 429 -16.48 -37.92 27.27
N ALA F 430 -16.30 -37.08 26.26
CA ALA F 430 -14.98 -36.55 25.92
C ALA F 430 -14.40 -35.69 27.03
N SER F 431 -15.25 -34.90 27.68
CA SER F 431 -14.82 -34.07 28.80
C SER F 431 -14.33 -34.94 29.97
N ASN F 432 -15.02 -36.06 30.19
CA ASN F 432 -14.59 -37.05 31.17
C ASN F 432 -13.21 -37.61 30.85
N ASP F 433 -12.98 -37.86 29.56
CA ASP F 433 -11.72 -38.43 29.09
C ASP F 433 -10.54 -37.48 29.29
N VAL F 434 -10.72 -36.21 28.96
CA VAL F 434 -9.64 -35.22 29.11
C VAL F 434 -9.42 -34.88 30.58
N ALA F 435 -10.49 -34.89 31.37
CA ALA F 435 -10.39 -34.64 32.80
C ALA F 435 -9.49 -35.67 33.46
N VAL F 436 -9.56 -36.91 32.99
CA VAL F 436 -8.64 -37.96 33.43
C VAL F 436 -7.21 -37.58 33.09
N SER F 437 -7.00 -37.24 31.82
CA SER F 437 -5.69 -36.82 31.32
C SER F 437 -5.05 -35.68 32.13
N MET F 438 -5.90 -34.76 32.62
CA MET F 438 -5.43 -33.62 33.40
C MET F 438 -4.92 -33.99 34.80
N MET F 439 -5.47 -35.06 35.37
CA MET F 439 -5.00 -35.56 36.67
C MET F 439 -3.87 -36.58 36.53
N ASP F 440 -3.74 -37.18 35.35
CA ASP F 440 -2.72 -38.18 35.11
C ASP F 440 -1.33 -37.55 35.06
N GLY F 441 -0.37 -38.24 35.65
CA GLY F 441 1.02 -37.82 35.64
C GLY F 441 1.27 -36.58 36.49
N ASN F 442 2.15 -35.72 36.00
CA ASN F 442 2.60 -34.53 36.72
C ASN F 442 1.53 -33.46 36.84
N SER F 443 0.72 -33.30 35.79
CA SER F 443 -0.32 -32.26 35.74
C SER F 443 -1.22 -32.30 36.96
N GLY F 444 -1.62 -33.50 37.38
CA GLY F 444 -2.49 -33.68 38.53
C GLY F 444 -1.95 -33.07 39.81
N LEU F 445 -0.70 -33.38 40.13
CA LEU F 445 -0.03 -32.81 41.30
C LEU F 445 0.04 -31.29 41.18
N SER F 446 0.48 -30.80 40.02
CA SER F 446 0.66 -29.38 39.78
C SER F 446 -0.64 -28.58 39.89
N LEU F 447 -1.70 -29.13 39.32
CA LEU F 447 -3.02 -28.48 39.36
C LEU F 447 -3.60 -28.44 40.78
N THR F 448 -3.60 -29.58 41.45
CA THR F 448 -4.09 -29.67 42.83
C THR F 448 -3.28 -28.78 43.76
N GLN F 449 -1.98 -28.69 43.52
CA GLN F 449 -1.10 -27.86 44.35
C GLN F 449 -1.40 -26.38 44.15
N GLU F 450 -1.71 -25.99 42.91
CA GLU F 450 -2.04 -24.59 42.60
C GLU F 450 -3.25 -24.12 43.39
N VAL F 451 -4.30 -24.94 43.41
CA VAL F 451 -5.54 -24.58 44.12
C VAL F 451 -5.35 -24.57 45.66
N ILE F 452 -4.57 -25.52 46.18
CA ILE F 452 -4.20 -25.53 47.60
C ILE F 452 -3.43 -24.26 47.96
N ASP F 453 -2.40 -23.96 47.16
CA ASP F 453 -1.56 -22.77 47.36
C ASP F 453 -2.40 -21.49 47.44
N GLU F 454 -3.35 -21.36 46.53
CA GLU F 454 -4.22 -20.17 46.49
C GLU F 454 -5.12 -20.12 47.71
N ALA F 455 -5.71 -21.25 48.07
CA ALA F 455 -6.56 -21.34 49.26
C ALA F 455 -5.79 -20.97 50.52
N VAL F 456 -4.55 -21.41 50.60
CA VAL F 456 -3.68 -21.09 51.73
C VAL F 456 -3.42 -19.58 51.80
N ASP F 457 -2.98 -19.00 50.69
CA ASP F 457 -2.73 -17.55 50.61
C ASP F 457 -3.92 -16.75 51.14
N PHE F 458 -5.10 -17.15 50.70
CA PHE F 458 -6.35 -16.49 51.10
C PHE F 458 -6.66 -16.65 52.59
N ARG F 459 -6.59 -17.89 53.07
CA ARG F 459 -6.77 -18.20 54.49
C ARG F 459 -5.81 -17.37 55.35
N GLN F 460 -4.52 -17.42 55.00
CA GLN F 460 -3.49 -16.67 55.73
C GLN F 460 -3.74 -15.18 55.70
N ALA F 461 -4.09 -14.65 54.53
CA ALA F 461 -4.38 -13.23 54.36
C ALA F 461 -5.56 -12.80 55.24
N MET F 462 -6.57 -13.66 55.29
CA MET F 462 -7.76 -13.43 56.11
C MET F 462 -7.43 -13.48 57.61
N ALA F 463 -6.55 -14.40 57.99
CA ALA F 463 -6.10 -14.52 59.38
C ALA F 463 -5.29 -13.31 59.86
N ARG F 464 -4.45 -12.78 58.98
CA ARG F 464 -3.61 -11.61 59.30
C ARG F 464 -4.46 -10.36 59.51
N LEU F 465 -5.39 -10.14 58.59
CA LEU F 465 -6.38 -9.07 58.73
C LEU F 465 -7.17 -9.19 60.03
N TYR F 466 -7.57 -10.41 60.37
CA TYR F 466 -8.32 -10.66 61.59
C TYR F 466 -7.52 -10.27 62.83
N LYS F 467 -6.23 -10.58 62.85
CA LYS F 467 -5.38 -10.19 63.98
C LYS F 467 -5.21 -8.68 64.06
N GLU F 468 -4.96 -8.05 62.91
CA GLU F 468 -4.84 -6.59 62.81
C GLU F 468 -6.02 -5.85 63.46
N PHE F 469 -7.22 -6.26 63.07
CA PHE F 469 -8.45 -5.68 63.61
C PHE F 469 -8.63 -6.05 65.08
N THR F 470 -8.48 -7.33 65.40
CA THR F 470 -8.61 -7.84 66.77
C THR F 470 -7.70 -7.12 67.76
N ASP F 471 -6.40 -7.08 67.45
CA ASP F 471 -5.41 -6.39 68.28
C ASP F 471 -5.81 -4.94 68.57
N GLU F 472 -6.41 -4.28 67.58
CA GLU F 472 -6.86 -2.90 67.70
C GLU F 472 -8.28 -2.78 68.30
N GLY F 473 -8.74 -3.84 68.97
CA GLY F 473 -10.06 -3.83 69.62
C GLY F 473 -11.24 -3.82 68.67
N ASP F 474 -11.04 -4.35 67.47
CA ASP F 474 -12.04 -4.29 66.39
C ASP F 474 -12.40 -5.70 65.90
N TRP F 475 -13.52 -5.80 65.19
CA TRP F 475 -14.01 -7.08 64.67
C TRP F 475 -13.62 -7.31 63.20
N PHE F 476 -13.61 -8.58 62.80
CA PHE F 476 -13.44 -8.96 61.40
C PHE F 476 -13.78 -10.44 61.23
N PHE F 477 -13.84 -10.89 59.97
CA PHE F 477 -14.08 -12.29 59.65
C PHE F 477 -12.79 -13.08 59.80
N LYS F 478 -12.87 -14.25 60.43
CA LYS F 478 -11.70 -15.14 60.53
C LYS F 478 -11.94 -16.44 59.76
N PRO F 479 -10.87 -17.03 59.20
CA PRO F 479 -11.00 -18.28 58.48
C PRO F 479 -11.14 -19.46 59.43
N TRP F 480 -11.91 -20.46 59.02
CA TRP F 480 -12.07 -21.66 59.83
C TRP F 480 -10.98 -22.66 59.50
N ASN F 481 -9.97 -22.70 60.36
CA ASN F 481 -8.82 -23.60 60.22
C ASN F 481 -8.06 -23.69 61.54
N LYS F 482 -6.93 -24.40 61.53
CA LYS F 482 -6.11 -24.55 62.72
C LYS F 482 -5.63 -23.19 63.27
N ASP F 483 -5.54 -23.08 64.59
CA ASP F 483 -5.07 -21.85 65.24
C ASP F 483 -3.55 -21.74 65.17
N VAL F 484 -2.89 -22.88 65.38
CA VAL F 484 -1.43 -22.95 65.47
C VAL F 484 -0.95 -24.23 64.79
N VAL F 485 0.12 -24.11 64.02
CA VAL F 485 0.71 -25.25 63.32
C VAL F 485 2.17 -25.45 63.73
N THR F 486 2.72 -26.62 63.38
CA THR F 486 4.09 -26.96 63.73
C THR F 486 4.86 -27.51 62.52
N ASP F 487 6.06 -26.98 62.31
CA ASP F 487 6.99 -27.50 61.31
C ASP F 487 7.71 -28.72 61.90
N PRO F 488 7.56 -29.90 61.29
CA PRO F 488 8.23 -31.10 61.82
C PRO F 488 9.76 -31.08 61.70
N GLN F 489 10.28 -30.58 60.58
CA GLN F 489 11.73 -30.55 60.36
C GLN F 489 12.48 -29.73 61.42
N THR F 490 11.87 -28.65 61.87
CA THR F 490 12.48 -27.75 62.85
C THR F 490 11.96 -27.94 64.28
N GLY F 491 10.74 -28.49 64.40
CA GLY F 491 10.03 -28.56 65.69
C GLY F 491 9.32 -27.26 66.04
N LYS F 492 9.54 -26.23 65.23
CA LYS F 492 9.11 -24.87 65.55
C LYS F 492 7.61 -24.66 65.36
N THR F 493 7.05 -23.80 66.20
CA THR F 493 5.62 -23.55 66.26
C THR F 493 5.29 -22.17 65.71
N TYR F 494 4.22 -22.09 64.91
CA TYR F 494 3.75 -20.83 64.33
C TYR F 494 2.25 -20.62 64.55
N ASP F 495 1.87 -19.36 64.79
CA ASP F 495 0.46 -18.96 64.61
C ASP F 495 0.14 -19.14 63.13
N PHE F 496 -1.10 -19.48 62.81
CA PHE F 496 -1.49 -19.74 61.42
C PHE F 496 -1.01 -18.62 60.51
N ALA F 497 -1.38 -17.39 60.85
CA ALA F 497 -1.02 -16.21 60.08
C ALA F 497 0.48 -16.13 59.79
N ASP F 498 1.28 -16.43 60.80
CA ASP F 498 2.74 -16.31 60.70
C ASP F 498 3.42 -17.50 60.00
N ALA F 499 2.70 -18.60 59.81
CA ALA F 499 3.27 -19.83 59.27
C ALA F 499 3.85 -19.64 57.85
N PRO F 500 4.87 -20.43 57.49
CA PRO F 500 5.31 -20.42 56.09
C PRO F 500 4.24 -21.06 55.19
N ALA F 501 3.99 -20.46 54.03
CA ALA F 501 2.95 -20.95 53.11
C ALA F 501 3.24 -22.35 52.59
N LYS F 502 4.52 -22.63 52.30
CA LYS F 502 4.95 -23.95 51.86
C LYS F 502 4.57 -25.04 52.87
N LEU F 503 4.68 -24.73 54.16
CA LEU F 503 4.32 -25.68 55.21
C LEU F 503 2.83 -26.02 55.18
N LEU F 504 2.01 -24.98 55.21
CA LEU F 504 0.56 -25.14 55.22
C LEU F 504 0.04 -25.84 53.97
N ALA F 505 0.70 -25.61 52.84
CA ALA F 505 0.29 -26.19 51.56
C ALA F 505 0.87 -27.59 51.30
N THR F 506 1.52 -28.19 52.30
CA THR F 506 2.26 -29.43 52.15
C THR F 506 2.01 -30.41 53.29
N ASP F 507 2.20 -29.93 54.50
CA ASP F 507 2.10 -30.79 55.69
C ASP F 507 0.65 -31.08 56.02
N GLN F 508 0.28 -32.36 55.94
CA GLN F 508 -1.07 -32.80 56.27
C GLN F 508 -1.43 -32.49 57.71
N ASN F 509 -0.46 -32.60 58.62
CA ASN F 509 -0.71 -32.41 60.05
C ASN F 509 -1.17 -31.00 60.42
N CYS F 510 -0.94 -30.03 59.54
CA CYS F 510 -1.51 -28.68 59.69
C CYS F 510 -3.02 -28.65 59.51
N TRP F 511 -3.61 -29.76 59.06
CA TRP F 511 -5.04 -29.84 58.78
C TRP F 511 -5.77 -31.00 59.48
N VAL F 512 -5.03 -31.87 60.16
CA VAL F 512 -5.66 -32.99 60.87
C VAL F 512 -6.34 -32.46 62.13
N MET F 513 -7.59 -32.87 62.32
CA MET F 513 -8.36 -32.49 63.49
C MET F 513 -7.99 -33.39 64.66
N ARG F 514 -7.31 -32.80 65.66
CA ARG F 514 -6.80 -33.55 66.80
C ARG F 514 -7.54 -33.21 68.08
N PRO F 515 -7.61 -34.15 69.03
CA PRO F 515 -8.39 -33.94 70.24
C PRO F 515 -7.86 -32.80 71.10
N GLY F 516 -8.78 -32.08 71.74
CA GLY F 516 -8.42 -30.96 72.61
C GLY F 516 -8.39 -29.63 71.88
N GLU F 517 -8.40 -29.67 70.55
CA GLU F 517 -8.23 -28.45 69.76
C GLU F 517 -9.56 -27.72 69.68
N THR F 518 -9.52 -26.43 69.94
CA THR F 518 -10.71 -25.59 70.00
C THR F 518 -11.27 -25.30 68.61
N TRP F 519 -10.38 -25.08 67.65
CA TRP F 519 -10.76 -24.54 66.34
C TRP F 519 -11.88 -25.32 65.63
N HIS F 520 -11.73 -26.65 65.55
CA HIS F 520 -12.65 -27.47 64.76
C HIS F 520 -14.00 -27.68 65.46
N GLY F 521 -13.97 -27.76 66.80
CA GLY F 521 -15.19 -27.70 67.60
C GLY F 521 -16.08 -28.93 67.56
N PHE F 522 -15.47 -30.10 67.40
CA PHE F 522 -16.19 -31.35 67.38
C PHE F 522 -15.88 -32.07 68.70
N LYS F 523 -16.83 -32.02 69.62
CA LYS F 523 -16.63 -32.54 70.97
C LYS F 523 -16.28 -34.03 70.91
N ASP F 524 -15.18 -34.39 71.57
CA ASP F 524 -14.74 -35.79 71.72
C ASP F 524 -14.38 -36.49 70.40
N LEU F 525 -13.95 -35.70 69.40
CA LEU F 525 -13.49 -36.27 68.13
C LEU F 525 -12.19 -37.03 68.37
N PRO F 526 -12.14 -38.32 67.96
CA PRO F 526 -10.90 -39.08 68.11
C PRO F 526 -9.76 -38.58 67.22
N ASP F 527 -8.54 -38.96 67.62
CA ASP F 527 -7.33 -38.57 66.91
C ASP F 527 -7.23 -39.40 65.63
N ASN F 528 -6.53 -38.85 64.65
CA ASN F 528 -6.27 -39.54 63.38
C ASN F 528 -7.54 -40.10 62.73
N TRP F 529 -8.55 -39.25 62.64
CA TRP F 529 -9.84 -39.61 62.04
C TRP F 529 -10.26 -38.61 60.97
N SER F 530 -10.27 -37.33 61.33
CA SER F 530 -10.71 -36.28 60.42
C SER F 530 -9.57 -35.38 59.98
N MET F 531 -9.87 -34.54 58.99
CA MET F 531 -8.91 -33.63 58.39
C MET F 531 -9.65 -32.58 57.60
N LEU F 532 -9.27 -31.31 57.76
CA LEU F 532 -9.88 -30.24 56.99
C LEU F 532 -9.23 -30.14 55.60
N ASP F 533 -10.06 -30.05 54.57
CA ASP F 533 -9.61 -29.81 53.21
C ASP F 533 -9.23 -28.33 53.06
N PRO F 534 -7.97 -28.04 52.70
CA PRO F 534 -7.53 -26.65 52.56
C PRO F 534 -8.35 -25.80 51.57
N ILE F 535 -8.79 -26.41 50.47
CA ILE F 535 -9.48 -25.67 49.40
C ILE F 535 -10.98 -25.42 49.65
N LYS F 536 -11.51 -25.96 50.75
CA LYS F 536 -12.89 -25.71 51.14
C LYS F 536 -12.89 -24.64 52.24
N VAL F 537 -12.64 -23.41 51.83
CA VAL F 537 -12.39 -22.31 52.76
C VAL F 537 -13.68 -21.79 53.38
N SER F 538 -13.95 -22.22 54.61
CA SER F 538 -15.05 -21.69 55.40
C SER F 538 -14.54 -20.44 56.12
N ILE F 539 -15.39 -19.42 56.20
CA ILE F 539 -15.06 -18.16 56.86
C ILE F 539 -16.13 -17.83 57.89
N LEU F 540 -15.69 -17.33 59.04
CA LEU F 540 -16.56 -17.18 60.21
C LEU F 540 -16.78 -15.71 60.57
N ALA F 541 -18.04 -15.30 60.56
CA ALA F 541 -18.44 -13.99 61.04
C ALA F 541 -18.50 -14.02 62.57
N PRO F 542 -18.24 -12.89 63.22
CA PRO F 542 -18.25 -12.87 64.68
C PRO F 542 -19.65 -13.02 65.24
N GLY F 543 -19.76 -13.60 66.43
CA GLY F 543 -21.05 -13.79 67.08
C GLY F 543 -21.16 -15.07 67.89
N MET F 544 -20.43 -16.11 67.48
CA MET F 544 -20.44 -17.39 68.18
C MET F 544 -19.20 -17.53 69.05
N GLY F 545 -19.40 -17.66 70.35
CA GLY F 545 -18.32 -17.86 71.30
C GLY F 545 -17.77 -19.28 71.24
N ASP F 546 -16.52 -19.46 71.68
CA ASP F 546 -15.89 -20.78 71.71
C ASP F 546 -16.65 -21.77 72.60
N ASP F 547 -17.25 -21.25 73.67
CA ASP F 547 -18.03 -22.06 74.62
C ASP F 547 -19.31 -22.67 74.03
N GLY F 548 -19.80 -22.11 72.92
CA GLY F 548 -20.99 -22.62 72.24
C GLY F 548 -22.19 -21.69 72.38
N GLU F 549 -22.13 -20.77 73.33
CA GLU F 549 -23.18 -19.78 73.54
C GLU F 549 -22.84 -18.51 72.75
N LEU F 550 -23.86 -17.74 72.38
CA LEU F 550 -23.68 -16.53 71.55
C LEU F 550 -22.99 -15.41 72.34
N GLU F 551 -22.20 -14.63 71.64
CA GLU F 551 -21.47 -13.51 72.23
C GLU F 551 -22.38 -12.30 72.43
N ALA F 552 -21.83 -11.24 73.04
CA ALA F 552 -22.56 -10.00 73.30
C ALA F 552 -23.22 -9.44 72.04
N SER F 553 -22.40 -9.21 71.02
CA SER F 553 -22.86 -8.76 69.71
C SER F 553 -22.25 -9.61 68.62
N GLY F 554 -22.78 -9.50 67.41
CA GLY F 554 -22.27 -10.28 66.28
C GLY F 554 -22.80 -9.83 64.92
N VAL F 555 -22.22 -10.40 63.87
CA VAL F 555 -22.61 -10.11 62.49
C VAL F 555 -23.13 -11.40 61.85
N PRO F 556 -24.44 -11.46 61.55
CA PRO F 556 -24.98 -12.67 60.95
C PRO F 556 -24.61 -12.79 59.47
N ALA F 557 -24.26 -14.01 59.06
CA ALA F 557 -23.70 -14.27 57.73
C ALA F 557 -24.71 -14.03 56.62
N ALA F 558 -25.98 -14.30 56.88
CA ALA F 558 -27.06 -14.08 55.91
C ALA F 558 -26.99 -12.67 55.30
N LEU F 559 -26.63 -11.71 56.14
CA LEU F 559 -26.50 -10.31 55.73
C LEU F 559 -25.28 -10.10 54.83
N VAL F 560 -24.20 -10.79 55.15
CA VAL F 560 -22.97 -10.73 54.36
C VAL F 560 -23.19 -11.39 53.00
N THR F 561 -23.71 -12.62 53.03
CA THR F 561 -24.03 -13.38 51.83
C THR F 561 -24.82 -12.53 50.82
N ALA F 562 -25.76 -11.75 51.33
CA ALA F 562 -26.58 -10.85 50.50
C ALA F 562 -25.75 -9.75 49.84
N TRP F 563 -24.88 -9.12 50.62
CA TRP F 563 -23.95 -8.11 50.11
C TRP F 563 -23.01 -8.68 49.05
N LEU F 564 -22.50 -9.88 49.31
CA LEU F 564 -21.66 -10.58 48.34
C LEU F 564 -22.44 -10.83 47.06
N GLY F 565 -23.70 -11.24 47.20
CA GLY F 565 -24.59 -11.50 46.06
C GLY F 565 -24.76 -10.34 45.08
N ARG F 566 -24.85 -9.11 45.59
CA ARG F 566 -24.95 -7.93 44.71
C ARG F 566 -23.65 -7.68 43.94
N HIS F 567 -22.52 -8.11 44.48
CA HIS F 567 -21.23 -7.93 43.83
C HIS F 567 -20.82 -9.15 42.98
N GLY F 568 -21.81 -9.97 42.60
CA GLY F 568 -21.55 -11.13 41.74
C GLY F 568 -20.72 -12.23 42.39
N ILE F 569 -21.05 -12.54 43.64
CA ILE F 569 -20.37 -13.58 44.41
C ILE F 569 -21.42 -14.36 45.19
N VAL F 570 -21.60 -15.62 44.85
CA VAL F 570 -22.62 -16.46 45.49
C VAL F 570 -21.99 -17.68 46.18
N PRO F 571 -21.69 -17.57 47.49
CA PRO F 571 -21.05 -18.65 48.25
C PRO F 571 -21.76 -19.99 48.13
N THR F 572 -20.99 -21.07 48.18
CA THR F 572 -21.53 -22.42 48.10
C THR F 572 -22.43 -22.69 49.30
N ARG F 573 -21.90 -22.42 50.49
CA ARG F 573 -22.54 -22.73 51.76
C ARG F 573 -22.78 -21.47 52.59
N THR F 574 -23.86 -21.48 53.38
CA THR F 574 -24.13 -20.38 54.35
C THR F 574 -24.93 -20.87 55.57
N THR F 575 -24.31 -20.79 56.75
CA THR F 575 -25.00 -21.03 58.02
C THR F 575 -25.31 -19.65 58.61
N ASP F 576 -25.57 -19.60 59.92
CA ASP F 576 -25.84 -18.34 60.60
C ASP F 576 -24.59 -17.45 60.66
N PHE F 577 -23.43 -18.08 60.86
CA PHE F 577 -22.14 -17.37 60.92
C PHE F 577 -21.09 -17.84 59.91
N GLN F 578 -21.31 -19.00 59.30
CA GLN F 578 -20.36 -19.56 58.33
C GLN F 578 -20.69 -19.09 56.92
N ILE F 579 -19.64 -18.72 56.18
CA ILE F 579 -19.73 -18.48 54.74
C ILE F 579 -18.61 -19.31 54.12
N MET F 580 -18.95 -20.23 53.22
CA MET F 580 -17.94 -21.11 52.62
C MET F 580 -17.66 -20.77 51.17
N PHE F 581 -16.38 -20.57 50.86
CA PHE F 581 -15.94 -20.29 49.50
C PHE F 581 -15.19 -21.50 48.94
N LEU F 582 -15.53 -21.85 47.71
CA LEU F 582 -15.03 -23.06 47.06
C LEU F 582 -13.90 -22.76 46.08
N PHE F 583 -12.67 -23.08 46.48
CA PHE F 583 -11.52 -22.95 45.60
C PHE F 583 -11.43 -24.18 44.71
N SER F 584 -11.34 -23.95 43.40
CA SER F 584 -11.28 -25.04 42.43
C SER F 584 -10.12 -24.83 41.45
N MET F 585 -9.95 -25.79 40.54
CA MET F 585 -8.93 -25.67 39.51
C MET F 585 -9.29 -24.63 38.44
N GLY F 586 -10.57 -24.26 38.38
CA GLY F 586 -11.02 -23.20 37.49
C GLY F 586 -10.65 -21.80 37.94
N VAL F 587 -10.27 -21.66 39.21
CA VAL F 587 -9.90 -20.36 39.78
C VAL F 587 -8.57 -19.87 39.21
N THR F 588 -8.57 -18.61 38.77
CA THR F 588 -7.36 -17.94 38.29
C THR F 588 -6.53 -17.42 39.45
N ARG F 589 -5.23 -17.30 39.23
CA ARG F 589 -4.27 -16.98 40.29
C ARG F 589 -4.40 -15.54 40.80
N GLY F 590 -4.69 -15.40 42.09
CA GLY F 590 -4.77 -14.10 42.76
C GLY F 590 -6.17 -13.52 42.90
N LYS F 591 -7.18 -14.25 42.40
CA LYS F 591 -8.56 -13.77 42.38
C LYS F 591 -9.20 -13.66 43.78
N TRP F 592 -8.64 -14.36 44.76
CA TRP F 592 -9.13 -14.26 46.14
C TRP F 592 -9.07 -12.84 46.69
N GLY F 593 -8.18 -12.01 46.16
CA GLY F 593 -8.11 -10.59 46.53
C GLY F 593 -9.43 -9.84 46.42
N THR F 594 -10.24 -10.25 45.45
CA THR F 594 -11.59 -9.69 45.26
C THR F 594 -12.53 -10.03 46.41
N LEU F 595 -12.46 -11.27 46.91
CA LEU F 595 -13.23 -11.69 48.08
C LEU F 595 -12.93 -10.82 49.29
N ILE F 596 -11.65 -10.55 49.52
CA ILE F 596 -11.22 -9.71 50.63
C ILE F 596 -11.73 -8.28 50.42
N ASN F 597 -11.50 -7.76 49.21
CA ASN F 597 -11.91 -6.39 48.86
C ASN F 597 -13.40 -6.14 49.11
N THR F 598 -14.23 -7.13 48.82
CA THR F 598 -15.68 -7.03 49.03
C THR F 598 -16.04 -7.17 50.51
N LEU F 599 -15.40 -8.12 51.18
CA LEU F 599 -15.59 -8.32 52.63
C LEU F 599 -15.19 -7.07 53.43
N CME F 600 -14.16 -6.38 52.99
CA CME F 600 -13.72 -5.15 53.64
CB CME F 600 -12.34 -4.72 53.12
SG CME F 600 -11.13 -5.85 53.72
SD CME F 600 -10.38 -4.80 55.25
CE CME F 600 -9.26 -3.74 54.39
CZ CME F 600 -9.36 -2.32 54.94
OH CME F 600 -9.65 -1.40 53.88
C CME F 600 -14.70 -4.04 53.40
O CME F 600 -15.06 -3.31 54.33
N SER F 601 -15.15 -3.90 52.16
CA SER F 601 -16.14 -2.87 51.81
C SER F 601 -17.47 -3.10 52.54
N PHE F 602 -17.78 -4.37 52.86
CA PHE F 602 -18.92 -4.68 53.71
C PHE F 602 -18.71 -4.13 55.11
N LYS F 603 -17.58 -4.49 55.71
CA LYS F 603 -17.24 -4.04 57.06
C LYS F 603 -17.34 -2.51 57.18
N HIS F 604 -16.78 -1.81 56.20
CA HIS F 604 -16.83 -0.34 56.17
C HIS F 604 -18.28 0.17 56.26
N HIS F 605 -19.16 -0.41 55.46
CA HIS F 605 -20.57 -0.03 55.48
C HIS F 605 -21.29 -0.46 56.75
N TYR F 606 -20.90 -1.60 57.31
CA TYR F 606 -21.47 -2.09 58.55
C TYR F 606 -21.13 -1.15 59.70
N ASP F 607 -19.85 -0.80 59.82
CA ASP F 607 -19.39 0.15 60.85
C ASP F 607 -20.04 1.52 60.68
N ALA F 608 -20.18 1.96 59.43
CA ALA F 608 -20.80 3.25 59.12
C ALA F 608 -22.33 3.21 59.23
N ASN F 609 -22.90 2.01 59.24
CA ASN F 609 -24.36 1.81 59.27
C ASN F 609 -25.08 2.51 58.10
N THR F 610 -24.48 2.45 56.92
CA THR F 610 -25.05 3.14 55.76
C THR F 610 -26.46 2.61 55.49
N PRO F 611 -27.39 3.52 55.10
CA PRO F 611 -28.79 3.15 54.87
C PRO F 611 -28.98 2.01 53.88
N LEU F 612 -29.96 1.14 54.14
CA LEU F 612 -30.27 0.04 53.23
C LEU F 612 -30.71 0.54 51.86
N ALA F 613 -31.30 1.72 51.81
CA ALA F 613 -31.66 2.38 50.55
C ALA F 613 -30.48 2.42 49.56
N GLN F 614 -29.26 2.67 50.09
CA GLN F 614 -28.05 2.68 49.26
C GLN F 614 -27.48 1.29 49.04
N VAL F 615 -27.18 0.59 50.13
CA VAL F 615 -26.44 -0.67 50.09
C VAL F 615 -27.25 -1.85 49.57
N MET F 616 -28.55 -1.87 49.87
CA MET F 616 -29.43 -2.96 49.46
C MET F 616 -30.77 -2.40 48.96
N PRO F 617 -30.76 -1.71 47.81
CA PRO F 617 -31.97 -1.03 47.34
C PRO F 617 -33.09 -1.99 46.96
N GLU F 618 -32.72 -3.08 46.26
CA GLU F 618 -33.67 -4.11 45.84
C GLU F 618 -34.59 -4.59 46.97
N LEU F 619 -34.03 -4.64 48.18
CA LEU F 619 -34.74 -5.11 49.35
C LEU F 619 -35.76 -4.11 49.88
N VAL F 620 -35.36 -2.84 49.96
CA VAL F 620 -36.22 -1.78 50.51
C VAL F 620 -37.42 -1.54 49.59
N GLN F 621 -37.15 -1.56 48.29
CA GLN F 621 -38.18 -1.45 47.26
C GLN F 621 -39.24 -2.56 47.40
N ASP F 622 -38.77 -3.77 47.68
CA ASP F 622 -39.66 -4.94 47.86
C ASP F 622 -40.50 -4.88 49.13
N TYR F 623 -39.85 -4.60 50.25
CA TYR F 623 -40.51 -4.62 51.57
C TYR F 623 -40.25 -3.32 52.33
N PRO F 624 -40.86 -2.21 51.89
CA PRO F 624 -40.58 -0.90 52.49
C PRO F 624 -41.00 -0.82 53.95
N ASP F 625 -42.15 -1.41 54.28
CA ASP F 625 -42.69 -1.39 55.63
C ASP F 625 -41.67 -1.92 56.65
N THR F 626 -41.03 -3.03 56.32
CA THR F 626 -40.12 -3.71 57.25
C THR F 626 -38.78 -3.00 57.39
N TYR F 627 -38.18 -2.62 56.26
CA TYR F 627 -36.82 -2.06 56.24
C TYR F 627 -36.80 -0.54 56.01
N ALA F 628 -37.81 0.16 56.51
CA ALA F 628 -37.89 1.62 56.36
C ALA F 628 -36.88 2.32 57.26
N ASN F 629 -36.38 3.45 56.80
CA ASN F 629 -35.43 4.29 57.56
C ASN F 629 -34.45 3.50 58.43
N MET F 630 -33.90 2.42 57.85
CA MET F 630 -32.96 1.53 58.54
C MET F 630 -31.58 1.61 57.90
N GLY F 631 -30.58 1.14 58.65
CA GLY F 631 -29.22 0.98 58.15
C GLY F 631 -28.78 -0.48 58.21
N ILE F 632 -27.67 -0.78 57.55
CA ILE F 632 -27.17 -2.16 57.48
C ILE F 632 -26.80 -2.74 58.86
N HIS F 633 -26.27 -1.90 59.74
CA HIS F 633 -25.93 -2.31 61.12
C HIS F 633 -27.20 -2.58 61.94
N ASP F 634 -28.18 -1.71 61.78
CA ASP F 634 -29.47 -1.86 62.48
C ASP F 634 -30.09 -3.22 62.21
N LEU F 635 -30.07 -3.64 60.96
CA LEU F 635 -30.62 -4.94 60.57
C LEU F 635 -29.80 -6.08 61.18
N GLY F 636 -28.48 -5.95 61.10
CA GLY F 636 -27.56 -6.92 61.70
C GLY F 636 -27.87 -7.15 63.17
N ASP F 637 -28.03 -6.06 63.91
CA ASP F 637 -28.40 -6.13 65.33
C ASP F 637 -29.75 -6.78 65.53
N LYS F 638 -30.72 -6.41 64.69
CA LYS F 638 -32.06 -6.99 64.75
C LYS F 638 -32.05 -8.50 64.46
N MET F 639 -31.25 -8.89 63.48
CA MET F 639 -31.07 -10.31 63.15
C MET F 639 -30.35 -11.06 64.28
N PHE F 640 -29.28 -10.46 64.79
CA PHE F 640 -28.54 -11.06 65.89
C PHE F 640 -29.38 -11.14 67.17
N ALA F 641 -30.27 -10.17 67.35
CA ALA F 641 -31.20 -10.18 68.49
C ALA F 641 -32.14 -11.37 68.42
N TRP F 642 -32.75 -11.57 67.25
CA TRP F 642 -33.61 -12.73 66.98
C TRP F 642 -32.87 -14.05 67.26
N LEU F 643 -31.61 -14.11 66.85
CA LEU F 643 -30.77 -15.29 67.09
C LEU F 643 -30.66 -15.65 68.58
N ARG F 644 -30.41 -14.65 69.42
CA ARG F 644 -30.35 -14.87 70.88
C ARG F 644 -31.68 -15.39 71.40
N GLU F 645 -32.75 -14.69 71.05
CA GLU F 645 -34.09 -14.99 71.56
C GLU F 645 -34.58 -16.36 71.11
N ASN F 646 -34.62 -16.57 69.79
CA ASN F 646 -35.20 -17.79 69.21
C ASN F 646 -34.29 -19.01 69.32
N ASN F 647 -32.98 -18.78 69.37
CA ASN F 647 -32.00 -19.83 69.71
C ASN F 647 -32.02 -21.03 68.74
N PRO F 648 -31.82 -20.77 67.44
CA PRO F 648 -32.03 -21.79 66.40
C PRO F 648 -30.94 -22.85 66.33
N GLY F 649 -29.72 -22.50 66.71
CA GLY F 649 -28.60 -23.45 66.68
C GLY F 649 -28.83 -24.65 67.57
N ALA F 650 -29.39 -24.40 68.75
CA ALA F 650 -29.76 -25.45 69.68
C ALA F 650 -30.92 -26.29 69.13
N ARG F 651 -31.92 -25.61 68.58
CA ARG F 651 -33.08 -26.27 67.95
C ARG F 651 -32.66 -27.16 66.77
N LEU F 652 -31.64 -26.74 66.03
CA LEU F 652 -31.09 -27.54 64.94
C LEU F 652 -30.54 -28.85 65.50
N ASN F 653 -29.64 -28.75 66.47
CA ASN F 653 -29.05 -29.92 67.11
C ASN F 653 -30.10 -30.87 67.68
N ALA F 654 -31.12 -30.33 68.32
CA ALA F 654 -32.23 -31.14 68.84
C ALA F 654 -32.87 -31.99 67.73
N ALA F 655 -33.09 -31.39 66.57
CA ALA F 655 -33.73 -32.06 65.44
C ALA F 655 -32.83 -33.08 64.75
N TYR F 656 -31.52 -32.88 64.82
CA TYR F 656 -30.55 -33.76 64.13
C TYR F 656 -29.80 -34.73 65.05
N SER F 657 -29.68 -34.39 66.33
CA SER F 657 -29.02 -35.25 67.33
C SER F 657 -29.69 -36.62 67.42
N THR F 658 -31.01 -36.61 67.43
CA THR F 658 -31.81 -37.82 67.52
C THR F 658 -32.64 -37.93 66.26
N LEU F 659 -32.53 -39.06 65.57
CA LEU F 659 -33.25 -39.27 64.31
C LEU F 659 -34.74 -39.47 64.54
N PRO F 660 -35.57 -39.07 63.56
CA PRO F 660 -37.00 -39.35 63.64
C PRO F 660 -37.29 -40.84 63.46
N VAL F 661 -38.42 -41.30 63.98
CA VAL F 661 -38.77 -42.72 63.94
C VAL F 661 -39.19 -43.12 62.53
N ALA F 662 -38.52 -44.14 61.98
CA ALA F 662 -38.78 -44.62 60.62
C ALA F 662 -39.95 -45.59 60.61
N GLU F 663 -41.12 -45.09 60.19
CA GLU F 663 -42.37 -45.86 60.26
C GLU F 663 -42.54 -46.80 59.07
N ILE F 664 -42.28 -46.30 57.87
CA ILE F 664 -42.28 -47.13 56.66
C ILE F 664 -41.06 -46.84 55.79
N THR F 665 -40.83 -47.69 54.80
CA THR F 665 -39.67 -47.54 53.92
C THR F 665 -39.87 -46.35 53.00
N PRO F 666 -38.76 -45.74 52.52
CA PRO F 666 -38.87 -44.68 51.53
C PRO F 666 -39.64 -45.12 50.29
N ARG F 667 -39.48 -46.38 49.90
CA ARG F 667 -40.22 -46.93 48.77
C ARG F 667 -41.72 -46.94 49.03
N ASP F 668 -42.12 -47.49 50.18
CA ASP F 668 -43.53 -47.50 50.59
C ASP F 668 -44.10 -46.09 50.62
N ALA F 669 -43.32 -45.15 51.14
CA ALA F 669 -43.72 -43.75 51.20
C ALA F 669 -43.88 -43.15 49.81
N TYR F 670 -42.94 -43.44 48.91
CA TYR F 670 -43.07 -42.97 47.53
C TYR F 670 -44.29 -43.60 46.85
N ASN F 671 -44.52 -44.89 47.09
CA ASN F 671 -45.67 -45.58 46.51
C ASN F 671 -47.00 -44.98 46.94
N ALA F 672 -47.05 -44.37 48.12
CA ALA F 672 -48.21 -43.60 48.56
C ALA F 672 -48.50 -42.44 47.62
N ILE F 673 -47.44 -41.83 47.08
CA ILE F 673 -47.56 -40.75 46.10
C ILE F 673 -48.19 -41.26 44.80
N VAL F 674 -47.75 -42.44 44.37
CA VAL F 674 -48.24 -43.05 43.13
C VAL F 674 -49.71 -43.44 43.26
N ASN F 675 -50.07 -44.04 44.40
CA ASN F 675 -51.45 -44.45 44.68
C ASN F 675 -52.37 -43.29 45.07
N ASN F 676 -51.78 -42.12 45.29
CA ASN F 676 -52.51 -40.90 45.65
C ASN F 676 -53.03 -40.91 47.09
N ASN F 677 -52.31 -41.59 47.99
CA ASN F 677 -52.56 -41.51 49.43
C ASN F 677 -51.74 -40.36 49.97
N ILE F 678 -52.10 -39.16 49.54
CA ILE F 678 -51.24 -38.00 49.71
C ILE F 678 -52.05 -36.80 50.16
N GLU F 679 -51.40 -35.94 50.93
CA GLU F 679 -52.06 -34.83 51.58
C GLU F 679 -51.04 -33.75 51.90
N MET F 680 -51.33 -32.51 51.52
CA MET F 680 -50.44 -31.40 51.81
C MET F 680 -50.76 -30.89 53.22
N VAL F 681 -49.92 -31.26 54.18
CA VAL F 681 -50.15 -30.97 55.59
C VAL F 681 -49.36 -29.73 56.02
N ALA F 682 -50.05 -28.83 56.72
CA ALA F 682 -49.44 -27.61 57.22
C ALA F 682 -48.52 -27.90 58.42
N ILE F 683 -47.57 -27.01 58.64
CA ILE F 683 -46.53 -27.17 59.67
C ILE F 683 -47.08 -27.57 61.04
N GLU F 684 -48.16 -26.93 61.47
CA GLU F 684 -48.67 -27.11 62.84
C GLU F 684 -49.38 -28.45 63.04
N ASN F 685 -49.78 -29.10 61.95
CA ASN F 685 -50.44 -30.42 62.01
C ASN F 685 -49.53 -31.57 61.60
N LEU F 686 -48.23 -31.31 61.50
CA LEU F 686 -47.25 -32.34 61.13
C LEU F 686 -47.04 -33.44 62.17
N PRO F 687 -47.13 -33.11 63.47
CA PRO F 687 -46.88 -34.13 64.49
C PRO F 687 -47.68 -35.41 64.26
N GLY F 688 -47.00 -36.55 64.36
CA GLY F 688 -47.62 -37.86 64.17
C GLY F 688 -47.85 -38.27 62.72
N ARG F 689 -47.42 -37.45 61.78
CA ARG F 689 -47.65 -37.73 60.35
C ARG F 689 -46.38 -38.25 59.69
N ILE F 690 -46.57 -39.04 58.64
CA ILE F 690 -45.46 -39.62 57.88
C ILE F 690 -45.15 -38.78 56.65
N ALA F 691 -43.87 -38.47 56.46
CA ALA F 691 -43.41 -37.68 55.33
C ALA F 691 -43.43 -38.53 54.06
N ALA F 692 -44.03 -37.99 53.00
CA ALA F 692 -44.09 -38.67 51.70
C ALA F 692 -42.79 -38.47 50.93
N ASN F 693 -42.23 -37.28 51.04
CA ASN F 693 -40.93 -36.96 50.46
C ASN F 693 -39.94 -36.55 51.54
N SER F 694 -38.65 -36.55 51.21
CA SER F 694 -37.62 -36.12 52.14
C SER F 694 -37.76 -34.63 52.44
N VAL F 695 -37.32 -34.23 53.63
CA VAL F 695 -37.33 -32.82 54.03
C VAL F 695 -35.92 -32.39 54.40
N ILE F 696 -35.38 -31.44 53.63
CA ILE F 696 -34.00 -30.99 53.79
C ILE F 696 -33.96 -29.47 53.98
N PRO F 697 -33.82 -29.01 55.24
CA PRO F 697 -33.66 -27.59 55.49
C PRO F 697 -32.21 -27.12 55.35
N TYR F 698 -32.04 -25.86 54.94
CA TYR F 698 -30.72 -25.23 54.83
C TYR F 698 -30.68 -24.01 55.74
N PRO F 699 -29.83 -24.03 56.79
CA PRO F 699 -28.94 -25.11 57.19
C PRO F 699 -29.71 -26.25 57.87
N PRO F 700 -29.06 -27.40 58.11
CA PRO F 700 -27.67 -27.75 57.79
C PRO F 700 -27.46 -28.26 56.36
N GLY F 701 -28.54 -28.46 55.62
CA GLY F 701 -28.46 -28.91 54.22
C GLY F 701 -28.32 -30.41 54.05
N ILE F 702 -28.63 -31.18 55.09
CA ILE F 702 -28.74 -32.63 54.99
C ILE F 702 -30.11 -33.03 55.52
N PRO F 703 -30.61 -34.22 55.14
CA PRO F 703 -32.00 -34.55 55.42
C PRO F 703 -32.33 -34.61 56.91
N MET F 704 -33.34 -33.83 57.31
CA MET F 704 -33.88 -33.90 58.66
C MET F 704 -34.81 -35.10 58.73
N LEU F 705 -35.68 -35.21 57.73
CA LEU F 705 -36.50 -36.40 57.51
C LEU F 705 -36.28 -36.94 56.11
N LEU F 706 -36.30 -38.27 56.00
CA LEU F 706 -36.39 -38.94 54.70
C LEU F 706 -37.81 -39.45 54.49
N SER F 707 -38.08 -39.97 53.30
CA SER F 707 -39.38 -40.55 52.97
C SER F 707 -39.72 -41.70 53.92
N GLY F 708 -40.94 -41.68 54.45
CA GLY F 708 -41.44 -42.76 55.30
C GLY F 708 -41.12 -42.62 56.78
N GLU F 709 -40.56 -41.48 57.17
CA GLU F 709 -40.24 -41.22 58.58
C GLU F 709 -41.31 -40.32 59.20
N ASN F 710 -41.48 -40.45 60.51
CA ASN F 710 -42.53 -39.73 61.24
C ASN F 710 -42.00 -38.47 61.90
N PHE F 711 -42.76 -37.38 61.78
CA PHE F 711 -42.37 -36.08 62.36
C PHE F 711 -42.33 -36.11 63.89
N GLY F 712 -43.14 -36.99 64.49
CA GLY F 712 -43.02 -37.33 65.92
C GLY F 712 -44.06 -36.72 66.84
N ASP F 713 -43.65 -36.50 68.09
CA ASP F 713 -44.53 -36.00 69.17
C ASP F 713 -45.10 -34.62 68.89
N GLU F 714 -46.07 -34.22 69.71
CA GLU F 714 -46.63 -32.86 69.68
C GLU F 714 -45.54 -31.84 69.94
N ASN F 715 -44.61 -32.21 70.82
CA ASN F 715 -43.46 -31.37 71.13
C ASN F 715 -42.19 -31.95 70.47
N SER F 716 -42.25 -32.08 69.15
CA SER F 716 -41.18 -32.67 68.35
C SER F 716 -40.10 -31.65 67.98
N PRO F 717 -38.82 -32.06 68.05
CA PRO F 717 -37.72 -31.14 67.74
C PRO F 717 -37.62 -30.82 66.25
N GLN F 718 -38.02 -31.77 65.41
CA GLN F 718 -37.98 -31.60 63.95
C GLN F 718 -39.00 -30.56 63.50
N VAL F 719 -40.24 -30.72 63.94
CA VAL F 719 -41.30 -29.76 63.67
C VAL F 719 -40.94 -28.44 64.32
N GLY F 720 -40.28 -28.53 65.47
CA GLY F 720 -39.78 -27.36 66.19
C GLY F 720 -38.82 -26.55 65.36
N TYR F 721 -37.79 -27.21 64.81
CA TYR F 721 -36.78 -26.53 64.00
C TYR F 721 -37.41 -25.86 62.79
N LEU F 722 -38.41 -26.51 62.19
CA LEU F 722 -39.16 -25.93 61.08
C LEU F 722 -39.92 -24.66 61.48
N ARG F 723 -40.50 -24.66 62.68
CA ARG F 723 -41.23 -23.50 63.20
C ARG F 723 -40.30 -22.28 63.32
N SER F 724 -39.09 -22.50 63.82
CA SER F 724 -38.11 -21.42 63.99
C SER F 724 -37.62 -20.89 62.65
N LEU F 725 -37.41 -21.80 61.70
CA LEU F 725 -37.08 -21.43 60.32
C LEU F 725 -38.16 -20.56 59.68
N GLN F 726 -39.42 -20.92 59.92
CA GLN F 726 -40.55 -20.12 59.45
C GLN F 726 -40.63 -18.77 60.15
N SER F 727 -40.39 -18.77 61.46
CA SER F 727 -40.38 -17.54 62.25
C SER F 727 -39.34 -16.55 61.72
N TRP F 728 -38.15 -17.06 61.36
CA TRP F 728 -37.12 -16.24 60.74
C TRP F 728 -37.62 -15.63 59.43
N ASP F 729 -38.21 -16.47 58.58
CA ASP F 729 -38.71 -16.01 57.28
C ASP F 729 -39.68 -14.85 57.43
N HIS F 730 -40.61 -14.97 58.37
CA HIS F 730 -41.62 -13.95 58.60
C HIS F 730 -41.01 -12.66 59.16
N HIS F 731 -40.04 -12.78 60.07
CA HIS F 731 -39.35 -11.62 60.66
C HIS F 731 -38.47 -10.88 59.67
N PHE F 732 -37.82 -11.62 58.76
CA PHE F 732 -36.86 -11.04 57.82
C PHE F 732 -37.17 -11.43 56.39
N PRO F 733 -38.13 -10.73 55.75
CA PRO F 733 -38.44 -10.96 54.34
C PRO F 733 -37.25 -10.64 53.44
N GLY F 734 -37.13 -11.41 52.36
CA GLY F 734 -35.96 -11.32 51.46
C GLY F 734 -34.77 -12.15 51.92
N PHE F 735 -34.83 -12.68 53.14
CA PHE F 735 -33.78 -13.55 53.69
C PHE F 735 -34.36 -14.93 54.06
N GLU F 736 -35.30 -15.41 53.26
CA GLU F 736 -36.01 -16.65 53.56
C GLU F 736 -35.10 -17.86 53.38
N HIS F 737 -35.26 -18.86 54.25
CA HIS F 737 -34.51 -20.10 54.18
C HIS F 737 -35.02 -20.99 53.04
N GLU F 738 -34.10 -21.59 52.30
CA GLU F 738 -34.45 -22.59 51.29
C GLU F 738 -34.63 -23.93 52.00
N THR F 739 -35.72 -24.62 51.69
CA THR F 739 -36.01 -25.93 52.27
C THR F 739 -36.63 -26.85 51.20
N GLU F 740 -35.87 -27.85 50.79
CA GLU F 740 -36.35 -28.85 49.83
C GLU F 740 -37.30 -29.80 50.54
N GLY F 741 -38.34 -30.24 49.81
CA GLY F 741 -39.41 -31.07 50.37
C GLY F 741 -40.54 -30.27 51.01
N THR F 742 -40.47 -28.96 50.87
CA THR F 742 -41.43 -28.04 51.50
C THR F 742 -42.02 -27.11 50.46
N GLU F 743 -43.35 -27.00 50.48
CA GLU F 743 -44.08 -26.01 49.68
C GLU F 743 -44.67 -24.96 50.61
N ILE F 744 -44.39 -23.69 50.35
CA ILE F 744 -44.93 -22.59 51.15
C ILE F 744 -46.26 -22.11 50.57
N ILE F 745 -47.36 -22.49 51.24
CA ILE F 745 -48.71 -22.17 50.76
C ILE F 745 -49.34 -21.10 51.66
N TYR F 749 -45.65 -22.83 55.70
CA TYR F 749 -44.92 -24.07 55.46
C TYR F 749 -45.87 -25.27 55.40
N HIS F 750 -45.85 -25.98 54.27
CA HIS F 750 -46.55 -27.26 54.14
C HIS F 750 -45.57 -28.37 53.71
N VAL F 751 -45.91 -29.60 54.06
CA VAL F 751 -45.15 -30.78 53.63
C VAL F 751 -46.09 -31.89 53.19
N MET F 752 -45.77 -32.51 52.06
CA MET F 752 -46.56 -33.61 51.52
C MET F 752 -46.44 -34.82 52.44
N CYS F 753 -47.57 -35.31 52.93
CA CYS F 753 -47.60 -36.44 53.86
C CYS F 753 -48.52 -37.57 53.40
N VAL F 754 -48.32 -38.73 53.99
CA VAL F 754 -49.15 -39.90 53.75
C VAL F 754 -50.52 -39.69 54.41
N LYS F 755 -51.56 -40.32 53.86
CA LYS F 755 -52.89 -40.26 54.44
C LYS F 755 -53.09 -41.35 55.49
N MET G 1 -15.56 3.65 25.09
CA MET G 1 -14.46 2.63 25.01
C MET G 1 -13.56 2.72 26.25
N MET G 2 -13.08 1.56 26.69
CA MET G 2 -12.37 1.46 27.97
C MET G 2 -10.87 1.77 27.87
N LYS G 3 -10.31 2.24 28.99
CA LYS G 3 -8.98 2.83 29.03
C LYS G 3 -8.20 2.43 30.28
N VAL G 4 -7.00 1.88 30.08
CA VAL G 4 -6.16 1.40 31.18
C VAL G 4 -4.82 2.11 31.19
N LEU G 5 -4.39 2.57 32.37
CA LEU G 5 -3.05 3.13 32.56
C LEU G 5 -2.18 2.09 33.26
N ILE G 6 -1.13 1.65 32.58
CA ILE G 6 -0.14 0.73 33.16
C ILE G 6 1.13 1.48 33.51
N VAL G 7 1.52 1.44 34.77
CA VAL G 7 2.72 2.14 35.24
C VAL G 7 3.81 1.12 35.58
N GLU G 8 4.81 1.02 34.71
CA GLU G 8 5.97 0.17 34.99
C GLU G 8 6.90 0.86 35.97
N SER G 9 7.09 0.25 37.14
CA SER G 9 7.95 0.81 38.18
C SER G 9 9.37 1.02 37.69
N GLU G 10 9.99 2.11 38.14
CA GLU G 10 11.36 2.46 37.77
C GLU G 10 12.33 1.47 38.41
N PHE G 11 11.90 0.89 39.52
CA PHE G 11 12.76 0.03 40.34
C PHE G 11 12.87 -1.40 39.79
N LEU G 12 12.07 -1.72 38.77
CA LEU G 12 12.09 -3.05 38.15
C LEU G 12 12.50 -3.07 36.67
N HIS G 13 12.90 -1.93 36.11
CA HIS G 13 13.44 -1.90 34.74
C HIS G 13 14.71 -2.75 34.67
N GLN G 14 15.46 -2.74 35.77
CA GLN G 14 16.63 -3.62 35.96
C GLN G 14 16.32 -5.07 35.55
N ASP G 15 15.13 -5.53 35.92
CA ASP G 15 14.65 -6.87 35.58
C ASP G 15 13.80 -6.85 34.31
N THR G 16 14.44 -7.13 33.16
CA THR G 16 13.81 -6.93 31.84
C THR G 16 12.63 -7.88 31.53
N TRP G 17 12.60 -9.02 32.21
CA TRP G 17 11.52 -10.02 32.04
C TRP G 17 10.18 -9.57 32.62
N VAL G 18 10.20 -8.60 33.53
CA VAL G 18 8.98 -7.98 34.06
C VAL G 18 8.33 -7.15 32.97
N GLY G 19 9.11 -6.26 32.36
CA GLY G 19 8.64 -5.45 31.23
C GLY G 19 8.07 -6.29 30.09
N ASN G 20 8.70 -7.43 29.82
CA ASN G 20 8.18 -8.37 28.83
C ASN G 20 6.81 -8.91 29.21
N ALA G 21 6.64 -9.27 30.48
CA ALA G 21 5.37 -9.77 30.99
C ALA G 21 4.26 -8.72 30.92
N VAL G 22 4.62 -7.47 31.24
CA VAL G 22 3.71 -6.33 31.13
C VAL G 22 3.29 -6.12 29.67
N GLU G 23 4.26 -6.27 28.75
CA GLU G 23 3.99 -6.15 27.32
C GLU G 23 3.01 -7.22 26.82
N ARG G 24 3.20 -8.45 27.30
CA ARG G 24 2.26 -9.54 27.01
C ARG G 24 0.85 -9.21 27.48
N LEU G 25 0.76 -8.57 28.65
CA LEU G 25 -0.52 -8.15 29.24
C LEU G 25 -1.13 -7.02 28.42
N ALA G 26 -0.36 -5.96 28.20
CA ALA G 26 -0.80 -4.83 27.38
C ALA G 26 -1.39 -5.31 26.06
N ASP G 27 -0.74 -6.33 25.49
CA ASP G 27 -1.18 -6.96 24.25
C ASP G 27 -2.55 -7.63 24.42
N ALA G 28 -2.70 -8.41 25.50
CA ALA G 28 -3.95 -9.11 25.81
C ALA G 28 -5.13 -8.15 25.98
N LEU G 29 -4.86 -7.00 26.60
CA LEU G 29 -5.89 -5.97 26.79
C LEU G 29 -6.29 -5.36 25.45
N SER G 30 -5.29 -5.01 24.64
CA SER G 30 -5.53 -4.47 23.28
C SER G 30 -6.38 -5.41 22.44
N GLN G 31 -6.14 -6.70 22.58
CA GLN G 31 -6.91 -7.73 21.87
C GLN G 31 -8.37 -7.79 22.31
N GLN G 32 -8.66 -7.32 23.52
CA GLN G 32 -10.05 -7.21 23.99
C GLN G 32 -10.62 -5.78 23.81
N ASN G 33 -10.10 -5.07 22.80
CA ASN G 33 -10.55 -3.73 22.44
C ASN G 33 -10.44 -2.72 23.59
N VAL G 34 -9.30 -2.73 24.26
CA VAL G 34 -9.04 -1.84 25.39
C VAL G 34 -7.85 -0.94 25.05
N THR G 35 -8.04 0.37 25.21
CA THR G 35 -6.96 1.34 25.01
C THR G 35 -6.00 1.27 26.17
N VAL G 36 -4.73 0.98 25.88
CA VAL G 36 -3.70 0.89 26.90
C VAL G 36 -2.79 2.12 26.82
N ILE G 37 -2.54 2.74 27.96
CA ILE G 37 -1.57 3.82 28.08
C ILE G 37 -0.40 3.29 28.91
N LYS G 38 0.73 3.05 28.26
CA LYS G 38 1.93 2.62 28.98
C LYS G 38 2.69 3.81 29.54
N SER G 39 3.25 3.63 30.74
CA SER G 39 4.01 4.65 31.43
C SER G 39 5.20 4.00 32.12
N THR G 40 6.35 4.65 32.05
CA THR G 40 7.63 4.06 32.48
C THR G 40 8.20 4.62 33.78
N SER G 41 7.45 5.48 34.47
CA SER G 41 7.86 5.95 35.79
C SER G 41 6.65 6.38 36.60
N PHE G 42 6.75 6.22 37.92
CA PHE G 42 5.72 6.72 38.82
C PHE G 42 5.52 8.21 38.63
N ASP G 43 6.61 8.91 38.35
CA ASP G 43 6.56 10.34 38.07
C ASP G 43 5.72 10.63 36.82
N ASP G 44 5.94 9.86 35.76
CA ASP G 44 5.18 10.01 34.51
C ASP G 44 3.72 9.67 34.71
N GLY G 45 3.47 8.55 35.40
CA GLY G 45 2.10 8.15 35.72
C GLY G 45 1.39 9.18 36.58
N TYR G 46 2.13 9.71 37.56
CA TYR G 46 1.61 10.78 38.43
C TYR G 46 1.24 12.02 37.62
N ALA G 47 2.08 12.35 36.64
CA ALA G 47 1.86 13.52 35.78
C ALA G 47 0.67 13.34 34.83
N ILE G 48 0.45 12.11 34.36
CA ILE G 48 -0.70 11.79 33.49
C ILE G 48 -1.99 11.95 34.28
N LEU G 49 -2.00 11.42 35.49
CA LEU G 49 -3.14 11.56 36.41
C LEU G 49 -3.29 13.00 36.91
N SER G 50 -2.16 13.70 37.04
CA SER G 50 -2.14 15.12 37.43
C SER G 50 -2.76 16.02 36.37
N ALA G 51 -2.61 15.64 35.11
CA ALA G 51 -3.48 16.16 34.06
C ALA G 51 -4.85 15.58 34.37
N ASN G 52 -5.76 15.44 33.42
CA ASN G 52 -7.07 14.86 33.75
C ASN G 52 -7.41 13.67 32.87
N GLU G 53 -6.38 12.87 32.58
CA GLU G 53 -6.55 11.67 31.77
C GLU G 53 -7.47 10.66 32.44
N ALA G 54 -8.70 10.60 31.93
CA ALA G 54 -9.72 9.73 32.49
C ALA G 54 -9.46 8.27 32.12
N ILE G 55 -9.10 7.48 33.13
CA ILE G 55 -8.89 6.05 32.99
C ILE G 55 -9.94 5.26 33.77
N ASP G 56 -10.13 4.01 33.35
CA ASP G 56 -11.08 3.11 34.00
C ASP G 56 -10.40 2.04 34.85
N CYS G 57 -9.07 1.98 34.81
CA CYS G 57 -8.31 1.03 35.61
C CYS G 57 -6.83 1.39 35.66
N LEU G 58 -6.25 1.35 36.84
CA LEU G 58 -4.81 1.59 37.02
C LEU G 58 -4.12 0.27 37.34
N MET G 59 -3.06 -0.03 36.62
CA MET G 59 -2.19 -1.16 36.93
C MET G 59 -0.78 -0.66 37.13
N PHE G 60 -0.05 -1.28 38.05
CA PHE G 60 1.33 -0.89 38.31
C PHE G 60 2.18 -2.05 38.83
N SER G 61 3.44 -2.10 38.40
CA SER G 61 4.43 -3.03 38.95
C SER G 61 5.02 -2.43 40.22
N TYR G 62 5.64 -3.27 41.05
CA TYR G 62 5.99 -2.88 42.42
C TYR G 62 7.01 -3.85 43.02
N GLN G 63 8.23 -3.36 43.22
CA GLN G 63 9.33 -4.17 43.78
C GLN G 63 9.16 -4.43 45.27
N MET G 64 8.68 -3.42 45.98
CA MET G 64 8.38 -3.48 47.43
C MET G 64 9.62 -3.66 48.31
N GLU G 65 10.72 -3.00 47.93
CA GLU G 65 11.94 -3.04 48.72
C GLU G 65 12.34 -1.65 49.17
N GLN G 66 12.59 -0.76 48.22
CA GLN G 66 12.98 0.61 48.52
C GLN G 66 11.80 1.39 49.14
N PRO G 67 12.05 2.20 50.19
CA PRO G 67 10.98 3.04 50.73
C PRO G 67 10.63 4.23 49.85
N ASP G 68 11.56 4.67 49.01
CA ASP G 68 11.29 5.72 48.03
C ASP G 68 10.17 5.28 47.07
N GLU G 69 10.13 3.99 46.79
CA GLU G 69 9.08 3.38 45.96
C GLU G 69 7.76 3.29 46.72
N HIS G 70 7.80 2.71 47.92
CA HIS G 70 6.61 2.59 48.76
C HIS G 70 5.84 3.91 48.79
N LEU G 71 6.58 5.01 48.96
CA LEU G 71 6.00 6.36 48.94
C LEU G 71 5.45 6.69 47.56
N SER G 72 6.28 6.53 46.53
CA SER G 72 5.86 6.83 45.15
C SER G 72 4.54 6.15 44.76
N VAL G 73 4.33 4.94 45.28
CA VAL G 73 3.07 4.22 45.08
C VAL G 73 1.92 4.91 45.80
N ARG G 74 2.12 5.27 47.07
CA ARG G 74 1.12 5.98 47.86
C ARG G 74 0.70 7.29 47.18
N GLN G 75 1.68 8.00 46.65
CA GLN G 75 1.44 9.27 45.95
C GLN G 75 0.61 9.06 44.69
N LEU G 76 1.00 8.06 43.89
CA LEU G 76 0.30 7.75 42.63
C LEU G 76 -1.16 7.38 42.83
N ILE G 77 -1.39 6.43 43.72
CA ILE G 77 -2.74 5.95 44.02
C ILE G 77 -3.57 7.02 44.73
N GLY G 78 -2.94 7.75 45.64
CA GLY G 78 -3.57 8.89 46.30
C GLY G 78 -4.03 9.91 45.27
N LYS G 79 -3.17 10.16 44.28
CA LYS G 79 -3.47 11.10 43.21
C LYS G 79 -4.64 10.66 42.36
N LEU G 80 -4.66 9.38 42.01
CA LEU G 80 -5.77 8.80 41.24
C LEU G 80 -7.11 9.07 41.92
N HIS G 81 -7.18 8.74 43.20
CA HIS G 81 -8.44 8.82 43.94
C HIS G 81 -8.91 10.23 44.34
N GLU G 82 -8.08 11.24 44.10
CA GLU G 82 -8.50 12.65 44.29
C GLU G 82 -9.76 12.96 43.48
N ARG G 83 -9.72 12.61 42.20
CA ARG G 83 -10.85 12.87 41.29
C ARG G 83 -11.42 11.63 40.63
N GLN G 84 -10.62 10.56 40.56
CA GLN G 84 -11.06 9.30 39.97
C GLN G 84 -11.22 8.30 41.11
N GLN G 85 -12.15 8.62 42.00
CA GLN G 85 -12.22 8.08 43.35
C GLN G 85 -12.33 6.55 43.47
N ASN G 86 -13.06 5.91 42.56
CA ASN G 86 -13.32 4.47 42.65
C ASN G 86 -12.73 3.63 41.53
N VAL G 87 -11.72 4.18 40.85
CA VAL G 87 -11.03 3.44 39.79
C VAL G 87 -10.32 2.24 40.41
N PRO G 88 -10.53 1.05 39.84
CA PRO G 88 -9.90 -0.15 40.40
C PRO G 88 -8.39 -0.16 40.18
N VAL G 89 -7.65 -0.41 41.25
CA VAL G 89 -6.20 -0.44 41.20
C VAL G 89 -5.70 -1.89 41.25
N PHE G 90 -5.04 -2.31 40.17
CA PHE G 90 -4.40 -3.62 40.06
C PHE G 90 -2.92 -3.56 40.44
N LEU G 91 -2.50 -4.43 41.35
CA LEU G 91 -1.09 -4.58 41.64
C LEU G 91 -0.51 -5.69 40.77
N LEU G 92 0.40 -5.32 39.88
CA LEU G 92 1.17 -6.28 39.08
C LEU G 92 2.45 -6.64 39.84
N GLY G 93 2.34 -7.59 40.76
CA GLY G 93 3.40 -7.81 41.75
C GLY G 93 3.93 -9.22 41.89
N ASP G 94 4.82 -9.39 42.86
CA ASP G 94 5.35 -10.69 43.25
C ASP G 94 4.45 -11.28 44.33
N ARG G 95 4.06 -12.53 44.13
CA ARG G 95 3.15 -13.22 45.06
C ARG G 95 3.67 -13.25 46.49
N GLU G 96 4.92 -13.69 46.65
CA GLU G 96 5.52 -13.86 47.97
C GLU G 96 5.65 -12.53 48.74
N LYS G 97 6.18 -11.50 48.09
CA LYS G 97 6.37 -10.19 48.74
C LYS G 97 5.05 -9.50 49.08
N ALA G 98 4.13 -9.47 48.12
CA ALA G 98 2.82 -8.85 48.33
C ALA G 98 2.06 -9.52 49.46
N THR G 99 2.02 -10.84 49.42
CA THR G 99 1.45 -11.67 50.48
C THR G 99 1.96 -11.28 51.87
N ALA G 100 3.27 -11.16 52.01
CA ALA G 100 3.91 -10.82 53.28
C ALA G 100 3.61 -9.39 53.74
N SER G 101 3.51 -8.46 52.80
CA SER G 101 3.20 -7.06 53.10
C SER G 101 1.73 -6.84 53.48
N LEU G 102 0.86 -7.74 53.00
CA LEU G 102 -0.60 -7.55 53.10
C LEU G 102 -1.10 -7.12 54.48
N ASP G 103 -1.60 -5.89 54.54
CA ASP G 103 -2.25 -5.34 55.73
C ASP G 103 -3.42 -4.44 55.30
N ARG G 104 -4.11 -3.84 56.27
CA ARG G 104 -5.21 -2.95 55.98
C ARG G 104 -4.80 -1.80 55.06
N ASP G 105 -3.63 -1.22 55.33
CA ASP G 105 -3.12 -0.08 54.56
C ASP G 105 -3.01 -0.40 53.07
N LEU G 106 -2.42 -1.54 52.76
CA LEU G 106 -2.24 -1.97 51.36
C LEU G 106 -3.56 -2.19 50.64
N LEU G 107 -4.53 -2.75 51.36
CA LEU G 107 -5.84 -3.06 50.76
C LEU G 107 -6.71 -1.82 50.52
N GLU G 108 -6.42 -0.72 51.20
CA GLU G 108 -7.06 0.57 50.90
C GLU G 108 -6.53 1.13 49.58
N LEU G 109 -5.24 0.94 49.35
CA LEU G 109 -4.60 1.33 48.08
C LEU G 109 -5.01 0.40 46.94
N VAL G 110 -4.59 -0.85 47.06
CA VAL G 110 -4.78 -1.85 46.00
C VAL G 110 -6.15 -2.52 46.13
N ASP G 111 -6.90 -2.51 45.04
CA ASP G 111 -8.23 -3.15 45.00
C ASP G 111 -8.12 -4.60 44.57
N GLU G 112 -7.11 -4.91 43.74
CA GLU G 112 -6.97 -6.28 43.21
C GLU G 112 -5.53 -6.69 42.90
N PHE G 113 -5.24 -7.97 43.07
CA PHE G 113 -3.90 -8.53 42.91
C PHE G 113 -3.77 -9.37 41.65
N ALA G 114 -2.71 -9.12 40.88
CA ALA G 114 -2.40 -9.90 39.69
C ALA G 114 -0.91 -10.21 39.70
N TRP G 115 -0.56 -11.49 39.78
CA TRP G 115 0.84 -11.86 39.91
C TRP G 115 1.42 -12.18 38.55
N ILE G 116 2.13 -11.19 38.03
CA ILE G 116 2.37 -11.05 36.59
C ILE G 116 3.39 -12.03 36.01
N LEU G 117 4.33 -12.48 36.83
CA LEU G 117 5.34 -13.46 36.39
C LEU G 117 4.90 -14.91 36.62
N GLU G 118 3.60 -15.10 36.87
CA GLU G 118 3.09 -16.39 37.37
C GLU G 118 1.66 -16.71 36.91
N ASP G 119 1.10 -15.90 36.01
CA ASP G 119 -0.31 -15.96 35.63
C ASP G 119 -0.48 -15.65 34.15
N THR G 120 -1.54 -16.20 33.55
CA THR G 120 -1.81 -15.98 32.12
C THR G 120 -2.26 -14.53 31.89
N ALA G 121 -1.69 -13.90 30.87
CA ALA G 121 -1.98 -12.50 30.55
C ALA G 121 -3.46 -12.27 30.27
N ASP G 122 -4.07 -13.20 29.52
CA ASP G 122 -5.49 -13.13 29.18
C ASP G 122 -6.42 -13.22 30.39
N PHE G 123 -6.03 -13.95 31.42
CA PHE G 123 -6.82 -14.00 32.66
C PHE G 123 -6.83 -12.67 33.37
N ILE G 124 -5.65 -12.05 33.52
CA ILE G 124 -5.56 -10.73 34.15
C ILE G 124 -6.35 -9.72 33.35
N ALA G 125 -6.16 -9.73 32.04
CA ALA G 125 -6.90 -8.86 31.12
C ALA G 125 -8.41 -8.98 31.35
N GLY G 126 -8.90 -10.21 31.41
CA GLY G 126 -10.30 -10.49 31.67
C GLY G 126 -10.79 -9.91 33.00
N ARG G 127 -10.00 -10.13 34.05
CA ARG G 127 -10.33 -9.59 35.38
C ARG G 127 -10.42 -8.07 35.36
N ALA G 128 -9.52 -7.44 34.59
CA ALA G 128 -9.50 -6.00 34.46
C ALA G 128 -10.76 -5.49 33.78
N VAL G 129 -11.08 -6.07 32.63
CA VAL G 129 -12.29 -5.72 31.88
C VAL G 129 -13.53 -5.83 32.77
N ALA G 130 -13.58 -6.88 33.57
CA ALA G 130 -14.67 -7.09 34.53
C ALA G 130 -14.72 -5.96 35.55
N ALA G 131 -13.56 -5.65 36.14
CA ALA G 131 -13.47 -4.59 37.14
C ALA G 131 -13.81 -3.21 36.57
N MET G 132 -13.41 -2.98 35.32
CA MET G 132 -13.71 -1.71 34.63
C MET G 132 -15.19 -1.59 34.32
N THR G 133 -15.83 -2.72 34.06
CA THR G 133 -17.26 -2.75 33.81
C THR G 133 -18.06 -2.41 35.08
N ARG G 134 -17.69 -2.96 36.22
CA ARG G 134 -18.39 -2.63 37.47
C ARG G 134 -18.17 -1.17 37.83
N TYR G 135 -16.94 -0.68 37.58
CA TYR G 135 -16.61 0.73 37.79
C TYR G 135 -17.52 1.64 36.98
N ARG G 136 -17.70 1.29 35.71
CA ARG G 136 -18.54 2.08 34.80
C ARG G 136 -20.01 2.11 35.22
N GLN G 137 -20.53 0.97 35.62
CA GLN G 137 -21.91 0.86 36.10
C GLN G 137 -22.17 1.66 37.39
N GLN G 138 -21.14 1.78 38.22
CA GLN G 138 -21.21 2.50 39.49
C GLN G 138 -20.96 4.02 39.34
N LEU G 139 -20.43 4.44 38.19
CA LEU G 139 -19.85 5.78 38.02
C LEU G 139 -20.85 6.93 38.03
N LEU G 140 -21.79 6.90 37.09
CA LEU G 140 -22.67 8.04 36.84
C LEU G 140 -23.74 8.23 37.92
N PRO G 141 -24.10 9.50 38.19
CA PRO G 141 -25.15 9.80 39.18
C PRO G 141 -26.55 9.45 38.67
N PRO G 142 -27.53 9.31 39.59
CA PRO G 142 -28.84 8.70 39.30
C PRO G 142 -29.53 9.16 38.02
N LEU G 143 -29.74 10.47 37.89
CA LEU G 143 -30.53 11.01 36.77
C LEU G 143 -29.82 10.87 35.45
N PHE G 144 -28.60 11.40 35.36
CA PHE G 144 -27.84 11.33 34.12
C PHE G 144 -27.60 9.89 33.70
N ASN G 145 -27.36 9.00 34.66
CA ASN G 145 -27.21 7.58 34.37
C ASN G 145 -28.47 6.98 33.73
N ALA G 146 -29.63 7.29 34.33
CA ALA G 146 -30.92 6.85 33.80
C ALA G 146 -31.13 7.33 32.37
N LEU G 147 -30.82 8.60 32.12
CA LEU G 147 -30.90 9.19 30.78
C LEU G 147 -30.02 8.48 29.73
N MET G 148 -29.09 7.64 30.19
CA MET G 148 -28.29 6.79 29.31
C MET G 148 -28.93 5.39 29.17
N LYS G 149 -30.07 5.35 28.50
CA LYS G 149 -30.78 4.10 28.21
C LYS G 149 -31.83 4.35 27.13
N GLN G 164 -38.97 15.73 16.86
CA GLN G 164 -39.08 14.51 17.66
C GLN G 164 -37.78 13.72 17.57
N GLY G 165 -36.92 13.92 18.58
CA GLY G 165 -35.58 13.35 18.60
C GLY G 165 -34.60 14.23 17.86
N GLY G 166 -34.98 15.50 17.63
CA GLY G 166 -34.18 16.44 16.85
C GLY G 166 -34.37 16.31 15.35
N VAL G 167 -35.35 15.50 14.95
CA VAL G 167 -35.58 15.18 13.53
C VAL G 167 -36.18 16.36 12.79
N GLY G 168 -37.15 17.02 13.42
CA GLY G 168 -37.85 18.16 12.79
C GLY G 168 -36.91 19.23 12.26
N PHE G 169 -35.82 19.47 13.00
CA PHE G 169 -34.84 20.48 12.62
C PHE G 169 -34.13 20.20 11.31
N THR G 170 -33.94 18.93 10.99
CA THR G 170 -33.15 18.52 9.83
C THR G 170 -33.81 18.83 8.48
N LYS G 171 -35.09 19.19 8.51
CA LYS G 171 -35.89 19.37 7.29
C LYS G 171 -35.62 20.72 6.60
N THR G 172 -35.03 21.66 7.33
CA THR G 172 -34.65 22.97 6.82
C THR G 172 -33.13 23.09 6.89
N PRO G 173 -32.51 23.82 5.95
CA PRO G 173 -31.04 23.98 6.00
C PRO G 173 -30.54 24.70 7.25
N SER G 174 -31.16 25.84 7.56
CA SER G 174 -30.84 26.58 8.79
C SER G 174 -31.06 25.74 10.04
N GLY G 175 -32.07 24.87 10.01
CA GLY G 175 -32.32 23.93 11.10
C GLY G 175 -31.29 22.81 11.19
N ARG G 176 -30.87 22.29 10.04
CA ARG G 176 -29.84 21.23 10.01
C ARG G 176 -28.50 21.74 10.54
N PHE G 177 -28.19 22.99 10.24
CA PHE G 177 -26.96 23.62 10.71
C PHE G 177 -26.99 23.77 12.23
N TYR G 178 -28.12 24.26 12.73
CA TYR G 178 -28.37 24.34 14.17
C TYR G 178 -28.28 22.95 14.83
N HIS G 179 -28.93 21.96 14.21
CA HIS G 179 -28.95 20.59 14.73
C HIS G 179 -27.56 20.00 14.84
N ASP G 180 -26.78 20.12 13.77
CA ASP G 180 -25.42 19.60 13.73
C ASP G 180 -24.47 20.33 14.67
N TYR G 181 -24.71 21.62 14.87
CA TYR G 181 -23.88 22.43 15.76
C TYR G 181 -24.03 22.00 17.22
N TYR G 182 -25.28 21.94 17.69
CA TYR G 182 -25.54 21.58 19.09
C TYR G 182 -25.53 20.08 19.33
N GLY G 183 -25.73 19.29 18.27
CA GLY G 183 -25.63 17.84 18.37
C GLY G 183 -26.96 17.17 18.66
N GLU G 184 -27.12 15.96 18.16
CA GLU G 184 -28.40 15.24 18.23
C GLU G 184 -28.83 14.85 19.65
N ASN G 185 -27.86 14.58 20.53
CA ASN G 185 -28.16 14.14 21.90
C ASN G 185 -28.91 15.16 22.75
N LEU G 186 -28.70 16.44 22.47
CA LEU G 186 -29.38 17.53 23.18
C LEU G 186 -30.90 17.47 23.02
N PHE G 187 -31.34 17.08 21.81
CA PHE G 187 -32.76 16.95 21.49
C PHE G 187 -33.27 15.60 21.96
N ARG G 188 -32.47 14.59 21.65
CA ARG G 188 -32.63 13.23 22.16
C ARG G 188 -32.95 13.17 23.65
N SER G 189 -32.56 14.22 24.38
CA SER G 189 -32.96 14.43 25.77
C SER G 189 -34.20 15.33 25.86
N ASP G 190 -35.36 14.79 25.49
CA ASP G 190 -36.65 15.46 25.63
C ASP G 190 -37.78 14.42 25.80
N MET G 191 -38.88 14.82 26.43
CA MET G 191 -40.01 13.90 26.63
C MET G 191 -41.27 14.66 27.08
N THR G 196 -41.73 7.75 32.04
CA THR G 196 -42.31 6.46 31.69
C THR G 196 -41.48 5.27 32.21
N THR G 197 -40.91 5.42 33.41
CA THR G 197 -39.95 4.49 34.04
C THR G 197 -38.85 5.30 34.72
N LEU G 198 -38.56 6.46 34.12
CA LEU G 198 -37.51 7.38 34.54
C LEU G 198 -37.99 8.39 35.60
N GLY G 199 -39.29 8.71 35.56
CA GLY G 199 -39.89 9.62 36.53
C GLY G 199 -40.04 11.04 35.99
N SER G 200 -40.74 11.87 36.74
CA SER G 200 -40.99 13.27 36.38
C SER G 200 -40.32 14.21 37.36
N LEU G 201 -39.89 15.38 36.87
CA LEU G 201 -39.26 16.38 37.73
C LEU G 201 -40.25 16.97 38.72
N LEU G 202 -41.35 17.50 38.19
CA LEU G 202 -42.35 18.20 39.01
C LEU G 202 -43.00 17.29 40.04
N ASP G 203 -43.12 16.01 39.71
CA ASP G 203 -43.63 15.00 40.65
C ASP G 203 -42.55 14.54 41.63
N HIS G 204 -41.29 14.71 41.24
CA HIS G 204 -40.13 14.34 42.06
C HIS G 204 -40.10 12.83 42.30
N THR G 205 -40.21 12.08 41.21
CA THR G 205 -40.34 10.63 41.24
C THR G 205 -39.23 9.99 40.43
N GLY G 206 -39.01 8.71 40.69
CA GLY G 206 -38.01 7.94 39.94
C GLY G 206 -36.59 8.48 40.10
N ALA G 207 -35.88 8.56 38.97
CA ALA G 207 -34.48 9.02 38.97
C ALA G 207 -34.36 10.51 39.29
N PHE G 208 -35.39 11.28 38.99
CA PHE G 208 -35.44 12.69 39.36
C PHE G 208 -35.46 12.81 40.87
N GLY G 209 -36.24 11.95 41.52
CA GLY G 209 -36.32 11.91 42.97
C GLY G 209 -35.02 11.43 43.58
N GLU G 210 -34.47 10.35 43.03
CA GLU G 210 -33.19 9.81 43.49
C GLU G 210 -32.05 10.84 43.39
N SER G 211 -32.05 11.63 42.31
CA SER G 211 -31.04 12.69 42.13
C SER G 211 -31.10 13.76 43.22
N GLU G 212 -32.31 14.15 43.58
CA GLU G 212 -32.52 15.17 44.61
C GLU G 212 -32.18 14.64 45.99
N LYS G 213 -32.62 13.43 46.30
CA LYS G 213 -32.27 12.72 47.53
C LYS G 213 -30.75 12.64 47.67
N ASN G 214 -30.08 12.36 46.56
CA ASN G 214 -28.63 12.31 46.48
C ASN G 214 -27.98 13.68 46.66
N ALA G 215 -28.52 14.69 45.98
CA ALA G 215 -28.03 16.06 46.09
C ALA G 215 -28.08 16.57 47.53
N ALA G 216 -29.16 16.24 48.22
CA ALA G 216 -29.33 16.58 49.63
C ALA G 216 -28.23 15.98 50.50
N ARG G 217 -27.90 14.71 50.25
CA ARG G 217 -26.83 14.03 50.96
C ARG G 217 -25.51 14.77 50.79
N VAL G 218 -25.16 15.05 49.55
CA VAL G 218 -23.88 15.67 49.20
C VAL G 218 -23.76 17.08 49.78
N PHE G 219 -24.79 17.89 49.58
CA PHE G 219 -24.78 19.29 50.01
C PHE G 219 -25.17 19.50 51.47
N GLY G 220 -25.51 18.43 52.17
CA GLY G 220 -25.75 18.47 53.62
C GLY G 220 -27.12 19.01 53.99
N ALA G 221 -28.13 18.63 53.21
CA ALA G 221 -29.49 19.12 53.40
C ALA G 221 -30.43 17.97 53.72
N ASP G 222 -31.56 18.28 54.35
CA ASP G 222 -32.60 17.29 54.64
C ASP G 222 -33.30 16.90 53.34
N ARG G 223 -33.61 17.91 52.52
CA ARG G 223 -34.12 17.68 51.17
C ARG G 223 -33.68 18.78 50.22
N SER G 224 -33.56 18.43 48.95
CA SER G 224 -33.14 19.36 47.90
C SER G 224 -34.17 19.40 46.79
N TRP G 225 -34.31 20.57 46.16
CA TRP G 225 -35.24 20.77 45.05
C TRP G 225 -34.49 21.26 43.82
N SER G 226 -34.45 20.41 42.78
CA SER G 226 -33.75 20.73 41.54
C SER G 226 -34.57 21.76 40.77
N VAL G 227 -33.95 22.87 40.41
CA VAL G 227 -34.65 23.99 39.79
C VAL G 227 -34.07 24.27 38.41
N VAL G 228 -34.94 24.64 37.48
CA VAL G 228 -34.58 24.80 36.07
C VAL G 228 -34.89 26.23 35.55
N VAL G 229 -35.20 27.14 36.48
CA VAL G 229 -35.49 28.53 36.17
C VAL G 229 -34.52 29.44 36.94
N GLY G 230 -33.34 28.91 37.25
CA GLY G 230 -32.29 29.67 37.93
C GLY G 230 -32.59 29.96 39.38
N THR G 231 -31.64 30.59 40.07
CA THR G 231 -31.83 31.02 41.46
C THR G 231 -32.95 32.06 41.57
N SER G 232 -33.22 32.77 40.47
CA SER G 232 -34.37 33.66 40.42
C SER G 232 -35.61 32.84 40.76
N GLY G 233 -35.82 31.76 40.01
CA GLY G 233 -36.93 30.85 40.25
C GLY G 233 -36.89 30.21 41.62
N SER G 234 -35.69 29.85 42.08
CA SER G 234 -35.51 29.28 43.40
C SER G 234 -35.93 30.24 44.51
N ASN G 235 -35.42 31.47 44.44
CA ASN G 235 -35.76 32.49 45.42
C ASN G 235 -37.26 32.77 45.48
N ARG G 236 -37.86 33.00 44.30
CA ARG G 236 -39.30 33.25 44.22
C ARG G 236 -40.09 32.09 44.83
N THR G 237 -39.64 30.87 44.59
CA THR G 237 -40.28 29.65 45.11
C THR G 237 -40.26 29.60 46.63
N ILE G 238 -39.09 29.83 47.23
CA ILE G 238 -38.94 29.80 48.68
C ILE G 238 -39.86 30.83 49.29
N MET G 239 -39.79 32.06 48.78
CA MET G 239 -40.61 33.17 49.25
C MET G 239 -42.11 32.89 49.16
N GLN G 240 -42.53 32.26 48.06
CA GLN G 240 -43.93 31.85 47.90
C GLN G 240 -44.43 30.93 49.02
N ALA G 241 -43.55 30.09 49.54
CA ALA G 241 -43.91 29.11 50.56
C ALA G 241 -43.87 29.66 51.99
N CYS G 242 -43.16 30.77 52.18
CA CYS G 242 -42.82 31.27 53.51
C CYS G 242 -43.59 32.51 53.96
N MET G 243 -44.44 33.07 53.12
CA MET G 243 -45.13 34.32 53.48
C MET G 243 -46.38 34.63 52.66
N THR G 244 -47.27 35.40 53.28
CA THR G 244 -48.43 36.00 52.62
C THR G 244 -48.35 37.50 52.83
N ASP G 245 -49.33 38.23 52.30
CA ASP G 245 -49.37 39.69 52.50
C ASP G 245 -49.61 40.13 53.96
N ASN G 246 -50.06 39.21 54.80
CA ASN G 246 -50.23 39.48 56.24
C ASN G 246 -48.93 39.42 57.04
N ASP G 247 -47.87 38.89 56.43
CA ASP G 247 -46.59 38.65 57.12
C ASP G 247 -45.60 39.81 57.06
N VAL G 248 -44.75 39.86 58.07
CA VAL G 248 -43.59 40.75 58.09
C VAL G 248 -42.39 39.90 57.71
N VAL G 249 -41.46 40.49 56.98
CA VAL G 249 -40.25 39.79 56.54
C VAL G 249 -39.00 40.66 56.69
N VAL G 250 -37.89 40.02 57.03
CA VAL G 250 -36.62 40.70 57.29
C VAL G 250 -35.65 40.43 56.16
N LEU G 251 -35.28 41.48 55.43
CA LEU G 251 -34.53 41.34 54.19
C LEU G 251 -33.15 41.98 54.24
N ASP G 252 -32.15 41.23 53.80
CA ASP G 252 -30.86 41.80 53.46
C ASP G 252 -31.09 42.85 52.38
N ARG G 253 -30.67 44.08 52.65
CA ARG G 253 -30.80 45.16 51.67
C ARG G 253 -30.05 44.81 50.39
N ASN G 254 -28.89 44.17 50.57
CA ASN G 254 -28.15 43.57 49.46
C ASN G 254 -28.83 42.27 49.03
N CYS G 255 -29.83 42.40 48.15
CA CYS G 255 -30.61 41.26 47.70
C CYS G 255 -30.72 41.21 46.18
N HIS G 256 -30.92 40.00 45.67
CA HIS G 256 -31.16 39.74 44.25
C HIS G 256 -32.46 40.45 43.82
N LYS G 257 -32.50 40.88 42.56
CA LYS G 257 -33.74 41.37 41.95
C LYS G 257 -34.92 40.42 42.21
N SER G 258 -34.65 39.12 42.19
CA SER G 258 -35.66 38.08 42.38
C SER G 258 -36.27 38.05 43.78
N ILE G 259 -35.55 38.60 44.76
CA ILE G 259 -36.06 38.70 46.13
C ILE G 259 -37.11 39.80 46.24
N GLU G 260 -36.91 40.91 45.52
CA GLU G 260 -37.95 41.93 45.40
C GLU G 260 -39.16 41.37 44.67
N GLN G 261 -38.90 40.61 43.60
CA GLN G 261 -39.97 39.96 42.83
C GLN G 261 -40.88 39.13 43.72
N GLY G 262 -40.31 38.41 44.66
CA GLY G 262 -41.08 37.65 45.65
C GLY G 262 -41.96 38.55 46.51
N LEU G 263 -41.39 39.67 46.96
CA LEU G 263 -42.14 40.69 47.67
C LEU G 263 -43.39 41.18 46.92
N ILE G 264 -43.25 41.35 45.61
CA ILE G 264 -44.34 41.85 44.77
C ILE G 264 -45.41 40.78 44.58
N LEU G 265 -44.99 39.53 44.38
CA LEU G 265 -45.92 38.41 44.20
C LEU G 265 -46.63 38.02 45.49
N THR G 266 -45.88 38.03 46.58
CA THR G 266 -46.40 37.70 47.89
C THR G 266 -47.21 38.85 48.49
N GLY G 267 -46.69 40.06 48.32
CA GLY G 267 -47.30 41.25 48.91
C GLY G 267 -46.94 41.42 50.37
N ALA G 268 -45.86 40.77 50.80
CA ALA G 268 -45.42 40.82 52.20
C ALA G 268 -44.84 42.18 52.54
N LYS G 269 -44.67 42.40 53.85
CA LYS G 269 -44.28 43.71 54.39
C LYS G 269 -42.82 43.70 54.85
N PRO G 270 -41.92 44.34 54.07
CA PRO G 270 -40.49 44.20 54.30
C PRO G 270 -39.87 45.19 55.27
N VAL G 271 -38.78 44.75 55.89
CA VAL G 271 -37.90 45.57 56.70
C VAL G 271 -36.50 45.16 56.30
N TYR G 272 -35.62 46.13 56.10
CA TYR G 272 -34.31 45.85 55.51
C TYR G 272 -33.15 45.96 56.50
N MET G 273 -32.16 45.09 56.33
CA MET G 273 -30.90 45.16 57.07
C MET G 273 -29.83 45.78 56.18
N VAL G 274 -29.20 46.84 56.67
CA VAL G 274 -28.27 47.63 55.88
C VAL G 274 -26.84 47.16 56.11
N PRO G 275 -26.17 46.66 55.05
CA PRO G 275 -24.78 46.24 55.21
C PRO G 275 -23.82 47.41 55.17
N SER G 276 -22.62 47.18 55.71
CA SER G 276 -21.55 48.17 55.69
C SER G 276 -20.92 48.26 54.30
N ARG G 277 -20.24 49.37 54.04
CA ARG G 277 -19.36 49.51 52.86
C ARG G 277 -17.96 49.85 53.33
N ASN G 278 -17.02 49.89 52.40
CA ASN G 278 -15.68 50.38 52.70
C ASN G 278 -15.25 51.51 51.75
N ARG G 279 -14.05 52.03 51.98
CA ARG G 279 -13.52 53.17 51.23
C ARG G 279 -13.41 52.95 49.71
N TYR G 280 -13.22 51.71 49.28
CA TYR G 280 -13.13 51.38 47.84
C TYR G 280 -14.50 51.22 47.19
N GLY G 281 -15.56 51.33 47.99
CA GLY G 281 -16.93 51.20 47.50
C GLY G 281 -17.48 49.79 47.54
N ILE G 282 -16.69 48.86 48.10
CA ILE G 282 -17.07 47.46 48.19
C ILE G 282 -18.08 47.24 49.32
N ILE G 283 -19.17 46.53 49.00
CA ILE G 283 -20.17 46.19 50.02
C ILE G 283 -19.61 45.14 50.96
N GLY G 284 -19.63 45.46 52.24
CA GLY G 284 -19.25 44.52 53.30
C GLY G 284 -20.46 43.82 53.87
N PRO G 285 -20.30 43.23 55.06
CA PRO G 285 -21.36 42.45 55.66
C PRO G 285 -22.33 43.29 56.49
N ILE G 286 -23.51 42.75 56.73
CA ILE G 286 -24.41 43.25 57.75
C ILE G 286 -23.77 42.95 59.11
N TYR G 287 -23.60 43.99 59.92
CA TYR G 287 -23.00 43.83 61.25
C TYR G 287 -24.01 43.15 62.19
N PRO G 288 -23.52 42.44 63.22
CA PRO G 288 -24.40 41.76 64.19
C PRO G 288 -25.43 42.67 64.85
N GLN G 289 -25.02 43.90 65.19
CA GLN G 289 -25.94 44.88 65.80
C GLN G 289 -27.19 45.09 64.95
N GLU G 290 -27.06 44.97 63.63
CA GLU G 290 -28.18 45.10 62.70
C GLU G 290 -29.09 43.86 62.68
N MET G 291 -28.60 42.71 63.13
CA MET G 291 -29.39 41.47 63.19
C MET G 291 -30.03 41.20 64.56
N GLN G 292 -29.74 42.06 65.54
CA GLN G 292 -30.26 41.88 66.89
C GLN G 292 -31.79 41.98 66.90
N PRO G 293 -32.47 41.12 67.68
CA PRO G 293 -33.93 41.16 67.79
C PRO G 293 -34.45 42.56 68.12
N GLU G 294 -33.75 43.23 69.02
CA GLU G 294 -34.15 44.55 69.49
C GLU G 294 -34.06 45.58 68.35
N THR G 295 -33.02 45.48 67.54
CA THR G 295 -32.83 46.37 66.39
C THR G 295 -33.89 46.14 65.32
N LEU G 296 -34.17 44.87 65.03
CA LEU G 296 -35.17 44.52 64.03
C LEU G 296 -36.59 44.90 64.45
N GLN G 297 -36.91 44.69 65.72
CA GLN G 297 -38.22 45.10 66.26
C GLN G 297 -38.41 46.60 66.14
N LYS G 298 -37.33 47.36 66.35
CA LYS G 298 -37.34 48.81 66.20
C LYS G 298 -37.61 49.22 64.76
N LYS G 299 -36.90 48.57 63.83
CA LYS G 299 -37.11 48.79 62.40
C LYS G 299 -38.57 48.54 61.97
N ILE G 300 -39.14 47.46 62.49
CA ILE G 300 -40.51 47.06 62.18
C ILE G 300 -41.52 48.12 62.65
N SER G 301 -41.35 48.59 63.88
CA SER G 301 -42.22 49.61 64.45
C SER G 301 -42.07 50.97 63.77
N ALA G 302 -40.88 51.23 63.22
CA ALA G 302 -40.58 52.50 62.56
C ALA G 302 -41.13 52.60 61.13
N SER G 303 -41.01 51.52 60.37
CA SER G 303 -41.41 51.52 58.96
C SER G 303 -42.93 51.69 58.80
N PRO G 304 -43.34 52.53 57.82
CA PRO G 304 -44.76 52.69 57.49
C PRO G 304 -45.44 51.40 57.06
N LEU G 305 -44.69 50.53 56.38
CA LEU G 305 -45.24 49.28 55.85
C LEU G 305 -45.54 48.25 56.94
N THR G 306 -44.73 48.25 58.00
CA THR G 306 -44.84 47.25 59.08
C THR G 306 -45.38 47.78 60.42
N LYS G 307 -45.41 49.10 60.60
CA LYS G 307 -45.95 49.73 61.83
C LYS G 307 -47.11 48.98 62.47
N THR G 308 -48.14 48.71 61.66
CA THR G 308 -49.39 48.12 62.14
C THR G 308 -49.26 46.64 62.50
N LYS G 309 -48.17 46.02 62.06
CA LYS G 309 -47.87 44.62 62.35
C LYS G 309 -46.68 44.48 63.31
N ALA G 310 -46.43 45.50 64.11
CA ALA G 310 -45.31 45.46 65.07
C ALA G 310 -45.54 44.35 66.09
N GLY G 311 -44.45 43.78 66.60
CA GLY G 311 -44.51 42.68 67.56
C GLY G 311 -44.92 41.33 66.99
N GLN G 312 -45.29 41.31 65.71
CA GLN G 312 -45.61 40.08 64.99
C GLN G 312 -44.32 39.38 64.63
N LYS G 313 -44.30 38.04 64.74
CA LYS G 313 -43.10 37.27 64.42
C LYS G 313 -42.91 37.18 62.91
N PRO G 314 -41.80 37.76 62.39
CA PRO G 314 -41.53 37.66 60.96
C PRO G 314 -41.47 36.22 60.48
N SER G 315 -42.05 35.97 59.31
CA SER G 315 -42.21 34.63 58.76
C SER G 315 -41.06 34.21 57.87
N TYR G 316 -40.13 35.13 57.58
CA TYR G 316 -39.06 34.85 56.64
C TYR G 316 -37.92 35.86 56.82
N SER G 317 -36.71 35.38 56.60
CA SER G 317 -35.50 36.16 56.79
C SER G 317 -34.48 35.75 55.73
N VAL G 318 -33.84 36.73 55.08
CA VAL G 318 -32.85 36.42 54.06
C VAL G 318 -31.56 37.21 54.21
N VAL G 319 -30.44 36.52 54.00
CA VAL G 319 -29.11 37.11 53.96
C VAL G 319 -28.45 36.60 52.70
N THR G 320 -27.62 37.43 52.08
CA THR G 320 -26.88 37.03 50.89
C THR G 320 -25.52 36.46 51.30
N CYS G 322 -22.77 34.82 50.54
CA CYS G 322 -21.50 35.37 50.07
C CYS G 322 -21.72 36.56 49.12
N THR G 323 -21.13 37.69 49.47
CA THR G 323 -21.19 38.91 48.68
C THR G 323 -20.55 38.69 47.31
N TYR G 324 -20.94 39.47 46.31
CA TYR G 324 -20.34 39.38 44.97
C TYR G 324 -18.81 39.56 45.04
N ASP G 325 -18.39 40.49 45.89
CA ASP G 325 -16.98 40.81 46.09
C ASP G 325 -16.22 39.83 47.00
N GLY G 326 -16.92 38.86 47.58
CA GLY G 326 -16.30 37.73 48.27
C GLY G 326 -16.34 37.75 49.78
N VAL G 327 -17.16 38.62 50.35
CA VAL G 327 -17.32 38.69 51.80
C VAL G 327 -18.21 37.56 52.27
N CYS G 328 -17.66 36.69 53.11
CA CYS G 328 -18.38 35.53 53.65
C CYS G 328 -18.75 35.75 55.11
N TYR G 329 -20.02 35.55 55.43
CA TYR G 329 -20.49 35.65 56.81
C TYR G 329 -20.12 34.42 57.61
N ASN G 330 -19.94 34.60 58.92
CA ASN G 330 -19.95 33.47 59.85
C ASN G 330 -21.41 33.05 60.00
N ALA G 331 -21.84 32.16 59.11
CA ALA G 331 -23.24 31.74 59.03
C ALA G 331 -23.74 31.04 60.29
N LYS G 332 -22.85 30.44 61.07
CA LYS G 332 -23.24 29.81 62.33
C LYS G 332 -23.75 30.87 63.31
N GLU G 333 -22.96 31.93 63.50
CA GLU G 333 -23.33 33.03 64.39
C GLU G 333 -24.50 33.86 63.85
N ALA G 334 -24.46 34.13 62.55
CA ALA G 334 -25.52 34.88 61.87
C ALA G 334 -26.87 34.19 62.01
N GLN G 335 -26.87 32.87 61.84
CA GLN G 335 -28.09 32.08 61.98
C GLN G 335 -28.65 32.15 63.40
N ASP G 336 -27.79 32.04 64.40
CA ASP G 336 -28.21 32.08 65.80
C ASP G 336 -28.81 33.44 66.19
N LEU G 337 -28.30 34.52 65.60
CA LEU G 337 -28.87 35.85 65.81
C LEU G 337 -30.24 36.01 65.15
N LEU G 338 -30.37 35.53 63.93
CA LEU G 338 -31.63 35.63 63.18
C LEU G 338 -32.68 34.65 63.67
N ALA G 339 -32.23 33.51 64.21
CA ALA G 339 -33.13 32.51 64.80
C ALA G 339 -33.98 33.09 65.95
N LYS G 340 -33.40 34.04 66.68
CA LYS G 340 -34.08 34.75 67.76
C LYS G 340 -35.31 35.51 67.28
N THR G 341 -35.23 36.03 66.05
CA THR G 341 -36.31 36.84 65.46
C THR G 341 -37.25 36.03 64.56
N SER G 342 -36.70 35.13 63.76
CA SER G 342 -37.48 34.37 62.77
C SER G 342 -37.15 32.88 62.79
N ASP G 343 -38.15 32.06 62.48
CA ASP G 343 -37.97 30.60 62.41
C ASP G 343 -37.49 30.13 61.05
N ARG G 344 -37.55 31.00 60.05
CA ARG G 344 -37.08 30.69 58.71
C ARG G 344 -35.98 31.64 58.26
N ILE G 345 -34.81 31.07 57.99
CA ILE G 345 -33.64 31.84 57.60
C ILE G 345 -33.17 31.31 56.25
N HIS G 346 -33.07 32.21 55.28
CA HIS G 346 -32.69 31.85 53.94
C HIS G 346 -31.37 32.53 53.58
N PHE G 347 -30.36 31.72 53.27
CA PHE G 347 -29.08 32.24 52.80
C PHE G 347 -29.00 32.12 51.28
N ASP G 348 -28.94 33.26 50.60
CA ASP G 348 -28.76 33.27 49.15
C ASP G 348 -27.28 33.00 48.86
N GLU G 349 -26.95 31.72 48.68
CA GLU G 349 -25.57 31.28 48.45
C GLU G 349 -25.33 31.02 46.96
N ALA G 350 -25.87 31.89 46.11
CA ALA G 350 -25.83 31.71 44.65
C ALA G 350 -24.40 31.59 44.12
N TRP G 351 -23.54 32.51 44.55
CA TRP G 351 -22.14 32.53 44.14
C TRP G 351 -21.24 31.64 45.01
N TYR G 352 -21.84 30.70 45.76
CA TYR G 352 -21.14 30.15 46.92
C TYR G 352 -21.50 28.69 47.20
N GLY G 353 -21.77 27.92 46.15
CA GLY G 353 -22.17 26.52 46.31
C GLY G 353 -21.03 25.62 46.79
N TYR G 354 -19.82 25.98 46.39
CA TYR G 354 -18.60 25.23 46.70
C TYR G 354 -18.20 25.25 48.19
N ALA G 355 -18.65 26.28 48.90
CA ALA G 355 -18.20 26.56 50.28
C ALA G 355 -18.06 25.32 51.17
N ARG G 356 -19.09 24.48 51.15
CA ARG G 356 -19.15 23.27 51.97
C ARG G 356 -17.97 22.32 51.77
N PHE G 357 -17.45 22.26 50.54
CA PHE G 357 -16.53 21.20 50.15
C PHE G 357 -15.05 21.55 50.27
N ASN G 358 -14.75 22.64 50.96
CA ASN G 358 -13.38 22.95 51.37
C ASN G 358 -13.37 23.48 52.81
N PRO G 359 -12.47 22.95 53.66
CA PRO G 359 -12.47 23.34 55.07
C PRO G 359 -12.04 24.79 55.35
N ILE G 360 -11.48 25.49 54.36
CA ILE G 360 -11.13 26.89 54.55
C ILE G 360 -12.38 27.75 54.78
N TYR G 361 -13.52 27.32 54.25
CA TYR G 361 -14.80 28.01 54.46
C TYR G 361 -15.57 27.52 55.68
N CYS G 362 -14.98 26.61 56.46
CA CYS G 362 -15.61 26.05 57.66
C CYS G 362 -16.39 27.08 58.47
N ASP G 363 -17.63 26.73 58.82
CA ASP G 363 -18.55 27.56 59.62
C ASP G 363 -19.09 28.80 58.90
N HIS G 364 -18.65 29.08 57.67
CA HIS G 364 -19.05 30.30 56.96
C HIS G 364 -20.03 30.02 55.82
N TYR G 365 -20.84 28.97 55.97
CA TYR G 365 -21.92 28.66 55.03
C TYR G 365 -23.10 28.06 55.79
N ALA G 366 -24.22 27.87 55.09
CA ALA G 366 -25.46 27.42 55.73
C ALA G 366 -25.43 25.95 56.16
N MET G 367 -25.23 25.07 55.19
CA MET G 367 -25.36 23.63 55.41
C MET G 367 -24.11 23.00 56.04
N ARG G 368 -23.89 23.30 57.32
CA ARG G 368 -22.69 22.86 58.04
C ARG G 368 -22.83 21.45 58.58
N GLY G 369 -21.78 20.64 58.41
CA GLY G 369 -21.75 19.28 58.93
C GLY G 369 -22.87 18.41 58.38
N GLU G 370 -23.39 17.53 59.24
CA GLU G 370 -24.47 16.62 58.87
C GLU G 370 -25.82 17.16 59.37
N PRO G 371 -26.91 16.92 58.60
CA PRO G 371 -28.24 17.33 59.07
C PRO G 371 -28.82 16.39 60.14
N GLY G 372 -29.62 16.96 61.04
CA GLY G 372 -30.36 16.18 62.05
C GLY G 372 -31.27 16.91 63.05
N ASP G 373 -31.11 18.23 63.24
CA ASP G 373 -31.86 19.07 64.21
C ASP G 373 -31.39 19.01 65.65
N GLY G 376 -33.64 23.35 65.82
CA GLY G 376 -33.26 24.69 65.41
C GLY G 376 -34.27 25.34 64.46
N PRO G 377 -33.89 26.46 63.83
CA PRO G 377 -34.78 27.08 62.84
C PRO G 377 -34.74 26.36 61.50
N THR G 378 -35.74 26.60 60.66
CA THR G 378 -35.75 26.08 59.29
C THR G 378 -34.80 26.94 58.45
N VAL G 379 -33.82 26.30 57.82
CA VAL G 379 -32.81 27.02 57.06
C VAL G 379 -32.86 26.67 55.57
N PHE G 380 -32.94 27.70 54.72
CA PHE G 380 -32.86 27.53 53.28
C PHE G 380 -31.50 27.96 52.78
N ALA G 381 -30.99 27.22 51.80
CA ALA G 381 -29.79 27.60 51.06
C ALA G 381 -30.11 27.52 49.57
N THR G 382 -29.65 28.52 48.84
CA THR G 382 -29.93 28.66 47.41
C THR G 382 -28.62 28.68 46.64
N HIS G 383 -28.44 27.70 45.74
CA HIS G 383 -27.26 27.65 44.88
C HIS G 383 -27.62 27.84 43.41
N SER G 384 -26.80 28.63 42.74
CA SER G 384 -26.82 28.73 41.28
C SER G 384 -25.72 27.82 40.79
N THR G 385 -26.11 26.64 40.34
CA THR G 385 -25.16 25.61 39.95
C THR G 385 -24.29 26.07 38.78
N HIS G 386 -24.86 26.85 37.87
CA HIS G 386 -24.11 27.32 36.69
C HIS G 386 -23.03 28.35 37.01
N LYS G 387 -23.24 29.15 38.05
CA LYS G 387 -22.31 30.23 38.38
C LYS G 387 -20.90 29.74 38.71
N LEU G 388 -20.74 29.08 39.86
CA LEU G 388 -19.40 28.69 40.30
C LEU G 388 -19.18 27.17 40.52
N LEU G 389 -20.25 26.39 40.51
CA LEU G 389 -20.12 24.93 40.47
C LEU G 389 -19.96 24.43 39.05
N ASN G 390 -20.15 25.32 38.08
CA ASN G 390 -19.87 25.02 36.70
C ASN G 390 -20.89 24.00 36.14
N ALA G 391 -21.92 24.54 35.50
CA ALA G 391 -23.07 23.77 35.01
C ALA G 391 -23.87 24.57 33.98
N LEU G 392 -24.86 23.95 33.37
CA LEU G 392 -25.69 24.62 32.36
C LEU G 392 -26.46 25.77 32.97
N SER G 393 -26.51 26.88 32.23
CA SER G 393 -27.26 28.06 32.67
C SER G 393 -28.72 27.72 32.95
N GLN G 394 -29.29 28.38 33.97
CA GLN G 394 -30.63 28.10 34.51
C GLN G 394 -30.68 26.97 35.53
N ALA G 395 -29.57 26.29 35.75
CA ALA G 395 -29.50 25.25 36.77
C ALA G 395 -29.40 25.87 38.16
N SER G 396 -30.25 25.42 39.07
CA SER G 396 -30.24 25.91 40.44
C SER G 396 -30.75 24.86 41.42
N TYR G 397 -30.37 25.01 42.68
CA TYR G 397 -30.86 24.14 43.74
C TYR G 397 -31.46 24.93 44.90
N ILE G 398 -32.56 24.41 45.45
CA ILE G 398 -33.06 24.85 46.75
C ILE G 398 -32.73 23.76 47.75
N HIS G 399 -31.85 24.08 48.70
CA HIS G 399 -31.48 23.16 49.78
C HIS G 399 -32.16 23.58 51.07
N VAL G 400 -32.69 22.59 51.79
CA VAL G 400 -33.50 22.85 52.97
C VAL G 400 -33.05 22.01 54.16
N ARG G 401 -32.95 22.65 55.32
CA ARG G 401 -32.83 21.96 56.59
C ARG G 401 -34.09 22.20 57.41
N GLU G 402 -34.89 21.16 57.57
CA GLU G 402 -36.21 21.28 58.19
C GLU G 402 -36.12 21.38 59.71
N GLY G 403 -36.65 22.48 60.24
CA GLY G 403 -36.65 22.77 61.67
C GLY G 403 -37.96 23.38 62.11
N ARG G 404 -37.88 24.39 62.98
CA ARG G 404 -39.06 25.10 63.43
C ARG G 404 -39.72 25.83 62.28
N GLY G 405 -41.04 25.76 62.22
CA GLY G 405 -41.80 26.42 61.16
C GLY G 405 -41.54 25.83 59.79
N ALA G 406 -41.28 24.52 59.75
CA ALA G 406 -40.94 23.83 58.51
C ALA G 406 -42.15 23.71 57.59
N VAL G 407 -41.90 23.74 56.29
CA VAL G 407 -42.92 23.55 55.28
C VAL G 407 -42.71 22.17 54.66
N ASN G 408 -43.70 21.29 54.82
CA ASN G 408 -43.58 19.91 54.31
C ASN G 408 -43.68 19.83 52.80
N PHE G 409 -43.49 18.62 52.26
CA PHE G 409 -43.48 18.41 50.81
C PHE G 409 -44.74 18.96 50.14
N SER G 410 -45.89 18.42 50.53
CA SER G 410 -47.18 18.77 49.91
C SER G 410 -47.37 20.27 49.76
N ARG G 411 -47.10 20.99 50.85
CA ARG G 411 -47.24 22.43 50.87
C ARG G 411 -46.19 23.12 49.99
N PHE G 412 -44.94 22.68 50.09
CA PHE G 412 -43.84 23.34 49.38
C PHE G 412 -43.89 23.08 47.88
N ASN G 413 -44.28 21.88 47.48
CA ASN G 413 -44.37 21.53 46.06
C ASN G 413 -45.39 22.40 45.31
N GLN G 414 -46.40 22.89 46.01
CA GLN G 414 -47.34 23.84 45.42
C GLN G 414 -46.63 25.16 45.09
N ALA G 415 -45.75 25.60 45.99
CA ALA G 415 -44.91 26.77 45.73
C ALA G 415 -43.88 26.49 44.64
N TYR G 416 -43.35 25.27 44.62
CA TYR G 416 -42.38 24.85 43.61
C TYR G 416 -42.99 24.91 42.20
N MET G 417 -44.15 24.27 42.05
CA MET G 417 -44.86 24.20 40.76
C MET G 417 -45.28 25.58 40.25
N MET G 418 -45.54 26.47 41.20
CA MET G 418 -45.89 27.85 40.91
C MET G 418 -44.91 28.53 39.95
N HIS G 419 -43.62 28.26 40.15
CA HIS G 419 -42.55 28.95 39.43
C HIS G 419 -41.71 28.00 38.59
N ALA G 420 -42.33 26.88 38.20
CA ALA G 420 -41.69 25.86 37.38
C ALA G 420 -42.30 25.87 35.99
N THR G 421 -41.80 24.97 35.14
CA THR G 421 -42.37 24.77 33.80
C THR G 421 -42.82 23.32 33.68
N THR G 422 -43.93 23.10 32.98
CA THR G 422 -44.49 21.75 32.84
C THR G 422 -43.59 20.80 32.04
N SER G 423 -42.85 21.34 31.08
CA SER G 423 -41.85 20.56 30.33
C SER G 423 -40.47 21.21 30.46
N PRO G 424 -39.65 20.71 31.41
CA PRO G 424 -38.28 21.18 31.60
C PRO G 424 -37.29 20.48 30.68
N LEU G 425 -36.19 21.14 30.37
CA LEU G 425 -35.15 20.59 29.51
C LEU G 425 -34.24 19.65 30.31
N TYR G 426 -34.22 18.37 29.94
CA TYR G 426 -33.46 17.35 30.69
C TYR G 426 -31.97 17.65 30.76
N ALA G 427 -31.43 18.22 29.70
CA ALA G 427 -30.01 18.57 29.66
C ALA G 427 -29.56 19.44 30.84
N ILE G 428 -30.45 20.33 31.29
CA ILE G 428 -30.17 21.20 32.43
C ILE G 428 -30.21 20.40 33.74
N CYS G 429 -31.29 19.64 33.92
CA CYS G 429 -31.45 18.78 35.11
C CYS G 429 -30.29 17.79 35.25
N ALA G 430 -29.87 17.23 34.12
CA ALA G 430 -28.73 16.32 34.08
C ALA G 430 -27.43 17.00 34.50
N SER G 431 -27.27 18.26 34.10
CA SER G 431 -26.10 19.06 34.48
C SER G 431 -26.07 19.31 36.00
N ASN G 432 -27.25 19.53 36.58
CA ASN G 432 -27.39 19.64 38.03
C ASN G 432 -26.95 18.35 38.72
N ASP G 433 -27.34 17.22 38.13
CA ASP G 433 -27.05 15.91 38.71
C ASP G 433 -25.54 15.62 38.72
N VAL G 434 -24.86 15.90 37.61
CA VAL G 434 -23.41 15.64 37.52
C VAL G 434 -22.62 16.67 38.33
N ALA G 435 -23.16 17.88 38.45
CA ALA G 435 -22.54 18.92 39.28
C ALA G 435 -22.48 18.49 40.74
N VAL G 436 -23.51 17.78 41.19
CA VAL G 436 -23.52 17.17 42.52
C VAL G 436 -22.38 16.15 42.63
N SER G 437 -22.34 15.24 41.67
CA SER G 437 -21.34 14.18 41.61
C SER G 437 -19.90 14.71 41.67
N MET G 438 -19.68 15.89 41.08
CA MET G 438 -18.35 16.52 41.06
C MET G 438 -17.92 17.05 42.43
N MET G 439 -18.88 17.45 43.26
CA MET G 439 -18.57 17.90 44.63
C MET G 439 -18.60 16.76 45.65
N ASP G 440 -19.27 15.66 45.32
CA ASP G 440 -19.36 14.51 46.22
C ASP G 440 -18.02 13.81 46.34
N GLY G 441 -17.68 13.44 47.56
CA GLY G 441 -16.45 12.70 47.85
C GLY G 441 -15.19 13.54 47.70
N ASN G 442 -14.14 12.89 47.20
CA ASN G 442 -12.82 13.51 47.11
C ASN G 442 -12.73 14.60 46.05
N SER G 443 -13.46 14.41 44.94
CA SER G 443 -13.42 15.36 43.82
C SER G 443 -13.72 16.79 44.28
N GLY G 444 -14.69 16.94 45.18
CA GLY G 444 -15.09 18.26 45.67
C GLY G 444 -13.96 19.03 46.32
N LEU G 445 -13.26 18.37 47.24
CA LEU G 445 -12.11 18.97 47.91
C LEU G 445 -11.01 19.33 46.92
N SER G 446 -10.71 18.39 46.02
CA SER G 446 -9.64 18.58 45.04
C SER G 446 -9.92 19.74 44.08
N LEU G 447 -11.16 19.83 43.61
CA LEU G 447 -11.58 20.89 42.69
C LEU G 447 -11.55 22.27 43.34
N THR G 448 -12.16 22.37 44.52
CA THR G 448 -12.19 23.62 45.30
C THR G 448 -10.79 24.06 45.71
N GLN G 449 -9.92 23.10 46.00
CA GLN G 449 -8.55 23.41 46.38
C GLN G 449 -7.76 23.93 45.18
N GLU G 450 -7.98 23.34 44.00
CA GLU G 450 -7.30 23.78 42.78
C GLU G 450 -7.54 25.26 42.51
N VAL G 451 -8.81 25.68 42.58
CA VAL G 451 -9.18 27.08 42.32
C VAL G 451 -8.64 28.02 43.40
N ILE G 452 -8.69 27.60 44.67
CA ILE G 452 -8.11 28.39 45.77
C ILE G 452 -6.59 28.53 45.59
N ASP G 453 -5.94 27.42 45.24
CA ASP G 453 -4.49 27.41 44.95
C ASP G 453 -4.10 28.39 43.85
N GLU G 454 -4.89 28.42 42.77
CA GLU G 454 -4.63 29.33 41.64
C GLU G 454 -4.85 30.78 42.03
N ALA G 455 -5.95 31.06 42.72
CA ALA G 455 -6.25 32.40 43.18
C ALA G 455 -5.15 32.93 44.08
N VAL G 456 -4.62 32.07 44.94
CA VAL G 456 -3.52 32.43 45.84
C VAL G 456 -2.27 32.81 45.05
N ASP G 457 -1.86 31.92 44.15
CA ASP G 457 -0.69 32.16 43.28
C ASP G 457 -0.79 33.53 42.62
N PHE G 458 -1.97 33.85 42.11
CA PHE G 458 -2.23 35.13 41.44
C PHE G 458 -2.14 36.31 42.41
N ARG G 459 -2.83 36.19 43.54
CA ARG G 459 -2.78 37.22 44.58
C ARG G 459 -1.34 37.50 45.02
N GLN G 460 -0.60 36.44 45.34
CA GLN G 460 0.80 36.55 45.78
C GLN G 460 1.68 37.17 44.71
N ALA G 461 1.51 36.72 43.46
CA ALA G 461 2.27 37.25 42.33
C ALA G 461 2.03 38.76 42.17
N MET G 462 0.76 39.15 42.32
CA MET G 462 0.35 40.54 42.20
C MET G 462 0.94 41.38 43.33
N ALA G 463 0.98 40.80 44.53
CA ALA G 463 1.53 41.46 45.71
C ALA G 463 3.04 41.68 45.59
N ARG G 464 3.74 40.70 45.01
CA ARG G 464 5.20 40.78 44.83
C ARG G 464 5.59 41.84 43.82
N LEU G 465 4.89 41.86 42.69
CA LEU G 465 5.03 42.93 41.69
C LEU G 465 4.81 44.30 42.30
N TYR G 466 3.76 44.41 43.13
CA TYR G 466 3.42 45.66 43.79
C TYR G 466 4.57 46.16 44.67
N LYS G 467 5.19 45.26 45.42
CA LYS G 467 6.31 45.65 46.28
C LYS G 467 7.50 46.09 45.42
N GLU G 468 7.79 45.31 44.38
CA GLU G 468 8.87 45.64 43.44
C GLU G 468 8.77 47.07 42.92
N PHE G 469 7.58 47.43 42.44
CA PHE G 469 7.33 48.78 41.92
C PHE G 469 7.36 49.81 43.05
N THR G 470 6.64 49.54 44.12
CA THR G 470 6.55 50.41 45.29
C THR G 470 7.94 50.78 45.81
N ASP G 471 8.73 49.75 46.14
CA ASP G 471 10.10 49.93 46.66
C ASP G 471 10.93 50.86 45.78
N GLU G 472 10.72 50.75 44.46
CA GLU G 472 11.43 51.58 43.48
C GLU G 472 10.74 52.93 43.20
N GLY G 473 9.88 53.36 44.12
CA GLY G 473 9.18 54.64 44.00
C GLY G 473 8.16 54.71 42.87
N ASP G 474 7.61 53.55 42.50
CA ASP G 474 6.71 53.44 41.36
C ASP G 474 5.35 52.87 41.77
N TRP G 475 4.34 53.06 40.93
CA TRP G 475 2.97 52.59 41.20
C TRP G 475 2.70 51.23 40.55
N PHE G 476 1.68 50.54 41.07
CA PHE G 476 1.14 49.31 40.47
C PHE G 476 -0.19 48.93 41.14
N PHE G 477 -0.86 47.94 40.59
CA PHE G 477 -2.09 47.39 41.18
C PHE G 477 -1.74 46.44 42.32
N LYS G 478 -2.46 46.55 43.44
CA LYS G 478 -2.28 45.60 44.55
C LYS G 478 -3.56 44.79 44.77
N PRO G 479 -3.41 43.54 45.22
CA PRO G 479 -4.57 42.70 45.49
C PRO G 479 -5.23 43.07 46.81
N TRP G 480 -6.56 42.97 46.87
CA TRP G 480 -7.29 43.27 48.09
C TRP G 480 -7.36 42.02 48.96
N ASN G 481 -6.50 41.98 49.96
CA ASN G 481 -6.43 40.86 50.90
C ASN G 481 -5.62 41.27 52.13
N LYS G 482 -5.41 40.33 53.04
CA LYS G 482 -4.65 40.61 54.26
C LYS G 482 -3.25 41.16 53.96
N ASP G 483 -2.76 42.05 54.81
CA ASP G 483 -1.41 42.60 54.67
C ASP G 483 -0.37 41.63 55.22
N VAL G 484 -0.68 41.03 56.36
CA VAL G 484 0.24 40.17 57.08
C VAL G 484 -0.51 38.97 57.65
N VAL G 485 0.07 37.78 57.45
CA VAL G 485 -0.53 36.53 57.94
C VAL G 485 0.36 35.86 58.96
N THR G 486 -0.17 34.84 59.64
CA THR G 486 0.58 34.09 60.63
C THR G 486 0.40 32.58 60.51
N ASP G 487 1.52 31.86 60.54
CA ASP G 487 1.53 30.41 60.61
C ASP G 487 1.30 30.02 62.07
N PRO G 488 0.20 29.28 62.36
CA PRO G 488 -0.05 28.83 63.74
C PRO G 488 0.94 27.77 64.26
N GLN G 489 1.32 26.82 63.42
CA GLN G 489 2.24 25.75 63.83
C GLN G 489 3.56 26.32 64.37
N THR G 490 4.04 27.38 63.73
CA THR G 490 5.35 27.99 64.05
C THR G 490 5.21 29.23 64.92
N GLY G 491 4.07 29.90 64.82
CA GLY G 491 3.89 31.24 65.37
C GLY G 491 4.36 32.34 64.41
N LYS G 492 5.13 31.95 63.39
CA LYS G 492 5.90 32.90 62.58
C LYS G 492 4.99 33.81 61.77
N THR G 493 5.46 35.03 61.51
CA THR G 493 4.70 36.05 60.79
C THR G 493 5.30 36.33 59.41
N TYR G 494 4.42 36.44 58.41
CA TYR G 494 4.85 36.74 57.04
C TYR G 494 4.07 37.93 56.45
N ASP G 495 4.74 38.74 55.65
CA ASP G 495 4.07 39.60 54.69
C ASP G 495 3.36 38.70 53.69
N PHE G 496 2.22 39.13 53.19
CA PHE G 496 1.42 38.32 52.25
C PHE G 496 2.31 37.75 51.15
N ALA G 497 3.02 38.62 50.46
CA ALA G 497 3.90 38.23 49.37
C ALA G 497 4.87 37.12 49.77
N ASP G 498 5.42 37.23 50.98
CA ASP G 498 6.43 36.28 51.47
C ASP G 498 5.87 34.99 52.08
N ALA G 499 4.56 34.94 52.28
CA ALA G 499 3.92 33.77 52.92
C ALA G 499 4.06 32.50 52.10
N PRO G 500 4.07 31.34 52.77
CA PRO G 500 3.99 30.09 52.01
C PRO G 500 2.62 29.94 51.37
N ALA G 501 2.57 29.47 50.14
CA ALA G 501 1.31 29.32 49.41
C ALA G 501 0.39 28.33 50.12
N LYS G 502 0.97 27.22 50.59
CA LYS G 502 0.21 26.19 51.32
C LYS G 502 -0.54 26.77 52.51
N LEU G 503 0.07 27.72 53.20
CA LEU G 503 -0.55 28.37 54.36
C LEU G 503 -1.77 29.18 53.95
N LEU G 504 -1.58 30.06 52.97
CA LEU G 504 -2.67 30.92 52.49
C LEU G 504 -3.83 30.14 51.92
N ALA G 505 -3.54 29.01 51.27
CA ALA G 505 -4.56 28.18 50.62
C ALA G 505 -5.23 27.17 51.56
N THR G 506 -4.91 27.25 52.85
CA THR G 506 -5.34 26.27 53.85
C THR G 506 -5.90 26.93 55.10
N ASP G 507 -5.12 27.84 55.67
CA ASP G 507 -5.45 28.47 56.94
C ASP G 507 -6.54 29.53 56.78
N GLN G 508 -7.70 29.28 57.39
CA GLN G 508 -8.82 30.22 57.33
C GLN G 508 -8.48 31.57 57.93
N ASN G 509 -7.72 31.57 59.02
CA ASN G 509 -7.38 32.81 59.73
C ASN G 509 -6.59 33.83 58.90
N CYS G 510 -5.96 33.36 57.81
CA CYS G 510 -5.34 34.26 56.84
C CYS G 510 -6.36 35.12 56.07
N TRP G 511 -7.63 34.78 56.19
CA TRP G 511 -8.71 35.46 55.47
C TRP G 511 -9.79 36.06 56.36
N VAL G 512 -9.75 35.79 57.66
CA VAL G 512 -10.76 36.31 58.59
C VAL G 512 -10.50 37.79 58.79
N MET G 513 -11.56 38.59 58.66
CA MET G 513 -11.47 40.04 58.87
C MET G 513 -11.54 40.33 60.34
N ARG G 514 -10.42 40.78 60.90
CA ARG G 514 -10.30 41.01 62.34
C ARG G 514 -10.25 42.51 62.63
N PRO G 515 -10.71 42.93 63.82
CA PRO G 515 -10.74 44.36 64.17
C PRO G 515 -9.34 44.97 64.27
N GLY G 516 -9.22 46.23 63.89
CA GLY G 516 -7.95 46.95 63.91
C GLY G 516 -7.10 46.75 62.67
N GLU G 517 -7.53 45.88 61.75
CA GLU G 517 -6.82 45.63 60.51
C GLU G 517 -7.22 46.65 59.45
N THR G 518 -6.21 47.22 58.80
CA THR G 518 -6.43 48.29 57.82
C THR G 518 -6.98 47.78 56.48
N TRP G 519 -6.52 46.60 56.07
CA TRP G 519 -6.75 46.10 54.70
C TRP G 519 -8.23 46.05 54.29
N HIS G 520 -9.07 45.46 55.14
CA HIS G 520 -10.47 45.22 54.77
C HIS G 520 -11.31 46.50 54.80
N GLY G 521 -11.00 47.39 55.73
CA GLY G 521 -11.53 48.75 55.71
C GLY G 521 -13.01 48.87 56.06
N PHE G 522 -13.47 48.03 56.97
CA PHE G 522 -14.85 48.06 57.46
C PHE G 522 -14.80 48.55 58.91
N LYS G 523 -15.14 49.82 59.09
CA LYS G 523 -15.02 50.48 60.39
C LYS G 523 -15.87 49.77 61.45
N ASP G 524 -15.22 49.40 62.55
CA ASP G 524 -15.87 48.77 63.71
C ASP G 524 -16.47 47.38 63.42
N LEU G 525 -15.89 46.65 62.46
CA LEU G 525 -16.30 45.28 62.19
C LEU G 525 -15.90 44.39 63.37
N PRO G 526 -16.86 43.67 63.96
CA PRO G 526 -16.52 42.74 65.05
C PRO G 526 -15.63 41.59 64.60
N ASP G 527 -14.99 40.97 65.58
CA ASP G 527 -14.11 39.82 65.35
C ASP G 527 -14.97 38.59 65.08
N ASN G 528 -14.39 37.61 64.37
CA ASN G 528 -15.06 36.33 64.10
C ASN G 528 -16.45 36.49 63.52
N TRP G 529 -16.56 37.35 62.50
CA TRP G 529 -17.84 37.60 61.84
C TRP G 529 -17.72 37.44 60.33
N SER G 530 -16.74 38.11 59.74
CA SER G 530 -16.53 38.06 58.29
C SER G 530 -15.26 37.31 57.91
N MET G 531 -15.12 37.12 56.60
CA MET G 531 -14.00 36.40 56.03
C MET G 531 -13.97 36.68 54.53
N LEU G 532 -12.78 36.92 53.99
CA LEU G 532 -12.61 37.09 52.55
C LEU G 532 -12.50 35.74 51.85
N ASP G 533 -13.27 35.57 50.78
CA ASP G 533 -13.17 34.39 49.92
C ASP G 533 -11.92 34.51 49.04
N PRO G 534 -10.99 33.55 49.15
CA PRO G 534 -9.75 33.63 48.35
C PRO G 534 -9.94 33.71 46.84
N ILE G 535 -10.97 33.04 46.31
CA ILE G 535 -11.18 32.94 44.86
C ILE G 535 -11.91 34.16 44.24
N LYS G 536 -12.35 35.09 45.08
CA LYS G 536 -13.00 36.31 44.61
C LYS G 536 -11.96 37.43 44.65
N VAL G 537 -11.03 37.37 43.70
CA VAL G 537 -9.84 38.23 43.74
C VAL G 537 -10.16 39.64 43.28
N SER G 538 -10.32 40.54 44.26
CA SER G 538 -10.47 41.95 43.98
C SER G 538 -9.07 42.55 43.84
N ILE G 539 -8.91 43.47 42.90
CA ILE G 539 -7.64 44.14 42.66
C ILE G 539 -7.82 45.66 42.66
N LEU G 540 -6.88 46.35 43.29
CA LEU G 540 -7.02 47.77 43.60
C LEU G 540 -6.04 48.63 42.82
N ALA G 541 -6.59 49.55 42.03
CA ALA G 541 -5.80 50.57 41.36
C ALA G 541 -5.47 51.69 42.36
N PRO G 542 -4.30 52.34 42.17
CA PRO G 542 -3.92 53.38 43.13
C PRO G 542 -4.81 54.61 43.03
N GLY G 543 -4.95 55.34 44.14
CA GLY G 543 -5.77 56.55 44.17
C GLY G 543 -6.50 56.78 45.47
N MET G 544 -6.87 55.70 46.14
CA MET G 544 -7.59 55.78 47.41
C MET G 544 -6.64 55.56 48.59
N GLY G 545 -6.53 56.58 49.44
CA GLY G 545 -5.70 56.49 50.64
C GLY G 545 -6.34 55.64 51.72
N ASP G 546 -5.53 55.11 52.62
CA ASP G 546 -6.02 54.31 53.73
C ASP G 546 -6.97 55.10 54.63
N ASP G 547 -6.73 56.40 54.75
CA ASP G 547 -7.55 57.30 55.57
C ASP G 547 -8.99 57.50 55.04
N GLY G 548 -9.21 57.20 53.76
CA GLY G 548 -10.53 57.32 53.16
C GLY G 548 -10.65 58.47 52.17
N GLU G 549 -9.71 59.41 52.26
CA GLU G 549 -9.66 60.55 51.33
C GLU G 549 -8.75 60.19 50.16
N LEU G 550 -9.00 60.81 49.00
CA LEU G 550 -8.22 60.51 47.78
C LEU G 550 -6.77 60.98 47.86
N GLU G 551 -5.89 60.23 47.22
CA GLU G 551 -4.46 60.54 47.20
C GLU G 551 -4.16 61.66 46.20
N ALA G 552 -2.89 62.07 46.15
CA ALA G 552 -2.42 63.11 45.23
C ALA G 552 -2.82 62.82 43.79
N SER G 553 -2.39 61.66 43.30
CA SER G 553 -2.76 61.19 41.97
C SER G 553 -3.23 59.74 42.05
N GLY G 554 -3.81 59.24 40.95
CA GLY G 554 -4.30 57.87 40.91
C GLY G 554 -4.69 57.39 39.52
N VAL G 555 -5.01 56.11 39.43
CA VAL G 555 -5.42 55.47 38.18
C VAL G 555 -6.83 54.92 38.36
N PRO G 556 -7.83 55.51 37.66
CA PRO G 556 -9.20 55.04 37.82
C PRO G 556 -9.44 53.73 37.08
N ALA G 557 -10.18 52.83 37.73
CA ALA G 557 -10.35 51.45 37.26
C ALA G 557 -11.17 51.34 35.98
N ALA G 558 -12.12 52.25 35.79
CA ALA G 558 -12.92 52.32 34.56
C ALA G 558 -12.06 52.29 33.29
N LEU G 559 -10.93 52.99 33.36
CA LEU G 559 -9.98 53.08 32.26
C LEU G 559 -9.27 51.73 32.03
N VAL G 560 -8.94 51.05 33.12
CA VAL G 560 -8.27 49.74 33.07
C VAL G 560 -9.23 48.69 32.53
N THR G 561 -10.44 48.66 33.11
CA THR G 561 -11.52 47.76 32.67
C THR G 561 -11.73 47.83 31.16
N ALA G 562 -11.67 49.03 30.59
CA ALA G 562 -11.80 49.24 29.15
C ALA G 562 -10.64 48.59 28.38
N TRP G 563 -9.41 48.82 28.85
CA TRP G 563 -8.22 48.21 28.24
C TRP G 563 -8.29 46.69 28.29
N LEU G 564 -8.71 46.16 29.44
CA LEU G 564 -8.92 44.72 29.60
C LEU G 564 -9.96 44.21 28.61
N GLY G 565 -11.03 44.99 28.44
CA GLY G 565 -12.09 44.68 27.48
C GLY G 565 -11.64 44.45 26.05
N ARG G 566 -10.70 45.28 25.56
CA ARG G 566 -10.17 45.09 24.19
C ARG G 566 -9.36 43.81 24.03
N HIS G 567 -8.76 43.35 25.14
CA HIS G 567 -7.95 42.12 25.13
C HIS G 567 -8.76 40.88 25.52
N GLY G 568 -10.08 40.96 25.38
CA GLY G 568 -10.97 39.83 25.65
C GLY G 568 -11.02 39.42 27.11
N ILE G 569 -11.12 40.40 28.00
CA ILE G 569 -11.19 40.17 29.44
C ILE G 569 -12.20 41.13 30.04
N VAL G 570 -13.31 40.60 30.56
CA VAL G 570 -14.39 41.43 31.10
C VAL G 570 -14.65 41.10 32.58
N PRO G 571 -14.03 41.87 33.50
CA PRO G 571 -14.19 41.67 34.94
C PRO G 571 -15.63 41.62 35.41
N THR G 572 -15.87 40.86 36.48
CA THR G 572 -17.20 40.74 37.09
C THR G 572 -17.67 42.08 37.67
N ARG G 573 -16.86 42.68 38.54
CA ARG G 573 -17.21 43.97 39.18
C ARG G 573 -16.22 45.04 38.79
N THR G 574 -16.67 46.28 38.87
CA THR G 574 -15.81 47.44 38.71
C THR G 574 -16.35 48.62 39.49
N THR G 575 -15.57 49.06 40.48
CA THR G 575 -15.85 50.31 41.19
C THR G 575 -14.94 51.38 40.58
N ASP G 576 -14.71 52.48 41.30
CA ASP G 576 -13.82 53.54 40.83
C ASP G 576 -12.35 53.08 40.84
N PHE G 577 -11.99 52.27 41.84
CA PHE G 577 -10.62 51.74 41.94
C PHE G 577 -10.52 50.21 42.04
N GLN G 578 -11.63 49.53 42.27
CA GLN G 578 -11.66 48.07 42.38
C GLN G 578 -11.91 47.43 41.03
N ILE G 579 -11.16 46.38 40.73
CA ILE G 579 -11.45 45.48 39.61
C ILE G 579 -11.45 44.08 40.19
N MET G 580 -12.57 43.36 40.04
CA MET G 580 -12.68 42.02 40.59
C MET G 580 -12.64 40.93 39.53
N PHE G 581 -11.76 39.96 39.74
CA PHE G 581 -11.63 38.81 38.86
C PHE G 581 -12.13 37.55 39.55
N LEU G 582 -12.93 36.78 38.82
CA LEU G 582 -13.61 35.62 39.37
C LEU G 582 -12.88 34.33 39.00
N PHE G 583 -12.22 33.72 39.97
CA PHE G 583 -11.61 32.41 39.77
C PHE G 583 -12.65 31.32 40.01
N SER G 584 -12.79 30.42 39.04
CA SER G 584 -13.78 29.34 39.12
C SER G 584 -13.12 27.99 38.83
N MET G 585 -13.93 26.92 38.92
CA MET G 585 -13.45 25.57 38.58
C MET G 585 -13.24 25.38 37.08
N GLY G 586 -13.84 26.26 36.29
CA GLY G 586 -13.63 26.27 34.84
C GLY G 586 -12.28 26.81 34.41
N VAL G 587 -11.59 27.51 35.31
CA VAL G 587 -10.29 28.10 35.01
C VAL G 587 -9.22 27.02 34.87
N THR G 588 -8.46 27.10 33.77
CA THR G 588 -7.33 26.22 33.53
C THR G 588 -6.10 26.68 34.30
N ARG G 589 -5.21 25.74 34.60
CA ARG G 589 -4.08 26.01 35.50
C ARG G 589 -3.00 26.92 34.88
N GLY G 590 -2.78 28.06 35.53
CA GLY G 590 -1.75 29.02 35.11
C GLY G 590 -2.25 30.19 34.26
N LYS G 591 -3.55 30.22 33.99
CA LYS G 591 -4.14 31.23 33.10
C LYS G 591 -4.08 32.65 33.66
N TRP G 592 -3.89 32.77 34.97
CA TRP G 592 -3.79 34.09 35.61
C TRP G 592 -2.59 34.90 35.10
N GLY G 593 -1.57 34.23 34.60
CA GLY G 593 -0.43 34.90 33.97
C GLY G 593 -0.83 35.88 32.89
N THR G 594 -1.90 35.58 32.18
CA THR G 594 -2.45 36.47 31.15
C THR G 594 -3.00 37.77 31.73
N LEU G 595 -3.69 37.68 32.87
CA LEU G 595 -4.18 38.85 33.58
C LEU G 595 -3.04 39.80 33.91
N ILE G 596 -1.95 39.23 34.44
CA ILE G 596 -0.78 40.03 34.81
C ILE G 596 -0.18 40.66 33.56
N ASN G 597 0.01 39.85 32.54
CA ASN G 597 0.61 40.30 31.28
C ASN G 597 -0.13 41.50 30.67
N THR G 598 -1.45 41.47 30.77
CA THR G 598 -2.29 42.56 30.25
C THR G 598 -2.22 43.79 31.16
N LEU G 599 -2.28 43.55 32.47
CA LEU G 599 -2.16 44.64 33.46
C LEU G 599 -0.83 45.36 33.35
N CME G 600 0.23 44.62 33.05
CA CME G 600 1.56 45.20 32.88
CB CME G 600 2.62 44.11 32.84
SG CME G 600 2.79 43.40 34.45
SD CME G 600 4.45 44.34 35.07
CE CME G 600 5.70 43.37 34.29
CZ CME G 600 6.80 44.27 33.71
OH CME G 600 7.00 43.97 32.32
C CME G 600 1.63 46.01 31.63
O CME G 600 2.16 47.13 31.63
N SER G 601 1.09 45.47 30.53
CA SER G 601 1.08 46.18 29.26
C SER G 601 0.24 47.47 29.33
N PHE G 602 -0.77 47.48 30.19
CA PHE G 602 -1.52 48.71 30.47
C PHE G 602 -0.61 49.74 31.12
N LYS G 603 0.03 49.33 32.22
CA LYS G 603 0.94 50.21 32.96
C LYS G 603 1.95 50.84 32.02
N HIS G 604 2.57 50.02 31.18
CA HIS G 604 3.54 50.50 30.20
C HIS G 604 2.98 51.64 29.35
N HIS G 605 1.76 51.45 28.84
CA HIS G 605 1.09 52.47 28.03
C HIS G 605 0.65 53.67 28.85
N TYR G 606 0.28 53.45 30.11
CA TYR G 606 -0.08 54.55 31.00
C TYR G 606 1.11 55.45 31.29
N ASP G 607 2.23 54.84 31.66
CA ASP G 607 3.47 55.59 31.92
C ASP G 607 3.96 56.33 30.68
N ALA G 608 3.83 55.67 29.52
CA ALA G 608 4.24 56.25 28.24
C ALA G 608 3.24 57.27 27.69
N ASN G 609 2.02 57.26 28.23
CA ASN G 609 0.92 58.14 27.78
C ASN G 609 0.64 57.99 26.28
N THR G 610 0.67 56.76 25.79
CA THR G 610 0.46 56.51 24.36
C THR G 610 -0.90 57.04 23.92
N PRO G 611 -0.97 57.66 22.73
CA PRO G 611 -2.21 58.27 22.24
C PRO G 611 -3.40 57.32 22.22
N LEU G 612 -4.59 57.84 22.55
CA LEU G 612 -5.81 57.04 22.53
C LEU G 612 -6.12 56.51 21.13
N ALA G 613 -5.70 57.24 20.11
CA ALA G 613 -5.83 56.80 18.72
C ALA G 613 -5.31 55.37 18.52
N GLN G 614 -4.19 55.05 19.18
CA GLN G 614 -3.59 53.72 19.11
C GLN G 614 -4.23 52.73 20.09
N VAL G 615 -4.20 53.06 21.37
CA VAL G 615 -4.61 52.12 22.43
C VAL G 615 -6.11 51.93 22.55
N MET G 616 -6.90 52.97 22.24
CA MET G 616 -8.36 52.89 22.30
C MET G 616 -8.97 53.57 21.08
N PRO G 617 -8.80 52.97 19.88
CA PRO G 617 -9.23 53.61 18.64
C PRO G 617 -10.74 53.73 18.52
N GLU G 618 -11.43 52.66 18.89
CA GLU G 618 -12.89 52.57 18.86
C GLU G 618 -13.58 53.76 19.58
N LEU G 619 -12.92 54.27 20.63
CA LEU G 619 -13.42 55.41 21.41
C LEU G 619 -13.25 56.75 20.70
N VAL G 620 -12.06 56.98 20.12
CA VAL G 620 -11.74 58.25 19.45
C VAL G 620 -12.60 58.44 18.21
N GLN G 621 -12.80 57.34 17.47
CA GLN G 621 -13.69 57.33 16.31
C GLN G 621 -15.12 57.75 16.68
N ASP G 622 -15.59 57.25 17.82
CA ASP G 622 -16.95 57.56 18.31
C ASP G 622 -17.12 59.00 18.78
N TYR G 623 -16.19 59.47 19.62
CA TYR G 623 -16.28 60.81 20.21
C TYR G 623 -14.99 61.60 19.99
N PRO G 624 -14.72 62.01 18.74
CA PRO G 624 -13.46 62.70 18.43
C PRO G 624 -13.30 64.03 19.16
N ASP G 625 -14.39 64.79 19.27
CA ASP G 625 -14.38 66.10 19.93
C ASP G 625 -13.82 66.01 21.36
N THR G 626 -14.25 64.99 22.10
CA THR G 626 -13.88 64.84 23.51
C THR G 626 -12.46 64.33 23.71
N TYR G 627 -12.10 63.29 22.96
CA TYR G 627 -10.81 62.60 23.14
C TYR G 627 -9.80 62.89 22.02
N ALA G 628 -9.82 64.12 21.50
CA ALA G 628 -8.89 64.55 20.45
C ALA G 628 -7.49 64.80 21.02
N ASN G 629 -6.47 64.54 20.20
CA ASN G 629 -5.06 64.75 20.58
C ASN G 629 -4.75 64.45 22.04
N MET G 630 -5.32 63.35 22.55
CA MET G 630 -5.15 62.94 23.94
C MET G 630 -4.35 61.64 24.05
N GLY G 631 -3.83 61.41 25.25
CA GLY G 631 -3.17 60.15 25.59
C GLY G 631 -3.88 59.45 26.74
N ILE G 632 -3.55 58.18 26.95
CA ILE G 632 -4.20 57.37 27.97
C ILE G 632 -3.98 57.93 29.39
N HIS G 633 -2.80 58.48 29.66
CA HIS G 633 -2.51 59.10 30.96
C HIS G 633 -3.31 60.38 31.14
N ASP G 634 -3.38 61.18 30.07
CA ASP G 634 -4.14 62.44 30.10
C ASP G 634 -5.59 62.22 30.53
N LEU G 635 -6.21 61.17 29.98
CA LEU G 635 -7.59 60.83 30.33
C LEU G 635 -7.68 60.38 31.79
N GLY G 636 -6.74 59.53 32.20
CA GLY G 636 -6.66 59.08 33.59
C GLY G 636 -6.65 60.24 34.57
N ASP G 637 -5.78 61.21 34.31
CA ASP G 637 -5.68 62.42 35.14
C ASP G 637 -6.98 63.22 35.13
N LYS G 638 -7.61 63.33 33.97
CA LYS G 638 -8.86 64.08 33.85
C LYS G 638 -10.01 63.37 34.57
N MET G 639 -10.01 62.04 34.51
CA MET G 639 -10.98 61.22 35.26
C MET G 639 -10.73 61.31 36.78
N PHE G 640 -9.47 61.18 37.18
CA PHE G 640 -9.11 61.30 38.60
C PHE G 640 -9.39 62.70 39.13
N ALA G 641 -9.23 63.71 38.27
CA ALA G 641 -9.54 65.10 38.63
C ALA G 641 -11.03 65.27 38.95
N TRP G 642 -11.87 64.75 38.06
CA TRP G 642 -13.31 64.73 38.26
C TRP G 642 -13.68 64.05 39.58
N LEU G 643 -13.02 62.94 39.88
CA LEU G 643 -13.23 62.20 41.12
C LEU G 643 -13.01 63.06 42.37
N ARG G 644 -11.90 63.81 42.41
CA ARG G 644 -11.63 64.72 43.53
C ARG G 644 -12.74 65.75 43.67
N GLU G 645 -13.05 66.39 42.54
CA GLU G 645 -14.00 67.49 42.49
C GLU G 645 -15.41 67.06 42.87
N ASN G 646 -15.95 66.09 42.13
CA ASN G 646 -17.34 65.67 42.31
C ASN G 646 -17.57 64.76 43.51
N ASN G 647 -16.51 64.06 43.95
CA ASN G 647 -16.50 63.35 45.23
C ASN G 647 -17.61 62.29 45.34
N PRO G 648 -17.64 61.33 44.40
CA PRO G 648 -18.77 60.41 44.29
C PRO G 648 -18.81 59.33 45.37
N GLY G 649 -17.66 58.93 45.89
CA GLY G 649 -17.59 57.91 46.94
C GLY G 649 -18.36 58.29 48.18
N ALA G 650 -18.25 59.56 48.57
CA ALA G 650 -18.99 60.10 49.71
C ALA G 650 -20.48 60.18 49.42
N ARG G 651 -20.81 60.63 48.21
CA ARG G 651 -22.21 60.72 47.75
C ARG G 651 -22.88 59.34 47.72
N LEU G 652 -22.13 58.31 47.37
CA LEU G 652 -22.60 56.93 47.39
C LEU G 652 -23.02 56.56 48.80
N ASN G 653 -22.10 56.71 49.74
CA ASN G 653 -22.37 56.39 51.14
C ASN G 653 -23.57 57.13 51.68
N ALA G 654 -23.69 58.41 51.33
CA ALA G 654 -24.85 59.22 51.72
C ALA G 654 -26.16 58.56 51.27
N ALA G 655 -26.18 58.09 50.03
CA ALA G 655 -27.38 57.48 49.45
C ALA G 655 -27.69 56.09 50.01
N TYR G 656 -26.67 55.38 50.50
CA TYR G 656 -26.84 54.02 51.02
C TYR G 656 -26.78 53.87 52.54
N SER G 657 -26.12 54.81 53.22
CA SER G 657 -26.01 54.81 54.69
C SER G 657 -27.38 54.86 55.34
N THR G 658 -28.25 55.71 54.81
CA THR G 658 -29.60 55.89 55.31
C THR G 658 -30.60 55.53 54.22
N LEU G 659 -31.48 54.58 54.52
CA LEU G 659 -32.44 54.06 53.53
C LEU G 659 -33.51 55.09 53.18
N PRO G 660 -34.02 55.05 51.94
CA PRO G 660 -35.14 55.92 51.58
C PRO G 660 -36.41 55.49 52.28
N VAL G 661 -37.35 56.42 52.42
CA VAL G 661 -38.57 56.15 53.16
C VAL G 661 -39.52 55.29 52.34
N ALA G 662 -39.93 54.16 52.90
CA ALA G 662 -40.82 53.21 52.22
C ALA G 662 -42.28 53.63 52.34
N GLU G 663 -42.80 54.24 51.27
CA GLU G 663 -44.15 54.83 51.30
C GLU G 663 -45.26 53.79 51.07
N ILE G 664 -45.06 52.93 50.06
CA ILE G 664 -45.99 51.81 49.80
C ILE G 664 -45.20 50.52 49.55
N THR G 665 -45.92 49.40 49.52
CA THR G 665 -45.28 48.10 49.31
C THR G 665 -44.84 47.96 47.87
N PRO G 666 -43.78 47.15 47.62
CA PRO G 666 -43.39 46.87 46.25
C PRO G 666 -44.54 46.34 45.40
N ARG G 667 -45.42 45.53 46.01
CA ARG G 667 -46.59 45.01 45.31
C ARG G 667 -47.54 46.12 44.90
N ASP G 668 -47.85 47.02 45.84
CA ASP G 668 -48.67 48.20 45.54
C ASP G 668 -48.04 49.03 44.43
N ALA G 669 -46.72 49.19 44.49
CA ALA G 669 -45.99 49.93 43.48
C ALA G 669 -46.04 49.26 42.13
N TYR G 670 -45.88 47.94 42.10
CA TYR G 670 -46.02 47.21 40.84
C TYR G 670 -47.44 47.29 40.29
N ASN G 671 -48.43 47.19 41.18
CA ASN G 671 -49.83 47.28 40.76
C ASN G 671 -50.18 48.62 40.12
N ALA G 672 -49.45 49.67 40.49
CA ALA G 672 -49.58 50.96 39.81
C ALA G 672 -49.22 50.83 38.33
N ILE G 673 -48.22 50.00 38.03
CA ILE G 673 -47.80 49.75 36.65
C ILE G 673 -48.92 49.06 35.88
N VAL G 674 -49.56 48.09 36.51
CA VAL G 674 -50.63 47.32 35.89
C VAL G 674 -51.85 48.22 35.61
N ASN G 675 -52.19 49.06 36.60
CA ASN G 675 -53.33 50.00 36.48
C ASN G 675 -53.01 51.23 35.63
N ASN G 676 -51.75 51.40 35.27
CA ASN G 676 -51.28 52.50 34.42
C ASN G 676 -51.26 53.85 35.16
N ASN G 677 -51.02 53.80 36.48
CA ASN G 677 -50.73 55.00 37.27
C ASN G 677 -49.22 55.24 37.24
N ILE G 678 -48.73 55.56 36.05
CA ILE G 678 -47.31 55.49 35.77
C ILE G 678 -46.87 56.71 34.98
N GLU G 679 -45.64 57.13 35.21
CA GLU G 679 -45.12 58.36 34.65
C GLU G 679 -43.61 58.31 34.61
N MET G 680 -43.03 58.62 33.45
CA MET G 680 -41.58 58.61 33.30
C MET G 680 -41.05 59.96 33.78
N VAL G 681 -40.51 59.98 34.99
CA VAL G 681 -40.08 61.21 35.64
C VAL G 681 -38.57 61.43 35.47
N ALA G 682 -38.21 62.63 35.05
CA ALA G 682 -36.81 63.00 34.84
C ALA G 682 -36.09 63.19 36.18
N ILE G 683 -34.77 63.02 36.15
CA ILE G 683 -33.94 63.06 37.36
C ILE G 683 -34.22 64.25 38.28
N GLU G 684 -34.37 65.44 37.71
CA GLU G 684 -34.48 66.67 38.50
C GLU G 684 -35.83 66.84 39.19
N ASN G 685 -36.85 66.09 38.73
CA ASN G 685 -38.19 66.12 39.33
C ASN G 685 -38.50 64.88 40.19
N LEU G 686 -37.48 64.08 40.48
CA LEU G 686 -37.66 62.87 41.29
C LEU G 686 -38.02 63.12 42.75
N PRO G 687 -37.50 64.21 43.36
CA PRO G 687 -37.80 64.44 44.77
C PRO G 687 -39.28 64.36 45.10
N GLY G 688 -39.61 63.64 46.17
CA GLY G 688 -40.99 63.49 46.63
C GLY G 688 -41.82 62.49 45.87
N ARG G 689 -41.23 61.79 44.90
CA ARG G 689 -41.95 60.83 44.06
C ARG G 689 -41.65 59.40 44.48
N ILE G 690 -42.60 58.51 44.21
CA ILE G 690 -42.45 57.10 44.54
C ILE G 690 -41.97 56.30 43.32
N ALA G 691 -40.96 55.46 43.53
CA ALA G 691 -40.42 54.62 42.47
C ALA G 691 -41.36 53.46 42.16
N ALA G 692 -41.67 53.27 40.88
CA ALA G 692 -42.54 52.18 40.43
C ALA G 692 -41.75 50.86 40.33
N ASN G 693 -40.51 50.97 39.87
CA ASN G 693 -39.58 49.84 39.81
C ASN G 693 -38.36 50.11 40.67
N SER G 694 -37.59 49.07 40.98
CA SER G 694 -36.36 49.24 41.75
C SER G 694 -35.33 50.02 40.95
N VAL G 695 -34.45 50.71 41.66
CA VAL G 695 -33.36 51.45 41.02
C VAL G 695 -32.03 50.95 41.58
N ILE G 696 -31.21 50.38 40.70
CA ILE G 696 -29.94 49.77 41.07
C ILE G 696 -28.79 50.38 40.23
N PRO G 697 -28.04 51.32 40.82
CA PRO G 697 -26.85 51.86 40.15
C PRO G 697 -25.60 50.99 40.36
N TYR G 698 -24.73 50.98 39.36
CA TYR G 698 -23.43 50.30 39.43
C TYR G 698 -22.31 51.32 39.27
N PRO G 699 -21.49 51.52 40.32
CA PRO G 699 -21.55 50.87 41.63
C PRO G 699 -22.67 51.49 42.49
N PRO G 700 -22.97 50.87 43.63
CA PRO G 700 -22.40 49.65 44.21
C PRO G 700 -23.01 48.36 43.70
N GLY G 701 -24.07 48.45 42.90
CA GLY G 701 -24.68 47.27 42.30
C GLY G 701 -25.69 46.55 43.20
N ILE G 702 -26.16 47.24 44.23
CA ILE G 702 -27.29 46.77 45.03
C ILE G 702 -28.34 47.87 45.06
N PRO G 703 -29.61 47.53 45.36
CA PRO G 703 -30.68 48.51 45.19
C PRO G 703 -30.55 49.76 46.06
N MET G 704 -30.56 50.91 45.41
CA MET G 704 -30.60 52.21 46.11
C MET G 704 -32.04 52.46 46.55
N LEU G 705 -32.96 52.25 45.62
CA LEU G 705 -34.39 52.24 45.91
C LEU G 705 -35.00 50.93 45.44
N LEU G 706 -35.99 50.45 46.18
CA LEU G 706 -36.86 49.37 45.73
C LEU G 706 -38.21 49.95 45.32
N SER G 707 -39.06 49.11 44.75
CA SER G 707 -40.41 49.52 44.37
C SER G 707 -41.19 50.01 45.58
N GLY G 708 -41.84 51.16 45.43
CA GLY G 708 -42.69 51.73 46.46
C GLY G 708 -42.00 52.62 47.47
N GLU G 709 -40.73 52.89 47.25
CA GLU G 709 -39.96 53.78 48.13
C GLU G 709 -39.90 55.18 47.53
N ASN G 710 -39.72 56.17 48.40
CA ASN G 710 -39.70 57.56 47.99
C ASN G 710 -38.28 58.10 47.84
N PHE G 711 -38.06 58.87 46.77
CA PHE G 711 -36.74 59.45 46.48
C PHE G 711 -36.34 60.49 47.54
N GLY G 712 -37.33 61.13 48.16
CA GLY G 712 -37.11 61.95 49.35
C GLY G 712 -37.14 63.46 49.15
N ASP G 713 -36.37 64.16 49.98
CA ASP G 713 -36.30 65.64 49.99
C ASP G 713 -35.79 66.25 48.69
N GLU G 714 -35.92 67.57 48.60
CA GLU G 714 -35.34 68.35 47.49
C GLU G 714 -33.83 68.18 47.47
N ASN G 715 -33.23 68.10 48.66
CA ASN G 715 -31.80 67.85 48.80
C ASN G 715 -31.54 66.41 49.26
N SER G 716 -32.02 65.47 48.45
CA SER G 716 -31.95 64.03 48.74
C SER G 716 -30.62 63.43 48.29
N PRO G 717 -30.03 62.52 49.11
CA PRO G 717 -28.75 61.90 48.76
C PRO G 717 -28.85 60.86 47.64
N GLN G 718 -30.02 60.22 47.51
CA GLN G 718 -30.26 59.22 46.47
C GLN G 718 -30.31 59.89 45.09
N VAL G 719 -31.14 60.93 44.99
CA VAL G 719 -31.24 61.73 43.76
C VAL G 719 -29.89 62.40 43.50
N GLY G 720 -29.21 62.79 44.59
CA GLY G 720 -27.87 63.34 44.52
C GLY G 720 -26.89 62.40 43.84
N TYR G 721 -26.82 61.17 44.34
CA TYR G 721 -25.91 60.17 43.79
C TYR G 721 -26.16 59.94 42.30
N LEU G 722 -27.44 59.91 41.93
CA LEU G 722 -27.84 59.80 40.51
C LEU G 722 -27.32 60.97 39.67
N ARG G 723 -27.39 62.18 40.23
CA ARG G 723 -26.92 63.38 39.54
C ARG G 723 -25.43 63.28 39.22
N SER G 724 -24.64 62.78 40.17
CA SER G 724 -23.20 62.63 40.00
C SER G 724 -22.86 61.55 38.98
N LEU G 725 -23.62 60.46 39.00
CA LEU G 725 -23.50 59.40 38.00
C LEU G 725 -23.76 59.92 36.59
N GLN G 726 -24.79 60.76 36.47
CA GLN G 726 -25.11 61.40 35.20
C GLN G 726 -24.00 62.38 34.78
N SER G 727 -23.50 63.15 35.73
CA SER G 727 -22.41 64.10 35.48
C SER G 727 -21.18 63.39 34.93
N TRP G 728 -20.86 62.22 35.48
CA TRP G 728 -19.76 61.37 34.97
C TRP G 728 -20.01 60.96 33.52
N ASP G 729 -21.21 60.48 33.23
CA ASP G 729 -21.58 60.05 31.89
C ASP G 729 -21.36 61.15 30.86
N HIS G 730 -21.80 62.37 31.18
CA HIS G 730 -21.66 63.52 30.28
C HIS G 730 -20.20 63.88 30.04
N HIS G 731 -19.42 63.90 31.12
CA HIS G 731 -18.00 64.26 31.05
C HIS G 731 -17.16 63.25 30.30
N PHE G 732 -17.50 61.97 30.45
CA PHE G 732 -16.72 60.87 29.87
C PHE G 732 -17.59 59.93 29.05
N PRO G 733 -17.88 60.30 27.79
CA PRO G 733 -18.63 59.43 26.89
C PRO G 733 -17.90 58.13 26.58
N GLY G 734 -18.64 57.04 26.40
CA GLY G 734 -18.06 55.71 26.25
C GLY G 734 -17.77 54.99 27.55
N PHE G 735 -17.81 55.72 28.67
CA PHE G 735 -17.57 55.16 30.00
C PHE G 735 -18.80 55.31 30.90
N GLU G 736 -19.98 55.21 30.29
CA GLU G 736 -21.24 55.47 30.99
C GLU G 736 -21.51 54.39 32.04
N HIS G 737 -22.11 54.81 33.16
CA HIS G 737 -22.51 53.88 34.21
C HIS G 737 -23.77 53.12 33.81
N GLU G 738 -23.77 51.81 34.10
CA GLU G 738 -24.96 50.99 33.93
C GLU G 738 -25.84 51.20 35.15
N THR G 739 -27.14 51.43 34.93
CA THR G 739 -28.11 51.60 36.03
C THR G 739 -29.42 50.94 35.66
N GLU G 740 -29.74 49.84 36.35
CA GLU G 740 -31.01 49.14 36.15
C GLU G 740 -32.14 49.92 36.84
N GLY G 741 -33.31 49.93 36.21
CA GLY G 741 -34.46 50.73 36.67
C GLY G 741 -34.48 52.15 36.12
N THR G 742 -33.55 52.44 35.21
CA THR G 742 -33.37 53.78 34.66
C THR G 742 -33.39 53.72 33.14
N GLU G 743 -34.18 54.61 32.53
CA GLU G 743 -34.17 54.79 31.09
C GLU G 743 -33.62 56.19 30.79
N ILE G 744 -32.59 56.25 29.93
CA ILE G 744 -31.97 57.52 29.55
C ILE G 744 -32.67 58.10 28.32
N ILE G 745 -33.50 59.14 28.53
CA ILE G 745 -34.30 59.74 27.46
C ILE G 745 -33.81 61.15 27.12
N ASP G 746 -33.52 61.37 25.84
CA ASP G 746 -32.97 62.64 25.34
C ASP G 746 -31.68 63.04 26.06
N GLY G 747 -30.83 62.04 26.33
CA GLY G 747 -29.59 62.24 27.07
C GLY G 747 -29.76 62.49 28.57
N VAL G 748 -30.97 62.31 29.08
CA VAL G 748 -31.29 62.59 30.48
C VAL G 748 -31.76 61.33 31.20
N TYR G 749 -31.44 61.23 32.48
CA TYR G 749 -31.84 60.11 33.33
C TYR G 749 -33.33 60.23 33.67
N HIS G 750 -34.11 59.20 33.36
CA HIS G 750 -35.51 59.11 33.78
C HIS G 750 -35.76 57.84 34.58
N VAL G 751 -36.76 57.90 35.46
CA VAL G 751 -37.18 56.73 36.25
C VAL G 751 -38.70 56.66 36.28
N MET G 752 -39.23 55.46 36.06
CA MET G 752 -40.67 55.24 36.08
C MET G 752 -41.20 55.40 37.50
N CYS G 753 -42.16 56.31 37.68
CA CYS G 753 -42.71 56.63 39.00
C CYS G 753 -44.23 56.51 39.04
N VAL G 754 -44.76 56.44 40.26
CA VAL G 754 -46.20 56.42 40.50
C VAL G 754 -46.78 57.81 40.26
N LYS G 755 -48.05 57.86 39.86
CA LYS G 755 -48.74 59.13 39.64
C LYS G 755 -49.41 59.65 40.90
N ALA G 756 -48.98 60.82 41.36
CA ALA G 756 -49.59 61.49 42.51
C ALA G 756 -50.90 62.15 42.06
N MET H 1 -0.64 28.63 8.07
CA MET H 1 -0.71 27.58 9.13
C MET H 1 0.25 27.88 10.26
N MET H 2 -0.17 27.56 11.48
CA MET H 2 0.55 27.96 12.70
C MET H 2 1.70 27.02 13.06
N LYS H 3 2.67 27.57 13.78
CA LYS H 3 3.96 26.92 14.01
C LYS H 3 4.51 27.16 15.42
N VAL H 4 4.80 26.08 16.14
CA VAL H 4 5.28 26.15 17.52
C VAL H 4 6.65 25.51 17.65
N LEU H 5 7.57 26.20 18.33
CA LEU H 5 8.87 25.64 18.68
C LEU H 5 8.86 25.25 20.16
N ILE H 6 9.01 23.96 20.43
CA ILE H 6 9.14 23.47 21.80
C ILE H 6 10.61 23.14 22.05
N VAL H 7 11.17 23.74 23.10
CA VAL H 7 12.56 23.49 23.50
C VAL H 7 12.61 22.73 24.82
N GLU H 8 12.92 21.44 24.75
CA GLU H 8 13.11 20.65 25.96
C GLU H 8 14.47 20.98 26.57
N SER H 9 14.46 21.47 27.80
CA SER H 9 15.68 21.80 28.50
C SER H 9 16.58 20.58 28.69
N GLU H 10 17.88 20.82 28.60
CA GLU H 10 18.88 19.76 28.73
C GLU H 10 18.97 19.31 30.17
N PHE H 11 18.59 20.19 31.08
CA PHE H 11 18.72 19.96 32.51
C PHE H 11 17.58 19.11 33.07
N LEU H 12 16.58 18.80 32.25
CA LEU H 12 15.44 17.95 32.67
C LEU H 12 15.28 16.64 31.90
N HIS H 13 16.21 16.33 31.00
CA HIS H 13 16.19 15.02 30.32
C HIS H 13 16.38 13.91 31.32
N GLN H 14 17.18 14.20 32.35
CA GLN H 14 17.39 13.30 33.47
C GLN H 14 16.03 12.83 34.06
N ASP H 15 15.04 13.72 34.06
CA ASP H 15 13.65 13.40 34.43
C ASP H 15 12.79 13.05 33.20
N THR H 16 12.66 11.75 32.91
CA THR H 16 12.04 11.27 31.67
C THR H 16 10.54 11.60 31.53
N TRP H 17 9.85 11.71 32.66
CA TRP H 17 8.41 11.97 32.69
C TRP H 17 8.04 13.36 32.19
N VAL H 18 9.01 14.27 32.22
CA VAL H 18 8.83 15.61 31.69
C VAL H 18 8.72 15.52 30.17
N GLY H 19 9.70 14.85 29.57
CA GLY H 19 9.70 14.59 28.13
C GLY H 19 8.42 13.92 27.64
N ASN H 20 7.90 13.00 28.44
CA ASN H 20 6.63 12.36 28.14
C ASN H 20 5.47 13.36 28.14
N ALA H 21 5.44 14.23 29.15
CA ALA H 21 4.40 15.26 29.26
C ALA H 21 4.48 16.25 28.10
N VAL H 22 5.69 16.59 27.68
CA VAL H 22 5.91 17.44 26.51
C VAL H 22 5.40 16.74 25.23
N GLU H 23 5.64 15.45 25.13
CA GLU H 23 5.15 14.67 23.99
C GLU H 23 3.62 14.66 23.92
N ARG H 24 2.98 14.47 25.07
CA ARG H 24 1.52 14.53 25.16
C ARG H 24 1.00 15.88 24.65
N LEU H 25 1.74 16.94 24.98
CA LEU H 25 1.39 18.31 24.57
C LEU H 25 1.59 18.48 23.07
N ALA H 26 2.78 18.14 22.60
CA ALA H 26 3.10 18.20 21.18
C ALA H 26 2.00 17.51 20.36
N ASP H 27 1.53 16.39 20.89
CA ASP H 27 0.44 15.61 20.28
C ASP H 27 -0.85 16.44 20.22
N ALA H 28 -1.20 17.04 21.34
CA ALA H 28 -2.42 17.86 21.43
C ALA H 28 -2.41 19.03 20.45
N LEU H 29 -1.25 19.63 20.25
CA LEU H 29 -1.10 20.72 19.29
C LEU H 29 -1.26 20.24 17.85
N SER H 30 -0.60 19.13 17.52
CA SER H 30 -0.74 18.51 16.20
C SER H 30 -2.20 18.20 15.87
N GLN H 31 -2.94 17.72 16.87
CA GLN H 31 -4.37 17.42 16.71
C GLN H 31 -5.20 18.67 16.39
N GLN H 32 -4.72 19.84 16.79
CA GLN H 32 -5.37 21.11 16.45
C GLN H 32 -4.72 21.76 15.22
N ASN H 33 -4.17 20.93 14.33
CA ASN H 33 -3.58 21.37 13.07
C ASN H 33 -2.47 22.42 13.24
N VAL H 34 -1.57 22.15 14.18
CA VAL H 34 -0.46 23.04 14.49
C VAL H 34 0.84 22.30 14.21
N THR H 35 1.72 22.92 13.43
CA THR H 35 3.04 22.35 13.17
C THR H 35 3.92 22.52 14.40
N VAL H 36 4.44 21.41 14.91
CA VAL H 36 5.30 21.42 16.09
C VAL H 36 6.73 21.12 15.68
N ILE H 37 7.66 21.96 16.14
CA ILE H 37 9.09 21.73 15.96
C ILE H 37 9.68 21.41 17.32
N LYS H 38 10.03 20.15 17.55
CA LYS H 38 10.66 19.76 18.80
C LYS H 38 12.17 20.02 18.74
N SER H 39 12.72 20.43 19.87
CA SER H 39 14.14 20.73 20.01
C SER H 39 14.62 20.26 21.38
N THR H 40 15.80 19.65 21.42
CA THR H 40 16.27 18.94 22.63
C THR H 40 17.38 19.66 23.39
N SER H 41 17.73 20.87 22.97
CA SER H 41 18.67 21.67 23.73
C SER H 41 18.45 23.15 23.50
N PHE H 42 18.78 23.96 24.50
CA PHE H 42 18.76 25.41 24.36
C PHE H 42 19.69 25.85 23.21
N ASP H 43 20.80 25.12 23.06
CA ASP H 43 21.75 25.36 21.96
C ASP H 43 21.09 25.13 20.60
N ASP H 44 20.36 24.03 20.48
CA ASP H 44 19.64 23.70 19.24
C ASP H 44 18.53 24.70 18.96
N GLY H 45 17.73 25.01 19.98
CA GLY H 45 16.65 25.99 19.86
C GLY H 45 17.18 27.35 19.48
N TYR H 46 18.29 27.74 20.13
CA TYR H 46 18.97 28.99 19.82
C TYR H 46 19.39 29.03 18.36
N ALA H 47 19.91 27.91 17.86
CA ALA H 47 20.38 27.79 16.48
C ALA H 47 19.25 27.84 15.44
N ILE H 48 18.10 27.29 15.79
CA ILE H 48 16.91 27.32 14.93
C ILE H 48 16.41 28.76 14.80
N LEU H 49 16.34 29.45 15.93
CA LEU H 49 15.97 30.86 15.97
C LEU H 49 17.05 31.72 15.32
N SER H 50 18.31 31.29 15.47
CA SER H 50 19.47 31.99 14.88
C SER H 50 19.44 31.94 13.37
N ALA H 51 18.92 30.84 12.83
CA ALA H 51 18.48 30.82 11.44
C ALA H 51 17.29 31.79 11.41
N ASN H 52 16.36 31.65 10.48
CA ASN H 52 15.20 32.57 10.50
C ASN H 52 13.86 31.81 10.53
N GLU H 53 13.85 30.69 11.24
CA GLU H 53 12.65 29.87 11.37
C GLU H 53 11.51 30.65 12.02
N ALA H 54 10.55 31.07 11.19
CA ALA H 54 9.44 31.87 11.67
C ALA H 54 8.44 31.03 12.45
N ILE H 55 8.40 31.27 13.76
CA ILE H 55 7.46 30.61 14.65
C ILE H 55 6.44 31.62 15.18
N ASP H 56 5.29 31.10 15.62
CA ASP H 56 4.21 31.91 16.20
C ASP H 56 4.11 31.75 17.71
N CYS H 57 4.88 30.84 18.29
CA CYS H 57 4.89 30.63 19.74
C CYS H 57 6.11 29.80 20.14
N LEU H 58 6.77 30.22 21.21
CA LEU H 58 7.89 29.47 21.78
C LEU H 58 7.46 28.85 23.11
N MET H 59 7.71 27.56 23.27
CA MET H 59 7.52 26.88 24.55
C MET H 59 8.86 26.31 25.00
N PHE H 60 9.10 26.29 26.30
CA PHE H 60 10.32 25.68 26.83
C PHE H 60 10.16 25.16 28.26
N SER H 61 10.82 24.03 28.54
CA SER H 61 10.92 23.48 29.89
C SER H 61 12.09 24.17 30.62
N TYR H 62 12.08 24.11 31.94
CA TYR H 62 12.95 24.96 32.74
C TYR H 62 13.05 24.43 34.17
N GLN H 63 14.22 23.89 34.53
CA GLN H 63 14.46 23.35 35.87
C GLN H 63 14.57 24.44 36.94
N MET H 64 15.21 25.56 36.58
CA MET H 64 15.36 26.73 37.45
C MET H 64 16.23 26.49 38.68
N GLU H 65 17.29 25.70 38.52
CA GLU H 65 18.23 25.44 39.60
C GLU H 65 19.63 25.91 39.21
N GLN H 66 20.17 25.35 38.15
CA GLN H 66 21.51 25.72 37.66
C GLN H 66 21.50 27.13 37.04
N PRO H 67 22.53 27.95 37.34
CA PRO H 67 22.60 29.30 36.75
C PRO H 67 23.01 29.30 35.27
N ASP H 68 23.68 28.24 34.84
CA ASP H 68 24.01 28.05 33.43
C ASP H 68 22.71 27.97 32.60
N GLU H 69 21.68 27.36 33.18
CA GLU H 69 20.35 27.27 32.55
C GLU H 69 19.67 28.63 32.54
N HIS H 70 19.59 29.28 33.70
CA HIS H 70 18.99 30.61 33.83
C HIS H 70 19.46 31.51 32.69
N LEU H 71 20.77 31.48 32.44
CA LEU H 71 21.39 32.25 31.35
C LEU H 71 20.92 31.75 29.99
N SER H 72 21.03 30.45 29.77
CA SER H 72 20.61 29.83 28.49
C SER H 72 19.19 30.22 28.11
N VAL H 73 18.32 30.34 29.10
CA VAL H 73 16.94 30.80 28.89
C VAL H 73 16.90 32.26 28.42
N ARG H 74 17.65 33.12 29.12
CA ARG H 74 17.75 34.55 28.76
C ARG H 74 18.26 34.74 27.33
N GLN H 75 19.23 33.91 26.96
CA GLN H 75 19.83 33.97 25.62
C GLN H 75 18.82 33.55 24.56
N LEU H 76 18.13 32.44 24.81
CA LEU H 76 17.14 31.89 23.88
C LEU H 76 16.02 32.87 23.63
N ILE H 77 15.39 33.35 24.71
CA ILE H 77 14.28 34.28 24.62
C ILE H 77 14.74 35.62 24.07
N GLY H 78 15.91 36.07 24.51
CA GLY H 78 16.51 37.28 23.97
C GLY H 78 16.71 37.18 22.46
N LYS H 79 17.14 36.01 22.03
CA LYS H 79 17.34 35.74 20.60
C LYS H 79 16.04 35.79 19.81
N LEU H 80 15.00 35.15 20.34
CA LEU H 80 13.67 35.16 19.72
C LEU H 80 13.24 36.59 19.41
N HIS H 81 13.28 37.44 20.43
CA HIS H 81 12.72 38.80 20.34
C HIS H 81 13.57 39.79 19.54
N GLU H 82 14.76 39.38 19.10
CA GLU H 82 15.57 40.21 18.19
C GLU H 82 14.79 40.55 16.93
N ARG H 83 14.19 39.53 16.30
CA ARG H 83 13.43 39.70 15.06
C ARG H 83 11.97 39.24 15.14
N GLN H 84 11.69 38.35 16.10
CA GLN H 84 10.35 37.84 16.32
C GLN H 84 9.85 38.45 17.62
N GLN H 85 9.72 39.76 17.59
CA GLN H 85 9.64 40.60 18.79
C GLN H 85 8.50 40.29 19.76
N ASN H 86 7.32 39.95 19.23
CA ASN H 86 6.14 39.76 20.07
C ASN H 86 5.59 38.34 20.08
N VAL H 87 6.44 37.38 19.73
CA VAL H 87 6.05 35.98 19.82
C VAL H 87 5.77 35.62 21.28
N PRO H 88 4.62 34.98 21.55
CA PRO H 88 4.31 34.60 22.93
C PRO H 88 5.21 33.48 23.42
N VAL H 89 5.77 33.65 24.60
CA VAL H 89 6.66 32.68 25.22
C VAL H 89 5.95 31.94 26.36
N PHE H 90 5.76 30.64 26.18
CA PHE H 90 5.16 29.78 27.21
C PHE H 90 6.26 29.11 28.04
N LEU H 91 6.16 29.23 29.37
CA LEU H 91 7.04 28.48 30.26
C LEU H 91 6.37 27.17 30.63
N LEU H 92 6.98 26.06 30.19
CA LEU H 92 6.55 24.74 30.62
C LEU H 92 7.31 24.37 31.90
N GLY H 93 6.76 24.76 33.05
CA GLY H 93 7.52 24.73 34.29
C GLY H 93 6.86 24.04 35.47
N ASP H 94 7.55 24.12 36.60
CA ASP H 94 7.05 23.65 37.88
C ASP H 94 6.35 24.81 38.57
N ARG H 95 5.14 24.55 39.07
CA ARG H 95 4.32 25.56 39.73
C ARG H 95 5.06 26.21 40.90
N GLU H 96 5.56 25.38 41.82
CA GLU H 96 6.20 25.87 43.05
C GLU H 96 7.40 26.76 42.76
N LYS H 97 8.30 26.26 41.91
CA LYS H 97 9.55 26.97 41.61
C LYS H 97 9.33 28.27 40.84
N ALA H 98 8.49 28.20 39.81
CA ALA H 98 8.18 29.37 38.99
C ALA H 98 7.54 30.47 39.84
N THR H 99 6.51 30.08 40.59
CA THR H 99 5.83 30.95 41.55
C THR H 99 6.83 31.72 42.42
N ALA H 100 7.76 30.98 43.02
CA ALA H 100 8.74 31.56 43.94
C ALA H 100 9.71 32.51 43.24
N SER H 101 10.07 32.18 42.00
CA SER H 101 10.99 33.01 41.20
C SER H 101 10.34 34.28 40.67
N LEU H 102 9.02 34.25 40.53
CA LEU H 102 8.26 35.31 39.85
C LEU H 102 8.66 36.72 40.28
N ASP H 103 9.24 37.46 39.34
CA ASP H 103 9.54 38.89 39.51
C ASP H 103 9.33 39.61 38.16
N ARG H 104 9.59 40.91 38.13
CA ARG H 104 9.48 41.70 36.90
C ARG H 104 10.31 41.15 35.74
N ASP H 105 11.54 40.75 36.07
CA ASP H 105 12.48 40.22 35.07
C ASP H 105 11.92 39.00 34.35
N LEU H 106 11.40 38.04 35.13
CA LEU H 106 10.83 36.82 34.56
C LEU H 106 9.65 37.13 33.65
N LEU H 107 8.81 38.07 34.06
CA LEU H 107 7.60 38.42 33.31
C LEU H 107 7.88 39.16 32.00
N GLU H 108 9.06 39.77 31.89
CA GLU H 108 9.49 40.35 30.62
C GLU H 108 9.89 39.26 29.63
N LEU H 109 10.50 38.19 30.14
CA LEU H 109 10.84 37.00 29.34
C LEU H 109 9.59 36.20 28.98
N VAL H 110 8.96 35.63 30.01
CA VAL H 110 7.82 34.74 29.86
C VAL H 110 6.54 35.55 29.75
N ASP H 111 5.75 35.25 28.72
CA ASP H 111 4.44 35.87 28.54
C ASP H 111 3.33 35.07 29.21
N GLU H 112 3.50 33.75 29.28
CA GLU H 112 2.46 32.88 29.84
C GLU H 112 3.00 31.61 30.51
N PHE H 113 2.29 31.16 31.54
CA PHE H 113 2.71 30.00 32.35
C PHE H 113 1.84 28.78 32.09
N ALA H 114 2.49 27.64 31.87
CA ALA H 114 1.79 26.36 31.73
C ALA H 114 2.51 25.33 32.57
N TRP H 115 1.81 24.77 33.55
CA TRP H 115 2.43 23.83 34.47
C TRP H 115 2.19 22.41 34.02
N ILE H 116 3.23 21.86 33.37
CA ILE H 116 3.10 20.74 32.46
C ILE H 116 2.87 19.39 33.11
N LEU H 117 3.35 19.23 34.34
CA LEU H 117 3.15 18.00 35.10
C LEU H 117 1.89 18.05 35.96
N GLU H 118 1.01 19.03 35.71
CA GLU H 118 -0.14 19.29 36.57
C GLU H 118 -1.37 19.83 35.81
N ASP H 119 -1.35 19.78 34.49
CA ASP H 119 -2.39 20.41 33.66
C ASP H 119 -2.68 19.54 32.44
N THR H 120 -3.93 19.61 31.96
CA THR H 120 -4.33 18.85 30.77
C THR H 120 -3.61 19.42 29.54
N ALA H 121 -3.08 18.52 28.72
CA ALA H 121 -2.33 18.90 27.53
C ALA H 121 -3.17 19.74 26.57
N ASP H 122 -4.42 19.32 26.37
CA ASP H 122 -5.35 20.02 25.49
C ASP H 122 -5.65 21.46 25.92
N PHE H 123 -5.69 21.70 27.22
CA PHE H 123 -5.91 23.07 27.73
C PHE H 123 -4.76 23.99 27.37
N ILE H 124 -3.53 23.51 27.57
CA ILE H 124 -2.35 24.29 27.23
C ILE H 124 -2.32 24.55 25.73
N ALA H 125 -2.57 23.51 24.96
CA ALA H 125 -2.65 23.59 23.50
C ALA H 125 -3.60 24.69 23.09
N GLY H 126 -4.80 24.67 23.67
CA GLY H 126 -5.83 25.69 23.41
C GLY H 126 -5.33 27.09 23.71
N ARG H 127 -4.71 27.26 24.87
CA ARG H 127 -4.16 28.56 25.29
C ARG H 127 -3.10 29.05 24.31
N ALA H 128 -2.29 28.12 23.81
CA ALA H 128 -1.26 28.44 22.82
C ALA H 128 -1.87 28.94 21.52
N VAL H 129 -2.81 28.15 20.99
CA VAL H 129 -3.53 28.52 19.76
C VAL H 129 -4.16 29.90 19.88
N ALA H 130 -4.73 30.19 21.04
CA ALA H 130 -5.31 31.50 21.32
C ALA H 130 -4.24 32.60 21.28
N ALA H 131 -3.14 32.36 21.97
CA ALA H 131 -2.03 33.33 22.02
C ALA H 131 -1.41 33.55 20.65
N MET H 132 -1.33 32.49 19.86
CA MET H 132 -0.79 32.56 18.50
C MET H 132 -1.71 33.34 17.57
N THR H 133 -3.01 33.24 17.82
CA THR H 133 -4.01 33.97 17.05
C THR H 133 -3.91 35.49 17.31
N ARG H 134 -3.77 35.89 18.58
CA ARG H 134 -3.62 37.32 18.90
C ARG H 134 -2.32 37.85 18.34
N TYR H 135 -1.27 37.04 18.40
CA TYR H 135 0.03 37.39 17.81
C TYR H 135 -0.11 37.67 16.32
N ARG H 136 -0.82 36.80 15.61
CA ARG H 136 -1.01 36.92 14.17
C ARG H 136 -1.81 38.16 13.78
N GLN H 137 -2.87 38.44 14.53
CA GLN H 137 -3.68 39.64 14.33
C GLN H 137 -2.91 40.93 14.57
N GLN H 138 -1.96 40.90 15.49
CA GLN H 138 -1.12 42.04 15.85
C GLN H 138 0.10 42.25 14.92
N LEU H 139 0.43 41.22 14.14
CA LEU H 139 1.73 41.13 13.45
C LEU H 139 1.95 42.14 12.32
N LEU H 140 1.10 42.07 11.31
CA LEU H 140 1.30 42.80 10.05
C LEU H 140 1.07 44.30 10.19
N PRO H 141 1.81 45.12 9.40
CA PRO H 141 1.63 46.56 9.42
C PRO H 141 0.36 47.01 8.69
N PRO H 142 -0.10 48.26 8.95
CA PRO H 142 -1.45 48.71 8.60
C PRO H 142 -1.92 48.41 7.18
N LEU H 143 -1.14 48.83 6.19
CA LEU H 143 -1.56 48.72 4.78
C LEU H 143 -1.57 47.27 4.30
N PHE H 144 -0.44 46.60 4.43
CA PHE H 144 -0.35 45.21 3.98
C PHE H 144 -1.38 44.35 4.71
N ASN H 145 -1.60 44.62 5.99
CA ASN H 145 -2.62 43.89 6.77
C ASN H 145 -4.01 44.09 6.18
N ALA H 146 -4.33 45.35 5.85
CA ALA H 146 -5.61 45.68 5.22
C ALA H 146 -5.79 44.94 3.89
N LEU H 147 -4.73 44.93 3.08
CA LEU H 147 -4.74 44.21 1.79
C LEU H 147 -4.99 42.70 1.93
N MET H 148 -4.88 42.17 3.15
CA MET H 148 -5.25 40.79 3.45
C MET H 148 -6.70 40.71 3.97
N LYS H 149 -7.64 40.96 3.07
CA LYS H 149 -9.07 40.84 3.37
C LYS H 149 -9.88 40.84 2.07
N GLN H 164 -8.74 41.73 -14.84
CA GLN H 164 -9.52 41.92 -13.62
C GLN H 164 -9.30 40.76 -12.65
N GLY H 165 -8.36 40.96 -11.72
CA GLY H 165 -7.95 39.90 -10.78
C GLY H 165 -6.91 38.99 -11.41
N GLY H 166 -6.29 39.46 -12.48
CA GLY H 166 -5.33 38.68 -13.25
C GLY H 166 -5.97 37.73 -14.24
N VAL H 167 -7.28 37.85 -14.43
CA VAL H 167 -8.04 36.93 -15.26
C VAL H 167 -7.79 37.14 -16.75
N GLY H 168 -7.75 38.40 -17.17
CA GLY H 168 -7.53 38.73 -18.58
C GLY H 168 -6.29 38.09 -19.19
N PHE H 169 -5.24 37.95 -18.38
CA PHE H 169 -3.99 37.37 -18.82
C PHE H 169 -4.11 35.89 -19.18
N THR H 170 -5.01 35.18 -18.53
CA THR H 170 -5.12 33.72 -18.70
C THR H 170 -5.69 33.30 -20.05
N LYS H 171 -6.19 34.26 -20.81
CA LYS H 171 -6.87 33.99 -22.07
C LYS H 171 -5.93 33.76 -23.26
N THR H 172 -4.67 34.14 -23.10
CA THR H 172 -3.62 33.91 -24.09
C THR H 172 -2.55 33.01 -23.46
N PRO H 173 -1.90 32.14 -24.26
CA PRO H 173 -0.85 31.28 -23.68
C PRO H 173 0.33 32.06 -23.09
N SER H 174 0.86 33.01 -23.85
CA SER H 174 1.94 33.89 -23.37
C SER H 174 1.54 34.67 -22.12
N GLY H 175 0.26 35.04 -22.04
CA GLY H 175 -0.29 35.70 -20.86
C GLY H 175 -0.43 34.76 -19.66
N ARG H 176 -0.87 33.53 -19.91
CA ARG H 176 -1.00 32.52 -18.83
C ARG H 176 0.36 32.21 -18.24
N PHE H 177 1.37 32.13 -19.09
CA PHE H 177 2.73 31.86 -18.64
C PHE H 177 3.21 32.98 -17.73
N TYR H 178 3.01 34.21 -18.19
CA TYR H 178 3.30 35.39 -17.38
C TYR H 178 2.54 35.38 -16.06
N HIS H 179 1.25 35.07 -16.14
CA HIS H 179 0.38 35.05 -14.96
C HIS H 179 0.84 34.05 -13.91
N ASP H 180 1.15 32.83 -14.35
CA ASP H 180 1.62 31.77 -13.46
C ASP H 180 3.01 32.07 -12.90
N TYR H 181 3.85 32.73 -13.69
CA TYR H 181 5.20 33.06 -13.26
C TYR H 181 5.19 34.03 -12.10
N TYR H 182 4.50 35.16 -12.27
CA TYR H 182 4.46 36.21 -11.25
C TYR H 182 3.45 35.94 -10.14
N GLY H 183 2.47 35.08 -10.43
CA GLY H 183 1.50 34.66 -9.42
C GLY H 183 0.25 35.51 -9.41
N GLU H 184 -0.87 34.90 -9.05
CA GLU H 184 -2.19 35.55 -9.11
C GLU H 184 -2.37 36.71 -8.12
N ASN H 185 -1.72 36.63 -6.96
CA ASN H 185 -1.86 37.65 -5.92
C ASN H 185 -1.37 39.03 -6.34
N LEU H 186 -0.35 39.06 -7.18
CA LEU H 186 0.21 40.32 -7.68
C LEU H 186 -0.84 41.15 -8.40
N PHE H 187 -1.72 40.47 -9.12
CA PHE H 187 -2.81 41.11 -9.86
C PHE H 187 -4.00 41.37 -8.94
N ARG H 188 -4.34 40.38 -8.12
CA ARG H 188 -5.38 40.52 -7.07
C ARG H 188 -5.14 41.77 -6.21
N SER H 189 -3.90 42.28 -6.21
CA SER H 189 -3.58 43.56 -5.62
C SER H 189 -3.66 44.70 -6.65
N ASP H 190 -4.89 45.03 -7.04
CA ASP H 190 -5.18 46.16 -7.93
C ASP H 190 -6.58 46.70 -7.63
N MET H 191 -6.83 47.98 -7.91
CA MET H 191 -8.17 48.57 -7.71
C MET H 191 -8.27 49.93 -8.37
N THR H 197 -13.26 51.67 1.73
CA THR H 197 -12.97 51.06 3.03
C THR H 197 -11.47 51.05 3.39
N LEU H 198 -10.64 50.74 2.39
CA LEU H 198 -9.17 50.61 2.55
C LEU H 198 -8.45 51.95 2.42
N GLY H 199 -9.04 52.87 1.64
CA GLY H 199 -8.49 54.21 1.47
C GLY H 199 -7.70 54.36 0.18
N SER H 200 -7.35 55.60 -0.14
CA SER H 200 -6.58 55.93 -1.35
C SER H 200 -5.20 56.46 -1.00
N LEU H 201 -4.21 56.16 -1.85
CA LEU H 201 -2.84 56.65 -1.66
C LEU H 201 -2.75 58.15 -1.82
N LEU H 202 -3.21 58.66 -2.96
CA LEU H 202 -3.10 60.07 -3.28
C LEU H 202 -3.90 60.96 -2.32
N ASP H 203 -5.00 60.42 -1.81
CA ASP H 203 -5.80 61.10 -0.79
C ASP H 203 -5.20 60.96 0.60
N HIS H 204 -4.38 59.92 0.80
CA HIS H 204 -3.71 59.63 2.07
C HIS H 204 -4.71 59.34 3.17
N THR H 205 -5.62 58.43 2.85
CA THR H 205 -6.76 58.09 3.71
C THR H 205 -6.73 56.61 4.07
N GLY H 206 -7.48 56.26 5.11
CA GLY H 206 -7.63 54.86 5.54
C GLY H 206 -6.31 54.22 5.92
N ALA H 207 -6.08 53.01 5.42
CA ALA H 207 -4.89 52.23 5.74
C ALA H 207 -3.63 52.83 5.09
N PHE H 208 -3.80 53.51 3.96
CA PHE H 208 -2.70 54.22 3.32
C PHE H 208 -2.20 55.34 4.24
N GLY H 209 -3.14 56.04 4.86
CA GLY H 209 -2.83 57.09 5.82
C GLY H 209 -2.19 56.55 7.08
N GLU H 210 -2.77 55.48 7.62
CA GLU H 210 -2.22 54.81 8.81
C GLU H 210 -0.79 54.33 8.59
N SER H 211 -0.51 53.78 7.42
CA SER H 211 0.84 53.33 7.04
C SER H 211 1.87 54.46 7.10
N GLU H 212 1.49 55.62 6.57
CA GLU H 212 2.36 56.79 6.51
C GLU H 212 2.59 57.42 7.88
N LYS H 213 1.52 57.51 8.65
CA LYS H 213 1.58 57.94 10.04
C LYS H 213 2.51 57.01 10.84
N ASN H 214 2.42 55.72 10.56
CA ASN H 214 3.27 54.70 11.17
C ASN H 214 4.73 54.81 10.72
N ALA H 215 4.93 54.99 9.42
CA ALA H 215 6.29 55.14 8.85
C ALA H 215 7.02 56.32 9.46
N ALA H 216 6.29 57.42 9.66
CA ALA H 216 6.81 58.61 10.31
C ALA H 216 7.28 58.35 11.74
N ARG H 217 6.50 57.59 12.49
CA ARG H 217 6.88 57.19 13.84
C ARG H 217 8.20 56.44 13.82
N VAL H 218 8.27 55.41 12.99
CA VAL H 218 9.44 54.52 12.94
C VAL H 218 10.68 55.28 12.50
N PHE H 219 10.56 56.03 11.41
CA PHE H 219 11.71 56.75 10.83
C PHE H 219 12.01 58.11 11.47
N GLY H 220 11.23 58.49 12.48
CA GLY H 220 11.52 59.68 13.28
C GLY H 220 11.17 60.97 12.58
N ALA H 221 10.04 60.97 11.90
CA ALA H 221 9.58 62.13 11.13
C ALA H 221 8.26 62.63 11.67
N ASP H 222 7.95 63.90 11.39
CA ASP H 222 6.66 64.48 11.74
C ASP H 222 5.58 63.89 10.83
N ARG H 223 5.88 63.82 9.54
CA ARG H 223 5.03 63.12 8.59
C ARG H 223 5.84 62.49 7.47
N SER H 224 5.30 61.41 6.91
CA SER H 224 5.94 60.68 5.83
C SER H 224 5.02 60.59 4.62
N TRP H 225 5.61 60.58 3.43
CA TRP H 225 4.87 60.46 2.17
C TRP H 225 5.36 59.25 1.40
N SER H 226 4.48 58.26 1.24
CA SER H 226 4.80 57.04 0.50
C SER H 226 4.81 57.32 -1.00
N VAL H 227 5.93 57.01 -1.64
CA VAL H 227 6.15 57.35 -3.04
C VAL H 227 6.35 56.08 -3.87
N VAL H 228 5.82 56.10 -5.09
CA VAL H 228 5.78 54.93 -5.95
C VAL H 228 6.46 55.17 -7.32
N VAL H 229 7.19 56.28 -7.41
CA VAL H 229 7.96 56.66 -8.60
C VAL H 229 9.46 56.81 -8.24
N GLY H 230 9.88 56.11 -7.19
CA GLY H 230 11.27 56.14 -6.75
C GLY H 230 11.69 57.42 -6.08
N THR H 231 12.95 57.48 -5.64
CA THR H 231 13.52 58.72 -5.10
C THR H 231 13.62 59.84 -6.14
N SER H 232 13.65 59.47 -7.42
CA SER H 232 13.56 60.44 -8.50
C SER H 232 12.28 61.25 -8.32
N GLY H 233 11.15 60.53 -8.23
CA GLY H 233 9.86 61.16 -7.98
C GLY H 233 9.79 61.90 -6.66
N SER H 234 10.39 61.33 -5.62
CA SER H 234 10.45 61.97 -4.29
C SER H 234 11.20 63.30 -4.34
N ASN H 235 12.39 63.28 -4.94
CA ASN H 235 13.22 64.49 -5.07
C ASN H 235 12.50 65.58 -5.87
N ARG H 236 11.93 65.21 -7.00
CA ARG H 236 11.18 66.15 -7.84
C ARG H 236 10.00 66.77 -7.08
N THR H 237 9.33 65.93 -6.29
CA THR H 237 8.19 66.36 -5.46
C THR H 237 8.59 67.40 -4.41
N ILE H 238 9.66 67.12 -3.66
CA ILE H 238 10.14 68.04 -2.63
C ILE H 238 10.49 69.38 -3.25
N MET H 239 11.28 69.33 -4.32
CA MET H 239 11.70 70.54 -5.03
C MET H 239 10.53 71.35 -5.57
N GLN H 240 9.51 70.68 -6.09
CA GLN H 240 8.29 71.35 -6.55
C GLN H 240 7.63 72.21 -5.48
N ALA H 241 7.69 71.75 -4.22
CA ALA H 241 7.03 72.42 -3.11
C ALA H 241 7.87 73.54 -2.47
N CYS H 242 9.18 73.56 -2.76
CA CYS H 242 10.13 74.42 -2.04
C CYS H 242 10.68 75.60 -2.84
N MET H 243 10.31 75.73 -4.11
CA MET H 243 10.89 76.80 -4.94
C MET H 243 10.10 77.13 -6.19
N THR H 244 10.27 78.37 -6.65
CA THR H 244 9.80 78.83 -7.95
C THR H 244 10.99 79.37 -8.71
N ASP H 245 10.77 79.85 -9.94
CA ASP H 245 11.86 80.42 -10.74
C ASP H 245 12.40 81.76 -10.18
N ASN H 246 11.67 82.35 -9.23
CA ASN H 246 12.16 83.55 -8.56
C ASN H 246 13.17 83.23 -7.43
N ASP H 247 13.27 81.96 -7.05
CA ASP H 247 14.08 81.56 -5.89
C ASP H 247 15.53 81.21 -6.22
N VAL H 248 16.39 81.38 -5.21
CA VAL H 248 17.77 80.90 -5.24
C VAL H 248 17.82 79.61 -4.44
N VAL H 249 18.63 78.65 -4.89
CA VAL H 249 18.75 77.36 -4.20
C VAL H 249 20.20 76.91 -4.11
N VAL H 250 20.53 76.26 -2.99
CA VAL H 250 21.91 75.82 -2.70
C VAL H 250 21.99 74.31 -2.88
N LEU H 251 22.79 73.87 -3.83
CA LEU H 251 22.83 72.47 -4.25
C LEU H 251 24.19 71.79 -4.02
N ASP H 252 24.15 70.62 -3.39
CA ASP H 252 25.30 69.71 -3.39
C ASP H 252 25.60 69.42 -4.86
N ARG H 253 26.84 69.69 -5.28
CA ARG H 253 27.27 69.40 -6.65
C ARG H 253 27.15 67.91 -6.96
N ASN H 254 27.44 67.09 -5.96
CA ASN H 254 27.18 65.66 -5.99
C ASN H 254 25.67 65.43 -5.78
N CYS H 255 24.91 65.50 -6.87
CA CYS H 255 23.46 65.36 -6.79
C CYS H 255 22.92 64.36 -7.80
N HIS H 256 21.78 63.77 -7.47
CA HIS H 256 21.05 62.86 -8.35
C HIS H 256 20.65 63.61 -9.63
N LYS H 257 20.57 62.89 -10.74
CA LYS H 257 19.98 63.41 -11.98
C LYS H 257 18.62 64.08 -11.73
N SER H 258 17.84 63.51 -10.82
CA SER H 258 16.49 64.00 -10.49
C SER H 258 16.47 65.37 -9.81
N ILE H 259 17.57 65.75 -9.19
CA ILE H 259 17.71 67.06 -8.57
C ILE H 259 17.89 68.14 -9.64
N GLU H 260 18.62 67.83 -10.71
CA GLU H 260 18.67 68.70 -11.89
C GLU H 260 17.30 68.79 -12.55
N GLN H 261 16.63 67.64 -12.66
CA GLN H 261 15.27 67.60 -13.22
C GLN H 261 14.34 68.60 -12.53
N GLY H 262 14.44 68.66 -11.20
CA GLY H 262 13.68 69.63 -10.41
C GLY H 262 14.03 71.06 -10.78
N LEU H 263 15.32 71.34 -10.93
CA LEU H 263 15.78 72.64 -11.40
C LEU H 263 15.14 73.05 -12.74
N ILE H 264 14.99 72.09 -13.64
CA ILE H 264 14.44 72.35 -14.97
C ILE H 264 12.93 72.58 -14.91
N LEU H 265 12.25 71.82 -14.07
CA LEU H 265 10.80 71.96 -13.91
C LEU H 265 10.43 73.22 -13.14
N THR H 266 11.20 73.51 -12.10
CA THR H 266 10.99 74.68 -11.26
C THR H 266 11.49 75.95 -11.94
N GLY H 267 12.67 75.85 -12.55
CA GLY H 267 13.33 77.01 -13.17
C GLY H 267 14.09 77.85 -12.17
N ALA H 268 14.37 77.28 -11.00
CA ALA H 268 15.04 78.00 -9.92
C ALA H 268 16.49 78.30 -10.28
N LYS H 269 17.12 79.15 -9.48
CA LYS H 269 18.47 79.66 -9.76
C LYS H 269 19.50 79.00 -8.82
N PRO H 270 20.34 78.10 -9.36
CA PRO H 270 21.20 77.29 -8.50
C PRO H 270 22.57 77.87 -8.20
N VAL H 271 23.09 77.43 -7.06
CA VAL H 271 24.46 77.66 -6.65
C VAL H 271 24.94 76.35 -6.05
N TYR H 272 26.15 75.92 -6.41
CA TYR H 272 26.61 74.58 -6.05
C TYR H 272 27.70 74.57 -4.98
N MET H 273 27.64 73.56 -4.11
CA MET H 273 28.68 73.28 -3.13
C MET H 273 29.56 72.16 -3.66
N VAL H 274 30.85 72.39 -3.73
CA VAL H 274 31.78 71.45 -4.34
C VAL H 274 32.42 70.55 -3.29
N PRO H 275 32.19 69.23 -3.39
CA PRO H 275 32.78 68.32 -2.41
C PRO H 275 34.24 68.00 -2.72
N SER H 276 34.96 67.54 -1.71
CA SER H 276 36.34 67.11 -1.85
C SER H 276 36.44 65.74 -2.53
N ARG H 277 37.58 65.46 -3.13
CA ARG H 277 37.92 64.13 -3.61
C ARG H 277 39.19 63.67 -2.92
N ASN H 278 39.57 62.41 -3.14
CA ASN H 278 40.85 61.89 -2.65
C ASN H 278 41.68 61.30 -3.78
N ARG H 279 42.87 60.81 -3.43
CA ARG H 279 43.82 60.28 -4.41
C ARG H 279 43.31 59.09 -5.22
N TYR H 280 42.41 58.30 -4.66
CA TYR H 280 41.83 57.14 -5.37
C TYR H 280 40.68 57.53 -6.29
N GLY H 281 40.32 58.82 -6.29
CA GLY H 281 39.23 59.32 -7.13
C GLY H 281 37.88 59.30 -6.44
N ILE H 282 37.86 58.89 -5.18
CA ILE H 282 36.62 58.77 -4.40
C ILE H 282 36.12 60.13 -3.94
N ILE H 283 34.84 60.41 -4.22
CA ILE H 283 34.23 61.67 -3.76
C ILE H 283 34.09 61.64 -2.25
N GLY H 284 34.66 62.67 -1.62
CA GLY H 284 34.51 62.89 -0.19
C GLY H 284 33.39 63.86 0.09
N PRO H 285 33.36 64.42 1.31
CA PRO H 285 32.28 65.29 1.72
C PRO H 285 32.52 66.75 1.35
N ILE H 286 31.43 67.51 1.30
CA ILE H 286 31.50 68.96 1.30
C ILE H 286 32.06 69.42 2.65
N TYR H 287 33.14 70.20 2.62
CA TYR H 287 33.76 70.72 3.84
C TYR H 287 32.89 71.82 4.45
N PRO H 288 32.97 72.02 5.78
CA PRO H 288 32.22 73.09 6.45
C PRO H 288 32.43 74.48 5.86
N GLN H 289 33.68 74.80 5.50
CA GLN H 289 33.99 76.11 4.89
C GLN H 289 33.13 76.42 3.65
N GLU H 290 32.76 75.36 2.93
CA GLU H 290 31.89 75.48 1.75
C GLU H 290 30.40 75.69 2.09
N MET H 291 30.00 75.32 3.31
CA MET H 291 28.63 75.51 3.79
C MET H 291 28.43 76.81 4.59
N GLN H 292 29.51 77.56 4.81
CA GLN H 292 29.42 78.80 5.59
C GLN H 292 28.53 79.81 4.88
N PRO H 293 27.68 80.54 5.63
CA PRO H 293 26.82 81.55 5.03
C PRO H 293 27.59 82.54 4.17
N GLU H 294 28.78 82.93 4.65
CA GLU H 294 29.61 83.92 3.97
C GLU H 294 30.12 83.37 2.63
N THR H 295 30.46 82.08 2.60
CA THR H 295 30.90 81.41 1.37
C THR H 295 29.77 81.26 0.35
N LEU H 296 28.59 80.90 0.84
CA LEU H 296 27.41 80.73 -0.03
C LEU H 296 26.93 82.06 -0.57
N GLN H 297 26.93 83.10 0.26
CA GLN H 297 26.56 84.44 -0.19
C GLN H 297 27.48 84.95 -1.29
N LYS H 298 28.77 84.62 -1.18
CA LYS H 298 29.78 84.97 -2.19
C LYS H 298 29.53 84.24 -3.51
N LYS H 299 29.25 82.94 -3.42
CA LYS H 299 28.88 82.12 -4.58
C LYS H 299 27.67 82.69 -5.33
N ILE H 300 26.65 83.09 -4.57
CA ILE H 300 25.41 83.66 -5.13
C ILE H 300 25.66 84.95 -5.91
N SER H 301 26.44 85.84 -5.31
CA SER H 301 26.79 87.11 -5.95
C SER H 301 27.70 86.92 -7.17
N ALA H 302 28.48 85.84 -7.17
CA ALA H 302 29.43 85.55 -8.25
C ALA H 302 28.76 84.95 -9.49
N SER H 303 27.85 84.00 -9.28
CA SER H 303 27.22 83.27 -10.38
C SER H 303 26.34 84.18 -11.25
N PRO H 304 26.41 84.01 -12.58
CA PRO H 304 25.54 84.74 -13.52
C PRO H 304 24.04 84.48 -13.32
N LEU H 305 23.70 83.28 -12.88
CA LEU H 305 22.31 82.89 -12.68
C LEU H 305 21.68 83.55 -11.46
N THR H 306 22.48 83.78 -10.41
CA THR H 306 21.99 84.32 -9.15
C THR H 306 22.39 85.77 -8.84
N LYS H 307 23.39 86.30 -9.54
CA LYS H 307 23.85 87.69 -9.35
C LYS H 307 22.75 88.68 -8.98
N THR H 308 21.69 88.70 -9.77
CA THR H 308 20.59 89.66 -9.63
C THR H 308 19.71 89.41 -8.40
N LYS H 309 19.80 88.19 -7.87
CA LYS H 309 19.04 87.80 -6.67
C LYS H 309 19.94 87.68 -5.44
N ALA H 310 21.06 88.39 -5.43
CA ALA H 310 22.00 88.35 -4.32
C ALA H 310 21.34 88.90 -3.05
N GLY H 311 21.73 88.33 -1.91
CA GLY H 311 21.18 88.73 -0.62
C GLY H 311 19.81 88.15 -0.32
N GLN H 312 19.20 87.50 -1.32
CA GLN H 312 17.91 86.85 -1.15
C GLN H 312 18.11 85.56 -0.37
N LYS H 313 17.18 85.24 0.51
CA LYS H 313 17.28 84.00 1.30
C LYS H 313 16.93 82.79 0.43
N PRO H 314 17.89 81.87 0.25
CA PRO H 314 17.61 80.67 -0.52
C PRO H 314 16.46 79.86 0.06
N SER H 315 15.60 79.36 -0.82
CA SER H 315 14.36 78.69 -0.41
C SER H 315 14.52 77.17 -0.28
N TYR H 316 15.71 76.66 -0.59
CA TYR H 316 15.93 75.21 -0.59
C TYR H 316 17.41 74.89 -0.62
N SER H 317 17.75 73.79 0.06
CA SER H 317 19.13 73.37 0.20
C SER H 317 19.17 71.85 0.18
N VAL H 318 20.13 71.28 -0.54
CA VAL H 318 20.27 69.82 -0.57
C VAL H 318 21.71 69.32 -0.40
N VAL H 319 21.84 68.27 0.41
CA VAL H 319 23.09 67.56 0.60
C VAL H 319 22.78 66.08 0.40
N THR H 320 23.71 65.36 -0.21
CA THR H 320 23.55 63.92 -0.41
C THR H 320 24.07 63.16 0.80
N CYS H 322 24.44 60.33 2.41
CA CYS H 322 25.56 59.38 2.34
C CYS H 322 26.05 59.21 0.91
N THR H 323 27.35 59.40 0.70
CA THR H 323 27.98 59.27 -0.62
C THR H 323 27.88 57.81 -1.09
N TYR H 324 27.87 57.59 -2.42
CA TYR H 324 27.81 56.23 -2.97
C TYR H 324 28.92 55.33 -2.38
N ASP H 325 30.09 55.93 -2.19
CA ASP H 325 31.27 55.25 -1.65
C ASP H 325 31.29 55.13 -0.11
N GLY H 326 30.29 55.69 0.55
CA GLY H 326 30.04 55.44 1.98
C GLY H 326 30.45 56.54 2.96
N VAL H 327 30.73 57.73 2.44
CA VAL H 327 31.10 58.86 3.29
C VAL H 327 29.83 59.44 3.92
N CYS H 328 29.77 59.42 5.25
CA CYS H 328 28.62 59.93 5.99
C CYS H 328 28.94 61.27 6.66
N TYR H 329 28.09 62.25 6.42
CA TYR H 329 28.23 63.56 7.06
C TYR H 329 27.80 63.47 8.51
N ASN H 330 28.35 64.35 9.34
CA ASN H 330 27.78 64.66 10.64
C ASN H 330 26.59 65.60 10.39
N ALA H 331 25.43 64.99 10.19
CA ALA H 331 24.23 65.72 9.78
C ALA H 331 23.76 66.74 10.81
N LYS H 332 24.09 66.53 12.09
CA LYS H 332 23.75 67.49 13.13
C LYS H 332 24.48 68.81 12.90
N GLU H 333 25.80 68.74 12.69
CA GLU H 333 26.61 69.93 12.43
C GLU H 333 26.31 70.55 11.06
N ALA H 334 26.19 69.68 10.05
CA ALA H 334 25.90 70.11 8.69
C ALA H 334 24.59 70.90 8.61
N GLN H 335 23.57 70.39 9.31
CA GLN H 335 22.27 71.05 9.38
C GLN H 335 22.35 72.44 10.02
N ASP H 336 23.08 72.55 11.13
CA ASP H 336 23.21 73.81 11.84
C ASP H 336 23.94 74.87 11.01
N LEU H 337 24.87 74.44 10.17
CA LEU H 337 25.56 75.34 9.23
C LEU H 337 24.64 75.83 8.12
N LEU H 338 23.88 74.90 7.55
CA LEU H 338 22.97 75.23 6.44
C LEU H 338 21.74 76.00 6.92
N ALA H 339 21.33 75.73 8.16
CA ALA H 339 20.19 76.42 8.78
C ALA H 339 20.38 77.93 8.81
N LYS H 340 21.64 78.36 8.95
CA LYS H 340 22.01 79.78 8.93
C LYS H 340 21.63 80.46 7.62
N THR H 341 21.75 79.71 6.52
CA THR H 341 21.50 80.23 5.18
C THR H 341 20.08 79.96 4.68
N SER H 342 19.57 78.76 4.92
CA SER H 342 18.26 78.35 4.41
C SER H 342 17.39 77.70 5.49
N ASP H 343 16.07 77.89 5.37
CA ASP H 343 15.11 77.30 6.32
C ASP H 343 14.68 75.90 5.91
N ARG H 344 14.99 75.50 4.68
CA ARG H 344 14.70 74.15 4.20
C ARG H 344 15.97 73.42 3.79
N ILE H 345 16.20 72.31 4.47
CA ILE H 345 17.40 71.49 4.26
C ILE H 345 16.94 70.09 3.90
N HIS H 346 17.39 69.60 2.75
CA HIS H 346 17.00 68.30 2.25
C HIS H 346 18.23 67.41 2.16
N PHE H 347 18.18 66.29 2.90
CA PHE H 347 19.24 65.28 2.81
C PHE H 347 18.77 64.14 1.91
N ASP H 348 19.47 63.94 0.79
CA ASP H 348 19.20 62.80 -0.08
C ASP H 348 19.85 61.57 0.54
N GLU H 349 19.08 60.86 1.34
CA GLU H 349 19.55 59.68 2.05
C GLU H 349 19.09 58.41 1.35
N ALA H 350 19.17 58.41 0.02
CA ALA H 350 18.67 57.32 -0.82
C ALA H 350 19.32 55.97 -0.49
N TRP H 351 20.64 55.99 -0.38
CA TRP H 351 21.44 54.80 -0.06
C TRP H 351 21.59 54.57 1.44
N TYR H 352 20.75 55.21 2.26
CA TYR H 352 21.09 55.42 3.67
C TYR H 352 19.89 55.40 4.61
N GLY H 353 18.88 54.61 4.26
CA GLY H 353 17.63 54.56 5.05
C GLY H 353 17.80 53.88 6.38
N TYR H 354 18.74 52.93 6.43
CA TYR H 354 19.04 52.14 7.63
C TYR H 354 19.69 52.93 8.77
N ALA H 355 20.37 54.02 8.42
CA ALA H 355 21.22 54.79 9.34
C ALA H 355 20.65 54.96 10.75
N ARG H 356 19.39 55.35 10.80
CA ARG H 356 18.70 55.62 12.07
C ARG H 356 18.69 54.45 13.05
N PHE H 357 18.64 53.22 12.52
CA PHE H 357 18.33 52.03 13.32
C PHE H 357 19.56 51.27 13.81
N ASN H 358 20.74 51.88 13.73
CA ASN H 358 21.94 51.36 14.37
C ASN H 358 22.71 52.52 15.00
N PRO H 359 23.10 52.38 16.28
CA PRO H 359 23.78 53.48 16.97
C PRO H 359 25.18 53.83 16.44
N ILE H 360 25.76 52.98 15.59
CA ILE H 360 27.07 53.30 15.01
C ILE H 360 26.98 54.54 14.10
N TYR H 361 25.81 54.77 13.51
CA TYR H 361 25.56 55.96 12.68
C TYR H 361 25.04 57.17 13.45
N CYS H 362 24.99 57.06 14.78
CA CYS H 362 24.50 58.14 15.64
C CYS H 362 24.99 59.53 15.19
N ASP H 363 24.05 60.48 15.11
CA ASP H 363 24.30 61.88 14.73
C ASP H 363 24.68 62.10 13.26
N HIS H 364 24.82 61.04 12.47
CA HIS H 364 25.25 61.18 11.08
C HIS H 364 24.14 60.94 10.07
N TYR H 365 22.90 61.21 10.48
CA TYR H 365 21.72 61.15 9.59
C TYR H 365 20.74 62.25 9.97
N ALA H 366 19.73 62.45 9.15
CA ALA H 366 18.80 63.59 9.30
C ALA H 366 17.84 63.45 10.49
N MET H 367 17.08 62.36 10.51
CA MET H 367 15.99 62.16 11.48
C MET H 367 16.48 61.63 12.82
N ARG H 368 17.21 62.47 13.55
CA ARG H 368 17.84 62.07 14.80
C ARG H 368 16.87 62.12 15.97
N GLY H 369 16.88 61.15 16.84
CA GLY H 369 16.00 61.22 17.96
C GLY H 369 14.57 61.22 17.57
N GLU H 370 13.73 61.86 18.34
CA GLU H 370 12.35 61.90 18.06
C GLU H 370 11.99 63.31 17.72
N PRO H 371 10.91 63.48 16.98
CA PRO H 371 10.56 64.79 16.47
C PRO H 371 9.72 65.59 17.41
N GLY H 372 9.46 66.82 17.01
CA GLY H 372 8.72 67.75 17.81
C GLY H 372 9.59 68.96 18.01
N ASP H 373 9.53 69.90 17.08
CA ASP H 373 10.50 70.99 16.91
C ASP H 373 11.60 71.16 17.94
N GLY H 376 13.51 74.99 14.88
CA GLY H 376 14.60 74.68 13.96
C GLY H 376 14.16 74.83 12.51
N PRO H 377 15.03 74.45 11.56
CA PRO H 377 14.64 74.50 10.14
C PRO H 377 13.79 73.32 9.73
N THR H 378 13.10 73.44 8.60
CA THR H 378 12.34 72.34 8.02
C THR H 378 13.32 71.39 7.34
N VAL H 379 13.31 70.13 7.76
CA VAL H 379 14.25 69.13 7.25
C VAL H 379 13.55 68.03 6.48
N PHE H 380 14.01 67.79 5.25
CA PHE H 380 13.53 66.68 4.44
C PHE H 380 14.57 65.57 4.44
N ALA H 381 14.08 64.33 4.45
CA ALA H 381 14.93 63.16 4.24
C ALA H 381 14.27 62.29 3.18
N THR H 382 15.09 61.77 2.27
CA THR H 382 14.61 61.00 1.13
C THR H 382 15.23 59.62 1.16
N HIS H 383 14.39 58.58 1.24
CA HIS H 383 14.87 57.19 1.21
C HIS H 383 14.39 56.48 -0.04
N SER H 384 15.29 55.68 -0.61
CA SER H 384 14.95 54.71 -1.63
C SER H 384 14.82 53.38 -0.92
N THR H 385 13.59 52.98 -0.64
CA THR H 385 13.32 51.78 0.14
C THR H 385 13.88 50.52 -0.53
N HIS H 386 13.85 50.48 -1.86
CA HIS H 386 14.34 49.33 -2.60
C HIS H 386 15.85 49.15 -2.53
N LYS H 387 16.59 50.26 -2.47
CA LYS H 387 18.06 50.20 -2.51
C LYS H 387 18.66 49.39 -1.37
N LEU H 388 18.60 49.89 -0.15
CA LEU H 388 19.26 49.20 0.97
C LEU H 388 18.35 48.74 2.13
N LEU H 389 17.08 49.17 2.13
CA LEU H 389 16.08 48.60 3.05
C LEU H 389 15.51 47.27 2.53
N ASN H 390 15.78 46.98 1.26
CA ASN H 390 15.31 45.76 0.63
C ASN H 390 13.79 45.80 0.45
N ALA H 391 13.36 46.23 -0.74
CA ALA H 391 11.95 46.42 -1.06
C ALA H 391 11.76 46.46 -2.57
N LEU H 392 10.51 46.49 -3.01
CA LEU H 392 10.21 46.50 -4.44
C LEU H 392 10.73 47.76 -5.10
N SER H 393 11.29 47.61 -6.30
CA SER H 393 11.81 48.75 -7.06
C SER H 393 10.72 49.80 -7.29
N GLN H 394 11.14 51.07 -7.27
CA GLN H 394 10.24 52.25 -7.32
C GLN H 394 9.68 52.67 -5.96
N ALA H 395 9.95 51.90 -4.91
CA ALA H 395 9.49 52.24 -3.56
C ALA H 395 10.40 53.32 -2.99
N SER H 396 9.78 54.39 -2.48
CA SER H 396 10.51 55.50 -1.89
C SER H 396 9.69 56.20 -0.82
N TYR H 397 10.37 56.89 0.09
CA TYR H 397 9.72 57.69 1.11
C TYR H 397 10.25 59.13 1.12
N ILE H 398 9.34 60.08 1.34
CA ILE H 398 9.71 61.45 1.70
C ILE H 398 9.40 61.61 3.18
N HIS H 399 10.45 61.80 3.98
CA HIS H 399 10.28 62.05 5.41
C HIS H 399 10.50 63.51 5.72
N VAL H 400 9.65 64.06 6.58
CA VAL H 400 9.65 65.50 6.85
C VAL H 400 9.64 65.79 8.34
N ARG H 401 10.49 66.73 8.75
CA ARG H 401 10.41 67.35 10.07
C ARG H 401 10.03 68.81 9.90
N GLU H 402 8.81 69.14 10.30
CA GLU H 402 8.25 70.45 10.06
C GLU H 402 8.83 71.48 11.03
N GLY H 403 9.45 72.51 10.47
CA GLY H 403 10.06 73.59 11.24
C GLY H 403 9.80 74.93 10.58
N ARG H 404 10.80 75.80 10.56
CA ARG H 404 10.68 77.11 9.91
C ARG H 404 10.50 76.94 8.40
N GLY H 405 9.60 77.74 7.83
CA GLY H 405 9.30 77.70 6.41
C GLY H 405 8.63 76.40 5.99
N ALA H 406 7.85 75.82 6.90
CA ALA H 406 7.22 74.52 6.65
C ALA H 406 6.13 74.64 5.60
N VAL H 407 5.94 73.55 4.86
CA VAL H 407 4.87 73.45 3.88
C VAL H 407 3.85 72.46 4.42
N ASN H 408 2.61 72.93 4.63
CA ASN H 408 1.55 72.11 5.19
C ASN H 408 1.01 71.07 4.21
N PHE H 409 0.10 70.23 4.68
CA PHE H 409 -0.46 69.15 3.87
C PHE H 409 -1.02 69.65 2.55
N SER H 410 -2.03 70.51 2.63
CA SER H 410 -2.74 71.00 1.44
C SER H 410 -1.80 71.48 0.35
N ARG H 411 -0.81 72.27 0.75
CA ARG H 411 0.16 72.82 -0.19
C ARG H 411 1.09 71.74 -0.76
N PHE H 412 1.57 70.85 0.11
CA PHE H 412 2.54 69.82 -0.29
C PHE H 412 1.91 68.72 -1.14
N ASN H 413 0.67 68.36 -0.84
CA ASN H 413 -0.02 67.32 -1.59
C ASN H 413 -0.25 67.70 -3.06
N GLN H 414 -0.32 69.00 -3.34
CA GLN H 414 -0.36 69.47 -4.73
C GLN H 414 0.95 69.18 -5.44
N ALA H 415 2.06 69.36 -4.74
CA ALA H 415 3.37 68.98 -5.24
C ALA H 415 3.50 67.46 -5.35
N TYR H 416 2.94 66.73 -4.39
CA TYR H 416 2.97 65.28 -4.39
C TYR H 416 2.24 64.70 -5.60
N MET H 417 1.01 65.16 -5.81
CA MET H 417 0.17 64.69 -6.92
C MET H 417 0.75 65.01 -8.29
N MET H 418 1.49 66.11 -8.34
CA MET H 418 2.21 66.54 -9.54
C MET H 418 3.03 65.42 -10.16
N HIS H 419 3.72 64.66 -9.32
CA HIS H 419 4.69 63.65 -9.75
C HIS H 419 4.29 62.23 -9.34
N ALA H 420 2.99 62.05 -9.18
CA ALA H 420 2.42 60.76 -8.80
C ALA H 420 1.64 60.19 -9.98
N THR H 421 1.07 59.01 -9.77
CA THR H 421 0.22 58.37 -10.76
C THR H 421 -1.14 58.14 -10.14
N THR H 422 -2.19 58.31 -10.94
CA THR H 422 -3.57 58.17 -10.44
C THR H 422 -3.89 56.74 -9.99
N SER H 423 -3.30 55.75 -10.66
CA SER H 423 -3.44 54.35 -10.24
C SER H 423 -2.07 53.72 -9.95
N PRO H 424 -1.67 53.72 -8.67
CA PRO H 424 -0.41 53.12 -8.23
C PRO H 424 -0.56 51.61 -7.96
N LEU H 425 0.54 50.88 -8.12
CA LEU H 425 0.55 49.44 -7.88
C LEU H 425 0.67 49.17 -6.39
N TYR H 426 -0.35 48.50 -5.83
CA TYR H 426 -0.40 48.23 -4.39
C TYR H 426 0.78 47.41 -3.89
N ALA H 427 1.23 46.45 -4.69
CA ALA H 427 2.36 45.60 -4.34
C ALA H 427 3.59 46.41 -3.92
N ILE H 428 3.78 47.57 -4.55
CA ILE H 428 4.90 48.45 -4.22
C ILE H 428 4.64 49.16 -2.89
N CYS H 429 3.47 49.75 -2.76
CA CYS H 429 3.07 50.44 -1.53
C CYS H 429 3.13 49.50 -0.33
N ALA H 430 2.67 48.27 -0.52
CA ALA H 430 2.72 47.24 0.51
C ALA H 430 4.15 46.91 0.92
N SER H 431 5.06 46.88 -0.06
CA SER H 431 6.48 46.63 0.21
C SER H 431 7.09 47.74 1.04
N ASN H 432 6.65 48.97 0.79
CA ASN H 432 7.02 50.12 1.62
C ASN H 432 6.55 49.94 3.06
N ASP H 433 5.34 49.42 3.22
CA ASP H 433 4.73 49.25 4.54
C ASP H 433 5.45 48.18 5.37
N VAL H 434 5.80 47.05 4.75
CA VAL H 434 6.50 45.99 5.48
C VAL H 434 7.96 46.36 5.73
N ALA H 435 8.56 47.12 4.83
CA ALA H 435 9.93 47.62 5.00
C ALA H 435 10.05 48.48 6.26
N VAL H 436 9.01 49.26 6.54
CA VAL H 436 8.92 50.02 7.78
C VAL H 436 8.91 49.06 8.97
N SER H 437 8.01 48.10 8.92
CA SER H 437 7.86 47.08 9.96
C SER H 437 9.18 46.35 10.28
N MET H 438 10.01 46.14 9.26
CA MET H 438 11.29 45.47 9.43
C MET H 438 12.34 46.31 10.19
N MET H 439 12.27 47.63 10.06
CA MET H 439 13.16 48.53 10.81
C MET H 439 12.62 48.92 12.18
N ASP H 440 11.31 48.78 12.35
CA ASP H 440 10.65 49.13 13.61
C ASP H 440 11.05 48.15 14.71
N GLY H 441 11.29 48.68 15.90
CA GLY H 441 11.58 47.87 17.08
C GLY H 441 12.93 47.20 17.03
N ASN H 442 12.99 45.98 17.53
CA ASN H 442 14.25 45.24 17.65
C ASN H 442 14.82 44.79 16.30
N SER H 443 13.93 44.40 15.37
CA SER H 443 14.34 43.87 14.06
C SER H 443 15.31 44.80 13.33
N GLY H 444 15.04 46.11 13.41
CA GLY H 444 15.90 47.12 12.77
C GLY H 444 17.33 47.08 13.23
N LEU H 445 17.53 47.06 14.54
CA LEU H 445 18.88 46.94 15.11
C LEU H 445 19.54 45.64 14.68
N SER H 446 18.82 44.53 14.84
CA SER H 446 19.35 43.21 14.54
C SER H 446 19.76 43.06 13.06
N LEU H 447 18.92 43.58 12.16
CA LEU H 447 19.19 43.53 10.72
C LEU H 447 20.38 44.39 10.31
N THR H 448 20.40 45.63 10.79
CA THR H 448 21.51 46.54 10.50
C THR H 448 22.83 46.02 11.07
N GLN H 449 22.76 45.39 12.25
CA GLN H 449 23.95 44.86 12.88
C GLN H 449 24.51 43.66 12.12
N GLU H 450 23.63 42.81 11.61
CA GLU H 450 24.03 41.64 10.82
C GLU H 450 24.86 42.05 9.62
N VAL H 451 24.39 43.04 8.87
CA VAL H 451 25.11 43.52 7.68
C VAL H 451 26.43 44.19 8.04
N ILE H 452 26.44 44.98 9.12
CA ILE H 452 27.68 45.58 9.61
C ILE H 452 28.67 44.48 10.01
N ASP H 453 28.20 43.51 10.79
CA ASP H 453 29.02 42.37 11.23
C ASP H 453 29.68 41.64 10.06
N GLU H 454 28.91 41.41 8.99
CA GLU H 454 29.43 40.75 7.80
C GLU H 454 30.45 41.59 7.04
N ALA H 455 30.15 42.87 6.88
CA ALA H 455 31.07 43.82 6.23
C ALA H 455 32.40 43.91 6.98
N VAL H 456 32.33 43.88 8.30
CA VAL H 456 33.53 43.90 9.14
C VAL H 456 34.36 42.64 8.92
N ASP H 457 33.73 41.47 9.04
CA ASP H 457 34.40 40.17 8.82
C ASP H 457 35.16 40.15 7.49
N PHE H 458 34.50 40.66 6.45
CA PHE H 458 35.10 40.74 5.12
C PHE H 458 36.29 41.69 5.09
N ARG H 459 36.07 42.91 5.58
CA ARG H 459 37.13 43.93 5.67
C ARG H 459 38.35 43.38 6.40
N GLN H 460 38.13 42.83 7.59
CA GLN H 460 39.20 42.26 8.40
C GLN H 460 39.91 41.13 7.68
N ALA H 461 39.13 40.24 7.06
CA ALA H 461 39.70 39.11 6.32
C ALA H 461 40.59 39.59 5.19
N MET H 462 40.14 40.63 4.51
CA MET H 462 40.87 41.24 3.40
C MET H 462 42.16 41.89 3.89
N ALA H 463 42.08 42.54 5.06
CA ALA H 463 43.26 43.20 5.67
C ALA H 463 44.32 42.20 6.12
N ARG H 464 43.90 41.05 6.62
CA ARG H 464 44.82 40.00 7.09
C ARG H 464 45.57 39.37 5.92
N LEU H 465 44.83 39.03 4.87
CA LEU H 465 45.44 38.55 3.61
C LEU H 465 46.46 39.54 3.07
N TYR H 466 46.09 40.83 3.08
CA TYR H 466 46.96 41.88 2.59
C TYR H 466 48.29 41.92 3.35
N LYS H 467 48.23 41.75 4.67
CA LYS H 467 49.45 41.73 5.48
C LYS H 467 50.28 40.50 5.16
N GLU H 468 49.62 39.35 5.07
CA GLU H 468 50.29 38.08 4.72
C GLU H 468 51.12 38.19 3.44
N PHE H 469 50.51 38.73 2.40
CA PHE H 469 51.19 38.94 1.12
C PHE H 469 52.27 40.03 1.24
N THR H 470 51.89 41.16 1.82
CA THR H 470 52.81 42.30 2.01
C THR H 470 54.10 41.89 2.73
N ASP H 471 53.93 41.29 3.91
CA ASP H 471 55.07 40.81 4.73
C ASP H 471 56.01 39.90 3.94
N GLU H 472 55.43 39.10 3.05
CA GLU H 472 56.20 38.21 2.19
C GLU H 472 56.65 38.88 0.88
N GLY H 473 56.69 40.22 0.86
CA GLY H 473 57.15 40.97 -0.30
C GLY H 473 56.25 40.85 -1.52
N ASP H 474 54.97 40.59 -1.29
CA ASP H 474 54.02 40.32 -2.37
C ASP H 474 52.87 41.34 -2.33
N TRP H 475 52.15 41.45 -3.45
CA TRP H 475 51.02 42.39 -3.57
C TRP H 475 49.68 41.73 -3.27
N PHE H 476 48.69 42.55 -2.91
CA PHE H 476 47.30 42.12 -2.79
C PHE H 476 46.36 43.33 -2.68
N PHE H 477 45.06 43.08 -2.72
CA PHE H 477 44.05 44.11 -2.52
C PHE H 477 43.89 44.41 -1.04
N LYS H 478 43.83 45.69 -0.69
CA LYS H 478 43.56 46.08 0.70
C LYS H 478 42.24 46.83 0.79
N PRO H 479 41.54 46.69 1.93
CA PRO H 479 40.27 47.38 2.12
C PRO H 479 40.49 48.83 2.47
N TRP H 480 39.59 49.71 2.01
CA TRP H 480 39.68 51.12 2.32
C TRP H 480 38.96 51.40 3.62
N ASN H 481 39.74 51.53 4.68
CA ASN H 481 39.23 51.81 6.02
C ASN H 481 40.37 52.28 6.92
N LYS H 482 40.09 52.47 8.20
CA LYS H 482 41.09 52.93 9.17
C LYS H 482 42.27 51.96 9.24
N ASP H 483 43.47 52.51 9.44
CA ASP H 483 44.68 51.69 9.57
C ASP H 483 44.78 51.09 10.95
N VAL H 484 44.45 51.91 11.96
CA VAL H 484 44.61 51.54 13.36
C VAL H 484 43.40 52.06 14.15
N VAL H 485 42.86 51.21 15.03
CA VAL H 485 41.72 51.59 15.87
C VAL H 485 42.07 51.49 17.35
N THR H 486 41.19 52.03 18.19
CA THR H 486 41.41 52.04 19.64
C THR H 486 40.14 51.65 20.39
N ASP H 487 40.30 50.73 21.34
CA ASP H 487 39.24 50.35 22.28
C ASP H 487 39.19 51.39 23.40
N PRO H 488 38.04 52.08 23.57
CA PRO H 488 37.95 53.09 24.63
C PRO H 488 37.96 52.55 26.06
N GLN H 489 37.29 51.42 26.27
CA GLN H 489 37.19 50.83 27.62
C GLN H 489 38.56 50.39 28.17
N THR H 490 39.47 49.96 27.30
CA THR H 490 40.81 49.53 27.71
C THR H 490 41.90 50.56 27.44
N GLY H 491 41.65 51.46 26.47
CA GLY H 491 42.69 52.38 25.98
C GLY H 491 43.60 51.74 24.94
N LYS H 492 43.44 50.44 24.74
CA LYS H 492 44.37 49.64 23.94
C LYS H 492 44.21 49.87 22.44
N THR H 493 45.32 49.78 21.73
CA THR H 493 45.39 50.08 20.30
C THR H 493 45.58 48.80 19.49
N TYR H 494 44.86 48.69 18.37
CA TYR H 494 44.98 47.54 17.47
C TYR H 494 45.20 47.97 16.02
N ASP H 495 46.00 47.21 15.29
CA ASP H 495 45.96 47.25 13.82
C ASP H 495 44.58 46.74 13.40
N PHE H 496 44.04 47.28 12.31
CA PHE H 496 42.67 46.92 11.88
C PHE H 496 42.49 45.42 11.89
N ALA H 497 43.38 44.72 11.19
CA ALA H 497 43.34 43.26 11.07
C ALA H 497 43.25 42.56 12.42
N ASP H 498 44.01 43.05 13.39
CA ASP H 498 44.10 42.43 14.72
C ASP H 498 42.96 42.84 15.67
N ALA H 499 42.18 43.84 15.30
CA ALA H 499 41.13 44.38 16.17
C ALA H 499 40.07 43.33 16.50
N PRO H 500 39.39 43.47 17.64
CA PRO H 500 38.21 42.63 17.89
C PRO H 500 37.07 43.03 16.97
N ALA H 501 36.35 42.05 16.45
CA ALA H 501 35.24 42.33 15.52
C ALA H 501 34.12 43.11 16.21
N LYS H 502 33.81 42.75 17.45
CA LYS H 502 32.78 43.45 18.24
C LYS H 502 33.06 44.96 18.34
N LEU H 503 34.33 45.32 18.46
CA LEU H 503 34.73 46.73 18.53
C LEU H 503 34.43 47.46 17.23
N LEU H 504 34.95 46.93 16.13
CA LEU H 504 34.77 47.54 14.80
C LEU H 504 33.30 47.68 14.41
N ALA H 505 32.49 46.71 14.81
CA ALA H 505 31.06 46.66 14.47
C ALA H 505 30.17 47.46 15.43
N THR H 506 30.80 48.20 16.36
CA THR H 506 30.07 48.89 17.42
C THR H 506 30.55 50.32 17.60
N ASP H 507 31.86 50.48 17.79
CA ASP H 507 32.46 51.78 18.08
C ASP H 507 32.49 52.67 16.84
N GLN H 508 31.76 53.77 16.89
CA GLN H 508 31.71 54.72 15.79
C GLN H 508 33.09 55.30 15.50
N ASN H 509 33.87 55.57 16.55
CA ASN H 509 35.19 56.21 16.41
C ASN H 509 36.19 55.42 15.59
N CYS H 510 35.94 54.12 15.41
CA CYS H 510 36.71 53.29 14.49
C CYS H 510 36.50 53.68 13.02
N TRP H 511 35.49 54.51 12.76
CA TRP H 511 35.11 54.90 11.40
C TRP H 511 35.09 56.41 11.15
N VAL H 512 35.27 57.21 12.19
CA VAL H 512 35.26 58.66 12.04
C VAL H 512 36.56 59.09 11.37
N MET H 513 36.43 59.92 10.34
CA MET H 513 37.60 60.45 9.64
C MET H 513 38.17 61.64 10.40
N ARG H 514 39.37 61.44 10.94
CA ARG H 514 40.01 62.45 11.79
C ARG H 514 41.24 63.04 11.09
N PRO H 515 41.56 64.31 11.40
CA PRO H 515 42.68 64.99 10.74
C PRO H 515 44.03 64.33 11.05
N GLY H 516 44.92 64.36 10.06
CA GLY H 516 46.24 63.75 10.18
C GLY H 516 46.29 62.26 9.87
N GLU H 517 45.13 61.66 9.59
CA GLU H 517 45.07 60.24 9.24
C GLU H 517 45.29 60.06 7.73
N THR H 518 46.15 59.12 7.37
CA THR H 518 46.50 58.88 5.98
C THR H 518 45.43 58.13 5.20
N TRP H 519 44.77 57.19 5.85
CA TRP H 519 43.88 56.23 5.16
C TRP H 519 42.79 56.88 4.28
N HIS H 520 42.07 57.86 4.83
CA HIS H 520 40.90 58.43 4.14
C HIS H 520 41.30 59.37 3.00
N GLY H 521 42.39 60.10 3.20
CA GLY H 521 43.04 60.85 2.12
C GLY H 521 42.33 62.09 1.65
N PHE H 522 41.67 62.78 2.58
CA PHE H 522 40.97 64.02 2.29
C PHE H 522 41.76 65.13 2.95
N LYS H 523 42.53 65.86 2.14
CA LYS H 523 43.44 66.90 2.63
C LYS H 523 42.68 67.98 3.41
N ASP H 524 43.12 68.22 4.64
CA ASP H 524 42.57 69.27 5.51
C ASP H 524 41.11 69.04 5.91
N LEU H 525 40.68 67.78 5.98
CA LEU H 525 39.35 67.45 6.47
C LEU H 525 39.25 67.77 7.95
N PRO H 526 38.25 68.58 8.36
CA PRO H 526 38.07 68.85 9.79
C PRO H 526 37.65 67.63 10.61
N ASP H 527 37.88 67.72 11.91
CA ASP H 527 37.54 66.66 12.84
C ASP H 527 36.04 66.66 13.07
N ASN H 528 35.50 65.51 13.46
CA ASN H 528 34.07 65.37 13.79
C ASN H 528 33.13 65.88 12.70
N TRP H 529 33.43 65.49 11.47
CA TRP H 529 32.65 65.93 10.31
C TRP H 529 32.20 64.74 9.48
N SER H 530 33.15 63.88 9.11
CA SER H 530 32.86 62.73 8.27
C SER H 530 33.00 61.41 9.01
N MET H 531 32.58 60.35 8.34
CA MET H 531 32.59 59.01 8.90
C MET H 531 32.40 58.02 7.76
N LEU H 532 33.19 56.95 7.77
CA LEU H 532 33.02 55.88 6.79
C LEU H 532 31.92 54.91 7.21
N ASP H 533 31.03 54.59 6.27
CA ASP H 533 30.01 53.59 6.47
C ASP H 533 30.65 52.20 6.35
N PRO H 534 30.54 51.38 7.41
CA PRO H 534 31.16 50.05 7.38
C PRO H 534 30.69 49.14 6.25
N ILE H 535 29.41 49.25 5.88
CA ILE H 535 28.82 48.33 4.90
C ILE H 535 29.09 48.71 3.44
N LYS H 536 29.71 49.87 3.22
CA LYS H 536 30.08 50.32 1.87
C LYS H 536 31.55 50.01 1.65
N VAL H 537 31.84 48.72 1.47
CA VAL H 537 33.22 48.24 1.48
C VAL H 537 33.93 48.57 0.16
N SER H 538 34.76 49.60 0.18
CA SER H 538 35.62 49.92 -0.94
C SER H 538 36.90 49.12 -0.79
N ILE H 539 37.40 48.61 -1.91
CA ILE H 539 38.62 47.80 -1.93
C ILE H 539 39.61 48.40 -2.92
N LEU H 540 40.88 48.42 -2.55
CA LEU H 540 41.91 49.13 -3.29
C LEU H 540 42.93 48.20 -3.91
N ALA H 541 43.04 48.27 -5.24
CA ALA H 541 44.11 47.58 -5.97
C ALA H 541 45.40 48.39 -5.84
N PRO H 542 46.56 47.71 -5.89
CA PRO H 542 47.82 48.42 -5.75
C PRO H 542 48.13 49.30 -6.96
N GLY H 543 48.86 50.39 -6.74
CA GLY H 543 49.23 51.29 -7.82
C GLY H 543 49.28 52.76 -7.43
N MET H 544 48.46 53.15 -6.45
CA MET H 544 48.43 54.54 -5.99
C MET H 544 49.18 54.69 -4.68
N GLY H 545 50.23 55.52 -4.70
CA GLY H 545 51.01 55.80 -3.51
C GLY H 545 50.27 56.73 -2.56
N ASP H 546 50.64 56.68 -1.28
CA ASP H 546 50.05 57.56 -0.27
C ASP H 546 50.28 59.04 -0.57
N ASP H 547 51.42 59.35 -1.19
CA ASP H 547 51.76 60.73 -1.55
C ASP H 547 50.85 61.34 -2.64
N GLY H 548 50.16 60.49 -3.39
CA GLY H 548 49.23 60.94 -4.43
C GLY H 548 49.73 60.65 -5.84
N GLU H 549 51.03 60.39 -5.97
CA GLU H 549 51.63 60.04 -7.25
C GLU H 549 51.62 58.52 -7.43
N LEU H 550 51.62 58.05 -8.67
CA LEU H 550 51.55 56.61 -8.96
C LEU H 550 52.83 55.88 -8.56
N GLU H 551 52.67 54.63 -8.15
CA GLU H 551 53.79 53.77 -7.76
C GLU H 551 54.52 53.19 -8.97
N ALA H 552 55.61 52.47 -8.71
CA ALA H 552 56.42 51.82 -9.76
C ALA H 552 55.57 50.98 -10.71
N SER H 553 54.86 50.01 -10.13
CA SER H 553 53.92 49.17 -10.87
C SER H 553 52.60 49.11 -10.12
N GLY H 554 51.57 48.58 -10.77
CA GLY H 554 50.25 48.47 -10.17
C GLY H 554 49.28 47.61 -10.95
N VAL H 555 48.12 47.36 -10.35
CA VAL H 555 47.04 46.57 -10.96
C VAL H 555 45.81 47.47 -11.13
N PRO H 556 45.44 47.78 -12.38
CA PRO H 556 44.25 48.62 -12.57
C PRO H 556 42.95 47.87 -12.33
N ALA H 557 42.01 48.53 -11.65
CA ALA H 557 40.77 47.89 -11.19
C ALA H 557 39.85 47.47 -12.34
N ALA H 558 39.86 48.24 -13.42
CA ALA H 558 39.06 47.94 -14.62
C ALA H 558 39.24 46.49 -15.05
N LEU H 559 40.47 46.00 -14.97
CA LEU H 559 40.83 44.63 -15.34
C LEU H 559 40.23 43.62 -14.36
N VAL H 560 40.24 43.96 -13.07
CA VAL H 560 39.69 43.10 -12.01
C VAL H 560 38.16 43.05 -12.14
N THR H 561 37.54 44.22 -12.23
CA THR H 561 36.09 44.35 -12.43
C THR H 561 35.60 43.44 -13.55
N ALA H 562 36.37 43.36 -14.64
CA ALA H 562 36.04 42.49 -15.77
C ALA H 562 36.09 41.01 -15.41
N TRP H 563 37.15 40.61 -14.71
CA TRP H 563 37.29 39.24 -14.22
C TRP H 563 36.15 38.86 -13.27
N LEU H 564 35.80 39.79 -12.37
CA LEU H 564 34.67 39.60 -11.47
C LEU H 564 33.37 39.43 -12.25
N GLY H 565 33.21 40.23 -13.31
CA GLY H 565 32.05 40.16 -14.19
C GLY H 565 31.78 38.79 -14.79
N ARG H 566 32.83 38.09 -15.23
CA ARG H 566 32.66 36.73 -15.79
C ARG H 566 32.21 35.72 -14.75
N HIS H 567 32.54 35.99 -13.49
CA HIS H 567 32.16 35.10 -12.38
C HIS H 567 30.86 35.53 -11.68
N GLY H 568 30.04 36.31 -12.40
CA GLY H 568 28.73 36.74 -11.91
C GLY H 568 28.79 37.68 -10.72
N ILE H 569 29.70 38.65 -10.79
CA ILE H 569 29.88 39.64 -9.73
C ILE H 569 30.11 41.01 -10.37
N VAL H 570 29.17 41.92 -10.17
CA VAL H 570 29.24 43.25 -10.79
C VAL H 570 29.25 44.36 -9.72
N PRO H 571 30.45 44.84 -9.33
CA PRO H 571 30.61 45.90 -8.34
C PRO H 571 29.80 47.16 -8.62
N THR H 572 29.38 47.83 -7.55
CA THR H 572 28.64 49.08 -7.64
C THR H 572 29.46 50.19 -8.29
N ARG H 573 30.64 50.46 -7.72
CA ARG H 573 31.54 51.52 -8.24
C ARG H 573 32.83 50.91 -8.74
N THR H 574 33.46 51.62 -9.66
CA THR H 574 34.81 51.28 -10.11
C THR H 574 35.56 52.54 -10.55
N THR H 575 36.63 52.86 -9.84
CA THR H 575 37.56 53.91 -10.27
C THR H 575 38.74 53.20 -10.93
N ASP H 576 39.88 53.88 -11.05
CA ASP H 576 41.07 53.29 -11.64
C ASP H 576 41.65 52.21 -10.71
N PHE H 577 41.58 52.44 -9.40
CA PHE H 577 42.08 51.49 -8.41
C PHE H 577 41.06 51.03 -7.37
N GLN H 578 39.93 51.71 -7.28
CA GLN H 578 38.89 51.35 -6.31
C GLN H 578 37.90 50.37 -6.92
N ILE H 579 37.51 49.38 -6.12
CA ILE H 579 36.37 48.51 -6.43
C ILE H 579 35.49 48.51 -5.20
N MET H 580 34.24 48.92 -5.33
CA MET H 580 33.35 49.00 -4.18
C MET H 580 32.29 47.90 -4.18
N PHE H 581 32.20 47.19 -3.05
CA PHE H 581 31.20 46.15 -2.88
C PHE H 581 30.16 46.62 -1.87
N LEU H 582 28.90 46.40 -2.22
CA LEU H 582 27.77 46.89 -1.44
C LEU H 582 27.17 45.79 -0.59
N PHE H 583 27.41 45.84 0.72
CA PHE H 583 26.78 44.91 1.66
C PHE H 583 25.39 45.44 2.02
N SER H 584 24.38 44.58 1.89
CA SER H 584 23.00 44.94 2.17
C SER H 584 22.33 43.90 3.07
N MET H 585 21.09 44.17 3.44
CA MET H 585 20.31 43.23 4.27
C MET H 585 19.88 41.98 3.48
N GLY H 586 19.93 42.06 2.15
CA GLY H 586 19.68 40.92 1.29
C GLY H 586 20.82 39.92 1.24
N VAL H 587 22.00 40.31 1.72
CA VAL H 587 23.17 39.42 1.73
C VAL H 587 23.03 38.30 2.76
N THR H 588 23.28 37.08 2.33
CA THR H 588 23.27 35.92 3.21
C THR H 588 24.59 35.81 3.97
N ARG H 589 24.54 35.16 5.13
CA ARG H 589 25.69 35.13 6.05
C ARG H 589 26.83 34.26 5.53
N GLY H 590 27.98 34.88 5.35
CA GLY H 590 29.22 34.20 4.94
C GLY H 590 29.54 34.28 3.46
N LYS H 591 28.69 34.95 2.69
CA LYS H 591 28.82 35.00 1.23
C LYS H 591 30.03 35.80 0.74
N TRP H 592 30.57 36.66 1.60
CA TRP H 592 31.78 37.43 1.25
C TRP H 592 32.99 36.54 0.93
N GLY H 593 33.00 35.32 1.46
CA GLY H 593 34.04 34.34 1.12
C GLY H 593 34.23 34.16 -0.39
N THR H 594 33.13 34.23 -1.13
CA THR H 594 33.16 34.11 -2.58
C THR H 594 33.92 35.26 -3.23
N LEU H 595 33.73 36.47 -2.70
CA LEU H 595 34.48 37.64 -3.18
C LEU H 595 35.98 37.43 -3.03
N ILE H 596 36.38 36.91 -1.89
CA ILE H 596 37.79 36.64 -1.63
C ILE H 596 38.28 35.56 -2.59
N ASN H 597 37.52 34.48 -2.68
CA ASN H 597 37.89 33.35 -3.52
C ASN H 597 38.13 33.75 -4.99
N THR H 598 37.32 34.66 -5.49
CA THR H 598 37.45 35.14 -6.87
C THR H 598 38.62 36.12 -7.01
N LEU H 599 38.78 37.01 -6.03
CA LEU H 599 39.92 37.93 -5.98
C LEU H 599 41.26 37.21 -5.91
N CME H 600 41.28 36.08 -5.20
CA CME H 600 42.50 35.28 -5.08
CB CME H 600 42.34 34.26 -3.97
SG CME H 600 42.36 35.08 -2.40
SD CME H 600 44.25 34.76 -1.85
CE CME H 600 44.16 33.10 -1.25
CZ CME H 600 45.35 32.26 -1.74
OH CME H 600 44.86 31.12 -2.42
C CME H 600 42.79 34.58 -6.38
O CME H 600 43.95 34.53 -6.81
N SER H 601 41.76 34.04 -7.01
CA SER H 601 41.92 33.35 -8.31
C SER H 601 42.34 34.33 -9.41
N PHE H 602 41.95 35.60 -9.28
CA PHE H 602 42.45 36.63 -10.17
C PHE H 602 43.94 36.80 -9.99
N LYS H 603 44.35 37.03 -8.74
CA LYS H 603 45.77 37.23 -8.41
C LYS H 603 46.63 36.09 -8.98
N HIS H 604 46.19 34.85 -8.75
CA HIS H 604 46.89 33.68 -9.27
C HIS H 604 47.13 33.79 -10.78
N HIS H 605 46.09 34.14 -11.52
CA HIS H 605 46.19 34.32 -12.98
C HIS H 605 47.02 35.53 -13.37
N TYR H 606 46.96 36.59 -12.57
CA TYR H 606 47.76 37.79 -12.82
C TYR H 606 49.25 37.49 -12.65
N ASP H 607 49.60 36.83 -11.56
CA ASP H 607 51.00 36.44 -11.32
C ASP H 607 51.49 35.46 -12.39
N ALA H 608 50.62 34.55 -12.80
CA ALA H 608 50.96 33.55 -13.83
C ALA H 608 50.93 34.13 -15.24
N ASN H 609 50.31 35.29 -15.41
CA ASN H 609 50.13 35.93 -16.72
C ASN H 609 49.44 35.01 -17.73
N THR H 610 48.42 34.28 -17.28
CA THR H 610 47.71 33.35 -18.16
C THR H 610 47.12 34.10 -19.36
N PRO H 611 47.21 33.49 -20.56
CA PRO H 611 46.74 34.13 -21.79
C PRO H 611 45.28 34.61 -21.72
N LEU H 612 45.01 35.77 -22.31
CA LEU H 612 43.66 36.29 -22.37
C LEU H 612 42.72 35.35 -23.10
N ALA H 613 43.24 34.58 -24.06
CA ALA H 613 42.45 33.56 -24.76
C ALA H 613 41.68 32.66 -23.78
N GLN H 614 42.32 32.32 -22.67
CA GLN H 614 41.72 31.47 -21.63
C GLN H 614 40.85 32.28 -20.64
N VAL H 615 41.46 33.26 -19.99
CA VAL H 615 40.81 33.99 -18.88
C VAL H 615 39.75 35.00 -19.34
N MET H 616 39.93 35.58 -20.52
CA MET H 616 38.97 36.54 -21.08
C MET H 616 38.74 36.29 -22.57
N PRO H 617 38.11 35.15 -22.91
CA PRO H 617 37.97 34.75 -24.31
C PRO H 617 37.08 35.68 -25.11
N GLU H 618 35.96 36.08 -24.50
CA GLU H 618 34.97 36.97 -25.09
C GLU H 618 35.60 38.28 -25.64
N LEU H 619 36.68 38.73 -25.00
CA LEU H 619 37.40 39.94 -25.40
C LEU H 619 38.30 39.74 -26.63
N VAL H 620 39.04 38.64 -26.64
CA VAL H 620 40.01 38.35 -27.72
C VAL H 620 39.26 38.08 -29.03
N GLN H 621 38.15 37.37 -28.91
CA GLN H 621 37.25 37.11 -30.04
C GLN H 621 36.76 38.41 -30.67
N ASP H 622 36.38 39.37 -29.82
CA ASP H 622 35.89 40.68 -30.28
C ASP H 622 36.96 41.54 -30.94
N TYR H 623 38.12 41.66 -30.27
CA TYR H 623 39.20 42.54 -30.74
C TYR H 623 40.53 41.78 -30.82
N PRO H 624 40.66 40.88 -31.79
CA PRO H 624 41.86 40.03 -31.88
C PRO H 624 43.14 40.84 -32.15
N ASP H 625 43.04 41.85 -33.01
CA ASP H 625 44.20 42.68 -33.37
C ASP H 625 44.87 43.27 -32.13
N THR H 626 44.05 43.79 -31.21
CA THR H 626 44.56 44.49 -30.04
C THR H 626 45.13 43.55 -28.97
N TYR H 627 44.37 42.50 -28.66
CA TYR H 627 44.74 41.59 -27.56
C TYR H 627 45.29 40.24 -28.04
N ALA H 628 46.02 40.26 -29.16
CA ALA H 628 46.62 39.05 -29.71
C ALA H 628 47.84 38.62 -28.88
N ASN H 629 48.06 37.30 -28.82
CA ASN H 629 49.20 36.71 -28.11
C ASN H 629 49.62 37.47 -26.84
N MET H 630 48.63 37.86 -26.06
CA MET H 630 48.82 38.62 -24.82
C MET H 630 48.39 37.80 -23.61
N GLY H 631 48.86 38.23 -22.44
CA GLY H 631 48.42 37.66 -21.16
C GLY H 631 47.75 38.72 -20.29
N ILE H 632 47.12 38.27 -19.21
CA ILE H 632 46.40 39.17 -18.32
C ILE H 632 47.34 40.19 -17.64
N HIS H 633 48.55 39.76 -17.29
CA HIS H 633 49.54 40.66 -16.68
C HIS H 633 50.03 41.69 -17.70
N ASP H 634 50.29 41.24 -18.93
CA ASP H 634 50.73 42.14 -20.00
C ASP H 634 49.76 43.30 -20.19
N LEU H 635 48.47 43.01 -20.18
CA LEU H 635 47.43 44.05 -20.33
C LEU H 635 47.43 44.99 -19.13
N GLY H 636 47.53 44.41 -17.94
CA GLY H 636 47.63 45.18 -16.71
C GLY H 636 48.75 46.20 -16.76
N ASP H 637 49.93 45.76 -17.19
CA ASP H 637 51.09 46.64 -17.35
C ASP H 637 50.86 47.71 -18.41
N LYS H 638 50.25 47.33 -19.54
CA LYS H 638 49.99 48.29 -20.61
C LYS H 638 48.93 49.32 -20.19
N MET H 639 47.94 48.88 -19.42
CA MET H 639 46.94 49.79 -18.82
C MET H 639 47.59 50.72 -17.80
N PHE H 640 48.39 50.16 -16.90
CA PHE H 640 49.07 50.95 -15.88
C PHE H 640 50.07 51.93 -16.50
N ALA H 641 50.66 51.52 -17.63
CA ALA H 641 51.58 52.39 -18.39
C ALA H 641 50.85 53.63 -18.92
N TRP H 642 49.71 53.39 -19.56
CA TRP H 642 48.83 54.46 -20.04
C TRP H 642 48.46 55.44 -18.90
N LEU H 643 48.16 54.87 -17.74
CA LEU H 643 47.83 55.66 -16.54
C LEU H 643 48.95 56.65 -16.17
N ARG H 644 50.20 56.19 -16.14
CA ARG H 644 51.33 57.07 -15.86
C ARG H 644 51.43 58.19 -16.89
N GLU H 645 51.38 57.80 -18.15
CA GLU H 645 51.58 58.70 -19.28
C GLU H 645 50.47 59.75 -19.37
N ASN H 646 49.24 59.29 -19.47
CA ASN H 646 48.09 60.18 -19.68
C ASN H 646 47.61 60.90 -18.42
N ASN H 647 47.90 60.31 -17.26
CA ASN H 647 47.73 61.00 -15.98
C ASN H 647 46.30 61.50 -15.73
N PRO H 648 45.32 60.58 -15.75
CA PRO H 648 43.90 60.95 -15.74
C PRO H 648 43.37 61.43 -14.38
N GLY H 649 43.95 60.92 -13.29
CA GLY H 649 43.53 61.30 -11.94
C GLY H 649 43.68 62.78 -11.69
N ALA H 650 44.78 63.35 -12.17
CA ALA H 650 45.02 64.80 -12.08
C ALA H 650 44.06 65.57 -12.97
N ARG H 651 43.84 65.06 -14.19
CA ARG H 651 42.91 65.66 -15.14
C ARG H 651 41.49 65.68 -14.61
N LEU H 652 41.11 64.62 -13.88
CA LEU H 652 39.81 64.56 -13.22
C LEU H 652 39.68 65.72 -12.25
N ASN H 653 40.61 65.81 -11.30
CA ASN H 653 40.59 66.88 -10.30
C ASN H 653 40.53 68.27 -10.93
N ALA H 654 41.28 68.50 -11.99
CA ALA H 654 41.24 69.76 -12.73
C ALA H 654 39.83 70.10 -13.18
N ALA H 655 39.12 69.11 -13.69
CA ALA H 655 37.77 69.28 -14.22
C ALA H 655 36.69 69.46 -13.15
N TYR H 656 36.96 68.94 -11.94
CA TYR H 656 36.01 69.00 -10.83
C TYR H 656 36.36 69.99 -9.71
N SER H 657 37.64 70.31 -9.56
CA SER H 657 38.11 71.28 -8.55
C SER H 657 37.44 72.63 -8.74
N THR H 658 37.39 73.06 -10.00
CA THR H 658 36.80 74.34 -10.37
C THR H 658 35.61 74.08 -11.29
N LEU H 659 34.45 74.58 -10.91
CA LEU H 659 33.22 74.35 -11.65
C LEU H 659 33.20 75.12 -12.98
N PRO H 660 32.47 74.60 -13.99
CA PRO H 660 32.32 75.32 -15.23
C PRO H 660 31.39 76.51 -15.07
N VAL H 661 31.52 77.50 -15.93
CA VAL H 661 30.77 78.75 -15.81
C VAL H 661 29.31 78.52 -16.24
N ALA H 662 28.38 78.81 -15.34
CA ALA H 662 26.96 78.63 -15.59
C ALA H 662 26.40 79.79 -16.42
N GLU H 663 26.21 79.57 -17.71
CA GLU H 663 25.81 80.63 -18.62
C GLU H 663 24.31 80.87 -18.62
N ILE H 664 23.54 79.78 -18.66
CA ILE H 664 22.07 79.85 -18.55
C ILE H 664 21.54 78.79 -17.58
N THR H 665 20.28 78.92 -17.20
CA THR H 665 19.66 78.00 -16.25
C THR H 665 19.45 76.65 -16.92
N PRO H 666 19.44 75.57 -16.12
CA PRO H 666 19.11 74.25 -16.69
C PRO H 666 17.77 74.25 -17.41
N ARG H 667 16.80 75.00 -16.88
CA ARG H 667 15.49 75.11 -17.53
C ARG H 667 15.61 75.75 -18.91
N ASP H 668 16.29 76.88 -18.99
CA ASP H 668 16.55 77.56 -20.27
C ASP H 668 17.24 76.61 -21.24
N ALA H 669 18.21 75.86 -20.73
CA ALA H 669 18.94 74.90 -21.55
C ALA H 669 18.04 73.77 -22.04
N TYR H 670 17.17 73.27 -21.17
CA TYR H 670 16.21 72.25 -21.60
C TYR H 670 15.22 72.81 -22.61
N ASN H 671 14.77 74.04 -22.40
CA ASN H 671 13.84 74.68 -23.33
C ASN H 671 14.42 74.83 -24.74
N ALA H 672 15.74 74.95 -24.84
CA ALA H 672 16.43 74.95 -26.14
C ALA H 672 16.15 73.63 -26.88
N ILE H 673 16.09 72.53 -26.14
CA ILE H 673 15.79 71.21 -26.71
C ILE H 673 14.37 71.17 -27.26
N VAL H 674 13.43 71.78 -26.52
CA VAL H 674 12.03 71.81 -26.93
C VAL H 674 11.85 72.69 -28.17
N ASN H 675 12.51 73.84 -28.20
CA ASN H 675 12.46 74.75 -29.34
C ASN H 675 13.33 74.31 -30.52
N ASN H 676 14.16 73.28 -30.30
CA ASN H 676 15.01 72.72 -31.33
C ASN H 676 16.22 73.61 -31.68
N ASN H 677 16.70 74.37 -30.69
CA ASN H 677 17.97 75.11 -30.81
C ASN H 677 19.08 74.21 -30.36
N ILE H 678 19.27 73.12 -31.10
CA ILE H 678 20.05 71.99 -30.63
C ILE H 678 20.98 71.49 -31.71
N GLU H 679 22.13 70.99 -31.29
CA GLU H 679 23.21 70.63 -32.20
C GLU H 679 24.11 69.59 -31.53
N MET H 680 24.38 68.51 -32.23
CA MET H 680 25.26 67.47 -31.70
C MET H 680 26.70 67.85 -31.99
N VAL H 681 27.39 68.36 -30.98
CA VAL H 681 28.74 68.89 -31.14
C VAL H 681 29.77 67.85 -30.75
N ALA H 682 30.79 67.69 -31.59
CA ALA H 682 31.89 66.76 -31.35
C ALA H 682 32.84 67.27 -30.28
N ILE H 683 33.53 66.35 -29.62
CA ILE H 683 34.41 66.67 -28.48
C ILE H 683 35.36 67.86 -28.73
N GLU H 684 35.97 67.90 -29.90
CA GLU H 684 37.01 68.89 -30.18
C GLU H 684 36.46 70.31 -30.42
N ASN H 685 35.16 70.42 -30.70
CA ASN H 685 34.50 71.71 -30.91
C ASN H 685 33.62 72.15 -29.73
N LEU H 686 33.78 71.47 -28.60
CA LEU H 686 33.02 71.78 -27.38
C LEU H 686 33.36 73.11 -26.72
N PRO H 687 34.65 73.52 -26.75
CA PRO H 687 35.01 74.78 -26.09
C PRO H 687 34.10 75.96 -26.46
N GLY H 688 33.66 76.70 -25.44
CA GLY H 688 32.81 77.87 -25.64
C GLY H 688 31.33 77.56 -25.87
N ARG H 689 30.96 76.28 -25.85
CA ARG H 689 29.58 75.88 -26.14
C ARG H 689 28.84 75.55 -24.86
N ILE H 690 27.53 75.73 -24.89
CA ILE H 690 26.66 75.47 -23.74
C ILE H 690 26.06 74.08 -23.85
N ALA H 691 26.15 73.32 -22.78
CA ALA H 691 25.59 71.97 -22.73
C ALA H 691 24.06 72.01 -22.62
N ALA H 692 23.40 71.25 -23.48
CA ALA H 692 21.93 71.16 -23.47
C ALA H 692 21.43 70.20 -22.39
N ASN H 693 22.17 69.11 -22.21
CA ASN H 693 21.91 68.15 -21.13
C ASN H 693 23.12 68.05 -20.20
N SER H 694 22.91 67.46 -19.03
CA SER H 694 24.00 67.24 -18.09
C SER H 694 25.01 66.23 -18.65
N VAL H 695 26.26 66.36 -18.24
CA VAL H 695 27.32 65.44 -18.65
C VAL H 695 27.95 64.81 -17.41
N ILE H 696 27.80 63.50 -17.29
CA ILE H 696 28.26 62.75 -16.11
C ILE H 696 29.18 61.60 -16.53
N PRO H 697 30.52 61.80 -16.42
CA PRO H 697 31.47 60.72 -16.68
C PRO H 697 31.66 59.80 -15.47
N TYR H 698 31.95 58.52 -15.74
CA TYR H 698 32.26 57.53 -14.70
C TYR H 698 33.66 56.98 -14.94
N PRO H 699 34.61 57.26 -14.02
CA PRO H 699 34.47 58.05 -12.80
C PRO H 699 34.45 59.54 -13.11
N PRO H 700 34.11 60.39 -12.11
CA PRO H 700 33.76 60.05 -10.72
C PRO H 700 32.29 59.66 -10.55
N GLY H 701 31.47 59.83 -11.57
CA GLY H 701 30.06 59.47 -11.51
C GLY H 701 29.14 60.54 -10.92
N ILE H 702 29.63 61.78 -10.86
CA ILE H 702 28.80 62.93 -10.51
C ILE H 702 28.94 63.95 -11.65
N PRO H 703 27.98 64.88 -11.77
CA PRO H 703 27.98 65.75 -12.95
C PRO H 703 29.22 66.64 -13.07
N MET H 704 29.89 66.54 -14.22
CA MET H 704 30.99 67.44 -14.57
C MET H 704 30.39 68.75 -15.06
N LEU H 705 29.40 68.61 -15.95
CA LEU H 705 28.56 69.74 -16.36
C LEU H 705 27.09 69.43 -16.14
N LEU H 706 26.33 70.46 -15.77
CA LEU H 706 24.87 70.38 -15.79
C LEU H 706 24.35 71.17 -16.98
N SER H 707 23.05 71.07 -17.21
CA SER H 707 22.40 71.80 -18.29
C SER H 707 22.61 73.31 -18.15
N GLY H 708 23.00 73.95 -19.25
CA GLY H 708 23.15 75.40 -19.30
C GLY H 708 24.52 75.91 -18.88
N GLU H 709 25.46 75.00 -18.64
CA GLU H 709 26.81 75.38 -18.28
C GLU H 709 27.72 75.29 -19.50
N ASN H 710 28.79 76.10 -19.47
CA ASN H 710 29.69 76.23 -20.61
C ASN H 710 30.93 75.36 -20.42
N PHE H 711 31.33 74.67 -21.48
CA PHE H 711 32.52 73.80 -21.44
C PHE H 711 33.82 74.57 -21.24
N GLY H 712 33.82 75.85 -21.62
CA GLY H 712 34.90 76.77 -21.27
C GLY H 712 35.93 77.02 -22.34
N ASP H 713 37.15 77.33 -21.89
CA ASP H 713 38.27 77.74 -22.72
C ASP H 713 38.69 76.70 -23.76
N GLU H 714 39.53 77.13 -24.69
CA GLU H 714 40.14 76.21 -25.66
C GLU H 714 41.01 75.18 -24.94
N ASN H 715 41.64 75.60 -23.84
CA ASN H 715 42.41 74.70 -22.98
C ASN H 715 41.63 74.42 -21.67
N SER H 716 40.40 73.93 -21.84
CA SER H 716 39.48 73.67 -20.74
C SER H 716 39.75 72.32 -20.08
N PRO H 717 39.66 72.25 -18.74
CA PRO H 717 39.92 71.00 -18.03
C PRO H 717 38.81 69.97 -18.18
N GLN H 718 37.58 70.44 -18.37
CA GLN H 718 36.42 69.56 -18.54
C GLN H 718 36.48 68.85 -19.87
N VAL H 719 36.70 69.61 -20.94
CA VAL H 719 36.88 69.04 -22.27
C VAL H 719 38.14 68.18 -22.26
N GLY H 720 39.14 68.61 -21.50
CA GLY H 720 40.37 67.86 -21.32
C GLY H 720 40.14 66.47 -20.75
N TYR H 721 39.37 66.41 -19.67
CA TYR H 721 39.07 65.13 -19.02
C TYR H 721 38.31 64.18 -19.95
N LEU H 722 37.41 64.74 -20.75
CA LEU H 722 36.70 63.97 -21.77
C LEU H 722 37.64 63.38 -22.83
N ARG H 723 38.64 64.17 -23.23
CA ARG H 723 39.63 63.74 -24.23
C ARG H 723 40.42 62.52 -23.72
N SER H 724 40.82 62.55 -22.45
CA SER H 724 41.57 61.44 -21.85
C SER H 724 40.71 60.19 -21.71
N LEU H 725 39.45 60.37 -21.32
CA LEU H 725 38.48 59.29 -21.28
C LEU H 725 38.32 58.63 -22.65
N GLN H 726 38.23 59.44 -23.69
CA GLN H 726 38.16 58.95 -25.07
C GLN H 726 39.45 58.23 -25.48
N SER H 727 40.58 58.81 -25.11
CA SER H 727 41.88 58.20 -25.40
C SER H 727 41.97 56.80 -24.80
N TRP H 728 41.50 56.63 -23.57
CA TRP H 728 41.46 55.32 -22.92
C TRP H 728 40.60 54.33 -23.71
N ASP H 729 39.41 54.78 -24.11
CA ASP H 729 38.48 53.95 -24.86
C ASP H 729 39.14 53.40 -26.12
N HIS H 730 39.82 54.27 -26.85
CA HIS H 730 40.48 53.90 -28.11
C HIS H 730 41.65 52.94 -27.88
N HIS H 731 42.44 53.18 -26.84
CA HIS H 731 43.57 52.32 -26.49
C HIS H 731 43.14 50.93 -26.00
N PHE H 732 42.05 50.87 -25.25
CA PHE H 732 41.61 49.62 -24.62
C PHE H 732 40.14 49.31 -24.93
N PRO H 733 39.89 48.72 -26.12
CA PRO H 733 38.53 48.32 -26.50
C PRO H 733 37.96 47.26 -25.58
N GLY H 734 36.65 47.30 -25.36
CA GLY H 734 35.99 46.42 -24.39
C GLY H 734 36.03 46.93 -22.96
N PHE H 735 36.85 47.95 -22.70
CA PHE H 735 36.95 48.57 -21.38
C PHE H 735 36.52 50.03 -21.41
N GLU H 736 35.54 50.34 -22.26
CA GLU H 736 35.13 51.73 -22.50
C GLU H 736 34.44 52.33 -21.28
N HIS H 737 34.67 53.61 -21.05
CA HIS H 737 34.03 54.35 -19.96
C HIS H 737 32.58 54.65 -20.30
N GLU H 738 31.72 54.49 -19.30
CA GLU H 738 30.32 54.90 -19.40
C GLU H 738 30.24 56.39 -19.10
N THR H 739 29.55 57.14 -19.95
CA THR H 739 29.36 58.58 -19.75
C THR H 739 27.94 58.98 -20.16
N GLU H 740 27.12 59.33 -19.17
CA GLU H 740 25.76 59.81 -19.43
C GLU H 740 25.81 61.25 -19.95
N GLY H 741 24.90 61.58 -20.87
CA GLY H 741 24.91 62.88 -21.55
C GLY H 741 25.79 62.92 -22.78
N THR H 742 26.34 61.76 -23.16
CA THR H 742 27.29 61.65 -24.27
C THR H 742 26.83 60.59 -25.25
N GLU H 743 26.78 60.95 -26.53
CA GLU H 743 26.53 59.99 -27.61
C GLU H 743 27.82 59.81 -28.43
N ILE H 744 28.24 58.56 -28.58
CA ILE H 744 29.44 58.24 -29.35
C ILE H 744 29.09 58.02 -30.82
N ILE H 745 29.40 59.01 -31.66
CA ILE H 745 29.05 58.97 -33.09
C ILE H 745 30.30 58.81 -33.97
N ASP H 746 30.26 57.81 -34.85
CA ASP H 746 31.39 57.47 -35.73
C ASP H 746 32.69 57.29 -34.93
N GLY H 747 32.58 56.63 -33.78
CA GLY H 747 33.71 56.41 -32.89
C GLY H 747 34.21 57.63 -32.14
N VAL H 748 33.47 58.74 -32.20
CA VAL H 748 33.86 60.00 -31.58
C VAL H 748 32.83 60.44 -30.53
N TYR H 749 33.31 61.10 -29.48
CA TYR H 749 32.47 61.63 -28.40
C TYR H 749 31.73 62.86 -28.90
N HIS H 750 30.40 62.83 -28.80
CA HIS H 750 29.57 64.00 -29.08
C HIS H 750 28.70 64.35 -27.89
N VAL H 751 28.37 65.63 -27.75
CA VAL H 751 27.47 66.12 -26.71
C VAL H 751 26.46 67.11 -27.30
N MET H 752 25.20 66.95 -26.93
CA MET H 752 24.14 67.84 -27.38
C MET H 752 24.34 69.22 -26.77
N CYS H 753 24.43 70.23 -27.64
CA CYS H 753 24.66 71.61 -27.20
C CYS H 753 23.63 72.59 -27.74
N VAL H 754 23.59 73.77 -27.14
CA VAL H 754 22.73 74.86 -27.60
C VAL H 754 23.31 75.48 -28.87
N LYS H 755 22.44 76.02 -29.71
CA LYS H 755 22.88 76.71 -30.93
C LYS H 755 23.21 78.18 -30.66
N MET I 1 22.13 14.72 -12.87
CA MET I 1 21.61 15.15 -11.53
C MET I 1 22.77 15.41 -10.57
N MET I 2 22.60 16.40 -9.71
CA MET I 2 23.68 16.90 -8.86
C MET I 2 23.85 16.12 -7.55
N LYS I 3 25.09 16.13 -7.04
CA LYS I 3 25.52 15.24 -5.97
C LYS I 3 26.43 15.95 -4.96
N VAL I 4 26.06 15.90 -3.68
CA VAL I 4 26.81 16.55 -2.61
C VAL I 4 27.26 15.55 -1.56
N LEU I 5 28.54 15.63 -1.18
CA LEU I 5 29.07 14.85 -0.07
C LEU I 5 29.18 15.76 1.14
N ILE I 6 28.45 15.42 2.21
CA ILE I 6 28.57 16.11 3.49
C ILE I 6 29.35 15.24 4.47
N VAL I 7 30.44 15.78 5.01
CA VAL I 7 31.27 15.08 5.98
C VAL I 7 31.11 15.71 7.36
N GLU I 8 30.39 15.04 8.24
CA GLU I 8 30.27 15.49 9.63
C GLU I 8 31.54 15.13 10.39
N SER I 9 32.24 16.14 10.90
CA SER I 9 33.47 15.94 11.65
C SER I 9 33.22 15.08 12.89
N GLU I 10 34.21 14.24 13.20
CA GLU I 10 34.14 13.32 14.34
C GLU I 10 34.26 14.12 15.63
N PHE I 11 34.89 15.27 15.55
CA PHE I 11 35.21 16.10 16.71
C PHE I 11 34.00 16.92 17.19
N LEU I 12 32.92 16.94 16.39
CA LEU I 12 31.72 17.69 16.73
C LEU I 12 30.47 16.83 16.94
N HIS I 13 30.60 15.51 16.94
CA HIS I 13 29.46 14.64 17.30
C HIS I 13 29.06 14.88 18.76
N GLN I 14 30.06 15.15 19.60
CA GLN I 14 29.85 15.57 20.99
C GLN I 14 28.75 16.62 21.09
N ASP I 15 28.76 17.57 20.16
CA ASP I 15 27.76 18.65 20.07
C ASP I 15 26.62 18.24 19.11
N THR I 16 25.54 17.71 19.68
CA THR I 16 24.46 17.09 18.90
C THR I 16 23.65 18.06 18.04
N TRP I 17 23.63 19.34 18.43
CA TRP I 17 22.92 20.39 17.70
C TRP I 17 23.55 20.74 16.36
N VAL I 18 24.83 20.42 16.20
CA VAL I 18 25.53 20.58 14.91
C VAL I 18 24.97 19.59 13.92
N GLY I 19 24.93 18.31 14.33
CA GLY I 19 24.35 17.24 13.52
C GLY I 19 22.91 17.52 13.10
N ASN I 20 22.14 18.13 14.01
CA ASN I 20 20.78 18.55 13.68
C ASN I 20 20.74 19.61 12.59
N ALA I 21 21.63 20.59 12.70
CA ALA I 21 21.72 21.68 11.72
C ALA I 21 22.15 21.15 10.34
N VAL I 22 23.07 20.19 10.34
CA VAL I 22 23.48 19.51 9.11
C VAL I 22 22.32 18.75 8.48
N GLU I 23 21.52 18.10 9.33
CA GLU I 23 20.32 17.38 8.87
C GLU I 23 19.29 18.31 8.23
N ARG I 24 19.08 19.47 8.85
CA ARG I 24 18.22 20.50 8.27
C ARG I 24 18.72 20.94 6.89
N LEU I 25 20.03 21.04 6.75
CA LEU I 25 20.66 21.41 5.48
C LEU I 25 20.49 20.31 4.44
N ALA I 26 20.88 19.09 4.82
CA ALA I 26 20.73 17.91 3.96
C ALA I 26 19.31 17.82 3.41
N ASP I 27 18.35 18.14 4.28
CA ASP I 27 16.93 18.18 3.92
C ASP I 27 16.66 19.24 2.85
N ALA I 28 17.19 20.45 3.07
CA ALA I 28 17.01 21.57 2.14
C ALA I 28 17.57 21.28 0.75
N LEU I 29 18.70 20.58 0.71
CA LEU I 29 19.31 20.16 -0.55
C LEU I 29 18.44 19.12 -1.27
N SER I 30 18.00 18.10 -0.55
CA SER I 30 17.10 17.08 -1.10
C SER I 30 15.84 17.67 -1.70
N GLN I 31 15.32 18.71 -1.05
CA GLN I 31 14.14 19.44 -1.54
C GLN I 31 14.39 20.18 -2.86
N GLN I 32 15.64 20.49 -3.15
CA GLN I 32 16.02 21.10 -4.43
C GLN I 32 16.56 20.06 -5.42
N ASN I 33 16.10 18.82 -5.27
CA ASN I 33 16.45 17.71 -6.16
C ASN I 33 17.96 17.45 -6.26
N VAL I 34 18.61 17.41 -5.10
CA VAL I 34 20.05 17.18 -5.01
C VAL I 34 20.30 15.90 -4.21
N THR I 35 21.09 14.99 -4.78
CA THR I 35 21.46 13.77 -4.08
C THR I 35 22.47 14.12 -3.00
N VAL I 36 22.15 13.76 -1.76
CA VAL I 36 23.05 14.00 -0.63
C VAL I 36 23.65 12.68 -0.15
N ILE I 37 24.98 12.67 0.02
CA ILE I 37 25.70 11.56 0.63
C ILE I 37 26.22 12.03 1.98
N LYS I 38 25.62 11.53 3.05
CA LYS I 38 26.10 11.86 4.39
C LYS I 38 27.24 10.93 4.80
N SER I 39 28.21 11.49 5.51
CA SER I 39 29.38 10.75 5.98
C SER I 39 29.72 11.24 7.39
N THR I 40 30.05 10.30 8.27
CA THR I 40 30.17 10.58 9.70
C THR I 40 31.61 10.62 10.22
N SER I 41 32.59 10.50 9.33
CA SER I 41 33.98 10.67 9.72
C SER I 41 34.81 11.13 8.54
N PHE I 42 35.88 11.86 8.83
CA PHE I 42 36.87 12.23 7.82
C PHE I 42 37.45 10.98 7.16
N ASP I 43 37.63 9.93 7.96
CA ASP I 43 38.10 8.63 7.46
C ASP I 43 37.14 8.06 6.42
N ASP I 44 35.85 8.08 6.74
CA ASP I 44 34.81 7.58 5.83
C ASP I 44 34.72 8.44 4.56
N GLY I 45 34.72 9.75 4.74
CA GLY I 45 34.69 10.69 3.61
C GLY I 45 35.91 10.53 2.70
N TYR I 46 37.07 10.38 3.35
CA TYR I 46 38.33 10.15 2.63
C TYR I 46 38.24 8.88 1.78
N ALA I 47 37.63 7.84 2.35
CA ALA I 47 37.47 6.54 1.68
C ALA I 47 36.50 6.61 0.51
N ILE I 48 35.43 7.39 0.64
CA ILE I 48 34.45 7.59 -0.43
C ILE I 48 35.11 8.29 -1.61
N LEU I 49 35.88 9.33 -1.31
CA LEU I 49 36.65 10.04 -2.32
C LEU I 49 37.80 9.18 -2.84
N SER I 50 38.34 8.31 -1.98
CA SER I 50 39.41 7.37 -2.35
C SER I 50 38.94 6.31 -3.33
N ALA I 51 37.66 5.95 -3.23
CA ALA I 51 36.98 5.28 -4.33
C ALA I 51 36.89 6.34 -5.42
N ASN I 52 35.94 6.28 -6.34
CA ASN I 52 35.85 7.32 -7.36
C ASN I 52 34.46 7.98 -7.40
N GLU I 53 33.86 8.11 -6.23
CA GLU I 53 32.53 8.70 -6.12
C GLU I 53 32.56 10.14 -6.62
N ALA I 54 32.00 10.34 -7.81
CA ALA I 54 31.97 11.66 -8.43
C ALA I 54 30.93 12.55 -7.76
N ILE I 55 31.42 13.58 -7.06
CA ILE I 55 30.58 14.60 -6.44
C ILE I 55 30.76 15.96 -7.12
N ASP I 56 29.76 16.83 -6.95
CA ASP I 56 29.79 18.19 -7.50
C ASP I 56 30.04 19.25 -6.42
N CYS I 57 30.07 18.84 -5.16
CA CYS I 57 30.33 19.76 -4.04
C CYS I 57 30.65 18.98 -2.76
N LEU I 58 31.69 19.43 -2.05
CA LEU I 58 32.04 18.86 -0.75
C LEU I 58 31.71 19.85 0.37
N MET I 59 30.98 19.39 1.37
CA MET I 59 30.71 20.17 2.58
C MET I 59 31.23 19.41 3.79
N PHE I 60 31.77 20.13 4.76
CA PHE I 60 32.29 19.49 5.98
C PHE I 60 32.20 20.41 7.19
N SER I 61 31.88 19.82 8.35
CA SER I 61 31.94 20.54 9.62
C SER I 61 33.38 20.51 10.14
N TYR I 62 33.70 21.40 11.08
CA TYR I 62 35.09 21.66 11.42
C TYR I 62 35.20 22.43 12.75
N GLN I 63 35.69 21.74 13.78
CA GLN I 63 35.84 22.31 15.12
C GLN I 63 36.99 23.30 15.21
N MET I 64 38.08 23.00 14.51
CA MET I 64 39.26 23.89 14.41
C MET I 64 40.02 24.06 15.73
N GLU I 65 40.06 23.01 16.54
CA GLU I 65 40.79 23.05 17.80
C GLU I 65 41.91 22.02 17.80
N GLN I 66 41.55 20.75 17.64
CA GLN I 66 42.53 19.68 17.63
C GLN I 66 43.36 19.71 16.35
N PRO I 67 44.69 19.51 16.47
CA PRO I 67 45.51 19.49 15.25
C PRO I 67 45.32 18.23 14.43
N ASP I 68 44.86 17.16 15.08
CA ASP I 68 44.52 15.91 14.39
C ASP I 68 43.44 16.13 13.37
N GLU I 69 42.53 17.04 13.70
CA GLU I 69 41.46 17.44 12.80
C GLU I 69 42.00 18.31 11.67
N HIS I 70 42.74 19.36 12.02
CA HIS I 70 43.34 20.27 11.03
C HIS I 70 43.97 19.46 9.89
N LEU I 71 44.72 18.42 10.26
CA LEU I 71 45.35 17.52 9.29
C LEU I 71 44.32 16.72 8.51
N SER I 72 43.40 16.07 9.23
CA SER I 72 42.33 15.27 8.59
C SER I 72 41.55 16.05 7.53
N VAL I 73 41.37 17.36 7.77
CA VAL I 73 40.77 18.26 6.79
C VAL I 73 41.68 18.43 5.57
N ARG I 74 42.96 18.72 5.81
CA ARG I 74 43.93 18.87 4.72
C ARG I 74 44.00 17.63 3.84
N GLN I 75 43.95 16.45 4.48
CA GLN I 75 43.98 15.17 3.76
C GLN I 75 42.75 14.96 2.90
N LEU I 76 41.58 15.22 3.49
CA LEU I 76 40.30 15.07 2.80
C LEU I 76 40.22 15.94 1.56
N ILE I 77 40.46 17.23 1.74
CA ILE I 77 40.36 18.21 0.66
C ILE I 77 41.46 17.97 -0.38
N GLY I 78 42.66 17.66 0.10
CA GLY I 78 43.76 17.28 -0.78
C GLY I 78 43.39 16.09 -1.64
N LYS I 79 42.72 15.12 -1.03
CA LYS I 79 42.26 13.93 -1.73
C LYS I 79 41.23 14.23 -2.80
N LEU I 80 40.26 15.07 -2.46
CA LEU I 80 39.24 15.51 -3.41
C LEU I 80 39.89 16.04 -4.69
N HIS I 81 40.78 17.00 -4.52
CA HIS I 81 41.36 17.73 -5.65
C HIS I 81 42.38 16.94 -6.48
N GLU I 82 42.76 15.75 -6.03
CA GLU I 82 43.62 14.87 -6.83
C GLU I 82 43.03 14.62 -8.21
N ARG I 83 41.74 14.25 -8.23
CA ARG I 83 41.03 13.93 -9.47
C ARG I 83 39.77 14.78 -9.71
N GLN I 84 39.22 15.34 -8.63
CA GLN I 84 38.04 16.20 -8.72
C GLN I 84 38.49 17.63 -8.44
N GLN I 85 39.36 18.11 -9.32
CA GLN I 85 40.24 19.25 -9.06
C GLN I 85 39.55 20.54 -8.66
N ASN I 86 38.41 20.85 -9.26
CA ASN I 86 37.76 22.14 -9.03
C ASN I 86 36.40 22.05 -8.33
N VAL I 87 36.16 20.94 -7.65
CA VAL I 87 34.91 20.78 -6.88
C VAL I 87 34.89 21.85 -5.78
N PRO I 88 33.76 22.59 -5.67
CA PRO I 88 33.67 23.62 -4.64
C PRO I 88 33.59 23.03 -3.23
N VAL I 89 34.43 23.54 -2.33
CA VAL I 89 34.48 23.07 -0.96
C VAL I 89 33.81 24.07 -0.03
N PHE I 90 32.71 23.66 0.60
CA PHE I 90 32.00 24.46 1.59
C PHE I 90 32.46 24.10 2.98
N LEU I 91 32.81 25.12 3.78
CA LEU I 91 33.10 24.93 5.19
C LEU I 91 31.83 25.20 5.99
N LEU I 92 31.30 24.16 6.63
CA LEU I 92 30.20 24.30 7.58
C LEU I 92 30.78 24.54 8.99
N GLY I 93 31.03 25.81 9.31
CA GLY I 93 31.85 26.13 10.48
C GLY I 93 31.26 27.14 11.44
N ASP I 94 32.09 27.50 12.42
CA ASP I 94 31.79 28.56 13.38
C ASP I 94 32.35 29.88 12.84
N ARG I 95 31.51 30.90 12.82
CA ARG I 95 31.89 32.22 12.29
C ARG I 95 33.15 32.77 12.97
N GLU I 96 33.15 32.80 14.31
CA GLU I 96 34.27 33.39 15.07
C GLU I 96 35.59 32.70 14.82
N LYS I 97 35.60 31.38 14.93
CA LYS I 97 36.83 30.58 14.78
C LYS I 97 37.39 30.62 13.36
N ALA I 98 36.52 30.42 12.38
CA ALA I 98 36.91 30.44 10.97
C ALA I 98 37.53 31.80 10.64
N THR I 99 36.79 32.85 10.97
CA THR I 99 37.22 34.24 10.78
C THR I 99 38.64 34.47 11.30
N ALA I 100 38.90 34.01 12.52
CA ALA I 100 40.21 34.18 13.17
C ALA I 100 41.31 33.38 12.48
N SER I 101 40.97 32.19 11.99
CA SER I 101 41.92 31.33 11.27
C SER I 101 42.23 31.80 9.85
N LEU I 102 41.32 32.56 9.25
CA LEU I 102 41.40 32.94 7.84
C LEU I 102 42.78 33.44 7.41
N ASP I 103 43.44 32.64 6.57
CA ASP I 103 44.69 33.01 5.93
C ASP I 103 44.72 32.42 4.52
N ARG I 104 45.80 32.67 3.78
CA ARG I 104 45.95 32.15 2.42
C ARG I 104 45.78 30.63 2.34
N ASP I 105 46.38 29.93 3.29
CA ASP I 105 46.33 28.47 3.31
C ASP I 105 44.91 27.94 3.35
N LEU I 106 44.09 28.51 4.24
CA LEU I 106 42.70 28.09 4.39
C LEU I 106 41.89 28.32 3.13
N LEU I 107 42.14 29.45 2.48
CA LEU I 107 41.39 29.84 1.28
C LEU I 107 41.74 29.00 0.04
N GLU I 108 42.91 28.37 0.06
CA GLU I 108 43.26 27.40 -0.99
C GLU I 108 42.45 26.12 -0.81
N LEU I 109 42.25 25.73 0.44
CA LEU I 109 41.41 24.57 0.78
C LEU I 109 39.94 24.87 0.55
N VAL I 110 39.41 25.80 1.34
CA VAL I 110 38.00 26.14 1.34
C VAL I 110 37.70 27.16 0.25
N ASP I 111 36.68 26.87 -0.56
CA ASP I 111 36.22 27.80 -1.59
C ASP I 111 35.11 28.71 -1.07
N GLU I 112 34.31 28.22 -0.13
CA GLU I 112 33.17 28.99 0.35
C GLU I 112 32.80 28.70 1.82
N PHE I 113 32.32 29.73 2.51
CA PHE I 113 31.99 29.65 3.95
C PHE I 113 30.50 29.65 4.20
N ALA I 114 30.04 28.71 5.01
CA ALA I 114 28.64 28.64 5.43
C ALA I 114 28.59 28.41 6.93
N TRP I 115 28.01 29.37 7.66
CA TRP I 115 28.01 29.29 9.12
C TRP I 115 26.71 28.67 9.60
N ILE I 116 26.82 27.38 9.92
CA ILE I 116 25.68 26.47 9.94
C ILE I 116 24.75 26.64 11.14
N LEU I 117 25.27 27.14 12.25
CA LEU I 117 24.46 27.37 13.45
C LEU I 117 23.91 28.80 13.49
N GLU I 118 23.95 29.49 12.36
CA GLU I 118 23.69 30.92 12.32
C GLU I 118 23.05 31.42 10.99
N ASP I 119 22.65 30.49 10.12
CA ASP I 119 22.20 30.82 8.77
C ASP I 119 21.07 29.89 8.36
N THR I 120 20.19 30.38 7.49
CA THR I 120 19.07 29.58 7.00
C THR I 120 19.58 28.45 6.11
N ALA I 121 19.06 27.24 6.34
CA ALA I 121 19.50 26.06 5.59
C ALA I 121 19.27 26.22 4.09
N ASP I 122 18.11 26.78 3.73
CA ASP I 122 17.75 27.01 2.33
C ASP I 122 18.70 27.97 1.60
N PHE I 123 19.24 28.95 2.32
CA PHE I 123 20.20 29.88 1.72
C PHE I 123 21.50 29.17 1.36
N ILE I 124 22.02 28.36 2.28
CA ILE I 124 23.25 27.60 2.04
C ILE I 124 23.01 26.64 0.88
N ALA I 125 21.89 25.93 0.93
CA ALA I 125 21.51 25.00 -0.13
C ALA I 125 21.55 25.70 -1.48
N GLY I 126 20.93 26.88 -1.55
CA GLY I 126 20.92 27.68 -2.77
C GLY I 126 22.31 28.04 -3.27
N ARG I 127 23.16 28.48 -2.35
CA ARG I 127 24.55 28.82 -2.67
C ARG I 127 25.31 27.62 -3.21
N ALA I 128 25.05 26.45 -2.64
CA ALA I 128 25.67 25.20 -3.10
C ALA I 128 25.25 24.87 -4.53
N VAL I 129 23.95 24.86 -4.75
CA VAL I 129 23.40 24.59 -6.09
C VAL I 129 24.03 25.53 -7.13
N ALA I 130 24.17 26.80 -6.75
CA ALA I 130 24.80 27.79 -7.61
C ALA I 130 26.26 27.43 -7.90
N ALA I 131 27.01 27.10 -6.85
CA ALA I 131 28.42 26.71 -6.96
C ALA I 131 28.60 25.42 -7.76
N MET I 132 27.67 24.47 -7.60
CA MET I 132 27.69 23.22 -8.35
C MET I 132 27.39 23.44 -9.82
N THR I 133 26.55 24.44 -10.11
CA THR I 133 26.23 24.80 -11.49
C THR I 133 27.44 25.41 -12.21
N ARG I 134 28.18 26.30 -11.55
CA ARG I 134 29.38 26.89 -12.18
C ARG I 134 30.45 25.82 -12.37
N TYR I 135 30.57 24.91 -11.41
CA TYR I 135 31.49 23.78 -11.51
C TYR I 135 31.19 22.93 -12.75
N ARG I 136 29.92 22.63 -12.95
CA ARG I 136 29.48 21.81 -14.09
C ARG I 136 29.75 22.47 -15.44
N GLN I 137 29.46 23.76 -15.53
CA GLN I 137 29.72 24.53 -16.75
C GLN I 137 31.21 24.62 -17.09
N GLN I 138 32.06 24.61 -16.07
CA GLN I 138 33.51 24.70 -16.21
C GLN I 138 34.19 23.33 -16.46
N LEU I 139 33.44 22.25 -16.23
CA LEU I 139 34.02 20.90 -16.12
C LEU I 139 34.57 20.31 -17.42
N LEU I 140 33.68 20.14 -18.40
CA LEU I 140 34.00 19.39 -19.62
C LEU I 140 34.95 20.13 -20.57
N PRO I 141 35.81 19.37 -21.27
CA PRO I 141 36.74 19.96 -22.24
C PRO I 141 36.02 20.43 -23.51
N PRO I 142 36.68 21.28 -24.32
CA PRO I 142 36.03 22.07 -25.39
C PRO I 142 35.11 21.30 -26.34
N LEU I 143 35.63 20.24 -26.95
CA LEU I 143 34.90 19.52 -28.00
C LEU I 143 33.73 18.73 -27.44
N PHE I 144 34.02 17.89 -26.45
CA PHE I 144 32.97 17.07 -25.85
C PHE I 144 31.88 17.94 -25.23
N ASN I 145 32.28 19.07 -24.63
CA ASN I 145 31.33 20.02 -24.06
C ASN I 145 30.40 20.59 -25.13
N ALA I 146 30.99 20.99 -26.26
CA ALA I 146 30.23 21.48 -27.40
C ALA I 146 29.23 20.43 -27.89
N LEU I 147 29.69 19.19 -28.04
CA LEU I 147 28.83 18.08 -28.44
C LEU I 147 27.65 17.84 -27.49
N MET I 148 27.67 18.45 -26.31
CA MET I 148 26.52 18.42 -25.39
C MET I 148 25.68 19.69 -25.59
N LYS I 149 25.01 19.76 -26.74
CA LYS I 149 24.09 20.86 -27.06
C LYS I 149 23.22 20.48 -28.25
N GLY I 165 20.24 10.22 -36.94
CA GLY I 165 20.17 10.15 -35.48
C GLY I 165 20.04 8.74 -34.92
N GLY I 166 20.48 7.75 -35.70
CA GLY I 166 20.34 6.35 -35.31
C GLY I 166 18.97 5.77 -35.59
N VAL I 167 18.15 6.52 -36.34
CA VAL I 167 16.76 6.13 -36.62
C VAL I 167 16.69 5.00 -37.65
N GLY I 168 17.49 5.10 -38.71
CA GLY I 168 17.48 4.11 -39.77
C GLY I 168 17.64 2.68 -39.27
N PHE I 169 18.46 2.52 -38.24
CA PHE I 169 18.74 1.19 -37.67
C PHE I 169 17.53 0.53 -37.04
N THR I 170 16.61 1.34 -36.52
CA THR I 170 15.46 0.83 -35.78
C THR I 170 14.41 0.13 -36.66
N LYS I 171 14.56 0.24 -37.98
CA LYS I 171 13.56 -0.27 -38.92
C LYS I 171 13.68 -1.76 -39.19
N THR I 172 14.82 -2.35 -38.82
CA THR I 172 15.06 -3.79 -38.94
C THR I 172 15.27 -4.33 -37.52
N PRO I 173 14.85 -5.58 -37.24
CA PRO I 173 15.10 -6.15 -35.91
C PRO I 173 16.58 -6.25 -35.54
N SER I 174 17.38 -6.82 -36.43
CA SER I 174 18.83 -6.91 -36.24
C SER I 174 19.46 -5.53 -36.06
N GLY I 175 18.92 -4.53 -36.76
CA GLY I 175 19.37 -3.15 -36.59
C GLY I 175 18.95 -2.54 -35.27
N ARG I 176 17.73 -2.84 -34.81
CA ARG I 176 17.25 -2.35 -33.51
C ARG I 176 18.07 -2.93 -32.36
N PHE I 177 18.44 -4.21 -32.46
CA PHE I 177 19.25 -4.86 -31.44
C PHE I 177 20.60 -4.16 -31.35
N TYR I 178 21.20 -3.94 -32.51
CA TYR I 178 22.46 -3.20 -32.62
C TYR I 178 22.33 -1.79 -32.02
N HIS I 179 21.26 -1.10 -32.39
CA HIS I 179 21.00 0.26 -31.91
C HIS I 179 20.87 0.35 -30.39
N ASP I 180 20.08 -0.54 -29.81
CA ASP I 180 19.88 -0.60 -28.37
C ASP I 180 21.14 -1.02 -27.62
N TYR I 181 21.95 -1.89 -28.25
CA TYR I 181 23.18 -2.36 -27.61
C TYR I 181 24.21 -1.25 -27.46
N TYR I 182 24.50 -0.53 -28.55
CA TYR I 182 25.50 0.54 -28.53
C TYR I 182 24.94 1.87 -28.02
N GLY I 183 23.62 2.03 -28.07
CA GLY I 183 22.96 3.20 -27.52
C GLY I 183 22.77 4.32 -28.54
N GLU I 184 21.71 5.10 -28.35
CA GLU I 184 21.31 6.12 -29.33
C GLU I 184 22.28 7.29 -29.45
N ASN I 185 22.98 7.64 -28.37
CA ASN I 185 23.89 8.78 -28.36
C ASN I 185 25.09 8.63 -29.29
N LEU I 186 25.52 7.39 -29.51
CA LEU I 186 26.64 7.10 -30.40
C LEU I 186 26.35 7.56 -31.83
N PHE I 187 25.08 7.43 -32.23
CA PHE I 187 24.63 7.82 -33.56
C PHE I 187 24.30 9.32 -33.59
N ARG I 188 23.59 9.78 -32.55
CA ARG I 188 23.32 11.23 -32.36
C ARG I 188 24.61 12.06 -32.46
N SER I 189 25.76 11.42 -32.28
CA SER I 189 27.05 12.03 -32.55
C SER I 189 27.51 11.74 -33.97
N ASP I 190 26.85 12.38 -34.93
CA ASP I 190 27.24 12.32 -36.35
C ASP I 190 26.79 13.62 -37.04
N MET I 191 27.42 13.98 -38.15
CA MET I 191 27.02 15.19 -38.92
C MET I 191 27.69 15.21 -40.30
N ARG I 195 30.21 20.22 -38.44
CA ARG I 195 30.23 21.66 -38.71
C ARG I 195 28.88 22.32 -38.41
N THR I 196 28.88 23.67 -38.46
CA THR I 196 27.66 24.53 -38.47
C THR I 196 27.59 25.59 -37.34
N THR I 197 28.61 25.61 -36.49
CA THR I 197 28.66 26.38 -35.22
C THR I 197 29.71 25.72 -34.32
N LEU I 198 29.79 24.39 -34.44
CA LEU I 198 30.69 23.54 -33.67
C LEU I 198 32.08 23.42 -34.33
N GLY I 199 32.13 23.56 -35.65
CA GLY I 199 33.39 23.50 -36.39
C GLY I 199 33.67 22.15 -37.02
N SER I 200 34.67 22.12 -37.89
CA SER I 200 35.06 20.89 -38.59
C SER I 200 36.43 20.41 -38.13
N LEU I 201 36.64 19.10 -38.13
CA LEU I 201 37.93 18.51 -37.75
C LEU I 201 39.00 18.84 -38.77
N LEU I 202 38.74 18.49 -40.02
CA LEU I 202 39.73 18.67 -41.09
C LEU I 202 40.09 20.13 -41.32
N ASP I 203 39.14 21.03 -41.08
CA ASP I 203 39.41 22.47 -41.16
C ASP I 203 40.10 22.98 -39.89
N HIS I 204 39.93 22.25 -38.78
CA HIS I 204 40.51 22.60 -37.48
C HIS I 204 39.96 23.92 -36.97
N THR I 205 38.63 24.00 -36.97
CA THR I 205 37.90 25.22 -36.64
C THR I 205 36.96 24.96 -35.47
N GLY I 206 36.51 26.05 -34.84
CA GLY I 206 35.54 25.97 -33.75
C GLY I 206 36.04 25.16 -32.57
N ALA I 207 35.19 24.28 -32.05
CA ALA I 207 35.51 23.47 -30.88
C ALA I 207 36.57 22.40 -31.16
N PHE I 208 36.64 21.96 -32.42
CA PHE I 208 37.68 21.02 -32.86
C PHE I 208 39.05 21.69 -32.75
N GLY I 209 39.10 22.96 -33.14
CA GLY I 209 40.31 23.76 -33.03
C GLY I 209 40.68 24.03 -31.59
N GLU I 210 39.69 24.44 -30.79
CA GLU I 210 39.88 24.69 -29.36
C GLU I 210 40.40 23.46 -28.62
N SER I 211 39.88 22.29 -28.98
CA SER I 211 40.33 21.01 -28.37
C SER I 211 41.80 20.73 -28.65
N GLU I 212 42.23 21.01 -29.87
CA GLU I 212 43.61 20.79 -30.29
C GLU I 212 44.58 21.79 -29.66
N LYS I 213 44.17 23.05 -29.64
CA LYS I 213 44.92 24.10 -28.96
C LYS I 213 45.10 23.72 -27.49
N ASN I 214 44.04 23.18 -26.89
CA ASN I 214 44.04 22.72 -25.50
C ASN I 214 44.92 21.48 -25.28
N ALA I 215 44.82 20.52 -26.19
CA ALA I 215 45.65 19.31 -26.13
C ALA I 215 47.14 19.68 -26.15
N ALA I 216 47.49 20.63 -27.00
CA ALA I 216 48.87 21.12 -27.12
C ALA I 216 49.37 21.69 -25.80
N ARG I 217 48.54 22.49 -25.14
CA ARG I 217 48.88 23.04 -23.82
C ARG I 217 49.21 21.92 -22.84
N VAL I 218 48.30 20.95 -22.73
CA VAL I 218 48.40 19.87 -21.75
C VAL I 218 49.62 18.99 -22.01
N PHE I 219 49.80 18.57 -23.26
CA PHE I 219 50.88 17.66 -23.64
C PHE I 219 52.22 18.34 -23.93
N GLY I 220 52.27 19.67 -23.82
CA GLY I 220 53.52 20.42 -23.91
C GLY I 220 54.03 20.62 -25.32
N ALA I 221 53.10 20.87 -26.23
CA ALA I 221 53.41 21.03 -27.65
C ALA I 221 53.05 22.43 -28.14
N ASP I 222 53.66 22.83 -29.24
CA ASP I 222 53.33 24.09 -29.89
C ASP I 222 51.97 23.99 -30.60
N ARG I 223 51.74 22.87 -31.26
CA ARG I 223 50.42 22.56 -31.80
C ARG I 223 50.19 21.05 -31.84
N SER I 224 48.93 20.67 -31.76
CA SER I 224 48.53 19.26 -31.78
C SER I 224 47.52 19.01 -32.91
N TRP I 225 47.58 17.81 -33.47
CA TRP I 225 46.66 17.39 -34.54
C TRP I 225 45.91 16.13 -34.11
N SER I 226 44.60 16.26 -33.94
CA SER I 226 43.75 15.15 -33.52
C SER I 226 43.57 14.21 -34.71
N VAL I 227 43.87 12.93 -34.49
CA VAL I 227 43.86 11.93 -35.57
C VAL I 227 42.85 10.84 -35.24
N VAL I 228 42.18 10.35 -36.28
CA VAL I 228 41.08 9.40 -36.13
C VAL I 228 41.32 8.09 -36.93
N VAL I 229 42.56 7.92 -37.40
CA VAL I 229 43.01 6.73 -38.14
C VAL I 229 44.18 6.06 -37.39
N GLY I 230 44.26 6.28 -36.08
CA GLY I 230 45.30 5.68 -35.25
C GLY I 230 46.68 6.30 -35.45
N THR I 231 47.65 5.79 -34.69
CA THR I 231 49.05 6.19 -34.86
C THR I 231 49.61 5.79 -36.23
N SER I 232 49.04 4.76 -36.84
CA SER I 232 49.35 4.40 -38.21
C SER I 232 49.15 5.60 -39.11
N GLY I 233 47.95 6.17 -39.04
CA GLY I 233 47.62 7.38 -39.79
C GLY I 233 48.47 8.58 -39.39
N SER I 234 48.75 8.70 -38.10
CA SER I 234 49.59 9.78 -37.59
C SER I 234 51.01 9.68 -38.14
N ASN I 235 51.60 8.49 -38.06
CA ASN I 235 52.95 8.26 -38.58
C ASN I 235 53.03 8.55 -40.07
N ARG I 236 52.12 7.99 -40.84
CA ARG I 236 52.08 8.22 -42.29
C ARG I 236 51.97 9.71 -42.62
N THR I 237 51.16 10.43 -41.84
CA THR I 237 50.94 11.87 -42.02
C THR I 237 52.21 12.69 -41.81
N ILE I 238 52.93 12.40 -40.72
CA ILE I 238 54.17 13.11 -40.40
C ILE I 238 55.17 12.90 -41.53
N MET I 239 55.36 11.63 -41.87
CA MET I 239 56.28 11.25 -42.92
C MET I 239 55.94 11.92 -44.26
N GLN I 240 54.65 11.99 -44.59
CA GLN I 240 54.21 12.68 -45.80
C GLN I 240 54.68 14.13 -45.87
N ALA I 241 54.76 14.79 -44.72
CA ALA I 241 55.13 16.20 -44.65
C ALA I 241 56.63 16.46 -44.59
N CYS I 242 57.41 15.42 -44.29
CA CYS I 242 58.83 15.58 -43.96
C CYS I 242 59.82 15.06 -45.00
N MET I 243 59.34 14.47 -46.08
CA MET I 243 60.24 13.86 -47.07
C MET I 243 59.61 13.61 -48.44
N THR I 244 60.48 13.60 -49.45
CA THR I 244 60.13 13.17 -50.80
C THR I 244 61.08 12.04 -51.17
N ASP I 245 60.92 11.50 -52.38
CA ASP I 245 61.83 10.44 -52.86
C ASP I 245 63.28 10.91 -53.07
N ASN I 246 63.48 12.22 -53.12
CA ASN I 246 64.83 12.78 -53.22
C ASN I 246 65.59 12.81 -51.87
N ASP I 247 64.87 12.59 -50.78
CA ASP I 247 65.45 12.73 -49.43
C ASP I 247 66.04 11.45 -48.85
N VAL I 248 66.99 11.65 -47.93
CA VAL I 248 67.53 10.58 -47.12
C VAL I 248 66.87 10.66 -45.74
N VAL I 249 66.59 9.50 -45.14
CA VAL I 249 65.93 9.47 -43.83
C VAL I 249 66.57 8.44 -42.88
N VAL I 250 66.61 8.79 -41.60
CA VAL I 250 67.27 7.97 -40.58
C VAL I 250 66.22 7.28 -39.71
N LEU I 251 66.16 5.96 -39.79
CA LEU I 251 65.09 5.19 -39.18
C LEU I 251 65.54 4.26 -38.07
N ASP I 252 64.86 4.32 -36.93
CA ASP I 252 64.95 3.28 -35.92
C ASP I 252 64.54 1.98 -36.61
N ARG I 253 65.42 0.98 -36.55
CA ARG I 253 65.12 -0.33 -37.11
C ARG I 253 63.89 -0.92 -36.43
N ASN I 254 63.78 -0.69 -35.12
CA ASN I 254 62.58 -1.01 -34.36
C ASN I 254 61.51 0.03 -34.66
N CYS I 255 60.77 -0.21 -35.74
CA CYS I 255 59.75 0.73 -36.20
C CYS I 255 58.42 0.04 -36.46
N HIS I 256 57.35 0.84 -36.35
CA HIS I 256 55.98 0.41 -36.65
C HIS I 256 55.88 0.03 -38.13
N LYS I 257 55.00 -0.93 -38.44
CA LYS I 257 54.65 -1.22 -39.84
C LYS I 257 54.32 0.04 -40.63
N SER I 258 53.67 0.99 -39.96
CA SER I 258 53.24 2.25 -40.57
C SER I 258 54.38 3.16 -41.01
N ILE I 259 55.54 3.00 -40.37
CA ILE I 259 56.73 3.78 -40.71
C ILE I 259 57.33 3.30 -42.04
N GLU I 260 57.30 1.98 -42.27
CA GLU I 260 57.64 1.44 -43.58
C GLU I 260 56.62 1.91 -44.63
N GLN I 261 55.35 1.89 -44.26
CA GLN I 261 54.27 2.34 -45.15
C GLN I 261 54.57 3.73 -45.68
N GLY I 262 55.02 4.62 -44.79
CA GLY I 262 55.43 5.97 -45.19
C GLY I 262 56.55 5.95 -46.21
N LEU I 263 57.55 5.10 -45.97
CA LEU I 263 58.66 4.89 -46.91
C LEU I 263 58.19 4.53 -48.31
N ILE I 264 57.15 3.70 -48.37
CA ILE I 264 56.60 3.24 -49.64
C ILE I 264 55.83 4.35 -50.34
N LEU I 265 55.05 5.12 -49.56
CA LEU I 265 54.26 6.21 -50.11
C LEU I 265 55.13 7.39 -50.51
N THR I 266 56.11 7.69 -49.68
CA THR I 266 57.04 8.79 -49.93
C THR I 266 58.07 8.41 -50.99
N GLY I 267 58.59 7.19 -50.89
CA GLY I 267 59.66 6.71 -51.77
C GLY I 267 61.03 7.20 -51.34
N ALA I 268 61.14 7.63 -50.08
CA ALA I 268 62.39 8.16 -49.54
C ALA I 268 63.43 7.05 -49.38
N LYS I 269 64.67 7.46 -49.13
CA LYS I 269 65.83 6.56 -49.10
C LYS I 269 66.31 6.32 -47.67
N PRO I 270 66.06 5.11 -47.13
CA PRO I 270 66.27 4.89 -45.70
C PRO I 270 67.66 4.40 -45.31
N VAL I 271 68.00 4.70 -44.05
CA VAL I 271 69.16 4.16 -43.37
C VAL I 271 68.70 3.82 -41.97
N TYR I 272 69.08 2.65 -41.47
CA TYR I 272 68.53 2.16 -40.20
C TYR I 272 69.52 2.18 -39.04
N MET I 273 69.00 2.50 -37.85
CA MET I 273 69.77 2.43 -36.61
C MET I 273 69.38 1.14 -35.91
N VAL I 274 70.37 0.33 -35.57
CA VAL I 274 70.14 -1.01 -35.02
C VAL I 274 70.21 -0.99 -33.49
N PRO I 275 69.10 -1.36 -32.83
CA PRO I 275 69.11 -1.38 -31.38
C PRO I 275 69.76 -2.64 -30.83
N SER I 276 70.16 -2.58 -29.57
CA SER I 276 70.73 -3.71 -28.87
C SER I 276 69.63 -4.68 -28.45
N ARG I 277 70.01 -5.93 -28.19
CA ARG I 277 69.13 -6.90 -27.53
C ARG I 277 69.81 -7.39 -26.25
N ASN I 278 69.09 -8.20 -25.48
CA ASN I 278 69.69 -8.86 -24.31
C ASN I 278 69.49 -10.38 -24.36
N ARG I 279 69.99 -11.06 -23.34
CA ARG I 279 69.97 -12.52 -23.29
C ARG I 279 68.56 -13.15 -23.28
N TYR I 280 67.56 -12.42 -22.78
CA TYR I 280 66.17 -12.92 -22.77
C TYR I 280 65.45 -12.69 -24.10
N GLY I 281 66.11 -12.02 -25.04
CA GLY I 281 65.53 -11.72 -26.36
C GLY I 281 64.81 -10.39 -26.42
N ILE I 282 64.88 -9.62 -25.34
CA ILE I 282 64.21 -8.33 -25.23
C ILE I 282 65.00 -7.27 -25.99
N ILE I 283 64.31 -6.52 -26.85
CA ILE I 283 64.95 -5.41 -27.57
C ILE I 283 65.25 -4.28 -26.60
N GLY I 284 66.52 -3.88 -26.57
CA GLY I 284 66.98 -2.73 -25.81
C GLY I 284 67.03 -1.48 -26.69
N PRO I 285 67.76 -0.46 -26.24
CA PRO I 285 67.78 0.81 -26.93
C PRO I 285 68.86 0.88 -27.99
N ILE I 286 68.69 1.82 -28.92
CA ILE I 286 69.76 2.24 -29.82
C ILE I 286 70.82 2.93 -28.99
N TYR I 287 72.06 2.47 -29.07
CA TYR I 287 73.16 3.07 -28.31
C TYR I 287 73.53 4.41 -28.94
N PRO I 288 74.09 5.34 -28.14
CA PRO I 288 74.52 6.66 -28.66
C PRO I 288 75.49 6.57 -29.83
N GLN I 289 76.41 5.61 -29.77
CA GLN I 289 77.37 5.35 -30.87
C GLN I 289 76.68 5.22 -32.23
N GLU I 290 75.49 4.62 -32.22
CA GLU I 290 74.71 4.43 -33.43
C GLU I 290 74.01 5.70 -33.93
N MET I 291 73.83 6.68 -33.04
CA MET I 291 73.19 7.96 -33.39
C MET I 291 74.19 9.05 -33.78
N GLN I 292 75.49 8.77 -33.63
CA GLN I 292 76.53 9.77 -33.91
C GLN I 292 76.48 10.18 -35.39
N PRO I 293 76.66 11.49 -35.67
CA PRO I 293 76.68 11.99 -37.05
C PRO I 293 77.64 11.23 -37.97
N GLU I 294 78.82 10.93 -37.43
CA GLU I 294 79.87 10.25 -38.18
C GLU I 294 79.43 8.81 -38.52
N THR I 295 78.76 8.15 -37.58
CA THR I 295 78.22 6.79 -37.79
C THR I 295 77.11 6.76 -38.83
N LEU I 296 76.19 7.72 -38.74
CA LEU I 296 75.06 7.81 -39.67
C LEU I 296 75.53 8.18 -41.08
N GLN I 297 76.51 9.07 -41.16
CA GLN I 297 77.10 9.42 -42.46
C GLN I 297 77.78 8.21 -43.12
N LYS I 298 78.42 7.37 -42.31
CA LYS I 298 79.03 6.13 -42.81
C LYS I 298 77.98 5.17 -43.34
N LYS I 299 76.90 5.00 -42.58
CA LYS I 299 75.76 4.18 -43.00
C LYS I 299 75.17 4.65 -44.35
N ILE I 300 75.03 5.97 -44.49
CA ILE I 300 74.47 6.58 -45.71
C ILE I 300 75.34 6.28 -46.94
N SER I 301 76.65 6.46 -46.79
CA SER I 301 77.60 6.20 -47.87
C SER I 301 77.73 4.71 -48.21
N ALA I 302 77.48 3.86 -47.23
CA ALA I 302 77.59 2.40 -47.39
C ALA I 302 76.39 1.79 -48.11
N SER I 303 75.18 2.21 -47.74
CA SER I 303 73.95 1.63 -48.27
C SER I 303 73.78 1.89 -49.78
N PRO I 304 73.33 0.88 -50.54
CA PRO I 304 73.03 1.05 -51.97
C PRO I 304 71.95 2.10 -52.26
N LEU I 305 70.96 2.20 -51.37
CA LEU I 305 69.83 3.11 -51.58
C LEU I 305 70.23 4.58 -51.44
N THR I 306 71.18 4.85 -50.54
CA THR I 306 71.59 6.22 -50.21
C THR I 306 72.97 6.64 -50.75
N LYS I 307 73.79 5.69 -51.15
CA LYS I 307 75.15 5.97 -51.70
C LYS I 307 75.24 7.26 -52.51
N THR I 308 74.34 7.42 -53.48
CA THR I 308 74.36 8.53 -54.42
C THR I 308 73.97 9.87 -53.77
N LYS I 309 73.30 9.80 -52.62
CA LYS I 309 72.87 10.97 -51.88
C LYS I 309 73.71 11.20 -50.63
N ALA I 310 74.96 10.74 -50.65
CA ALA I 310 75.86 10.88 -49.49
C ALA I 310 76.20 12.33 -49.23
N GLY I 311 76.34 12.68 -47.95
CA GLY I 311 76.59 14.07 -47.54
C GLY I 311 75.36 14.96 -47.53
N GLN I 312 74.23 14.46 -48.01
CA GLN I 312 72.98 15.20 -48.03
C GLN I 312 72.39 15.18 -46.62
N LYS I 313 71.81 16.30 -46.19
CA LYS I 313 71.22 16.38 -44.85
C LYS I 313 69.91 15.62 -44.82
N PRO I 314 69.82 14.57 -43.98
CA PRO I 314 68.55 13.83 -43.87
C PRO I 314 67.39 14.72 -43.43
N SER I 315 66.23 14.51 -44.05
CA SER I 315 65.07 15.37 -43.84
C SER I 315 64.15 14.87 -42.73
N TYR I 316 64.45 13.70 -42.16
CA TYR I 316 63.58 13.09 -41.18
C TYR I 316 64.32 12.03 -40.38
N SER I 317 63.95 11.92 -39.11
CA SER I 317 64.57 10.99 -38.20
C SER I 317 63.51 10.45 -37.26
N VAL I 318 63.52 9.14 -37.01
CA VAL I 318 62.55 8.54 -36.08
C VAL I 318 63.19 7.58 -35.10
N VAL I 319 62.73 7.68 -33.85
CA VAL I 319 63.09 6.75 -32.79
C VAL I 319 61.79 6.33 -32.13
N THR I 320 61.72 5.08 -31.69
CA THR I 320 60.52 4.58 -30.99
C THR I 320 60.64 4.86 -29.49
N CYS I 322 59.32 4.79 -26.46
CA CYS I 322 59.37 3.71 -25.47
C CYS I 322 59.16 2.36 -26.14
N THR I 323 60.08 1.43 -25.87
CA THR I 323 60.03 0.06 -26.39
C THR I 323 58.78 -0.66 -25.87
N TYR I 324 58.28 -1.64 -26.63
CA TYR I 324 57.12 -2.44 -26.19
C TYR I 324 57.37 -3.04 -24.81
N ASP I 325 58.60 -3.49 -24.59
CA ASP I 325 59.02 -4.10 -23.32
C ASP I 325 59.36 -3.10 -22.19
N GLY I 326 59.30 -1.81 -22.50
CA GLY I 326 59.37 -0.75 -21.47
C GLY I 326 60.66 0.01 -21.35
N VAL I 327 61.56 -0.15 -22.33
CA VAL I 327 62.82 0.57 -22.34
C VAL I 327 62.58 2.02 -22.78
N CYS I 328 62.90 2.96 -21.90
CA CYS I 328 62.72 4.39 -22.18
C CYS I 328 64.07 5.05 -22.45
N TYR I 329 64.16 5.79 -23.56
CA TYR I 329 65.36 6.56 -23.88
C TYR I 329 65.42 7.84 -23.05
N ASN I 330 66.64 8.30 -22.80
CA ASN I 330 66.86 9.67 -22.35
C ASN I 330 66.68 10.58 -23.56
N ALA I 331 65.44 10.99 -23.80
CA ALA I 331 65.05 11.73 -25.00
C ALA I 331 65.75 13.08 -25.13
N LYS I 332 66.17 13.67 -24.01
CA LYS I 332 66.92 14.92 -24.06
C LYS I 332 68.27 14.73 -24.74
N GLU I 333 69.01 13.71 -24.31
CA GLU I 333 70.32 13.39 -24.90
C GLU I 333 70.19 12.85 -26.31
N ALA I 334 69.23 11.94 -26.50
CA ALA I 334 68.96 11.33 -27.80
C ALA I 334 68.64 12.39 -28.85
N GLN I 335 67.82 13.37 -28.46
CA GLN I 335 67.46 14.48 -29.34
C GLN I 335 68.66 15.32 -29.75
N ASP I 336 69.53 15.64 -28.79
CA ASP I 336 70.71 16.45 -29.05
C ASP I 336 71.70 15.77 -29.98
N LEU I 337 71.78 14.44 -29.90
CA LEU I 337 72.60 13.65 -30.82
C LEU I 337 72.04 13.65 -32.24
N LEU I 338 70.74 13.44 -32.35
CA LEU I 338 70.08 13.38 -33.65
C LEU I 338 69.94 14.75 -34.29
N ALA I 339 69.83 15.78 -33.45
CA ALA I 339 69.75 17.17 -33.93
C ALA I 339 70.96 17.55 -34.77
N LYS I 340 72.11 16.97 -34.44
CA LYS I 340 73.36 17.18 -35.20
C LYS I 340 73.21 16.75 -36.65
N THR I 341 72.46 15.68 -36.88
CA THR I 341 72.31 15.08 -38.21
C THR I 341 71.06 15.60 -38.95
N SER I 342 69.96 15.71 -38.23
CA SER I 342 68.66 16.06 -38.84
C SER I 342 67.94 17.16 -38.06
N ASP I 343 67.21 17.99 -38.79
CA ASP I 343 66.42 19.07 -38.18
C ASP I 343 65.02 18.61 -37.74
N ARG I 344 64.62 17.43 -38.19
CA ARG I 344 63.34 16.83 -37.78
C ARG I 344 63.53 15.50 -37.08
N ILE I 345 63.08 15.44 -35.83
CA ILE I 345 63.21 14.25 -35.01
C ILE I 345 61.80 13.85 -34.56
N HIS I 346 61.45 12.61 -34.83
CA HIS I 346 60.12 12.10 -34.53
C HIS I 346 60.24 10.95 -33.54
N PHE I 347 59.64 11.12 -32.37
CA PHE I 347 59.59 10.05 -31.37
C PHE I 347 58.23 9.36 -31.44
N ASP I 348 58.23 8.09 -31.81
CA ASP I 348 57.00 7.30 -31.80
C ASP I 348 56.71 6.90 -30.36
N GLU I 349 55.93 7.73 -29.68
CA GLU I 349 55.59 7.53 -28.28
C GLU I 349 54.19 6.93 -28.14
N ALA I 350 53.89 5.95 -29.00
CA ALA I 350 52.55 5.33 -29.06
C ALA I 350 52.12 4.70 -27.74
N TRP I 351 53.02 3.93 -27.15
CA TRP I 351 52.79 3.25 -25.88
C TRP I 351 53.14 4.11 -24.66
N TYR I 352 53.26 5.41 -24.83
CA TYR I 352 54.02 6.23 -23.89
C TYR I 352 53.50 7.67 -23.77
N GLY I 353 52.18 7.84 -23.88
CA GLY I 353 51.56 9.16 -23.80
C GLY I 353 51.57 9.74 -22.40
N TYR I 354 51.50 8.86 -21.41
CA TYR I 354 51.47 9.23 -19.99
C TYR I 354 52.76 9.84 -19.46
N ALA I 355 53.88 9.52 -20.11
CA ALA I 355 55.23 9.85 -19.64
C ALA I 355 55.36 11.24 -19.02
N ARG I 356 54.85 12.24 -19.72
CA ARG I 356 54.95 13.64 -19.31
C ARG I 356 54.37 13.92 -17.92
N PHE I 357 53.32 13.20 -17.55
CA PHE I 357 52.50 13.55 -16.39
C PHE I 357 52.88 12.83 -15.09
N ASN I 358 54.07 12.22 -15.06
CA ASN I 358 54.65 11.71 -13.82
C ASN I 358 56.14 12.02 -13.82
N PRO I 359 56.65 12.59 -12.72
CA PRO I 359 58.07 12.99 -12.67
C PRO I 359 59.08 11.84 -12.64
N ILE I 360 58.62 10.60 -12.49
CA ILE I 360 59.54 9.46 -12.56
C ILE I 360 60.10 9.30 -13.96
N TYR I 361 59.34 9.73 -14.97
CA TYR I 361 59.78 9.69 -16.38
C TYR I 361 60.53 10.95 -16.83
N CYS I 362 60.77 11.87 -15.89
CA CYS I 362 61.47 13.13 -16.18
C CYS I 362 62.64 12.96 -17.16
N ASP I 363 62.68 13.83 -18.18
CA ASP I 363 63.74 13.84 -19.21
C ASP I 363 63.73 12.66 -20.20
N HIS I 364 62.85 11.69 -20.01
CA HIS I 364 62.83 10.48 -20.84
C HIS I 364 61.65 10.45 -21.82
N TYR I 365 61.19 11.63 -22.22
CA TYR I 365 60.13 11.76 -23.24
C TYR I 365 60.40 13.01 -24.07
N ALA I 366 59.63 13.17 -25.15
CA ALA I 366 59.88 14.24 -26.12
C ALA I 366 59.49 15.64 -25.61
N MET I 367 58.23 15.79 -25.24
CA MET I 367 57.67 17.10 -24.89
C MET I 367 57.97 17.51 -23.46
N ARG I 368 59.24 17.82 -23.19
CA ARG I 368 59.70 18.15 -21.84
C ARG I 368 59.42 19.59 -21.48
N GLY I 369 58.91 19.82 -20.27
CA GLY I 369 58.67 21.17 -19.78
C GLY I 369 57.71 21.97 -20.65
N GLU I 370 57.96 23.27 -20.76
CA GLU I 370 57.12 24.17 -21.55
C GLU I 370 57.75 24.42 -22.94
N PRO I 371 56.91 24.58 -23.98
CA PRO I 371 57.41 24.92 -25.31
C PRO I 371 57.79 26.40 -25.46
N GLY I 372 58.80 26.66 -26.28
CA GLY I 372 59.20 28.04 -26.63
C GLY I 372 60.40 28.26 -27.58
N ASP I 373 61.25 27.22 -27.80
CA ASP I 373 62.47 27.27 -28.64
C ASP I 373 63.70 27.88 -28.00
N GLY I 376 65.97 25.19 -31.49
CA GLY I 376 66.30 23.78 -31.60
C GLY I 376 65.74 23.12 -32.85
N PRO I 377 65.79 21.78 -32.92
CA PRO I 377 65.18 21.08 -34.04
C PRO I 377 63.66 20.98 -33.93
N THR I 378 63.00 20.67 -35.03
CA THR I 378 61.57 20.40 -35.03
C THR I 378 61.34 18.98 -34.50
N VAL I 379 60.55 18.86 -33.44
CA VAL I 379 60.33 17.57 -32.78
C VAL I 379 58.88 17.13 -32.87
N PHE I 380 58.67 15.91 -33.38
CA PHE I 380 57.34 15.30 -33.42
C PHE I 380 57.21 14.27 -32.32
N ALA I 381 56.02 14.19 -31.73
CA ALA I 381 55.67 13.12 -30.80
C ALA I 381 54.33 12.54 -31.24
N THR I 382 54.24 11.22 -31.20
CA THR I 382 53.07 10.50 -31.68
C THR I 382 52.50 9.65 -30.55
N HIS I 383 51.25 9.93 -30.18
CA HIS I 383 50.58 9.15 -29.14
C HIS I 383 49.40 8.37 -29.70
N SER I 384 49.28 7.13 -29.23
CA SER I 384 48.08 6.34 -29.45
C SER I 384 47.25 6.47 -28.19
N THR I 385 46.25 7.34 -28.24
CA THR I 385 45.44 7.66 -27.07
C THR I 385 44.72 6.43 -26.51
N HIS I 386 44.31 5.52 -27.39
CA HIS I 386 43.58 4.33 -26.96
C HIS I 386 44.44 3.34 -26.20
N LYS I 387 45.73 3.26 -26.55
CA LYS I 387 46.63 2.25 -25.96
C LYS I 387 46.76 2.36 -24.44
N LEU I 388 47.43 3.40 -23.96
CA LEU I 388 47.68 3.50 -22.52
C LEU I 388 47.09 4.74 -21.82
N LEU I 389 46.59 5.70 -22.60
CA LEU I 389 45.82 6.81 -22.03
C LEU I 389 44.35 6.46 -21.82
N ASN I 390 43.94 5.31 -22.36
CA ASN I 390 42.58 4.78 -22.21
C ASN I 390 41.57 5.66 -22.96
N ALA I 391 41.27 5.24 -24.18
CA ALA I 391 40.39 5.99 -25.08
C ALA I 391 39.87 5.08 -26.18
N LEU I 392 38.97 5.60 -27.02
CA LEU I 392 38.39 4.82 -28.11
C LEU I 392 39.44 4.44 -29.15
N SER I 393 39.38 3.21 -29.63
CA SER I 393 40.30 2.72 -30.65
C SER I 393 40.29 3.61 -31.89
N GLN I 394 41.45 3.76 -32.50
CA GLN I 394 41.71 4.69 -33.61
C GLN I 394 41.99 6.14 -33.19
N ALA I 395 41.91 6.42 -31.89
CA ALA I 395 42.25 7.76 -31.39
C ALA I 395 43.76 7.92 -31.33
N SER I 396 44.25 9.02 -31.90
CA SER I 396 45.68 9.33 -31.91
C SER I 396 45.94 10.82 -31.97
N TYR I 397 47.12 11.22 -31.51
CA TYR I 397 47.56 12.62 -31.56
C TYR I 397 48.92 12.74 -32.25
N ILE I 398 49.07 13.79 -33.05
CA ILE I 398 50.37 14.24 -33.52
C ILE I 398 50.72 15.50 -32.75
N HIS I 399 51.75 15.42 -31.92
CA HIS I 399 52.21 16.59 -31.18
C HIS I 399 53.48 17.13 -31.81
N VAL I 400 53.55 18.45 -31.92
CA VAL I 400 54.64 19.11 -32.63
C VAL I 400 55.26 20.25 -31.81
N ARG I 401 56.59 20.28 -31.78
CA ARG I 401 57.33 21.44 -31.31
C ARG I 401 58.09 22.05 -32.48
N GLU I 402 57.63 23.23 -32.90
CA GLU I 402 58.14 23.86 -34.12
C GLU I 402 59.51 24.49 -33.87
N GLY I 403 60.48 24.05 -34.66
CA GLY I 403 61.86 24.53 -34.58
C GLY I 403 62.46 24.71 -35.95
N ARG I 404 63.73 24.30 -36.11
CA ARG I 404 64.40 24.36 -37.40
C ARG I 404 63.74 23.40 -38.38
N GLY I 405 63.57 23.85 -39.63
CA GLY I 405 62.96 23.04 -40.68
C GLY I 405 61.49 22.75 -40.43
N ALA I 406 60.82 23.68 -39.76
CA ALA I 406 59.43 23.49 -39.36
C ALA I 406 58.50 23.52 -40.56
N VAL I 407 57.41 22.76 -40.46
CA VAL I 407 56.37 22.74 -41.48
C VAL I 407 55.16 23.47 -40.92
N ASN I 408 54.77 24.57 -41.57
CA ASN I 408 53.65 25.38 -41.11
C ASN I 408 52.30 24.71 -41.34
N PHE I 409 51.24 25.34 -40.84
CA PHE I 409 49.87 24.78 -40.92
C PHE I 409 49.47 24.40 -42.35
N SER I 410 49.47 25.40 -43.24
CA SER I 410 49.03 25.22 -44.62
C SER I 410 49.68 24.02 -45.28
N ARG I 411 50.99 23.90 -45.11
CA ARG I 411 51.75 22.81 -45.69
C ARG I 411 51.41 21.47 -45.02
N PHE I 412 51.36 21.46 -43.70
CA PHE I 412 51.15 20.22 -42.94
C PHE I 412 49.73 19.68 -43.09
N ASN I 413 48.76 20.58 -43.16
CA ASN I 413 47.36 20.19 -43.28
C ASN I 413 47.05 19.45 -44.59
N GLN I 414 47.84 19.72 -45.62
CA GLN I 414 47.78 18.95 -46.87
C GLN I 414 48.22 17.51 -46.65
N ALA I 415 49.25 17.34 -45.83
CA ALA I 415 49.70 16.00 -45.41
C ALA I 415 48.69 15.36 -44.47
N TYR I 416 48.09 16.16 -43.59
CA TYR I 416 47.07 15.66 -42.68
C TYR I 416 45.87 15.12 -43.43
N MET I 417 45.34 15.93 -44.33
CA MET I 417 44.14 15.56 -45.10
C MET I 417 44.38 14.33 -45.98
N MET I 418 45.63 14.15 -46.40
CA MET I 418 46.04 13.00 -47.20
C MET I 418 45.62 11.67 -46.60
N HIS I 419 45.76 11.57 -45.27
CA HIS I 419 45.56 10.31 -44.56
C HIS I 419 44.41 10.41 -43.56
N ALA I 420 43.47 11.31 -43.85
CA ALA I 420 42.29 11.51 -43.03
C ALA I 420 41.06 11.01 -43.78
N THR I 421 39.90 11.14 -43.13
CA THR I 421 38.62 10.80 -43.74
C THR I 421 37.75 12.04 -43.73
N THR I 422 36.96 12.22 -44.79
CA THR I 422 36.12 13.42 -44.92
C THR I 422 35.00 13.48 -43.87
N SER I 423 34.50 12.33 -43.44
CA SER I 423 33.52 12.26 -42.34
C SER I 423 34.04 11.37 -41.20
N PRO I 424 34.66 11.98 -40.18
CA PRO I 424 35.17 11.27 -39.02
C PRO I 424 34.09 11.07 -37.95
N LEU I 425 34.23 10.00 -37.17
CA LEU I 425 33.27 9.68 -36.11
C LEU I 425 33.55 10.54 -34.89
N TYR I 426 32.58 11.36 -34.50
CA TYR I 426 32.76 12.31 -33.39
C TYR I 426 33.07 11.62 -32.06
N ALA I 427 32.47 10.46 -31.83
CA ALA I 427 32.71 9.69 -30.60
C ALA I 427 34.20 9.45 -30.32
N ILE I 428 34.97 9.24 -31.39
CA ILE I 428 36.42 9.03 -31.26
C ILE I 428 37.13 10.33 -30.92
N CYS I 429 36.83 11.38 -31.68
CA CYS I 429 37.39 12.71 -31.43
C CYS I 429 37.07 13.22 -30.03
N ALA I 430 35.85 12.95 -29.58
CA ALA I 430 35.43 13.31 -28.24
C ALA I 430 36.23 12.54 -27.18
N SER I 431 36.54 11.28 -27.46
CA SER I 431 37.35 10.47 -26.55
C SER I 431 38.78 10.99 -26.45
N ASN I 432 39.29 11.53 -27.56
CA ASN I 432 40.57 12.24 -27.56
C ASN I 432 40.55 13.47 -26.68
N ASP I 433 39.43 14.21 -26.74
CA ASP I 433 39.28 15.44 -25.98
C ASP I 433 39.22 15.21 -24.46
N VAL I 434 38.49 14.18 -24.04
CA VAL I 434 38.39 13.88 -22.60
C VAL I 434 39.67 13.22 -22.07
N ALA I 435 40.35 12.47 -22.94
CA ALA I 435 41.62 11.85 -22.57
C ALA I 435 42.66 12.92 -22.24
N VAL I 436 42.59 14.05 -22.93
CA VAL I 436 43.42 15.21 -22.62
C VAL I 436 43.08 15.72 -21.22
N SER I 437 41.79 15.96 -21.02
CA SER I 437 41.27 16.44 -19.73
C SER I 437 41.71 15.57 -18.54
N MET I 438 41.78 14.26 -18.76
CA MET I 438 42.18 13.32 -17.71
C MET I 438 43.65 13.44 -17.30
N MET I 439 44.52 13.82 -18.23
CA MET I 439 45.93 14.02 -17.93
C MET I 439 46.22 15.45 -17.47
N ASP I 440 45.33 16.37 -17.79
CA ASP I 440 45.51 17.77 -17.43
C ASP I 440 45.36 17.95 -15.92
N GLY I 441 46.23 18.80 -15.37
CA GLY I 441 46.19 19.17 -13.97
C GLY I 441 46.58 18.03 -13.06
N ASN I 442 45.89 17.94 -11.92
CA ASN I 442 46.19 16.97 -10.88
C ASN I 442 45.86 15.53 -11.27
N SER I 443 44.77 15.36 -12.02
CA SER I 443 44.29 14.02 -12.40
C SER I 443 45.38 13.18 -13.08
N GLY I 444 46.16 13.82 -13.95
CA GLY I 444 47.26 13.16 -14.66
C GLY I 444 48.28 12.52 -13.74
N LEU I 445 48.79 13.30 -12.79
CA LEU I 445 49.75 12.79 -11.81
C LEU I 445 49.14 11.64 -11.00
N SER I 446 47.92 11.84 -10.53
CA SER I 446 47.23 10.86 -9.68
C SER I 446 46.97 9.54 -10.41
N LEU I 447 46.55 9.64 -11.67
CA LEU I 447 46.28 8.46 -12.49
C LEU I 447 47.55 7.69 -12.83
N THR I 448 48.58 8.40 -13.27
CA THR I 448 49.86 7.79 -13.59
C THR I 448 50.52 7.17 -12.36
N GLN I 449 50.35 7.81 -11.21
CA GLN I 449 50.92 7.30 -9.96
C GLN I 449 50.22 6.04 -9.51
N GLU I 450 48.89 5.99 -9.69
CA GLU I 450 48.11 4.81 -9.32
C GLU I 450 48.61 3.56 -10.05
N VAL I 451 48.83 3.69 -11.36
CA VAL I 451 49.29 2.54 -12.17
C VAL I 451 50.73 2.14 -11.85
N ILE I 452 51.59 3.12 -11.59
CA ILE I 452 52.96 2.85 -11.14
C ILE I 452 52.94 2.13 -9.80
N ASP I 453 52.16 2.65 -8.86
CA ASP I 453 52.00 2.05 -7.54
C ASP I 453 51.58 0.58 -7.61
N GLU I 454 50.63 0.28 -8.49
CA GLU I 454 50.15 -1.10 -8.66
C GLU I 454 51.21 -2.00 -9.27
N ALA I 455 51.89 -1.50 -10.31
CA ALA I 455 52.96 -2.25 -10.95
C ALA I 455 54.09 -2.58 -9.99
N VAL I 456 54.41 -1.63 -9.11
CA VAL I 456 55.43 -1.83 -8.08
C VAL I 456 55.01 -2.93 -7.10
N ASP I 457 53.80 -2.80 -6.54
CA ASP I 457 53.26 -3.80 -5.61
C ASP I 457 53.36 -5.21 -6.19
N PHE I 458 53.02 -5.34 -7.48
CA PHE I 458 53.09 -6.61 -8.18
C PHE I 458 54.52 -7.10 -8.34
N ARG I 459 55.39 -6.23 -8.84
CA ARG I 459 56.82 -6.53 -8.99
C ARG I 459 57.42 -7.00 -7.65
N GLN I 460 57.20 -6.22 -6.60
CA GLN I 460 57.69 -6.55 -5.26
C GLN I 460 57.16 -7.88 -4.74
N ALA I 461 55.86 -8.10 -4.92
CA ALA I 461 55.20 -9.34 -4.49
C ALA I 461 55.80 -10.56 -5.22
N MET I 462 56.07 -10.37 -6.50
CA MET I 462 56.69 -11.41 -7.34
C MET I 462 58.13 -11.69 -6.91
N ALA I 463 58.86 -10.63 -6.56
CA ALA I 463 60.24 -10.76 -6.10
C ALA I 463 60.34 -11.47 -4.75
N ARG I 464 59.39 -11.20 -3.85
CA ARG I 464 59.38 -11.83 -2.53
C ARG I 464 59.08 -13.33 -2.62
N LEU I 465 58.08 -13.67 -3.43
CA LEU I 465 57.78 -15.07 -3.71
C LEU I 465 58.99 -15.78 -4.28
N TYR I 466 59.69 -15.13 -5.20
CA TYR I 466 60.87 -15.70 -5.82
C TYR I 466 61.96 -16.03 -4.81
N LYS I 467 62.19 -15.14 -3.85
CA LYS I 467 63.19 -15.38 -2.81
C LYS I 467 62.76 -16.53 -1.91
N GLU I 468 61.48 -16.54 -1.53
CA GLU I 468 60.91 -17.63 -0.73
C GLU I 468 61.20 -19.01 -1.32
N PHE I 469 60.88 -19.16 -2.61
CA PHE I 469 61.11 -20.42 -3.33
C PHE I 469 62.61 -20.69 -3.49
N THR I 470 63.34 -19.68 -3.95
CA THR I 470 64.78 -19.76 -4.17
C THR I 470 65.52 -20.24 -2.92
N ASP I 471 65.32 -19.51 -1.82
CA ASP I 471 65.92 -19.84 -0.53
C ASP I 471 65.68 -21.30 -0.12
N GLU I 472 64.49 -21.81 -0.42
CA GLU I 472 64.12 -23.20 -0.13
C GLU I 472 64.53 -24.18 -1.24
N GLY I 473 65.49 -23.79 -2.07
CA GLY I 473 66.01 -24.64 -3.14
C GLY I 473 65.04 -24.92 -4.27
N ASP I 474 64.07 -24.02 -4.46
CA ASP I 474 62.98 -24.22 -5.41
C ASP I 474 62.97 -23.14 -6.49
N TRP I 475 62.26 -23.39 -7.58
CA TRP I 475 62.17 -22.43 -8.69
C TRP I 475 60.89 -21.57 -8.63
N PHE I 476 60.94 -20.42 -9.30
CA PHE I 476 59.75 -19.56 -9.50
C PHE I 476 60.06 -18.49 -10.54
N PHE I 477 59.03 -17.77 -10.95
CA PHE I 477 59.18 -16.64 -11.88
C PHE I 477 59.67 -15.42 -11.12
N LYS I 478 60.64 -14.70 -11.70
CA LYS I 478 61.12 -13.45 -11.11
C LYS I 478 60.83 -12.28 -12.04
N PRO I 479 60.58 -11.09 -11.46
CA PRO I 479 60.31 -9.92 -12.27
C PRO I 479 61.60 -9.36 -12.86
N TRP I 480 61.51 -8.79 -14.07
CA TRP I 480 62.66 -8.17 -14.71
C TRP I 480 62.77 -6.70 -14.31
N ASN I 481 63.64 -6.43 -13.35
CA ASN I 481 63.87 -5.10 -12.83
C ASN I 481 65.18 -5.07 -12.06
N LYS I 482 65.49 -3.92 -11.45
CA LYS I 482 66.72 -3.77 -10.68
C LYS I 482 66.83 -4.81 -9.56
N ASP I 483 68.05 -5.27 -9.30
CA ASP I 483 68.29 -6.23 -8.20
C ASP I 483 68.32 -5.52 -6.85
N VAL I 484 68.96 -4.35 -6.83
CA VAL I 484 69.20 -3.61 -5.61
C VAL I 484 69.01 -2.11 -5.87
N VAL I 485 68.29 -1.44 -4.98
CA VAL I 485 68.03 0.00 -5.10
C VAL I 485 68.59 0.76 -3.90
N THR I 486 68.66 2.08 -4.02
CA THR I 486 69.20 2.93 -2.97
C THR I 486 68.33 4.16 -2.70
N ASP I 487 68.03 4.39 -1.42
CA ASP I 487 67.34 5.60 -0.98
C ASP I 487 68.36 6.74 -0.91
N PRO I 488 68.15 7.82 -1.68
CA PRO I 488 69.10 8.94 -1.64
C PRO I 488 69.08 9.76 -0.35
N GLN I 489 67.90 9.96 0.23
CA GLN I 489 67.79 10.76 1.46
C GLN I 489 68.52 10.11 2.65
N THR I 490 68.56 8.78 2.70
CA THR I 490 69.25 8.05 3.79
C THR I 490 70.61 7.49 3.38
N GLY I 491 70.82 7.27 2.08
CA GLY I 491 72.01 6.54 1.59
C GLY I 491 71.86 5.03 1.65
N LYS I 492 70.78 4.57 2.28
CA LYS I 492 70.59 3.16 2.61
C LYS I 492 70.25 2.32 1.39
N THR I 493 70.69 1.06 1.41
CA THR I 493 70.57 0.15 0.28
C THR I 493 69.57 -0.97 0.61
N TYR I 494 68.71 -1.30 -0.36
CA TYR I 494 67.72 -2.37 -0.21
C TYR I 494 67.76 -3.35 -1.38
N ASP I 495 67.54 -4.62 -1.07
CA ASP I 495 67.13 -5.59 -2.08
C ASP I 495 65.77 -5.13 -2.60
N PHE I 496 65.48 -5.39 -3.88
CA PHE I 496 64.22 -4.94 -4.48
C PHE I 496 63.02 -5.32 -3.60
N ALA I 497 62.93 -6.60 -3.28
CA ALA I 497 61.84 -7.12 -2.45
C ALA I 497 61.66 -6.34 -1.15
N ASP I 498 62.78 -5.99 -0.51
CA ASP I 498 62.77 -5.32 0.79
C ASP I 498 62.60 -3.79 0.74
N ALA I 499 62.69 -3.21 -0.47
CA ALA I 499 62.62 -1.76 -0.62
C ALA I 499 61.28 -1.20 -0.15
N PRO I 500 61.26 0.08 0.26
CA PRO I 500 59.97 0.74 0.47
C PRO I 500 59.26 1.00 -0.85
N ALA I 501 57.95 0.78 -0.88
CA ALA I 501 57.16 0.95 -2.11
C ALA I 501 57.19 2.39 -2.60
N LYS I 502 57.05 3.35 -1.68
CA LYS I 502 57.06 4.76 -2.05
C LYS I 502 58.37 5.16 -2.74
N LEU I 503 59.50 4.54 -2.37
CA LEU I 503 60.78 4.80 -3.03
C LEU I 503 60.74 4.35 -4.49
N LEU I 504 60.39 3.08 -4.70
CA LEU I 504 60.35 2.48 -6.04
C LEU I 504 59.38 3.18 -6.98
N ALA I 505 58.28 3.68 -6.42
CA ALA I 505 57.23 4.34 -7.20
C ALA I 505 57.49 5.83 -7.42
N THR I 506 58.66 6.32 -7.00
CA THR I 506 58.98 7.74 -7.01
C THR I 506 60.35 8.01 -7.59
N ASP I 507 61.36 7.32 -7.05
CA ASP I 507 62.75 7.57 -7.41
C ASP I 507 63.07 6.99 -8.78
N GLN I 508 63.40 7.87 -9.73
CA GLN I 508 63.75 7.45 -11.08
C GLN I 508 64.99 6.55 -11.12
N ASN I 509 65.96 6.85 -10.26
CA ASN I 509 67.24 6.10 -10.24
C ASN I 509 67.08 4.62 -9.92
N CYS I 510 65.96 4.25 -9.31
CA CYS I 510 65.61 2.83 -9.08
C CYS I 510 65.32 2.09 -10.39
N TRP I 511 65.19 2.84 -11.49
CA TRP I 511 64.85 2.28 -12.79
C TRP I 511 65.83 2.61 -13.90
N VAL I 512 66.82 3.47 -13.63
CA VAL I 512 67.81 3.84 -14.65
C VAL I 512 68.77 2.67 -14.86
N MET I 513 68.99 2.32 -16.11
CA MET I 513 69.93 1.24 -16.46
C MET I 513 71.34 1.79 -16.45
N ARG I 514 72.13 1.31 -15.49
CA ARG I 514 73.50 1.79 -15.28
C ARG I 514 74.52 0.71 -15.63
N PRO I 515 75.72 1.13 -16.06
CA PRO I 515 76.74 0.18 -16.48
C PRO I 515 77.21 -0.72 -15.34
N GLY I 516 77.55 -1.96 -15.67
CA GLY I 516 78.01 -2.94 -14.68
C GLY I 516 76.90 -3.68 -13.97
N GLU I 517 75.64 -3.30 -14.24
CA GLU I 517 74.50 -3.96 -13.62
C GLU I 517 74.09 -5.18 -14.43
N THR I 518 73.89 -6.29 -13.73
CA THR I 518 73.58 -7.57 -14.37
C THR I 518 72.15 -7.63 -14.88
N TRP I 519 71.21 -7.08 -14.11
CA TRP I 519 69.77 -7.29 -14.33
C TRP I 519 69.28 -6.98 -15.74
N HIS I 520 69.66 -5.81 -16.27
CA HIS I 520 69.11 -5.35 -17.56
C HIS I 520 69.76 -6.08 -18.75
N GLY I 521 71.03 -6.41 -18.63
CA GLY I 521 71.67 -7.33 -19.57
C GLY I 521 71.95 -6.79 -20.96
N PHE I 522 72.27 -5.50 -21.03
CA PHE I 522 72.61 -4.84 -22.28
C PHE I 522 74.10 -4.54 -22.24
N LYS I 523 74.89 -5.36 -22.92
CA LYS I 523 76.35 -5.28 -22.87
C LYS I 523 76.85 -3.91 -23.33
N ASP I 524 77.63 -3.27 -22.48
CA ASP I 524 78.27 -1.98 -22.76
C ASP I 524 77.28 -0.82 -22.94
N LEU I 525 76.12 -0.90 -22.27
CA LEU I 525 75.16 0.21 -22.26
C LEU I 525 75.74 1.40 -21.48
N PRO I 526 75.83 2.57 -22.12
CA PRO I 526 76.30 3.76 -21.41
C PRO I 526 75.39 4.20 -20.27
N ASP I 527 75.96 5.00 -19.37
CA ASP I 527 75.22 5.52 -18.23
C ASP I 527 74.31 6.66 -18.67
N ASN I 528 73.25 6.89 -17.91
CA ASN I 528 72.31 7.99 -18.17
C ASN I 528 71.80 8.01 -19.62
N TRP I 529 71.36 6.84 -20.08
CA TRP I 529 70.83 6.69 -21.43
C TRP I 529 69.45 6.04 -21.43
N SER I 530 69.34 4.90 -20.77
CA SER I 530 68.10 4.14 -20.72
C SER I 530 67.44 4.19 -19.34
N MET I 531 66.24 3.61 -19.28
CA MET I 531 65.46 3.54 -18.06
C MET I 531 64.32 2.54 -18.26
N LEU I 532 64.08 1.68 -17.27
CA LEU I 532 62.94 0.77 -17.33
C LEU I 532 61.66 1.48 -16.90
N ASP I 533 60.61 1.31 -17.69
CA ASP I 533 59.27 1.77 -17.33
C ASP I 533 58.67 0.83 -16.28
N PRO I 534 58.32 1.35 -15.09
CA PRO I 534 57.75 0.50 -14.03
C PRO I 534 56.48 -0.26 -14.42
N ILE I 535 55.63 0.35 -15.25
CA ILE I 535 54.32 -0.24 -15.59
C ILE I 535 54.37 -1.29 -16.72
N LYS I 536 55.53 -1.47 -17.31
CA LYS I 536 55.72 -2.50 -18.34
C LYS I 536 56.41 -3.70 -17.70
N VAL I 537 55.63 -4.43 -16.90
CA VAL I 537 56.18 -5.48 -16.04
C VAL I 537 56.50 -6.75 -16.82
N SER I 538 57.78 -6.92 -17.14
CA SER I 538 58.25 -8.16 -17.74
C SER I 538 58.54 -9.16 -16.63
N ILE I 539 58.20 -10.42 -16.86
CA ILE I 539 58.41 -11.50 -15.90
C ILE I 539 59.20 -12.63 -16.56
N LEU I 540 60.15 -13.19 -15.82
CA LEU I 540 61.13 -14.12 -16.37
C LEU I 540 60.97 -15.52 -15.80
N ALA I 541 60.72 -16.48 -16.70
CA ALA I 541 60.70 -17.89 -16.33
C ALA I 541 62.15 -18.39 -16.24
N PRO I 542 62.40 -19.39 -15.38
CA PRO I 542 63.77 -19.87 -15.20
C PRO I 542 64.25 -20.64 -16.43
N GLY I 543 65.55 -20.60 -16.67
CA GLY I 543 66.14 -21.30 -17.81
C GLY I 543 67.33 -20.59 -18.43
N MET I 544 67.35 -19.26 -18.37
CA MET I 544 68.43 -18.47 -18.95
C MET I 544 69.40 -18.03 -17.85
N GLY I 545 70.66 -18.45 -17.97
CA GLY I 545 71.69 -18.05 -17.03
C GLY I 545 72.13 -16.60 -17.27
N ASP I 546 72.67 -15.98 -16.23
CA ASP I 546 73.19 -14.60 -16.33
C ASP I 546 74.31 -14.47 -17.36
N ASP I 547 75.09 -15.54 -17.53
CA ASP I 547 76.19 -15.59 -18.50
C ASP I 547 75.75 -15.57 -19.97
N GLY I 548 74.48 -15.89 -20.22
CA GLY I 548 73.93 -15.85 -21.59
C GLY I 548 73.68 -17.23 -22.17
N GLU I 549 74.28 -18.25 -21.58
CA GLU I 549 74.07 -19.64 -21.97
C GLU I 549 72.93 -20.23 -21.14
N LEU I 550 72.25 -21.25 -21.68
CA LEU I 550 71.11 -21.88 -21.00
C LEU I 550 71.51 -22.67 -19.76
N GLU I 551 70.63 -22.67 -18.75
CA GLU I 551 70.86 -23.39 -17.50
C GLU I 551 70.59 -24.88 -17.67
N ALA I 552 70.83 -25.65 -16.61
CA ALA I 552 70.62 -27.10 -16.60
C ALA I 552 69.21 -27.47 -17.05
N SER I 553 68.22 -26.91 -16.36
CA SER I 553 66.81 -27.10 -16.71
C SER I 553 66.12 -25.74 -16.69
N GLY I 554 64.89 -25.70 -17.20
CA GLY I 554 64.12 -24.46 -17.23
C GLY I 554 62.67 -24.64 -17.61
N VAL I 555 61.91 -23.56 -17.49
CA VAL I 555 60.49 -23.54 -17.84
C VAL I 555 60.27 -22.55 -18.99
N PRO I 556 59.96 -23.07 -20.19
CA PRO I 556 59.75 -22.17 -21.33
C PRO I 556 58.42 -21.41 -21.22
N ALA I 557 58.46 -20.12 -21.56
CA ALA I 557 57.34 -19.22 -21.35
C ALA I 557 56.13 -19.55 -22.23
N ALA I 558 56.38 -20.04 -23.44
CA ALA I 558 55.30 -20.44 -24.35
C ALA I 558 54.25 -21.33 -23.66
N LEU I 559 54.74 -22.22 -22.80
CA LEU I 559 53.90 -23.14 -22.05
C LEU I 559 53.05 -22.40 -20.99
N VAL I 560 53.67 -21.42 -20.34
CA VAL I 560 52.99 -20.62 -19.33
C VAL I 560 51.93 -19.74 -19.98
N THR I 561 52.34 -19.03 -21.03
CA THR I 561 51.44 -18.19 -21.82
C THR I 561 50.15 -18.93 -22.20
N ALA I 562 50.29 -20.20 -22.57
CA ALA I 562 49.15 -21.05 -22.93
C ALA I 562 48.23 -21.30 -21.74
N TRP I 563 48.82 -21.63 -20.59
CA TRP I 563 48.08 -21.82 -19.35
C TRP I 563 47.33 -20.55 -18.94
N LEU I 564 48.02 -19.42 -19.04
CA LEU I 564 47.41 -18.11 -18.77
C LEU I 564 46.23 -17.87 -19.71
N GLY I 565 46.41 -18.23 -20.98
CA GLY I 565 45.36 -18.11 -21.98
C GLY I 565 44.05 -18.81 -21.63
N ARG I 566 44.11 -20.01 -21.07
CA ARG I 566 42.88 -20.73 -20.67
C ARG I 566 42.15 -20.05 -19.53
N HIS I 567 42.89 -19.30 -18.72
CA HIS I 567 42.32 -18.58 -17.57
C HIS I 567 41.97 -17.12 -17.92
N GLY I 568 41.80 -16.83 -19.21
CA GLY I 568 41.40 -15.51 -19.67
C GLY I 568 42.43 -14.43 -19.41
N ILE I 569 43.69 -14.74 -19.71
CA ILE I 569 44.81 -13.82 -19.53
C ILE I 569 45.75 -13.98 -20.73
N VAL I 570 45.84 -12.93 -21.55
CA VAL I 570 46.67 -12.98 -22.75
C VAL I 570 47.74 -11.88 -22.72
N PRO I 571 48.97 -12.23 -22.29
CA PRO I 571 50.10 -11.30 -22.22
C PRO I 571 50.39 -10.55 -23.52
N THR I 572 50.89 -9.33 -23.38
CA THR I 572 51.26 -8.49 -24.52
C THR I 572 52.41 -9.12 -25.33
N ARG I 573 53.52 -9.41 -24.64
CA ARG I 573 54.71 -10.01 -25.28
C ARG I 573 54.99 -11.38 -24.71
N THR I 574 55.64 -12.20 -25.53
CA THR I 574 56.14 -13.51 -25.10
C THR I 574 57.40 -13.88 -25.90
N THR I 575 58.52 -13.97 -25.19
CA THR I 575 59.75 -14.52 -25.76
C THR I 575 59.82 -15.98 -25.30
N ASP I 576 61.01 -16.58 -25.34
CA ASP I 576 61.20 -17.95 -24.87
C ASP I 576 61.07 -18.03 -23.35
N PHE I 577 61.56 -17.01 -22.66
CA PHE I 577 61.49 -16.96 -21.18
C PHE I 577 60.79 -15.72 -20.60
N GLN I 578 60.56 -14.71 -21.44
CA GLN I 578 59.88 -13.48 -21.01
C GLN I 578 58.37 -13.58 -21.20
N ILE I 579 57.63 -13.12 -20.20
CA ILE I 579 56.20 -12.87 -20.30
C ILE I 579 55.98 -11.45 -19.82
N MET I 580 55.44 -10.59 -20.68
CA MET I 580 55.23 -9.20 -20.30
C MET I 580 53.77 -8.88 -20.04
N PHE I 581 53.50 -8.30 -18.87
CA PHE I 581 52.17 -7.85 -18.49
C PHE I 581 52.09 -6.33 -18.51
N LEU I 582 51.02 -5.82 -19.11
CA LEU I 582 50.85 -4.39 -19.33
C LEU I 582 49.91 -3.78 -18.28
N PHE I 583 50.48 -3.00 -17.37
CA PHE I 583 49.68 -2.25 -16.41
C PHE I 583 49.26 -0.93 -17.03
N SER I 584 47.96 -0.64 -16.99
CA SER I 584 47.41 0.58 -17.57
C SER I 584 46.49 1.31 -16.59
N MET I 585 45.97 2.45 -17.01
CA MET I 585 45.01 3.21 -16.18
C MET I 585 43.64 2.54 -16.08
N GLY I 586 43.37 1.63 -17.01
CA GLY I 586 42.14 0.83 -16.97
C GLY I 586 42.16 -0.27 -15.92
N VAL I 587 43.34 -0.59 -15.39
CA VAL I 587 43.47 -1.63 -14.38
C VAL I 587 42.88 -1.19 -13.04
N THR I 588 42.04 -2.05 -12.47
CA THR I 588 41.45 -1.83 -11.15
C THR I 588 42.44 -2.19 -10.05
N ARG I 589 42.27 -1.58 -8.88
CA ARG I 589 43.23 -1.71 -7.79
C ARG I 589 43.21 -3.09 -7.12
N GLY I 590 44.36 -3.76 -7.19
CA GLY I 590 44.57 -5.07 -6.57
C GLY I 590 44.42 -6.27 -7.49
N LYS I 591 44.13 -6.01 -8.76
CA LYS I 591 43.84 -7.09 -9.72
C LYS I 591 45.05 -7.96 -10.05
N TRP I 592 46.25 -7.46 -9.78
CA TRP I 592 47.49 -8.23 -10.02
C TRP I 592 47.55 -9.52 -9.19
N GLY I 593 46.84 -9.56 -8.07
CA GLY I 593 46.72 -10.78 -7.27
C GLY I 593 46.27 -11.99 -8.07
N THR I 594 45.43 -11.75 -9.07
CA THR I 594 44.96 -12.81 -9.97
C THR I 594 46.10 -13.38 -10.81
N LEU I 595 46.97 -12.51 -11.31
CA LEU I 595 48.15 -12.94 -12.07
C LEU I 595 49.00 -13.90 -11.25
N ILE I 596 49.24 -13.53 -9.99
CA ILE I 596 50.04 -14.36 -9.10
C ILE I 596 49.33 -15.68 -8.86
N ASN I 597 48.03 -15.60 -8.55
CA ASN I 597 47.23 -16.79 -8.25
C ASN I 597 47.26 -17.81 -9.38
N THR I 598 47.24 -17.32 -10.62
CA THR I 598 47.30 -18.18 -11.79
C THR I 598 48.72 -18.73 -12.03
N LEU I 599 49.72 -17.87 -11.85
CA LEU I 599 51.13 -18.28 -11.95
C LEU I 599 51.50 -19.34 -10.92
N CME I 600 50.91 -19.25 -9.72
CA CME I 600 51.16 -20.24 -8.67
CB CME I 600 50.63 -19.71 -7.34
SG CME I 600 51.64 -18.38 -6.79
SD CME I 600 52.79 -19.32 -5.45
CE CME I 600 51.70 -19.35 -4.06
CZ CME I 600 51.73 -20.73 -3.39
OH CME I 600 50.41 -21.24 -3.34
C CME I 600 50.50 -21.55 -8.98
O CME I 600 51.08 -22.60 -8.79
N SER I 601 49.26 -21.49 -9.46
CA SER I 601 48.52 -22.70 -9.84
C SER I 601 49.20 -23.43 -11.01
N PHE I 602 49.87 -22.68 -11.88
CA PHE I 602 50.69 -23.28 -12.93
C PHE I 602 51.84 -24.07 -12.32
N LYS I 603 52.61 -23.40 -11.47
CA LYS I 603 53.75 -24.02 -10.80
C LYS I 603 53.34 -25.33 -10.15
N HIS I 604 52.24 -25.29 -9.39
CA HIS I 604 51.71 -26.48 -8.73
C HIS I 604 51.52 -27.64 -9.71
N HIS I 605 50.89 -27.35 -10.84
CA HIS I 605 50.66 -28.36 -11.89
C HIS I 605 51.95 -28.78 -12.60
N TYR I 606 52.88 -27.85 -12.74
CA TYR I 606 54.20 -28.16 -13.33
C TYR I 606 54.97 -29.12 -12.46
N ASP I 607 55.07 -28.81 -11.16
CA ASP I 607 55.77 -29.66 -10.20
C ASP I 607 55.10 -31.04 -10.11
N ALA I 608 53.78 -31.05 -10.15
CA ALA I 608 53.00 -32.30 -10.08
C ALA I 608 52.99 -33.06 -11.41
N ASN I 609 53.37 -32.39 -12.49
CA ASN I 609 53.36 -32.96 -13.83
C ASN I 609 51.97 -33.51 -14.21
N THR I 610 50.92 -32.79 -13.85
CA THR I 610 49.56 -33.24 -14.14
C THR I 610 49.36 -33.43 -15.64
N PRO I 611 48.67 -34.51 -16.05
CA PRO I 611 48.46 -34.84 -17.46
C PRO I 611 47.91 -33.68 -18.28
N LEU I 612 48.35 -33.55 -19.53
CA LEU I 612 47.84 -32.54 -20.44
C LEU I 612 46.35 -32.72 -20.72
N ALA I 613 45.88 -33.96 -20.67
CA ALA I 613 44.45 -34.25 -20.81
C ALA I 613 43.58 -33.38 -19.90
N GLN I 614 44.05 -33.15 -18.67
CA GLN I 614 43.35 -32.31 -17.69
C GLN I 614 43.64 -30.82 -17.87
N VAL I 615 44.91 -30.45 -17.81
CA VAL I 615 45.32 -29.03 -17.79
C VAL I 615 45.21 -28.32 -19.15
N MET I 616 45.42 -29.06 -20.24
CA MET I 616 45.34 -28.50 -21.60
C MET I 616 44.60 -29.47 -22.53
N PRO I 617 43.29 -29.67 -22.29
CA PRO I 617 42.52 -30.67 -23.05
C PRO I 617 42.38 -30.32 -24.53
N GLU I 618 42.12 -29.05 -24.79
CA GLU I 618 41.95 -28.52 -26.14
C GLU I 618 43.14 -28.89 -27.07
N LEU I 619 44.34 -28.99 -26.49
CA LEU I 619 45.56 -29.35 -27.23
C LEU I 619 45.64 -30.84 -27.57
N VAL I 620 45.35 -31.70 -26.59
CA VAL I 620 45.45 -33.15 -26.76
C VAL I 620 44.42 -33.64 -27.78
N GLN I 621 43.21 -33.08 -27.71
CA GLN I 621 42.14 -33.38 -28.67
C GLN I 621 42.58 -33.06 -30.09
N ASP I 622 43.26 -31.93 -30.28
CA ASP I 622 43.75 -31.50 -31.59
C ASP I 622 44.87 -32.38 -32.14
N TYR I 623 45.89 -32.63 -31.33
CA TYR I 623 47.08 -33.36 -31.75
C TYR I 623 47.38 -34.52 -30.79
N PRO I 624 46.55 -35.59 -30.83
CA PRO I 624 46.72 -36.69 -29.89
C PRO I 624 48.04 -37.44 -30.07
N ASP I 625 48.45 -37.63 -31.32
CA ASP I 625 49.69 -38.34 -31.64
C ASP I 625 50.91 -37.76 -30.93
N THR I 626 50.99 -36.44 -30.92
CA THR I 626 52.16 -35.72 -30.36
C THR I 626 52.14 -35.68 -28.83
N TYR I 627 51.00 -35.32 -28.26
CA TYR I 627 50.88 -35.09 -26.81
C TYR I 627 50.14 -36.22 -26.07
N ALA I 628 50.33 -37.45 -26.54
CA ALA I 628 49.71 -38.63 -25.91
C ALA I 628 50.41 -38.99 -24.59
N ASN I 629 49.63 -39.49 -23.64
CA ASN I 629 50.13 -39.94 -22.33
C ASN I 629 51.29 -39.08 -21.79
N MET I 630 51.14 -37.77 -21.91
CA MET I 630 52.14 -36.81 -21.46
C MET I 630 51.62 -35.98 -20.31
N GLY I 631 52.56 -35.33 -19.60
CA GLY I 631 52.24 -34.36 -18.56
C GLY I 631 52.82 -33.00 -18.89
N ILE I 632 52.37 -31.98 -18.15
CA ILE I 632 52.79 -30.58 -18.40
C ILE I 632 54.30 -30.38 -18.21
N HIS I 633 54.89 -31.08 -17.24
CA HIS I 633 56.35 -31.02 -17.01
C HIS I 633 57.09 -31.71 -18.14
N ASP I 634 56.59 -32.86 -18.58
CA ASP I 634 57.20 -33.61 -19.68
C ASP I 634 57.36 -32.73 -20.91
N LEU I 635 56.31 -31.99 -21.25
CA LEU I 635 56.35 -31.10 -22.42
C LEU I 635 57.36 -29.97 -22.20
N GLY I 636 57.35 -29.41 -21.00
CA GLY I 636 58.32 -28.36 -20.62
C GLY I 636 59.75 -28.79 -20.84
N ASP I 637 60.08 -29.98 -20.36
CA ASP I 637 61.41 -30.56 -20.57
C ASP I 637 61.72 -30.76 -22.04
N LYS I 638 60.74 -31.25 -22.80
CA LYS I 638 60.94 -31.50 -24.22
C LYS I 638 61.10 -30.20 -25.00
N MET I 639 60.37 -29.16 -24.61
CA MET I 639 60.56 -27.82 -25.20
C MET I 639 61.92 -27.25 -24.84
N PHE I 640 62.29 -27.35 -23.56
CA PHE I 640 63.59 -26.84 -23.09
C PHE I 640 64.76 -27.60 -23.71
N ALA I 641 64.55 -28.88 -23.99
CA ALA I 641 65.54 -29.71 -24.67
C ALA I 641 65.80 -29.20 -26.09
N TRP I 642 64.71 -28.97 -26.82
CA TRP I 642 64.77 -28.39 -28.17
C TRP I 642 65.52 -27.05 -28.15
N LEU I 643 65.24 -26.24 -27.13
CA LEU I 643 65.91 -24.95 -26.96
C LEU I 643 67.44 -25.09 -26.87
N ARG I 644 67.93 -26.04 -26.07
CA ARG I 644 69.38 -26.30 -25.97
C ARG I 644 69.94 -26.70 -27.33
N GLU I 645 69.29 -27.68 -27.94
CA GLU I 645 69.75 -28.29 -29.19
C GLU I 645 69.77 -27.29 -30.34
N ASN I 646 68.60 -26.71 -30.62
CA ASN I 646 68.43 -25.83 -31.79
C ASN I 646 69.01 -24.42 -31.58
N ASN I 647 69.08 -23.99 -30.33
CA ASN I 647 69.82 -22.77 -29.96
C ASN I 647 69.31 -21.51 -30.68
N PRO I 648 68.02 -21.21 -30.52
CA PRO I 648 67.38 -20.15 -31.30
C PRO I 648 67.75 -18.73 -30.89
N GLY I 649 68.06 -18.52 -29.61
CA GLY I 649 68.43 -17.20 -29.11
C GLY I 649 69.65 -16.62 -29.80
N ALA I 650 70.63 -17.48 -30.06
CA ALA I 650 71.83 -17.10 -30.79
C ALA I 650 71.52 -16.85 -32.27
N ARG I 651 70.68 -17.71 -32.85
CA ARG I 651 70.24 -17.55 -34.23
C ARG I 651 69.47 -16.25 -34.45
N LEU I 652 68.69 -15.86 -33.45
CA LEU I 652 67.97 -14.58 -33.48
C LEU I 652 68.97 -13.44 -33.61
N ASN I 653 69.91 -13.37 -32.67
CA ASN I 653 70.93 -12.33 -32.67
C ASN I 653 71.71 -12.28 -33.98
N ALA I 654 72.04 -13.44 -34.53
CA ALA I 654 72.72 -13.52 -35.83
C ALA I 654 71.92 -12.80 -36.92
N ALA I 655 70.61 -13.02 -36.92
CA ALA I 655 69.72 -12.43 -37.93
C ALA I 655 69.47 -10.93 -37.74
N TYR I 656 69.61 -10.44 -36.51
CA TYR I 656 69.33 -9.03 -36.20
C TYR I 656 70.57 -8.17 -35.95
N SER I 657 71.66 -8.80 -35.50
CA SER I 657 72.93 -8.09 -35.23
C SER I 657 73.41 -7.34 -36.46
N THR I 658 73.33 -8.03 -37.60
CA THR I 658 73.77 -7.49 -38.89
C THR I 658 72.59 -7.43 -39.84
N LEU I 659 72.31 -6.23 -40.35
CA LEU I 659 71.14 -6.01 -41.20
C LEU I 659 71.31 -6.68 -42.57
N PRO I 660 70.18 -7.12 -43.17
CA PRO I 660 70.23 -7.62 -44.54
C PRO I 660 70.51 -6.51 -45.53
N VAL I 661 71.03 -6.88 -46.69
CA VAL I 661 71.45 -5.91 -47.69
C VAL I 661 70.23 -5.32 -48.39
N ALA I 662 70.13 -3.99 -48.38
CA ALA I 662 69.02 -3.28 -49.00
C ALA I 662 69.25 -3.11 -50.51
N GLU I 663 68.62 -3.97 -51.30
CA GLU I 663 68.83 -4.00 -52.75
C GLU I 663 68.03 -2.94 -53.50
N ILE I 664 66.75 -2.80 -53.15
CA ILE I 664 65.89 -1.74 -53.69
C ILE I 664 65.07 -1.07 -52.59
N THR I 665 64.45 0.06 -52.91
CA THR I 665 63.66 0.81 -51.92
C THR I 665 62.37 0.05 -51.63
N PRO I 666 61.82 0.23 -50.41
CA PRO I 666 60.52 -0.37 -50.10
C PRO I 666 59.44 0.00 -51.13
N ARG I 667 59.50 1.22 -51.65
CA ARG I 667 58.55 1.68 -52.67
C ARG I 667 58.69 0.87 -53.95
N ASP I 668 59.91 0.73 -54.45
CA ASP I 668 60.20 -0.09 -55.63
C ASP I 668 59.70 -1.51 -55.43
N ALA I 669 59.94 -2.04 -54.22
CA ALA I 669 59.50 -3.40 -53.87
C ALA I 669 57.98 -3.51 -53.87
N TYR I 670 57.31 -2.53 -53.29
CA TYR I 670 55.84 -2.52 -53.33
C TYR I 670 55.33 -2.40 -54.76
N ASN I 671 55.96 -1.55 -55.56
CA ASN I 671 55.56 -1.38 -56.96
C ASN I 671 55.67 -2.66 -57.77
N ALA I 672 56.58 -3.56 -57.38
CA ALA I 672 56.65 -4.90 -57.95
C ALA I 672 55.34 -5.67 -57.74
N ILE I 673 54.72 -5.46 -56.58
CA ILE I 673 53.43 -6.09 -56.26
C ILE I 673 52.34 -5.57 -57.19
N VAL I 674 52.35 -4.26 -57.43
CA VAL I 674 51.36 -3.61 -58.29
C VAL I 674 51.51 -4.07 -59.75
N ASN I 675 52.76 -4.13 -60.21
CA ASN I 675 53.07 -4.59 -61.57
C ASN I 675 52.99 -6.10 -61.75
N ASN I 676 52.85 -6.83 -60.63
CA ASN I 676 52.72 -8.28 -60.64
C ASN I 676 54.03 -9.02 -60.93
N ASN I 677 55.16 -8.40 -60.56
CA ASN I 677 56.47 -9.05 -60.60
C ASN I 677 56.69 -9.78 -59.27
N ILE I 678 55.83 -10.75 -59.02
CA ILE I 678 55.65 -11.31 -57.69
C ILE I 678 55.60 -12.82 -57.74
N GLU I 679 56.08 -13.44 -56.67
CA GLU I 679 56.27 -14.87 -56.64
C GLU I 679 56.30 -15.32 -55.19
N MET I 680 55.53 -16.36 -54.87
CA MET I 680 55.51 -16.89 -53.52
C MET I 680 56.65 -17.91 -53.38
N VAL I 681 57.74 -17.49 -52.74
CA VAL I 681 58.95 -18.29 -52.64
C VAL I 681 58.99 -19.03 -51.32
N ALA I 682 59.28 -20.33 -51.39
CA ALA I 682 59.38 -21.18 -50.19
C ALA I 682 60.66 -20.89 -49.42
N ILE I 683 60.64 -21.19 -48.12
CA ILE I 683 61.75 -20.90 -47.21
C ILE I 683 63.14 -21.30 -47.73
N GLU I 684 63.24 -22.49 -48.30
CA GLU I 684 64.54 -23.05 -48.71
C GLU I 684 65.11 -22.40 -49.98
N ASN I 685 64.28 -21.69 -50.75
CA ASN I 685 64.72 -20.97 -51.94
C ASN I 685 64.76 -19.45 -51.77
N LEU I 686 64.71 -19.01 -50.52
CA LEU I 686 64.77 -17.59 -50.22
C LEU I 686 66.12 -16.93 -50.49
N PRO I 687 67.24 -17.64 -50.27
CA PRO I 687 68.55 -17.01 -50.48
C PRO I 687 68.70 -16.31 -51.82
N GLY I 688 69.24 -15.10 -51.77
CA GLY I 688 69.46 -14.30 -52.97
C GLY I 688 68.22 -13.62 -53.53
N ARG I 689 67.09 -13.74 -52.83
CA ARG I 689 65.82 -13.16 -53.30
C ARG I 689 65.46 -11.90 -52.51
N ILE I 690 64.73 -11.01 -53.18
CA ILE I 690 64.30 -9.73 -52.59
C ILE I 690 62.88 -9.87 -52.06
N ALA I 691 62.68 -9.44 -50.82
CA ALA I 691 61.39 -9.48 -50.17
C ALA I 691 60.48 -8.39 -50.74
N ALA I 692 59.26 -8.77 -51.11
CA ALA I 692 58.26 -7.84 -51.63
C ALA I 692 57.58 -7.10 -50.49
N ASN I 693 57.33 -7.81 -49.40
CA ASN I 693 56.76 -7.22 -48.19
C ASN I 693 57.73 -7.40 -47.03
N SER I 694 57.52 -6.65 -45.95
CA SER I 694 58.34 -6.79 -44.74
C SER I 694 58.11 -8.17 -44.10
N VAL I 695 59.13 -8.65 -43.39
CA VAL I 695 59.03 -9.92 -42.66
C VAL I 695 59.35 -9.69 -41.18
N ILE I 696 58.35 -9.92 -40.34
CA ILE I 696 58.43 -9.64 -38.90
C ILE I 696 58.10 -10.91 -38.11
N PRO I 697 59.12 -11.62 -37.62
CA PRO I 697 58.90 -12.77 -36.75
C PRO I 697 58.72 -12.37 -35.28
N TYR I 698 57.93 -13.17 -34.56
CA TYR I 698 57.71 -12.98 -33.12
C TYR I 698 58.17 -14.24 -32.38
N PRO I 699 59.23 -14.13 -31.55
CA PRO I 699 60.02 -12.94 -31.27
C PRO I 699 60.98 -12.63 -32.43
N PRO I 700 61.63 -11.45 -32.41
CA PRO I 700 61.55 -10.37 -31.42
C PRO I 700 60.39 -9.39 -31.64
N GLY I 701 59.68 -9.53 -32.75
CA GLY I 701 58.52 -8.69 -33.04
C GLY I 701 58.87 -7.35 -33.67
N ILE I 702 60.08 -7.24 -34.21
CA ILE I 702 60.47 -6.09 -35.04
C ILE I 702 61.01 -6.61 -36.37
N PRO I 703 60.98 -5.77 -37.42
CA PRO I 703 61.25 -6.31 -38.75
C PRO I 703 62.65 -6.92 -38.90
N MET I 704 62.68 -8.17 -39.35
CA MET I 704 63.94 -8.84 -39.72
C MET I 704 64.35 -8.35 -41.09
N LEU I 705 63.40 -8.35 -42.01
CA LEU I 705 63.53 -7.73 -43.32
C LEU I 705 62.42 -6.73 -43.54
N LEU I 706 62.75 -5.65 -44.24
CA LEU I 706 61.74 -4.74 -44.78
C LEU I 706 61.60 -4.99 -46.28
N SER I 707 60.64 -4.32 -46.90
CA SER I 707 60.44 -4.41 -48.34
C SER I 707 61.70 -3.95 -49.08
N GLY I 708 62.10 -4.75 -50.07
CA GLY I 708 63.21 -4.39 -50.96
C GLY I 708 64.58 -4.83 -50.48
N GLU I 709 64.62 -5.57 -49.37
CA GLU I 709 65.87 -6.09 -48.83
C GLU I 709 66.08 -7.55 -49.24
N ASN I 710 67.34 -7.96 -49.29
CA ASN I 710 67.70 -9.30 -49.77
C ASN I 710 67.95 -10.26 -48.62
N PHE I 711 67.41 -11.47 -48.76
CA PHE I 711 67.57 -12.52 -47.74
C PHE I 711 69.02 -12.96 -47.57
N GLY I 712 69.82 -12.82 -48.62
CA GLY I 712 71.26 -12.97 -48.52
C GLY I 712 71.83 -14.29 -49.00
N ASP I 713 72.96 -14.67 -48.42
CA ASP I 713 73.73 -15.88 -48.83
C ASP I 713 72.96 -17.18 -48.68
N GLU I 714 73.54 -18.24 -49.22
CA GLU I 714 73.00 -19.59 -49.03
C GLU I 714 73.01 -19.96 -47.55
N ASN I 715 74.03 -19.49 -46.84
CA ASN I 715 74.16 -19.69 -45.40
C ASN I 715 73.82 -18.38 -44.65
N SER I 716 72.62 -17.88 -44.91
CA SER I 716 72.14 -16.60 -44.36
C SER I 716 71.55 -16.77 -42.96
N PRO I 717 71.81 -15.81 -42.05
CA PRO I 717 71.29 -15.90 -40.69
C PRO I 717 69.79 -15.60 -40.60
N GLN I 718 69.29 -14.77 -41.51
CA GLN I 718 67.87 -14.41 -41.54
C GLN I 718 67.02 -15.61 -41.96
N VAL I 719 67.41 -16.24 -43.06
CA VAL I 719 66.76 -17.46 -43.53
C VAL I 719 66.98 -18.58 -42.51
N GLY I 720 68.14 -18.55 -41.86
CA GLY I 720 68.45 -19.47 -40.78
C GLY I 720 67.46 -19.37 -39.64
N TYR I 721 67.25 -18.15 -39.14
CA TYR I 721 66.33 -17.93 -38.02
C TYR I 721 64.91 -18.39 -38.36
N LEU I 722 64.49 -18.15 -39.60
CA LEU I 722 63.21 -18.64 -40.09
C LEU I 722 63.11 -20.17 -40.07
N ARG I 723 64.20 -20.83 -40.43
CA ARG I 723 64.26 -22.30 -40.44
C ARG I 723 64.05 -22.88 -39.04
N SER I 724 64.65 -22.25 -38.03
CA SER I 724 64.53 -22.70 -36.64
C SER I 724 63.12 -22.46 -36.11
N LEU I 725 62.55 -21.30 -36.46
CA LEU I 725 61.16 -20.98 -36.12
C LEU I 725 60.20 -22.03 -36.70
N GLN I 726 60.43 -22.43 -37.94
CA GLN I 726 59.65 -23.48 -38.59
C GLN I 726 59.86 -24.84 -37.92
N SER I 727 61.11 -25.13 -37.57
CA SER I 727 61.44 -26.37 -36.87
C SER I 727 60.69 -26.48 -35.53
N TRP I 728 60.59 -25.36 -34.81
CA TRP I 728 59.80 -25.31 -33.57
C TRP I 728 58.33 -25.63 -33.84
N ASP I 729 57.76 -24.98 -34.85
CA ASP I 729 56.35 -25.18 -35.21
C ASP I 729 56.03 -26.65 -35.46
N HIS I 730 56.88 -27.31 -36.22
CA HIS I 730 56.69 -28.72 -36.57
C HIS I 730 56.83 -29.65 -35.35
N HIS I 731 57.79 -29.35 -34.48
CA HIS I 731 58.02 -30.13 -33.25
C HIS I 731 56.91 -29.96 -32.21
N PHE I 732 56.36 -28.76 -32.12
CA PHE I 732 55.35 -28.43 -31.10
C PHE I 732 54.10 -27.80 -31.70
N PRO I 733 53.19 -28.63 -32.24
CA PRO I 733 51.93 -28.14 -32.79
C PRO I 733 51.05 -27.50 -31.72
N GLY I 734 50.31 -26.47 -32.09
CA GLY I 734 49.53 -25.66 -31.14
C GLY I 734 50.31 -24.53 -30.49
N PHE I 735 51.63 -24.53 -30.66
CA PHE I 735 52.49 -23.48 -30.11
C PHE I 735 53.25 -22.77 -31.24
N GLU I 736 52.60 -22.62 -32.39
CA GLU I 736 53.25 -22.08 -33.57
C GLU I 736 53.57 -20.59 -33.41
N HIS I 737 54.71 -20.18 -33.95
CA HIS I 737 55.11 -18.77 -33.93
C HIS I 737 54.30 -17.95 -34.93
N GLU I 738 53.89 -16.76 -34.51
CA GLU I 738 53.25 -15.80 -35.39
C GLU I 738 54.36 -15.07 -36.15
N THR I 739 54.20 -14.95 -37.46
CA THR I 739 55.16 -14.22 -38.31
C THR I 739 54.42 -13.43 -39.40
N GLU I 740 54.43 -12.10 -39.29
CA GLU I 740 53.84 -11.22 -40.31
C GLU I 740 54.74 -11.20 -41.54
N GLY I 741 54.12 -11.12 -42.71
CA GLY I 741 54.85 -11.16 -43.99
C GLY I 741 55.08 -12.57 -44.50
N THR I 742 54.53 -13.55 -43.79
CA THR I 742 54.74 -14.97 -44.09
C THR I 742 53.40 -15.67 -44.26
N GLU I 743 53.28 -16.42 -45.36
CA GLU I 743 52.14 -17.30 -45.59
C GLU I 743 52.62 -18.74 -45.53
N ILE I 744 51.98 -19.55 -44.69
CA ILE I 744 52.34 -20.96 -44.53
C ILE I 744 51.52 -21.81 -45.52
N ILE I 745 52.18 -22.29 -46.58
CA ILE I 745 51.53 -23.06 -47.64
C ILE I 745 51.98 -24.52 -47.62
N ASP I 746 51.00 -25.43 -47.59
CA ASP I 746 51.27 -26.87 -47.53
C ASP I 746 52.18 -27.24 -46.35
N GLY I 747 51.95 -26.59 -45.21
CA GLY I 747 52.77 -26.79 -44.02
C GLY I 747 54.17 -26.18 -44.08
N VAL I 748 54.46 -25.41 -45.14
CA VAL I 748 55.79 -24.83 -45.35
C VAL I 748 55.74 -23.30 -45.34
N TYR I 749 56.81 -22.68 -44.85
CA TYR I 749 56.93 -21.22 -44.79
C TYR I 749 57.19 -20.67 -46.19
N HIS I 750 56.34 -19.73 -46.63
CA HIS I 750 56.57 -19.00 -47.88
C HIS I 750 56.60 -17.51 -47.64
N VAL I 751 57.31 -16.79 -48.49
CA VAL I 751 57.36 -15.33 -48.45
C VAL I 751 57.27 -14.76 -49.85
N MET I 752 56.42 -13.74 -50.01
CA MET I 752 56.25 -13.07 -51.29
C MET I 752 57.52 -12.33 -51.68
N CYS I 753 58.07 -12.66 -52.84
CA CYS I 753 59.33 -12.07 -53.31
C CYS I 753 59.20 -11.47 -54.69
N VAL I 754 60.17 -10.64 -55.04
CA VAL I 754 60.25 -10.03 -56.37
C VAL I 754 60.70 -11.09 -57.39
N LYS I 755 60.30 -10.92 -58.64
CA LYS I 755 60.72 -11.82 -59.72
C LYS I 755 62.03 -11.38 -60.35
N ALA I 756 63.05 -12.24 -60.27
CA ALA I 756 64.32 -12.01 -60.95
C ALA I 756 64.17 -12.37 -62.42
N MET J 1 21.22 -18.88 -8.85
CA MET J 1 21.59 -17.50 -8.43
C MET J 1 22.79 -17.51 -7.49
N MET J 2 23.63 -16.49 -7.63
CA MET J 2 24.93 -16.45 -6.95
C MET J 2 24.86 -15.91 -5.52
N LYS J 3 25.80 -16.36 -4.70
CA LYS J 3 25.76 -16.17 -3.25
C LYS J 3 27.14 -15.84 -2.66
N VAL J 4 27.22 -14.74 -1.92
CA VAL J 4 28.48 -14.27 -1.33
C VAL J 4 28.34 -14.17 0.17
N LEU J 5 29.34 -14.70 0.89
CA LEU J 5 29.45 -14.52 2.34
C LEU J 5 30.52 -13.46 2.62
N ILE J 6 30.11 -12.36 3.25
CA ILE J 6 31.05 -11.32 3.70
C ILE J 6 31.22 -11.43 5.22
N VAL J 7 32.46 -11.58 5.66
CA VAL J 7 32.80 -11.67 7.08
C VAL J 7 33.53 -10.40 7.51
N GLU J 8 32.84 -9.54 8.24
CA GLU J 8 33.47 -8.35 8.82
C GLU J 8 34.25 -8.75 10.06
N SER J 9 35.57 -8.54 10.04
CA SER J 9 36.43 -8.89 11.17
C SER J 9 36.02 -8.16 12.44
N GLU J 10 36.13 -8.87 13.56
CA GLU J 10 35.76 -8.33 14.87
C GLU J 10 36.77 -7.27 15.30
N PHE J 11 37.98 -7.38 14.76
CA PHE J 11 39.10 -6.52 15.13
C PHE J 11 39.05 -5.15 14.44
N LEU J 12 38.13 -4.97 13.50
CA LEU J 12 37.99 -3.70 12.77
C LEU J 12 36.63 -3.01 12.95
N HIS J 13 35.76 -3.53 13.82
CA HIS J 13 34.51 -2.82 14.14
C HIS J 13 34.82 -1.49 14.81
N GLN J 14 35.90 -1.49 15.57
CA GLN J 14 36.44 -0.28 16.20
C GLN J 14 36.57 0.86 15.16
N ASP J 15 36.98 0.51 13.94
CA ASP J 15 37.06 1.45 12.81
C ASP J 15 35.77 1.40 11.98
N THR J 16 34.86 2.33 12.25
CA THR J 16 33.49 2.29 11.68
C THR J 16 33.41 2.52 10.16
N TRP J 17 34.41 3.22 9.62
CA TRP J 17 34.46 3.53 8.18
C TRP J 17 34.72 2.31 7.30
N VAL J 18 35.29 1.26 7.91
CA VAL J 18 35.51 -0.02 7.23
C VAL J 18 34.16 -0.69 6.96
N GLY J 19 33.36 -0.79 8.02
CA GLY J 19 32.00 -1.31 7.92
C GLY J 19 31.14 -0.58 6.89
N ASN J 20 31.30 0.74 6.83
CA ASN J 20 30.63 1.55 5.82
C ASN J 20 31.03 1.16 4.42
N ALA J 21 32.34 0.98 4.20
CA ALA J 21 32.88 0.57 2.91
C ALA J 21 32.37 -0.82 2.50
N VAL J 22 32.31 -1.73 3.47
CA VAL J 22 31.77 -3.07 3.25
C VAL J 22 30.30 -2.98 2.84
N GLU J 23 29.56 -2.09 3.50
CA GLU J 23 28.16 -1.85 3.18
C GLU J 23 27.98 -1.36 1.75
N ARG J 24 28.84 -0.41 1.33
CA ARG J 24 28.84 0.09 -0.05
C ARG J 24 29.08 -1.05 -1.05
N LEU J 25 29.95 -1.98 -0.68
CA LEU J 25 30.26 -3.15 -1.50
C LEU J 25 29.08 -4.11 -1.55
N ALA J 26 28.57 -4.47 -0.37
CA ALA J 26 27.39 -5.34 -0.26
C ALA J 26 26.25 -4.83 -1.15
N ASP J 27 26.10 -3.51 -1.17
CA ASP J 27 25.11 -2.82 -2.00
C ASP J 27 25.38 -3.03 -3.49
N ALA J 28 26.62 -2.83 -3.90
CA ALA J 28 27.04 -3.01 -5.30
C ALA J 28 26.80 -4.43 -5.81
N LEU J 29 27.03 -5.42 -4.95
CA LEU J 29 26.77 -6.82 -5.27
C LEU J 29 25.28 -7.08 -5.44
N SER J 30 24.49 -6.60 -4.47
CA SER J 30 23.02 -6.74 -4.53
C SER J 30 22.46 -6.16 -5.82
N GLN J 31 23.02 -5.02 -6.25
CA GLN J 31 22.63 -4.37 -7.51
C GLN J 31 22.90 -5.21 -8.74
N GLN J 32 23.88 -6.12 -8.64
CA GLN J 32 24.18 -7.06 -9.73
C GLN J 32 23.51 -8.43 -9.54
N ASN J 33 22.39 -8.42 -8.83
CA ASN J 33 21.59 -9.63 -8.58
C ASN J 33 22.37 -10.75 -7.89
N VAL J 34 23.07 -10.39 -6.83
CA VAL J 34 23.85 -11.34 -6.04
C VAL J 34 23.33 -11.34 -4.61
N THR J 35 23.05 -12.52 -4.08
CA THR J 35 22.62 -12.66 -2.69
C THR J 35 23.83 -12.49 -1.76
N VAL J 36 23.74 -11.53 -0.85
CA VAL J 36 24.82 -11.25 0.09
C VAL J 36 24.41 -11.75 1.47
N ILE J 37 25.32 -12.48 2.12
CA ILE J 37 25.16 -12.87 3.51
C ILE J 37 26.20 -12.13 4.34
N LYS J 38 25.77 -11.14 5.12
CA LYS J 38 26.69 -10.43 6.00
C LYS J 38 26.89 -11.21 7.31
N SER J 39 28.12 -11.16 7.81
CA SER J 39 28.50 -11.83 9.05
C SER J 39 29.46 -10.91 9.82
N THR J 40 29.27 -10.81 11.13
CA THR J 40 29.98 -9.81 11.94
C THR J 40 31.09 -10.37 12.83
N SER J 41 31.37 -11.67 12.71
CA SER J 41 32.50 -12.27 13.43
C SER J 41 33.02 -13.49 12.70
N PHE J 42 34.31 -13.74 12.85
CA PHE J 42 34.92 -14.97 12.33
C PHE J 42 34.24 -16.20 12.93
N ASP J 43 33.83 -16.09 14.18
CA ASP J 43 33.07 -17.15 14.85
C ASP J 43 31.74 -17.41 14.15
N ASP J 44 31.02 -16.34 13.82
CA ASP J 44 29.74 -16.44 13.11
C ASP J 44 29.94 -17.00 11.70
N GLY J 45 30.90 -16.44 10.98
CA GLY J 45 31.24 -16.91 9.64
C GLY J 45 31.67 -18.36 9.63
N TYR J 46 32.47 -18.74 10.62
CA TYR J 46 32.90 -20.13 10.79
C TYR J 46 31.69 -21.04 11.01
N ALA J 47 30.74 -20.56 11.81
CA ALA J 47 29.52 -21.33 12.12
C ALA J 47 28.59 -21.49 10.92
N ILE J 48 28.51 -20.47 10.07
CA ILE J 48 27.71 -20.53 8.84
C ILE J 48 28.30 -21.56 7.88
N LEU J 49 29.61 -21.54 7.72
CA LEU J 49 30.32 -22.52 6.90
C LEU J 49 30.32 -23.89 7.57
N SER J 50 30.30 -23.92 8.90
CA SER J 50 30.23 -25.16 9.67
C SER J 50 28.88 -25.86 9.48
N ALA J 51 27.83 -25.08 9.27
CA ALA J 51 26.59 -25.61 8.70
C ALA J 51 26.97 -25.98 7.28
N ASN J 52 26.05 -25.99 6.33
CA ASN J 52 26.47 -26.30 4.96
C ASN J 52 26.05 -25.23 3.96
N GLU J 53 26.06 -23.98 4.41
CA GLU J 53 25.65 -22.85 3.58
C GLU J 53 26.54 -22.74 2.35
N ALA J 54 25.99 -23.16 1.20
CA ALA J 54 26.71 -23.17 -0.06
C ALA J 54 26.87 -21.77 -0.62
N ILE J 55 28.11 -21.27 -0.58
CA ILE J 55 28.47 -19.98 -1.14
C ILE J 55 29.37 -20.14 -2.37
N ASP J 56 29.37 -19.11 -3.21
CA ASP J 56 30.20 -19.08 -4.42
C ASP J 56 31.42 -18.17 -4.28
N CYS J 57 31.52 -17.44 -3.17
CA CYS J 57 32.66 -16.56 -2.93
C CYS J 57 32.67 -16.11 -1.48
N LEU J 58 33.85 -16.15 -0.86
CA LEU J 58 34.05 -15.66 0.50
C LEU J 58 34.84 -14.36 0.48
N MET J 59 34.33 -13.34 1.16
CA MET J 59 35.06 -12.09 1.36
C MET J 59 35.21 -11.84 2.85
N PHE J 60 36.33 -11.26 3.25
CA PHE J 60 36.56 -10.95 4.66
C PHE J 60 37.50 -9.75 4.85
N SER J 61 37.20 -8.94 5.87
CA SER J 61 38.12 -7.88 6.30
C SER J 61 39.17 -8.47 7.26
N TYR J 62 40.27 -7.75 7.42
CA TYR J 62 41.47 -8.31 8.06
C TYR J 62 42.42 -7.20 8.50
N GLN J 63 42.54 -7.03 9.82
CA GLN J 63 43.43 -6.02 10.39
C GLN J 63 44.90 -6.39 10.27
N MET J 64 45.19 -7.68 10.43
CA MET J 64 46.55 -8.24 10.29
C MET J 64 47.52 -7.75 11.36
N GLU J 65 47.03 -7.60 12.60
CA GLU J 65 47.89 -7.20 13.71
C GLU J 65 47.89 -8.25 14.81
N GLN J 66 46.73 -8.53 15.40
CA GLN J 66 46.63 -9.55 16.46
C GLN J 66 46.87 -10.95 15.89
N PRO J 67 47.61 -11.81 16.62
CA PRO J 67 47.79 -13.20 16.15
C PRO J 67 46.55 -14.05 16.34
N ASP J 68 45.69 -13.64 17.28
CA ASP J 68 44.40 -14.30 17.47
C ASP J 68 43.56 -14.19 16.20
N GLU J 69 43.70 -13.07 15.49
CA GLU J 69 43.02 -12.87 14.21
C GLU J 69 43.65 -13.71 13.10
N HIS J 70 44.97 -13.63 12.97
CA HIS J 70 45.70 -14.41 11.97
C HIS J 70 45.23 -15.87 11.97
N LEU J 71 45.09 -16.43 13.18
CA LEU J 71 44.58 -17.80 13.36
C LEU J 71 43.12 -17.92 12.94
N SER J 72 42.28 -17.02 13.46
CA SER J 72 40.84 -17.02 13.12
C SER J 72 40.60 -17.00 11.60
N VAL J 73 41.48 -16.32 10.87
CA VAL J 73 41.43 -16.30 9.41
C VAL J 73 41.76 -17.69 8.85
N ARG J 74 42.86 -18.27 9.31
CA ARG J 74 43.29 -19.61 8.88
C ARG J 74 42.20 -20.65 9.11
N GLN J 75 41.54 -20.56 10.25
CA GLN J 75 40.45 -21.47 10.63
C GLN J 75 39.27 -21.33 9.67
N LEU J 76 38.85 -20.08 9.45
CA LEU J 76 37.72 -19.76 8.58
C LEU J 76 37.92 -20.29 7.17
N ILE J 77 39.05 -19.92 6.58
CA ILE J 77 39.38 -20.30 5.20
C ILE J 77 39.63 -21.80 5.10
N GLY J 78 40.32 -22.35 6.09
CA GLY J 78 40.50 -23.80 6.18
C GLY J 78 39.17 -24.53 6.21
N LYS J 79 38.23 -23.97 6.97
CA LYS J 79 36.88 -24.54 7.08
C LYS J 79 36.14 -24.50 5.75
N LEU J 80 36.21 -23.37 5.06
CA LEU J 80 35.58 -23.22 3.75
C LEU J 80 36.02 -24.33 2.80
N HIS J 81 37.33 -24.52 2.69
CA HIS J 81 37.89 -25.44 1.71
C HIS J 81 37.75 -26.94 2.07
N GLU J 82 37.27 -27.25 3.27
CA GLU J 82 36.97 -28.65 3.64
C GLU J 82 36.00 -29.29 2.66
N ARG J 83 34.91 -28.58 2.37
CA ARG J 83 33.87 -29.07 1.45
C ARG J 83 33.61 -28.15 0.26
N GLN J 84 33.95 -26.87 0.41
CA GLN J 84 33.77 -25.88 -0.65
C GLN J 84 35.15 -25.52 -1.18
N GLN J 85 35.78 -26.54 -1.75
CA GLN J 85 37.22 -26.58 -1.96
C GLN J 85 37.83 -25.45 -2.78
N ASN J 86 37.14 -25.02 -3.84
CA ASN J 86 37.71 -24.04 -4.76
C ASN J 86 36.98 -22.71 -4.78
N VAL J 87 36.22 -22.43 -3.72
CA VAL J 87 35.53 -21.16 -3.61
C VAL J 87 36.58 -20.04 -3.59
N PRO J 88 36.41 -19.01 -4.43
CA PRO J 88 37.37 -17.92 -4.44
C PRO J 88 37.29 -17.08 -3.17
N VAL J 89 38.44 -16.84 -2.55
CA VAL J 89 38.52 -16.06 -1.32
C VAL J 89 39.05 -14.67 -1.60
N PHE J 90 38.23 -13.65 -1.34
CA PHE J 90 38.64 -12.26 -1.46
C PHE J 90 39.08 -11.70 -0.11
N LEU J 91 40.26 -11.07 -0.10
CA LEU J 91 40.71 -10.32 1.07
C LEU J 91 40.30 -8.86 0.92
N LEU J 92 39.42 -8.40 1.80
CA LEU J 92 39.07 -6.99 1.91
C LEU J 92 40.02 -6.32 2.91
N GLY J 93 41.18 -5.88 2.42
CA GLY J 93 42.27 -5.50 3.30
C GLY J 93 42.89 -4.14 3.06
N ASP J 94 43.94 -3.87 3.83
CA ASP J 94 44.77 -2.67 3.66
C ASP J 94 45.89 -2.99 2.69
N ARG J 95 46.07 -2.14 1.70
CA ARG J 95 47.09 -2.34 0.66
C ARG J 95 48.47 -2.52 1.26
N GLU J 96 48.88 -1.58 2.10
CA GLU J 96 50.24 -1.56 2.67
C GLU J 96 50.56 -2.78 3.53
N LYS J 97 49.64 -3.14 4.44
CA LYS J 97 49.85 -4.29 5.32
C LYS J 97 49.84 -5.63 4.57
N ALA J 98 48.85 -5.81 3.71
CA ALA J 98 48.73 -7.05 2.92
C ALA J 98 49.97 -7.26 2.07
N THR J 99 50.35 -6.21 1.34
CA THR J 99 51.56 -6.19 0.52
C THR J 99 52.78 -6.70 1.30
N ALA J 100 52.98 -6.16 2.49
CA ALA J 100 54.13 -6.51 3.33
C ALA J 100 54.08 -7.95 3.84
N SER J 101 52.87 -8.45 4.12
CA SER J 101 52.67 -9.83 4.59
C SER J 101 52.82 -10.86 3.47
N LEU J 102 52.61 -10.43 2.23
CA LEU J 102 52.52 -11.35 1.09
C LEU J 102 53.64 -12.39 1.03
N ASP J 103 53.24 -13.65 1.23
CA ASP J 103 54.13 -14.81 1.06
C ASP J 103 53.33 -15.99 0.49
N ARG J 104 53.98 -17.13 0.30
CA ARG J 104 53.32 -18.33 -0.22
C ARG J 104 52.12 -18.76 0.61
N ASP J 105 52.28 -18.70 1.93
CA ASP J 105 51.23 -19.10 2.87
C ASP J 105 49.94 -18.31 2.66
N LEU J 106 50.06 -16.99 2.56
CA LEU J 106 48.91 -16.10 2.36
C LEU J 106 48.18 -16.39 1.04
N LEU J 107 48.95 -16.64 -0.01
CA LEU J 107 48.40 -16.86 -1.35
C LEU J 107 47.70 -18.21 -1.50
N GLU J 108 48.00 -19.16 -0.62
CA GLU J 108 47.25 -20.41 -0.56
C GLU J 108 45.87 -20.17 0.05
N LEU J 109 45.81 -19.28 1.05
CA LEU J 109 44.55 -18.87 1.67
C LEU J 109 43.75 -17.96 0.72
N VAL J 110 44.31 -16.79 0.45
CA VAL J 110 43.65 -15.76 -0.34
C VAL J 110 43.86 -15.98 -1.83
N ASP J 111 42.77 -16.01 -2.58
CA ASP J 111 42.81 -16.13 -4.03
C ASP J 111 42.91 -14.76 -4.71
N GLU J 112 42.31 -13.74 -4.09
CA GLU J 112 42.27 -12.42 -4.71
C GLU J 112 42.24 -11.26 -3.71
N PHE J 113 42.84 -10.14 -4.10
CA PHE J 113 42.97 -8.95 -3.23
C PHE J 113 42.09 -7.80 -3.67
N ALA J 114 41.35 -7.24 -2.71
CA ALA J 114 40.50 -6.07 -2.95
C ALA J 114 40.74 -5.08 -1.83
N TRP J 115 41.26 -3.90 -2.17
CA TRP J 115 41.61 -2.92 -1.15
C TRP J 115 40.48 -1.94 -0.95
N ILE J 116 39.74 -2.20 0.12
CA ILE J 116 38.36 -1.74 0.25
C ILE J 116 38.21 -0.25 0.56
N LEU J 117 39.21 0.34 1.22
CA LEU J 117 39.19 1.78 1.54
C LEU J 117 39.84 2.63 0.44
N GLU J 118 40.04 2.04 -0.73
CA GLU J 118 40.88 2.63 -1.77
C GLU J 118 40.43 2.29 -3.21
N ASP J 119 39.27 1.63 -3.36
CA ASP J 119 38.83 1.09 -4.65
C ASP J 119 37.32 1.24 -4.78
N THR J 120 36.85 1.36 -6.02
CA THR J 120 35.43 1.52 -6.29
C THR J 120 34.69 0.21 -5.97
N ALA J 121 33.58 0.33 -5.25
CA ALA J 121 32.80 -0.83 -4.81
C ALA J 121 32.34 -1.68 -6.00
N ASP J 122 31.89 -1.01 -7.05
CA ASP J 122 31.43 -1.68 -8.28
C ASP J 122 32.50 -2.49 -9.01
N PHE J 123 33.76 -2.03 -8.95
CA PHE J 123 34.87 -2.77 -9.54
C PHE J 123 35.09 -4.09 -8.80
N ILE J 124 35.12 -4.03 -7.47
CA ILE J 124 35.30 -5.23 -6.65
C ILE J 124 34.15 -6.19 -6.90
N ALA J 125 32.93 -5.66 -6.85
CA ALA J 125 31.72 -6.44 -7.13
C ALA J 125 31.83 -7.18 -8.46
N GLY J 126 32.26 -6.45 -9.49
CA GLY J 126 32.48 -7.04 -10.82
C GLY J 126 33.49 -8.17 -10.79
N ARG J 127 34.62 -7.94 -10.13
CA ARG J 127 35.67 -8.96 -10.01
C ARG J 127 35.16 -10.22 -9.31
N ALA J 128 34.32 -10.03 -8.31
CA ALA J 128 33.71 -11.14 -7.58
C ALA J 128 32.79 -11.95 -8.47
N VAL J 129 31.88 -11.27 -9.15
CA VAL J 129 30.96 -11.92 -10.08
C VAL J 129 31.75 -12.75 -11.10
N ALA J 130 32.84 -12.19 -11.60
CA ALA J 130 33.71 -12.88 -12.56
C ALA J 130 34.32 -14.15 -11.96
N ALA J 131 34.86 -14.01 -10.75
CA ALA J 131 35.47 -15.13 -10.03
C ALA J 131 34.44 -16.21 -9.69
N MET J 132 33.23 -15.79 -9.35
CA MET J 132 32.14 -16.72 -9.02
C MET J 132 31.69 -17.48 -10.27
N THR J 133 31.76 -16.82 -11.42
CA THR J 133 31.41 -17.43 -12.69
C THR J 133 32.42 -18.54 -13.08
N ARG J 134 33.71 -18.28 -12.91
CA ARG J 134 34.72 -19.30 -13.20
C ARG J 134 34.61 -20.46 -12.23
N TYR J 135 34.31 -20.15 -10.97
CA TYR J 135 34.09 -21.17 -9.95
C TYR J 135 32.94 -22.10 -10.36
N ARG J 136 31.84 -21.49 -10.79
CA ARG J 136 30.66 -22.26 -11.20
C ARG J 136 30.93 -23.15 -12.41
N GLN J 137 31.61 -22.61 -13.41
CA GLN J 137 31.97 -23.37 -14.61
C GLN J 137 32.90 -24.56 -14.30
N GLN J 138 33.73 -24.41 -13.27
CA GLN J 138 34.69 -25.44 -12.85
C GLN J 138 34.08 -26.48 -11.88
N LEU J 139 32.91 -26.18 -11.32
CA LEU J 139 32.37 -26.90 -10.17
C LEU J 139 31.94 -28.34 -10.45
N LEU J 140 30.97 -28.49 -11.34
CA LEU J 140 30.28 -29.78 -11.54
C LEU J 140 31.15 -30.83 -12.24
N PRO J 141 30.94 -32.13 -11.91
CA PRO J 141 31.69 -33.22 -12.55
C PRO J 141 31.18 -33.50 -13.97
N PRO J 142 32.01 -34.16 -14.80
CA PRO J 142 31.85 -34.24 -16.26
C PRO J 142 30.44 -34.55 -16.75
N LEU J 143 29.86 -35.65 -16.28
CA LEU J 143 28.57 -36.09 -16.80
C LEU J 143 27.44 -35.17 -16.40
N PHE J 144 27.28 -34.97 -15.10
CA PHE J 144 26.19 -34.14 -14.61
C PHE J 144 26.29 -32.73 -15.20
N ASN J 145 27.51 -32.23 -15.36
CA ASN J 145 27.72 -30.91 -15.97
C ASN J 145 27.21 -30.87 -17.41
N ALA J 146 27.53 -31.91 -18.17
CA ALA J 146 27.06 -32.05 -19.56
C ALA J 146 25.54 -32.07 -19.63
N LEU J 147 24.92 -32.85 -18.74
CA LEU J 147 23.45 -32.93 -18.65
C LEU J 147 22.79 -31.58 -18.32
N MET J 148 23.57 -30.59 -17.91
CA MET J 148 23.09 -29.21 -17.73
C MET J 148 23.41 -28.38 -18.97
N LYS J 149 22.69 -28.65 -20.05
CA LYS J 149 22.80 -27.85 -21.30
C LYS J 149 21.77 -28.31 -22.33
N GLN J 164 7.65 -37.87 -23.55
CA GLN J 164 8.74 -37.14 -24.22
C GLN J 164 9.00 -35.82 -23.51
N GLY J 165 9.94 -35.85 -22.56
CA GLY J 165 10.24 -34.69 -21.72
C GLY J 165 9.32 -34.64 -20.51
N GLY J 166 8.69 -35.77 -20.22
CA GLY J 166 7.70 -35.87 -19.13
C GLY J 166 6.32 -35.37 -19.52
N VAL J 167 6.12 -35.09 -20.80
CA VAL J 167 4.87 -34.49 -21.30
C VAL J 167 3.74 -35.50 -21.31
N GLY J 168 4.02 -36.72 -21.74
CA GLY J 168 3.01 -37.77 -21.84
C GLY J 168 2.25 -37.97 -20.54
N PHE J 169 2.95 -37.84 -19.42
CA PHE J 169 2.36 -38.04 -18.09
C PHE J 169 1.29 -37.02 -17.75
N THR J 170 1.42 -35.81 -18.26
CA THR J 170 0.54 -34.71 -17.90
C THR J 170 -0.89 -34.88 -18.44
N LYS J 171 -1.08 -35.84 -19.35
CA LYS J 171 -2.36 -35.99 -20.06
C LYS J 171 -3.43 -36.71 -19.23
N THR J 172 -3.00 -37.41 -18.18
CA THR J 172 -3.90 -38.09 -17.26
C THR J 172 -3.74 -37.43 -15.89
N PRO J 173 -4.81 -37.36 -15.07
CA PRO J 173 -4.69 -36.77 -13.74
C PRO J 173 -3.71 -37.49 -12.82
N SER J 174 -3.84 -38.82 -12.74
CA SER J 174 -2.92 -39.64 -11.96
C SER J 174 -1.48 -39.49 -12.46
N GLY J 175 -1.31 -39.31 -13.76
CA GLY J 175 0.00 -39.05 -14.34
C GLY J 175 0.54 -37.67 -14.00
N ARG J 176 -0.33 -36.65 -14.03
CA ARG J 176 0.07 -35.28 -13.69
C ARG J 176 0.55 -35.20 -12.25
N PHE J 177 -0.14 -35.92 -11.37
CA PHE J 177 0.20 -35.95 -9.96
C PHE J 177 1.60 -36.55 -9.77
N TYR J 178 1.82 -37.69 -10.43
CA TYR J 178 3.11 -38.34 -10.46
C TYR J 178 4.20 -37.42 -11.02
N HIS J 179 3.87 -36.74 -12.12
CA HIS J 179 4.80 -35.82 -12.79
C HIS J 179 5.21 -34.67 -11.87
N ASP J 180 4.23 -34.04 -11.24
CA ASP J 180 4.48 -32.92 -10.35
C ASP J 180 5.21 -33.35 -9.07
N TYR J 181 4.96 -34.58 -8.61
CA TYR J 181 5.60 -35.08 -7.40
C TYR J 181 7.09 -35.28 -7.59
N TYR J 182 7.47 -35.99 -8.64
CA TYR J 182 8.88 -36.29 -8.92
C TYR J 182 9.60 -35.17 -9.65
N GLY J 183 8.85 -34.29 -10.31
CA GLY J 183 9.42 -33.12 -10.96
C GLY J 183 9.79 -33.35 -12.42
N GLU J 184 9.73 -32.28 -13.21
CA GLU J 184 9.95 -32.35 -14.66
C GLU J 184 11.36 -32.77 -15.07
N ASN J 185 12.36 -32.34 -14.30
CA ASN J 185 13.76 -32.60 -14.66
C ASN J 185 14.13 -34.06 -14.72
N LEU J 186 13.46 -34.88 -13.90
CA LEU J 186 13.71 -36.32 -13.85
C LEU J 186 13.44 -36.99 -15.21
N PHE J 187 12.40 -36.52 -15.89
CA PHE J 187 12.01 -37.03 -17.21
C PHE J 187 12.85 -36.35 -18.28
N ARG J 188 12.99 -35.04 -18.13
CA ARG J 188 13.89 -34.21 -18.95
C ARG J 188 15.30 -34.82 -19.07
N SER J 189 15.66 -35.69 -18.12
CA SER J 189 16.85 -36.52 -18.22
C SER J 189 16.52 -37.90 -18.81
N ASP J 190 16.28 -37.93 -20.11
CA ASP J 190 16.09 -39.18 -20.87
C ASP J 190 16.53 -38.96 -22.33
N MET J 191 16.94 -40.03 -23.01
CA MET J 191 17.36 -39.94 -24.41
C MET J 191 17.55 -41.34 -25.01
N THR J 197 26.49 -35.84 -29.07
CA THR J 197 27.37 -34.83 -28.47
C THR J 197 27.80 -35.18 -27.03
N LEU J 198 26.86 -35.74 -26.27
CA LEU J 198 27.04 -36.07 -24.85
C LEU J 198 27.67 -37.45 -24.64
N GLY J 199 27.42 -38.36 -25.58
CA GLY J 199 27.98 -39.70 -25.53
C GLY J 199 27.02 -40.74 -24.98
N SER J 200 27.39 -42.01 -25.13
CA SER J 200 26.58 -43.14 -24.69
C SER J 200 27.24 -43.91 -23.56
N LEU J 201 26.43 -44.44 -22.64
CA LEU J 201 26.96 -45.16 -21.47
C LEU J 201 27.60 -46.46 -21.91
N LEU J 202 26.85 -47.27 -22.64
CA LEU J 202 27.30 -48.60 -23.05
C LEU J 202 28.52 -48.53 -23.99
N ASP J 203 28.62 -47.46 -24.78
CA ASP J 203 29.78 -47.23 -25.64
C ASP J 203 30.95 -46.63 -24.85
N HIS J 204 30.63 -46.00 -23.71
CA HIS J 204 31.63 -45.38 -22.84
C HIS J 204 32.34 -44.23 -23.55
N THR J 205 31.54 -43.34 -24.12
CA THR J 205 32.01 -42.25 -24.95
C THR J 205 31.56 -40.90 -24.40
N GLY J 206 32.22 -39.85 -24.85
CA GLY J 206 31.86 -38.48 -24.47
C GLY J 206 31.95 -38.25 -22.97
N ALA J 207 30.93 -37.62 -22.42
CA ALA J 207 30.90 -37.28 -20.99
C ALA J 207 30.72 -38.50 -20.10
N PHE J 208 30.10 -39.55 -20.63
CA PHE J 208 30.02 -40.83 -19.92
C PHE J 208 31.41 -41.44 -19.73
N GLY J 209 32.23 -41.34 -20.76
CA GLY J 209 33.61 -41.80 -20.70
C GLY J 209 34.45 -40.96 -19.76
N GLU J 210 34.34 -39.63 -19.90
CA GLU J 210 35.04 -38.68 -19.02
C GLU J 210 34.71 -38.92 -17.55
N SER J 211 33.44 -39.16 -17.25
CA SER J 211 32.99 -39.45 -15.87
C SER J 211 33.68 -40.69 -15.30
N GLU J 212 33.77 -41.74 -16.10
CA GLU J 212 34.39 -43.00 -15.66
C GLU J 212 35.90 -42.86 -15.49
N LYS J 213 36.53 -42.20 -16.46
CA LYS J 213 37.95 -41.86 -16.38
C LYS J 213 38.23 -41.06 -15.11
N ASN J 214 37.32 -40.14 -14.79
CA ASN J 214 37.41 -39.32 -13.57
C ASN J 214 37.19 -40.14 -12.31
N ALA J 215 36.18 -41.02 -12.33
CA ALA J 215 35.88 -41.89 -11.20
C ALA J 215 37.07 -42.77 -10.84
N ALA J 216 37.73 -43.28 -11.87
CA ALA J 216 38.93 -44.09 -11.70
C ALA J 216 40.04 -43.34 -10.99
N ARG J 217 40.26 -42.08 -11.37
CA ARG J 217 41.24 -41.22 -10.71
C ARG J 217 40.96 -41.10 -9.21
N VAL J 218 39.71 -40.74 -8.89
CA VAL J 218 39.30 -40.48 -7.51
C VAL J 218 39.40 -41.74 -6.65
N PHE J 219 38.85 -42.83 -7.15
CA PHE J 219 38.78 -44.09 -6.40
C PHE J 219 40.05 -44.95 -6.50
N GLY J 220 41.04 -44.47 -7.24
CA GLY J 220 42.37 -45.11 -7.28
C GLY J 220 42.43 -46.36 -8.13
N ALA J 221 41.75 -46.31 -9.27
CA ALA J 221 41.65 -47.45 -10.18
C ALA J 221 42.27 -47.11 -11.54
N ASP J 222 42.65 -48.15 -12.28
CA ASP J 222 43.15 -47.98 -13.64
C ASP J 222 42.00 -47.61 -14.58
N ARG J 223 40.87 -48.29 -14.41
CA ARG J 223 39.62 -47.91 -15.09
C ARG J 223 38.40 -48.25 -14.24
N SER J 224 37.33 -47.48 -14.44
CA SER J 224 36.07 -47.69 -13.73
C SER J 224 34.91 -47.88 -14.69
N TRP J 225 33.95 -48.69 -14.29
CA TRP J 225 32.76 -48.97 -15.09
C TRP J 225 31.50 -48.57 -14.34
N SER J 226 30.80 -47.56 -14.83
CA SER J 226 29.59 -47.08 -14.20
C SER J 226 28.46 -48.06 -14.47
N VAL J 227 27.81 -48.52 -13.40
CA VAL J 227 26.79 -49.56 -13.48
C VAL J 227 25.45 -49.04 -12.96
N VAL J 228 24.37 -49.48 -13.61
CA VAL J 228 23.03 -48.96 -13.36
C VAL J 228 22.03 -50.07 -12.96
N VAL J 229 22.58 -51.26 -12.68
CA VAL J 229 21.82 -52.42 -12.23
C VAL J 229 22.31 -52.90 -10.85
N GLY J 230 22.89 -51.98 -10.09
CA GLY J 230 23.37 -52.28 -8.75
C GLY J 230 24.63 -53.11 -8.71
N THR J 231 25.14 -53.36 -7.51
CA THR J 231 26.29 -54.25 -7.32
C THR J 231 25.97 -55.69 -7.74
N SER J 232 24.68 -56.04 -7.74
CA SER J 232 24.25 -57.33 -8.27
C SER J 232 24.69 -57.44 -9.72
N GLY J 233 24.35 -56.43 -10.50
CA GLY J 233 24.79 -56.36 -11.89
C GLY J 233 26.30 -56.27 -12.04
N SER J 234 26.94 -55.49 -11.17
CA SER J 234 28.39 -55.36 -11.19
C SER J 234 29.08 -56.69 -10.93
N ASN J 235 28.64 -57.40 -9.89
CA ASN J 235 29.20 -58.72 -9.55
C ASN J 235 29.03 -59.72 -10.69
N ARG J 236 27.82 -59.83 -11.22
CA ARG J 236 27.53 -60.72 -12.34
C ARG J 236 28.41 -60.42 -13.57
N THR J 237 28.63 -59.12 -13.81
CA THR J 237 29.48 -58.64 -14.91
C THR J 237 30.93 -59.09 -14.75
N ILE J 238 31.50 -58.86 -13.58
CA ILE J 238 32.89 -59.23 -13.29
C ILE J 238 33.07 -60.73 -13.50
N MET J 239 32.18 -61.50 -12.88
CA MET J 239 32.21 -62.95 -12.97
C MET J 239 32.10 -63.45 -14.42
N GLN J 240 31.23 -62.83 -15.20
CA GLN J 240 31.09 -63.16 -16.62
C GLN J 240 32.39 -63.06 -17.41
N ALA J 241 33.23 -62.10 -17.04
CA ALA J 241 34.48 -61.84 -17.76
C ALA J 241 35.64 -62.73 -17.29
N CYS J 242 35.51 -63.33 -16.10
CA CYS J 242 36.64 -63.96 -15.42
C CYS J 242 36.61 -65.49 -15.39
N MET J 243 35.56 -66.11 -15.93
CA MET J 243 35.43 -67.57 -15.84
C MET J 243 34.45 -68.18 -16.84
N THR J 244 34.71 -69.45 -17.15
CA THR J 244 33.80 -70.31 -17.91
C THR J 244 33.53 -71.55 -17.06
N ASP J 245 32.70 -72.46 -17.58
CA ASP J 245 32.38 -73.71 -16.87
C ASP J 245 33.57 -74.67 -16.74
N ASN J 246 34.64 -74.40 -17.49
CA ASN J 246 35.88 -75.17 -17.36
C ASN J 246 36.78 -74.71 -16.19
N ASP J 247 36.47 -73.55 -15.60
CA ASP J 247 37.32 -72.94 -14.57
C ASP J 247 36.97 -73.35 -13.15
N VAL J 248 37.97 -73.26 -12.28
CA VAL J 248 37.80 -73.39 -10.84
C VAL J 248 37.82 -71.97 -10.26
N VAL J 249 37.00 -71.73 -9.24
CA VAL J 249 36.92 -70.41 -8.60
C VAL J 249 36.91 -70.52 -7.08
N VAL J 250 37.53 -69.54 -6.43
CA VAL J 250 37.66 -69.51 -4.97
C VAL J 250 36.75 -68.43 -4.38
N LEU J 251 35.75 -68.87 -3.62
CA LEU J 251 34.68 -67.98 -3.15
C LEU J 251 34.63 -67.81 -1.64
N ASP J 252 34.57 -66.55 -1.20
CA ASP J 252 34.18 -66.25 0.17
C ASP J 252 32.79 -66.87 0.37
N ARG J 253 32.67 -67.71 1.38
CA ARG J 253 31.39 -68.32 1.73
C ARG J 253 30.36 -67.25 2.07
N ASN J 254 30.83 -66.19 2.74
CA ASN J 254 30.05 -64.98 2.97
C ASN J 254 30.00 -64.15 1.69
N CYS J 255 29.06 -64.48 0.83
CA CYS J 255 28.94 -63.82 -0.47
C CYS J 255 27.53 -63.36 -0.76
N HIS J 256 27.42 -62.34 -1.60
CA HIS J 256 26.15 -61.81 -2.07
C HIS J 256 25.40 -62.90 -2.83
N LYS J 257 24.07 -62.85 -2.79
CA LYS J 257 23.24 -63.67 -3.68
C LYS J 257 23.69 -63.60 -5.14
N SER J 258 24.11 -62.41 -5.57
CA SER J 258 24.54 -62.17 -6.96
C SER J 258 25.80 -62.91 -7.36
N ILE J 259 26.62 -63.28 -6.38
CA ILE J 259 27.83 -64.05 -6.63
C ILE J 259 27.48 -65.50 -6.96
N GLU J 260 26.47 -66.05 -6.29
CA GLU J 260 25.92 -67.36 -6.67
C GLU J 260 25.31 -67.27 -8.06
N GLN J 261 24.57 -66.19 -8.32
CA GLN J 261 23.96 -65.97 -9.63
C GLN J 261 25.00 -66.09 -10.75
N GLY J 262 26.18 -65.49 -10.53
CA GLY J 262 27.28 -65.60 -11.47
C GLY J 262 27.72 -67.05 -11.68
N LEU J 263 27.81 -67.80 -10.59
CA LEU J 263 28.10 -69.25 -10.66
C LEU J 263 27.13 -70.02 -11.55
N ILE J 264 25.85 -69.66 -11.48
CA ILE J 264 24.81 -70.33 -12.24
C ILE J 264 24.89 -69.96 -13.72
N LEU J 265 25.17 -68.69 -14.01
CA LEU J 265 25.26 -68.20 -15.39
C LEU J 265 26.54 -68.66 -16.07
N THR J 266 27.63 -68.64 -15.32
CA THR J 266 28.93 -69.06 -15.81
C THR J 266 29.03 -70.59 -15.87
N GLY J 267 28.55 -71.23 -14.82
CA GLY J 267 28.65 -72.69 -14.68
C GLY J 267 29.99 -73.14 -14.13
N ALA J 268 30.72 -72.21 -13.51
CA ALA J 268 32.05 -72.49 -12.98
C ALA J 268 31.99 -73.41 -11.75
N LYS J 269 33.16 -73.90 -11.35
CA LYS J 269 33.28 -74.91 -10.30
C LYS J 269 33.84 -74.29 -9.02
N PRO J 270 32.98 -74.13 -8.00
CA PRO J 270 33.37 -73.34 -6.83
C PRO J 270 34.04 -74.12 -5.70
N VAL J 271 34.83 -73.38 -4.93
CA VAL J 271 35.40 -73.84 -3.68
C VAL J 271 35.26 -72.68 -2.72
N TYR J 272 34.81 -72.96 -1.50
CA TYR J 272 34.47 -71.89 -0.55
C TYR J 272 35.47 -71.73 0.59
N MET J 273 35.70 -70.48 0.99
CA MET J 273 36.49 -70.13 2.16
C MET J 273 35.53 -69.79 3.30
N VAL J 274 35.68 -70.48 4.43
CA VAL J 274 34.75 -70.36 5.54
C VAL J 274 35.24 -69.32 6.55
N PRO J 275 34.47 -68.25 6.76
CA PRO J 275 34.88 -67.27 7.76
C PRO J 275 34.55 -67.71 9.18
N SER J 276 35.21 -67.07 10.14
CA SER J 276 34.97 -67.32 11.55
C SER J 276 33.69 -66.62 12.01
N ARG J 277 33.12 -67.09 13.11
CA ARG J 277 32.05 -66.38 13.83
C ARG J 277 32.51 -66.09 15.26
N ASN J 278 31.69 -65.36 16.00
CA ASN J 278 31.94 -65.16 17.42
C ASN J 278 30.71 -65.52 18.26
N ARG J 279 30.85 -65.38 19.58
CA ARG J 279 29.81 -65.77 20.53
C ARG J 279 28.46 -65.05 20.37
N TYR J 280 28.49 -63.83 19.85
CA TYR J 280 27.25 -63.06 19.61
C TYR J 280 26.57 -63.44 18.29
N GLY J 281 27.19 -64.33 17.52
CA GLY J 281 26.66 -64.77 16.24
C GLY J 281 27.15 -63.94 15.06
N ILE J 282 28.03 -62.97 15.33
CA ILE J 282 28.53 -62.05 14.31
C ILE J 282 29.58 -62.74 13.45
N ILE J 283 29.42 -62.67 12.13
CA ILE J 283 30.40 -63.22 11.20
C ILE J 283 31.68 -62.39 11.25
N GLY J 284 32.79 -63.07 11.51
CA GLY J 284 34.11 -62.47 11.47
C GLY J 284 34.78 -62.70 10.13
N PRO J 285 36.11 -62.55 10.09
CA PRO J 285 36.84 -62.66 8.83
C PRO J 285 37.27 -64.09 8.53
N ILE J 286 37.57 -64.32 7.25
CA ILE J 286 38.31 -65.49 6.81
C ILE J 286 39.73 -65.37 7.34
N TYR J 287 40.16 -66.37 8.09
CA TYR J 287 41.52 -66.38 8.64
C TYR J 287 42.53 -66.66 7.53
N PRO J 288 43.78 -66.15 7.68
CA PRO J 288 44.84 -66.39 6.69
C PRO J 288 45.08 -67.85 6.34
N GLN J 289 45.03 -68.73 7.34
CA GLN J 289 45.21 -70.17 7.13
C GLN J 289 44.26 -70.72 6.07
N GLU J 290 43.05 -70.16 5.99
CA GLU J 290 42.05 -70.55 4.99
C GLU J 290 42.35 -70.05 3.58
N MET J 291 43.15 -69.00 3.48
CA MET J 291 43.55 -68.42 2.19
C MET J 291 44.87 -68.96 1.64
N GLN J 292 45.54 -69.81 2.42
CA GLN J 292 46.84 -70.35 2.03
C GLN J 292 46.67 -71.20 0.75
N PRO J 293 47.62 -71.08 -0.20
CA PRO J 293 47.59 -71.90 -1.42
C PRO J 293 47.40 -73.39 -1.16
N GLU J 294 48.10 -73.89 -0.15
CA GLU J 294 48.09 -75.30 0.20
C GLU J 294 46.72 -75.72 0.73
N THR J 295 46.08 -74.85 1.51
CA THR J 295 44.72 -75.09 2.02
C THR J 295 43.71 -75.11 0.88
N LEU J 296 43.81 -74.14 -0.02
CA LEU J 296 42.89 -74.02 -1.15
C LEU J 296 43.03 -75.16 -2.14
N GLN J 297 44.27 -75.59 -2.38
CA GLN J 297 44.53 -76.76 -3.24
C GLN J 297 43.93 -78.05 -2.66
N LYS J 298 43.97 -78.17 -1.33
CA LYS J 298 43.35 -79.29 -0.64
C LYS J 298 41.82 -79.27 -0.79
N LYS J 299 41.22 -78.10 -0.59
CA LYS J 299 39.77 -77.90 -0.80
C LYS J 299 39.33 -78.31 -2.21
N ILE J 300 40.12 -77.90 -3.21
CA ILE J 300 39.85 -78.18 -4.62
C ILE J 300 39.85 -79.69 -4.90
N SER J 301 40.88 -80.38 -4.41
CA SER J 301 41.00 -81.83 -4.59
C SER J 301 39.93 -82.60 -3.80
N ALA J 302 39.45 -82.02 -2.71
CA ALA J 302 38.43 -82.67 -1.87
C ALA J 302 37.03 -82.58 -2.46
N SER J 303 36.66 -81.40 -2.96
CA SER J 303 35.29 -81.15 -3.43
C SER J 303 34.93 -82.01 -4.66
N PRO J 304 33.71 -82.59 -4.67
CA PRO J 304 33.23 -83.33 -5.85
C PRO J 304 33.19 -82.49 -7.12
N LEU J 305 32.89 -81.20 -6.99
CA LEU J 305 32.74 -80.31 -8.14
C LEU J 305 34.07 -79.98 -8.82
N THR J 306 35.14 -79.92 -8.02
CA THR J 306 36.46 -79.53 -8.52
C THR J 306 37.49 -80.67 -8.61
N LYS J 307 37.23 -81.79 -7.94
CA LYS J 307 38.14 -82.98 -7.95
C LYS J 307 38.89 -83.20 -9.26
N THR J 308 38.13 -83.22 -10.36
CA THR J 308 38.68 -83.53 -11.67
C THR J 308 39.55 -82.42 -12.24
N LYS J 309 39.40 -81.21 -11.70
CA LYS J 309 40.16 -80.04 -12.13
C LYS J 309 41.23 -79.64 -11.10
N ALA J 310 41.71 -80.61 -10.32
CA ALA J 310 42.72 -80.35 -9.30
C ALA J 310 44.05 -79.94 -9.93
N GLY J 311 44.76 -79.05 -9.23
CA GLY J 311 46.02 -78.49 -9.73
C GLY J 311 45.86 -77.39 -10.78
N GLN J 312 44.63 -77.15 -11.22
CA GLN J 312 44.33 -76.09 -12.19
C GLN J 312 44.33 -74.74 -11.47
N LYS J 313 44.88 -73.71 -12.12
CA LYS J 313 44.96 -72.37 -11.54
C LYS J 313 43.58 -71.72 -11.56
N PRO J 314 43.00 -71.44 -10.38
CA PRO J 314 41.69 -70.78 -10.35
C PRO J 314 41.69 -69.44 -11.09
N SER J 315 40.62 -69.19 -11.84
CA SER J 315 40.53 -68.01 -12.70
C SER J 315 39.89 -66.80 -12.02
N TYR J 316 39.43 -66.96 -10.79
CA TYR J 316 38.70 -65.91 -10.09
C TYR J 316 38.63 -66.17 -8.59
N SER J 317 38.72 -65.09 -7.82
CA SER J 317 38.75 -65.16 -6.37
C SER J 317 37.95 -63.99 -5.82
N VAL J 318 37.10 -64.24 -4.83
CA VAL J 318 36.31 -63.15 -4.23
C VAL J 318 36.32 -63.18 -2.70
N VAL J 319 36.46 -62.00 -2.13
CA VAL J 319 36.34 -61.77 -0.69
C VAL J 319 35.39 -60.61 -0.47
N THR J 320 34.59 -60.70 0.58
CA THR J 320 33.69 -59.61 0.95
C THR J 320 34.41 -58.72 1.99
N CYS J 322 33.79 -55.43 3.12
CA CYS J 322 33.80 -55.31 4.56
C CYS J 322 32.53 -56.05 4.98
N THR J 323 32.59 -56.77 6.10
CA THR J 323 31.44 -57.53 6.58
C THR J 323 30.27 -56.57 6.87
N TYR J 324 29.03 -57.07 6.79
CA TYR J 324 27.86 -56.25 7.13
C TYR J 324 27.95 -55.66 8.54
N ASP J 325 28.48 -56.45 9.48
CA ASP J 325 28.71 -56.02 10.87
C ASP J 325 29.95 -55.12 11.08
N GLY J 326 30.75 -54.92 10.04
CA GLY J 326 31.84 -53.92 10.05
C GLY J 326 33.25 -54.44 10.17
N VAL J 327 33.45 -55.75 9.99
CA VAL J 327 34.77 -56.34 10.04
C VAL J 327 35.52 -56.04 8.73
N CYS J 328 36.64 -55.34 8.85
CA CYS J 328 37.45 -54.96 7.69
C CYS J 328 38.73 -55.80 7.61
N TYR J 329 38.97 -56.41 6.46
CA TYR J 329 40.21 -57.18 6.24
C TYR J 329 41.39 -56.25 6.01
N ASN J 330 42.58 -56.71 6.39
CA ASN J 330 43.81 -56.10 5.92
C ASN J 330 43.95 -56.55 4.47
N ALA J 331 43.39 -55.75 3.56
CA ALA J 331 43.34 -56.12 2.15
C ALA J 331 44.71 -56.22 1.48
N LYS J 332 45.72 -55.55 2.01
CA LYS J 332 47.08 -55.67 1.50
C LYS J 332 47.61 -57.09 1.69
N GLU J 333 47.50 -57.60 2.91
CA GLU J 333 47.96 -58.96 3.24
C GLU J 333 47.07 -60.03 2.59
N ALA J 334 45.76 -59.82 2.65
CA ALA J 334 44.78 -60.73 2.07
C ALA J 334 45.02 -60.92 0.57
N GLN J 335 45.31 -59.82 -0.12
CA GLN J 335 45.60 -59.84 -1.55
C GLN J 335 46.86 -60.64 -1.86
N ASP J 336 47.92 -60.44 -1.08
CA ASP J 336 49.19 -61.14 -1.31
C ASP J 336 49.06 -62.65 -1.10
N LEU J 337 48.19 -63.04 -0.18
CA LEU J 337 47.90 -64.47 0.06
C LEU J 337 47.12 -65.09 -1.10
N LEU J 338 46.10 -64.37 -1.57
CA LEU J 338 45.25 -64.87 -2.66
C LEU J 338 45.97 -64.79 -4.01
N ALA J 339 46.87 -63.82 -4.15
CA ALA J 339 47.66 -63.65 -5.39
C ALA J 339 48.49 -64.90 -5.72
N LYS J 340 48.94 -65.59 -4.67
CA LYS J 340 49.66 -66.85 -4.80
C LYS J 340 48.83 -67.92 -5.56
N THR J 341 47.53 -67.93 -5.31
CA THR J 341 46.63 -68.93 -5.87
C THR J 341 45.97 -68.49 -7.19
N SER J 342 45.53 -67.23 -7.24
CA SER J 342 44.78 -66.71 -8.39
C SER J 342 45.33 -65.37 -8.86
N ASP J 343 45.21 -65.10 -10.15
CA ASP J 343 45.63 -63.82 -10.74
C ASP J 343 44.53 -62.76 -10.74
N ARG J 344 43.31 -63.17 -10.42
CA ARG J 344 42.20 -62.25 -10.28
C ARG J 344 41.58 -62.32 -8.89
N ILE J 345 41.59 -61.18 -8.21
CA ILE J 345 41.07 -61.06 -6.87
C ILE J 345 40.03 -59.95 -6.87
N HIS J 346 38.83 -60.31 -6.41
CA HIS J 346 37.70 -59.39 -6.40
C HIS J 346 37.26 -59.15 -4.96
N PHE J 347 37.32 -57.89 -4.54
CA PHE J 347 36.82 -57.50 -3.24
C PHE J 347 35.43 -56.88 -3.39
N ASP J 348 34.42 -57.53 -2.81
CA ASP J 348 33.07 -56.98 -2.80
C ASP J 348 33.02 -55.92 -1.70
N GLU J 349 33.28 -54.68 -2.09
CA GLU J 349 33.32 -53.55 -1.15
C GLU J 349 32.04 -52.72 -1.23
N ALA J 350 30.91 -53.43 -1.33
CA ALA J 350 29.60 -52.80 -1.52
C ALA J 350 29.25 -51.81 -0.40
N TRP J 351 29.44 -52.24 0.84
CA TRP J 351 29.18 -51.41 2.03
C TRP J 351 30.37 -50.54 2.43
N TYR J 352 31.32 -50.33 1.53
CA TYR J 352 32.66 -49.92 1.92
C TYR J 352 33.36 -49.04 0.89
N GLY J 353 32.59 -48.22 0.17
CA GLY J 353 33.14 -47.34 -0.86
C GLY J 353 33.97 -46.20 -0.31
N TYR J 354 33.58 -45.74 0.87
CA TYR J 354 34.24 -44.62 1.57
C TYR J 354 35.66 -44.93 2.03
N ALA J 355 35.95 -46.21 2.26
CA ALA J 355 37.19 -46.64 2.93
C ALA J 355 38.42 -45.84 2.50
N ARG J 356 38.59 -45.68 1.20
CA ARG J 356 39.76 -45.03 0.63
C ARG J 356 40.00 -43.61 1.13
N PHE J 357 38.93 -42.88 1.44
CA PHE J 357 39.00 -41.44 1.66
C PHE J 357 39.14 -40.99 3.12
N ASN J 358 39.45 -41.94 4.01
CA ASN J 358 39.83 -41.63 5.38
C ASN J 358 41.01 -42.50 5.80
N PRO J 359 42.05 -41.90 6.37
CA PRO J 359 43.25 -42.67 6.69
C PRO J 359 43.08 -43.70 7.82
N ILE J 360 41.97 -43.67 8.56
CA ILE J 360 41.73 -44.67 9.61
C ILE J 360 41.56 -46.07 9.01
N TYR J 361 41.10 -46.14 7.75
CA TYR J 361 40.96 -47.39 7.03
C TYR J 361 42.21 -47.78 6.22
N CYS J 362 43.29 -47.00 6.35
CA CYS J 362 44.55 -47.27 5.64
C CYS J 362 44.90 -48.77 5.58
N ASP J 363 45.25 -49.24 4.38
CA ASP J 363 45.65 -50.64 4.11
C ASP J 363 44.52 -51.69 4.21
N HIS J 364 43.32 -51.27 4.58
CA HIS J 364 42.22 -52.22 4.78
C HIS J 364 41.15 -52.13 3.68
N TYR J 365 41.56 -51.75 2.48
CA TYR J 365 40.70 -51.73 1.30
C TYR J 365 41.51 -52.08 0.06
N ALA J 366 40.83 -52.28 -1.07
CA ALA J 366 41.47 -52.77 -2.30
C ALA J 366 42.34 -51.74 -3.02
N MET J 367 41.75 -50.60 -3.35
CA MET J 367 42.43 -49.58 -4.17
C MET J 367 43.32 -48.66 -3.35
N ARG J 368 44.43 -49.21 -2.86
CA ARG J 368 45.35 -48.47 -1.98
C ARG J 368 46.30 -47.57 -2.77
N GLY J 369 46.47 -46.35 -2.30
CA GLY J 369 47.40 -45.40 -2.92
C GLY J 369 47.08 -45.12 -4.38
N GLU J 370 48.14 -44.94 -5.17
CA GLU J 370 48.01 -44.65 -6.60
C GLU J 370 48.15 -45.93 -7.42
N PRO J 371 47.40 -46.04 -8.52
CA PRO J 371 47.62 -47.16 -9.45
C PRO J 371 48.82 -46.93 -10.33
N GLY J 372 49.50 -48.01 -10.70
CA GLY J 372 50.56 -47.94 -11.70
C GLY J 372 51.02 -49.27 -12.25
N HIS J 374 51.11 -51.41 -11.96
CA HIS J 374 51.93 -51.64 -10.79
C HIS J 374 52.61 -53.01 -10.76
N ASN J 375 52.11 -53.92 -11.60
CA ASN J 375 52.66 -55.27 -11.79
C ASN J 375 52.38 -56.20 -10.67
N GLY J 376 51.27 -56.90 -10.76
CA GLY J 376 50.86 -57.79 -9.71
C GLY J 376 49.69 -58.46 -10.30
N PRO J 377 48.66 -58.85 -9.44
CA PRO J 377 47.57 -59.49 -10.10
C PRO J 377 46.55 -58.46 -10.41
N THR J 378 45.47 -58.92 -11.02
CA THR J 378 44.36 -58.06 -11.41
C THR J 378 43.36 -57.98 -10.27
N VAL J 379 43.08 -56.77 -9.80
CA VAL J 379 42.22 -56.58 -8.63
C VAL J 379 40.93 -55.85 -9.01
N PHE J 380 39.80 -56.43 -8.65
CA PHE J 380 38.49 -55.81 -8.82
C PHE J 380 37.98 -55.30 -7.48
N ALA J 381 37.36 -54.12 -7.51
CA ALA J 381 36.64 -53.59 -6.36
C ALA J 381 35.23 -53.21 -6.81
N THR J 382 34.25 -53.54 -5.98
CA THR J 382 32.85 -53.34 -6.30
C THR J 382 32.23 -52.44 -5.26
N HIS J 383 31.70 -51.29 -5.70
CA HIS J 383 30.99 -50.37 -4.80
C HIS J 383 29.53 -50.26 -5.15
N SER J 384 28.70 -50.24 -4.10
CA SER J 384 27.31 -49.86 -4.20
C SER J 384 27.24 -48.40 -3.78
N THR J 385 27.19 -47.51 -4.76
CA THR J 385 27.22 -46.07 -4.50
C THR J 385 26.05 -45.62 -3.64
N HIS J 386 24.89 -46.24 -3.82
CA HIS J 386 23.70 -45.85 -3.07
C HIS J 386 23.78 -46.19 -1.58
N LYS J 387 24.44 -47.30 -1.26
CA LYS J 387 24.47 -47.80 0.13
C LYS J 387 25.07 -46.82 1.13
N LEU J 388 26.37 -46.58 1.06
CA LEU J 388 27.03 -45.71 2.05
C LEU J 388 27.73 -44.48 1.47
N LEU J 389 27.89 -44.45 0.14
CA LEU J 389 28.42 -43.30 -0.57
C LEU J 389 27.30 -42.28 -0.81
N ASN J 390 26.06 -42.70 -0.59
CA ASN J 390 24.91 -41.82 -0.64
C ASN J 390 24.61 -41.37 -2.09
N ALA J 391 23.74 -42.15 -2.76
CA ALA J 391 23.40 -41.95 -4.17
C ALA J 391 22.09 -42.67 -4.52
N LEU J 392 21.61 -42.46 -5.75
CA LEU J 392 20.38 -43.09 -6.20
C LEU J 392 20.50 -44.60 -6.21
N SER J 393 19.45 -45.29 -5.77
CA SER J 393 19.41 -46.75 -5.78
C SER J 393 19.68 -47.31 -7.17
N GLN J 394 20.35 -48.46 -7.21
CA GLN J 394 20.84 -49.10 -8.45
C GLN J 394 22.17 -48.56 -8.97
N ALA J 395 22.69 -47.50 -8.35
CA ALA J 395 23.99 -46.95 -8.73
C ALA J 395 25.09 -47.85 -8.20
N SER J 396 26.02 -48.22 -9.07
CA SER J 396 27.15 -49.07 -8.69
C SER J 396 28.36 -48.82 -9.58
N TYR J 397 29.54 -49.13 -9.04
CA TYR J 397 30.79 -49.02 -9.78
C TYR J 397 31.56 -50.33 -9.77
N ILE J 398 32.17 -50.65 -10.91
CA ILE J 398 33.20 -51.68 -10.98
C ILE J 398 34.55 -50.98 -11.13
N HIS J 399 35.40 -51.09 -10.12
CA HIS J 399 36.74 -50.50 -10.18
C HIS J 399 37.76 -51.59 -10.43
N VAL J 400 38.70 -51.30 -11.32
CA VAL J 400 39.66 -52.30 -11.77
C VAL J 400 41.10 -51.79 -11.71
N ARG J 401 41.99 -52.61 -11.17
CA ARG J 401 43.42 -52.41 -11.29
C ARG J 401 43.98 -53.51 -12.16
N GLU J 402 44.43 -53.14 -13.35
CA GLU J 402 44.87 -54.11 -14.35
C GLU J 402 46.28 -54.62 -14.06
N GLY J 403 46.38 -55.95 -13.93
CA GLY J 403 47.65 -56.63 -13.65
C GLY J 403 47.78 -57.93 -14.44
N ARG J 404 48.23 -58.99 -13.76
CA ARG J 404 48.31 -60.33 -14.38
C ARG J 404 46.93 -60.87 -14.68
N GLY J 405 46.77 -61.47 -15.85
CA GLY J 405 45.50 -62.04 -16.26
C GLY J 405 44.43 -61.00 -16.49
N ALA J 406 44.84 -59.82 -16.93
CA ALA J 406 43.93 -58.69 -17.12
C ALA J 406 43.01 -58.90 -18.30
N VAL J 407 41.80 -58.36 -18.18
CA VAL J 407 40.82 -58.40 -19.27
C VAL J 407 40.70 -56.99 -19.84
N ASN J 408 41.04 -56.83 -21.11
CA ASN J 408 41.03 -55.52 -21.75
C ASN J 408 39.61 -55.01 -22.03
N PHE J 409 39.52 -53.79 -22.54
CA PHE J 409 38.23 -53.14 -22.77
C PHE J 409 37.31 -53.98 -23.64
N SER J 410 37.75 -54.28 -24.86
CA SER J 410 36.93 -55.01 -25.85
C SER J 410 36.29 -56.26 -25.25
N ARG J 411 37.11 -57.05 -24.56
CA ARG J 411 36.66 -58.29 -23.94
C ARG J 411 35.70 -58.03 -22.78
N PHE J 412 36.04 -57.08 -21.92
CA PHE J 412 35.24 -56.83 -20.72
C PHE J 412 33.90 -56.18 -21.05
N ASN J 413 33.89 -55.30 -22.05
CA ASN J 413 32.68 -54.59 -22.42
C ASN J 413 31.59 -55.53 -22.93
N GLN J 414 32.00 -56.66 -23.49
CA GLN J 414 31.05 -57.72 -23.86
C GLN J 414 30.38 -58.31 -22.62
N ALA J 415 31.16 -58.48 -21.55
CA ALA J 415 30.62 -58.91 -20.26
C ALA J 415 29.77 -57.81 -19.63
N TYR J 416 30.18 -56.55 -19.80
CA TYR J 416 29.44 -55.41 -19.28
C TYR J 416 28.05 -55.30 -19.90
N MET J 417 28.02 -55.33 -21.23
CA MET J 417 26.76 -55.20 -21.99
C MET J 417 25.80 -56.35 -21.72
N MET J 418 26.37 -57.51 -21.39
CA MET J 418 25.61 -58.69 -21.02
C MET J 418 24.58 -58.44 -19.93
N HIS J 419 24.97 -57.64 -18.94
CA HIS J 419 24.16 -57.40 -17.75
C HIS J 419 23.76 -55.94 -17.60
N ALA J 420 23.70 -55.25 -18.73
CA ALA J 420 23.31 -53.84 -18.77
C ALA J 420 21.94 -53.72 -19.43
N THR J 421 21.48 -52.48 -19.56
CA THR J 421 20.25 -52.18 -20.28
C THR J 421 20.58 -51.22 -21.40
N THR J 422 19.89 -51.36 -22.53
CA THR J 422 20.15 -50.52 -23.70
C THR J 422 19.80 -49.05 -23.48
N SER J 423 18.77 -48.79 -22.69
CA SER J 423 18.40 -47.43 -22.30
C SER J 423 18.43 -47.27 -20.78
N PRO J 424 19.56 -46.75 -20.24
CA PRO J 424 19.71 -46.50 -18.81
C PRO J 424 19.19 -45.12 -18.41
N LEU J 425 18.74 -45.01 -17.17
CA LEU J 425 18.21 -43.77 -16.63
C LEU J 425 19.36 -42.84 -16.26
N TYR J 426 19.42 -41.67 -16.91
CA TYR J 426 20.52 -40.71 -16.70
C TYR J 426 20.61 -40.21 -15.26
N ALA J 427 19.47 -40.03 -14.61
CA ALA J 427 19.42 -39.58 -13.23
C ALA J 427 20.28 -40.44 -12.29
N ILE J 428 20.35 -41.73 -12.57
CA ILE J 428 21.17 -42.66 -11.78
C ILE J 428 22.64 -42.47 -12.08
N CYS J 429 22.97 -42.47 -13.37
CA CYS J 429 24.35 -42.26 -13.82
C CYS J 429 24.90 -40.93 -13.32
N ALA J 430 24.07 -39.89 -13.36
CA ALA J 430 24.44 -38.58 -12.84
C ALA J 430 24.74 -38.63 -11.35
N SER J 431 23.94 -39.40 -10.61
CA SER J 431 24.14 -39.56 -9.17
C SER J 431 25.47 -40.24 -8.88
N ASN J 432 25.84 -41.20 -9.73
CA ASN J 432 27.16 -41.81 -9.67
C ASN J 432 28.28 -40.80 -9.88
N ASP J 433 28.06 -39.87 -10.82
CA ASP J 433 29.07 -38.86 -11.16
C ASP J 433 29.29 -37.86 -10.03
N VAL J 434 28.21 -37.40 -9.41
CA VAL J 434 28.34 -36.44 -8.30
C VAL J 434 28.84 -37.11 -7.02
N ALA J 435 28.50 -38.39 -6.84
CA ALA J 435 28.98 -39.16 -5.71
C ALA J 435 30.51 -39.27 -5.73
N VAL J 436 31.07 -39.36 -6.93
CA VAL J 436 32.52 -39.31 -7.12
C VAL J 436 33.06 -37.96 -6.66
N SER J 437 32.46 -36.90 -7.19
CA SER J 437 32.83 -35.52 -6.84
C SER J 437 32.83 -35.25 -5.34
N MET J 438 31.91 -35.88 -4.62
CA MET J 438 31.82 -35.71 -3.17
C MET J 438 32.98 -36.36 -2.39
N MET J 439 33.54 -37.45 -2.92
CA MET J 439 34.68 -38.11 -2.30
C MET J 439 36.01 -37.55 -2.78
N ASP J 440 36.00 -36.85 -3.91
CA ASP J 440 37.20 -36.26 -4.47
C ASP J 440 37.68 -35.06 -3.65
N GLY J 441 39.01 -34.98 -3.49
CA GLY J 441 39.63 -33.85 -2.79
C GLY J 441 39.37 -33.84 -1.31
N ASN J 442 39.15 -32.66 -0.77
CA ASN J 442 38.96 -32.44 0.67
C ASN J 442 37.62 -32.94 1.20
N SER J 443 36.57 -32.81 0.38
CA SER J 443 35.21 -33.20 0.78
C SER J 443 35.15 -34.65 1.28
N GLY J 444 35.85 -35.55 0.59
CA GLY J 444 35.87 -36.97 0.95
C GLY J 444 36.35 -37.23 2.36
N LEU J 445 37.48 -36.61 2.73
CA LEU J 445 38.00 -36.71 4.09
C LEU J 445 37.04 -36.11 5.12
N SER J 446 36.52 -34.93 4.83
CA SER J 446 35.64 -34.22 5.75
C SER J 446 34.34 -34.99 6.01
N LEU J 447 33.75 -35.53 4.94
CA LEU J 447 32.50 -36.28 5.03
C LEU J 447 32.68 -37.58 5.82
N THR J 448 33.71 -38.34 5.46
CA THR J 448 34.03 -39.61 6.15
C THR J 448 34.35 -39.38 7.62
N GLN J 449 35.02 -38.27 7.90
CA GLN J 449 35.39 -37.93 9.27
C GLN J 449 34.15 -37.58 10.09
N GLU J 450 33.21 -36.84 9.48
CA GLU J 450 31.98 -36.45 10.15
C GLU J 450 31.21 -37.68 10.64
N VAL J 451 31.04 -38.67 9.77
CA VAL J 451 30.31 -39.89 10.13
C VAL J 451 31.06 -40.70 11.19
N ILE J 452 32.39 -40.79 11.08
CA ILE J 452 33.20 -41.46 12.10
C ILE J 452 33.04 -40.74 13.43
N ASP J 453 33.18 -39.41 13.41
CA ASP J 453 33.06 -38.59 14.61
C ASP J 453 31.73 -38.82 15.34
N GLU J 454 30.65 -38.91 14.57
CA GLU J 454 29.32 -39.14 15.13
C GLU J 454 29.20 -40.54 15.72
N ALA J 455 29.67 -41.55 14.98
CA ALA J 455 29.64 -42.93 15.45
C ALA J 455 30.41 -43.09 16.77
N VAL J 456 31.56 -42.40 16.87
CA VAL J 456 32.37 -42.42 18.08
C VAL J 456 31.60 -41.82 19.26
N ASP J 457 31.06 -40.60 19.07
CA ASP J 457 30.26 -39.93 20.09
C ASP J 457 29.17 -40.84 20.65
N PHE J 458 28.51 -41.55 19.75
CA PHE J 458 27.44 -42.49 20.10
C PHE J 458 27.97 -43.69 20.88
N ARG J 459 29.02 -44.30 20.35
CA ARG J 459 29.68 -45.43 21.02
C ARG J 459 30.11 -45.04 22.43
N GLN J 460 30.82 -43.92 22.55
CA GLN J 460 31.31 -43.44 23.84
C GLN J 460 30.16 -43.12 24.81
N ALA J 461 29.12 -42.47 24.32
CA ALA J 461 27.95 -42.14 25.12
C ALA J 461 27.27 -43.41 25.64
N MET J 462 27.20 -44.42 24.79
CA MET J 462 26.61 -45.72 25.13
C MET J 462 27.47 -46.45 26.17
N ALA J 463 28.79 -46.35 26.03
CA ALA J 463 29.73 -46.96 26.96
C ALA J 463 29.67 -46.32 28.36
N ARG J 464 29.50 -45.00 28.40
CA ARG J 464 29.42 -44.27 29.68
C ARG J 464 28.15 -44.62 30.45
N LEU J 465 27.02 -44.63 29.74
CA LEU J 465 25.76 -45.09 30.31
C LEU J 465 25.88 -46.49 30.86
N TYR J 466 26.52 -47.38 30.10
CA TYR J 466 26.70 -48.77 30.52
C TYR J 466 27.47 -48.87 31.82
N LYS J 467 28.51 -48.06 31.99
CA LYS J 467 29.28 -48.07 33.24
C LYS J 467 28.44 -47.53 34.40
N GLU J 468 27.71 -46.44 34.14
CA GLU J 468 26.81 -45.86 35.14
C GLU J 468 25.84 -46.88 35.73
N PHE J 469 25.19 -47.63 34.85
CA PHE J 469 24.25 -48.67 35.26
C PHE J 469 24.97 -49.85 35.92
N THR J 470 26.02 -50.33 35.25
CA THR J 470 26.83 -51.44 35.74
C THR J 470 27.32 -51.20 37.18
N ASP J 471 28.01 -50.08 37.37
CA ASP J 471 28.54 -49.69 38.68
C ASP J 471 27.49 -49.71 39.79
N GLU J 472 26.26 -49.34 39.42
CA GLU J 472 25.13 -49.33 40.34
C GLU J 472 24.39 -50.68 40.39
N GLY J 473 25.06 -51.75 39.97
CA GLY J 473 24.48 -53.09 40.00
C GLY J 473 23.33 -53.33 39.04
N ASP J 474 23.28 -52.55 37.97
CA ASP J 474 22.15 -52.55 37.04
C ASP J 474 22.62 -52.91 35.62
N TRP J 475 21.67 -53.29 34.77
CA TRP J 475 21.97 -53.69 33.38
C TRP J 475 21.77 -52.54 32.40
N PHE J 476 22.41 -52.67 31.23
CA PHE J 476 22.18 -51.77 30.09
C PHE J 476 22.82 -52.36 28.82
N PHE J 477 22.58 -51.72 27.68
CA PHE J 477 23.22 -52.09 26.42
C PHE J 477 24.64 -51.53 26.35
N LYS J 478 25.59 -52.34 25.90
CA LYS J 478 26.95 -51.85 25.68
C LYS J 478 27.32 -51.93 24.20
N PRO J 479 28.17 -51.01 23.73
CA PRO J 479 28.59 -51.01 22.34
C PRO J 479 29.66 -52.07 22.10
N TRP J 480 29.64 -52.68 20.91
CA TRP J 480 30.63 -53.68 20.55
C TRP J 480 31.85 -53.00 19.93
N ASN J 481 32.88 -52.84 20.76
CA ASN J 481 34.13 -52.23 20.36
C ASN J 481 35.21 -52.53 21.39
N LYS J 482 36.40 -51.97 21.20
CA LYS J 482 37.53 -52.22 22.09
C LYS J 482 37.18 -51.85 23.54
N ASP J 483 37.72 -52.58 24.50
CA ASP J 483 37.52 -52.28 25.93
C ASP J 483 38.44 -51.16 26.39
N VAL J 484 39.68 -51.18 25.92
CA VAL J 484 40.70 -50.25 26.34
C VAL J 484 41.55 -49.84 25.14
N VAL J 485 41.82 -48.56 25.03
CA VAL J 485 42.65 -48.01 23.93
C VAL J 485 43.89 -47.31 24.48
N THR J 486 44.84 -47.03 23.60
CA THR J 486 46.09 -46.37 23.99
C THR J 486 46.45 -45.22 23.04
N ASP J 487 46.79 -44.08 23.63
CA ASP J 487 47.31 -42.94 22.87
C ASP J 487 48.80 -43.18 22.61
N PRO J 488 49.22 -43.27 21.32
CA PRO J 488 50.64 -43.51 21.04
C PRO J 488 51.57 -42.34 21.39
N GLN J 489 51.12 -41.11 21.15
CA GLN J 489 51.96 -39.93 21.40
C GLN J 489 52.32 -39.76 22.88
N THR J 490 51.43 -40.19 23.78
CA THR J 490 51.67 -40.10 25.23
C THR J 490 52.04 -41.45 25.89
N GLY J 491 51.66 -42.56 25.24
CA GLY J 491 51.79 -43.89 25.83
C GLY J 491 50.66 -44.23 26.79
N LYS J 492 49.79 -43.25 27.05
CA LYS J 492 48.76 -43.34 28.07
C LYS J 492 47.57 -44.22 27.65
N THR J 493 46.99 -44.91 28.63
CA THR J 493 45.93 -45.88 28.40
C THR J 493 44.59 -45.37 28.90
N TYR J 494 43.53 -45.60 28.14
CA TYR J 494 42.18 -45.17 28.54
C TYR J 494 41.17 -46.30 28.43
N ASP J 495 40.21 -46.33 29.34
CA ASP J 495 38.96 -47.07 29.12
C ASP J 495 38.28 -46.40 27.93
N PHE J 496 37.56 -47.17 27.12
CA PHE J 496 36.89 -46.63 25.93
C PHE J 496 36.11 -45.37 26.26
N ALA J 497 35.22 -45.48 27.25
CA ALA J 497 34.38 -44.37 27.69
C ALA J 497 35.19 -43.10 28.00
N ASP J 498 36.33 -43.27 28.67
CA ASP J 498 37.17 -42.15 29.11
C ASP J 498 38.11 -41.62 28.03
N ALA J 499 38.25 -42.33 26.92
CA ALA J 499 39.20 -41.95 25.86
C ALA J 499 38.86 -40.59 25.24
N PRO J 500 39.87 -39.88 24.72
CA PRO J 500 39.56 -38.68 23.95
C PRO J 500 38.90 -39.04 22.63
N ALA J 501 37.89 -38.28 22.24
CA ALA J 501 37.17 -38.58 21.01
C ALA J 501 38.07 -38.48 19.78
N LYS J 502 38.89 -37.44 19.74
CA LYS J 502 39.80 -37.26 18.60
C LYS J 502 40.75 -38.46 18.41
N LEU J 503 41.11 -39.13 19.50
CA LEU J 503 41.94 -40.36 19.41
C LEU J 503 41.18 -41.49 18.72
N LEU J 504 40.00 -41.81 19.23
CA LEU J 504 39.16 -42.89 18.69
C LEU J 504 38.78 -42.69 17.22
N ALA J 505 38.57 -41.43 16.84
CA ALA J 505 38.16 -41.08 15.48
C ALA J 505 39.32 -40.93 14.50
N THR J 506 40.53 -41.25 14.94
CA THR J 506 41.75 -41.00 14.16
C THR J 506 42.70 -42.19 14.14
N ASP J 507 43.00 -42.70 15.32
CA ASP J 507 43.97 -43.79 15.49
C ASP J 507 43.37 -45.12 15.08
N GLN J 508 43.92 -45.72 14.03
CA GLN J 508 43.45 -47.02 13.54
C GLN J 508 43.60 -48.13 14.58
N ASN J 509 44.67 -48.07 15.37
CA ASN J 509 44.97 -49.11 16.36
C ASN J 509 43.92 -49.25 17.47
N CYS J 510 43.10 -48.21 17.65
CA CYS J 510 41.94 -48.29 18.54
C CYS J 510 40.86 -49.25 18.02
N TRP J 511 41.00 -49.69 16.78
CA TRP J 511 40.01 -50.54 16.14
C TRP J 511 40.56 -51.86 15.58
N VAL J 512 41.88 -52.04 15.60
CA VAL J 512 42.49 -53.26 15.09
C VAL J 512 42.24 -54.39 16.07
N MET J 513 41.76 -55.52 15.54
CA MET J 513 41.50 -56.70 16.36
C MET J 513 42.80 -57.46 16.61
N ARG J 514 43.26 -57.45 17.86
CA ARG J 514 44.54 -58.03 18.21
C ARG J 514 44.34 -59.28 19.07
N PRO J 515 45.28 -60.24 18.99
CA PRO J 515 45.14 -61.50 19.73
C PRO J 515 45.14 -61.30 21.24
N GLY J 516 44.37 -62.14 21.93
CA GLY J 516 44.25 -62.07 23.38
C GLY J 516 43.20 -61.08 23.87
N GLU J 517 42.58 -60.35 22.96
CA GLU J 517 41.55 -59.37 23.32
C GLU J 517 40.17 -60.04 23.38
N THR J 518 39.47 -59.79 24.49
CA THR J 518 38.19 -60.43 24.76
C THR J 518 37.05 -59.85 23.92
N TRP J 519 37.08 -58.54 23.69
CA TRP J 519 35.95 -57.81 23.11
C TRP J 519 35.46 -58.36 21.77
N HIS J 520 36.38 -58.60 20.83
CA HIS J 520 35.99 -59.01 19.46
C HIS J 520 35.54 -60.48 19.38
N GLY J 521 36.16 -61.33 20.20
CA GLY J 521 35.66 -62.69 20.43
C GLY J 521 35.83 -63.65 19.27
N PHE J 522 36.92 -63.50 18.54
CA PHE J 522 37.27 -64.38 17.43
C PHE J 522 38.46 -65.23 17.85
N LYS J 523 38.19 -66.48 18.25
CA LYS J 523 39.21 -67.36 18.79
C LYS J 523 40.37 -67.56 17.82
N ASP J 524 41.58 -67.27 18.30
CA ASP J 524 42.83 -67.47 17.54
C ASP J 524 42.95 -66.59 16.29
N LEU J 525 42.32 -65.41 16.32
CA LEU J 525 42.47 -64.44 15.23
C LEU J 525 43.91 -63.89 15.23
N PRO J 526 44.62 -64.01 14.10
CA PRO J 526 45.98 -63.45 14.02
C PRO J 526 46.05 -61.94 14.13
N ASP J 527 47.23 -61.45 14.48
CA ASP J 527 47.47 -60.02 14.63
C ASP J 527 47.55 -59.38 13.25
N ASN J 528 47.25 -58.08 13.18
CA ASN J 528 47.34 -57.31 11.94
C ASN J 528 46.61 -57.97 10.77
N TRP J 529 45.37 -58.36 11.01
CA TRP J 529 44.53 -59.00 10.00
C TRP J 529 43.17 -58.30 9.88
N SER J 530 42.50 -58.15 11.01
CA SER J 530 41.17 -57.55 11.04
C SER J 530 41.15 -56.19 11.69
N MET J 531 40.00 -55.53 11.57
CA MET J 531 39.78 -54.20 12.08
C MET J 531 38.28 -53.93 12.11
N LEU J 532 37.80 -53.33 13.21
CA LEU J 532 36.39 -52.91 13.29
C LEU J 532 36.20 -51.54 12.63
N ASP J 533 35.17 -51.45 11.80
CA ASP J 533 34.76 -50.18 11.21
C ASP J 533 34.00 -49.36 12.24
N PRO J 534 34.48 -48.13 12.55
CA PRO J 534 33.81 -47.32 13.58
C PRO J 534 32.34 -47.02 13.31
N ILE J 535 31.99 -46.82 12.04
CA ILE J 535 30.63 -46.40 11.66
C ILE J 535 29.59 -47.53 11.62
N LYS J 536 30.03 -48.77 11.78
CA LYS J 536 29.14 -49.93 11.81
C LYS J 536 28.88 -50.32 13.26
N VAL J 537 28.10 -49.49 13.94
CA VAL J 537 27.96 -49.57 15.39
C VAL J 537 27.06 -50.72 15.78
N SER J 538 27.68 -51.81 16.21
CA SER J 538 26.94 -52.94 16.77
C SER J 538 26.75 -52.68 18.26
N ILE J 539 25.56 -53.01 18.77
CA ILE J 539 25.22 -52.81 20.17
C ILE J 539 24.73 -54.13 20.77
N LEU J 540 25.16 -54.40 22.00
CA LEU J 540 24.97 -55.70 22.63
C LEU J 540 24.03 -55.64 23.81
N ALA J 541 22.94 -56.39 23.73
CA ALA J 541 22.05 -56.59 24.86
C ALA J 541 22.66 -57.63 25.80
N PRO J 542 22.38 -57.51 27.12
CA PRO J 542 22.97 -58.44 28.07
C PRO J 542 22.38 -59.84 27.91
N GLY J 543 23.17 -60.85 28.25
CA GLY J 543 22.72 -62.24 28.18
C GLY J 543 23.80 -63.23 27.77
N MET J 544 24.77 -62.76 26.99
CA MET J 544 25.88 -63.60 26.54
C MET J 544 27.16 -63.34 27.36
N GLY J 545 27.62 -64.36 28.07
CA GLY J 545 28.84 -64.26 28.86
C GLY J 545 30.08 -64.26 27.98
N ASP J 546 31.18 -63.72 28.51
CA ASP J 546 32.46 -63.69 27.78
C ASP J 546 32.97 -65.10 27.46
N ASP J 547 32.67 -66.06 28.35
CA ASP J 547 33.07 -67.45 28.17
C ASP J 547 32.39 -68.16 26.99
N GLY J 548 31.26 -67.62 26.52
CA GLY J 548 30.54 -68.19 25.38
C GLY J 548 29.22 -68.84 25.76
N GLU J 549 29.06 -69.15 27.05
CA GLU J 549 27.82 -69.72 27.57
C GLU J 549 26.91 -68.59 28.04
N LEU J 550 25.61 -68.85 28.07
CA LEU J 550 24.61 -67.84 28.45
C LEU J 550 24.66 -67.50 29.94
N GLU J 551 24.36 -66.25 30.25
CA GLU J 551 24.35 -65.75 31.63
C GLU J 551 23.05 -66.14 32.34
N ALA J 552 22.98 -65.83 33.64
CA ALA J 552 21.82 -66.14 34.49
C ALA J 552 20.52 -65.66 33.86
N SER J 553 20.49 -64.36 33.57
CA SER J 553 19.37 -63.73 32.89
C SER J 553 19.89 -62.85 31.75
N GLY J 554 18.98 -62.40 30.89
CA GLY J 554 19.35 -61.52 29.79
C GLY J 554 18.17 -60.87 29.09
N VAL J 555 18.49 -59.97 28.17
CA VAL J 555 17.48 -59.27 27.36
C VAL J 555 17.69 -59.62 25.89
N PRO J 556 16.76 -60.38 25.28
CA PRO J 556 16.95 -60.75 23.87
C PRO J 556 16.66 -59.59 22.93
N ALA J 557 17.51 -59.44 21.92
CA ALA J 557 17.50 -58.28 21.02
C ALA J 557 16.23 -58.19 20.15
N ALA J 558 15.70 -59.36 19.77
CA ALA J 558 14.45 -59.42 18.99
C ALA J 558 13.35 -58.56 19.60
N LEU J 559 13.28 -58.56 20.92
CA LEU J 559 12.31 -57.79 21.67
C LEU J 559 12.59 -56.29 21.58
N VAL J 560 13.87 -55.93 21.62
CA VAL J 560 14.30 -54.54 21.51
C VAL J 560 14.06 -54.01 20.09
N THR J 561 14.51 -54.78 19.11
CA THR J 561 14.29 -54.46 17.69
C THR J 561 12.83 -54.12 17.40
N ALA J 562 11.91 -54.86 18.01
CA ALA J 562 10.48 -54.64 17.85
C ALA J 562 10.07 -53.28 18.44
N TRP J 563 10.52 -53.00 19.66
CA TRP J 563 10.24 -51.72 20.31
C TRP J 563 10.79 -50.56 19.48
N LEU J 564 12.00 -50.72 18.96
CA LEU J 564 12.60 -49.73 18.07
C LEU J 564 11.74 -49.53 16.82
N GLY J 565 11.23 -50.64 16.28
CA GLY J 565 10.35 -50.61 15.11
C GLY J 565 9.11 -49.73 15.24
N ARG J 566 8.45 -49.76 16.40
CA ARG J 566 7.27 -48.90 16.63
C ARG J 566 7.62 -47.42 16.67
N HIS J 567 8.87 -47.11 17.06
CA HIS J 567 9.33 -45.72 17.14
C HIS J 567 10.04 -45.27 15.86
N GLY J 568 9.77 -45.96 14.76
CA GLY J 568 10.31 -45.59 13.45
C GLY J 568 11.82 -45.74 13.35
N ILE J 569 12.33 -46.87 13.85
CA ILE J 569 13.76 -47.17 13.81
C ILE J 569 13.90 -48.67 13.48
N VAL J 570 14.48 -48.97 12.32
CA VAL J 570 14.63 -50.36 11.88
C VAL J 570 16.10 -50.71 11.63
N PRO J 571 16.77 -51.32 12.63
CA PRO J 571 18.17 -51.71 12.55
C PRO J 571 18.51 -52.56 11.33
N THR J 572 19.72 -52.38 10.80
CA THR J 572 20.22 -53.13 9.65
C THR J 572 20.26 -54.62 9.99
N ARG J 573 20.93 -54.91 11.10
CA ARG J 573 21.26 -56.27 11.51
C ARG J 573 20.65 -56.59 12.88
N THR J 574 20.25 -57.85 13.09
CA THR J 574 19.76 -58.30 14.40
C THR J 574 20.08 -59.78 14.62
N THR J 575 20.90 -60.06 15.64
CA THR J 575 21.12 -61.43 16.10
C THR J 575 20.28 -61.62 17.36
N ASP J 576 20.60 -62.61 18.19
CA ASP J 576 19.88 -62.85 19.43
C ASP J 576 20.17 -61.74 20.45
N PHE J 577 21.40 -61.24 20.46
CA PHE J 577 21.81 -60.17 21.37
C PHE J 577 22.39 -58.92 20.69
N GLN J 578 22.72 -59.02 19.40
CA GLN J 578 23.30 -57.90 18.66
C GLN J 578 22.20 -57.10 17.97
N ILE J 579 22.33 -55.78 18.04
CA ILE J 579 21.54 -54.84 17.25
C ILE J 579 22.54 -53.90 16.59
N MET J 580 22.54 -53.86 15.26
CA MET J 580 23.52 -53.02 14.56
C MET J 580 22.88 -51.80 13.93
N PHE J 581 23.47 -50.63 14.22
CA PHE J 581 23.03 -49.37 13.67
C PHE J 581 24.05 -48.83 12.67
N LEU J 582 23.55 -48.41 11.51
CA LEU J 582 24.39 -48.01 10.40
C LEU J 582 24.51 -46.49 10.32
N PHE J 583 25.69 -45.98 10.69
CA PHE J 583 25.97 -44.55 10.53
C PHE J 583 26.46 -44.29 9.12
N SER J 584 25.83 -43.33 8.43
CA SER J 584 26.18 -43.00 7.06
C SER J 584 26.40 -41.49 6.90
N MET J 585 26.75 -41.06 5.69
CA MET J 585 26.94 -39.64 5.39
C MET J 585 25.62 -38.88 5.32
N GLY J 586 24.53 -39.62 5.20
CA GLY J 586 23.19 -39.04 5.24
C GLY J 586 22.70 -38.67 6.63
N VAL J 587 23.36 -39.19 7.65
CA VAL J 587 22.99 -38.92 9.04
C VAL J 587 23.29 -37.47 9.40
N THR J 588 22.30 -36.80 9.99
CA THR J 588 22.46 -35.44 10.48
C THR J 588 23.17 -35.45 11.84
N ARG J 589 23.82 -34.34 12.16
CA ARG J 589 24.68 -34.26 13.35
C ARG J 589 23.89 -34.22 14.65
N GLY J 590 24.14 -35.22 15.50
CA GLY J 590 23.53 -35.32 16.83
C GLY J 590 22.32 -36.23 16.92
N LYS J 591 21.93 -36.83 15.79
CA LYS J 591 20.71 -37.64 15.71
C LYS J 591 20.78 -38.95 16.51
N TRP J 592 21.98 -39.38 16.84
CA TRP J 592 22.17 -40.59 17.67
C TRP J 592 21.52 -40.48 19.06
N GLY J 593 21.37 -39.25 19.55
CA GLY J 593 20.66 -39.01 20.81
C GLY J 593 19.28 -39.66 20.85
N THR J 594 18.61 -39.71 19.71
CA THR J 594 17.30 -40.35 19.59
C THR J 594 17.40 -41.85 19.85
N LEU J 595 18.43 -42.50 19.32
CA LEU J 595 18.66 -43.93 19.56
C LEU J 595 18.78 -44.22 21.05
N ILE J 596 19.54 -43.39 21.76
CA ILE J 596 19.73 -43.54 23.19
C ILE J 596 18.40 -43.33 23.91
N ASN J 597 17.70 -42.25 23.54
CA ASN J 597 16.43 -41.89 24.16
C ASN J 597 15.39 -43.01 24.06
N THR J 598 15.38 -43.70 22.93
CA THR J 598 14.48 -44.84 22.72
C THR J 598 14.94 -46.07 23.49
N LEU J 599 16.24 -46.33 23.45
CA LEU J 599 16.84 -47.45 24.21
C LEU J 599 16.61 -47.33 25.72
N CME J 600 16.65 -46.10 26.22
CA CME J 600 16.42 -45.83 27.64
CB CME J 600 16.80 -44.40 27.99
SG CME J 600 18.55 -44.23 27.92
SD CME J 600 18.97 -44.38 29.86
CE CME J 600 18.67 -42.72 30.39
CZ CME J 600 17.93 -42.71 31.71
OH CME J 600 16.73 -41.94 31.60
C CME J 600 14.98 -46.05 27.99
O CME J 600 14.66 -46.66 29.02
N SER J 601 14.08 -45.55 27.14
CA SER J 601 12.64 -45.71 27.36
C SER J 601 12.22 -47.19 27.29
N PHE J 602 12.95 -47.98 26.50
CA PHE J 602 12.74 -49.44 26.51
C PHE J 602 13.11 -50.01 27.88
N LYS J 603 14.33 -49.71 28.33
CA LYS J 603 14.80 -50.18 29.62
C LYS J 603 13.79 -49.88 30.72
N HIS J 604 13.31 -48.63 30.76
CA HIS J 604 12.33 -48.20 31.76
C HIS J 604 11.11 -49.12 31.76
N HIS J 605 10.58 -49.41 30.57
CA HIS J 605 9.43 -50.29 30.44
C HIS J 605 9.76 -51.74 30.76
N TYR J 606 10.99 -52.16 30.44
CA TYR J 606 11.44 -53.52 30.76
C TYR J 606 11.53 -53.73 32.28
N ASP J 607 12.17 -52.79 32.97
CA ASP J 607 12.27 -52.84 34.43
C ASP J 607 10.89 -52.76 35.11
N ALA J 608 10.00 -51.95 34.54
CA ALA J 608 8.64 -51.78 35.06
C ALA J 608 7.70 -52.93 34.65
N ASN J 609 8.12 -53.72 33.67
CA ASN J 609 7.31 -54.82 33.13
C ASN J 609 5.94 -54.37 32.66
N THR J 610 5.88 -53.21 32.02
CA THR J 610 4.60 -52.66 31.56
C THR J 610 3.90 -53.63 30.60
N PRO J 611 2.57 -53.77 30.73
CA PRO J 611 1.81 -54.74 29.92
C PRO J 611 2.03 -54.58 28.43
N LEU J 612 2.06 -55.69 27.72
CA LEU J 612 2.20 -55.68 26.26
C LEU J 612 1.03 -54.96 25.59
N ALA J 613 -0.14 -55.01 26.22
CA ALA J 613 -1.31 -54.27 25.74
C ALA J 613 -0.99 -52.80 25.45
N GLN J 614 -0.18 -52.20 26.32
CA GLN J 614 0.24 -50.80 26.16
C GLN J 614 1.43 -50.64 25.21
N VAL J 615 2.53 -51.32 25.53
CA VAL J 615 3.81 -51.12 24.81
C VAL J 615 3.86 -51.76 23.41
N MET J 616 3.16 -52.88 23.23
CA MET J 616 3.12 -53.60 21.94
C MET J 616 1.69 -54.06 21.63
N PRO J 617 0.77 -53.10 21.37
CA PRO J 617 -0.65 -53.43 21.21
C PRO J 617 -0.93 -54.25 19.97
N GLU J 618 -0.29 -53.87 18.86
CA GLU J 618 -0.42 -54.54 17.57
C GLU J 618 -0.16 -56.05 17.66
N LEU J 619 0.70 -56.47 18.59
CA LEU J 619 1.03 -57.88 18.82
C LEU J 619 -0.06 -58.65 19.58
N VAL J 620 -0.59 -58.03 20.65
CA VAL J 620 -1.59 -58.69 21.51
C VAL J 620 -2.90 -58.87 20.73
N GLN J 621 -3.25 -57.86 19.95
CA GLN J 621 -4.42 -57.90 19.07
C GLN J 621 -4.33 -59.08 18.08
N ASP J 622 -3.14 -59.30 17.53
CA ASP J 622 -2.90 -60.39 16.57
C ASP J 622 -2.96 -61.78 17.20
N TYR J 623 -2.25 -61.97 18.32
CA TYR J 623 -2.13 -63.28 18.97
C TYR J 623 -2.48 -63.18 20.46
N PRO J 624 -3.77 -62.99 20.78
CA PRO J 624 -4.19 -62.79 22.17
C PRO J 624 -3.93 -64.01 23.05
N ASP J 625 -4.15 -65.20 22.50
CA ASP J 625 -3.95 -66.46 23.24
C ASP J 625 -2.54 -66.58 23.82
N THR J 626 -1.54 -66.20 23.02
CA THR J 626 -0.13 -66.34 23.40
C THR J 626 0.33 -65.26 24.39
N TYR J 627 0.02 -64.00 24.09
CA TYR J 627 0.52 -62.86 24.86
C TYR J 627 -0.54 -62.23 25.77
N ALA J 628 -1.43 -63.06 26.32
CA ALA J 628 -2.49 -62.58 27.23
C ALA J 628 -1.92 -62.24 28.60
N ASN J 629 -2.50 -61.23 29.24
CA ASN J 629 -2.12 -60.80 30.60
C ASN J 629 -0.61 -60.90 30.90
N MET J 630 0.19 -60.47 29.92
CA MET J 630 1.65 -60.52 30.00
C MET J 630 2.24 -59.11 30.03
N GLY J 631 3.49 -59.03 30.48
CA GLY J 631 4.26 -57.79 30.43
C GLY J 631 5.51 -57.98 29.57
N ILE J 632 6.15 -56.86 29.23
CA ILE J 632 7.33 -56.88 28.35
C ILE J 632 8.50 -57.69 28.95
N HIS J 633 8.68 -57.61 30.27
CA HIS J 633 9.74 -58.36 30.96
C HIS J 633 9.41 -59.86 30.94
N ASP J 634 8.15 -60.19 31.20
CA ASP J 634 7.70 -61.59 31.19
C ASP J 634 8.07 -62.28 29.89
N LEU J 635 7.84 -61.60 28.77
CA LEU J 635 8.16 -62.13 27.44
C LEU J 635 9.67 -62.27 27.29
N GLY J 636 10.41 -61.25 27.71
CA GLY J 636 11.88 -61.28 27.68
C GLY J 636 12.44 -62.49 28.39
N ASP J 637 11.92 -62.77 29.58
CA ASP J 637 12.32 -63.97 30.34
C ASP J 637 11.93 -65.25 29.61
N LYS J 638 10.73 -65.29 29.04
CA LYS J 638 10.27 -66.49 28.34
C LYS J 638 11.07 -66.73 27.06
N MET J 639 11.46 -65.65 26.38
CA MET J 639 12.37 -65.74 25.23
C MET J 639 13.77 -66.19 25.63
N PHE J 640 14.31 -65.58 26.69
CA PHE J 640 15.64 -65.94 27.19
C PHE J 640 15.67 -67.38 27.72
N ALA J 641 14.55 -67.84 28.27
CA ALA J 641 14.42 -69.23 28.74
C ALA J 641 14.55 -70.21 27.58
N TRP J 642 13.79 -69.96 26.51
CA TRP J 642 13.86 -70.73 25.28
C TRP J 642 15.29 -70.80 24.74
N LEU J 643 15.99 -69.66 24.80
CA LEU J 643 17.38 -69.57 24.36
C LEU J 643 18.29 -70.55 25.12
N ARG J 644 18.16 -70.62 26.44
CA ARG J 644 18.94 -71.58 27.25
C ARG J 644 18.62 -73.01 26.84
N GLU J 645 17.34 -73.31 26.79
CA GLU J 645 16.84 -74.66 26.52
C GLU J 645 17.24 -75.16 25.13
N ASN J 646 16.82 -74.41 24.11
CA ASN J 646 17.00 -74.82 22.71
C ASN J 646 18.42 -74.61 22.17
N ASN J 647 19.14 -73.66 22.78
CA ASN J 647 20.58 -73.51 22.54
C ASN J 647 20.94 -73.27 21.06
N PRO J 648 20.37 -72.21 20.46
CA PRO J 648 20.47 -72.00 19.01
C PRO J 648 21.84 -71.53 18.52
N GLY J 649 22.55 -70.78 19.36
CA GLY J 649 23.88 -70.27 18.99
C GLY J 649 24.87 -71.37 18.66
N ALA J 650 24.82 -72.44 19.44
CA ALA J 650 25.65 -73.62 19.21
C ALA J 650 25.21 -74.35 17.96
N ARG J 651 23.90 -74.47 17.77
CA ARG J 651 23.33 -75.09 16.57
C ARG J 651 23.70 -74.33 15.29
N LEU J 652 23.76 -73.00 15.40
CA LEU J 652 24.19 -72.15 14.28
C LEU J 652 25.61 -72.53 13.87
N ASN J 653 26.53 -72.47 14.84
CA ASN J 653 27.93 -72.82 14.59
C ASN J 653 28.11 -74.22 13.99
N ALA J 654 27.34 -75.18 14.49
CA ALA J 654 27.36 -76.54 13.94
C ALA J 654 27.05 -76.54 12.44
N ALA J 655 26.03 -75.77 12.06
CA ALA J 655 25.57 -75.70 10.67
C ALA J 655 26.52 -74.94 9.75
N TYR J 656 27.29 -74.01 10.31
CA TYR J 656 28.20 -73.17 9.53
C TYR J 656 29.70 -73.51 9.67
N SER J 657 30.07 -74.15 10.79
CA SER J 657 31.46 -74.56 11.02
C SER J 657 31.96 -75.50 9.93
N THR J 658 31.10 -76.45 9.56
CA THR J 658 31.41 -77.44 8.54
C THR J 658 30.41 -77.28 7.39
N LEU J 659 30.93 -77.08 6.18
CA LEU J 659 30.09 -76.85 5.01
C LEU J 659 29.33 -78.10 4.57
N PRO J 660 28.13 -77.91 3.99
CA PRO J 660 27.40 -79.06 3.44
C PRO J 660 28.09 -79.60 2.19
N VAL J 661 27.85 -80.86 1.89
CA VAL J 661 28.52 -81.53 0.77
C VAL J 661 27.94 -81.03 -0.55
N ALA J 662 28.81 -80.54 -1.42
CA ALA J 662 28.41 -80.03 -2.73
C ALA J 662 28.27 -81.16 -3.74
N GLU J 663 27.02 -81.57 -4.00
CA GLU J 663 26.74 -82.73 -4.86
C GLU J 663 26.76 -82.38 -6.35
N ILE J 664 26.12 -81.27 -6.72
CA ILE J 664 26.16 -80.75 -8.09
C ILE J 664 26.42 -79.23 -8.10
N THR J 665 26.70 -78.69 -9.28
CA THR J 665 26.99 -77.27 -9.42
C THR J 665 25.72 -76.46 -9.25
N PRO J 666 25.84 -75.20 -8.79
CA PRO J 666 24.68 -74.32 -8.73
C PRO J 666 23.94 -74.20 -10.07
N ARG J 667 24.70 -74.21 -11.17
CA ARG J 667 24.11 -74.17 -12.51
C ARG J 667 23.25 -75.39 -12.78
N ASP J 668 23.82 -76.57 -12.54
CA ASP J 668 23.07 -77.83 -12.69
C ASP J 668 21.81 -77.82 -11.83
N ALA J 669 21.93 -77.32 -10.61
CA ALA J 669 20.80 -77.22 -9.70
C ALA J 669 19.73 -76.26 -10.22
N TYR J 670 20.16 -75.12 -10.75
CA TYR J 670 19.21 -74.19 -11.35
C TYR J 670 18.54 -74.79 -12.58
N ASN J 671 19.33 -75.50 -13.39
CA ASN J 671 18.79 -76.14 -14.59
C ASN J 671 17.71 -77.18 -14.29
N ALA J 672 17.77 -77.77 -13.09
CA ALA J 672 16.70 -78.65 -12.62
C ALA J 672 15.38 -77.89 -12.52
N ILE J 673 15.46 -76.62 -12.12
CA ILE J 673 14.27 -75.75 -12.02
C ILE J 673 13.68 -75.49 -13.40
N VAL J 674 14.55 -75.29 -14.38
CA VAL J 674 14.12 -75.03 -15.75
C VAL J 674 13.49 -76.27 -16.36
N ASN J 675 14.10 -77.43 -16.13
CA ASN J 675 13.58 -78.72 -16.62
C ASN J 675 12.40 -79.26 -15.82
N ASN J 676 12.12 -78.65 -14.68
CA ASN J 676 11.01 -78.99 -13.80
C ASN J 676 11.26 -80.30 -13.02
N ASN J 677 12.54 -80.57 -12.71
CA ASN J 677 12.91 -81.65 -11.79
C ASN J 677 12.92 -81.08 -10.38
N ILE J 678 11.74 -80.67 -9.93
CA ILE J 678 11.61 -79.81 -8.77
C ILE J 678 10.49 -80.28 -7.87
N GLU J 679 10.68 -80.08 -6.57
CA GLU J 679 9.80 -80.63 -5.56
C GLU J 679 9.93 -79.80 -4.29
N MET J 680 8.78 -79.38 -3.75
CA MET J 680 8.78 -78.60 -2.52
C MET J 680 8.82 -79.56 -1.33
N VAL J 681 10.01 -79.68 -0.73
CA VAL J 681 10.26 -80.66 0.32
C VAL J 681 10.14 -80.02 1.69
N ALA J 682 9.39 -80.68 2.58
CA ALA J 682 9.20 -80.19 3.94
C ALA J 682 10.45 -80.41 4.79
N ILE J 683 10.59 -79.59 5.82
CA ILE J 683 11.78 -79.58 6.69
C ILE J 683 12.24 -80.97 7.14
N GLU J 684 11.30 -81.81 7.57
CA GLU J 684 11.64 -83.11 8.17
C GLU J 684 12.12 -84.14 7.16
N ASN J 685 11.84 -83.91 5.87
CA ASN J 685 12.29 -84.81 4.80
C ASN J 685 13.46 -84.26 3.98
N LEU J 686 14.10 -83.20 4.47
CA LEU J 686 15.22 -82.59 3.78
C LEU J 686 16.49 -83.45 3.74
N PRO J 687 16.74 -84.26 4.79
CA PRO J 687 17.98 -85.04 4.79
C PRO J 687 18.20 -85.86 3.52
N GLY J 688 19.43 -85.77 2.99
CA GLY J 688 19.81 -86.48 1.77
C GLY J 688 19.36 -85.84 0.47
N ARG J 689 18.71 -84.68 0.55
CA ARG J 689 18.15 -84.01 -0.64
C ARG J 689 19.02 -82.85 -1.06
N ILE J 690 18.99 -82.54 -2.35
CA ILE J 690 19.78 -81.45 -2.92
C ILE J 690 18.93 -80.18 -3.03
N ALA J 691 19.48 -79.07 -2.57
CA ALA J 691 18.80 -77.78 -2.63
C ALA J 691 18.82 -77.24 -4.05
N ALA J 692 17.64 -76.84 -4.53
CA ALA J 692 17.49 -76.26 -5.87
C ALA J 692 17.89 -74.78 -5.89
N ASN J 693 17.55 -74.08 -4.82
CA ASN J 693 17.95 -72.69 -4.61
C ASN J 693 18.79 -72.57 -3.33
N SER J 694 19.48 -71.45 -3.17
CA SER J 694 20.25 -71.18 -1.96
C SER J 694 19.33 -71.02 -0.75
N VAL J 695 19.83 -71.37 0.43
CA VAL J 695 19.08 -71.20 1.67
C VAL J 695 19.87 -70.31 2.62
N ILE J 696 19.31 -69.14 2.93
CA ILE J 696 19.98 -68.13 3.74
C ILE J 696 19.10 -67.76 4.95
N PRO J 697 19.40 -68.33 6.13
CA PRO J 697 18.69 -67.93 7.35
C PRO J 697 19.28 -66.68 8.00
N TYR J 698 18.42 -65.91 8.67
CA TYR J 698 18.82 -64.72 9.42
C TYR J 698 18.44 -64.89 10.88
N PRO J 699 19.42 -64.98 11.79
CA PRO J 699 20.86 -64.92 11.56
C PRO J 699 21.37 -66.24 11.00
N PRO J 700 22.63 -66.29 10.53
CA PRO J 700 23.61 -65.22 10.46
C PRO J 700 23.50 -64.31 9.24
N GLY J 701 22.63 -64.67 8.29
CA GLY J 701 22.41 -63.85 7.11
C GLY J 701 23.40 -64.08 5.99
N ILE J 702 24.10 -65.23 6.02
CA ILE J 702 24.90 -65.68 4.89
C ILE J 702 24.48 -67.10 4.56
N PRO J 703 24.77 -67.55 3.32
CA PRO J 703 24.20 -68.83 2.89
C PRO J 703 24.64 -70.03 3.73
N MET J 704 23.66 -70.78 4.24
CA MET J 704 23.88 -72.05 4.90
C MET J 704 24.10 -73.11 3.83
N LEU J 705 23.19 -73.14 2.86
CA LEU J 705 23.34 -73.94 1.66
C LEU J 705 23.24 -73.08 0.41
N LEU J 706 24.04 -73.42 -0.59
CA LEU J 706 23.89 -72.84 -1.93
C LEU J 706 23.21 -73.85 -2.84
N SER J 707 22.90 -73.43 -4.05
CA SER J 707 22.28 -74.31 -5.03
C SER J 707 23.18 -75.50 -5.33
N GLY J 708 22.60 -76.69 -5.30
CA GLY J 708 23.31 -77.92 -5.64
C GLY J 708 24.04 -78.61 -4.50
N GLU J 709 23.85 -78.12 -3.28
CA GLU J 709 24.46 -78.73 -2.10
C GLU J 709 23.45 -79.62 -1.40
N ASN J 710 23.95 -80.60 -0.65
CA ASN J 710 23.11 -81.57 0.02
C ASN J 710 22.89 -81.22 1.49
N PHE J 711 21.65 -81.38 1.95
CA PHE J 711 21.30 -81.07 3.35
C PHE J 711 21.96 -82.04 4.34
N GLY J 712 22.28 -83.25 3.87
CA GLY J 712 23.15 -84.17 4.61
C GLY J 712 22.46 -85.30 5.34
N ASP J 713 23.09 -85.77 6.42
CA ASP J 713 22.64 -86.92 7.21
C ASP J 713 21.25 -86.72 7.83
N GLU J 714 20.71 -87.80 8.38
CA GLU J 714 19.45 -87.74 9.14
C GLU J 714 19.61 -86.85 10.37
N ASN J 715 20.81 -86.87 10.95
CA ASN J 715 21.15 -86.01 12.07
C ASN J 715 22.08 -84.87 11.60
N SER J 716 21.58 -84.10 10.64
CA SER J 716 22.34 -83.03 10.00
C SER J 716 22.22 -81.72 10.78
N PRO J 717 23.35 -80.98 10.91
CA PRO J 717 23.34 -79.71 11.66
C PRO J 717 22.60 -78.57 10.94
N GLN J 718 22.60 -78.60 9.61
CA GLN J 718 21.93 -77.59 8.79
C GLN J 718 20.42 -77.71 8.95
N VAL J 719 19.91 -78.93 8.77
CA VAL J 719 18.50 -79.22 8.98
C VAL J 719 18.14 -78.99 10.45
N GLY J 720 19.09 -79.30 11.33
CA GLY J 720 18.95 -79.03 12.75
C GLY J 720 18.71 -77.57 13.06
N TYR J 721 19.56 -76.70 12.51
CA TYR J 721 19.45 -75.26 12.74
C TYR J 721 18.11 -74.71 12.24
N LEU J 722 17.65 -75.22 11.11
CA LEU J 722 16.33 -74.88 10.57
C LEU J 722 15.20 -75.28 11.51
N ARG J 723 15.33 -76.46 12.12
CA ARG J 723 14.32 -76.96 13.07
C ARG J 723 14.18 -76.03 14.28
N SER J 724 15.31 -75.55 14.80
CA SER J 724 15.31 -74.64 15.95
C SER J 724 14.73 -73.29 15.58
N LEU J 725 15.07 -72.80 14.38
CA LEU J 725 14.49 -71.57 13.85
C LEU J 725 12.97 -71.67 13.76
N GLN J 726 12.49 -72.82 13.27
CA GLN J 726 11.05 -73.09 13.21
C GLN J 726 10.42 -73.17 14.59
N SER J 727 11.11 -73.83 15.52
CA SER J 727 10.65 -73.94 16.90
C SER J 727 10.47 -72.57 17.54
N TRP J 728 11.41 -71.66 17.27
CA TRP J 728 11.30 -70.27 17.74
C TRP J 728 10.05 -69.60 17.18
N ASP J 729 9.84 -69.74 15.87
CA ASP J 729 8.69 -69.12 15.19
C ASP J 729 7.36 -69.55 15.82
N HIS J 730 7.23 -70.84 16.08
CA HIS J 730 6.01 -71.39 16.68
C HIS J 730 5.81 -70.92 18.11
N HIS J 731 6.89 -70.87 18.89
CA HIS J 731 6.83 -70.42 20.29
C HIS J 731 6.54 -68.93 20.43
N PHE J 732 7.06 -68.12 19.51
CA PHE J 732 6.93 -66.66 19.58
C PHE J 732 6.38 -66.08 18.27
N PRO J 733 5.05 -66.11 18.08
CA PRO J 733 4.41 -65.51 16.92
C PRO J 733 4.60 -64.00 16.88
N GLY J 734 4.74 -63.44 15.67
CA GLY J 734 5.08 -62.03 15.49
C GLY J 734 6.57 -61.72 15.51
N PHE J 735 7.38 -62.69 15.93
CA PHE J 735 8.84 -62.56 15.97
C PHE J 735 9.50 -63.62 15.10
N GLU J 736 8.86 -63.94 13.97
CA GLU J 736 9.34 -65.01 13.10
C GLU J 736 10.65 -64.64 12.39
N HIS J 737 11.52 -65.62 12.23
CA HIS J 737 12.78 -65.42 11.52
C HIS J 737 12.55 -65.30 10.02
N GLU J 738 13.26 -64.37 9.38
CA GLU J 738 13.29 -64.27 7.92
C GLU J 738 14.32 -65.26 7.38
N THR J 739 13.92 -66.05 6.39
CA THR J 739 14.80 -67.03 5.75
C THR J 739 14.54 -67.06 4.25
N GLU J 740 15.51 -66.57 3.48
CA GLU J 740 15.44 -66.60 2.01
C GLU J 740 15.74 -68.02 1.52
N GLY J 741 15.05 -68.43 0.46
CA GLY J 741 15.13 -69.80 -0.06
C GLY J 741 14.15 -70.76 0.60
N THR J 742 13.28 -70.23 1.44
CA THR J 742 12.34 -71.03 2.22
C THR J 742 10.93 -70.51 2.02
N GLU J 743 10.00 -71.42 1.73
CA GLU J 743 8.57 -71.12 1.70
C GLU J 743 7.87 -71.81 2.88
N ILE J 744 7.12 -71.05 3.66
CA ILE J 744 6.38 -71.59 4.80
C ILE J 744 4.98 -72.04 4.35
N ILE J 745 4.80 -73.35 4.18
CA ILE J 745 3.54 -73.92 3.66
C ILE J 745 2.78 -74.67 4.76
N ASP J 746 1.53 -74.28 4.99
CA ASP J 746 0.70 -74.86 6.04
C ASP J 746 1.36 -74.76 7.41
N GLY J 747 1.99 -73.61 7.68
CA GLY J 747 2.71 -73.39 8.94
C GLY J 747 4.03 -74.15 9.08
N VAL J 748 4.48 -74.81 8.02
CA VAL J 748 5.68 -75.64 8.04
C VAL J 748 6.73 -75.10 7.07
N TYR J 749 8.01 -75.27 7.43
CA TYR J 749 9.13 -74.85 6.59
C TYR J 749 9.29 -75.83 5.42
N HIS J 750 9.27 -75.29 4.19
CA HIS J 750 9.57 -76.07 2.99
C HIS J 750 10.74 -75.45 2.23
N VAL J 751 11.45 -76.29 1.49
CA VAL J 751 12.53 -75.83 0.60
C VAL J 751 12.47 -76.55 -0.74
N MET J 752 12.61 -75.79 -1.82
CA MET J 752 12.59 -76.34 -3.17
C MET J 752 13.83 -77.20 -3.39
N CYS J 753 13.61 -78.47 -3.74
CA CYS J 753 14.70 -79.42 -3.93
C CYS J 753 14.65 -80.11 -5.29
N VAL J 754 15.76 -80.73 -5.65
CA VAL J 754 15.86 -81.52 -6.87
C VAL J 754 15.12 -82.84 -6.68
N LYS J 755 14.61 -83.40 -7.78
CA LYS J 755 13.95 -84.71 -7.74
C LYS J 755 14.96 -85.85 -7.89
P PO4 K . 15.66 -51.87 -22.93
O1 PO4 K . 16.50 -50.64 -22.76
O2 PO4 K . 16.33 -53.02 -22.22
O3 PO4 K . 14.28 -51.66 -22.35
O4 PO4 K . 15.52 -52.21 -24.39
P PO4 L . 34.42 9.47 -46.73
O1 PO4 L . 33.48 10.59 -46.35
O2 PO4 L . 35.62 9.44 -45.82
O3 PO4 L . 33.69 8.15 -46.64
O4 PO4 L . 34.89 9.71 -48.15
P PO4 M . -2.84 56.70 -14.91
O1 PO4 M . -1.64 57.09 -14.07
O2 PO4 M . -3.86 56.00 -14.05
O3 PO4 M . -3.45 57.95 -15.48
O4 PO4 M . -2.39 55.79 -16.02
P PO4 N . -44.77 24.81 28.95
O1 PO4 N . -44.44 25.65 30.17
O2 PO4 N . -44.03 23.50 29.02
O3 PO4 N . -46.26 24.56 28.88
O4 PO4 N . -44.34 25.54 27.69
P PO4 O . -33.10 -41.95 24.13
O1 PO4 O . -31.59 -41.97 24.01
O2 PO4 O . -33.60 -40.52 24.15
O3 PO4 O . -33.74 -42.67 22.96
O4 PO4 O . -33.50 -42.63 25.41
P PO4 P . -24.55 -34.52 40.00
O1 PO4 P . -24.89 -33.28 40.79
O2 PO4 P . -25.31 -35.70 40.56
O3 PO4 P . -24.92 -34.34 38.55
O4 PO4 P . -23.07 -34.77 40.11
P PO4 Q . -30.31 32.92 38.12
O1 PO4 Q . -29.89 33.13 36.69
O2 PO4 Q . -29.73 34.01 39.00
O3 PO4 Q . -31.82 32.97 38.20
O4 PO4 Q . -29.81 31.58 38.60
P PO4 R . 14.95 55.75 -8.08
O1 PO4 R . 15.12 55.68 -6.58
O2 PO4 R . 16.30 55.82 -8.75
O3 PO4 R . 14.19 54.53 -8.54
O4 PO4 R . 14.15 56.98 -8.45
P PO4 S . 47.37 2.46 -34.31
O1 PO4 S . 47.34 3.05 -35.71
O2 PO4 S . 47.23 3.57 -33.30
O3 PO4 S . 46.22 1.49 -34.17
O4 PO4 S . 48.70 1.78 -34.09
P PO4 T . 22.73 -54.06 -5.08
O1 PO4 T . 23.57 -52.85 -5.38
O2 PO4 T . 21.33 -53.62 -4.71
O3 PO4 T . 22.67 -54.94 -6.31
O4 PO4 T . 23.34 -54.83 -3.93
#